data_4ZX8
#
_entry.id   4ZX8
#
_cell.length_a   174.393
_cell.length_b   177.470
_cell.length_c   231.292
_cell.angle_alpha   90.00
_cell.angle_beta   90.00
_cell.angle_gamma   90.00
#
_symmetry.space_group_name_H-M   'P 21 21 21'
#
loop_
_entity.id
_entity.type
_entity.pdbx_description
1 polymer 'Probable M17 family aminopeptidase'
2 non-polymer 'tert-butyl [(1R)-1-(4-bromophenyl)-2-(hydroxyamino)-2-oxoethyl]carbamate'
3 non-polymer 'ZINC ION'
4 non-polymer 'CARBONATE ION'
5 non-polymer GLYCEROL
6 non-polymer 'DIMETHYL SULFOXIDE'
7 non-polymer 'PENTAETHYLENE GLYCOL'
8 non-polymer 'SULFATE ION'
9 water water
#
_entity_poly.entity_id   1
_entity_poly.type   'polypeptide(L)'
_entity_poly.pdbx_seq_one_letter_code
;RKMASEVPQVVSLDPTSIPIEYNTPIHDIKVQVYDIKGGCNVEEGLTIFLVNNPGKENGPVKISSKVNDKQVSEFLKDEN
MEKFNVKLGTSKHFYMFNDNKNSVAVGYVGCGSVADLSEADMKRVVLSLVTMLHDNKLSKLTVVFEINVDKNLFRFFLET
LFYEYMTDERFKSTDKNVNMEYIKHLGVYINNADTYKEEVEKARVYYFGTYYASQLIAAPSNYCNPVSLSNAAVELAQKL
NLEYKILGVKELEELKMGAYLSVGKGSMYPNKFIHLTYKSKGDVKKKIALVGKGITFDSGGYNLKAAPGSMIDLMKFDMS
GCAAVLGCAYCVGTLKPENVEIHFLSAVCENMVSKNSYRPGDIITASNGKTIEVGNTDAEGRLTLADALVYAEKLGVDYI
VDIATLTGAMLYSLGTSYAGVFGNNEELINKILQSSKTSNEPVWWLPIINEYRATLNSKYADINQISSSVKASSIVASLF
LKEFVQNTAWAHIDIAGVSWNFKARKPKGFGVRLLTEFVLND
;
_entity_poly.pdbx_strand_id   A,B,C,D,E,F,G,H,I,J,K,L
#
loop_
_chem_comp.id
_chem_comp.type
_chem_comp.name
_chem_comp.formula
1PE non-polymer 'PENTAETHYLENE GLYCOL' 'C10 H22 O6'
4TY non-polymer 'tert-butyl [(1R)-1-(4-bromophenyl)-2-(hydroxyamino)-2-oxoethyl]carbamate' 'C13 H17 Br N2 O4'
CO3 non-polymer 'CARBONATE ION' 'C O3 -2'
DMS non-polymer 'DIMETHYL SULFOXIDE' 'C2 H6 O S'
GOL non-polymer GLYCEROL 'C3 H8 O3'
SO4 non-polymer 'SULFATE ION' 'O4 S -2'
ZN non-polymer 'ZINC ION' 'Zn 2'
#
# COMPACT_ATOMS: atom_id res chain seq x y z
N ALA A 4 -19.88 -72.83 4.40
CA ALA A 4 -20.24 -71.48 4.83
C ALA A 4 -19.19 -70.48 4.37
N SER A 5 -19.64 -69.32 3.88
CA SER A 5 -18.74 -68.27 3.43
C SER A 5 -18.71 -67.09 4.40
N GLU A 6 -17.62 -66.33 4.34
CA GLU A 6 -17.45 -65.16 5.21
C GLU A 6 -18.14 -63.94 4.62
N VAL A 7 -19.00 -63.31 5.42
CA VAL A 7 -19.72 -62.12 5.00
C VAL A 7 -18.81 -60.89 5.05
N PRO A 8 -18.61 -60.24 3.89
CA PRO A 8 -17.81 -59.01 3.81
C PRO A 8 -18.43 -57.86 4.60
N GLN A 9 -17.58 -56.99 5.13
CA GLN A 9 -18.05 -55.87 5.93
C GLN A 9 -17.41 -54.56 5.48
N VAL A 10 -18.14 -53.46 5.63
CA VAL A 10 -17.58 -52.14 5.38
C VAL A 10 -17.02 -51.62 6.70
N VAL A 11 -17.78 -51.84 7.76
CA VAL A 11 -17.32 -51.55 9.11
C VAL A 11 -17.53 -52.78 9.99
N SER A 12 -16.84 -52.83 11.12
CA SER A 12 -16.90 -53.99 12.02
C SER A 12 -18.27 -54.14 12.65
N LEU A 13 -19.08 -53.09 12.58
CA LEU A 13 -20.41 -53.11 13.17
C LEU A 13 -21.44 -53.72 12.23
N ASP A 14 -21.03 -53.98 10.99
CA ASP A 14 -21.92 -54.64 10.04
C ASP A 14 -22.17 -56.09 10.45
N PRO A 15 -23.46 -56.48 10.50
CA PRO A 15 -23.82 -57.85 10.90
C PRO A 15 -23.29 -58.90 9.93
N THR A 16 -22.93 -60.07 10.44
CA THR A 16 -22.33 -61.10 9.59
C THR A 16 -23.21 -62.34 9.50
N SER A 17 -24.42 -62.24 10.04
CA SER A 17 -25.36 -63.35 9.95
C SER A 17 -26.78 -62.90 10.20
N ILE A 18 -27.73 -63.67 9.67
CA ILE A 18 -29.13 -63.43 9.91
C ILE A 18 -29.55 -64.15 11.20
N PRO A 19 -30.00 -63.38 12.20
CA PRO A 19 -30.50 -64.03 13.41
C PRO A 19 -31.77 -64.82 13.11
N ILE A 20 -31.80 -66.10 13.49
CA ILE A 20 -32.96 -66.94 13.24
C ILE A 20 -33.43 -67.61 14.52
N GLU A 21 -34.72 -67.48 14.82
CA GLU A 21 -35.31 -68.16 15.96
C GLU A 21 -35.93 -69.48 15.51
N TYR A 22 -35.31 -70.59 15.91
CA TYR A 22 -35.81 -71.91 15.55
C TYR A 22 -36.81 -72.42 16.58
N ASN A 23 -36.44 -72.32 17.86
CA ASN A 23 -37.32 -72.72 18.93
C ASN A 23 -38.21 -71.56 19.38
N THR A 24 -39.43 -71.53 18.86
CA THR A 24 -40.39 -70.47 19.17
C THR A 24 -41.28 -70.91 20.31
N PRO A 25 -41.87 -69.94 21.03
CA PRO A 25 -42.82 -70.25 22.12
C PRO A 25 -43.97 -71.13 21.65
N ILE A 26 -44.30 -71.06 20.36
CA ILE A 26 -45.34 -71.88 19.78
C ILE A 26 -44.98 -73.36 19.91
N HIS A 27 -43.69 -73.67 19.74
CA HIS A 27 -43.23 -75.04 19.83
C HIS A 27 -43.28 -75.58 21.26
N ASP A 28 -43.39 -74.67 22.23
CA ASP A 28 -43.47 -75.07 23.63
C ASP A 28 -44.91 -75.27 24.09
N ILE A 29 -45.85 -75.01 23.18
CA ILE A 29 -47.27 -75.15 23.49
C ILE A 29 -47.77 -76.58 23.30
N LYS A 30 -48.31 -77.16 24.36
CA LYS A 30 -48.93 -78.48 24.28
C LYS A 30 -50.37 -78.38 23.79
N VAL A 31 -50.69 -79.08 22.71
CA VAL A 31 -52.00 -79.01 22.09
C VAL A 31 -52.79 -80.29 22.36
N GLN A 32 -53.99 -80.13 22.91
CA GLN A 32 -54.88 -81.25 23.20
C GLN A 32 -56.18 -81.10 22.40
N VAL A 33 -56.62 -82.18 21.77
CA VAL A 33 -57.88 -82.15 21.02
C VAL A 33 -58.90 -83.10 21.63
N TYR A 34 -60.04 -82.56 22.04
CA TYR A 34 -61.09 -83.36 22.66
C TYR A 34 -62.33 -83.41 21.78
N ASP A 35 -63.14 -84.45 21.97
CA ASP A 35 -64.41 -84.53 21.25
C ASP A 35 -65.47 -83.73 22.01
N ILE A 36 -66.21 -82.89 21.28
CA ILE A 36 -67.18 -82.00 21.90
C ILE A 36 -68.32 -82.78 22.54
N LYS A 37 -68.56 -84.00 22.08
CA LYS A 37 -69.65 -84.83 22.58
C LYS A 37 -69.41 -85.31 24.01
N GLY A 38 -68.19 -85.16 24.50
CA GLY A 38 -67.86 -85.59 25.84
C GLY A 38 -68.03 -84.45 26.84
N GLY A 39 -68.35 -83.27 26.32
CA GLY A 39 -68.55 -82.09 27.13
C GLY A 39 -67.25 -81.32 27.32
N CYS A 40 -67.38 -80.02 27.62
CA CYS A 40 -66.22 -79.16 27.80
C CYS A 40 -65.93 -78.87 29.26
N ASN A 41 -64.66 -78.92 29.65
CA ASN A 41 -64.26 -78.54 30.98
C ASN A 41 -63.71 -77.12 30.95
N VAL A 42 -64.21 -76.27 31.85
CA VAL A 42 -63.84 -74.87 31.88
C VAL A 42 -63.10 -74.52 33.17
N GLU A 43 -61.77 -74.60 33.15
CA GLU A 43 -61.03 -74.34 34.39
C GLU A 43 -60.10 -73.13 34.38
N GLU A 44 -58.84 -73.34 34.05
CA GLU A 44 -57.91 -72.22 34.07
C GLU A 44 -57.84 -71.51 32.74
N GLY A 45 -57.25 -70.32 32.78
CA GLY A 45 -56.95 -69.58 31.57
C GLY A 45 -58.21 -69.08 30.89
N LEU A 46 -58.15 -68.98 29.57
CA LEU A 46 -59.27 -68.43 28.83
C LEU A 46 -59.91 -69.48 27.91
N THR A 47 -61.24 -69.61 27.99
CA THR A 47 -61.96 -70.55 27.14
C THR A 47 -62.86 -69.79 26.17
N ILE A 48 -62.61 -69.97 24.87
CA ILE A 48 -63.32 -69.23 23.85
C ILE A 48 -64.19 -70.12 22.95
N PHE A 49 -65.46 -69.75 22.83
CA PHE A 49 -66.38 -70.46 21.94
C PHE A 49 -66.46 -69.79 20.58
N LEU A 50 -66.24 -70.56 19.52
CA LEU A 50 -66.42 -70.05 18.17
C LEU A 50 -67.85 -70.31 17.72
N VAL A 51 -68.65 -69.25 17.66
CA VAL A 51 -70.07 -69.39 17.39
C VAL A 51 -70.54 -68.57 16.19
N ASN A 52 -71.54 -69.08 15.48
CA ASN A 52 -72.17 -68.35 14.39
C ASN A 52 -73.69 -68.40 14.49
N ASN A 53 -74.36 -67.83 13.50
CA ASN A 53 -75.80 -67.92 13.41
C ASN A 53 -76.23 -67.87 11.95
N PRO A 54 -76.50 -69.05 11.37
CA PRO A 54 -76.87 -69.31 9.97
C PRO A 54 -77.97 -68.39 9.42
N GLY A 55 -77.62 -67.62 8.40
CA GLY A 55 -78.46 -66.60 7.79
C GLY A 55 -79.25 -65.65 8.68
N LYS A 56 -78.80 -65.48 9.93
CA LYS A 56 -79.42 -64.51 10.81
C LYS A 56 -78.47 -63.32 11.01
N GLU A 57 -78.49 -62.39 10.06
CA GLU A 57 -77.68 -61.17 10.10
C GLU A 57 -77.60 -60.56 11.48
N ASN A 58 -76.37 -60.36 11.95
CA ASN A 58 -76.03 -60.33 13.38
C ASN A 58 -77.07 -60.98 14.28
N GLY A 59 -76.97 -62.30 14.44
CA GLY A 59 -77.93 -63.03 15.25
C GLY A 59 -77.49 -63.14 16.70
N PRO A 60 -78.40 -63.60 17.57
CA PRO A 60 -78.03 -63.79 18.98
C PRO A 60 -77.06 -64.94 19.13
N VAL A 61 -76.24 -64.90 20.19
CA VAL A 61 -75.29 -65.97 20.48
C VAL A 61 -75.97 -67.14 21.19
N LYS A 62 -75.70 -68.34 20.72
CA LYS A 62 -76.24 -69.55 21.35
C LYS A 62 -75.17 -70.62 21.53
N ILE A 63 -74.94 -71.04 22.77
CA ILE A 63 -73.95 -72.08 23.05
C ILE A 63 -74.62 -73.44 23.01
N SER A 64 -74.22 -74.26 22.04
CA SER A 64 -74.84 -75.57 21.83
C SER A 64 -74.13 -76.67 22.60
N SER A 65 -72.82 -76.50 22.79
CA SER A 65 -71.99 -77.51 23.44
C SER A 65 -72.36 -77.76 24.89
N LYS A 66 -72.21 -79.00 25.33
CA LYS A 66 -72.45 -79.33 26.72
C LYS A 66 -71.25 -78.92 27.56
N VAL A 67 -71.51 -78.23 28.66
CA VAL A 67 -70.44 -77.78 29.55
C VAL A 67 -70.53 -78.58 30.84
N ASN A 68 -69.45 -79.25 31.19
CA ASN A 68 -69.43 -80.11 32.37
C ASN A 68 -69.29 -79.31 33.66
N ASP A 69 -70.12 -78.28 33.78
CA ASP A 69 -70.13 -77.43 34.97
C ASP A 69 -71.49 -76.77 35.11
N LYS A 70 -72.16 -77.00 36.23
CA LYS A 70 -73.51 -76.49 36.43
C LYS A 70 -73.53 -74.97 36.45
N GLN A 71 -72.54 -74.38 37.12
CA GLN A 71 -72.45 -72.93 37.22
C GLN A 71 -72.19 -72.26 35.87
N VAL A 72 -71.25 -72.82 35.10
CA VAL A 72 -70.90 -72.24 33.81
C VAL A 72 -72.00 -72.45 32.78
N SER A 73 -72.65 -73.62 32.84
CA SER A 73 -73.73 -73.92 31.90
C SER A 73 -74.91 -72.99 32.13
N GLU A 74 -75.17 -72.66 33.38
CA GLU A 74 -76.22 -71.72 33.74
C GLU A 74 -75.87 -70.31 33.26
N PHE A 75 -74.59 -69.95 33.35
CA PHE A 75 -74.13 -68.63 32.90
C PHE A 75 -74.33 -68.49 31.40
N LEU A 76 -74.04 -69.57 30.67
CA LEU A 76 -74.05 -69.56 29.21
C LEU A 76 -75.41 -69.93 28.61
N LYS A 77 -76.45 -69.98 29.44
CA LYS A 77 -77.79 -70.31 28.95
C LYS A 77 -78.26 -69.24 27.96
N ASP A 78 -79.16 -69.64 27.06
CA ASP A 78 -79.61 -68.79 25.96
C ASP A 78 -80.11 -67.42 26.42
N GLU A 79 -80.84 -67.38 27.53
CA GLU A 79 -81.40 -66.13 28.04
C GLU A 79 -80.33 -65.10 28.35
N ASN A 80 -79.18 -65.56 28.84
CA ASN A 80 -78.08 -64.68 29.18
C ASN A 80 -77.29 -64.22 27.95
N MET A 81 -77.18 -65.11 26.96
CA MET A 81 -76.33 -64.88 25.81
C MET A 81 -77.00 -64.07 24.69
N GLU A 82 -78.32 -63.94 24.74
CA GLU A 82 -79.06 -63.28 23.66
C GLU A 82 -78.75 -61.79 23.55
N LYS A 83 -78.15 -61.22 24.59
CA LYS A 83 -77.78 -59.80 24.55
C LYS A 83 -76.54 -59.58 23.69
N PHE A 84 -75.84 -60.66 23.34
CA PHE A 84 -74.65 -60.57 22.49
C PHE A 84 -74.92 -61.13 21.10
N ASN A 85 -74.20 -60.62 20.09
CA ASN A 85 -74.42 -61.05 18.72
C ASN A 85 -73.19 -61.71 18.09
N VAL A 86 -73.40 -62.35 16.94
CA VAL A 86 -72.37 -63.19 16.33
C VAL A 86 -71.64 -62.54 15.16
N LYS A 87 -71.73 -61.21 15.06
CA LYS A 87 -71.05 -60.46 14.00
C LYS A 87 -69.58 -60.85 13.85
N LEU A 88 -69.17 -61.08 12.61
CA LEU A 88 -67.80 -61.52 12.31
C LEU A 88 -66.76 -60.62 12.96
N GLY A 89 -65.91 -61.21 13.80
CA GLY A 89 -64.85 -60.46 14.45
C GLY A 89 -65.20 -59.95 15.83
N THR A 90 -66.47 -60.08 16.19
CA THR A 90 -66.93 -59.65 17.50
C THR A 90 -66.45 -60.62 18.57
N SER A 91 -66.03 -60.08 19.71
CA SER A 91 -65.57 -60.90 20.81
C SER A 91 -66.04 -60.31 22.15
N LYS A 92 -66.23 -61.19 23.12
CA LYS A 92 -66.65 -60.80 24.47
C LYS A 92 -65.93 -61.61 25.54
N HIS A 93 -65.74 -61.02 26.71
CA HIS A 93 -65.14 -61.74 27.83
C HIS A 93 -66.15 -61.88 28.96
N PHE A 94 -66.17 -63.05 29.58
CA PHE A 94 -67.09 -63.30 30.68
C PHE A 94 -66.29 -63.71 31.92
N TYR A 95 -66.73 -63.26 33.09
CA TYR A 95 -66.08 -63.67 34.34
C TYR A 95 -67.07 -64.38 35.27
N MET A 96 -66.68 -65.53 35.81
CA MET A 96 -67.59 -66.27 36.69
C MET A 96 -66.85 -67.29 37.58
N PHE A 97 -67.60 -67.90 38.51
CA PHE A 97 -67.09 -68.98 39.35
C PHE A 97 -67.67 -70.32 38.91
N ASN A 98 -66.83 -71.36 38.90
CA ASN A 98 -67.31 -72.70 38.53
C ASN A 98 -67.82 -73.49 39.75
N ASP A 99 -68.03 -74.79 39.55
CA ASP A 99 -68.55 -75.68 40.59
C ASP A 99 -67.60 -75.84 41.77
N ASN A 100 -66.30 -75.75 41.51
CA ASN A 100 -65.30 -75.89 42.56
C ASN A 100 -64.93 -74.54 43.18
N LYS A 101 -65.81 -73.57 42.99
CA LYS A 101 -65.63 -72.21 43.51
C LYS A 101 -64.35 -71.53 43.03
N ASN A 102 -63.91 -71.88 41.83
CA ASN A 102 -62.76 -71.23 41.20
C ASN A 102 -63.21 -70.21 40.15
N SER A 103 -62.49 -69.10 40.05
CA SER A 103 -62.78 -68.06 39.06
C SER A 103 -62.31 -68.51 37.68
N VAL A 104 -63.21 -68.44 36.69
CA VAL A 104 -62.86 -68.85 35.33
C VAL A 104 -63.19 -67.74 34.34
N ALA A 105 -62.48 -67.74 33.21
CA ALA A 105 -62.73 -66.76 32.16
C ALA A 105 -63.22 -67.44 30.90
N VAL A 106 -64.35 -66.96 30.41
CA VAL A 106 -65.03 -67.53 29.25
C VAL A 106 -65.37 -66.44 28.25
N GLY A 107 -65.42 -66.79 26.97
CA GLY A 107 -65.82 -65.83 25.97
C GLY A 107 -66.17 -66.47 24.65
N TYR A 108 -66.39 -65.64 23.63
CA TYR A 108 -66.69 -66.14 22.31
C TYR A 108 -66.15 -65.22 21.22
N VAL A 109 -66.08 -65.76 20.00
CA VAL A 109 -65.76 -64.95 18.84
C VAL A 109 -66.82 -65.18 17.77
N GLY A 110 -67.40 -64.08 17.28
CA GLY A 110 -68.45 -64.17 16.28
C GLY A 110 -67.90 -64.62 14.93
N CYS A 111 -68.56 -65.60 14.34
CA CYS A 111 -68.12 -66.16 13.06
C CYS A 111 -69.14 -65.86 11.95
N GLY A 112 -69.92 -64.80 12.14
CA GLY A 112 -70.84 -64.35 11.12
C GLY A 112 -72.09 -65.20 10.95
N SER A 113 -72.66 -65.15 9.75
CA SER A 113 -73.91 -65.85 9.47
C SER A 113 -73.79 -66.81 8.30
N VAL A 114 -72.59 -66.92 7.73
CA VAL A 114 -72.33 -67.81 6.61
C VAL A 114 -71.77 -69.15 7.09
N ALA A 115 -72.35 -70.24 6.61
CA ALA A 115 -71.98 -71.58 7.06
C ALA A 115 -70.53 -71.93 6.69
N ASP A 116 -70.12 -71.59 5.47
CA ASP A 116 -68.77 -71.91 5.03
C ASP A 116 -67.86 -70.70 5.10
N LEU A 117 -66.97 -70.70 6.09
CA LEU A 117 -66.03 -69.58 6.28
C LEU A 117 -64.90 -69.62 5.27
N SER A 118 -64.58 -68.46 4.70
CA SER A 118 -63.45 -68.35 3.79
C SER A 118 -62.18 -68.12 4.59
N GLU A 119 -61.04 -68.24 3.90
CA GLU A 119 -59.74 -67.97 4.48
C GLU A 119 -59.64 -66.57 5.10
N ALA A 120 -60.16 -65.56 4.40
CA ALA A 120 -60.12 -64.20 4.89
C ALA A 120 -61.01 -64.03 6.12
N ASP A 121 -62.18 -64.66 6.09
CA ASP A 121 -63.10 -64.66 7.21
C ASP A 121 -62.47 -65.33 8.43
N MET A 122 -61.89 -66.50 8.19
CA MET A 122 -61.21 -67.25 9.25
C MET A 122 -60.06 -66.42 9.83
N LYS A 123 -59.39 -65.67 8.96
CA LYS A 123 -58.29 -64.82 9.37
C LYS A 123 -58.80 -63.73 10.32
N ARG A 124 -59.96 -63.18 10.01
CA ARG A 124 -60.55 -62.16 10.88
C ARG A 124 -60.93 -62.74 12.24
N VAL A 125 -61.40 -63.97 12.23
CA VAL A 125 -61.74 -64.67 13.47
C VAL A 125 -60.49 -64.87 14.31
N VAL A 126 -59.43 -65.35 13.67
CA VAL A 126 -58.16 -65.58 14.35
C VAL A 126 -57.57 -64.28 14.91
N LEU A 127 -57.59 -63.23 14.10
CA LEU A 127 -57.06 -61.94 14.51
C LEU A 127 -57.79 -61.42 15.76
N SER A 128 -59.10 -61.59 15.77
CA SER A 128 -59.91 -61.20 16.91
C SER A 128 -59.53 -62.03 18.13
N LEU A 129 -59.26 -63.32 17.90
CA LEU A 129 -58.84 -64.23 18.95
C LEU A 129 -57.49 -63.83 19.53
N VAL A 130 -56.57 -63.42 18.67
CA VAL A 130 -55.23 -63.05 19.10
C VAL A 130 -55.25 -61.81 19.99
N THR A 131 -56.17 -60.88 19.71
CA THR A 131 -56.31 -59.68 20.53
C THR A 131 -56.64 -60.05 21.97
N MET A 132 -57.41 -61.13 22.12
CA MET A 132 -57.76 -61.62 23.45
C MET A 132 -56.55 -62.25 24.12
N LEU A 133 -55.65 -62.82 23.32
CA LEU A 133 -54.42 -63.40 23.85
C LEU A 133 -53.45 -62.31 24.24
N HIS A 134 -53.46 -61.21 23.48
CA HIS A 134 -52.57 -60.09 23.73
C HIS A 134 -53.01 -59.27 24.93
N ASP A 135 -52.02 -58.83 25.71
CA ASP A 135 -52.26 -58.04 26.92
C ASP A 135 -53.07 -58.77 27.98
N ASN A 136 -53.08 -60.11 27.90
CA ASN A 136 -53.57 -60.93 28.99
C ASN A 136 -52.59 -62.06 29.27
N LYS A 137 -51.93 -61.98 30.42
CA LYS A 137 -51.02 -63.02 30.90
C LYS A 137 -51.69 -64.37 31.14
N LEU A 138 -52.07 -65.07 30.07
CA LEU A 138 -52.72 -66.37 30.21
C LEU A 138 -51.74 -67.53 30.14
N SER A 139 -52.10 -68.64 30.79
CA SER A 139 -51.28 -69.85 30.75
C SER A 139 -51.86 -70.87 29.77
N LYS A 140 -53.18 -70.84 29.59
CA LYS A 140 -53.88 -71.81 28.75
C LYS A 140 -55.01 -71.18 27.95
N LEU A 141 -55.09 -71.56 26.68
CA LEU A 141 -56.22 -71.17 25.85
C LEU A 141 -56.99 -72.41 25.43
N THR A 142 -58.32 -72.33 25.56
CA THR A 142 -59.19 -73.41 25.12
C THR A 142 -60.17 -72.89 24.08
N VAL A 143 -60.17 -73.51 22.90
CA VAL A 143 -61.06 -73.09 21.83
C VAL A 143 -62.12 -74.16 21.54
N VAL A 144 -63.38 -73.76 21.61
CA VAL A 144 -64.50 -74.67 21.36
C VAL A 144 -65.17 -74.39 20.01
N PHE A 145 -65.05 -75.33 19.08
CA PHE A 145 -65.62 -75.16 17.74
C PHE A 145 -67.10 -75.50 17.66
N GLU A 146 -67.95 -74.48 17.68
CA GLU A 146 -69.36 -74.68 17.45
C GLU A 146 -69.71 -74.26 16.03
N ILE A 147 -68.74 -74.39 15.13
CA ILE A 147 -68.92 -74.11 13.71
C ILE A 147 -68.35 -75.26 12.90
N ASN A 148 -68.71 -75.33 11.62
CA ASN A 148 -68.21 -76.39 10.76
C ASN A 148 -66.99 -75.96 9.95
N VAL A 149 -65.90 -76.69 10.13
CA VAL A 149 -64.69 -76.49 9.34
C VAL A 149 -64.16 -77.86 8.92
N ASP A 150 -63.66 -77.97 7.69
CA ASP A 150 -63.05 -79.22 7.26
C ASP A 150 -61.62 -79.29 7.77
N LYS A 151 -60.94 -80.41 7.50
CA LYS A 151 -59.60 -80.62 8.02
C LYS A 151 -58.62 -79.56 7.52
N ASN A 152 -58.76 -79.19 6.25
CA ASN A 152 -57.89 -78.18 5.67
C ASN A 152 -58.09 -76.81 6.31
N LEU A 153 -59.36 -76.46 6.56
CA LEU A 153 -59.67 -75.17 7.16
C LEU A 153 -59.31 -75.18 8.65
N PHE A 154 -59.43 -76.36 9.27
CA PHE A 154 -59.06 -76.52 10.67
C PHE A 154 -57.56 -76.29 10.83
N ARG A 155 -56.78 -76.84 9.92
CA ARG A 155 -55.33 -76.65 9.94
C ARG A 155 -54.98 -75.19 9.70
N PHE A 156 -55.72 -74.54 8.80
CA PHE A 156 -55.51 -73.13 8.51
C PHE A 156 -55.71 -72.26 9.76
N PHE A 157 -56.70 -72.61 10.57
CA PHE A 157 -56.96 -71.91 11.82
C PHE A 157 -55.74 -71.95 12.75
N LEU A 158 -55.18 -73.15 12.92
CA LEU A 158 -54.05 -73.34 13.82
C LEU A 158 -52.81 -72.63 13.31
N GLU A 159 -52.51 -72.80 12.03
CA GLU A 159 -51.38 -72.12 11.39
C GLU A 159 -51.45 -70.62 11.54
N THR A 160 -52.62 -70.05 11.24
CA THR A 160 -52.83 -68.62 11.30
C THR A 160 -52.76 -68.14 12.75
N LEU A 161 -53.35 -68.92 13.65
CA LEU A 161 -53.29 -68.61 15.07
C LEU A 161 -51.84 -68.56 15.56
N PHE A 162 -51.08 -69.61 15.25
CA PHE A 162 -49.67 -69.66 15.65
C PHE A 162 -48.88 -68.52 15.05
N TYR A 163 -49.11 -68.24 13.78
CA TYR A 163 -48.35 -67.20 13.07
C TYR A 163 -48.62 -65.80 13.63
N GLU A 164 -49.88 -65.47 13.86
CA GLU A 164 -50.25 -64.14 14.33
C GLU A 164 -49.95 -63.94 15.82
N TYR A 165 -50.01 -65.03 16.58
CA TYR A 165 -49.71 -64.99 18.00
C TYR A 165 -48.23 -64.66 18.20
N MET A 166 -47.40 -65.22 17.33
CA MET A 166 -45.95 -65.06 17.41
C MET A 166 -45.52 -63.63 17.09
N THR A 167 -44.56 -63.11 17.86
CA THR A 167 -44.04 -61.76 17.66
C THR A 167 -42.53 -61.78 17.43
N ASP A 168 -42.09 -61.12 16.36
CA ASP A 168 -40.68 -61.08 16.00
C ASP A 168 -39.95 -59.96 16.73
N GLU A 169 -39.07 -60.34 17.65
CA GLU A 169 -38.34 -59.36 18.45
C GLU A 169 -36.83 -59.44 18.24
N ARG A 170 -36.42 -60.04 17.13
CA ARG A 170 -35.00 -60.25 16.83
C ARG A 170 -34.21 -58.95 16.78
N PHE A 171 -34.85 -57.86 16.36
CA PHE A 171 -34.13 -56.61 16.18
C PHE A 171 -34.50 -55.57 17.23
N LYS A 172 -35.24 -55.99 18.24
CA LYS A 172 -35.55 -55.13 19.38
C LYS A 172 -34.41 -55.20 20.39
N SER A 173 -33.99 -54.05 20.90
CA SER A 173 -32.96 -54.04 21.93
C SER A 173 -33.45 -53.40 23.23
N THR A 174 -33.74 -52.11 23.16
CA THR A 174 -34.10 -51.34 24.35
C THR A 174 -35.62 -51.27 24.48
N ASP A 175 -36.32 -51.63 23.42
CA ASP A 175 -37.77 -51.52 23.36
C ASP A 175 -38.43 -52.90 23.35
N LYS A 176 -37.84 -53.85 24.06
CA LYS A 176 -38.44 -55.17 24.19
C LYS A 176 -39.70 -55.11 25.05
N ASN A 177 -40.73 -55.83 24.63
CA ASN A 177 -42.00 -55.89 25.35
C ASN A 177 -41.84 -56.66 26.64
N VAL A 178 -41.88 -55.96 27.77
CA VAL A 178 -41.72 -56.56 29.08
C VAL A 178 -42.86 -57.53 29.44
N ASN A 179 -44.01 -57.33 28.82
CA ASN A 179 -45.20 -58.09 29.18
C ASN A 179 -45.47 -59.35 28.34
N MET A 180 -44.53 -59.74 27.47
CA MET A 180 -44.77 -60.92 26.64
C MET A 180 -44.69 -62.19 27.48
N GLU A 181 -45.71 -63.04 27.33
CA GLU A 181 -45.81 -64.28 28.07
C GLU A 181 -46.77 -65.20 27.34
N TYR A 182 -46.25 -66.11 26.52
CA TYR A 182 -47.11 -66.96 25.70
C TYR A 182 -47.79 -68.04 26.51
N ILE A 183 -48.97 -68.46 26.05
CA ILE A 183 -49.65 -69.60 26.67
C ILE A 183 -48.80 -70.84 26.53
N LYS A 184 -48.98 -71.79 27.45
CA LYS A 184 -48.20 -73.02 27.42
C LYS A 184 -49.07 -74.19 27.00
N HIS A 185 -50.39 -74.01 27.06
CA HIS A 185 -51.32 -75.08 26.72
C HIS A 185 -52.44 -74.58 25.81
N LEU A 186 -52.76 -75.37 24.79
CA LEU A 186 -53.85 -75.07 23.88
C LEU A 186 -54.84 -76.22 23.77
N GLY A 187 -56.06 -75.99 24.23
CA GLY A 187 -57.11 -77.00 24.16
C GLY A 187 -58.11 -76.72 23.05
N VAL A 188 -58.48 -77.78 22.32
CA VAL A 188 -59.45 -77.66 21.24
C VAL A 188 -60.58 -78.67 21.37
N TYR A 189 -61.82 -78.17 21.41
CA TYR A 189 -63.00 -79.02 21.41
C TYR A 189 -63.68 -78.95 20.04
N ILE A 190 -63.83 -80.11 19.39
CA ILE A 190 -64.37 -80.15 18.05
C ILE A 190 -65.06 -81.47 17.78
N ASN A 191 -65.95 -81.48 16.81
CA ASN A 191 -66.60 -82.73 16.46
C ASN A 191 -65.72 -83.69 15.73
N ASN A 192 -65.87 -84.97 16.08
CA ASN A 192 -65.05 -86.04 15.55
C ASN A 192 -63.58 -85.69 15.41
N ALA A 193 -63.03 -85.42 16.58
CA ALA A 193 -61.68 -84.98 16.85
C ALA A 193 -60.56 -85.89 16.33
N ASP A 194 -60.82 -87.20 16.35
CA ASP A 194 -59.79 -88.15 15.94
C ASP A 194 -59.34 -87.89 14.51
N THR A 195 -60.26 -87.39 13.69
CA THR A 195 -59.92 -87.05 12.31
C THR A 195 -59.09 -85.78 12.22
N TYR A 196 -59.21 -84.90 13.21
CA TYR A 196 -58.52 -83.61 13.18
C TYR A 196 -57.16 -83.63 13.88
N LYS A 197 -56.89 -84.67 14.65
CA LYS A 197 -55.64 -84.76 15.42
C LYS A 197 -54.40 -84.75 14.55
N GLU A 198 -54.48 -85.36 13.36
CA GLU A 198 -53.32 -85.44 12.48
C GLU A 198 -52.96 -84.08 11.91
N GLU A 199 -53.90 -83.14 11.94
CA GLU A 199 -53.66 -81.82 11.39
C GLU A 199 -52.87 -80.93 12.34
N VAL A 200 -52.85 -81.27 13.61
CA VAL A 200 -52.20 -80.44 14.63
C VAL A 200 -50.71 -80.27 14.36
N GLU A 201 -49.98 -81.39 14.32
CA GLU A 201 -48.55 -81.32 14.16
C GLU A 201 -48.19 -80.83 12.76
N LYS A 202 -49.06 -81.13 11.80
CA LYS A 202 -48.89 -80.65 10.44
C LYS A 202 -48.98 -79.13 10.42
N ALA A 203 -49.93 -78.60 11.19
CA ALA A 203 -50.10 -77.15 11.31
C ALA A 203 -48.87 -76.51 11.94
N ARG A 204 -48.31 -77.17 12.95
CA ARG A 204 -47.12 -76.65 13.63
C ARG A 204 -45.94 -76.60 12.67
N VAL A 205 -45.83 -77.61 11.82
CA VAL A 205 -44.78 -77.65 10.81
C VAL A 205 -45.00 -76.56 9.76
N TYR A 206 -46.22 -76.45 9.26
CA TYR A 206 -46.57 -75.43 8.28
C TYR A 206 -46.39 -74.02 8.84
N TYR A 207 -46.74 -73.85 10.11
CA TYR A 207 -46.53 -72.58 10.81
C TYR A 207 -45.08 -72.11 10.71
N PHE A 208 -44.15 -72.94 11.16
CA PHE A 208 -42.77 -72.50 11.27
C PHE A 208 -42.14 -72.27 9.91
N GLY A 209 -42.52 -73.10 8.93
CA GLY A 209 -42.05 -72.92 7.58
C GLY A 209 -42.42 -71.53 7.11
N THR A 210 -43.65 -71.12 7.40
CA THR A 210 -44.13 -69.79 7.07
C THR A 210 -43.40 -68.75 7.91
N TYR A 211 -43.28 -69.00 9.20
CA TYR A 211 -42.64 -68.05 10.10
C TYR A 211 -41.14 -67.94 9.81
N TYR A 212 -40.54 -69.05 9.39
CA TYR A 212 -39.13 -69.05 9.01
C TYR A 212 -38.91 -68.17 7.78
N ALA A 213 -39.76 -68.33 6.77
CA ALA A 213 -39.69 -67.49 5.59
C ALA A 213 -39.91 -66.02 5.95
N SER A 214 -40.85 -65.79 6.86
CA SER A 214 -41.16 -64.47 7.36
C SER A 214 -39.92 -63.82 8.00
N GLN A 215 -39.17 -64.62 8.76
CA GLN A 215 -37.97 -64.13 9.41
C GLN A 215 -36.90 -63.72 8.40
N LEU A 216 -36.80 -64.49 7.32
CA LEU A 216 -35.83 -64.18 6.27
C LEU A 216 -36.20 -62.90 5.53
N ILE A 217 -37.48 -62.76 5.21
CA ILE A 217 -37.97 -61.60 4.48
C ILE A 217 -37.86 -60.32 5.30
N ALA A 218 -38.31 -60.36 6.55
CA ALA A 218 -38.31 -59.20 7.43
C ALA A 218 -36.89 -58.73 7.74
N ALA A 219 -35.94 -59.65 7.70
CA ALA A 219 -34.54 -59.31 7.92
C ALA A 219 -34.06 -58.28 6.90
N PRO A 220 -33.54 -57.15 7.41
CA PRO A 220 -33.06 -56.05 6.57
C PRO A 220 -31.87 -56.47 5.69
N SER A 221 -31.59 -55.69 4.66
CA SER A 221 -30.61 -56.08 3.65
C SER A 221 -29.18 -56.04 4.15
N ASN A 222 -28.92 -55.31 5.23
CA ASN A 222 -27.60 -55.31 5.82
C ASN A 222 -27.36 -56.58 6.63
N TYR A 223 -28.44 -57.16 7.16
CA TYR A 223 -28.38 -58.45 7.83
C TYR A 223 -28.50 -59.58 6.81
N CYS A 224 -29.49 -59.48 5.94
CA CYS A 224 -29.76 -60.51 4.96
C CYS A 224 -29.19 -60.16 3.59
N ASN A 225 -28.01 -60.71 3.30
CA ASN A 225 -27.34 -60.49 2.03
C ASN A 225 -27.14 -61.85 1.34
N PRO A 226 -26.68 -61.85 0.07
CA PRO A 226 -26.49 -63.13 -0.62
C PRO A 226 -25.63 -64.14 0.15
N VAL A 227 -24.61 -63.66 0.85
CA VAL A 227 -23.75 -64.56 1.59
C VAL A 227 -24.44 -65.09 2.85
N SER A 228 -25.01 -64.20 3.64
CA SER A 228 -25.66 -64.60 4.89
C SER A 228 -26.93 -65.44 4.64
N LEU A 229 -27.64 -65.15 3.55
CA LEU A 229 -28.84 -65.91 3.21
C LEU A 229 -28.49 -67.31 2.76
N SER A 230 -27.44 -67.44 1.95
CA SER A 230 -26.99 -68.75 1.51
C SER A 230 -26.42 -69.53 2.69
N ASN A 231 -25.78 -68.82 3.62
CA ASN A 231 -25.30 -69.45 4.85
C ASN A 231 -26.45 -70.00 5.67
N ALA A 232 -27.55 -69.25 5.74
CA ALA A 232 -28.75 -69.69 6.45
C ALA A 232 -29.34 -70.93 5.78
N ALA A 233 -29.28 -70.97 4.45
CA ALA A 233 -29.77 -72.13 3.70
C ALA A 233 -28.97 -73.37 4.05
N VAL A 234 -27.64 -73.22 4.11
CA VAL A 234 -26.73 -74.31 4.48
C VAL A 234 -27.01 -74.81 5.90
N GLU A 235 -27.13 -73.87 6.83
CA GLU A 235 -27.42 -74.19 8.22
C GLU A 235 -28.72 -74.96 8.33
N LEU A 236 -29.71 -74.53 7.54
CA LEU A 236 -31.01 -75.20 7.51
C LEU A 236 -30.92 -76.62 6.97
N ALA A 237 -30.17 -76.78 5.88
CA ALA A 237 -29.98 -78.08 5.25
C ALA A 237 -29.30 -79.06 6.20
N GLN A 238 -28.36 -78.55 6.99
CA GLN A 238 -27.62 -79.38 7.94
C GLN A 238 -28.54 -79.91 9.03
N LYS A 239 -29.46 -79.07 9.48
CA LYS A 239 -30.42 -79.43 10.52
C LYS A 239 -31.46 -80.42 10.01
N LEU A 240 -31.73 -80.39 8.70
CA LEU A 240 -32.77 -81.21 8.10
C LEU A 240 -32.21 -82.43 7.36
N ASN A 241 -30.90 -82.58 7.41
CA ASN A 241 -30.20 -83.62 6.65
C ASN A 241 -30.54 -83.60 5.18
N LEU A 242 -30.50 -82.41 4.58
CA LEU A 242 -30.66 -82.26 3.14
C LEU A 242 -29.33 -82.05 2.46
N GLU A 243 -29.19 -82.57 1.25
CA GLU A 243 -28.03 -82.30 0.42
C GLU A 243 -28.05 -80.83 0.02
N TYR A 244 -26.88 -80.17 0.05
CA TYR A 244 -26.82 -78.76 -0.33
C TYR A 244 -25.57 -78.46 -1.14
N LYS A 245 -25.65 -77.41 -1.93
CA LYS A 245 -24.54 -76.98 -2.78
C LYS A 245 -24.66 -75.48 -3.03
N ILE A 246 -23.62 -74.74 -2.66
CA ILE A 246 -23.61 -73.30 -2.89
C ILE A 246 -22.58 -72.95 -3.96
N LEU A 247 -23.07 -72.42 -5.07
CA LEU A 247 -22.22 -72.08 -6.20
C LEU A 247 -21.69 -70.66 -6.08
N GLY A 248 -20.38 -70.53 -6.15
CA GLY A 248 -19.74 -69.23 -6.09
C GLY A 248 -19.50 -68.70 -7.49
N VAL A 249 -18.92 -67.51 -7.58
CA VAL A 249 -18.74 -66.81 -8.84
C VAL A 249 -17.98 -67.66 -9.86
N LYS A 250 -16.91 -68.32 -9.42
CA LYS A 250 -16.08 -69.13 -10.30
C LYS A 250 -16.85 -70.25 -10.99
N GLU A 251 -17.68 -70.95 -10.22
CA GLU A 251 -18.49 -72.03 -10.77
C GLU A 251 -19.59 -71.48 -11.69
N LEU A 252 -20.15 -70.33 -11.31
CA LEU A 252 -21.19 -69.69 -12.11
C LEU A 252 -20.66 -69.22 -13.47
N GLU A 253 -19.40 -68.77 -13.47
CA GLU A 253 -18.73 -68.38 -14.70
C GLU A 253 -18.51 -69.58 -15.62
N GLU A 254 -18.14 -70.71 -15.03
CA GLU A 254 -17.93 -71.95 -15.79
C GLU A 254 -19.23 -72.42 -16.43
N LEU A 255 -20.34 -72.18 -15.74
CA LEU A 255 -21.66 -72.52 -16.25
C LEU A 255 -22.20 -71.40 -17.14
N LYS A 256 -21.43 -70.33 -17.27
CA LYS A 256 -21.75 -69.22 -18.16
C LYS A 256 -23.08 -68.57 -17.83
N MET A 257 -23.38 -68.45 -16.54
CA MET A 257 -24.61 -67.82 -16.08
C MET A 257 -24.46 -66.30 -16.13
N GLY A 258 -24.38 -65.77 -17.34
CA GLY A 258 -24.09 -64.36 -17.56
C GLY A 258 -25.17 -63.38 -17.16
N ALA A 259 -26.43 -63.77 -17.32
CA ALA A 259 -27.55 -62.91 -16.95
C ALA A 259 -27.60 -62.74 -15.43
N TYR A 260 -27.49 -63.86 -14.73
CA TYR A 260 -27.48 -63.87 -13.27
C TYR A 260 -26.27 -63.10 -12.74
N LEU A 261 -25.11 -63.31 -13.33
CA LEU A 261 -23.89 -62.63 -12.90
C LEU A 261 -23.92 -61.13 -13.16
N SER A 262 -24.58 -60.72 -14.23
CA SER A 262 -24.62 -59.31 -14.59
C SER A 262 -25.35 -58.46 -13.55
N VAL A 263 -26.44 -59.00 -13.02
CA VAL A 263 -27.22 -58.29 -12.00
C VAL A 263 -26.41 -58.02 -10.73
N GLY A 264 -25.60 -58.99 -10.33
CA GLY A 264 -24.86 -58.89 -9.08
C GLY A 264 -23.54 -58.14 -9.17
N LYS A 265 -23.14 -57.81 -10.40
CA LYS A 265 -21.86 -57.15 -10.65
C LYS A 265 -21.60 -55.94 -9.76
N GLY A 266 -22.64 -55.14 -9.55
CA GLY A 266 -22.50 -53.90 -8.80
C GLY A 266 -22.55 -54.04 -7.29
N SER A 267 -22.63 -55.28 -6.81
CA SER A 267 -22.77 -55.53 -5.37
C SER A 267 -21.43 -55.82 -4.70
N MET A 268 -21.36 -55.54 -3.40
CA MET A 268 -20.18 -55.86 -2.59
C MET A 268 -20.26 -57.30 -2.14
N TYR A 269 -21.44 -57.89 -2.28
CA TYR A 269 -21.64 -59.28 -1.92
C TYR A 269 -21.59 -60.16 -3.17
N PRO A 270 -20.72 -61.18 -3.15
CA PRO A 270 -20.60 -62.11 -4.27
C PRO A 270 -21.89 -62.90 -4.47
N ASN A 271 -22.21 -63.20 -5.73
CA ASN A 271 -23.38 -64.02 -6.01
C ASN A 271 -23.25 -65.41 -5.38
N LYS A 272 -24.37 -65.91 -4.86
CA LYS A 272 -24.41 -67.22 -4.25
C LYS A 272 -25.63 -67.97 -4.78
N PHE A 273 -25.40 -69.10 -5.44
CA PHE A 273 -26.49 -69.90 -6.01
C PHE A 273 -26.85 -71.06 -5.08
N ILE A 274 -28.06 -71.03 -4.53
CA ILE A 274 -28.49 -72.06 -3.59
C ILE A 274 -29.11 -73.26 -4.28
N HIS A 275 -28.63 -74.44 -3.92
CA HIS A 275 -29.17 -75.68 -4.44
C HIS A 275 -29.34 -76.67 -3.30
N LEU A 276 -30.56 -76.82 -2.81
CA LEU A 276 -30.86 -77.80 -1.77
C LEU A 276 -31.55 -79.00 -2.41
N THR A 277 -31.34 -80.18 -1.83
CA THR A 277 -31.96 -81.37 -2.38
C THR A 277 -32.54 -82.26 -1.29
N TYR A 278 -33.79 -82.66 -1.49
CA TYR A 278 -34.42 -83.68 -0.66
C TYR A 278 -34.57 -84.91 -1.54
N LYS A 279 -34.06 -86.04 -1.09
CA LYS A 279 -34.21 -87.29 -1.84
C LYS A 279 -34.91 -88.35 -1.00
N SER A 280 -35.93 -88.97 -1.58
CA SER A 280 -36.68 -90.01 -0.88
C SER A 280 -35.83 -91.26 -0.74
N LYS A 281 -36.07 -92.02 0.33
CA LYS A 281 -35.31 -93.24 0.59
C LYS A 281 -35.71 -94.37 -0.35
N GLY A 282 -36.94 -94.32 -0.86
CA GLY A 282 -37.43 -95.36 -1.74
C GLY A 282 -37.29 -94.99 -3.21
N ASP A 283 -38.05 -95.69 -4.06
CA ASP A 283 -38.03 -95.44 -5.49
C ASP A 283 -38.60 -94.06 -5.81
N VAL A 284 -37.86 -93.27 -6.57
CA VAL A 284 -38.30 -91.92 -6.93
C VAL A 284 -39.21 -91.95 -8.16
N LYS A 285 -40.43 -91.45 -7.99
CA LYS A 285 -41.42 -91.46 -9.05
C LYS A 285 -41.67 -90.09 -9.65
N LYS A 286 -41.37 -89.04 -8.89
CA LYS A 286 -41.54 -87.67 -9.37
C LYS A 286 -40.35 -86.78 -8.99
N LYS A 287 -39.85 -86.04 -9.96
CA LYS A 287 -38.77 -85.08 -9.73
C LYS A 287 -39.24 -83.63 -9.92
N ILE A 288 -39.05 -82.80 -8.90
CA ILE A 288 -39.56 -81.43 -8.92
C ILE A 288 -38.47 -80.41 -8.58
N ALA A 289 -38.41 -79.34 -9.36
CA ALA A 289 -37.50 -78.24 -9.08
C ALA A 289 -38.28 -76.99 -8.65
N LEU A 290 -37.97 -76.49 -7.46
CA LEU A 290 -38.58 -75.27 -6.96
C LEU A 290 -37.59 -74.12 -7.01
N VAL A 291 -37.92 -73.10 -7.80
CA VAL A 291 -37.00 -71.98 -8.03
C VAL A 291 -37.54 -70.70 -7.39
N GLY A 292 -36.72 -70.04 -6.58
CA GLY A 292 -37.13 -68.81 -5.94
C GLY A 292 -36.32 -67.60 -6.35
N LYS A 293 -36.99 -66.48 -6.62
CA LYS A 293 -36.28 -65.23 -6.88
C LYS A 293 -35.63 -64.72 -5.60
N GLY A 294 -34.32 -64.52 -5.65
CA GLY A 294 -33.58 -64.15 -4.46
C GLY A 294 -32.76 -62.88 -4.57
N ILE A 295 -33.44 -61.75 -4.75
CA ILE A 295 -32.76 -60.46 -4.73
C ILE A 295 -32.83 -59.88 -3.33
N THR A 296 -31.71 -59.93 -2.62
CA THR A 296 -31.67 -59.54 -1.20
C THR A 296 -31.95 -58.06 -1.01
N PHE A 297 -31.58 -57.26 -2.01
CA PHE A 297 -32.04 -55.87 -2.07
C PHE A 297 -32.12 -55.38 -3.50
N ASP A 298 -33.24 -54.75 -3.82
CA ASP A 298 -33.45 -54.23 -5.16
C ASP A 298 -33.48 -52.71 -5.17
N SER A 299 -32.34 -52.10 -5.52
CA SER A 299 -32.28 -50.65 -5.61
C SER A 299 -32.84 -50.21 -6.96
N GLY A 300 -32.91 -51.16 -7.89
CA GLY A 300 -33.38 -50.87 -9.23
C GLY A 300 -32.22 -50.81 -10.21
N GLY A 301 -31.00 -50.71 -9.68
CA GLY A 301 -29.82 -50.51 -10.49
C GLY A 301 -29.76 -49.08 -11.00
N TYR A 302 -29.16 -48.88 -12.17
CA TYR A 302 -29.09 -47.53 -12.73
C TYR A 302 -30.47 -47.01 -13.08
N ASN A 303 -31.41 -47.93 -13.27
CA ASN A 303 -32.82 -47.57 -13.31
C ASN A 303 -33.34 -47.48 -11.88
N LEU A 304 -32.72 -46.59 -11.11
CA LEU A 304 -32.98 -46.46 -9.68
C LEU A 304 -34.45 -46.26 -9.36
N LYS A 305 -34.89 -46.87 -8.29
CA LYS A 305 -36.25 -46.69 -7.81
C LYS A 305 -36.38 -45.31 -7.18
N ALA A 306 -36.58 -44.30 -8.02
CA ALA A 306 -36.65 -42.92 -7.56
C ALA A 306 -38.03 -42.32 -7.80
N ALA A 307 -38.85 -43.02 -8.59
CA ALA A 307 -40.21 -42.57 -8.88
C ALA A 307 -41.12 -42.74 -7.67
N PRO A 308 -42.16 -41.88 -7.56
CA PRO A 308 -43.14 -42.00 -6.47
C PRO A 308 -43.88 -43.34 -6.49
N GLY A 309 -43.97 -44.00 -5.34
CA GLY A 309 -44.66 -45.27 -5.24
C GLY A 309 -43.80 -46.47 -5.56
N SER A 310 -42.49 -46.26 -5.67
CA SER A 310 -41.58 -47.34 -6.03
C SER A 310 -41.22 -48.21 -4.83
N MET A 311 -41.50 -47.69 -3.63
CA MET A 311 -41.36 -48.45 -2.38
C MET A 311 -39.97 -49.05 -2.20
N ILE A 312 -38.94 -48.23 -2.38
CA ILE A 312 -37.56 -48.71 -2.30
C ILE A 312 -37.22 -49.19 -0.89
N ASP A 313 -37.93 -48.67 0.12
CA ASP A 313 -37.65 -49.03 1.51
C ASP A 313 -38.19 -50.40 1.88
N LEU A 314 -38.91 -51.00 0.94
CA LEU A 314 -39.53 -52.30 1.16
C LEU A 314 -38.73 -53.40 0.46
N MET A 315 -37.74 -52.99 -0.32
CA MET A 315 -37.08 -53.87 -1.26
C MET A 315 -36.21 -54.97 -0.65
N LYS A 316 -36.28 -55.12 0.67
CA LYS A 316 -35.74 -56.30 1.32
C LYS A 316 -36.66 -57.50 1.03
N PHE A 317 -37.93 -57.19 0.81
CA PHE A 317 -38.95 -58.18 0.42
C PHE A 317 -38.61 -58.94 -0.88
N ASP A 318 -37.68 -58.41 -1.66
CA ASP A 318 -37.47 -58.93 -3.01
C ASP A 318 -36.80 -60.30 -3.07
N MET A 319 -36.58 -60.91 -1.91
CA MET A 319 -36.09 -62.28 -1.86
C MET A 319 -37.14 -63.21 -1.26
N SER A 320 -38.39 -62.74 -1.28
CA SER A 320 -39.52 -63.49 -0.73
C SER A 320 -39.69 -64.86 -1.38
N GLY A 321 -39.48 -64.93 -2.69
CA GLY A 321 -39.59 -66.18 -3.40
C GLY A 321 -38.61 -67.21 -2.89
N CYS A 322 -37.37 -66.77 -2.69
CA CYS A 322 -36.33 -67.61 -2.14
C CYS A 322 -36.71 -68.08 -0.73
N ALA A 323 -37.22 -67.15 0.07
CA ALA A 323 -37.65 -67.45 1.43
C ALA A 323 -38.78 -68.48 1.43
N ALA A 324 -39.71 -68.33 0.50
CA ALA A 324 -40.83 -69.26 0.37
C ALA A 324 -40.29 -70.65 0.05
N VAL A 325 -39.31 -70.71 -0.84
CA VAL A 325 -38.70 -71.97 -1.24
C VAL A 325 -37.95 -72.62 -0.07
N LEU A 326 -37.21 -71.82 0.69
CA LEU A 326 -36.47 -72.33 1.84
C LEU A 326 -37.41 -72.79 2.96
N GLY A 327 -38.52 -72.08 3.14
CA GLY A 327 -39.51 -72.47 4.11
C GLY A 327 -40.13 -73.79 3.72
N CYS A 328 -40.31 -73.99 2.42
CA CYS A 328 -40.82 -75.24 1.88
C CYS A 328 -39.85 -76.38 2.14
N ALA A 329 -38.56 -76.09 2.01
CA ALA A 329 -37.52 -77.08 2.27
C ALA A 329 -37.61 -77.60 3.70
N TYR A 330 -37.93 -76.71 4.64
CA TYR A 330 -38.11 -77.10 6.03
C TYR A 330 -39.26 -78.09 6.18
N CYS A 331 -40.40 -77.75 5.60
CA CYS A 331 -41.60 -78.57 5.70
C CYS A 331 -41.39 -79.94 5.06
N VAL A 332 -40.80 -79.94 3.87
CA VAL A 332 -40.54 -81.18 3.15
C VAL A 332 -39.53 -82.05 3.90
N GLY A 333 -38.46 -81.42 4.38
CA GLY A 333 -37.43 -82.14 5.13
C GLY A 333 -37.95 -82.69 6.45
N THR A 334 -39.00 -82.08 6.99
CA THR A 334 -39.56 -82.49 8.26
C THR A 334 -40.62 -83.56 8.14
N LEU A 335 -41.57 -83.35 7.23
CA LEU A 335 -42.66 -84.30 7.05
C LEU A 335 -42.17 -85.50 6.25
N LYS A 336 -41.10 -85.28 5.49
CA LYS A 336 -40.45 -86.31 4.69
C LYS A 336 -41.39 -87.08 3.78
N PRO A 337 -41.91 -86.42 2.73
CA PRO A 337 -42.74 -87.20 1.81
C PRO A 337 -41.86 -88.21 1.08
N GLU A 338 -42.41 -89.30 0.57
CA GLU A 338 -41.58 -90.29 -0.09
C GLU A 338 -41.92 -90.44 -1.57
N ASN A 339 -41.08 -91.19 -2.29
CA ASN A 339 -41.22 -91.40 -3.72
C ASN A 339 -41.16 -90.10 -4.51
N VAL A 340 -40.45 -89.11 -3.97
CA VAL A 340 -40.33 -87.83 -4.64
C VAL A 340 -38.91 -87.26 -4.44
N GLU A 341 -38.40 -86.57 -5.46
CA GLU A 341 -37.12 -85.89 -5.37
C GLU A 341 -37.29 -84.40 -5.62
N ILE A 342 -36.92 -83.58 -4.65
CA ILE A 342 -37.14 -82.14 -4.76
C ILE A 342 -35.86 -81.33 -4.78
N HIS A 343 -35.74 -80.44 -5.77
CA HIS A 343 -34.63 -79.52 -5.82
C HIS A 343 -35.08 -78.11 -5.44
N PHE A 344 -34.42 -77.52 -4.45
CA PHE A 344 -34.73 -76.17 -4.00
C PHE A 344 -33.67 -75.20 -4.50
N LEU A 345 -34.05 -74.37 -5.46
CA LEU A 345 -33.08 -73.50 -6.14
C LEU A 345 -33.34 -72.03 -5.92
N SER A 346 -32.27 -71.25 -5.82
CA SER A 346 -32.37 -69.81 -5.79
C SER A 346 -31.07 -69.14 -6.21
N ALA A 347 -31.15 -68.34 -7.27
CA ALA A 347 -30.00 -67.56 -7.73
C ALA A 347 -29.97 -66.25 -6.97
N VAL A 348 -29.26 -66.25 -5.84
CA VAL A 348 -29.27 -65.11 -4.93
C VAL A 348 -28.21 -64.07 -5.27
N CYS A 349 -28.62 -62.80 -5.31
CA CYS A 349 -27.69 -61.70 -5.52
C CYS A 349 -28.30 -60.37 -5.07
N GLU A 350 -27.60 -59.28 -5.36
CA GLU A 350 -28.04 -57.96 -4.96
C GLU A 350 -27.94 -56.98 -6.13
N ASN A 351 -28.98 -56.18 -6.32
CA ASN A 351 -29.03 -55.22 -7.43
C ASN A 351 -28.71 -53.81 -6.98
N MET A 352 -27.48 -53.38 -7.18
CA MET A 352 -27.00 -52.11 -6.61
C MET A 352 -26.46 -51.15 -7.67
N VAL A 353 -26.23 -49.92 -7.25
CA VAL A 353 -25.65 -48.90 -8.13
C VAL A 353 -24.17 -48.74 -7.81
N SER A 354 -23.33 -48.83 -8.84
CA SER A 354 -21.88 -48.83 -8.67
C SER A 354 -21.18 -48.57 -9.99
N LYS A 355 -19.86 -48.39 -9.92
CA LYS A 355 -19.05 -48.31 -11.14
C LYS A 355 -19.00 -49.67 -11.82
N ASN A 356 -19.29 -50.71 -11.05
CA ASN A 356 -19.22 -52.08 -11.52
C ASN A 356 -20.57 -52.60 -11.98
N SER A 357 -21.61 -51.80 -11.77
CA SER A 357 -22.98 -52.21 -12.11
C SER A 357 -23.15 -52.41 -13.61
N TYR A 358 -24.10 -53.25 -13.99
CA TYR A 358 -24.44 -53.43 -15.39
C TYR A 358 -25.32 -52.28 -15.82
N ARG A 359 -25.22 -51.89 -17.09
CA ARG A 359 -25.89 -50.70 -17.59
C ARG A 359 -27.11 -51.02 -18.43
N PRO A 360 -28.08 -50.09 -18.47
CA PRO A 360 -29.18 -50.18 -19.42
C PRO A 360 -28.64 -50.18 -20.85
N GLY A 361 -29.04 -51.17 -21.65
CA GLY A 361 -28.57 -51.24 -23.02
C GLY A 361 -27.54 -52.33 -23.23
N ASP A 362 -26.95 -52.81 -22.13
CA ASP A 362 -25.97 -53.89 -22.19
C ASP A 362 -26.58 -55.15 -22.79
N ILE A 363 -25.79 -55.88 -23.55
CA ILE A 363 -26.22 -57.16 -24.08
C ILE A 363 -25.46 -58.27 -23.36
N ILE A 364 -26.23 -59.17 -22.74
CA ILE A 364 -25.66 -60.22 -21.92
C ILE A 364 -26.09 -61.60 -22.41
N THR A 365 -25.29 -62.61 -22.09
CA THR A 365 -25.57 -63.96 -22.58
C THR A 365 -25.97 -64.90 -21.45
N ALA A 366 -27.16 -65.49 -21.58
CA ALA A 366 -27.63 -66.48 -20.60
C ALA A 366 -26.88 -67.80 -20.81
N SER A 367 -27.00 -68.71 -19.85
CA SER A 367 -26.27 -69.97 -19.90
C SER A 367 -26.74 -70.90 -21.02
N ASN A 368 -27.87 -70.58 -21.66
CA ASN A 368 -28.36 -71.37 -22.78
C ASN A 368 -27.95 -70.77 -24.12
N GLY A 369 -27.14 -69.72 -24.07
CA GLY A 369 -26.63 -69.10 -25.27
C GLY A 369 -27.42 -67.93 -25.82
N LYS A 370 -28.63 -67.70 -25.31
CA LYS A 370 -29.43 -66.58 -25.79
C LYS A 370 -28.87 -65.25 -25.31
N THR A 371 -28.69 -64.32 -26.25
CA THR A 371 -28.23 -62.99 -25.90
C THR A 371 -29.43 -62.10 -25.58
N ILE A 372 -29.29 -61.30 -24.51
CA ILE A 372 -30.39 -60.49 -24.01
C ILE A 372 -30.01 -59.02 -23.94
N GLU A 373 -30.83 -58.16 -24.52
CA GLU A 373 -30.61 -56.71 -24.42
C GLU A 373 -31.35 -56.14 -23.21
N VAL A 374 -30.58 -55.54 -22.30
CA VAL A 374 -31.17 -54.95 -21.10
C VAL A 374 -31.77 -53.58 -21.39
N GLY A 375 -33.08 -53.46 -21.19
CA GLY A 375 -33.74 -52.18 -21.40
C GLY A 375 -34.03 -51.47 -20.08
N ASN A 376 -34.04 -52.24 -18.99
CA ASN A 376 -34.33 -51.70 -17.67
C ASN A 376 -33.70 -52.58 -16.59
N THR A 377 -32.74 -52.01 -15.85
CA THR A 377 -32.00 -52.77 -14.83
C THR A 377 -32.85 -53.11 -13.60
N ASP A 378 -34.04 -52.52 -13.52
CA ASP A 378 -34.94 -52.79 -12.40
C ASP A 378 -35.77 -54.04 -12.69
N ALA A 379 -35.60 -54.59 -13.89
CA ALA A 379 -36.24 -55.86 -14.23
C ALA A 379 -35.20 -56.98 -14.12
N GLU A 380 -34.49 -56.99 -13.00
CA GLU A 380 -33.37 -57.89 -12.82
C GLU A 380 -33.79 -59.31 -12.41
N GLY A 381 -35.00 -59.42 -11.88
CA GLY A 381 -35.50 -60.71 -11.42
C GLY A 381 -35.56 -61.76 -12.51
N ARG A 382 -36.09 -61.38 -13.66
CA ARG A 382 -36.24 -62.31 -14.77
C ARG A 382 -34.89 -62.72 -15.34
N LEU A 383 -33.88 -61.87 -15.17
CA LEU A 383 -32.54 -62.18 -15.64
C LEU A 383 -31.93 -63.30 -14.81
N THR A 384 -32.07 -63.20 -13.50
CA THR A 384 -31.57 -64.22 -12.60
C THR A 384 -32.39 -65.49 -12.72
N LEU A 385 -33.70 -65.35 -12.89
CA LEU A 385 -34.58 -66.51 -13.04
C LEU A 385 -34.30 -67.26 -14.33
N ALA A 386 -33.90 -66.53 -15.36
CA ALA A 386 -33.60 -67.13 -16.66
C ALA A 386 -32.50 -68.19 -16.55
N ASP A 387 -31.38 -67.81 -15.96
CA ASP A 387 -30.26 -68.73 -15.77
C ASP A 387 -30.62 -69.84 -14.80
N ALA A 388 -31.43 -69.51 -13.79
CA ALA A 388 -31.87 -70.49 -12.81
C ALA A 388 -32.78 -71.55 -13.43
N LEU A 389 -33.64 -71.12 -14.37
CA LEU A 389 -34.53 -72.04 -15.05
C LEU A 389 -33.76 -72.97 -15.99
N VAL A 390 -32.74 -72.43 -16.64
CA VAL A 390 -31.88 -73.21 -17.52
C VAL A 390 -31.14 -74.26 -16.70
N TYR A 391 -30.69 -73.85 -15.52
CA TYR A 391 -30.04 -74.74 -14.56
C TYR A 391 -31.02 -75.81 -14.08
N ALA A 392 -32.24 -75.38 -13.77
CA ALA A 392 -33.26 -76.29 -13.27
C ALA A 392 -33.60 -77.39 -14.26
N GLU A 393 -33.73 -77.02 -15.53
CA GLU A 393 -34.12 -77.98 -16.56
C GLU A 393 -33.01 -79.00 -16.83
N LYS A 394 -31.76 -78.61 -16.61
CA LYS A 394 -30.63 -79.53 -16.78
C LYS A 394 -30.64 -80.64 -15.74
N LEU A 395 -31.39 -80.45 -14.66
CA LEU A 395 -31.49 -81.47 -13.63
C LEU A 395 -32.37 -82.63 -14.08
N GLY A 396 -33.11 -82.41 -15.17
CA GLY A 396 -33.98 -83.44 -15.70
C GLY A 396 -35.14 -83.74 -14.79
N VAL A 397 -35.92 -82.71 -14.48
CA VAL A 397 -37.06 -82.83 -13.58
C VAL A 397 -38.37 -82.94 -14.37
N ASP A 398 -39.44 -83.28 -13.67
CA ASP A 398 -40.75 -83.40 -14.30
C ASP A 398 -41.49 -82.07 -14.28
N TYR A 399 -41.37 -81.34 -13.17
CA TYR A 399 -42.02 -80.04 -13.03
C TYR A 399 -41.00 -78.99 -12.58
N ILE A 400 -41.09 -77.80 -13.16
CA ILE A 400 -40.35 -76.65 -12.66
C ILE A 400 -41.34 -75.58 -12.19
N VAL A 401 -41.28 -75.25 -10.91
CA VAL A 401 -42.16 -74.20 -10.38
C VAL A 401 -41.35 -73.06 -9.77
N ASP A 402 -41.45 -71.88 -10.37
CA ASP A 402 -40.77 -70.71 -9.85
C ASP A 402 -41.76 -69.77 -9.17
N ILE A 403 -41.28 -69.11 -8.11
CA ILE A 403 -42.10 -68.18 -7.35
C ILE A 403 -41.30 -66.90 -7.10
N ALA A 404 -41.91 -65.75 -7.37
CA ALA A 404 -41.14 -64.50 -7.41
C ALA A 404 -41.97 -63.25 -7.19
N THR A 405 -41.36 -62.26 -6.55
CA THR A 405 -41.92 -60.92 -6.48
C THR A 405 -41.47 -60.17 -7.73
N LEU A 406 -42.04 -60.57 -8.87
CA LEU A 406 -41.52 -60.13 -10.16
C LEU A 406 -41.97 -58.76 -10.64
N THR A 407 -43.28 -58.51 -10.65
CA THR A 407 -43.80 -57.27 -11.23
C THR A 407 -44.76 -56.53 -10.31
N GLY A 408 -44.59 -55.22 -10.23
CA GLY A 408 -45.46 -54.38 -9.41
C GLY A 408 -46.85 -54.27 -10.01
N ALA A 409 -46.99 -54.68 -11.26
CA ALA A 409 -48.27 -54.68 -11.96
C ALA A 409 -49.27 -55.61 -11.28
N MET A 410 -48.76 -56.57 -10.51
CA MET A 410 -49.59 -57.51 -9.77
C MET A 410 -50.53 -56.79 -8.82
N LEU A 411 -50.07 -55.66 -8.28
CA LEU A 411 -50.88 -54.83 -7.40
C LEU A 411 -52.08 -54.22 -8.13
N TYR A 412 -51.96 -54.09 -9.46
CA TYR A 412 -53.01 -53.51 -10.27
C TYR A 412 -53.89 -54.58 -10.91
N SER A 413 -53.40 -55.81 -10.96
CA SER A 413 -54.15 -56.90 -11.57
C SER A 413 -54.93 -57.70 -10.52
N LEU A 414 -54.23 -58.33 -9.57
CA LEU A 414 -54.90 -59.17 -8.59
C LEU A 414 -54.91 -58.56 -7.19
N GLY A 415 -54.03 -57.60 -6.95
CA GLY A 415 -53.99 -56.92 -5.66
C GLY A 415 -53.12 -57.58 -4.61
N THR A 416 -53.55 -57.51 -3.36
CA THR A 416 -52.72 -57.94 -2.24
C THR A 416 -53.13 -59.28 -1.65
N SER A 417 -54.19 -59.88 -2.18
CA SER A 417 -54.72 -61.11 -1.60
C SER A 417 -54.47 -62.34 -2.46
N TYR A 418 -54.56 -62.18 -3.77
CA TYR A 418 -54.41 -63.31 -4.69
C TYR A 418 -53.12 -63.19 -5.49
N ALA A 419 -52.34 -64.27 -5.52
CA ALA A 419 -51.15 -64.34 -6.36
C ALA A 419 -51.51 -64.82 -7.76
N GLY A 420 -50.68 -64.48 -8.73
CA GLY A 420 -50.91 -64.92 -10.10
C GLY A 420 -50.03 -66.08 -10.51
N VAL A 421 -50.60 -67.01 -11.26
CA VAL A 421 -49.83 -68.13 -11.78
C VAL A 421 -49.88 -68.20 -13.31
N PHE A 422 -48.72 -68.36 -13.92
CA PHE A 422 -48.58 -68.50 -15.36
C PHE A 422 -47.86 -69.82 -15.63
N GLY A 423 -48.04 -70.38 -16.82
CA GLY A 423 -47.38 -71.63 -17.14
C GLY A 423 -47.52 -72.05 -18.58
N ASN A 424 -46.79 -73.09 -18.95
CA ASN A 424 -46.87 -73.64 -20.31
C ASN A 424 -47.58 -74.99 -20.32
N ASN A 425 -48.07 -75.40 -19.17
CA ASN A 425 -48.68 -76.72 -19.02
C ASN A 425 -49.91 -76.64 -18.12
N GLU A 426 -51.05 -77.01 -18.68
CA GLU A 426 -52.34 -76.82 -18.01
C GLU A 426 -52.54 -77.78 -16.83
N GLU A 427 -51.97 -78.97 -16.93
CA GLU A 427 -52.09 -79.94 -15.83
C GLU A 427 -51.28 -79.48 -14.62
N LEU A 428 -50.11 -78.91 -14.88
CA LEU A 428 -49.29 -78.36 -13.81
C LEU A 428 -49.98 -77.18 -13.15
N ILE A 429 -50.61 -76.33 -13.97
CA ILE A 429 -51.35 -75.18 -13.48
C ILE A 429 -52.51 -75.61 -12.58
N ASN A 430 -53.26 -76.61 -13.02
CA ASN A 430 -54.38 -77.12 -12.24
C ASN A 430 -53.92 -77.69 -10.89
N LYS A 431 -52.77 -78.34 -10.90
CA LYS A 431 -52.19 -78.88 -9.67
C LYS A 431 -51.85 -77.75 -8.70
N ILE A 432 -51.33 -76.64 -9.23
CA ILE A 432 -51.03 -75.47 -8.41
C ILE A 432 -52.32 -74.89 -7.84
N LEU A 433 -53.36 -74.82 -8.68
CA LEU A 433 -54.66 -74.34 -8.26
C LEU A 433 -55.26 -75.26 -7.20
N GLN A 434 -55.06 -76.56 -7.39
CA GLN A 434 -55.53 -77.55 -6.43
C GLN A 434 -54.79 -77.37 -5.10
N SER A 435 -53.49 -77.09 -5.18
CA SER A 435 -52.68 -76.83 -3.99
C SER A 435 -53.10 -75.54 -3.30
N SER A 436 -53.55 -74.57 -4.09
CA SER A 436 -54.01 -73.29 -3.56
C SER A 436 -55.24 -73.47 -2.67
N LYS A 437 -56.16 -74.33 -3.09
CA LYS A 437 -57.38 -74.57 -2.35
C LYS A 437 -57.10 -75.26 -1.02
N THR A 438 -56.23 -76.27 -1.04
CA THR A 438 -55.98 -77.06 0.16
C THR A 438 -55.04 -76.35 1.15
N SER A 439 -54.22 -75.45 0.64
CA SER A 439 -53.31 -74.69 1.50
C SER A 439 -53.94 -73.38 1.96
N ASN A 440 -55.04 -73.00 1.31
CA ASN A 440 -55.72 -71.73 1.58
C ASN A 440 -54.80 -70.53 1.37
N GLU A 441 -53.90 -70.65 0.40
CA GLU A 441 -53.12 -69.52 -0.09
C GLU A 441 -53.56 -69.19 -1.51
N PRO A 442 -54.36 -68.11 -1.67
CA PRO A 442 -55.08 -67.81 -2.91
C PRO A 442 -54.19 -67.56 -4.12
N VAL A 443 -54.49 -68.26 -5.20
CA VAL A 443 -53.77 -68.11 -6.46
C VAL A 443 -54.80 -68.05 -7.58
N TRP A 444 -54.54 -67.22 -8.58
CA TRP A 444 -55.44 -67.12 -9.73
C TRP A 444 -54.68 -67.31 -11.03
N TRP A 445 -55.25 -68.06 -11.96
CA TRP A 445 -54.61 -68.35 -13.23
C TRP A 445 -54.68 -67.15 -14.17
N LEU A 446 -53.52 -66.68 -14.60
CA LEU A 446 -53.44 -65.58 -15.56
C LEU A 446 -52.81 -66.07 -16.87
N PRO A 447 -53.17 -65.45 -18.00
CA PRO A 447 -52.72 -65.98 -19.29
C PRO A 447 -51.33 -65.51 -19.75
N ILE A 448 -50.63 -66.37 -20.46
CA ILE A 448 -49.43 -65.97 -21.18
C ILE A 448 -49.81 -65.69 -22.63
N ILE A 449 -50.01 -64.41 -22.93
CA ILE A 449 -50.51 -64.01 -24.24
C ILE A 449 -49.41 -63.91 -25.27
N ASN A 450 -49.38 -64.87 -26.20
CA ASN A 450 -48.32 -64.98 -27.19
C ASN A 450 -48.23 -63.79 -28.14
N GLU A 451 -49.31 -63.03 -28.26
CA GLU A 451 -49.34 -61.89 -29.17
C GLU A 451 -48.35 -60.80 -28.77
N TYR A 452 -48.00 -60.74 -27.48
CA TYR A 452 -47.10 -59.70 -26.98
C TYR A 452 -45.63 -60.07 -27.19
N ARG A 453 -45.39 -61.32 -27.60
CA ARG A 453 -44.04 -61.85 -27.77
C ARG A 453 -43.18 -61.02 -28.73
N ALA A 454 -43.80 -60.48 -29.77
CA ALA A 454 -43.07 -59.75 -30.80
C ALA A 454 -42.43 -58.47 -30.26
N THR A 455 -42.95 -57.97 -29.14
CA THR A 455 -42.41 -56.76 -28.54
C THR A 455 -41.11 -57.06 -27.81
N LEU A 456 -40.75 -58.34 -27.73
CA LEU A 456 -39.50 -58.76 -27.12
C LEU A 456 -38.43 -59.01 -28.17
N ASN A 457 -38.75 -58.75 -29.43
CA ASN A 457 -37.80 -58.89 -30.52
C ASN A 457 -36.79 -57.74 -30.54
N SER A 458 -35.54 -58.05 -30.20
CA SER A 458 -34.48 -57.05 -30.17
C SER A 458 -33.87 -56.88 -31.56
N LYS A 459 -33.43 -55.67 -31.87
CA LYS A 459 -32.80 -55.38 -33.15
C LYS A 459 -31.43 -56.03 -33.25
N TYR A 460 -30.75 -56.17 -32.12
CA TYR A 460 -29.37 -56.64 -32.12
C TYR A 460 -29.18 -57.96 -31.37
N ALA A 461 -29.86 -58.10 -30.24
CA ALA A 461 -29.75 -59.33 -29.46
C ALA A 461 -30.81 -60.34 -29.87
N ASP A 462 -30.75 -61.53 -29.27
CA ASP A 462 -31.73 -62.57 -29.57
C ASP A 462 -33.10 -62.18 -29.04
N ILE A 463 -33.12 -61.49 -27.90
CA ILE A 463 -34.38 -61.14 -27.25
C ILE A 463 -34.23 -59.91 -26.37
N ASN A 464 -35.32 -59.15 -26.24
CA ASN A 464 -35.38 -58.03 -25.31
C ASN A 464 -35.72 -58.49 -23.90
N GLN A 465 -35.15 -57.83 -22.91
CA GLN A 465 -35.47 -58.09 -21.52
C GLN A 465 -36.87 -57.59 -21.20
N ILE A 466 -37.20 -56.42 -21.74
CA ILE A 466 -38.49 -55.79 -21.49
C ILE A 466 -39.16 -55.34 -22.77
N SER A 467 -40.44 -55.00 -22.68
CA SER A 467 -41.17 -54.40 -23.79
C SER A 467 -41.12 -52.88 -23.69
N SER A 468 -41.20 -52.21 -24.84
CA SER A 468 -41.28 -50.75 -24.82
C SER A 468 -42.69 -50.24 -25.15
N SER A 469 -43.64 -51.17 -25.27
CA SER A 469 -45.03 -50.79 -25.53
C SER A 469 -46.02 -51.35 -24.51
N VAL A 470 -46.09 -52.67 -24.43
CA VAL A 470 -47.22 -53.42 -23.86
C VAL A 470 -47.77 -52.93 -22.50
N LYS A 471 -46.88 -52.66 -21.56
CA LYS A 471 -47.22 -52.23 -20.20
C LYS A 471 -47.89 -53.32 -19.35
N ALA A 472 -48.26 -54.44 -19.98
CA ALA A 472 -48.76 -55.59 -19.24
C ALA A 472 -47.55 -56.35 -18.69
N SER A 473 -46.90 -55.75 -17.69
CA SER A 473 -45.60 -56.22 -17.20
C SER A 473 -45.54 -57.67 -16.77
N SER A 474 -46.57 -58.14 -16.06
CA SER A 474 -46.59 -59.50 -15.55
C SER A 474 -46.60 -60.55 -16.67
N ILE A 475 -47.35 -60.26 -17.73
CA ILE A 475 -47.46 -61.18 -18.85
C ILE A 475 -46.20 -61.18 -19.71
N VAL A 476 -45.65 -59.99 -19.94
CA VAL A 476 -44.44 -59.86 -20.72
C VAL A 476 -43.28 -60.61 -20.05
N ALA A 477 -43.20 -60.47 -18.73
CA ALA A 477 -42.16 -61.16 -17.95
C ALA A 477 -42.29 -62.67 -18.06
N SER A 478 -43.52 -63.16 -18.04
CA SER A 478 -43.77 -64.59 -18.21
C SER A 478 -43.36 -65.06 -19.60
N LEU A 479 -43.60 -64.20 -20.60
CA LEU A 479 -43.17 -64.49 -21.96
C LEU A 479 -41.66 -64.60 -22.06
N PHE A 480 -40.96 -63.77 -21.29
CA PHE A 480 -39.51 -63.79 -21.25
C PHE A 480 -39.00 -65.11 -20.66
N LEU A 481 -39.51 -65.47 -19.49
CA LEU A 481 -39.09 -66.68 -18.78
C LEU A 481 -39.37 -67.93 -19.61
N LYS A 482 -40.48 -67.91 -20.33
CA LYS A 482 -40.90 -69.05 -21.15
C LYS A 482 -39.85 -69.42 -22.20
N GLU A 483 -39.06 -68.44 -22.63
CA GLU A 483 -38.02 -68.65 -23.62
C GLU A 483 -36.83 -69.42 -23.05
N PHE A 484 -36.82 -69.64 -21.74
CA PHE A 484 -35.68 -70.31 -21.10
C PHE A 484 -36.10 -71.65 -20.52
N VAL A 485 -37.30 -72.10 -20.88
CA VAL A 485 -37.73 -73.45 -20.56
C VAL A 485 -38.15 -74.12 -21.86
N GLN A 486 -37.33 -75.04 -22.34
CA GLN A 486 -37.48 -75.57 -23.68
C GLN A 486 -38.47 -76.73 -23.77
N ASN A 487 -38.37 -77.71 -22.87
CA ASN A 487 -39.18 -78.91 -22.98
C ASN A 487 -39.59 -79.52 -21.65
N THR A 488 -39.96 -78.67 -20.69
CA THR A 488 -40.40 -79.15 -19.38
C THR A 488 -41.64 -78.39 -18.92
N ALA A 489 -42.57 -79.10 -18.28
CA ALA A 489 -43.73 -78.47 -17.68
C ALA A 489 -43.28 -77.45 -16.65
N TRP A 490 -43.72 -76.19 -16.84
CA TRP A 490 -43.23 -75.10 -16.00
C TRP A 490 -44.34 -74.13 -15.61
N ALA A 491 -44.28 -73.65 -14.38
CA ALA A 491 -45.25 -72.66 -13.90
C ALA A 491 -44.54 -71.56 -13.11
N HIS A 492 -45.12 -70.37 -13.12
CA HIS A 492 -44.50 -69.20 -12.52
C HIS A 492 -45.50 -68.45 -11.65
N ILE A 493 -45.18 -68.32 -10.36
CA ILE A 493 -46.06 -67.66 -9.42
C ILE A 493 -45.55 -66.28 -9.03
N ASP A 494 -46.27 -65.25 -9.44
CA ASP A 494 -45.87 -63.87 -9.15
C ASP A 494 -46.50 -63.41 -7.84
N ILE A 495 -45.67 -63.21 -6.83
CA ILE A 495 -46.16 -62.87 -5.49
C ILE A 495 -45.77 -61.45 -5.06
N ALA A 496 -45.46 -60.59 -6.04
CA ALA A 496 -45.04 -59.23 -5.76
C ALA A 496 -46.08 -58.42 -4.99
N GLY A 497 -47.35 -58.74 -5.22
CA GLY A 497 -48.44 -58.01 -4.58
C GLY A 497 -48.88 -58.56 -3.23
N VAL A 498 -48.71 -59.87 -3.04
CA VAL A 498 -49.26 -60.53 -1.86
C VAL A 498 -48.22 -60.85 -0.78
N SER A 499 -46.94 -60.67 -1.11
CA SER A 499 -45.86 -61.06 -0.20
C SER A 499 -45.84 -60.25 1.09
N TRP A 500 -46.00 -58.93 0.97
CA TRP A 500 -45.94 -58.05 2.12
C TRP A 500 -47.34 -57.65 2.61
N ASN A 501 -47.55 -57.74 3.91
CA ASN A 501 -48.80 -57.29 4.54
C ASN A 501 -48.68 -55.83 4.95
N PHE A 502 -49.14 -54.93 4.08
CA PHE A 502 -48.95 -53.50 4.30
C PHE A 502 -49.70 -52.96 5.52
N LYS A 503 -50.88 -53.51 5.79
CA LYS A 503 -51.66 -53.07 6.93
C LYS A 503 -50.99 -53.48 8.24
N ALA A 504 -50.48 -54.71 8.29
CA ALA A 504 -49.86 -55.23 9.51
C ALA A 504 -48.37 -54.94 9.58
N ARG A 505 -47.83 -54.41 8.48
CA ARG A 505 -46.42 -54.03 8.36
C ARG A 505 -45.46 -55.20 8.60
N LYS A 506 -45.75 -56.34 7.99
CA LYS A 506 -44.89 -57.51 8.14
C LYS A 506 -45.06 -58.46 6.95
N PRO A 507 -44.11 -59.39 6.75
CA PRO A 507 -44.30 -60.34 5.65
C PRO A 507 -45.43 -61.33 5.94
N LYS A 508 -45.90 -62.01 4.90
CA LYS A 508 -46.91 -63.05 5.08
C LYS A 508 -46.27 -64.43 5.07
N GLY A 509 -45.07 -64.52 4.49
CA GLY A 509 -44.43 -65.81 4.26
C GLY A 509 -45.21 -66.59 3.21
N PHE A 510 -45.80 -65.85 2.27
CA PHE A 510 -46.68 -66.43 1.26
C PHE A 510 -45.92 -67.41 0.37
N GLY A 511 -46.54 -68.57 0.13
CA GLY A 511 -45.99 -69.54 -0.81
C GLY A 511 -45.48 -70.81 -0.18
N VAL A 512 -45.09 -70.73 1.10
CA VAL A 512 -44.53 -71.88 1.79
C VAL A 512 -45.52 -73.05 1.84
N ARG A 513 -46.73 -72.76 2.33
CA ARG A 513 -47.76 -73.79 2.44
C ARG A 513 -48.25 -74.26 1.08
N LEU A 514 -48.33 -73.32 0.13
CA LEU A 514 -48.76 -73.65 -1.24
C LEU A 514 -47.80 -74.65 -1.88
N LEU A 515 -46.51 -74.35 -1.83
CA LEU A 515 -45.51 -75.21 -2.45
C LEU A 515 -45.40 -76.56 -1.76
N THR A 516 -45.54 -76.58 -0.44
CA THR A 516 -45.45 -77.83 0.31
C THR A 516 -46.63 -78.73 0.00
N GLU A 517 -47.83 -78.16 -0.03
CA GLU A 517 -49.02 -78.91 -0.41
C GLU A 517 -48.90 -79.49 -1.81
N PHE A 518 -48.27 -78.72 -2.70
CA PHE A 518 -48.05 -79.17 -4.07
C PHE A 518 -47.18 -80.42 -4.13
N VAL A 519 -46.10 -80.44 -3.36
CA VAL A 519 -45.18 -81.58 -3.34
C VAL A 519 -45.80 -82.79 -2.65
N LEU A 520 -46.49 -82.54 -1.54
CA LEU A 520 -47.04 -83.62 -0.73
C LEU A 520 -48.18 -84.36 -1.43
N ASN A 521 -49.07 -83.62 -2.09
CA ASN A 521 -50.23 -84.22 -2.72
C ASN A 521 -49.93 -84.75 -4.12
N ASP A 522 -48.67 -84.66 -4.52
CA ASP A 522 -48.23 -85.23 -5.79
C ASP A 522 -47.71 -86.66 -5.60
N SER B 5 -4.77 -50.59 -22.63
CA SER B 5 -5.05 -51.57 -23.66
C SER B 5 -5.84 -52.78 -23.12
N GLU B 6 -5.56 -53.18 -21.89
CA GLU B 6 -6.27 -54.30 -21.29
C GLU B 6 -7.58 -53.85 -20.68
N VAL B 7 -8.69 -54.45 -21.12
CA VAL B 7 -10.01 -54.11 -20.61
C VAL B 7 -10.31 -54.78 -19.27
N PRO B 8 -10.54 -53.96 -18.23
CA PRO B 8 -10.89 -54.50 -16.91
C PRO B 8 -12.23 -55.24 -16.93
N GLN B 9 -12.36 -56.23 -16.07
CA GLN B 9 -13.56 -57.05 -15.99
C GLN B 9 -14.05 -57.15 -14.55
N VAL B 10 -15.36 -57.29 -14.38
CA VAL B 10 -15.91 -57.56 -13.06
C VAL B 10 -16.04 -59.07 -12.90
N VAL B 11 -16.51 -59.72 -13.95
CA VAL B 11 -16.55 -61.18 -14.02
C VAL B 11 -15.90 -61.61 -15.32
N SER B 12 -15.51 -62.88 -15.42
CA SER B 12 -14.78 -63.36 -16.58
C SER B 12 -15.66 -63.37 -17.84
N LEU B 13 -16.97 -63.25 -17.67
CA LEU B 13 -17.89 -63.29 -18.80
C LEU B 13 -18.08 -61.93 -19.47
N ASP B 14 -17.56 -60.88 -18.85
CA ASP B 14 -17.59 -59.55 -19.45
C ASP B 14 -16.67 -59.50 -20.68
N PRO B 15 -17.20 -58.99 -21.80
CA PRO B 15 -16.44 -58.88 -23.06
C PRO B 15 -15.25 -57.94 -22.95
N THR B 16 -14.19 -58.23 -23.71
CA THR B 16 -12.97 -57.44 -23.64
C THR B 16 -12.64 -56.71 -24.94
N SER B 17 -13.55 -56.74 -25.91
CA SER B 17 -13.34 -56.01 -27.16
C SER B 17 -14.64 -55.81 -27.93
N ILE B 18 -14.67 -54.78 -28.77
CA ILE B 18 -15.81 -54.53 -29.62
C ILE B 18 -15.70 -55.38 -30.88
N PRO B 19 -16.66 -56.27 -31.10
CA PRO B 19 -16.67 -57.05 -32.35
C PRO B 19 -16.89 -56.13 -33.55
N ILE B 20 -16.02 -56.20 -34.53
CA ILE B 20 -16.13 -55.35 -35.72
C ILE B 20 -16.09 -56.17 -37.00
N GLU B 21 -17.08 -55.97 -37.86
CA GLU B 21 -17.08 -56.58 -39.17
C GLU B 21 -16.51 -55.58 -40.18
N TYR B 22 -15.32 -55.86 -40.69
CA TYR B 22 -14.67 -54.97 -41.66
C TYR B 22 -15.07 -55.35 -43.09
N ASN B 23 -15.01 -56.64 -43.40
CA ASN B 23 -15.44 -57.12 -44.70
C ASN B 23 -16.92 -57.49 -44.67
N THR B 24 -17.75 -56.58 -45.17
CA THR B 24 -19.19 -56.77 -45.17
C THR B 24 -19.61 -57.40 -46.49
N PRO B 25 -20.78 -58.07 -46.51
CA PRO B 25 -21.31 -58.67 -47.74
C PRO B 25 -21.43 -57.65 -48.88
N ILE B 26 -21.57 -56.38 -48.52
CA ILE B 26 -21.63 -55.30 -49.50
C ILE B 26 -20.33 -55.22 -50.30
N HIS B 27 -19.22 -55.48 -49.62
CA HIS B 27 -17.91 -55.41 -50.27
C HIS B 27 -17.70 -56.52 -51.31
N ASP B 28 -18.51 -57.58 -51.23
CA ASP B 28 -18.40 -58.69 -52.16
C ASP B 28 -19.32 -58.52 -53.37
N ILE B 29 -20.05 -57.40 -53.39
CA ILE B 29 -20.95 -57.11 -54.50
C ILE B 29 -20.16 -56.49 -55.65
N LYS B 30 -20.20 -57.14 -56.80
CA LYS B 30 -19.58 -56.59 -58.00
C LYS B 30 -20.54 -55.61 -58.66
N VAL B 31 -20.08 -54.36 -58.81
CA VAL B 31 -20.92 -53.30 -59.34
C VAL B 31 -20.52 -52.91 -60.75
N GLN B 32 -21.48 -52.95 -61.66
CA GLN B 32 -21.26 -52.53 -63.04
C GLN B 32 -22.18 -51.38 -63.42
N VAL B 33 -21.63 -50.38 -64.07
CA VAL B 33 -22.42 -49.25 -64.53
C VAL B 33 -22.41 -49.18 -66.06
N TYR B 34 -23.59 -49.28 -66.66
CA TYR B 34 -23.72 -49.22 -68.11
C TYR B 34 -24.49 -47.97 -68.52
N ASP B 35 -24.30 -47.52 -69.75
CA ASP B 35 -25.03 -46.39 -70.30
C ASP B 35 -26.39 -46.88 -70.80
N ILE B 36 -27.47 -46.19 -70.45
CA ILE B 36 -28.79 -46.68 -70.81
C ILE B 36 -28.89 -46.62 -72.34
N LYS B 37 -28.14 -45.68 -72.90
CA LYS B 37 -28.11 -45.47 -74.34
C LYS B 37 -27.36 -46.62 -74.98
N GLY B 38 -28.03 -47.76 -75.09
CA GLY B 38 -27.43 -48.94 -75.65
C GLY B 38 -28.35 -50.11 -75.38
N GLY B 39 -29.41 -49.83 -74.62
CA GLY B 39 -30.39 -50.84 -74.26
C GLY B 39 -30.03 -51.59 -73.01
N CYS B 40 -31.06 -52.15 -72.35
CA CYS B 40 -30.87 -52.91 -71.13
C CYS B 40 -31.01 -54.40 -71.41
N ASN B 41 -30.15 -55.20 -70.80
CA ASN B 41 -30.30 -56.65 -70.88
C ASN B 41 -31.00 -57.16 -69.64
N VAL B 42 -32.05 -57.95 -69.85
CA VAL B 42 -32.84 -58.46 -68.76
C VAL B 42 -32.75 -59.99 -68.72
N GLU B 43 -31.79 -60.50 -67.95
CA GLU B 43 -31.55 -61.94 -67.90
C GLU B 43 -31.79 -62.54 -66.51
N GLU B 44 -30.76 -62.51 -65.68
CA GLU B 44 -30.83 -63.09 -64.34
C GLU B 44 -31.33 -62.11 -63.28
N GLY B 45 -31.75 -62.67 -62.14
CA GLY B 45 -32.08 -61.88 -60.97
C GLY B 45 -33.31 -61.02 -61.11
N LEU B 46 -33.29 -59.89 -60.41
CA LEU B 46 -34.41 -58.95 -60.40
C LEU B 46 -34.00 -57.64 -61.06
N THR B 47 -34.82 -57.16 -61.98
CA THR B 47 -34.55 -55.91 -62.68
C THR B 47 -35.57 -54.84 -62.31
N ILE B 48 -35.09 -53.73 -61.73
CA ILE B 48 -35.98 -52.69 -61.27
C ILE B 48 -35.80 -51.36 -62.02
N PHE B 49 -36.90 -50.84 -62.54
CA PHE B 49 -36.90 -49.55 -63.23
C PHE B 49 -37.33 -48.43 -62.28
N LEU B 50 -36.51 -47.39 -62.17
CA LEU B 50 -36.90 -46.23 -61.38
C LEU B 50 -37.60 -45.23 -62.29
N VAL B 51 -38.92 -45.12 -62.16
CA VAL B 51 -39.71 -44.31 -63.09
C VAL B 51 -40.53 -43.23 -62.41
N ASN B 52 -40.73 -42.12 -63.11
CA ASN B 52 -41.60 -41.04 -62.64
C ASN B 52 -42.52 -40.51 -63.72
N ASN B 53 -43.30 -39.49 -63.36
CA ASN B 53 -44.10 -38.74 -64.31
C ASN B 53 -44.26 -37.32 -63.78
N PRO B 54 -43.41 -36.41 -64.26
CA PRO B 54 -43.35 -35.00 -63.86
C PRO B 54 -44.67 -34.24 -63.92
N GLY B 55 -45.21 -33.88 -62.75
CA GLY B 55 -46.47 -33.16 -62.67
C GLY B 55 -47.78 -33.87 -62.97
N LYS B 56 -47.79 -35.20 -62.91
CA LYS B 56 -49.04 -35.93 -63.12
C LYS B 56 -49.59 -36.55 -61.83
N GLU B 57 -49.23 -35.96 -60.69
CA GLU B 57 -49.67 -36.45 -59.38
C GLU B 57 -49.34 -37.93 -59.22
N ASN B 58 -50.38 -38.76 -59.24
CA ASN B 58 -50.16 -40.19 -59.41
C ASN B 58 -50.39 -40.55 -60.87
N GLY B 59 -49.33 -40.43 -61.67
CA GLY B 59 -49.42 -40.68 -63.09
C GLY B 59 -49.14 -42.13 -63.48
N PRO B 60 -49.41 -42.48 -64.74
CA PRO B 60 -49.14 -43.82 -65.25
C PRO B 60 -47.65 -44.12 -65.36
N VAL B 61 -47.29 -45.39 -65.27
CA VAL B 61 -45.90 -45.80 -65.41
C VAL B 61 -45.53 -45.90 -66.89
N LYS B 62 -44.41 -45.32 -67.26
CA LYS B 62 -43.92 -45.43 -68.64
C LYS B 62 -42.43 -45.74 -68.68
N ILE B 63 -42.09 -46.88 -69.27
CA ILE B 63 -40.69 -47.26 -69.40
C ILE B 63 -40.13 -46.74 -70.71
N SER B 64 -39.16 -45.83 -70.60
CA SER B 64 -38.59 -45.14 -71.73
C SER B 64 -37.39 -45.87 -72.31
N SER B 65 -36.68 -46.58 -71.44
CA SER B 65 -35.44 -47.25 -71.80
C SER B 65 -35.64 -48.34 -72.85
N LYS B 66 -34.63 -48.52 -73.70
CA LYS B 66 -34.65 -49.58 -74.68
C LYS B 66 -34.28 -50.89 -74.01
N VAL B 67 -35.07 -51.92 -74.24
CA VAL B 67 -34.78 -53.23 -73.67
C VAL B 67 -34.37 -54.17 -74.79
N ASN B 68 -33.18 -54.75 -74.66
CA ASN B 68 -32.64 -55.61 -75.71
C ASN B 68 -33.28 -57.00 -75.67
N ASP B 69 -34.60 -57.02 -75.58
CA ASP B 69 -35.37 -58.25 -75.55
C ASP B 69 -36.79 -58.01 -76.03
N LYS B 70 -37.19 -58.70 -77.10
CA LYS B 70 -38.50 -58.49 -77.70
C LYS B 70 -39.63 -58.85 -76.74
N GLN B 71 -39.46 -59.96 -76.03
CA GLN B 71 -40.46 -60.42 -75.08
C GLN B 71 -40.63 -59.47 -73.90
N VAL B 72 -39.53 -58.99 -73.34
CA VAL B 72 -39.59 -58.10 -72.18
C VAL B 72 -40.13 -56.74 -72.58
N SER B 73 -39.75 -56.27 -73.76
CA SER B 73 -40.23 -54.99 -74.26
C SER B 73 -41.71 -55.03 -74.56
N GLU B 74 -42.17 -56.19 -75.04
CA GLU B 74 -43.58 -56.41 -75.31
C GLU B 74 -44.37 -56.42 -74.00
N PHE B 75 -43.81 -57.01 -72.96
CA PHE B 75 -44.46 -57.04 -71.67
C PHE B 75 -44.57 -55.62 -71.11
N LEU B 76 -43.52 -54.83 -71.32
CA LEU B 76 -43.41 -53.50 -70.74
C LEU B 76 -43.99 -52.37 -71.60
N LYS B 77 -44.74 -52.72 -72.64
CA LYS B 77 -45.36 -51.71 -73.49
C LYS B 77 -46.37 -50.87 -72.73
N ASP B 78 -46.56 -49.63 -73.17
CA ASP B 78 -47.37 -48.63 -72.47
C ASP B 78 -48.79 -49.09 -72.12
N GLU B 79 -49.43 -49.81 -73.03
CA GLU B 79 -50.79 -50.27 -72.81
C GLU B 79 -50.88 -51.14 -71.56
N ASN B 80 -49.83 -51.91 -71.31
CA ASN B 80 -49.75 -52.81 -70.16
C ASN B 80 -49.43 -52.08 -68.85
N MET B 81 -48.61 -51.03 -68.94
CA MET B 81 -48.08 -50.35 -67.77
C MET B 81 -48.99 -49.24 -67.20
N GLU B 82 -50.01 -48.83 -67.96
CA GLU B 82 -50.85 -47.71 -67.53
C GLU B 82 -51.70 -48.02 -66.29
N LYS B 83 -51.87 -49.29 -65.97
CA LYS B 83 -52.63 -49.69 -64.78
C LYS B 83 -51.82 -49.48 -63.49
N PHE B 84 -50.53 -49.18 -63.64
CA PHE B 84 -49.63 -48.97 -62.50
C PHE B 84 -49.31 -47.50 -62.27
N ASN B 85 -48.94 -47.19 -61.03
CA ASN B 85 -48.74 -45.81 -60.61
C ASN B 85 -47.30 -45.47 -60.24
N VAL B 86 -47.01 -44.17 -60.22
CA VAL B 86 -45.65 -43.68 -59.99
C VAL B 86 -45.53 -43.08 -58.59
N LYS B 87 -46.51 -43.34 -57.74
CA LYS B 87 -46.52 -42.84 -56.36
C LYS B 87 -45.21 -43.16 -55.63
N LEU B 88 -44.64 -42.14 -54.99
CA LEU B 88 -43.36 -42.27 -54.29
C LEU B 88 -43.35 -43.44 -53.30
N GLY B 89 -42.46 -44.39 -53.51
CA GLY B 89 -42.33 -45.53 -52.62
C GLY B 89 -43.09 -46.78 -53.04
N THR B 90 -43.94 -46.63 -54.06
CA THR B 90 -44.72 -47.75 -54.60
C THR B 90 -43.83 -48.67 -55.44
N SER B 91 -44.02 -49.99 -55.29
CA SER B 91 -43.25 -50.97 -56.05
C SER B 91 -44.11 -52.15 -56.47
N LYS B 92 -43.74 -52.77 -57.59
CA LYS B 92 -44.45 -53.93 -58.12
C LYS B 92 -43.46 -54.93 -58.72
N HIS B 93 -43.83 -56.22 -58.74
CA HIS B 93 -42.96 -57.23 -59.36
C HIS B 93 -43.64 -57.89 -60.56
N PHE B 94 -42.87 -58.16 -61.61
CA PHE B 94 -43.41 -58.78 -62.82
C PHE B 94 -42.70 -60.11 -63.09
N TYR B 95 -43.45 -61.07 -63.62
CA TYR B 95 -42.90 -62.35 -64.04
C TYR B 95 -43.09 -62.58 -65.55
N MET B 96 -42.03 -62.99 -66.24
CA MET B 96 -42.15 -63.23 -67.67
C MET B 96 -41.02 -64.12 -68.22
N PHE B 97 -41.15 -64.51 -69.48
CA PHE B 97 -40.12 -65.23 -70.19
C PHE B 97 -39.45 -64.31 -71.20
N ASN B 98 -38.13 -64.41 -71.33
CA ASN B 98 -37.42 -63.59 -72.30
C ASN B 98 -37.35 -64.23 -73.69
N ASP B 99 -36.51 -63.67 -74.56
CA ASP B 99 -36.35 -64.17 -75.92
C ASP B 99 -35.74 -65.56 -75.93
N ASN B 100 -34.92 -65.84 -74.92
CA ASN B 100 -34.25 -67.13 -74.83
C ASN B 100 -35.10 -68.12 -74.03
N LYS B 101 -36.39 -67.78 -73.89
CA LYS B 101 -37.36 -68.59 -73.17
C LYS B 101 -37.00 -68.90 -71.73
N ASN B 102 -36.26 -67.99 -71.10
CA ASN B 102 -35.90 -68.13 -69.69
C ASN B 102 -36.77 -67.27 -68.79
N SER B 103 -37.04 -67.77 -67.58
CA SER B 103 -37.84 -67.05 -66.60
C SER B 103 -37.06 -65.88 -66.01
N VAL B 104 -37.65 -64.69 -66.04
CA VAL B 104 -36.99 -63.49 -65.52
C VAL B 104 -37.91 -62.72 -64.57
N ALA B 105 -37.33 -61.97 -63.63
CA ALA B 105 -38.12 -61.14 -62.72
C ALA B 105 -37.82 -59.66 -62.93
N VAL B 106 -38.89 -58.89 -63.16
CA VAL B 106 -38.79 -57.46 -63.47
C VAL B 106 -39.76 -56.67 -62.59
N GLY B 107 -39.43 -55.41 -62.29
CA GLY B 107 -40.33 -54.58 -61.52
C GLY B 107 -39.95 -53.11 -61.56
N TYR B 108 -40.60 -52.30 -60.76
CA TYR B 108 -40.30 -50.87 -60.73
C TYR B 108 -40.49 -50.25 -59.34
N VAL B 109 -39.91 -49.07 -59.15
CA VAL B 109 -40.15 -48.27 -57.96
C VAL B 109 -40.53 -46.84 -58.33
N GLY B 110 -41.66 -46.38 -57.81
CA GLY B 110 -42.16 -45.04 -58.09
C GLY B 110 -41.33 -43.94 -57.45
N CYS B 111 -40.97 -42.93 -58.23
CA CYS B 111 -40.18 -41.81 -57.74
C CYS B 111 -40.96 -40.50 -57.74
N GLY B 112 -42.28 -40.62 -57.66
CA GLY B 112 -43.16 -39.46 -57.54
C GLY B 112 -43.35 -38.64 -58.81
N SER B 113 -43.70 -37.38 -58.64
CA SER B 113 -44.01 -36.50 -59.76
C SER B 113 -43.15 -35.25 -59.78
N VAL B 114 -42.24 -35.14 -58.82
CA VAL B 114 -41.33 -34.00 -58.74
C VAL B 114 -40.01 -34.33 -59.42
N ALA B 115 -39.55 -33.44 -60.29
CA ALA B 115 -38.35 -33.68 -61.09
C ALA B 115 -37.09 -33.83 -60.23
N ASP B 116 -36.95 -32.97 -59.22
CA ASP B 116 -35.77 -33.03 -58.36
C ASP B 116 -36.10 -33.69 -57.03
N LEU B 117 -35.63 -34.93 -56.86
CA LEU B 117 -35.88 -35.68 -55.64
C LEU B 117 -34.99 -35.18 -54.50
N SER B 118 -35.57 -35.03 -53.32
CA SER B 118 -34.83 -34.65 -52.14
C SER B 118 -34.20 -35.88 -51.49
N GLU B 119 -33.31 -35.64 -50.52
CA GLU B 119 -32.70 -36.73 -49.75
C GLU B 119 -33.73 -37.65 -49.11
N ALA B 120 -34.78 -37.06 -48.54
CA ALA B 120 -35.83 -37.82 -47.88
C ALA B 120 -36.59 -38.62 -48.94
N ASP B 121 -36.80 -37.99 -50.09
CA ASP B 121 -37.47 -38.65 -51.21
C ASP B 121 -36.64 -39.84 -51.69
N MET B 122 -35.34 -39.61 -51.89
CA MET B 122 -34.42 -40.66 -52.33
C MET B 122 -34.33 -41.79 -51.31
N LYS B 123 -34.38 -41.43 -50.02
CA LYS B 123 -34.31 -42.41 -48.96
C LYS B 123 -35.52 -43.34 -48.99
N ARG B 124 -36.69 -42.77 -49.25
CA ARG B 124 -37.93 -43.56 -49.32
C ARG B 124 -37.90 -44.50 -50.51
N VAL B 125 -37.33 -44.05 -51.63
CA VAL B 125 -37.18 -44.89 -52.81
C VAL B 125 -36.27 -46.09 -52.51
N VAL B 126 -35.13 -45.82 -51.89
CA VAL B 126 -34.18 -46.85 -51.53
C VAL B 126 -34.79 -47.86 -50.56
N LEU B 127 -35.47 -47.34 -49.53
CA LEU B 127 -36.11 -48.18 -48.52
C LEU B 127 -37.13 -49.12 -49.17
N SER B 128 -37.87 -48.61 -50.15
CA SER B 128 -38.81 -49.42 -50.90
C SER B 128 -38.07 -50.48 -51.71
N LEU B 129 -36.94 -50.09 -52.28
CA LEU B 129 -36.09 -50.99 -53.05
C LEU B 129 -35.52 -52.10 -52.18
N VAL B 130 -35.09 -51.74 -50.97
CA VAL B 130 -34.50 -52.69 -50.04
C VAL B 130 -35.52 -53.74 -49.61
N THR B 131 -36.78 -53.32 -49.51
CA THR B 131 -37.87 -54.22 -49.16
C THR B 131 -37.97 -55.35 -50.19
N MET B 132 -37.69 -55.01 -51.44
CA MET B 132 -37.71 -55.98 -52.52
C MET B 132 -36.51 -56.93 -52.40
N LEU B 133 -35.40 -56.42 -51.87
CA LEU B 133 -34.19 -57.21 -51.69
C LEU B 133 -34.29 -58.19 -50.52
N HIS B 134 -35.02 -57.81 -49.47
CA HIS B 134 -35.22 -58.69 -48.32
C HIS B 134 -36.20 -59.80 -48.69
N ASP B 135 -36.15 -60.89 -47.91
CA ASP B 135 -37.01 -62.05 -48.13
C ASP B 135 -37.17 -62.53 -49.56
N ASN B 136 -36.23 -62.15 -50.42
CA ASN B 136 -36.11 -62.78 -51.73
C ASN B 136 -34.64 -63.11 -51.99
N LYS B 137 -34.34 -64.40 -52.02
CA LYS B 137 -33.02 -64.92 -52.36
C LYS B 137 -32.54 -64.58 -53.79
N LEU B 138 -32.19 -63.33 -54.04
CA LEU B 138 -31.72 -62.94 -55.36
C LEU B 138 -30.19 -63.01 -55.45
N SER B 139 -29.68 -63.24 -56.66
CA SER B 139 -28.24 -63.28 -56.88
C SER B 139 -27.76 -61.97 -57.49
N LYS B 140 -28.63 -61.32 -58.26
CA LYS B 140 -28.26 -60.07 -58.92
C LYS B 140 -29.46 -59.13 -58.96
N LEU B 141 -29.20 -57.85 -58.69
CA LEU B 141 -30.20 -56.80 -58.83
C LEU B 141 -29.77 -55.84 -59.93
N THR B 142 -30.69 -55.46 -60.80
CA THR B 142 -30.41 -54.48 -61.83
C THR B 142 -31.31 -53.27 -61.65
N VAL B 143 -30.70 -52.09 -61.53
CA VAL B 143 -31.44 -50.86 -61.33
C VAL B 143 -31.30 -49.95 -62.55
N VAL B 144 -32.43 -49.58 -63.13
CA VAL B 144 -32.46 -48.74 -64.32
C VAL B 144 -32.93 -47.33 -63.99
N PHE B 145 -32.05 -46.35 -64.13
CA PHE B 145 -32.38 -44.96 -63.81
C PHE B 145 -33.11 -44.24 -64.95
N GLU B 146 -34.42 -44.16 -64.83
CA GLU B 146 -35.23 -43.38 -65.76
C GLU B 146 -35.65 -42.08 -65.08
N ILE B 147 -34.80 -41.59 -64.18
CA ILE B 147 -35.03 -40.33 -63.48
C ILE B 147 -33.78 -39.47 -63.51
N ASN B 148 -33.93 -38.20 -63.16
CA ASN B 148 -32.79 -37.29 -63.17
C ASN B 148 -32.10 -37.22 -61.83
N VAL B 149 -30.83 -37.59 -61.81
CA VAL B 149 -30.02 -37.45 -60.60
C VAL B 149 -28.63 -36.93 -60.96
N ASP B 150 -28.11 -36.02 -60.16
CA ASP B 150 -26.73 -35.61 -60.37
C ASP B 150 -25.84 -36.64 -59.68
N LYS B 151 -24.53 -36.50 -59.82
CA LYS B 151 -23.60 -37.48 -59.23
C LYS B 151 -23.66 -37.56 -57.70
N ASN B 152 -23.88 -36.43 -57.03
CA ASN B 152 -23.98 -36.42 -55.58
C ASN B 152 -25.19 -37.21 -55.11
N LEU B 153 -26.29 -37.08 -55.82
CA LEU B 153 -27.51 -37.77 -55.46
C LEU B 153 -27.38 -39.25 -55.81
N PHE B 154 -26.66 -39.54 -56.89
CA PHE B 154 -26.39 -40.91 -57.30
C PHE B 154 -25.52 -41.63 -56.26
N ARG B 155 -24.51 -40.93 -55.75
CA ARG B 155 -23.65 -41.48 -54.71
C ARG B 155 -24.47 -41.73 -53.44
N PHE B 156 -25.34 -40.78 -53.11
CA PHE B 156 -26.22 -40.90 -51.96
C PHE B 156 -27.13 -42.11 -52.08
N PHE B 157 -27.59 -42.37 -53.29
CA PHE B 157 -28.42 -43.54 -53.56
C PHE B 157 -27.69 -44.82 -53.19
N LEU B 158 -26.45 -44.94 -53.64
CA LEU B 158 -25.65 -46.14 -53.38
C LEU B 158 -25.31 -46.28 -51.90
N GLU B 159 -24.85 -45.19 -51.29
CA GLU B 159 -24.52 -45.18 -49.86
C GLU B 159 -25.70 -45.64 -49.02
N THR B 160 -26.87 -45.07 -49.31
CA THR B 160 -28.08 -45.40 -48.57
C THR B 160 -28.50 -46.83 -48.86
N LEU B 161 -28.39 -47.23 -50.12
CA LEU B 161 -28.70 -48.60 -50.52
C LEU B 161 -27.86 -49.61 -49.76
N PHE B 162 -26.54 -49.40 -49.75
CA PHE B 162 -25.62 -50.29 -49.06
C PHE B 162 -25.90 -50.33 -47.55
N TYR B 163 -26.10 -49.15 -46.98
CA TYR B 163 -26.28 -49.00 -45.54
C TYR B 163 -27.57 -49.68 -45.05
N GLU B 164 -28.66 -49.45 -45.77
CA GLU B 164 -29.96 -50.00 -45.37
C GLU B 164 -30.06 -51.49 -45.66
N TYR B 165 -29.38 -51.93 -46.72
CA TYR B 165 -29.35 -53.34 -47.09
C TYR B 165 -28.62 -54.17 -46.04
N MET B 166 -27.53 -53.59 -45.53
CA MET B 166 -26.67 -54.27 -44.56
C MET B 166 -27.38 -54.48 -43.22
N THR B 167 -27.19 -55.66 -42.64
CA THR B 167 -27.80 -56.01 -41.37
C THR B 167 -26.76 -56.43 -40.34
N ASP B 168 -26.83 -55.81 -39.16
CA ASP B 168 -25.88 -56.07 -38.08
C ASP B 168 -26.30 -57.29 -37.25
N GLU B 169 -25.52 -58.36 -37.35
CA GLU B 169 -25.83 -59.58 -36.62
C GLU B 169 -24.75 -59.96 -35.61
N ARG B 170 -23.92 -58.99 -35.24
CA ARG B 170 -22.81 -59.24 -34.32
C ARG B 170 -23.25 -59.79 -32.97
N PHE B 171 -24.43 -59.40 -32.51
CA PHE B 171 -24.87 -59.76 -31.16
C PHE B 171 -26.00 -60.78 -31.17
N LYS B 172 -26.28 -61.35 -32.35
CA LYS B 172 -27.22 -62.45 -32.48
C LYS B 172 -26.51 -63.79 -32.23
N SER B 173 -27.14 -64.68 -31.47
CA SER B 173 -26.57 -66.00 -31.25
C SER B 173 -27.53 -67.09 -31.73
N THR B 174 -28.70 -67.16 -31.07
CA THR B 174 -29.69 -68.19 -31.38
C THR B 174 -30.72 -67.67 -32.38
N LYS B 176 -30.70 -65.54 -35.08
CA LYS B 176 -30.08 -65.15 -36.34
C LYS B 176 -30.91 -65.60 -37.54
N ASN B 177 -31.04 -64.72 -38.54
CA ASN B 177 -31.81 -65.04 -39.75
C ASN B 177 -31.09 -66.07 -40.60
N VAL B 178 -31.63 -67.28 -40.64
CA VAL B 178 -31.04 -68.37 -41.43
C VAL B 178 -31.10 -68.12 -42.94
N ASN B 179 -32.07 -67.30 -43.36
CA ASN B 179 -32.31 -67.07 -44.78
C ASN B 179 -31.62 -65.84 -45.35
N MET B 180 -30.71 -65.23 -44.59
CA MET B 180 -30.04 -64.05 -45.13
C MET B 180 -29.13 -64.48 -46.27
N GLU B 181 -29.22 -63.77 -47.38
CA GLU B 181 -28.47 -64.09 -48.59
C GLU B 181 -28.32 -62.87 -49.47
N TYR B 182 -27.20 -62.18 -49.34
CA TYR B 182 -26.98 -60.94 -50.08
C TYR B 182 -26.70 -61.21 -51.55
N ILE B 183 -27.07 -60.25 -52.40
CA ILE B 183 -26.77 -60.31 -53.82
C ILE B 183 -25.26 -60.29 -54.05
N LYS B 184 -24.81 -60.82 -55.18
CA LYS B 184 -23.39 -60.85 -55.50
C LYS B 184 -23.08 -59.88 -56.63
N HIS B 185 -24.11 -59.44 -57.34
CA HIS B 185 -23.95 -58.52 -58.45
C HIS B 185 -25.00 -57.41 -58.42
N LEU B 186 -24.55 -56.19 -58.71
CA LEU B 186 -25.46 -55.05 -58.84
C LEU B 186 -25.24 -54.34 -60.17
N GLY B 187 -26.25 -54.37 -61.03
CA GLY B 187 -26.16 -53.71 -62.31
C GLY B 187 -26.92 -52.40 -62.30
N VAL B 188 -26.31 -51.36 -62.86
CA VAL B 188 -26.93 -50.04 -62.93
C VAL B 188 -26.93 -49.47 -64.34
N TYR B 189 -28.12 -49.17 -64.84
CA TYR B 189 -28.27 -48.51 -66.13
C TYR B 189 -28.66 -47.05 -65.93
N ILE B 190 -27.85 -46.15 -66.47
CA ILE B 190 -28.05 -44.71 -66.31
C ILE B 190 -27.43 -44.00 -67.52
N ASN B 191 -27.90 -42.80 -67.85
CA ASN B 191 -27.25 -42.05 -68.94
C ASN B 191 -25.94 -41.41 -68.55
N ASN B 192 -25.05 -41.35 -69.53
CA ASN B 192 -23.68 -40.94 -69.35
C ASN B 192 -23.05 -41.63 -68.17
N ALA B 193 -22.98 -42.96 -68.27
CA ALA B 193 -22.48 -43.81 -67.22
C ALA B 193 -21.06 -43.41 -66.82
N ASP B 194 -20.27 -42.97 -67.78
CA ASP B 194 -18.86 -42.66 -67.56
C ASP B 194 -18.59 -41.58 -66.51
N THR B 195 -19.48 -40.59 -66.40
CA THR B 195 -19.33 -39.56 -65.38
C THR B 195 -19.69 -40.07 -63.98
N TYR B 196 -20.54 -41.09 -63.94
CA TYR B 196 -21.06 -41.62 -62.66
C TYR B 196 -20.23 -42.77 -62.11
N LYS B 197 -19.37 -43.34 -62.94
CA LYS B 197 -18.56 -44.48 -62.53
C LYS B 197 -17.63 -44.17 -61.37
N GLU B 198 -17.11 -42.94 -61.33
CA GLU B 198 -16.19 -42.53 -60.29
C GLU B 198 -16.86 -42.44 -58.91
N GLU B 199 -18.19 -42.33 -58.91
CA GLU B 199 -18.94 -42.21 -57.66
C GLU B 199 -19.17 -43.56 -56.98
N VAL B 200 -19.02 -44.64 -57.73
CA VAL B 200 -19.30 -45.98 -57.21
C VAL B 200 -18.42 -46.33 -56.01
N GLU B 201 -17.10 -46.28 -56.21
CA GLU B 201 -16.18 -46.65 -55.14
C GLU B 201 -16.19 -45.62 -54.01
N LYS B 202 -16.47 -44.37 -54.34
CA LYS B 202 -16.59 -43.33 -53.32
C LYS B 202 -17.76 -43.64 -52.41
N ALA B 203 -18.86 -44.10 -53.00
CA ALA B 203 -20.04 -44.51 -52.26
C ALA B 203 -19.74 -45.69 -51.34
N ARG B 204 -18.97 -46.64 -51.85
CA ARG B 204 -18.63 -47.83 -51.08
C ARG B 204 -17.79 -47.47 -49.86
N VAL B 205 -16.88 -46.52 -50.03
CA VAL B 205 -16.07 -46.03 -48.93
C VAL B 205 -16.92 -45.27 -47.93
N TYR B 206 -17.75 -44.37 -48.44
CA TYR B 206 -18.64 -43.58 -47.59
C TYR B 206 -19.60 -44.50 -46.83
N TYR B 207 -20.06 -45.55 -47.50
CA TYR B 207 -20.90 -46.54 -46.86
C TYR B 207 -20.25 -47.11 -45.60
N PHE B 208 -19.05 -47.66 -45.75
CA PHE B 208 -18.43 -48.36 -44.64
C PHE B 208 -18.05 -47.40 -43.53
N GLY B 209 -17.63 -46.20 -43.89
CA GLY B 209 -17.33 -45.17 -42.91
C GLY B 209 -18.55 -44.93 -42.04
N THR B 210 -19.71 -44.84 -42.67
CA THR B 210 -20.97 -44.67 -41.96
C THR B 210 -21.32 -45.93 -41.17
N TYR B 211 -21.18 -47.09 -41.81
CA TYR B 211 -21.54 -48.35 -41.16
C TYR B 211 -20.58 -48.68 -40.01
N TYR B 212 -19.33 -48.28 -40.16
CA TYR B 212 -18.35 -48.48 -39.10
C TYR B 212 -18.72 -47.68 -37.85
N ALA B 213 -19.08 -46.42 -38.05
CA ALA B 213 -19.54 -45.58 -36.95
C ALA B 213 -20.79 -46.17 -36.31
N SER B 214 -21.69 -46.69 -37.15
CA SER B 214 -22.90 -47.34 -36.69
C SER B 214 -22.59 -48.51 -35.76
N GLN B 215 -21.59 -49.31 -36.13
CA GLN B 215 -21.21 -50.49 -35.35
C GLN B 215 -20.70 -50.10 -33.96
N LEU B 216 -19.95 -49.02 -33.89
CA LEU B 216 -19.43 -48.53 -32.61
C LEU B 216 -20.55 -48.02 -31.72
N ILE B 217 -21.47 -47.27 -32.32
CA ILE B 217 -22.58 -46.71 -31.56
C ILE B 217 -23.52 -47.80 -31.06
N ALA B 218 -23.90 -48.72 -31.95
CA ALA B 218 -24.85 -49.78 -31.63
C ALA B 218 -24.31 -50.75 -30.59
N ALA B 219 -22.98 -50.91 -30.56
CA ALA B 219 -22.33 -51.75 -29.58
C ALA B 219 -22.65 -51.27 -28.17
N PRO B 220 -23.19 -52.17 -27.33
CA PRO B 220 -23.60 -51.86 -25.96
C PRO B 220 -22.43 -51.42 -25.10
N SER B 221 -22.71 -50.80 -23.96
CA SER B 221 -21.68 -50.16 -23.15
C SER B 221 -20.76 -51.17 -22.45
N ASN B 222 -21.23 -52.41 -22.30
CA ASN B 222 -20.37 -53.44 -21.72
C ASN B 222 -19.36 -53.94 -22.75
N TYR B 223 -19.72 -53.85 -24.03
CA TYR B 223 -18.78 -54.17 -25.09
C TYR B 223 -17.91 -52.96 -25.44
N CYS B 224 -18.56 -51.81 -25.62
CA CYS B 224 -17.87 -50.59 -26.00
C CYS B 224 -17.64 -49.69 -24.79
N ASN B 225 -16.42 -49.76 -24.25
CA ASN B 225 -16.01 -48.95 -23.12
C ASN B 225 -14.82 -48.10 -23.55
N PRO B 226 -14.38 -47.14 -22.71
CA PRO B 226 -13.24 -46.30 -23.10
C PRO B 226 -12.00 -47.08 -23.53
N VAL B 227 -11.73 -48.21 -22.89
CA VAL B 227 -10.56 -49.00 -23.24
C VAL B 227 -10.77 -49.70 -24.58
N SER B 228 -11.90 -50.40 -24.72
CA SER B 228 -12.16 -51.16 -25.93
C SER B 228 -12.33 -50.26 -27.16
N LEU B 229 -12.89 -49.07 -26.96
CA LEU B 229 -13.08 -48.13 -28.05
C LEU B 229 -11.76 -47.54 -28.50
N SER B 230 -10.91 -47.20 -27.53
CA SER B 230 -9.59 -46.66 -27.84
C SER B 230 -8.72 -47.75 -28.48
N ASN B 231 -8.89 -48.99 -28.04
CA ASN B 231 -8.22 -50.12 -28.66
C ASN B 231 -8.64 -50.29 -30.11
N ALA B 232 -9.95 -50.12 -30.35
CA ALA B 232 -10.50 -50.22 -31.70
C ALA B 232 -9.94 -49.13 -32.59
N ALA B 233 -9.76 -47.93 -32.01
CA ALA B 233 -9.21 -46.81 -32.74
C ALA B 233 -7.79 -47.10 -33.20
N VAL B 234 -7.01 -47.73 -32.31
CA VAL B 234 -5.65 -48.12 -32.63
C VAL B 234 -5.61 -49.10 -33.78
N GLU B 235 -6.47 -50.12 -33.70
CA GLU B 235 -6.58 -51.13 -34.75
C GLU B 235 -6.96 -50.51 -36.08
N LEU B 236 -7.87 -49.53 -36.04
CA LEU B 236 -8.29 -48.81 -37.23
C LEU B 236 -7.13 -47.99 -37.79
N ALA B 237 -6.44 -47.28 -36.91
CA ALA B 237 -5.31 -46.44 -37.30
C ALA B 237 -4.19 -47.27 -37.93
N GLN B 238 -3.97 -48.47 -37.39
CA GLN B 238 -2.92 -49.34 -37.89
C GLN B 238 -3.19 -49.83 -39.31
N LYS B 239 -4.44 -50.14 -39.59
CA LYS B 239 -4.83 -50.60 -40.93
C LYS B 239 -4.77 -49.48 -41.96
N LEU B 240 -4.94 -48.25 -41.51
CA LEU B 240 -5.04 -47.09 -42.40
C LEU B 240 -3.82 -46.17 -42.45
N ASN B 241 -2.74 -46.55 -41.77
CA ASN B 241 -1.56 -45.70 -41.62
C ASN B 241 -1.84 -44.32 -41.00
N LEU B 242 -2.58 -44.25 -39.91
CA LEU B 242 -2.67 -42.97 -39.25
C LEU B 242 -1.66 -43.03 -38.12
N GLU B 243 -0.99 -41.92 -37.86
CA GLU B 243 -0.15 -41.86 -36.68
C GLU B 243 -1.16 -41.91 -35.55
N TYR B 244 -0.85 -42.63 -34.49
CA TYR B 244 -1.80 -42.74 -33.40
C TYR B 244 -1.13 -42.61 -32.06
N LYS B 245 -1.91 -42.14 -31.09
CA LYS B 245 -1.41 -41.89 -29.76
C LYS B 245 -2.59 -41.94 -28.80
N ILE B 246 -2.50 -42.84 -27.81
CA ILE B 246 -3.55 -42.94 -26.82
C ILE B 246 -3.04 -42.42 -25.49
N LEU B 247 -3.65 -41.34 -25.02
CA LEU B 247 -3.23 -40.71 -23.78
C LEU B 247 -3.97 -41.33 -22.59
N GLY B 248 -3.20 -41.82 -21.62
CA GLY B 248 -3.74 -42.40 -20.41
C GLY B 248 -3.79 -41.39 -19.29
N VAL B 249 -4.27 -41.82 -18.13
CA VAL B 249 -4.48 -40.93 -16.99
C VAL B 249 -3.21 -40.17 -16.62
N LYS B 250 -2.07 -40.87 -16.59
CA LYS B 250 -0.81 -40.26 -16.23
C LYS B 250 -0.45 -39.09 -17.15
N GLU B 251 -0.61 -39.30 -18.47
CA GLU B 251 -0.36 -38.25 -19.44
C GLU B 251 -1.39 -37.12 -19.31
N LEU B 252 -2.64 -37.49 -19.07
CA LEU B 252 -3.73 -36.53 -18.94
C LEU B 252 -3.56 -35.66 -17.69
N GLU B 253 -3.08 -36.26 -16.61
CA GLU B 253 -2.81 -35.54 -15.38
C GLU B 253 -1.67 -34.53 -15.58
N GLU B 254 -0.64 -34.96 -16.30
CA GLU B 254 0.49 -34.08 -16.61
C GLU B 254 0.04 -32.93 -17.49
N LEU B 255 -0.94 -33.20 -18.34
CA LEU B 255 -1.53 -32.16 -19.21
C LEU B 255 -2.62 -31.37 -18.51
N LYS B 256 -2.91 -31.75 -17.26
CA LYS B 256 -3.83 -31.02 -16.40
C LYS B 256 -5.26 -30.93 -16.95
N MET B 257 -5.74 -32.00 -17.57
CA MET B 257 -7.11 -32.02 -18.08
C MET B 257 -8.10 -32.32 -16.95
N GLY B 258 -8.27 -31.37 -16.05
CA GLY B 258 -9.09 -31.56 -14.87
C GLY B 258 -10.56 -31.71 -15.13
N ALA B 259 -11.06 -31.02 -16.16
CA ALA B 259 -12.47 -31.11 -16.52
C ALA B 259 -12.79 -32.51 -17.06
N TYR B 260 -11.97 -32.96 -17.99
CA TYR B 260 -12.13 -34.27 -18.61
C TYR B 260 -11.97 -35.43 -17.61
N LEU B 261 -10.93 -35.35 -16.78
CA LEU B 261 -10.65 -36.41 -15.83
C LEU B 261 -11.72 -36.54 -14.76
N SER B 262 -12.37 -35.42 -14.42
CA SER B 262 -13.41 -35.41 -13.40
C SER B 262 -14.61 -36.24 -13.79
N VAL B 263 -15.00 -36.16 -15.06
CA VAL B 263 -16.14 -36.91 -15.57
C VAL B 263 -15.90 -38.42 -15.45
N GLY B 264 -14.68 -38.86 -15.69
CA GLY B 264 -14.37 -40.27 -15.70
C GLY B 264 -14.06 -40.88 -14.34
N LYS B 265 -13.96 -40.03 -13.32
CA LYS B 265 -13.59 -40.48 -11.96
C LYS B 265 -14.41 -41.63 -11.43
N GLY B 266 -15.72 -41.59 -11.67
CA GLY B 266 -16.62 -42.59 -11.12
C GLY B 266 -16.70 -43.88 -11.93
N SER B 267 -15.90 -43.98 -12.98
CA SER B 267 -15.95 -45.14 -13.86
C SER B 267 -14.88 -46.17 -13.50
N MET B 268 -15.16 -47.44 -13.82
CA MET B 268 -14.20 -48.51 -13.61
C MET B 268 -13.20 -48.59 -14.77
N TYR B 269 -13.53 -47.92 -15.86
CA TYR B 269 -12.64 -47.88 -17.02
C TYR B 269 -11.85 -46.58 -17.03
N PRO B 270 -10.52 -46.68 -17.11
CA PRO B 270 -9.66 -45.50 -17.17
C PRO B 270 -9.92 -44.66 -18.41
N ASN B 271 -9.80 -43.34 -18.27
CA ASN B 271 -9.97 -42.42 -19.40
C ASN B 271 -8.94 -42.67 -20.50
N LYS B 272 -9.40 -42.57 -21.75
CA LYS B 272 -8.51 -42.77 -22.90
C LYS B 272 -8.72 -41.66 -23.92
N PHE B 273 -7.67 -40.91 -24.21
CA PHE B 273 -7.75 -39.83 -25.19
C PHE B 273 -7.22 -40.29 -26.55
N ILE B 274 -8.10 -40.33 -27.54
CA ILE B 274 -7.73 -40.78 -28.87
C ILE B 274 -7.18 -39.63 -29.70
N HIS B 275 -6.01 -39.84 -30.31
CA HIS B 275 -5.42 -38.85 -31.19
C HIS B 275 -4.86 -39.54 -32.43
N LEU B 276 -5.60 -39.45 -33.54
CA LEU B 276 -5.15 -40.00 -34.81
C LEU B 276 -4.72 -38.84 -35.71
N THR B 277 -3.76 -39.09 -36.60
CA THR B 277 -3.33 -38.05 -37.52
C THR B 277 -3.12 -38.58 -38.93
N TYR B 278 -3.69 -37.87 -39.90
CA TYR B 278 -3.43 -38.13 -41.31
C TYR B 278 -2.65 -36.96 -41.89
N LYS B 279 -1.50 -37.24 -42.50
CA LYS B 279 -0.74 -36.20 -43.16
C LYS B 279 -0.49 -36.52 -44.63
N SER B 280 -0.77 -35.56 -45.51
CA SER B 280 -0.53 -35.72 -46.93
C SER B 280 0.97 -35.68 -47.19
N LYS B 281 1.42 -36.36 -48.25
CA LYS B 281 2.84 -36.41 -48.56
C LYS B 281 3.38 -35.10 -49.11
N GLY B 282 2.55 -34.38 -49.86
CA GLY B 282 2.97 -33.12 -50.46
C GLY B 282 2.84 -31.94 -49.52
N ASP B 283 2.79 -30.74 -50.08
CA ASP B 283 2.68 -29.52 -49.28
C ASP B 283 1.32 -29.43 -48.59
N VAL B 284 1.34 -29.23 -47.27
CA VAL B 284 0.11 -29.10 -46.48
C VAL B 284 -0.38 -27.66 -46.42
N LYS B 285 -1.60 -27.42 -46.89
CA LYS B 285 -2.14 -26.07 -46.95
C LYS B 285 -3.20 -25.81 -45.89
N LYS B 286 -3.81 -26.88 -45.38
CA LYS B 286 -4.81 -26.75 -44.34
C LYS B 286 -4.60 -27.77 -43.23
N LYS B 287 -4.64 -27.30 -41.99
CA LYS B 287 -4.57 -28.16 -40.82
C LYS B 287 -5.91 -28.15 -40.11
N ILE B 288 -6.51 -29.32 -39.92
CA ILE B 288 -7.84 -29.42 -39.35
C ILE B 288 -7.90 -30.42 -38.19
N ALA B 289 -8.55 -30.01 -37.10
CA ALA B 289 -8.79 -30.91 -35.98
C ALA B 289 -10.27 -31.26 -35.88
N LEU B 290 -10.57 -32.56 -35.94
CA LEU B 290 -11.93 -33.03 -35.77
C LEU B 290 -12.11 -33.65 -34.40
N VAL B 291 -12.99 -33.07 -33.60
CA VAL B 291 -13.17 -33.50 -32.21
C VAL B 291 -14.52 -34.17 -32.03
N GLY B 292 -14.52 -35.36 -31.44
CA GLY B 292 -15.76 -36.08 -31.19
C GLY B 292 -16.01 -36.31 -29.71
N LYS B 293 -17.26 -36.09 -29.28
CA LYS B 293 -17.66 -36.43 -27.92
C LYS B 293 -17.69 -37.94 -27.75
N GLY B 294 -16.97 -38.44 -26.75
CA GLY B 294 -16.84 -39.88 -26.57
C GLY B 294 -17.24 -40.39 -25.21
N ILE B 295 -18.51 -40.24 -24.86
CA ILE B 295 -19.04 -40.81 -23.63
C ILE B 295 -19.65 -42.17 -23.95
N THR B 296 -18.95 -43.23 -23.56
CA THR B 296 -19.37 -44.59 -23.93
C THR B 296 -20.69 -44.94 -23.26
N PHE B 297 -20.92 -44.39 -22.07
CA PHE B 297 -22.23 -44.45 -21.44
C PHE B 297 -22.47 -43.25 -20.54
N ASP B 298 -23.66 -42.66 -20.69
CA ASP B 298 -24.04 -41.51 -19.90
C ASP B 298 -25.17 -41.82 -18.94
N SER B 299 -24.82 -42.07 -17.68
CA SER B 299 -25.82 -42.33 -16.65
C SER B 299 -26.36 -41.01 -16.11
N GLY B 300 -25.60 -39.94 -16.31
CA GLY B 300 -25.95 -38.64 -15.79
C GLY B 300 -25.13 -38.29 -14.55
N GLY B 301 -24.48 -39.30 -13.98
CA GLY B 301 -23.78 -39.11 -12.73
C GLY B 301 -24.76 -38.99 -11.58
N TYR B 302 -24.40 -38.25 -10.55
CA TYR B 302 -25.29 -38.08 -9.41
C TYR B 302 -26.54 -37.30 -9.82
N ASN B 303 -26.45 -36.56 -10.92
CA ASN B 303 -27.66 -36.04 -11.56
C ASN B 303 -28.23 -37.13 -12.47
N LEU B 304 -28.56 -38.26 -11.85
CA LEU B 304 -28.97 -39.46 -12.56
C LEU B 304 -30.13 -39.24 -13.51
N LYS B 305 -30.08 -39.87 -14.67
CA LYS B 305 -31.17 -39.83 -15.63
C LYS B 305 -32.35 -40.67 -15.14
N ALA B 306 -33.11 -40.11 -14.21
CA ALA B 306 -34.22 -40.83 -13.59
C ALA B 306 -35.54 -40.19 -13.95
N ALA B 307 -35.47 -38.99 -14.53
CA ALA B 307 -36.67 -38.27 -14.95
C ALA B 307 -37.29 -38.95 -16.16
N PRO B 308 -38.61 -38.84 -16.31
CA PRO B 308 -39.32 -39.39 -17.47
C PRO B 308 -38.86 -38.79 -18.79
N GLY B 309 -38.56 -39.65 -19.76
CA GLY B 309 -38.14 -39.20 -21.08
C GLY B 309 -36.65 -38.97 -21.21
N SER B 310 -35.89 -39.40 -20.21
CA SER B 310 -34.45 -39.17 -20.21
C SER B 310 -33.72 -40.19 -21.07
N MET B 311 -34.42 -41.26 -21.43
CA MET B 311 -33.90 -42.27 -22.38
C MET B 311 -32.56 -42.84 -21.95
N ILE B 312 -32.47 -43.24 -20.69
CA ILE B 312 -31.21 -43.75 -20.15
C ILE B 312 -30.75 -45.04 -20.84
N ASP B 313 -31.69 -45.80 -21.38
CA ASP B 313 -31.36 -47.08 -22.00
C ASP B 313 -30.76 -46.92 -23.39
N LEU B 314 -30.72 -45.68 -23.87
CA LEU B 314 -30.21 -45.39 -25.20
C LEU B 314 -28.81 -44.79 -25.16
N MET B 315 -28.36 -44.48 -23.94
CA MET B 315 -27.17 -43.64 -23.74
C MET B 315 -25.83 -44.28 -24.14
N LYS B 316 -25.87 -45.42 -24.80
CA LYS B 316 -24.67 -45.95 -25.43
C LYS B 316 -24.34 -45.11 -26.65
N PHE B 317 -25.38 -44.52 -27.25
CA PHE B 317 -25.26 -43.59 -28.37
C PHE B 317 -24.41 -42.35 -28.06
N ASP B 318 -24.12 -42.10 -26.79
CA ASP B 318 -23.50 -40.85 -26.37
C ASP B 318 -22.03 -40.73 -26.79
N MET B 319 -21.53 -41.70 -27.56
CA MET B 319 -20.20 -41.59 -28.13
C MET B 319 -20.28 -41.49 -29.67
N SER B 320 -21.45 -41.10 -30.16
CA SER B 320 -21.70 -40.97 -31.59
C SER B 320 -20.74 -39.99 -32.26
N GLY B 321 -20.43 -38.91 -31.54
CA GLY B 321 -19.50 -37.91 -32.06
C GLY B 321 -18.14 -38.52 -32.32
N CYS B 322 -17.67 -39.32 -31.38
CA CYS B 322 -16.41 -40.04 -31.52
C CYS B 322 -16.46 -41.02 -32.69
N ALA B 323 -17.56 -41.73 -32.81
CA ALA B 323 -17.74 -42.71 -33.87
C ALA B 323 -17.69 -42.04 -35.24
N ALA B 324 -18.33 -40.88 -35.34
CA ALA B 324 -18.32 -40.11 -36.58
C ALA B 324 -16.91 -39.68 -36.96
N VAL B 325 -16.14 -39.25 -35.97
CA VAL B 325 -14.76 -38.83 -36.19
C VAL B 325 -13.91 -40.00 -36.68
N LEU B 326 -14.09 -41.16 -36.05
CA LEU B 326 -13.36 -42.37 -36.45
C LEU B 326 -13.82 -42.87 -37.82
N GLY B 327 -15.11 -42.73 -38.09
CA GLY B 327 -15.65 -43.11 -39.38
C GLY B 327 -15.10 -42.24 -40.48
N CYS B 328 -14.90 -40.97 -40.16
CA CYS B 328 -14.31 -40.02 -41.09
C CYS B 328 -12.86 -40.39 -41.36
N ALA B 329 -12.17 -40.83 -40.31
CA ALA B 329 -10.78 -41.25 -40.40
C ALA B 329 -10.60 -42.39 -41.40
N TYR B 330 -11.56 -43.30 -41.45
CA TYR B 330 -11.52 -44.38 -42.43
C TYR B 330 -11.59 -43.84 -43.85
N CYS B 331 -12.57 -42.98 -44.10
CA CYS B 331 -12.79 -42.43 -45.44
C CYS B 331 -11.59 -41.62 -45.89
N VAL B 332 -11.09 -40.77 -45.01
CA VAL B 332 -9.93 -39.95 -45.31
C VAL B 332 -8.70 -40.83 -45.52
N GLY B 333 -8.51 -41.81 -44.65
CA GLY B 333 -7.39 -42.73 -44.76
C GLY B 333 -7.45 -43.58 -46.02
N THR B 334 -8.64 -43.77 -46.56
CA THR B 334 -8.83 -44.60 -47.75
C THR B 334 -8.74 -43.76 -49.03
N LEU B 335 -9.44 -42.64 -49.06
CA LEU B 335 -9.46 -41.78 -50.24
C LEU B 335 -8.16 -40.97 -50.36
N LYS B 336 -7.49 -40.81 -49.23
CA LYS B 336 -6.19 -40.13 -49.17
C LYS B 336 -6.20 -38.76 -49.84
N PRO B 337 -6.89 -37.79 -49.25
CA PRO B 337 -6.90 -36.43 -49.79
C PRO B 337 -5.52 -35.79 -49.72
N GLU B 338 -5.31 -34.72 -50.47
CA GLU B 338 -3.99 -34.10 -50.50
C GLU B 338 -4.01 -32.65 -49.93
N ASN B 339 -2.83 -32.11 -49.62
CA ASN B 339 -2.64 -30.76 -49.11
C ASN B 339 -3.36 -30.46 -47.80
N VAL B 340 -3.63 -31.50 -47.02
CA VAL B 340 -4.32 -31.33 -45.74
C VAL B 340 -3.78 -32.24 -44.66
N GLU B 341 -3.75 -31.73 -43.44
CA GLU B 341 -3.38 -32.51 -42.27
C GLU B 341 -4.51 -32.51 -41.26
N ILE B 342 -5.01 -33.70 -40.93
CA ILE B 342 -6.16 -33.83 -40.06
C ILE B 342 -5.86 -34.54 -38.75
N HIS B 343 -6.28 -33.94 -37.64
CA HIS B 343 -6.16 -34.57 -36.34
C HIS B 343 -7.54 -35.05 -35.88
N PHE B 344 -7.63 -36.34 -35.57
CA PHE B 344 -8.88 -36.93 -35.13
C PHE B 344 -8.84 -37.14 -33.62
N LEU B 345 -9.60 -36.32 -32.90
CA LEU B 345 -9.53 -36.29 -31.45
C LEU B 345 -10.83 -36.74 -30.78
N SER B 346 -10.69 -37.42 -29.64
CA SER B 346 -11.85 -37.77 -28.83
C SER B 346 -11.42 -38.07 -27.40
N ALA B 347 -11.99 -37.32 -26.44
CA ALA B 347 -11.73 -37.55 -25.02
C ALA B 347 -12.71 -38.58 -24.48
N VAL B 348 -12.32 -39.85 -24.55
CA VAL B 348 -13.23 -40.94 -24.22
C VAL B 348 -13.23 -41.26 -22.72
N CYS B 349 -14.43 -41.37 -22.17
CA CYS B 349 -14.60 -41.79 -20.78
C CYS B 349 -16.03 -42.27 -20.56
N GLU B 350 -16.37 -42.54 -19.30
CA GLU B 350 -17.69 -43.03 -18.95
C GLU B 350 -18.23 -42.27 -17.73
N ASN B 351 -19.48 -41.84 -17.80
CA ASN B 351 -20.08 -41.05 -16.71
C ASN B 351 -20.98 -41.89 -15.82
N MET B 352 -20.45 -42.32 -14.67
CA MET B 352 -21.12 -43.29 -13.82
C MET B 352 -21.35 -42.78 -12.40
N VAL B 353 -22.17 -43.52 -11.65
CA VAL B 353 -22.44 -43.20 -10.26
C VAL B 353 -21.61 -44.10 -9.36
N SER B 354 -20.87 -43.49 -8.44
CA SER B 354 -19.92 -44.22 -7.61
C SER B 354 -19.49 -43.38 -6.42
N LYS B 355 -18.76 -44.01 -5.51
CA LYS B 355 -18.17 -43.28 -4.38
C LYS B 355 -17.06 -42.36 -4.88
N ASN B 356 -16.55 -42.66 -6.08
CA ASN B 356 -15.46 -41.90 -6.67
C ASN B 356 -15.93 -40.83 -7.64
N SER B 357 -17.23 -40.79 -7.92
CA SER B 357 -17.79 -39.86 -8.88
C SER B 357 -17.64 -38.41 -8.46
N TYR B 358 -17.61 -37.51 -9.43
CA TYR B 358 -17.59 -36.08 -9.13
C TYR B 358 -19.02 -35.64 -8.80
N ARG B 359 -19.14 -34.65 -7.91
CA ARG B 359 -20.43 -34.25 -7.36
C ARG B 359 -20.93 -32.93 -7.93
N PRO B 360 -22.26 -32.75 -7.93
CA PRO B 360 -22.82 -31.43 -8.22
C PRO B 360 -22.32 -30.38 -7.24
N GLY B 361 -21.78 -29.28 -7.76
CA GLY B 361 -21.25 -28.24 -6.91
C GLY B 361 -19.73 -28.19 -6.92
N ASP B 362 -19.10 -29.26 -7.40
CA ASP B 362 -17.65 -29.33 -7.48
C ASP B 362 -17.06 -28.26 -8.39
N ILE B 363 -15.90 -27.75 -8.01
CA ILE B 363 -15.17 -26.81 -8.84
C ILE B 363 -13.92 -27.48 -9.40
N ILE B 364 -13.82 -27.52 -10.72
CA ILE B 364 -12.72 -28.22 -11.38
C ILE B 364 -11.95 -27.29 -12.30
N THR B 365 -10.68 -27.62 -12.54
CA THR B 365 -9.82 -26.74 -13.33
C THR B 365 -9.49 -27.34 -14.69
N ALA B 366 -9.84 -26.64 -15.76
CA ALA B 366 -9.53 -27.09 -17.11
C ALA B 366 -8.04 -26.88 -17.42
N SER B 367 -7.58 -27.51 -18.49
CA SER B 367 -6.17 -27.46 -18.86
C SER B 367 -5.73 -26.07 -19.34
N ASN B 368 -6.69 -25.17 -19.53
CA ASN B 368 -6.36 -23.79 -19.92
C ASN B 368 -6.33 -22.89 -18.69
N GLY B 369 -6.49 -23.48 -17.51
CA GLY B 369 -6.42 -22.75 -16.26
C GLY B 369 -7.75 -22.26 -15.73
N LYS B 370 -8.80 -22.33 -16.57
CA LYS B 370 -10.12 -21.88 -16.16
C LYS B 370 -10.77 -22.81 -15.15
N THR B 371 -11.26 -22.25 -14.06
CA THR B 371 -11.99 -23.01 -13.05
C THR B 371 -13.46 -23.07 -13.42
N ILE B 372 -14.06 -24.24 -13.26
CA ILE B 372 -15.44 -24.46 -13.68
C ILE B 372 -16.28 -24.98 -12.52
N GLU B 373 -17.40 -24.32 -12.26
CA GLU B 373 -18.32 -24.80 -11.23
C GLU B 373 -19.32 -25.76 -11.85
N VAL B 374 -19.32 -27.00 -11.37
CA VAL B 374 -20.22 -28.01 -11.88
C VAL B 374 -21.59 -27.84 -11.24
N GLY B 375 -22.59 -27.54 -12.06
CA GLY B 375 -23.95 -27.39 -11.57
C GLY B 375 -24.79 -28.61 -11.85
N ASN B 376 -24.35 -29.41 -12.81
CA ASN B 376 -25.07 -30.62 -13.22
C ASN B 376 -24.13 -31.64 -13.85
N THR B 377 -24.02 -32.79 -13.21
CA THR B 377 -23.12 -33.85 -13.66
C THR B 377 -23.60 -34.52 -14.95
N ASP B 378 -24.84 -34.23 -15.35
CA ASP B 378 -25.37 -34.80 -16.59
C ASP B 378 -24.99 -33.92 -17.79
N ALA B 379 -24.34 -32.80 -17.52
CA ALA B 379 -23.81 -31.95 -18.59
C ALA B 379 -22.32 -32.19 -18.73
N GLU B 380 -21.94 -33.46 -18.80
CA GLU B 380 -20.53 -33.85 -18.78
C GLU B 380 -19.86 -33.74 -20.14
N GLY B 381 -20.66 -33.72 -21.20
CA GLY B 381 -20.13 -33.66 -22.55
C GLY B 381 -19.28 -32.43 -22.82
N ARG B 382 -19.78 -31.27 -22.41
CA ARG B 382 -19.08 -30.02 -22.64
C ARG B 382 -17.81 -29.94 -21.81
N LEU B 383 -17.78 -30.67 -20.69
CA LEU B 383 -16.61 -30.69 -19.82
C LEU B 383 -15.46 -31.44 -20.50
N THR B 384 -15.78 -32.60 -21.07
CA THR B 384 -14.78 -33.39 -21.78
C THR B 384 -14.38 -32.68 -23.08
N LEU B 385 -15.37 -32.07 -23.73
CA LEU B 385 -15.10 -31.35 -24.97
C LEU B 385 -14.22 -30.12 -24.70
N ALA B 386 -14.38 -29.53 -23.52
CA ALA B 386 -13.60 -28.34 -23.17
C ALA B 386 -12.10 -28.62 -23.23
N ASP B 387 -11.66 -29.66 -22.51
CA ASP B 387 -10.24 -30.02 -22.49
C ASP B 387 -9.76 -30.50 -23.86
N ALA B 388 -10.66 -31.15 -24.59
CA ALA B 388 -10.33 -31.61 -25.94
C ALA B 388 -10.10 -30.42 -26.86
N LEU B 389 -10.86 -29.35 -26.67
CA LEU B 389 -10.71 -28.15 -27.50
C LEU B 389 -9.41 -27.38 -27.26
N VAL B 390 -8.99 -27.24 -26.00
CA VAL B 390 -7.73 -26.56 -25.71
C VAL B 390 -6.58 -27.39 -26.28
N TYR B 391 -6.73 -28.71 -26.21
CA TYR B 391 -5.76 -29.63 -26.79
C TYR B 391 -5.70 -29.40 -28.31
N ALA B 392 -6.88 -29.28 -28.92
CA ALA B 392 -6.96 -29.08 -30.36
C ALA B 392 -6.26 -27.80 -30.79
N GLU B 393 -6.49 -26.73 -30.03
CA GLU B 393 -5.95 -25.43 -30.38
C GLU B 393 -4.44 -25.43 -30.19
N LYS B 394 -3.95 -26.25 -29.26
CA LYS B 394 -2.52 -26.38 -29.02
C LYS B 394 -1.79 -27.05 -30.19
N LEU B 395 -2.55 -27.74 -31.03
CA LEU B 395 -1.99 -28.40 -32.21
C LEU B 395 -1.67 -27.41 -33.33
N GLY B 396 -2.18 -26.19 -33.19
CA GLY B 396 -1.95 -25.14 -34.18
C GLY B 396 -2.63 -25.39 -35.51
N VAL B 397 -3.94 -25.59 -35.46
CA VAL B 397 -4.71 -25.89 -36.66
C VAL B 397 -5.45 -24.68 -37.20
N ASP B 398 -5.99 -24.81 -38.40
CA ASP B 398 -6.73 -23.71 -39.04
C ASP B 398 -8.21 -23.78 -38.68
N TYR B 399 -8.75 -24.99 -38.64
CA TYR B 399 -10.14 -25.20 -38.27
C TYR B 399 -10.27 -26.23 -37.15
N ILE B 400 -11.15 -25.94 -36.20
CA ILE B 400 -11.56 -26.93 -35.21
C ILE B 400 -13.04 -27.21 -35.36
N VAL B 401 -13.38 -28.46 -35.67
CA VAL B 401 -14.78 -28.85 -35.79
C VAL B 401 -15.09 -29.97 -34.80
N ASP B 402 -15.97 -29.69 -33.84
CA ASP B 402 -16.38 -30.72 -32.89
C ASP B 402 -17.79 -31.19 -33.24
N ILE B 403 -18.05 -32.47 -33.00
CA ILE B 403 -19.35 -33.05 -33.28
C ILE B 403 -19.77 -33.89 -32.07
N ALA B 404 -20.99 -33.68 -31.59
CA ALA B 404 -21.38 -34.23 -30.29
C ALA B 404 -22.89 -34.35 -30.08
N THR B 405 -23.28 -35.38 -29.33
CA THR B 405 -24.64 -35.50 -28.83
C THR B 405 -24.77 -34.75 -27.52
N LEU B 406 -24.74 -33.42 -27.61
CA LEU B 406 -24.59 -32.57 -26.44
C LEU B 406 -25.87 -32.29 -25.66
N THR B 407 -26.92 -31.84 -26.35
CA THR B 407 -28.13 -31.38 -25.67
C THR B 407 -29.42 -31.99 -26.20
N GLY B 408 -30.31 -32.39 -25.29
CA GLY B 408 -31.59 -32.94 -25.67
C GLY B 408 -32.53 -31.90 -26.25
N ALA B 409 -32.20 -30.63 -26.05
CA ALA B 409 -33.00 -29.53 -26.58
C ALA B 409 -33.08 -29.54 -28.11
N MET B 410 -32.11 -30.20 -28.74
CA MET B 410 -32.10 -30.32 -30.19
C MET B 410 -33.36 -31.03 -30.71
N LEU B 411 -33.89 -31.94 -29.91
CA LEU B 411 -35.11 -32.65 -30.27
C LEU B 411 -36.31 -31.70 -30.36
N TYR B 412 -36.22 -30.59 -29.62
CA TYR B 412 -37.28 -29.61 -29.59
C TYR B 412 -37.07 -28.47 -30.58
N SER B 413 -35.83 -28.32 -31.05
CA SER B 413 -35.51 -27.24 -31.98
C SER B 413 -35.55 -27.69 -33.44
N LEU B 414 -34.68 -28.63 -33.80
CA LEU B 414 -34.57 -29.05 -35.19
C LEU B 414 -35.11 -30.46 -35.40
N GLY B 415 -35.23 -31.23 -34.33
CA GLY B 415 -35.81 -32.56 -34.42
C GLY B 415 -34.82 -33.66 -34.76
N THR B 416 -35.29 -34.64 -35.52
CA THR B 416 -34.53 -35.85 -35.78
C THR B 416 -33.88 -35.88 -37.16
N SER B 417 -34.11 -34.85 -37.98
CA SER B 417 -33.59 -34.85 -39.35
C SER B 417 -32.42 -33.87 -39.54
N TYR B 418 -32.50 -32.72 -38.87
CA TYR B 418 -31.48 -31.68 -39.02
C TYR B 418 -30.62 -31.52 -37.78
N ALA B 419 -29.31 -31.53 -37.99
CA ALA B 419 -28.37 -31.23 -36.92
C ALA B 419 -28.15 -29.72 -36.81
N GLY B 420 -27.73 -29.26 -35.65
CA GLY B 420 -27.46 -27.86 -35.46
C GLY B 420 -25.96 -27.60 -35.51
N VAL B 421 -25.58 -26.49 -36.12
CA VAL B 421 -24.17 -26.10 -36.14
C VAL B 421 -23.99 -24.72 -35.52
N PHE B 422 -23.01 -24.61 -34.63
CA PHE B 422 -22.68 -23.35 -33.99
C PHE B 422 -21.22 -23.04 -34.26
N GLY B 423 -20.84 -21.76 -34.18
CA GLY B 423 -19.46 -21.41 -34.44
C GLY B 423 -19.09 -19.96 -34.17
N ASN B 424 -17.79 -19.68 -34.24
CA ASN B 424 -17.28 -18.34 -34.07
C ASN B 424 -16.75 -17.75 -35.38
N ASN B 425 -16.95 -18.47 -36.47
CA ASN B 425 -16.45 -18.08 -37.78
C ASN B 425 -17.44 -18.40 -38.89
N GLU B 426 -17.87 -17.36 -39.61
CA GLU B 426 -18.95 -17.51 -40.59
C GLU B 426 -18.53 -18.28 -41.85
N GLU B 427 -17.27 -18.14 -42.25
CA GLU B 427 -16.78 -18.85 -43.42
C GLU B 427 -16.69 -20.35 -43.13
N LEU B 428 -16.21 -20.67 -41.94
CA LEU B 428 -16.09 -22.06 -41.53
C LEU B 428 -17.47 -22.70 -41.47
N ILE B 429 -18.44 -21.97 -40.94
CA ILE B 429 -19.81 -22.43 -40.88
C ILE B 429 -20.33 -22.68 -42.29
N ASN B 430 -20.05 -21.75 -43.19
CA ASN B 430 -20.45 -21.88 -44.59
C ASN B 430 -19.85 -23.11 -45.24
N LYS B 431 -18.60 -23.42 -44.90
CA LYS B 431 -17.95 -24.61 -45.41
C LYS B 431 -18.66 -25.85 -44.90
N ILE B 432 -19.07 -25.82 -43.64
CA ILE B 432 -19.83 -26.93 -43.06
C ILE B 432 -21.19 -27.06 -43.75
N LEU B 433 -21.85 -25.93 -44.00
CA LEU B 433 -23.13 -25.93 -44.70
C LEU B 433 -23.00 -26.44 -46.13
N GLN B 434 -21.91 -26.06 -46.80
CA GLN B 434 -21.64 -26.55 -48.15
C GLN B 434 -21.43 -28.06 -48.15
N SER B 435 -20.71 -28.54 -47.12
CA SER B 435 -20.46 -29.97 -46.97
C SER B 435 -21.75 -30.73 -46.70
N SER B 436 -22.67 -30.09 -45.99
CA SER B 436 -23.95 -30.70 -45.66
C SER B 436 -24.78 -30.99 -46.92
N LYS B 437 -24.75 -30.06 -47.87
CA LYS B 437 -25.50 -30.21 -49.12
C LYS B 437 -24.94 -31.33 -49.98
N THR B 438 -23.61 -31.40 -50.10
CA THR B 438 -22.97 -32.37 -50.97
C THR B 438 -22.91 -33.77 -50.34
N SER B 439 -22.94 -33.82 -49.01
CA SER B 439 -22.94 -35.10 -48.31
C SER B 439 -24.35 -35.58 -48.07
N ASN B 440 -25.31 -34.68 -48.27
CA ASN B 440 -26.72 -34.93 -48.02
C ASN B 440 -27.02 -35.33 -46.58
N GLU B 441 -26.23 -34.80 -45.66
CA GLU B 441 -26.56 -34.90 -44.24
C GLU B 441 -26.93 -33.51 -43.74
N PRO B 442 -28.25 -33.25 -43.61
CA PRO B 442 -28.78 -31.90 -43.39
C PRO B 442 -28.35 -31.27 -42.06
N VAL B 443 -27.86 -30.04 -42.16
CA VAL B 443 -27.41 -29.28 -41.00
C VAL B 443 -27.99 -27.88 -41.09
N TRP B 444 -28.35 -27.29 -39.95
CA TRP B 444 -28.91 -25.95 -39.95
C TRP B 444 -28.11 -25.04 -39.01
N TRP B 445 -27.87 -23.82 -39.47
CA TRP B 445 -27.09 -22.85 -38.70
C TRP B 445 -27.91 -22.24 -37.56
N LEU B 446 -27.43 -22.42 -36.35
CA LEU B 446 -28.05 -21.85 -35.16
C LEU B 446 -27.12 -20.82 -34.53
N PRO B 447 -27.69 -19.81 -33.86
CA PRO B 447 -26.90 -18.69 -33.35
C PRO B 447 -26.30 -18.92 -31.96
N ILE B 448 -25.13 -18.34 -31.72
CA ILE B 448 -24.59 -18.26 -30.37
C ILE B 448 -24.93 -16.89 -29.81
N ILE B 449 -25.99 -16.84 -29.02
CA ILE B 449 -26.52 -15.57 -28.52
C ILE B 449 -25.75 -15.12 -27.29
N ASN B 450 -24.93 -14.09 -27.47
CA ASN B 450 -24.02 -13.61 -26.43
C ASN B 450 -24.72 -13.07 -25.19
N GLU B 451 -26.00 -12.73 -25.32
CA GLU B 451 -26.76 -12.20 -24.20
C GLU B 451 -26.89 -13.22 -23.06
N TYR B 452 -26.79 -14.50 -23.40
CA TYR B 452 -26.96 -15.54 -22.39
C TYR B 452 -25.66 -15.82 -21.63
N ARG B 453 -24.56 -15.25 -22.10
CA ARG B 453 -23.24 -15.47 -21.50
C ARG B 453 -23.21 -15.11 -20.02
N ALA B 454 -23.95 -14.08 -19.64
CA ALA B 454 -23.94 -13.60 -18.26
C ALA B 454 -24.52 -14.64 -17.31
N THR B 455 -25.28 -15.58 -17.85
CA THR B 455 -25.89 -16.63 -17.04
C THR B 455 -24.88 -17.72 -16.68
N LEU B 456 -23.69 -17.64 -17.27
CA LEU B 456 -22.61 -18.56 -16.96
C LEU B 456 -21.64 -17.97 -15.96
N ASN B 457 -21.96 -16.79 -15.45
CA ASN B 457 -21.11 -16.13 -14.46
C ASN B 457 -21.21 -16.78 -13.08
N SER B 458 -20.17 -17.49 -12.69
CA SER B 458 -20.14 -18.15 -11.38
C SER B 458 -19.66 -17.20 -10.28
N LYS B 459 -20.20 -17.39 -9.09
CA LYS B 459 -19.84 -16.59 -7.93
C LYS B 459 -18.44 -16.93 -7.42
N TYR B 460 -18.03 -18.19 -7.58
CA TYR B 460 -16.77 -18.65 -7.01
C TYR B 460 -15.74 -19.11 -8.04
N ALA B 461 -16.19 -19.84 -9.06
CA ALA B 461 -15.29 -20.29 -10.12
C ALA B 461 -15.21 -19.25 -11.23
N ASP B 462 -14.39 -19.51 -12.23
CA ASP B 462 -14.27 -18.60 -13.36
C ASP B 462 -15.55 -18.59 -14.19
N ILE B 463 -16.20 -19.74 -14.29
CA ILE B 463 -17.38 -19.88 -15.13
C ILE B 463 -18.27 -21.03 -14.66
N ASN B 464 -19.57 -20.89 -14.90
CA ASN B 464 -20.52 -21.97 -14.62
C ASN B 464 -20.54 -22.97 -15.77
N GLN B 465 -20.76 -24.24 -15.44
CA GLN B 465 -20.89 -25.29 -16.44
C GLN B 465 -22.22 -25.12 -17.17
N ILE B 466 -23.26 -24.79 -16.42
CA ILE B 466 -24.59 -24.65 -16.97
C ILE B 466 -25.24 -23.34 -16.54
N SER B 467 -26.36 -23.00 -17.18
CA SER B 467 -27.17 -21.88 -16.75
C SER B 467 -28.29 -22.36 -15.83
N SER B 468 -28.70 -21.50 -14.90
CA SER B 468 -29.85 -21.77 -14.05
C SER B 468 -31.06 -20.94 -14.47
N SER B 469 -30.91 -20.22 -15.58
CA SER B 469 -31.96 -19.38 -16.14
C SER B 469 -32.26 -19.92 -17.54
N VAL B 470 -31.59 -19.35 -18.54
CA VAL B 470 -31.86 -19.63 -19.96
C VAL B 470 -32.12 -21.11 -20.23
N LYS B 471 -33.28 -21.42 -20.81
CA LYS B 471 -33.64 -22.81 -21.08
C LYS B 471 -33.10 -23.27 -22.44
N ALA B 472 -32.54 -22.34 -23.22
CA ALA B 472 -31.96 -22.69 -24.50
C ALA B 472 -30.59 -23.35 -24.32
N SER B 473 -30.60 -24.57 -23.81
CA SER B 473 -29.39 -25.29 -23.42
C SER B 473 -28.38 -25.44 -24.56
N SER B 474 -28.84 -25.69 -25.78
CA SER B 474 -27.93 -25.90 -26.91
C SER B 474 -27.08 -24.65 -27.17
N ILE B 475 -27.68 -23.48 -27.00
CA ILE B 475 -26.96 -22.22 -27.20
C ILE B 475 -26.02 -21.98 -26.03
N VAL B 476 -26.52 -22.24 -24.83
CA VAL B 476 -25.73 -22.05 -23.62
C VAL B 476 -24.48 -22.93 -23.63
N ALA B 477 -24.65 -24.18 -24.03
CA ALA B 477 -23.55 -25.13 -24.12
C ALA B 477 -22.53 -24.66 -25.16
N SER B 478 -23.01 -24.10 -26.26
CA SER B 478 -22.12 -23.54 -27.27
C SER B 478 -21.34 -22.36 -26.72
N LEU B 479 -22.01 -21.55 -25.90
CA LEU B 479 -21.36 -20.43 -25.23
C LEU B 479 -20.26 -20.90 -24.30
N PHE B 480 -20.48 -22.04 -23.64
CA PHE B 480 -19.47 -22.62 -22.76
C PHE B 480 -18.25 -23.06 -23.55
N LEU B 481 -18.48 -23.82 -24.61
CA LEU B 481 -17.40 -24.32 -25.46
C LEU B 481 -16.60 -23.19 -26.09
N LYS B 482 -17.29 -22.11 -26.42
CA LYS B 482 -16.69 -20.94 -27.05
C LYS B 482 -15.60 -20.33 -26.16
N GLU B 483 -15.73 -20.51 -24.84
CA GLU B 483 -14.76 -20.01 -23.88
C GLU B 483 -13.44 -20.78 -23.89
N PHE B 484 -13.39 -21.88 -24.62
CA PHE B 484 -12.20 -22.72 -24.63
C PHE B 484 -11.54 -22.74 -26.00
N VAL B 485 -11.95 -21.82 -26.86
CA VAL B 485 -11.27 -21.59 -28.13
C VAL B 485 -10.91 -20.12 -28.23
N GLN B 486 -9.62 -19.81 -28.10
CA GLN B 486 -9.19 -18.44 -27.94
C GLN B 486 -9.02 -17.69 -29.25
N ASN B 487 -8.33 -18.30 -30.22
CA ASN B 487 -8.03 -17.59 -31.46
C ASN B 487 -8.00 -18.50 -32.68
N THR B 488 -8.95 -19.42 -32.74
CA THR B 488 -9.03 -20.36 -33.86
C THR B 488 -10.45 -20.47 -34.38
N ALA B 489 -10.60 -20.55 -35.71
CA ALA B 489 -11.90 -20.78 -36.32
C ALA B 489 -12.47 -22.12 -35.83
N TRP B 490 -13.65 -22.06 -35.23
CA TRP B 490 -14.22 -23.23 -34.58
C TRP B 490 -15.71 -23.37 -34.85
N ALA B 491 -16.15 -24.60 -35.03
CA ALA B 491 -17.56 -24.90 -35.23
C ALA B 491 -17.98 -26.11 -34.40
N HIS B 492 -19.25 -26.16 -34.05
CA HIS B 492 -19.78 -27.19 -33.18
C HIS B 492 -21.07 -27.75 -33.74
N ILE B 493 -21.11 -29.05 -34.00
CA ILE B 493 -22.28 -29.70 -34.56
C ILE B 493 -22.97 -30.56 -33.50
N ASP B 494 -24.19 -30.17 -33.13
CA ASP B 494 -24.94 -30.90 -32.12
C ASP B 494 -25.82 -31.95 -32.79
N ILE B 495 -25.48 -33.22 -32.58
CA ILE B 495 -26.15 -34.32 -33.25
C ILE B 495 -26.97 -35.19 -32.30
N ALA B 496 -27.32 -34.62 -31.14
CA ALA B 496 -28.10 -35.35 -30.14
C ALA B 496 -29.46 -35.79 -30.66
N GLY B 497 -30.03 -35.02 -31.57
CA GLY B 497 -31.34 -35.31 -32.11
C GLY B 497 -31.34 -36.22 -33.33
N VAL B 498 -30.27 -36.18 -34.11
CA VAL B 498 -30.24 -36.88 -35.39
C VAL B 498 -29.45 -38.19 -35.40
N SER B 499 -28.70 -38.46 -34.35
CA SER B 499 -27.80 -39.61 -34.33
C SER B 499 -28.51 -40.95 -34.37
N TRP B 500 -29.55 -41.10 -33.55
CA TRP B 500 -30.27 -42.37 -33.45
C TRP B 500 -31.56 -42.35 -34.27
N ASN B 501 -31.78 -43.42 -35.03
CA ASN B 501 -33.02 -43.59 -35.79
C ASN B 501 -34.05 -44.35 -34.97
N PHE B 502 -34.94 -43.61 -34.31
CA PHE B 502 -35.90 -44.20 -33.39
C PHE B 502 -36.89 -45.14 -34.08
N LYS B 503 -37.25 -44.80 -35.32
CA LYS B 503 -38.16 -45.63 -36.09
C LYS B 503 -37.52 -46.96 -36.47
N ALA B 504 -36.26 -46.90 -36.90
CA ALA B 504 -35.55 -48.10 -37.34
C ALA B 504 -34.81 -48.80 -36.21
N ARG B 505 -34.79 -48.15 -35.04
CA ARG B 505 -34.13 -48.68 -33.84
C ARG B 505 -32.66 -48.97 -34.09
N LYS B 506 -31.97 -48.03 -34.75
CA LYS B 506 -30.56 -48.21 -35.04
C LYS B 506 -29.88 -46.85 -35.25
N PRO B 507 -28.53 -46.81 -35.17
CA PRO B 507 -27.86 -45.52 -35.43
C PRO B 507 -27.92 -45.14 -36.90
N LYS B 508 -27.64 -43.87 -37.18
CA LYS B 508 -27.59 -43.40 -38.56
C LYS B 508 -26.15 -43.33 -39.05
N GLY B 509 -25.22 -43.26 -38.11
CA GLY B 509 -23.82 -43.00 -38.42
C GLY B 509 -23.70 -41.58 -38.95
N PHE B 510 -24.55 -40.70 -38.42
CA PHE B 510 -24.62 -39.32 -38.88
C PHE B 510 -23.32 -38.59 -38.63
N GLY B 511 -22.85 -37.86 -39.65
CA GLY B 511 -21.68 -37.03 -39.50
C GLY B 511 -20.47 -37.52 -40.27
N VAL B 512 -20.42 -38.82 -40.54
CA VAL B 512 -19.27 -39.40 -41.22
C VAL B 512 -19.06 -38.80 -42.61
N ARG B 513 -20.10 -38.83 -43.42
CA ARG B 513 -20.04 -38.31 -44.78
C ARG B 513 -19.90 -36.79 -44.78
N LEU B 514 -20.54 -36.16 -43.81
CA LEU B 514 -20.47 -34.72 -43.65
C LEU B 514 -19.04 -34.24 -43.39
N LEU B 515 -18.37 -34.87 -42.44
CA LEU B 515 -17.01 -34.48 -42.08
C LEU B 515 -16.03 -34.77 -43.22
N THR B 516 -16.25 -35.85 -43.95
CA THR B 516 -15.35 -36.24 -45.03
C THR B 516 -15.44 -35.26 -46.20
N GLU B 517 -16.66 -34.87 -46.57
CA GLU B 517 -16.86 -33.87 -47.61
C GLU B 517 -16.21 -32.54 -47.22
N PHE B 518 -16.26 -32.24 -45.93
CA PHE B 518 -15.63 -31.04 -45.40
C PHE B 518 -14.12 -31.06 -45.62
N VAL B 519 -13.52 -32.22 -45.36
CA VAL B 519 -12.08 -32.39 -45.53
C VAL B 519 -11.66 -32.44 -47.01
N LEU B 520 -12.43 -33.16 -47.81
CA LEU B 520 -12.08 -33.39 -49.20
C LEU B 520 -12.17 -32.10 -50.01
N ASN B 521 -13.26 -31.37 -49.81
CA ASN B 521 -13.51 -30.15 -50.57
C ASN B 521 -12.85 -28.92 -49.93
N SER C 5 -5.46 -38.08 8.28
CA SER C 5 -4.85 -36.82 7.85
C SER C 5 -4.59 -36.79 6.35
N GLU C 6 -4.32 -37.95 5.75
CA GLU C 6 -4.10 -38.00 4.31
C GLU C 6 -5.42 -38.09 3.56
N VAL C 7 -5.66 -37.10 2.69
CA VAL C 7 -6.87 -37.08 1.89
C VAL C 7 -6.73 -38.00 0.69
N PRO C 8 -7.60 -39.01 0.60
CA PRO C 8 -7.57 -39.93 -0.55
C PRO C 8 -7.90 -39.22 -1.86
N GLN C 9 -7.34 -39.73 -2.96
CA GLN C 9 -7.54 -39.13 -4.27
C GLN C 9 -7.93 -40.18 -5.32
N VAL C 10 -8.72 -39.76 -6.31
CA VAL C 10 -9.02 -40.62 -7.45
C VAL C 10 -8.03 -40.34 -8.57
N VAL C 11 -7.77 -39.06 -8.79
CA VAL C 11 -6.76 -38.62 -9.75
C VAL C 11 -5.82 -37.64 -9.04
N SER C 12 -4.64 -37.41 -9.63
CA SER C 12 -3.65 -36.56 -9.00
C SER C 12 -4.09 -35.10 -8.96
N LEU C 13 -5.11 -34.77 -9.74
CA LEU C 13 -5.60 -33.39 -9.82
C LEU C 13 -6.63 -33.09 -8.73
N ASP C 14 -7.05 -34.12 -8.00
CA ASP C 14 -7.98 -33.92 -6.88
C ASP C 14 -7.30 -33.17 -5.73
N PRO C 15 -7.95 -32.11 -5.24
CA PRO C 15 -7.41 -31.28 -4.15
C PRO C 15 -7.29 -32.05 -2.84
N THR C 16 -6.30 -31.70 -2.03
CA THR C 16 -6.04 -32.43 -0.79
C THR C 16 -6.23 -31.57 0.45
N SER C 17 -6.73 -30.35 0.27
CA SER C 17 -7.00 -29.47 1.40
C SER C 17 -7.94 -28.32 1.01
N ILE C 18 -8.62 -27.77 2.01
CA ILE C 18 -9.47 -26.61 1.80
C ILE C 18 -8.65 -25.33 1.89
N PRO C 19 -8.61 -24.56 0.80
CA PRO C 19 -7.94 -23.26 0.87
C PRO C 19 -8.68 -22.32 1.82
N ILE C 20 -7.96 -21.78 2.79
CA ILE C 20 -8.55 -20.90 3.80
C ILE C 20 -7.79 -19.58 3.91
N GLU C 21 -8.52 -18.48 3.85
CA GLU C 21 -7.93 -17.16 4.06
C GLU C 21 -8.04 -16.74 5.52
N TYR C 22 -6.92 -16.72 6.22
CA TYR C 22 -6.90 -16.32 7.63
C TYR C 22 -6.68 -14.81 7.71
N ASN C 23 -5.68 -14.33 6.97
CA ASN C 23 -5.43 -12.90 6.91
C ASN C 23 -6.21 -12.27 5.77
N THR C 24 -7.37 -11.71 6.09
CA THR C 24 -8.23 -11.09 5.10
C THR C 24 -7.95 -9.60 5.04
N PRO C 25 -8.28 -8.95 3.91
CA PRO C 25 -8.12 -7.50 3.77
C PRO C 25 -8.82 -6.69 4.85
N ILE C 26 -9.88 -7.25 5.44
CA ILE C 26 -10.59 -6.59 6.53
C ILE C 26 -9.68 -6.40 7.73
N HIS C 27 -8.82 -7.37 7.98
CA HIS C 27 -7.90 -7.31 9.11
C HIS C 27 -6.84 -6.23 8.94
N ASP C 28 -6.69 -5.76 7.71
CA ASP C 28 -5.70 -4.72 7.42
C ASP C 28 -6.30 -3.33 7.54
N ILE C 29 -7.58 -3.26 7.86
CA ILE C 29 -8.27 -1.98 7.99
C ILE C 29 -8.10 -1.39 9.39
N LYS C 30 -7.53 -0.18 9.46
CA LYS C 30 -7.39 0.50 10.73
C LYS C 30 -8.69 1.23 11.07
N VAL C 31 -9.27 0.90 12.21
CA VAL C 31 -10.55 1.49 12.60
C VAL C 31 -10.40 2.47 13.75
N GLN C 32 -10.86 3.70 13.54
CA GLN C 32 -10.82 4.73 14.56
C GLN C 32 -12.24 5.22 14.87
N VAL C 33 -12.56 5.35 16.15
CA VAL C 33 -13.87 5.83 16.55
C VAL C 33 -13.78 7.17 17.29
N TYR C 34 -14.46 8.18 16.75
CA TYR C 34 -14.46 9.51 17.34
C TYR C 34 -15.85 9.87 17.87
N ASP C 35 -15.91 10.80 18.81
CA ASP C 35 -17.19 11.26 19.32
C ASP C 35 -17.75 12.34 18.40
N ILE C 36 -19.03 12.20 18.05
CA ILE C 36 -19.68 13.10 17.11
C ILE C 36 -19.76 14.54 17.61
N LYS C 37 -19.72 14.72 18.93
CA LYS C 37 -19.83 16.05 19.52
C LYS C 37 -18.59 16.91 19.27
N GLY C 38 -17.52 16.29 18.77
CA GLY C 38 -16.28 16.99 18.52
C GLY C 38 -16.16 17.52 17.09
N GLY C 39 -17.14 17.19 16.26
CA GLY C 39 -17.15 17.63 14.88
C GLY C 39 -16.45 16.64 13.95
N CYS C 40 -16.81 16.69 12.67
CA CYS C 40 -16.26 15.78 11.67
C CYS C 40 -15.20 16.44 10.80
N ASN C 41 -14.11 15.72 10.54
CA ASN C 41 -13.10 16.21 9.61
C ASN C 41 -13.27 15.54 8.25
N VAL C 42 -13.29 16.35 7.21
CA VAL C 42 -13.47 15.84 5.85
C VAL C 42 -12.24 16.11 4.97
N GLU C 43 -11.34 15.13 4.95
CA GLU C 43 -10.09 15.28 4.20
C GLU C 43 -10.00 14.28 3.05
N GLU C 44 -9.49 13.09 3.34
CA GLU C 44 -9.34 12.07 2.31
C GLU C 44 -10.56 11.15 2.19
N GLY C 45 -10.62 10.42 1.07
CA GLY C 45 -11.58 9.35 0.89
C GLY C 45 -13.05 9.73 0.77
N LEU C 46 -13.91 8.82 1.22
CA LEU C 46 -15.35 9.00 1.13
C LEU C 46 -15.98 9.13 2.52
N THR C 47 -16.84 10.15 2.70
CA THR C 47 -17.53 10.36 3.96
C THR C 47 -19.03 10.16 3.81
N ILE C 48 -19.57 9.21 4.56
CA ILE C 48 -20.98 8.87 4.45
C ILE C 48 -21.77 9.17 5.73
N PHE C 49 -22.84 9.93 5.59
CA PHE C 49 -23.71 10.24 6.71
C PHE C 49 -24.90 9.28 6.76
N LEU C 50 -25.09 8.64 7.92
CA LEU C 50 -26.27 7.81 8.10
C LEU C 50 -27.38 8.66 8.70
N VAL C 51 -28.36 9.02 7.89
CA VAL C 51 -29.39 9.95 8.31
C VAL C 51 -30.80 9.39 8.16
N ASN C 52 -31.69 9.83 9.03
CA ASN C 52 -33.10 9.47 8.94
C ASN C 52 -34.00 10.67 9.11
N ASN C 53 -35.32 10.44 9.05
CA ASN C 53 -36.28 11.50 9.33
C ASN C 53 -37.54 10.88 9.92
N PRO C 54 -37.63 10.88 11.26
CA PRO C 54 -38.67 10.33 12.13
C PRO C 54 -40.09 10.72 11.77
N GLY C 55 -40.90 9.71 11.46
CA GLY C 55 -42.25 9.86 10.96
C GLY C 55 -42.50 10.84 9.83
N LYS C 56 -41.44 11.17 9.10
CA LYS C 56 -41.58 11.98 7.89
C LYS C 56 -41.29 11.10 6.68
N GLU C 57 -42.21 10.19 6.39
CA GLU C 57 -42.11 9.27 5.25
C GLU C 57 -41.55 9.96 4.00
N ASN C 58 -40.50 9.36 3.44
CA ASN C 58 -39.47 10.07 2.69
C ASN C 58 -39.33 11.56 3.07
N GLY C 59 -38.56 11.84 4.12
CA GLY C 59 -38.37 13.21 4.55
C GLY C 59 -37.14 13.79 3.92
N PRO C 60 -36.96 15.12 4.02
CA PRO C 60 -35.75 15.75 3.47
C PRO C 60 -34.52 15.36 4.27
N VAL C 61 -33.35 15.38 3.64
CA VAL C 61 -32.11 15.10 4.34
C VAL C 61 -31.65 16.35 5.09
N LYS C 62 -31.30 16.17 6.36
CA LYS C 62 -30.75 17.25 7.16
C LYS C 62 -29.54 16.75 7.92
N ILE C 63 -28.39 17.38 7.69
CA ILE C 63 -27.16 16.98 8.36
C ILE C 63 -27.05 17.76 9.66
N SER C 64 -27.09 17.03 10.78
CA SER C 64 -27.11 17.64 12.10
C SER C 64 -25.70 17.84 12.66
N SER C 65 -24.79 16.95 12.28
CA SER C 65 -23.43 16.97 12.81
C SER C 65 -22.71 18.25 12.42
N LYS C 66 -21.85 18.74 13.31
CA LYS C 66 -21.04 19.91 13.01
C LYS C 66 -19.84 19.45 12.19
N VAL C 67 -19.57 20.16 11.08
CA VAL C 67 -18.45 19.80 10.23
C VAL C 67 -17.36 20.84 10.32
N ASN C 68 -16.15 20.40 10.66
CA ASN C 68 -15.02 21.31 10.85
C ASN C 68 -14.41 21.76 9.54
N ASP C 69 -15.26 22.16 8.61
CA ASP C 69 -14.83 22.67 7.31
C ASP C 69 -15.93 23.57 6.75
N LYS C 70 -15.58 24.84 6.50
CA LYS C 70 -16.59 25.81 6.06
C LYS C 70 -17.17 25.48 4.69
N GLN C 71 -16.33 25.08 3.75
CA GLN C 71 -16.78 24.78 2.39
C GLN C 71 -17.73 23.59 2.36
N VAL C 72 -17.37 22.54 3.10
CA VAL C 72 -18.20 21.34 3.16
C VAL C 72 -19.46 21.59 3.95
N SER C 73 -19.37 22.42 5.00
CA SER C 73 -20.54 22.74 5.81
C SER C 73 -21.55 23.54 4.99
N GLU C 74 -21.05 24.40 4.12
CA GLU C 74 -21.90 25.16 3.21
C GLU C 74 -22.57 24.25 2.19
N PHE C 75 -21.83 23.26 1.70
CA PHE C 75 -22.37 22.31 0.74
C PHE C 75 -23.49 21.52 1.38
N LEU C 76 -23.31 21.18 2.66
CA LEU C 76 -24.23 20.32 3.39
C LEU C 76 -25.35 21.09 4.12
N LYS C 77 -25.52 22.37 3.78
CA LYS C 77 -26.58 23.18 4.37
C LYS C 77 -27.95 22.62 4.01
N ASP C 78 -28.93 22.86 4.88
CA ASP C 78 -30.28 22.32 4.72
C ASP C 78 -30.88 22.65 3.37
N GLU C 79 -30.67 23.89 2.92
CA GLU C 79 -31.20 24.35 1.64
C GLU C 79 -30.69 23.52 0.48
N ASN C 80 -29.42 23.10 0.57
CA ASN C 80 -28.79 22.29 -0.46
C ASN C 80 -29.23 20.83 -0.42
N MET C 81 -29.45 20.34 0.80
CA MET C 81 -29.72 18.92 1.03
C MET C 81 -31.19 18.52 0.87
N GLU C 82 -32.08 19.52 0.83
CA GLU C 82 -33.51 19.25 0.83
C GLU C 82 -34.04 18.56 -0.43
N LYS C 83 -33.27 18.57 -1.51
CA LYS C 83 -33.68 17.89 -2.73
C LYS C 83 -33.56 16.37 -2.60
N PHE C 84 -32.87 15.92 -1.55
CA PHE C 84 -32.69 14.50 -1.31
C PHE C 84 -33.54 14.01 -0.13
N ASN C 85 -33.93 12.74 -0.16
CA ASN C 85 -34.77 12.17 0.88
C ASN C 85 -34.10 11.01 1.61
N VAL C 86 -34.70 10.60 2.72
CA VAL C 86 -34.08 9.64 3.63
C VAL C 86 -34.62 8.21 3.50
N LYS C 87 -35.31 7.94 2.39
CA LYS C 87 -35.86 6.60 2.14
C LYS C 87 -34.83 5.50 2.34
N LEU C 88 -35.21 4.47 3.10
CA LEU C 88 -34.33 3.36 3.45
C LEU C 88 -33.63 2.72 2.24
N GLY C 89 -32.29 2.73 2.25
CA GLY C 89 -31.50 2.14 1.19
C GLY C 89 -31.05 3.12 0.13
N THR C 90 -31.61 4.33 0.16
CA THR C 90 -31.25 5.37 -0.78
C THR C 90 -29.87 5.95 -0.45
N SER C 91 -29.07 6.20 -1.48
CA SER C 91 -27.74 6.76 -1.29
C SER C 91 -27.43 7.77 -2.39
N LYS C 92 -26.59 8.73 -2.06
CA LYS C 92 -26.14 9.74 -3.02
C LYS C 92 -24.66 10.04 -2.82
N HIS C 93 -23.99 10.42 -3.91
CA HIS C 93 -22.59 10.80 -3.83
C HIS C 93 -22.45 12.29 -4.10
N PHE C 94 -21.59 12.96 -3.33
CA PHE C 94 -21.38 14.39 -3.51
C PHE C 94 -19.92 14.65 -3.81
N TYR C 95 -19.65 15.59 -4.69
CA TYR C 95 -18.28 15.99 -5.00
C TYR C 95 -18.07 17.46 -4.67
N MET C 96 -17.00 17.79 -3.95
CA MET C 96 -16.75 19.18 -3.58
C MET C 96 -15.29 19.43 -3.19
N PHE C 97 -14.96 20.71 -2.99
CA PHE C 97 -13.64 21.09 -2.49
C PHE C 97 -13.73 21.59 -1.05
N ASN C 98 -12.77 21.19 -0.22
CA ASN C 98 -12.75 21.63 1.18
C ASN C 98 -11.97 22.94 1.36
N ASP C 99 -11.68 23.27 2.62
CA ASP C 99 -10.98 24.50 2.97
C ASP C 99 -9.54 24.55 2.42
N ASN C 100 -8.91 23.38 2.30
CA ASN C 100 -7.54 23.31 1.83
C ASN C 100 -7.47 23.15 0.32
N LYS C 101 -8.58 23.48 -0.35
CA LYS C 101 -8.70 23.37 -1.80
C LYS C 101 -8.42 21.95 -2.28
N ASN C 102 -8.75 20.97 -1.45
CA ASN C 102 -8.62 19.56 -1.82
C ASN C 102 -9.94 18.96 -2.24
N SER C 103 -9.88 18.05 -3.20
CA SER C 103 -11.05 17.35 -3.69
C SER C 103 -11.50 16.29 -2.68
N VAL C 104 -12.77 16.34 -2.28
CA VAL C 104 -13.28 15.36 -1.32
C VAL C 104 -14.59 14.74 -1.82
N ALA C 105 -14.87 13.52 -1.38
CA ALA C 105 -16.12 12.84 -1.73
C ALA C 105 -16.93 12.60 -0.48
N VAL C 106 -18.18 13.06 -0.51
CA VAL C 106 -19.09 13.01 0.62
C VAL C 106 -20.41 12.43 0.15
N GLY C 107 -21.15 11.77 1.04
CA GLY C 107 -22.45 11.25 0.68
C GLY C 107 -23.27 10.86 1.88
N TYR C 108 -24.42 10.21 1.64
CA TYR C 108 -25.26 9.76 2.73
C TYR C 108 -25.98 8.45 2.36
N VAL C 109 -26.50 7.77 3.37
CA VAL C 109 -27.36 6.61 3.15
C VAL C 109 -28.65 6.76 3.95
N GLY C 110 -29.78 6.64 3.27
CA GLY C 110 -31.08 6.79 3.90
C GLY C 110 -31.42 5.65 4.85
N CYS C 111 -31.85 6.01 6.06
CA CYS C 111 -32.19 5.02 7.07
C CYS C 111 -33.68 5.05 7.40
N GLY C 112 -34.49 5.53 6.46
CA GLY C 112 -35.93 5.51 6.61
C GLY C 112 -36.49 6.54 7.57
N SER C 113 -37.66 6.24 8.13
CA SER C 113 -38.36 7.18 9.00
C SER C 113 -38.63 6.60 10.38
N VAL C 114 -38.17 5.37 10.61
CA VAL C 114 -38.35 4.71 11.88
C VAL C 114 -37.12 4.88 12.76
N ALA C 115 -37.33 5.30 14.01
CA ALA C 115 -36.23 5.60 14.93
C ALA C 115 -35.38 4.37 15.24
N ASP C 116 -36.03 3.25 15.46
CA ASP C 116 -35.33 2.01 15.82
C ASP C 116 -35.19 1.07 14.63
N LEU C 117 -33.97 0.96 14.11
CA LEU C 117 -33.71 0.10 12.95
C LEU C 117 -33.70 -1.37 13.36
N SER C 118 -34.35 -2.20 12.55
CA SER C 118 -34.34 -3.63 12.80
C SER C 118 -33.09 -4.25 12.18
N GLU C 119 -32.84 -5.51 12.50
CA GLU C 119 -31.73 -6.26 11.92
C GLU C 119 -31.81 -6.24 10.40
N ALA C 120 -33.02 -6.43 9.86
CA ALA C 120 -33.22 -6.43 8.43
C ALA C 120 -33.01 -5.02 7.86
N ASP C 121 -33.46 -4.01 8.59
CA ASP C 121 -33.30 -2.62 8.19
C ASP C 121 -31.84 -2.21 8.11
N MET C 122 -31.08 -2.51 9.15
CA MET C 122 -29.65 -2.20 9.19
C MET C 122 -28.89 -2.88 8.06
N LYS C 123 -29.33 -4.09 7.72
CA LYS C 123 -28.72 -4.83 6.63
C LYS C 123 -28.88 -4.10 5.31
N ARG C 124 -30.06 -3.52 5.08
CA ARG C 124 -30.31 -2.76 3.86
C ARG C 124 -29.43 -1.52 3.77
N VAL C 125 -29.20 -0.89 4.91
CA VAL C 125 -28.32 0.28 4.99
C VAL C 125 -26.90 -0.11 4.62
N VAL C 126 -26.42 -1.21 5.19
CA VAL C 126 -25.07 -1.69 4.93
C VAL C 126 -24.88 -2.04 3.46
N LEU C 127 -25.85 -2.74 2.88
CA LEU C 127 -25.76 -3.13 1.47
C LEU C 127 -25.65 -1.92 0.55
N SER C 128 -26.40 -0.86 0.86
CA SER C 128 -26.30 0.37 0.08
C SER C 128 -24.92 0.99 0.24
N LEU C 129 -24.39 0.90 1.45
CA LEU C 129 -23.05 1.42 1.75
C LEU C 129 -22.00 0.65 0.95
N VAL C 130 -22.17 -0.66 0.87
CA VAL C 130 -21.22 -1.52 0.16
C VAL C 130 -21.23 -1.23 -1.35
N THR C 131 -22.41 -0.91 -1.90
CA THR C 131 -22.51 -0.56 -3.32
C THR C 131 -21.65 0.66 -3.62
N MET C 132 -21.57 1.58 -2.67
CA MET C 132 -20.75 2.77 -2.81
C MET C 132 -19.27 2.39 -2.73
N LEU C 133 -18.97 1.34 -1.98
CA LEU C 133 -17.60 0.86 -1.86
C LEU C 133 -17.14 0.07 -3.08
N HIS C 134 -18.07 -0.66 -3.70
CA HIS C 134 -17.74 -1.45 -4.88
C HIS C 134 -17.59 -0.57 -6.13
N ASP C 135 -16.62 -0.94 -6.97
CA ASP C 135 -16.33 -0.21 -8.20
C ASP C 135 -15.89 1.24 -7.98
N ASN C 136 -15.43 1.54 -6.78
CA ASN C 136 -14.74 2.80 -6.52
C ASN C 136 -13.46 2.53 -5.72
N LYS C 137 -12.34 2.76 -6.37
CA LYS C 137 -11.02 2.67 -5.75
C LYS C 137 -10.78 3.65 -4.61
N LEU C 138 -11.41 3.42 -3.45
CA LEU C 138 -11.22 4.31 -2.30
C LEU C 138 -10.13 3.83 -1.34
N SER C 139 -9.51 4.77 -0.63
CA SER C 139 -8.49 4.44 0.35
C SER C 139 -9.01 4.48 1.78
N LYS C 140 -9.99 5.33 2.02
CA LYS C 140 -10.54 5.51 3.36
C LYS C 140 -12.04 5.74 3.31
N LEU C 141 -12.76 5.09 4.21
CA LEU C 141 -14.18 5.32 4.38
C LEU C 141 -14.47 5.91 5.75
N THR C 142 -15.29 6.95 5.80
CA THR C 142 -15.70 7.55 7.06
C THR C 142 -17.22 7.53 7.19
N VAL C 143 -17.70 6.93 8.28
CA VAL C 143 -19.13 6.83 8.53
C VAL C 143 -19.57 7.68 9.71
N VAL C 144 -20.51 8.58 9.48
CA VAL C 144 -21.02 9.45 10.54
C VAL C 144 -22.42 9.03 10.96
N PHE C 145 -22.53 8.54 12.19
CA PHE C 145 -23.81 8.04 12.70
C PHE C 145 -24.69 9.17 13.22
N GLU C 146 -25.65 9.60 12.42
CA GLU C 146 -26.63 10.59 12.86
C GLU C 146 -27.96 9.91 13.19
N ILE C 147 -27.87 8.66 13.62
CA ILE C 147 -29.04 7.90 14.03
C ILE C 147 -28.75 7.25 15.38
N ASN C 148 -29.79 6.77 16.05
CA ASN C 148 -29.61 6.14 17.35
C ASN C 148 -29.42 4.63 17.23
N VAL C 149 -28.29 4.15 17.72
CA VAL C 149 -28.03 2.72 17.76
C VAL C 149 -27.41 2.34 19.10
N ASP C 150 -27.83 1.19 19.65
CA ASP C 150 -27.23 0.68 20.87
C ASP C 150 -25.94 -0.06 20.53
N LYS C 151 -25.26 -0.58 21.55
CA LYS C 151 -23.97 -1.23 21.37
C LYS C 151 -24.07 -2.46 20.47
N ASN C 152 -25.13 -3.23 20.63
CA ASN C 152 -25.33 -4.45 19.82
C ASN C 152 -25.56 -4.16 18.34
N LEU C 153 -26.35 -3.13 18.05
CA LEU C 153 -26.67 -2.80 16.67
C LEU C 153 -25.47 -2.19 15.97
N PHE C 154 -24.66 -1.46 16.73
CA PHE C 154 -23.44 -0.89 16.19
C PHE C 154 -22.46 -1.99 15.80
N ARG C 155 -22.34 -3.00 16.64
CA ARG C 155 -21.47 -4.14 16.36
C ARG C 155 -21.97 -4.88 15.14
N PHE C 156 -23.28 -5.05 15.05
CA PHE C 156 -23.90 -5.72 13.91
C PHE C 156 -23.60 -4.99 12.61
N PHE C 157 -23.59 -3.67 12.67
CA PHE C 157 -23.27 -2.85 11.51
C PHE C 157 -21.88 -3.18 10.98
N LEU C 158 -20.90 -3.23 11.89
CA LEU C 158 -19.52 -3.51 11.50
C LEU C 158 -19.36 -4.93 10.99
N GLU C 159 -19.94 -5.90 11.71
CA GLU C 159 -19.90 -7.30 11.30
C GLU C 159 -20.44 -7.48 9.89
N THR C 160 -21.61 -6.90 9.65
CA THR C 160 -22.28 -7.01 8.35
C THR C 160 -21.51 -6.27 7.26
N LEU C 161 -21.01 -5.08 7.59
CA LEU C 161 -20.20 -4.31 6.66
C LEU C 161 -18.96 -5.07 6.21
N PHE C 162 -18.23 -5.62 7.18
CA PHE C 162 -17.03 -6.40 6.90
C PHE C 162 -17.35 -7.62 6.05
N TYR C 163 -18.42 -8.32 6.41
CA TYR C 163 -18.79 -9.56 5.73
C TYR C 163 -19.17 -9.33 4.27
N GLU C 164 -19.99 -8.31 4.03
CA GLU C 164 -20.46 -8.03 2.67
C GLU C 164 -19.38 -7.36 1.82
N TYR C 165 -18.50 -6.59 2.46
CA TYR C 165 -17.41 -5.92 1.75
C TYR C 165 -16.43 -6.96 1.20
N MET C 166 -16.18 -7.98 2.00
CA MET C 166 -15.24 -9.05 1.67
C MET C 166 -15.70 -9.90 0.50
N THR C 167 -14.78 -10.24 -0.39
CA THR C 167 -15.09 -11.05 -1.56
C THR C 167 -14.23 -12.32 -1.61
N ASP C 168 -14.89 -13.46 -1.77
CA ASP C 168 -14.21 -14.76 -1.79
C ASP C 168 -13.71 -15.08 -3.20
N GLU C 169 -12.39 -15.06 -3.37
CA GLU C 169 -11.78 -15.31 -4.66
C GLU C 169 -10.87 -16.53 -4.66
N ARG C 170 -11.05 -17.41 -3.67
CA ARG C 170 -10.19 -18.58 -3.51
C ARG C 170 -10.20 -19.49 -4.73
N PHE C 171 -11.33 -19.55 -5.43
CA PHE C 171 -11.47 -20.48 -6.54
C PHE C 171 -11.50 -19.75 -7.89
N LYS C 172 -11.18 -18.47 -7.88
CA LYS C 172 -11.02 -17.72 -9.12
C LYS C 172 -9.60 -17.88 -9.65
N SER C 173 -9.47 -18.14 -10.94
CA SER C 173 -8.15 -18.27 -11.53
C SER C 173 -7.91 -17.23 -12.63
N THR C 174 -8.68 -17.34 -13.71
CA THR C 174 -8.51 -16.46 -14.86
C THR C 174 -9.44 -15.26 -14.76
N ASP C 175 -10.42 -15.37 -13.87
CA ASP C 175 -11.46 -14.34 -13.73
C ASP C 175 -11.34 -13.63 -12.38
N LYS C 176 -10.11 -13.42 -11.93
CA LYS C 176 -9.88 -12.63 -10.73
C LYS C 176 -10.24 -11.19 -11.02
N ASN C 177 -10.92 -10.53 -10.09
CA ASN C 177 -11.31 -9.14 -10.29
C ASN C 177 -10.10 -8.23 -10.25
N VAL C 178 -9.73 -7.70 -11.41
CA VAL C 178 -8.58 -6.83 -11.54
C VAL C 178 -8.78 -5.52 -10.79
N ASN C 179 -10.03 -5.12 -10.59
CA ASN C 179 -10.33 -3.83 -9.99
C ASN C 179 -10.59 -3.90 -8.49
N MET C 180 -10.37 -5.07 -7.87
CA MET C 180 -10.60 -5.16 -6.44
C MET C 180 -9.51 -4.38 -5.69
N GLU C 181 -9.95 -3.56 -4.75
CA GLU C 181 -9.07 -2.71 -3.97
C GLU C 181 -9.77 -2.29 -2.67
N TYR C 182 -9.43 -2.97 -1.58
CA TYR C 182 -10.07 -2.70 -0.30
C TYR C 182 -9.51 -1.41 0.33
N ILE C 183 -10.36 -0.71 1.07
CA ILE C 183 -9.95 0.47 1.84
C ILE C 183 -8.95 0.06 2.91
N LYS C 184 -8.11 0.99 3.35
CA LYS C 184 -7.13 0.71 4.38
C LYS C 184 -7.49 1.35 5.71
N HIS C 185 -8.41 2.31 5.67
CA HIS C 185 -8.79 3.04 6.87
C HIS C 185 -10.30 3.18 7.00
N LEU C 186 -10.81 3.00 8.22
CA LEU C 186 -12.23 3.19 8.51
C LEU C 186 -12.42 4.14 9.69
N GLY C 187 -13.03 5.30 9.43
CA GLY C 187 -13.32 6.26 10.47
C GLY C 187 -14.79 6.20 10.86
N VAL C 188 -15.07 6.24 12.15
CA VAL C 188 -16.45 6.21 12.65
C VAL C 188 -16.75 7.36 13.59
N TYR C 189 -17.77 8.15 13.25
CA TYR C 189 -18.24 9.23 14.10
C TYR C 189 -19.57 8.85 14.75
N ILE C 190 -19.62 8.87 16.07
CA ILE C 190 -20.83 8.46 16.79
C ILE C 190 -20.91 9.17 18.13
N ASN C 191 -22.12 9.32 18.65
CA ASN C 191 -22.30 9.96 19.95
C ASN C 191 -21.95 8.99 21.07
N ASN C 192 -21.39 9.53 22.14
CA ASN C 192 -20.83 8.74 23.24
C ASN C 192 -19.93 7.63 22.72
N ALA C 193 -18.89 8.02 21.98
CA ALA C 193 -18.00 7.07 21.31
C ALA C 193 -17.30 6.05 22.20
N ASP C 194 -16.91 6.47 23.40
CA ASP C 194 -16.13 5.60 24.28
C ASP C 194 -16.83 4.31 24.67
N THR C 195 -18.16 4.35 24.72
CA THR C 195 -18.93 3.16 25.04
C THR C 195 -18.90 2.17 23.88
N TYR C 196 -18.69 2.69 22.67
CA TYR C 196 -18.73 1.88 21.46
C TYR C 196 -17.37 1.32 21.02
N LYS C 197 -16.28 1.84 21.58
CA LYS C 197 -14.94 1.45 21.14
C LYS C 197 -14.66 -0.04 21.36
N GLU C 198 -15.20 -0.61 22.44
CA GLU C 198 -14.99 -2.02 22.74
C GLU C 198 -15.69 -2.94 21.74
N GLU C 199 -16.68 -2.40 21.04
CA GLU C 199 -17.47 -3.19 20.09
C GLU C 199 -16.75 -3.40 18.77
N VAL C 200 -15.76 -2.56 18.49
CA VAL C 200 -15.06 -2.61 17.21
C VAL C 200 -14.34 -3.93 16.98
N GLU C 201 -13.43 -4.27 17.88
CA GLU C 201 -12.63 -5.48 17.71
C GLU C 201 -13.47 -6.74 17.91
N LYS C 202 -14.51 -6.64 18.72
CA LYS C 202 -15.42 -7.76 18.89
C LYS C 202 -16.13 -8.06 17.57
N ALA C 203 -16.51 -6.99 16.87
CA ALA C 203 -17.14 -7.12 15.56
C ALA C 203 -16.17 -7.78 14.58
N ARG C 204 -14.91 -7.40 14.66
CA ARG C 204 -13.89 -7.95 13.78
C ARG C 204 -13.72 -9.46 14.03
N VAL C 205 -13.81 -9.84 15.30
CA VAL C 205 -13.74 -11.25 15.68
C VAL C 205 -14.96 -12.00 15.18
N TYR C 206 -16.14 -11.44 15.42
CA TYR C 206 -17.39 -12.06 14.97
C TYR C 206 -17.42 -12.16 13.44
N TYR C 207 -16.88 -11.14 12.77
CA TYR C 207 -16.76 -11.16 11.31
C TYR C 207 -16.04 -12.40 10.82
N PHE C 208 -14.82 -12.63 11.32
CA PHE C 208 -14.01 -13.71 10.79
C PHE C 208 -14.58 -15.08 11.16
N GLY C 209 -15.15 -15.19 12.36
CA GLY C 209 -15.80 -16.42 12.75
C GLY C 209 -16.87 -16.78 11.75
N THR C 210 -17.66 -15.77 11.36
CA THR C 210 -18.70 -15.96 10.38
C THR C 210 -18.09 -16.22 9.01
N TYR C 211 -17.08 -15.44 8.65
CA TYR C 211 -16.45 -15.55 7.33
C TYR C 211 -15.68 -16.87 7.19
N TYR C 212 -15.11 -17.36 8.29
CA TYR C 212 -14.45 -18.65 8.29
C TYR C 212 -15.46 -19.74 8.00
N ALA C 213 -16.60 -19.67 8.68
CA ALA C 213 -17.69 -20.62 8.45
C ALA C 213 -18.17 -20.54 7.01
N SER C 214 -18.26 -19.32 6.49
CA SER C 214 -18.64 -19.09 5.10
C SER C 214 -17.69 -19.77 4.12
N GLN C 215 -16.39 -19.66 4.40
CA GLN C 215 -15.37 -20.27 3.53
C GLN C 215 -15.47 -21.78 3.49
N LEU C 216 -15.78 -22.39 4.63
CA LEU C 216 -15.94 -23.83 4.70
C LEU C 216 -17.16 -24.30 3.95
N ILE C 217 -18.27 -23.59 4.14
CA ILE C 217 -19.51 -23.96 3.48
C ILE C 217 -19.42 -23.80 1.96
N ALA C 218 -18.94 -22.65 1.53
CA ALA C 218 -18.86 -22.34 0.10
C ALA C 218 -17.92 -23.28 -0.64
N ALA C 219 -16.90 -23.77 0.07
CA ALA C 219 -15.96 -24.73 -0.50
C ALA C 219 -16.69 -25.99 -0.96
N PRO C 220 -16.53 -26.33 -2.24
CA PRO C 220 -17.20 -27.48 -2.86
C PRO C 220 -16.79 -28.81 -2.22
N SER C 221 -17.57 -29.85 -2.49
CA SER C 221 -17.41 -31.14 -1.84
C SER C 221 -16.14 -31.87 -2.28
N ASN C 222 -15.57 -31.50 -3.42
CA ASN C 222 -14.30 -32.10 -3.84
C ASN C 222 -13.14 -31.48 -3.06
N TYR C 223 -13.32 -30.23 -2.64
CA TYR C 223 -12.35 -29.56 -1.78
C TYR C 223 -12.62 -29.85 -0.31
N CYS C 224 -13.88 -29.72 0.09
CA CYS C 224 -14.27 -29.90 1.49
C CYS C 224 -14.86 -31.28 1.69
N ASN C 225 -14.03 -32.20 2.16
CA ASN C 225 -14.43 -33.57 2.42
C ASN C 225 -14.23 -33.89 3.91
N PRO C 226 -14.71 -35.06 4.37
CA PRO C 226 -14.54 -35.36 5.80
C PRO C 226 -13.10 -35.27 6.31
N VAL C 227 -12.13 -35.68 5.51
CA VAL C 227 -10.73 -35.64 5.94
C VAL C 227 -10.20 -34.21 5.97
N SER C 228 -10.41 -33.47 4.88
CA SER C 228 -9.89 -32.11 4.77
C SER C 228 -10.55 -31.16 5.77
N LEU C 229 -11.82 -31.41 6.09
CA LEU C 229 -12.53 -30.56 7.04
C LEU C 229 -12.02 -30.79 8.45
N SER C 230 -11.79 -32.05 8.81
CA SER C 230 -11.25 -32.37 10.13
C SER C 230 -9.83 -31.86 10.27
N ASN C 231 -9.07 -31.91 9.18
CA ASN C 231 -7.72 -31.36 9.16
C ASN C 231 -7.76 -29.86 9.40
N ALA C 232 -8.73 -29.20 8.78
CA ALA C 232 -8.90 -27.76 8.94
C ALA C 232 -9.24 -27.41 10.40
N ALA C 233 -10.05 -28.26 11.03
CA ALA C 233 -10.41 -28.08 12.43
C ALA C 233 -9.19 -28.19 13.35
N VAL C 234 -8.32 -29.17 13.06
CA VAL C 234 -7.09 -29.36 13.82
C VAL C 234 -6.20 -28.13 13.70
N GLU C 235 -6.03 -27.67 12.46
CA GLU C 235 -5.22 -26.50 12.16
C GLU C 235 -5.74 -25.28 12.90
N LEU C 236 -7.07 -25.15 12.98
CA LEU C 236 -7.68 -24.04 13.70
C LEU C 236 -7.40 -24.13 15.20
N ALA C 237 -7.56 -25.33 15.74
CA ALA C 237 -7.33 -25.57 17.17
C ALA C 237 -5.89 -25.26 17.57
N GLN C 238 -4.96 -25.59 16.69
CA GLN C 238 -3.53 -25.37 16.94
C GLN C 238 -3.22 -23.88 17.01
N LYS C 239 -3.88 -23.09 16.16
CA LYS C 239 -3.69 -21.66 16.13
C LYS C 239 -4.29 -20.99 17.37
N LEU C 240 -5.30 -21.62 17.95
CA LEU C 240 -6.03 -21.04 19.08
C LEU C 240 -5.68 -21.67 20.42
N ASN C 241 -4.74 -22.62 20.40
CA ASN C 241 -4.38 -23.39 21.58
C ASN C 241 -5.60 -24.04 22.24
N LEU C 242 -6.39 -24.72 21.44
CA LEU C 242 -7.49 -25.53 21.96
C LEU C 242 -7.09 -27.00 21.98
N GLU C 243 -7.56 -27.74 22.98
CA GLU C 243 -7.38 -29.18 22.98
C GLU C 243 -8.22 -29.75 21.85
N TYR C 244 -7.67 -30.71 21.12
CA TYR C 244 -8.39 -31.30 20.00
C TYR C 244 -8.22 -32.80 19.93
N LYS C 245 -9.19 -33.46 19.30
CA LYS C 245 -9.23 -34.91 19.20
C LYS C 245 -10.04 -35.30 17.96
N ILE C 246 -9.41 -36.04 17.06
CA ILE C 246 -10.11 -36.53 15.87
C ILE C 246 -10.27 -38.04 15.92
N LEU C 247 -11.53 -38.48 16.00
CA LEU C 247 -11.82 -39.90 16.10
C LEU C 247 -11.95 -40.53 14.72
N GLY C 248 -11.16 -41.56 14.47
CA GLY C 248 -11.20 -42.26 13.20
C GLY C 248 -12.11 -43.45 13.33
N VAL C 249 -12.24 -44.22 12.25
CA VAL C 249 -13.18 -45.33 12.18
C VAL C 249 -13.01 -46.34 13.32
N LYS C 250 -11.76 -46.69 13.63
CA LYS C 250 -11.49 -47.68 14.67
C LYS C 250 -12.03 -47.26 16.05
N GLU C 251 -11.80 -46.00 16.44
CA GLU C 251 -12.34 -45.52 17.70
C GLU C 251 -13.85 -45.47 17.63
N LEU C 252 -14.36 -45.09 16.47
CA LEU C 252 -15.81 -45.00 16.26
C LEU C 252 -16.43 -46.38 16.34
N GLU C 253 -15.73 -47.40 15.83
CA GLU C 253 -16.19 -48.78 15.93
C GLU C 253 -16.20 -49.24 17.39
N GLU C 254 -15.15 -48.87 18.12
CA GLU C 254 -15.05 -49.23 19.54
C GLU C 254 -16.15 -48.58 20.38
N LEU C 255 -16.56 -47.37 19.99
CA LEU C 255 -17.62 -46.67 20.69
C LEU C 255 -19.01 -47.10 20.19
N LYS C 256 -19.03 -48.00 19.22
CA LYS C 256 -20.26 -48.59 18.69
C LYS C 256 -21.20 -47.56 18.09
N MET C 257 -20.66 -46.56 17.41
CA MET C 257 -21.46 -45.54 16.75
C MET C 257 -21.99 -46.02 15.40
N GLY C 258 -22.93 -46.96 15.43
CA GLY C 258 -23.42 -47.61 14.23
C GLY C 258 -24.22 -46.69 13.32
N ALA C 259 -24.96 -45.75 13.91
CA ALA C 259 -25.75 -44.81 13.13
C ALA C 259 -24.88 -43.86 12.31
N TYR C 260 -23.89 -43.27 12.98
CA TYR C 260 -22.96 -42.36 12.32
C TYR C 260 -22.11 -43.09 11.28
N LEU C 261 -21.61 -44.26 11.63
CA LEU C 261 -20.76 -45.03 10.72
C LEU C 261 -21.51 -45.52 9.49
N SER C 262 -22.81 -45.81 9.65
CA SER C 262 -23.62 -46.31 8.55
C SER C 262 -23.80 -45.28 7.42
N VAL C 263 -23.97 -44.01 7.80
CA VAL C 263 -24.15 -42.93 6.82
C VAL C 263 -22.93 -42.79 5.93
N GLY C 264 -21.74 -42.94 6.51
CA GLY C 264 -20.50 -42.75 5.78
C GLY C 264 -19.98 -43.96 5.02
N LYS C 265 -20.60 -45.12 5.21
CA LYS C 265 -20.14 -46.38 4.60
C LYS C 265 -19.88 -46.30 3.11
N GLY C 266 -20.75 -45.61 2.38
CA GLY C 266 -20.64 -45.56 0.93
C GLY C 266 -19.64 -44.54 0.43
N SER C 267 -18.94 -43.88 1.34
CA SER C 267 -18.02 -42.81 0.95
C SER C 267 -16.59 -43.30 0.80
N MET C 268 -15.82 -42.61 -0.04
CA MET C 268 -14.41 -42.91 -0.22
C MET C 268 -13.59 -42.22 0.86
N TYR C 269 -14.21 -41.28 1.56
CA TYR C 269 -13.58 -40.58 2.65
C TYR C 269 -14.01 -41.18 3.97
N PRO C 270 -13.04 -41.58 4.81
CA PRO C 270 -13.31 -42.15 6.14
C PRO C 270 -14.01 -41.15 7.06
N ASN C 271 -14.90 -41.64 7.91
CA ASN C 271 -15.56 -40.79 8.89
C ASN C 271 -14.55 -40.19 9.86
N LYS C 272 -14.75 -38.91 10.18
CA LYS C 272 -13.87 -38.23 11.11
C LYS C 272 -14.71 -37.44 12.11
N PHE C 273 -14.58 -37.78 13.38
CA PHE C 273 -15.36 -37.10 14.42
C PHE C 273 -14.52 -36.00 15.07
N ILE C 274 -14.95 -34.76 14.90
CA ILE C 274 -14.22 -33.61 15.42
C ILE C 274 -14.62 -33.30 16.86
N HIS C 275 -13.62 -33.16 17.73
CA HIS C 275 -13.86 -32.81 19.12
C HIS C 275 -12.86 -31.74 19.55
N LEU C 276 -13.34 -30.49 19.61
CA LEU C 276 -12.53 -29.38 20.08
C LEU C 276 -12.96 -29.02 21.50
N THR C 277 -12.03 -28.54 22.32
CA THR C 277 -12.37 -28.17 23.68
C THR C 277 -11.72 -26.85 24.10
N TYR C 278 -12.53 -25.96 24.67
CA TYR C 278 -12.02 -24.76 25.32
C TYR C 278 -12.26 -24.88 26.82
N LYS C 279 -11.22 -24.71 27.62
CA LYS C 279 -11.40 -24.71 29.06
C LYS C 279 -10.86 -23.40 29.64
N SER C 280 -11.69 -22.74 30.45
CA SER C 280 -11.30 -21.47 31.06
C SER C 280 -10.26 -21.64 32.16
N LYS C 281 -9.41 -20.63 32.32
CA LYS C 281 -8.40 -20.61 33.36
C LYS C 281 -9.02 -20.27 34.71
N GLY C 282 -9.58 -21.26 35.39
CA GLY C 282 -10.23 -21.02 36.66
C GLY C 282 -11.40 -21.93 36.93
N ASP C 283 -12.28 -21.52 37.85
CA ASP C 283 -13.44 -22.32 38.21
C ASP C 283 -14.44 -22.40 37.06
N VAL C 284 -14.81 -23.63 36.71
CA VAL C 284 -15.78 -23.87 35.64
C VAL C 284 -17.20 -23.85 36.21
N LYS C 285 -18.05 -22.98 35.70
CA LYS C 285 -19.39 -22.83 36.25
C LYS C 285 -20.42 -23.41 35.30
N LYS C 286 -20.09 -23.47 34.01
CA LYS C 286 -20.97 -24.07 33.00
C LYS C 286 -20.19 -24.93 32.02
N LYS C 287 -20.72 -26.12 31.75
CA LYS C 287 -20.17 -26.99 30.72
C LYS C 287 -21.14 -27.11 29.56
N ILE C 288 -20.68 -26.81 28.35
CA ILE C 288 -21.55 -26.77 27.19
C ILE C 288 -21.00 -27.61 26.05
N ALA C 289 -21.87 -28.41 25.44
CA ALA C 289 -21.51 -29.16 24.25
C ALA C 289 -22.25 -28.59 23.05
N LEU C 290 -21.49 -28.15 22.06
CA LEU C 290 -22.05 -27.65 20.81
C LEU C 290 -21.84 -28.66 19.69
N VAL C 291 -22.94 -29.16 19.14
CA VAL C 291 -22.88 -30.20 18.12
C VAL C 291 -23.32 -29.68 16.76
N GLY C 292 -22.49 -29.88 15.75
CA GLY C 292 -22.83 -29.42 14.41
C GLY C 292 -22.95 -30.57 13.43
N LYS C 293 -23.99 -30.53 12.60
CA LYS C 293 -24.14 -31.51 11.53
C LYS C 293 -23.07 -31.29 10.49
N GLY C 294 -22.32 -32.36 10.19
CA GLY C 294 -21.19 -32.25 9.29
C GLY C 294 -21.24 -33.20 8.12
N ILE C 295 -22.23 -33.03 7.26
CA ILE C 295 -22.31 -33.80 6.03
C ILE C 295 -21.67 -33.01 4.90
N THR C 296 -20.48 -33.42 4.47
CA THR C 296 -19.72 -32.66 3.49
C THR C 296 -20.41 -32.63 2.14
N PHE C 297 -21.15 -33.70 1.83
CA PHE C 297 -22.05 -33.71 0.68
C PHE C 297 -23.22 -34.64 0.91
N ASP C 298 -24.42 -34.16 0.61
CA ASP C 298 -25.62 -34.96 0.75
C ASP C 298 -26.22 -35.27 -0.61
N SER C 299 -25.92 -36.45 -1.13
CA SER C 299 -26.47 -36.91 -2.39
C SER C 299 -27.86 -37.48 -2.17
N GLY C 300 -28.14 -37.86 -0.93
CA GLY C 300 -29.39 -38.49 -0.57
C GLY C 300 -29.25 -39.98 -0.34
N GLY C 301 -28.13 -40.54 -0.79
CA GLY C 301 -27.94 -41.99 -0.74
C GLY C 301 -28.78 -42.64 -1.82
N TYR C 302 -29.20 -43.88 -1.59
CA TYR C 302 -30.02 -44.58 -2.57
C TYR C 302 -31.38 -43.91 -2.73
N ASN C 303 -31.78 -43.15 -1.70
CA ASN C 303 -32.88 -42.20 -1.84
C ASN C 303 -32.36 -40.91 -2.47
N LEU C 304 -31.81 -41.06 -3.67
CA LEU C 304 -31.11 -39.98 -4.35
C LEU C 304 -31.95 -38.72 -4.49
N LYS C 305 -31.30 -37.57 -4.32
CA LYS C 305 -31.95 -36.29 -4.55
C LYS C 305 -32.12 -36.10 -6.06
N ALA C 306 -33.15 -36.74 -6.61
CA ALA C 306 -33.38 -36.70 -8.05
C ALA C 306 -34.67 -35.99 -8.39
N ALA C 307 -35.50 -35.75 -7.37
CA ALA C 307 -36.77 -35.05 -7.55
C ALA C 307 -36.55 -33.57 -7.83
N PRO C 308 -37.48 -32.95 -8.58
CA PRO C 308 -37.40 -31.50 -8.84
C PRO C 308 -37.44 -30.68 -7.56
N GLY C 309 -36.52 -29.72 -7.43
CA GLY C 309 -36.49 -28.86 -6.27
C GLY C 309 -35.66 -29.41 -5.12
N SER C 310 -34.91 -30.47 -5.38
CA SER C 310 -34.10 -31.11 -4.35
C SER C 310 -32.77 -30.39 -4.10
N MET C 311 -32.40 -29.52 -5.03
CA MET C 311 -31.21 -28.66 -4.89
C MET C 311 -29.94 -29.46 -4.60
N ILE C 312 -29.71 -30.50 -5.39
CA ILE C 312 -28.55 -31.37 -5.16
C ILE C 312 -27.24 -30.63 -5.41
N ASP C 313 -27.27 -29.61 -6.26
CA ASP C 313 -26.05 -28.89 -6.61
C ASP C 313 -25.61 -27.96 -5.50
N LEU C 314 -26.44 -27.85 -4.46
CA LEU C 314 -26.11 -26.99 -3.33
C LEU C 314 -25.66 -27.79 -2.11
N MET C 315 -25.78 -29.11 -2.17
CA MET C 315 -25.65 -29.94 -0.96
C MET C 315 -24.25 -30.00 -0.34
N LYS C 316 -23.34 -29.14 -0.82
CA LYS C 316 -22.08 -28.89 -0.15
C LYS C 316 -22.41 -28.13 1.13
N PHE C 317 -23.54 -27.45 1.04
CA PHE C 317 -24.21 -26.70 2.11
C PHE C 317 -24.52 -27.51 3.38
N ASP C 318 -24.55 -28.84 3.26
CA ASP C 318 -25.05 -29.70 4.33
C ASP C 318 -24.11 -29.86 5.53
N MET C 319 -22.99 -29.14 5.52
CA MET C 319 -22.09 -29.14 6.67
C MET C 319 -22.04 -27.79 7.36
N SER C 320 -23.05 -26.96 7.08
CA SER C 320 -23.15 -25.61 7.63
C SER C 320 -23.18 -25.60 9.16
N GLY C 321 -23.85 -26.58 9.75
CA GLY C 321 -23.93 -26.68 11.19
C GLY C 321 -22.56 -26.85 11.79
N CYS C 322 -21.77 -27.73 11.19
CA CYS C 322 -20.40 -27.95 11.60
C CYS C 322 -19.56 -26.68 11.48
N ALA C 323 -19.72 -25.99 10.36
CA ALA C 323 -18.99 -24.76 10.09
C ALA C 323 -19.31 -23.68 11.13
N ALA C 324 -20.58 -23.59 11.51
CA ALA C 324 -21.02 -22.63 12.51
C ALA C 324 -20.34 -22.92 13.84
N VAL C 325 -20.26 -24.20 14.19
CA VAL C 325 -19.63 -24.63 15.43
C VAL C 325 -18.13 -24.29 15.42
N LEU C 326 -17.49 -24.55 14.28
CA LEU C 326 -16.06 -24.25 14.15
C LEU C 326 -15.82 -22.75 14.13
N GLY C 327 -16.74 -22.01 13.53
CA GLY C 327 -16.65 -20.56 13.51
C GLY C 327 -16.79 -20.00 14.90
N CYS C 328 -17.65 -20.64 15.70
CA CYS C 328 -17.83 -20.26 17.10
C CYS C 328 -16.56 -20.55 17.90
N ALA C 329 -15.91 -21.66 17.59
CA ALA C 329 -14.67 -22.02 18.25
C ALA C 329 -13.61 -20.94 18.08
N TYR C 330 -13.57 -20.33 16.90
CA TYR C 330 -12.65 -19.23 16.67
C TYR C 330 -12.95 -18.06 17.61
N CYS C 331 -14.22 -17.66 17.66
CA CYS C 331 -14.62 -16.53 18.50
C CYS C 331 -14.37 -16.82 19.97
N VAL C 332 -14.76 -18.00 20.42
CA VAL C 332 -14.56 -18.39 21.81
C VAL C 332 -13.06 -18.51 22.13
N GLY C 333 -12.31 -19.14 21.23
CA GLY C 333 -10.88 -19.29 21.41
C GLY C 333 -10.10 -17.97 21.37
N THR C 334 -10.65 -16.97 20.69
CA THR C 334 -10.00 -15.67 20.57
C THR C 334 -10.42 -14.72 21.70
N LEU C 335 -11.72 -14.65 21.96
CA LEU C 335 -12.23 -13.75 23.00
C LEU C 335 -11.96 -14.32 24.38
N LYS C 336 -11.80 -15.64 24.45
CA LYS C 336 -11.45 -16.34 25.68
C LYS C 336 -12.33 -15.99 26.86
N PRO C 337 -13.61 -16.40 26.82
CA PRO C 337 -14.49 -16.16 27.97
C PRO C 337 -14.05 -17.01 29.16
N GLU C 338 -14.46 -16.64 30.36
CA GLU C 338 -14.06 -17.38 31.55
C GLU C 338 -15.23 -18.07 32.21
N ASN C 339 -14.92 -18.95 33.17
CA ASN C 339 -15.92 -19.72 33.91
C ASN C 339 -16.76 -20.64 33.04
N VAL C 340 -16.21 -21.06 31.90
CA VAL C 340 -16.93 -21.94 30.99
C VAL C 340 -16.02 -22.99 30.37
N GLU C 341 -16.57 -24.18 30.16
CA GLU C 341 -15.88 -25.25 29.43
C GLU C 341 -16.74 -25.64 28.23
N ILE C 342 -16.19 -25.50 27.02
CA ILE C 342 -16.97 -25.74 25.82
C ILE C 342 -16.44 -26.90 24.98
N HIS C 343 -17.33 -27.81 24.59
CA HIS C 343 -16.97 -28.88 23.67
C HIS C 343 -17.55 -28.62 22.29
N PHE C 344 -16.68 -28.61 21.28
CA PHE C 344 -17.12 -28.41 19.91
C PHE C 344 -17.12 -29.74 19.16
N LEU C 345 -18.31 -30.27 18.87
CA LEU C 345 -18.44 -31.61 18.32
C LEU C 345 -19.03 -31.60 16.92
N SER C 346 -18.55 -32.53 16.10
CA SER C 346 -19.13 -32.73 14.77
C SER C 346 -18.82 -34.12 14.23
N ALA C 347 -19.87 -34.89 13.93
CA ALA C 347 -19.71 -36.19 13.30
C ALA C 347 -19.65 -36.02 11.80
N VAL C 348 -18.45 -35.88 11.26
CA VAL C 348 -18.27 -35.55 9.85
C VAL C 348 -18.21 -36.79 8.95
N CYS C 349 -18.99 -36.76 7.87
CA CYS C 349 -18.96 -37.82 6.88
C CYS C 349 -19.57 -37.36 5.56
N GLU C 350 -19.73 -38.30 4.64
CA GLU C 350 -20.27 -38.01 3.31
C GLU C 350 -21.33 -39.04 2.96
N ASN C 351 -22.47 -38.58 2.44
CA ASN C 351 -23.58 -39.47 2.09
C ASN C 351 -23.62 -39.75 0.59
N MET C 352 -23.09 -40.91 0.19
CA MET C 352 -22.90 -41.21 -1.22
C MET C 352 -23.58 -42.50 -1.67
N VAL C 353 -23.63 -42.70 -2.98
CA VAL C 353 -24.18 -43.92 -3.55
C VAL C 353 -23.06 -44.85 -4.00
N SER C 354 -23.11 -46.08 -3.54
CA SER C 354 -22.04 -47.04 -3.77
C SER C 354 -22.50 -48.46 -3.46
N LYS C 355 -21.67 -49.44 -3.78
CA LYS C 355 -21.95 -50.81 -3.42
C LYS C 355 -21.81 -50.98 -1.91
N ASN C 356 -21.12 -50.04 -1.27
CA ASN C 356 -20.88 -50.09 0.16
C ASN C 356 -21.88 -49.27 0.97
N SER C 357 -22.74 -48.52 0.27
CA SER C 357 -23.70 -47.64 0.93
C SER C 357 -24.74 -48.41 1.75
N TYR C 358 -25.28 -47.74 2.77
CA TYR C 358 -26.35 -48.34 3.55
C TYR C 358 -27.66 -48.19 2.78
N ARG C 359 -28.55 -49.16 2.96
CA ARG C 359 -29.76 -49.25 2.16
C ARG C 359 -31.00 -48.81 2.93
N PRO C 360 -32.03 -48.34 2.20
CA PRO C 360 -33.34 -48.13 2.81
C PRO C 360 -33.86 -49.46 3.37
N GLY C 361 -34.26 -49.47 4.64
CA GLY C 361 -34.74 -50.69 5.26
C GLY C 361 -33.75 -51.30 6.24
N ASP C 362 -32.49 -50.88 6.15
CA ASP C 362 -31.47 -51.36 7.07
C ASP C 362 -31.78 -51.02 8.52
N ILE C 363 -31.44 -51.93 9.42
CA ILE C 363 -31.58 -51.66 10.84
C ILE C 363 -30.18 -51.50 11.45
N ILE C 364 -29.95 -50.36 12.08
CA ILE C 364 -28.64 -50.03 12.61
C ILE C 364 -28.69 -49.77 14.11
N THR C 365 -27.57 -49.96 14.80
CA THR C 365 -27.56 -49.81 16.25
C THR C 365 -26.75 -48.58 16.68
N ALA C 366 -27.41 -47.67 17.38
CA ALA C 366 -26.76 -46.47 17.90
C ALA C 366 -25.85 -46.80 19.08
N SER C 367 -24.99 -45.86 19.45
CA SER C 367 -24.04 -46.09 20.53
C SER C 367 -24.70 -46.21 21.90
N ASN C 368 -25.99 -45.90 21.99
CA ASN C 368 -26.72 -46.07 23.24
C ASN C 368 -27.51 -47.37 23.25
N GLY C 369 -27.33 -48.18 22.20
CA GLY C 369 -27.95 -49.49 22.13
C GLY C 369 -29.29 -49.55 21.41
N LYS C 370 -29.87 -48.40 21.12
CA LYS C 370 -31.15 -48.36 20.43
C LYS C 370 -31.01 -48.75 18.97
N THR C 371 -31.85 -49.67 18.52
CA THR C 371 -31.86 -50.07 17.12
C THR C 371 -32.79 -49.15 16.32
N ILE C 372 -32.33 -48.77 15.14
CA ILE C 372 -33.03 -47.81 14.30
C ILE C 372 -33.31 -48.41 12.91
N GLU C 373 -34.57 -48.34 12.49
CA GLU C 373 -34.91 -48.79 11.15
C GLU C 373 -34.83 -47.62 10.17
N VAL C 374 -33.96 -47.76 9.18
CA VAL C 374 -33.79 -46.71 8.19
C VAL C 374 -34.89 -46.78 7.14
N GLY C 375 -35.70 -45.74 7.06
CA GLY C 375 -36.78 -45.68 6.09
C GLY C 375 -36.42 -44.80 4.90
N ASN C 376 -35.44 -43.93 5.10
CA ASN C 376 -35.00 -43.01 4.05
C ASN C 376 -33.56 -42.60 4.26
N THR C 377 -32.69 -42.96 3.32
CA THR C 377 -31.27 -42.69 3.44
C THR C 377 -30.94 -41.20 3.28
N ASP C 378 -31.91 -40.41 2.84
CA ASP C 378 -31.70 -38.98 2.68
C ASP C 378 -31.99 -38.24 3.99
N ALA C 379 -32.42 -38.99 5.01
CA ALA C 379 -32.59 -38.44 6.34
C ALA C 379 -31.41 -38.84 7.20
N GLU C 380 -30.22 -38.63 6.68
CA GLU C 380 -28.98 -39.10 7.31
C GLU C 380 -28.49 -38.17 8.43
N GLY C 381 -28.95 -36.92 8.40
CA GLY C 381 -28.51 -35.95 9.39
C GLY C 381 -28.81 -36.35 10.82
N ARG C 382 -30.03 -36.82 11.06
CA ARG C 382 -30.45 -37.20 12.40
C ARG C 382 -29.71 -38.44 12.90
N LEU C 383 -29.25 -39.27 11.96
CA LEU C 383 -28.51 -40.46 12.32
C LEU C 383 -27.13 -40.12 12.88
N THR C 384 -26.43 -39.22 12.20
CA THR C 384 -25.11 -38.81 12.65
C THR C 384 -25.22 -37.98 13.93
N LEU C 385 -26.27 -37.15 14.01
CA LEU C 385 -26.50 -36.33 15.19
C LEU C 385 -26.82 -37.21 16.39
N ALA C 386 -27.50 -38.33 16.15
CA ALA C 386 -27.88 -39.26 17.20
C ALA C 386 -26.67 -39.75 17.98
N ASP C 387 -25.67 -40.25 17.27
CA ASP C 387 -24.45 -40.71 17.92
C ASP C 387 -23.70 -39.55 18.55
N ALA C 388 -23.75 -38.41 17.90
CA ALA C 388 -23.08 -37.21 18.39
C ALA C 388 -23.69 -36.74 19.71
N LEU C 389 -25.00 -36.85 19.83
CA LEU C 389 -25.70 -36.44 21.05
C LEU C 389 -25.36 -37.37 22.20
N VAL C 390 -25.24 -38.67 21.89
CA VAL C 390 -24.87 -39.65 22.89
C VAL C 390 -23.46 -39.40 23.41
N TYR C 391 -22.55 -39.06 22.50
CA TYR C 391 -21.18 -38.71 22.86
C TYR C 391 -21.18 -37.45 23.71
N ALA C 392 -21.98 -36.46 23.30
CA ALA C 392 -22.04 -35.19 24.01
C ALA C 392 -22.49 -35.38 25.45
N GLU C 393 -23.52 -36.21 25.64
CA GLU C 393 -24.07 -36.41 26.98
C GLU C 393 -23.11 -37.16 27.90
N LYS C 394 -22.27 -38.03 27.32
CA LYS C 394 -21.27 -38.74 28.09
C LYS C 394 -20.18 -37.82 28.63
N LEU C 395 -20.07 -36.63 28.06
CA LEU C 395 -19.10 -35.65 28.52
C LEU C 395 -19.54 -35.01 29.84
N GLY C 396 -20.80 -35.22 30.21
CA GLY C 396 -21.32 -34.68 31.45
C GLY C 396 -21.42 -33.17 31.43
N VAL C 397 -22.16 -32.66 30.45
CA VAL C 397 -22.32 -31.22 30.30
C VAL C 397 -23.67 -30.75 30.87
N ASP C 398 -23.83 -29.45 30.97
CA ASP C 398 -25.08 -28.88 31.46
C ASP C 398 -26.04 -28.63 30.30
N TYR C 399 -25.49 -28.15 29.19
CA TYR C 399 -26.29 -27.89 28.00
C TYR C 399 -25.73 -28.55 26.75
N ILE C 400 -26.62 -29.13 25.96
CA ILE C 400 -26.28 -29.60 24.63
C ILE C 400 -27.07 -28.82 23.60
N VAL C 401 -26.36 -28.12 22.72
CA VAL C 401 -27.02 -27.38 21.65
C VAL C 401 -26.52 -27.87 20.31
N ASP C 402 -27.40 -28.44 19.50
CA ASP C 402 -27.01 -28.87 18.17
C ASP C 402 -27.57 -27.90 17.14
N ILE C 403 -26.82 -27.70 16.06
CA ILE C 403 -27.22 -26.80 14.99
C ILE C 403 -27.02 -27.55 13.67
N ALA C 404 -28.03 -27.54 12.82
CA ALA C 404 -28.02 -28.43 11.66
C ALA C 404 -28.93 -27.98 10.52
N THR C 405 -28.50 -28.28 9.31
CA THR C 405 -29.34 -28.16 8.13
C THR C 405 -30.14 -29.43 7.98
N LEU C 406 -31.10 -29.62 8.88
CA LEU C 406 -31.77 -30.91 9.02
C LEU C 406 -32.91 -31.15 8.04
N THR C 407 -33.85 -30.21 7.96
CA THR C 407 -35.04 -30.43 7.15
C THR C 407 -35.36 -29.27 6.21
N GLY C 408 -35.72 -29.60 4.96
CA GLY C 408 -36.10 -28.60 3.99
C GLY C 408 -37.47 -28.01 4.29
N ALA C 409 -38.20 -28.66 5.19
CA ALA C 409 -39.52 -28.19 5.60
C ALA C 409 -39.45 -26.81 6.24
N MET C 410 -38.25 -26.45 6.71
CA MET C 410 -38.03 -25.13 7.29
C MET C 410 -38.35 -24.01 6.30
N LEU C 411 -38.12 -24.28 5.02
CA LEU C 411 -38.42 -23.30 3.98
C LEU C 411 -39.93 -23.02 3.89
N TYR C 412 -40.73 -23.98 4.32
CA TYR C 412 -42.19 -23.85 4.27
C TYR C 412 -42.76 -23.37 5.60
N SER C 413 -41.98 -23.47 6.67
CA SER C 413 -42.43 -23.05 8.00
C SER C 413 -41.99 -21.62 8.33
N LEU C 414 -40.68 -21.39 8.38
CA LEU C 414 -40.16 -20.09 8.76
C LEU C 414 -39.52 -19.34 7.60
N GLY C 415 -39.17 -20.08 6.55
CA GLY C 415 -38.59 -19.47 5.37
C GLY C 415 -37.08 -19.32 5.41
N THR C 416 -36.59 -18.24 4.82
CA THR C 416 -35.16 -18.05 4.62
C THR C 416 -34.50 -17.08 5.60
N SER C 417 -35.29 -16.47 6.49
CA SER C 417 -34.73 -15.49 7.41
C SER C 417 -34.66 -15.98 8.85
N TYR C 418 -35.65 -16.76 9.28
CA TYR C 418 -35.72 -17.21 10.66
C TYR C 418 -35.43 -18.70 10.80
N ALA C 419 -34.51 -19.04 11.69
CA ALA C 419 -34.26 -20.44 12.00
C ALA C 419 -35.22 -20.92 13.09
N GLY C 420 -35.45 -22.22 13.14
CA GLY C 420 -36.32 -22.80 14.14
C GLY C 420 -35.54 -23.46 15.25
N VAL C 421 -36.02 -23.31 16.48
CA VAL C 421 -35.41 -23.97 17.62
C VAL C 421 -36.38 -24.88 18.34
N PHE C 422 -35.92 -26.10 18.64
CA PHE C 422 -36.69 -27.08 19.39
C PHE C 422 -35.85 -27.48 20.60
N GLY C 423 -36.50 -27.99 21.65
CA GLY C 423 -35.77 -28.40 22.83
C GLY C 423 -36.62 -29.12 23.88
N ASN C 424 -35.95 -29.65 24.89
CA ASN C 424 -36.63 -30.34 25.99
C ASN C 424 -36.59 -29.52 27.27
N ASN C 425 -36.05 -28.31 27.16
CA ASN C 425 -35.82 -27.46 28.33
C ASN C 425 -36.15 -25.99 28.07
N GLU C 426 -37.09 -25.46 28.84
CA GLU C 426 -37.61 -24.11 28.58
C GLU C 426 -36.60 -23.02 28.91
N GLU C 427 -35.74 -23.26 29.90
CA GLU C 427 -34.74 -22.29 30.27
C GLU C 427 -33.67 -22.17 29.18
N LEU C 428 -33.25 -23.31 28.64
CA LEU C 428 -32.26 -23.32 27.56
C LEU C 428 -32.79 -22.65 26.29
N ILE C 429 -34.05 -22.93 25.95
CA ILE C 429 -34.66 -22.33 24.78
C ILE C 429 -34.69 -20.80 24.89
N ASN C 430 -35.06 -20.31 26.07
CA ASN C 430 -35.07 -18.88 26.33
C ASN C 430 -33.67 -18.28 26.18
N LYS C 431 -32.67 -19.04 26.61
CA LYS C 431 -31.29 -18.61 26.47
C LYS C 431 -30.89 -18.51 24.99
N ILE C 432 -31.35 -19.47 24.19
CA ILE C 432 -31.10 -19.45 22.75
C ILE C 432 -31.78 -18.25 22.11
N LEU C 433 -33.02 -17.98 22.52
CA LEU C 433 -33.76 -16.85 22.01
C LEU C 433 -33.12 -15.52 22.40
N GLN C 434 -32.63 -15.46 23.63
CA GLN C 434 -31.95 -14.26 24.12
C GLN C 434 -30.68 -14.01 23.32
N SER C 435 -29.96 -15.09 23.02
CA SER C 435 -28.76 -15.00 22.21
C SER C 435 -29.08 -14.54 20.79
N SER C 436 -30.26 -14.93 20.31
CA SER C 436 -30.72 -14.53 18.99
C SER C 436 -30.91 -13.02 18.90
N LYS C 437 -31.44 -12.43 19.98
CA LYS C 437 -31.70 -11.00 20.02
C LYS C 437 -30.42 -10.19 19.98
N THR C 438 -29.43 -10.59 20.78
CA THR C 438 -28.19 -9.82 20.89
C THR C 438 -27.24 -10.06 19.72
N SER C 439 -27.36 -11.22 19.09
CA SER C 439 -26.52 -11.53 17.93
C SER C 439 -27.20 -11.06 16.64
N ASN C 440 -28.49 -10.76 16.75
CA ASN C 440 -29.30 -10.36 15.60
C ASN C 440 -29.33 -11.41 14.50
N GLU C 441 -29.24 -12.67 14.92
CA GLU C 441 -29.50 -13.81 14.04
C GLU C 441 -30.83 -14.43 14.47
N PRO C 442 -31.90 -14.12 13.73
CA PRO C 442 -33.29 -14.40 14.14
C PRO C 442 -33.60 -15.88 14.28
N VAL C 443 -34.20 -16.23 15.42
CA VAL C 443 -34.58 -17.61 15.69
C VAL C 443 -36.00 -17.62 16.26
N TRP C 444 -36.79 -18.63 15.89
CA TRP C 444 -38.15 -18.74 16.38
C TRP C 444 -38.38 -20.08 17.05
N TRP C 445 -39.10 -20.05 18.17
CA TRP C 445 -39.35 -21.27 18.93
C TRP C 445 -40.44 -22.10 18.27
N LEU C 446 -40.09 -23.34 17.91
CA LEU C 446 -41.06 -24.27 17.35
C LEU C 446 -41.24 -25.45 18.31
N PRO C 447 -42.43 -26.05 18.34
CA PRO C 447 -42.75 -27.07 19.35
C PRO C 447 -42.33 -28.49 18.98
N ILE C 448 -41.98 -29.29 19.97
CA ILE C 448 -41.81 -30.73 19.79
C ILE C 448 -43.09 -31.44 20.21
N ILE C 449 -43.92 -31.78 19.23
CA ILE C 449 -45.25 -32.31 19.51
C ILE C 449 -45.20 -33.81 19.78
N ASN C 450 -45.40 -34.18 21.05
CA ASN C 450 -45.29 -35.58 21.47
C ASN C 450 -46.32 -36.49 20.84
N GLU C 451 -47.41 -35.92 20.34
CA GLU C 451 -48.47 -36.73 19.72
C GLU C 451 -47.97 -37.47 18.48
N TYR C 452 -46.94 -36.94 17.83
CA TYR C 452 -46.43 -37.54 16.60
C TYR C 452 -45.44 -38.66 16.88
N ARG C 453 -45.03 -38.82 18.14
CA ARG C 453 -44.04 -39.82 18.53
C ARG C 453 -44.42 -41.23 18.13
N ALA C 454 -45.71 -41.54 18.17
CA ALA C 454 -46.18 -42.90 17.88
C ALA C 454 -45.91 -43.32 16.43
N THR C 455 -45.74 -42.35 15.54
CA THR C 455 -45.50 -42.65 14.14
C THR C 455 -44.07 -43.11 13.91
N LEU C 456 -43.25 -43.02 14.95
CA LEU C 456 -41.87 -43.48 14.89
C LEU C 456 -41.71 -44.88 15.48
N ASN C 457 -42.83 -45.49 15.85
CA ASN C 457 -42.82 -46.86 16.39
C ASN C 457 -42.57 -47.91 15.30
N SER C 458 -41.40 -48.52 15.33
CA SER C 458 -41.04 -49.55 14.36
C SER C 458 -41.57 -50.92 14.78
N LYS C 459 -41.92 -51.73 13.79
CA LYS C 459 -42.40 -53.08 14.02
C LYS C 459 -41.28 -54.01 14.48
N TYR C 460 -40.06 -53.72 14.03
CA TYR C 460 -38.94 -54.61 14.29
C TYR C 460 -37.82 -53.97 15.11
N ALA C 461 -37.49 -52.72 14.81
CA ALA C 461 -36.45 -52.02 15.55
C ALA C 461 -37.06 -51.28 16.73
N ASP C 462 -36.20 -50.67 17.55
CA ASP C 462 -36.66 -49.90 18.70
C ASP C 462 -37.40 -48.64 18.26
N ILE C 463 -36.97 -48.07 17.14
CA ILE C 463 -37.54 -46.82 16.67
C ILE C 463 -37.37 -46.66 15.16
N ASN C 464 -38.30 -45.97 14.53
CA ASN C 464 -38.19 -45.61 13.12
C ASN C 464 -37.37 -44.34 12.95
N GLN C 465 -36.63 -44.27 11.85
CA GLN C 465 -35.88 -43.08 11.50
C GLN C 465 -36.81 -41.95 11.05
N ILE C 466 -37.83 -42.32 10.26
CA ILE C 466 -38.78 -41.34 9.73
C ILE C 466 -40.22 -41.79 9.94
N SER C 467 -41.15 -40.87 9.70
CA SER C 467 -42.58 -41.21 9.74
C SER C 467 -43.08 -41.58 8.35
N SER C 468 -44.09 -42.44 8.30
CA SER C 468 -44.76 -42.78 7.03
C SER C 468 -46.12 -42.10 6.97
N SER C 469 -46.38 -41.24 7.94
CA SER C 469 -47.61 -40.45 8.07
C SER C 469 -47.21 -38.98 8.05
N VAL C 470 -47.02 -38.45 9.26
CA VAL C 470 -46.80 -37.03 9.50
C VAL C 470 -45.86 -36.38 8.48
N LYS C 471 -46.21 -35.17 8.04
CA LYS C 471 -45.42 -34.45 7.04
C LYS C 471 -44.59 -33.34 7.67
N ALA C 472 -44.80 -33.10 8.97
CA ALA C 472 -44.04 -32.08 9.69
C ALA C 472 -42.64 -32.58 10.04
N SER C 473 -41.79 -32.64 9.02
CA SER C 473 -40.46 -33.24 9.15
C SER C 473 -39.60 -32.62 10.25
N SER C 474 -39.65 -31.31 10.39
CA SER C 474 -38.82 -30.62 11.39
C SER C 474 -39.19 -31.07 12.79
N ILE C 475 -40.48 -31.31 13.02
CA ILE C 475 -40.94 -31.75 14.33
C ILE C 475 -40.60 -33.22 14.55
N VAL C 476 -40.82 -34.03 13.52
CA VAL C 476 -40.54 -35.46 13.61
C VAL C 476 -39.06 -35.71 13.87
N ALA C 477 -38.22 -34.97 13.15
CA ALA C 477 -36.77 -35.09 13.30
C ALA C 477 -36.32 -34.74 14.72
N SER C 478 -36.94 -33.71 15.29
CA SER C 478 -36.64 -33.32 16.66
C SER C 478 -37.07 -34.41 17.65
N LEU C 479 -38.19 -35.06 17.36
CA LEU C 479 -38.66 -36.16 18.20
C LEU C 479 -37.67 -37.33 18.18
N PHE C 480 -37.04 -37.55 17.03
CA PHE C 480 -36.05 -38.60 16.88
C PHE C 480 -34.82 -38.29 17.73
N LEU C 481 -34.30 -37.08 17.58
CA LEU C 481 -33.13 -36.65 18.32
C LEU C 481 -33.36 -36.66 19.83
N LYS C 482 -34.59 -36.34 20.22
CA LYS C 482 -34.97 -36.30 21.64
C LYS C 482 -34.78 -37.66 22.32
N GLU C 483 -34.90 -38.73 21.52
CA GLU C 483 -34.75 -40.09 22.04
C GLU C 483 -33.30 -40.43 22.39
N PHE C 484 -32.37 -39.55 22.02
CA PHE C 484 -30.95 -39.81 22.24
C PHE C 484 -30.32 -38.84 23.24
N VAL C 485 -31.16 -38.11 23.96
CA VAL C 485 -30.72 -37.30 25.08
C VAL C 485 -31.56 -37.68 26.29
N GLN C 486 -30.94 -38.37 27.24
CA GLN C 486 -31.68 -39.01 28.32
C GLN C 486 -32.00 -38.07 29.47
N ASN C 487 -31.01 -37.32 29.95
CA ASN C 487 -31.20 -36.49 31.13
C ASN C 487 -30.38 -35.20 31.13
N THR C 488 -30.32 -34.52 29.98
CA THR C 488 -29.58 -33.27 29.87
C THR C 488 -30.41 -32.22 29.14
N ALA C 489 -30.32 -30.97 29.59
CA ALA C 489 -30.95 -29.86 28.90
C ALA C 489 -30.42 -29.75 27.47
N TRP C 490 -31.31 -29.84 26.50
CA TRP C 490 -30.91 -29.90 25.10
C TRP C 490 -31.80 -29.06 24.19
N ALA C 491 -31.17 -28.43 23.21
CA ALA C 491 -31.89 -27.62 22.23
C ALA C 491 -31.35 -27.92 20.84
N HIS C 492 -32.22 -27.76 19.84
CA HIS C 492 -31.88 -28.11 18.47
C HIS C 492 -32.26 -26.99 17.49
N ILE C 493 -31.27 -26.48 16.77
CA ILE C 493 -31.51 -25.39 15.85
C ILE C 493 -31.46 -25.85 14.40
N ASP C 494 -32.61 -25.78 13.73
CA ASP C 494 -32.68 -26.19 12.32
C ASP C 494 -32.44 -24.97 11.42
N ILE C 495 -31.30 -24.96 10.73
CA ILE C 495 -30.90 -23.81 9.91
C ILE C 495 -30.88 -24.14 8.42
N ALA C 496 -31.61 -25.16 8.02
CA ALA C 496 -31.63 -25.58 6.61
C ALA C 496 -32.13 -24.48 5.69
N GLY C 497 -33.02 -23.64 6.19
CA GLY C 497 -33.59 -22.58 5.37
C GLY C 497 -32.81 -21.29 5.37
N VAL C 498 -32.11 -21.01 6.46
CA VAL C 498 -31.47 -19.69 6.62
C VAL C 498 -29.97 -19.69 6.35
N SER C 499 -29.38 -20.87 6.24
CA SER C 499 -27.93 -20.96 6.10
C SER C 499 -27.45 -20.37 4.77
N TRP C 500 -28.14 -20.71 3.68
CA TRP C 500 -27.73 -20.27 2.35
C TRP C 500 -28.50 -19.06 1.86
N ASN C 501 -27.77 -18.07 1.35
CA ASN C 501 -28.35 -16.87 0.77
C ASN C 501 -28.56 -17.04 -0.72
N PHE C 502 -29.79 -17.42 -1.11
CA PHE C 502 -30.09 -17.72 -2.50
C PHE C 502 -30.01 -16.50 -3.41
N LYS C 503 -30.38 -15.34 -2.88
CA LYS C 503 -30.34 -14.10 -3.66
C LYS C 503 -28.90 -13.68 -3.96
N ALA C 504 -28.03 -13.78 -2.96
CA ALA C 504 -26.63 -13.37 -3.10
C ALA C 504 -25.73 -14.51 -3.58
N ARG C 505 -26.29 -15.72 -3.64
CA ARG C 505 -25.56 -16.91 -4.10
C ARG C 505 -24.32 -17.20 -3.26
N LYS C 506 -24.46 -17.12 -1.95
CA LYS C 506 -23.35 -17.36 -1.03
C LYS C 506 -23.87 -17.78 0.34
N PRO C 507 -23.00 -18.36 1.18
CA PRO C 507 -23.46 -18.73 2.53
C PRO C 507 -23.67 -17.50 3.42
N LYS C 508 -24.38 -17.67 4.52
CA LYS C 508 -24.57 -16.58 5.47
C LYS C 508 -23.63 -16.73 6.67
N GLY C 509 -23.15 -17.95 6.90
CA GLY C 509 -22.38 -18.25 8.09
C GLY C 509 -23.27 -18.15 9.31
N PHE C 510 -24.53 -18.50 9.12
CA PHE C 510 -25.53 -18.38 10.17
C PHE C 510 -25.21 -19.27 11.36
N GLY C 511 -25.30 -18.70 12.57
CA GLY C 511 -25.15 -19.47 13.78
C GLY C 511 -23.90 -19.16 14.59
N VAL C 512 -22.85 -18.66 13.93
CA VAL C 512 -21.59 -18.38 14.60
C VAL C 512 -21.77 -17.35 15.71
N ARG C 513 -22.38 -16.22 15.40
CA ARG C 513 -22.61 -15.16 16.38
C ARG C 513 -23.67 -15.57 17.41
N LEU C 514 -24.66 -16.33 16.99
CA LEU C 514 -25.69 -16.83 17.88
C LEU C 514 -25.10 -17.73 18.97
N LEU C 515 -24.30 -18.70 18.55
CA LEU C 515 -23.68 -19.63 19.49
C LEU C 515 -22.67 -18.94 20.39
N THR C 516 -21.95 -17.96 19.83
CA THR C 516 -20.93 -17.25 20.58
C THR C 516 -21.54 -16.36 21.66
N GLU C 517 -22.59 -15.64 21.31
CA GLU C 517 -23.31 -14.82 22.27
C GLU C 517 -23.89 -15.70 23.37
N PHE C 518 -24.32 -16.90 22.99
CA PHE C 518 -24.87 -17.88 23.93
C PHE C 518 -23.82 -18.28 24.96
N VAL C 519 -22.60 -18.54 24.48
CA VAL C 519 -21.49 -18.95 25.34
C VAL C 519 -21.00 -17.78 26.19
N LEU C 520 -20.92 -16.61 25.58
CA LEU C 520 -20.37 -15.44 26.26
C LEU C 520 -21.26 -14.94 27.39
N ASN C 521 -22.56 -14.85 27.13
CA ASN C 521 -23.50 -14.31 28.12
C ASN C 521 -24.01 -15.38 29.08
N ALA D 4 -84.38 -16.33 4.00
CA ALA D 4 -84.01 -17.56 3.32
C ALA D 4 -84.03 -17.38 1.79
N SER D 5 -83.01 -17.92 1.13
CA SER D 5 -82.92 -17.85 -0.32
C SER D 5 -83.20 -19.21 -0.95
N GLU D 6 -83.54 -19.19 -2.24
CA GLU D 6 -83.83 -20.41 -2.98
C GLU D 6 -82.54 -21.04 -3.53
N VAL D 7 -82.30 -22.31 -3.20
CA VAL D 7 -81.11 -23.00 -3.68
C VAL D 7 -81.30 -23.47 -5.13
N PRO D 8 -80.43 -22.98 -6.02
CA PRO D 8 -80.47 -23.39 -7.44
C PRO D 8 -80.15 -24.86 -7.63
N GLN D 9 -80.74 -25.46 -8.66
CA GLN D 9 -80.55 -26.88 -8.96
C GLN D 9 -80.21 -27.12 -10.43
N VAL D 10 -79.45 -28.17 -10.69
CA VAL D 10 -79.22 -28.59 -12.07
C VAL D 10 -80.27 -29.65 -12.43
N VAL D 11 -80.49 -30.57 -11.50
CA VAL D 11 -81.55 -31.55 -11.64
C VAL D 11 -82.40 -31.54 -10.36
N SER D 12 -83.62 -32.08 -10.44
CA SER D 12 -84.54 -32.02 -9.32
C SER D 12 -84.08 -32.84 -8.13
N LEU D 13 -83.11 -33.72 -8.37
CA LEU D 13 -82.60 -34.60 -7.31
C LEU D 13 -81.52 -33.93 -6.47
N ASP D 14 -81.09 -32.75 -6.89
CA ASP D 14 -80.09 -31.98 -6.12
C ASP D 14 -80.69 -31.49 -4.81
N PRO D 15 -79.98 -31.72 -3.69
CA PRO D 15 -80.46 -31.31 -2.37
C PRO D 15 -80.58 -29.80 -2.23
N THR D 16 -81.56 -29.33 -1.46
CA THR D 16 -81.79 -27.90 -1.32
C THR D 16 -81.58 -27.39 0.10
N SER D 17 -81.08 -28.25 0.98
CA SER D 17 -80.77 -27.85 2.35
C SER D 17 -79.81 -28.83 3.03
N ILE D 18 -79.09 -28.33 4.03
CA ILE D 18 -78.20 -29.17 4.82
C ILE D 18 -78.96 -29.83 5.96
N PRO D 19 -78.98 -31.18 5.98
CA PRO D 19 -79.61 -31.88 7.10
C PRO D 19 -78.84 -31.62 8.40
N ILE D 20 -79.54 -31.19 9.44
CA ILE D 20 -78.90 -30.87 10.71
C ILE D 20 -79.57 -31.60 11.87
N GLU D 21 -78.76 -32.28 12.68
CA GLU D 21 -79.26 -32.90 13.90
C GLU D 21 -79.04 -31.98 15.09
N TYR D 22 -80.12 -31.42 15.63
CA TYR D 22 -80.02 -30.54 16.78
C TYR D 22 -80.16 -31.33 18.09
N ASN D 23 -81.19 -32.16 18.17
CA ASN D 23 -81.40 -33.00 19.35
C ASN D 23 -80.70 -34.35 19.22
N THR D 24 -79.51 -34.44 19.79
CA THR D 24 -78.72 -35.67 19.73
C THR D 24 -78.96 -36.53 20.96
N PRO D 25 -78.70 -37.85 20.84
CA PRO D 25 -78.81 -38.76 21.99
C PRO D 25 -77.97 -38.32 23.19
N ILE D 26 -76.91 -37.57 22.93
CA ILE D 26 -76.02 -37.04 23.96
C ILE D 26 -76.78 -36.11 24.92
N HIS D 27 -77.72 -35.35 24.39
CA HIS D 27 -78.50 -34.42 25.21
C HIS D 27 -79.45 -35.16 26.15
N ASP D 28 -79.69 -36.44 25.87
CA ASP D 28 -80.57 -37.25 26.72
C ASP D 28 -79.80 -38.01 27.80
N ILE D 29 -78.48 -37.83 27.85
CA ILE D 29 -77.67 -38.51 28.84
C ILE D 29 -77.65 -37.76 30.16
N LYS D 30 -78.09 -38.42 31.23
CA LYS D 30 -78.06 -37.86 32.57
C LYS D 30 -76.69 -38.11 33.20
N VAL D 31 -76.02 -37.03 33.60
CA VAL D 31 -74.66 -37.13 34.14
C VAL D 31 -74.58 -36.89 35.64
N GLN D 32 -74.02 -37.87 36.35
CA GLN D 32 -73.84 -37.77 37.80
C GLN D 32 -72.37 -37.83 38.16
N VAL D 33 -71.94 -36.92 39.03
CA VAL D 33 -70.57 -36.90 39.50
C VAL D 33 -70.52 -37.19 41.00
N TYR D 34 -69.83 -38.27 41.38
CA TYR D 34 -69.71 -38.63 42.78
C TYR D 34 -68.26 -38.50 43.22
N ASP D 35 -68.05 -38.32 44.51
CA ASP D 35 -66.70 -38.25 45.04
C ASP D 35 -66.13 -39.65 45.25
N ILE D 36 -64.91 -39.84 44.78
CA ILE D 36 -64.25 -41.15 44.83
C ILE D 36 -63.95 -41.63 46.25
N LYS D 37 -63.85 -40.71 47.20
CA LYS D 37 -63.48 -41.06 48.57
C LYS D 37 -64.55 -41.88 49.27
N GLY D 38 -65.77 -41.84 48.75
CA GLY D 38 -66.87 -42.57 49.37
C GLY D 38 -67.01 -44.00 48.88
N GLY D 39 -66.18 -44.36 47.89
CA GLY D 39 -66.23 -45.70 47.33
C GLY D 39 -67.19 -45.76 46.15
N CYS D 40 -66.98 -46.73 45.26
CA CYS D 40 -67.82 -46.87 44.07
C CYS D 40 -68.83 -47.99 44.18
N ASN D 41 -70.05 -47.75 43.75
CA ASN D 41 -71.05 -48.81 43.69
C ASN D 41 -71.22 -49.31 42.26
N VAL D 42 -71.14 -50.62 42.08
CA VAL D 42 -71.26 -51.22 40.75
C VAL D 42 -72.50 -52.10 40.69
N GLU D 43 -73.59 -51.49 40.25
CA GLU D 43 -74.91 -52.11 40.20
C GLU D 43 -75.33 -52.25 38.75
N GLU D 44 -75.76 -51.15 38.14
CA GLU D 44 -76.19 -51.17 36.75
C GLU D 44 -75.04 -50.91 35.77
N GLY D 45 -75.23 -51.30 34.52
CA GLY D 45 -74.36 -50.90 33.41
C GLY D 45 -72.91 -51.36 33.33
N LEU D 46 -72.09 -50.50 32.73
CA LEU D 46 -70.68 -50.76 32.51
C LEU D 46 -69.83 -49.80 33.34
N THR D 47 -68.89 -50.35 34.09
CA THR D 47 -68.01 -49.57 34.94
C THR D 47 -66.57 -49.65 34.47
N ILE D 48 -65.99 -48.51 34.14
CA ILE D 48 -64.63 -48.45 33.65
C ILE D 48 -63.72 -47.68 34.59
N PHE D 49 -62.63 -48.30 34.99
CA PHE D 49 -61.63 -47.66 35.83
C PHE D 49 -60.48 -47.09 34.99
N LEU D 50 -60.21 -45.79 35.15
CA LEU D 50 -59.07 -45.19 34.49
C LEU D 50 -57.85 -45.28 35.41
N VAL D 51 -56.91 -46.15 35.04
CA VAL D 51 -55.78 -46.44 35.92
C VAL D 51 -54.43 -46.21 35.25
N ASN D 52 -53.43 -45.86 36.05
CA ASN D 52 -52.06 -45.73 35.55
C ASN D 52 -51.06 -46.43 36.46
N ASN D 53 -49.78 -46.32 36.12
CA ASN D 53 -48.71 -46.82 36.96
C ASN D 53 -47.46 -45.98 36.76
N PRO D 54 -47.26 -44.98 37.62
CA PRO D 54 -46.13 -44.03 37.58
C PRO D 54 -44.75 -44.70 37.51
N GLY D 55 -43.91 -44.15 36.65
CA GLY D 55 -42.59 -44.68 36.31
C GLY D 55 -42.40 -46.18 36.15
N LYS D 56 -43.49 -46.91 35.98
CA LYS D 56 -43.44 -48.33 35.68
C LYS D 56 -43.95 -48.57 34.26
N GLU D 57 -43.14 -48.25 33.26
CA GLU D 57 -43.49 -48.44 31.84
C GLU D 57 -44.25 -49.74 31.61
N ASN D 58 -45.43 -49.63 31.00
CA ASN D 58 -46.35 -50.75 30.81
C ASN D 58 -46.44 -51.67 32.03
N GLY D 59 -46.74 -51.09 33.19
CA GLY D 59 -46.78 -51.86 34.42
C GLY D 59 -48.15 -52.48 34.63
N PRO D 60 -48.26 -53.36 35.63
CA PRO D 60 -49.52 -54.04 35.91
C PRO D 60 -50.62 -53.10 36.41
N VAL D 61 -51.86 -53.49 36.17
CA VAL D 61 -53.02 -52.74 36.62
C VAL D 61 -53.31 -53.03 38.09
N LYS D 62 -53.55 -51.99 38.86
CA LYS D 62 -53.97 -52.15 40.25
C LYS D 62 -55.13 -51.21 40.54
N ILE D 63 -56.27 -51.78 40.93
CA ILE D 63 -57.46 -50.99 41.24
C ILE D 63 -57.49 -50.61 42.71
N SER D 64 -57.46 -49.30 42.98
CA SER D 64 -57.37 -48.82 44.36
C SER D 64 -58.73 -48.60 45.04
N SER D 65 -59.73 -48.17 44.26
CA SER D 65 -61.03 -47.84 44.83
C SER D 65 -61.74 -49.05 45.43
N LYS D 66 -62.43 -48.83 46.54
CA LYS D 66 -63.26 -49.87 47.15
C LYS D 66 -64.63 -49.91 46.48
N VAL D 67 -65.06 -51.10 46.09
CA VAL D 67 -66.38 -51.25 45.47
C VAL D 67 -67.32 -52.05 46.38
N ASN D 68 -68.51 -51.49 46.62
CA ASN D 68 -69.47 -52.09 47.52
C ASN D 68 -70.21 -53.29 46.92
N ASP D 69 -69.46 -54.22 46.35
CA ASP D 69 -70.02 -55.43 45.76
C ASP D 69 -69.00 -56.55 45.82
N LYS D 70 -69.36 -57.65 46.47
CA LYS D 70 -68.45 -58.76 46.71
C LYS D 70 -67.95 -59.43 45.42
N GLN D 71 -68.86 -59.64 44.47
CA GLN D 71 -68.50 -60.29 43.22
C GLN D 71 -67.48 -59.48 42.42
N VAL D 72 -67.72 -58.17 42.35
CA VAL D 72 -66.83 -57.27 41.61
C VAL D 72 -65.50 -57.10 42.36
N SER D 73 -65.56 -57.10 43.69
CA SER D 73 -64.35 -56.93 44.49
C SER D 73 -63.39 -58.10 44.31
N GLU D 74 -63.93 -59.30 44.13
CA GLU D 74 -63.10 -60.46 43.84
C GLU D 74 -62.47 -60.31 42.46
N PHE D 75 -63.22 -59.77 41.53
CA PHE D 75 -62.72 -59.52 40.19
C PHE D 75 -61.58 -58.52 40.17
N LEU D 76 -61.67 -57.48 40.99
CA LEU D 76 -60.70 -56.39 40.96
C LEU D 76 -59.52 -56.55 41.91
N LYS D 77 -59.38 -57.74 42.51
CA LYS D 77 -58.24 -57.98 43.40
C LYS D 77 -56.93 -57.95 42.61
N ASP D 78 -55.85 -57.58 43.29
CA ASP D 78 -54.55 -57.38 42.65
C ASP D 78 -54.09 -58.59 41.84
N GLU D 79 -54.31 -59.79 42.36
CA GLU D 79 -53.89 -61.02 41.70
C GLU D 79 -54.51 -61.18 40.32
N ASN D 80 -55.77 -60.77 40.17
CA ASN D 80 -56.45 -60.85 38.89
C ASN D 80 -56.09 -59.73 37.92
N MET D 81 -55.88 -58.53 38.46
CA MET D 81 -55.68 -57.36 37.62
C MET D 81 -54.24 -57.17 37.16
N GLU D 82 -53.30 -57.81 37.85
CA GLU D 82 -51.89 -57.65 37.52
C GLU D 82 -51.56 -58.30 36.18
N LYS D 83 -52.47 -59.13 35.70
CA LYS D 83 -52.29 -59.81 34.42
C LYS D 83 -52.48 -58.85 33.24
N PHE D 84 -53.05 -57.69 33.53
CA PHE D 84 -53.27 -56.66 32.52
C PHE D 84 -52.30 -55.51 32.77
N ASN D 85 -51.98 -54.76 31.72
CA ASN D 85 -51.04 -53.65 31.86
C ASN D 85 -51.67 -52.30 31.53
N VAL D 86 -50.99 -51.21 31.88
CA VAL D 86 -51.57 -49.88 31.80
C VAL D 86 -51.12 -49.08 30.57
N LYS D 87 -50.57 -49.77 29.56
CA LYS D 87 -50.16 -49.11 28.33
C LYS D 87 -51.29 -48.23 27.80
N LEU D 88 -50.96 -46.99 27.47
CA LEU D 88 -51.94 -45.98 27.05
C LEU D 88 -52.87 -46.48 25.94
N GLY D 89 -54.16 -46.52 26.25
CA GLY D 89 -55.18 -46.93 25.30
C GLY D 89 -55.56 -48.39 25.39
N THR D 90 -54.78 -49.18 26.12
CA THR D 90 -55.09 -50.61 26.27
C THR D 90 -56.28 -50.76 27.22
N SER D 91 -57.21 -51.62 26.87
CA SER D 91 -58.38 -51.85 27.69
C SER D 91 -58.83 -53.30 27.68
N LYS D 92 -59.46 -53.71 28.78
CA LYS D 92 -60.09 -55.03 28.87
C LYS D 92 -61.38 -54.83 29.64
N HIS D 93 -62.46 -55.50 29.24
CA HIS D 93 -63.68 -55.51 30.03
C HIS D 93 -64.34 -56.90 30.03
N PHE D 94 -64.86 -57.28 31.19
CA PHE D 94 -65.50 -58.58 31.37
C PHE D 94 -66.96 -58.41 31.79
N TYR D 95 -67.78 -59.40 31.44
CA TYR D 95 -69.19 -59.40 31.80
C TYR D 95 -69.40 -60.45 32.89
N MET D 96 -70.15 -60.08 33.93
CA MET D 96 -70.33 -60.96 35.08
C MET D 96 -71.60 -60.62 35.85
N PHE D 97 -71.89 -61.40 36.87
CA PHE D 97 -73.02 -61.14 37.75
C PHE D 97 -72.55 -60.52 39.07
N ASN D 98 -73.31 -59.54 39.56
CA ASN D 98 -72.99 -58.90 40.82
C ASN D 98 -73.64 -59.64 41.98
N ASP D 99 -73.66 -59.00 43.15
CA ASP D 99 -74.23 -59.62 44.35
C ASP D 99 -75.72 -59.87 44.19
N ASN D 100 -76.37 -59.01 43.41
CA ASN D 100 -77.81 -59.11 43.19
C ASN D 100 -78.17 -59.94 41.96
N LYS D 101 -77.22 -60.74 41.49
CA LYS D 101 -77.40 -61.59 40.32
C LYS D 101 -77.82 -60.80 39.08
N ASN D 102 -77.36 -59.56 38.99
CA ASN D 102 -77.59 -58.71 37.83
C ASN D 102 -76.37 -58.70 36.92
N SER D 103 -76.60 -58.61 35.61
CA SER D 103 -75.50 -58.59 34.67
C SER D 103 -74.78 -57.24 34.66
N VAL D 104 -73.47 -57.29 34.90
CA VAL D 104 -72.64 -56.09 34.92
C VAL D 104 -71.39 -56.30 34.09
N ALA D 105 -70.85 -55.20 33.57
CA ALA D 105 -69.57 -55.26 32.86
C ALA D 105 -68.54 -54.38 33.56
N VAL D 106 -67.37 -54.94 33.86
CA VAL D 106 -66.34 -54.20 34.57
C VAL D 106 -65.04 -54.26 33.77
N GLY D 107 -64.30 -53.16 33.78
CA GLY D 107 -63.05 -53.09 33.05
C GLY D 107 -62.21 -51.89 33.36
N TYR D 108 -61.19 -51.66 32.54
CA TYR D 108 -60.28 -50.55 32.72
C TYR D 108 -59.78 -50.00 31.39
N VAL D 109 -59.22 -48.80 31.42
CA VAL D 109 -58.48 -48.25 30.29
C VAL D 109 -57.12 -47.76 30.78
N GLY D 110 -56.05 -48.24 30.13
CA GLY D 110 -54.70 -47.86 30.52
C GLY D 110 -54.36 -46.42 30.22
N CYS D 111 -53.84 -45.70 31.22
CA CYS D 111 -53.50 -44.30 31.06
C CYS D 111 -52.00 -44.05 31.16
N GLY D 112 -51.21 -45.07 30.87
CA GLY D 112 -49.77 -44.94 30.80
C GLY D 112 -49.07 -44.82 32.14
N SER D 113 -47.89 -44.20 32.13
CA SER D 113 -47.07 -44.09 33.33
C SER D 113 -46.74 -42.65 33.69
N VAL D 114 -47.26 -41.71 32.90
CA VAL D 114 -47.04 -40.29 33.17
C VAL D 114 -48.22 -39.72 33.94
N ALA D 115 -47.93 -39.02 35.04
CA ALA D 115 -48.97 -38.50 35.93
C ALA D 115 -49.88 -37.46 35.28
N ASP D 116 -49.29 -36.54 34.50
CA ASP D 116 -50.08 -35.47 33.89
C ASP D 116 -50.38 -35.76 32.42
N LEU D 117 -51.63 -36.11 32.15
CA LEU D 117 -52.08 -36.45 30.80
C LEU D 117 -52.25 -35.24 29.90
N SER D 118 -51.79 -35.37 28.66
CA SER D 118 -51.99 -34.33 27.66
C SER D 118 -53.35 -34.52 27.01
N GLU D 119 -53.79 -33.54 26.23
CA GLU D 119 -55.04 -33.66 25.47
C GLU D 119 -55.00 -34.90 24.56
N ALA D 120 -53.86 -35.13 23.92
CA ALA D 120 -53.72 -36.25 23.00
C ALA D 120 -53.81 -37.58 23.73
N ASP D 121 -53.19 -37.63 24.92
CA ASP D 121 -53.25 -38.83 25.75
C ASP D 121 -54.68 -39.11 26.17
N MET D 122 -55.36 -38.07 26.63
CA MET D 122 -56.75 -38.17 27.06
C MET D 122 -57.64 -38.57 25.89
N LYS D 123 -57.30 -38.09 24.70
CA LYS D 123 -58.05 -38.43 23.49
C LYS D 123 -57.97 -39.92 23.18
N ARG D 124 -56.79 -40.51 23.35
CA ARG D 124 -56.62 -41.94 23.13
C ARG D 124 -57.38 -42.75 24.17
N VAL D 125 -57.41 -42.25 25.40
CA VAL D 125 -58.15 -42.88 26.48
C VAL D 125 -59.64 -42.88 26.13
N VAL D 126 -60.14 -41.74 25.70
CA VAL D 126 -61.53 -41.60 25.33
C VAL D 126 -61.88 -42.54 24.17
N LEU D 127 -61.01 -42.57 23.15
CA LEU D 127 -61.25 -43.39 21.98
C LEU D 127 -61.37 -44.86 22.34
N SER D 128 -60.53 -45.31 23.26
CA SER D 128 -60.60 -46.69 23.74
C SER D 128 -61.91 -46.91 24.48
N LEU D 129 -62.32 -45.92 25.24
CA LEU D 129 -63.59 -45.97 25.96
C LEU D 129 -64.76 -46.01 24.99
N VAL D 130 -64.68 -45.21 23.94
CA VAL D 130 -65.74 -45.13 22.94
C VAL D 130 -65.87 -46.45 22.18
N THR D 131 -64.75 -47.11 21.96
CA THR D 131 -64.75 -48.40 21.27
C THR D 131 -65.56 -49.44 22.06
N MET D 132 -65.48 -49.40 23.38
CA MET D 132 -66.25 -50.33 24.20
C MET D 132 -67.72 -49.95 24.22
N LEU D 133 -68.02 -48.66 24.09
CA LEU D 133 -69.41 -48.19 24.09
C LEU D 133 -70.07 -48.57 22.78
N HIS D 134 -69.28 -48.56 21.72
CA HIS D 134 -69.79 -48.96 20.42
C HIS D 134 -69.89 -50.48 20.24
N ASP D 135 -69.64 -51.26 21.29
CA ASP D 135 -69.55 -52.73 21.15
C ASP D 135 -70.18 -53.73 22.15
N ASN D 136 -71.23 -53.42 22.92
CA ASN D 136 -72.19 -52.33 22.75
C ASN D 136 -73.26 -52.35 23.86
N LYS D 137 -74.47 -51.89 23.52
CA LYS D 137 -75.67 -51.90 24.35
C LYS D 137 -75.57 -51.73 25.88
N LEU D 138 -75.11 -50.56 26.32
CA LEU D 138 -75.08 -50.24 27.74
C LEU D 138 -76.28 -49.37 28.10
N SER D 139 -76.72 -49.42 29.35
CA SER D 139 -77.79 -48.54 29.81
C SER D 139 -77.15 -47.40 30.58
N LYS D 140 -76.01 -47.72 31.20
CA LYS D 140 -75.28 -46.77 32.02
C LYS D 140 -73.78 -46.98 31.86
N LEU D 141 -73.04 -45.89 31.76
CA LEU D 141 -71.58 -45.95 31.76
C LEU D 141 -71.08 -45.28 33.02
N THR D 142 -70.17 -45.94 33.72
CA THR D 142 -69.55 -45.37 34.90
C THR D 142 -68.04 -45.31 34.74
N VAL D 143 -67.48 -44.12 34.88
CA VAL D 143 -66.05 -43.93 34.73
C VAL D 143 -65.43 -43.55 36.08
N VAL D 144 -64.45 -44.33 36.51
CA VAL D 144 -63.79 -44.09 37.79
C VAL D 144 -62.38 -43.52 37.58
N PHE D 145 -62.18 -42.27 37.96
CA PHE D 145 -60.91 -41.60 37.75
C PHE D 145 -59.89 -41.90 38.86
N GLU D 146 -58.97 -42.82 38.60
CA GLU D 146 -57.89 -43.08 39.55
C GLU D 146 -56.62 -42.40 39.02
N ILE D 147 -56.83 -41.28 38.32
CA ILE D 147 -55.75 -40.46 37.80
C ILE D 147 -56.03 -39.00 38.13
N ASN D 148 -55.02 -38.15 37.97
CA ASN D 148 -55.17 -36.71 38.23
C ASN D 148 -55.52 -35.91 37.01
N VAL D 149 -56.67 -35.22 37.07
CA VAL D 149 -57.07 -34.30 36.02
C VAL D 149 -57.60 -33.02 36.66
N ASP D 150 -57.27 -31.88 36.05
CA ASP D 150 -57.82 -30.61 36.50
C ASP D 150 -59.21 -30.42 35.91
N LYS D 151 -59.85 -29.31 36.27
CA LYS D 151 -61.22 -29.03 35.83
C LYS D 151 -61.32 -28.93 34.31
N ASN D 152 -60.32 -28.30 33.68
CA ASN D 152 -60.32 -28.14 32.23
C ASN D 152 -60.20 -29.46 31.48
N LEU D 153 -59.34 -30.35 31.97
CA LEU D 153 -59.11 -31.62 31.30
C LEU D 153 -60.31 -32.54 31.48
N PHE D 154 -60.97 -32.42 32.62
CA PHE D 154 -62.18 -33.18 32.87
C PHE D 154 -63.29 -32.76 31.91
N ARG D 155 -63.42 -31.46 31.70
CA ARG D 155 -64.41 -30.95 30.76
C ARG D 155 -64.05 -31.44 29.36
N PHE D 156 -62.76 -31.43 29.04
CA PHE D 156 -62.27 -31.92 27.76
C PHE D 156 -62.61 -33.38 27.58
N PHE D 157 -62.51 -34.15 28.67
CA PHE D 157 -62.85 -35.56 28.66
C PHE D 157 -64.30 -35.77 28.25
N LEU D 158 -65.20 -35.00 28.86
CA LEU D 158 -66.62 -35.11 28.57
C LEU D 158 -66.94 -34.67 27.13
N GLU D 159 -66.39 -33.54 26.73
CA GLU D 159 -66.57 -33.03 25.37
C GLU D 159 -66.12 -34.06 24.35
N THR D 160 -64.92 -34.61 24.57
CA THR D 160 -64.34 -35.57 23.66
C THR D 160 -65.14 -36.86 23.67
N LEU D 161 -65.53 -37.31 24.86
CA LEU D 161 -66.36 -38.50 25.00
C LEU D 161 -67.65 -38.33 24.22
N PHE D 162 -68.36 -37.22 24.45
CA PHE D 162 -69.61 -36.96 23.76
C PHE D 162 -69.41 -36.88 22.24
N TYR D 163 -68.37 -36.17 21.81
CA TYR D 163 -68.10 -35.95 20.39
C TYR D 163 -67.78 -37.25 19.65
N GLU D 164 -66.92 -38.07 20.23
CA GLU D 164 -66.50 -39.32 19.59
C GLU D 164 -67.58 -40.39 19.67
N TYR D 165 -68.37 -40.35 20.74
CA TYR D 165 -69.47 -41.29 20.93
C TYR D 165 -70.53 -41.08 19.87
N MET D 166 -70.78 -39.81 19.54
CA MET D 166 -71.79 -39.44 18.56
C MET D 166 -71.37 -39.84 17.14
N THR D 167 -72.31 -40.40 16.38
CA THR D 167 -72.06 -40.83 15.01
C THR D 167 -73.01 -40.16 14.02
N ASP D 168 -72.45 -39.61 12.95
CA ASP D 168 -73.23 -38.90 11.94
C ASP D 168 -73.83 -39.86 10.93
N GLU D 169 -75.16 -40.01 10.96
CA GLU D 169 -75.84 -40.95 10.09
C GLU D 169 -76.80 -40.26 9.12
N ARG D 170 -76.61 -38.95 8.93
CA ARG D 170 -77.50 -38.16 8.08
C ARG D 170 -77.57 -38.64 6.64
N PHE D 171 -76.47 -39.18 6.14
CA PHE D 171 -76.38 -39.56 4.73
C PHE D 171 -76.37 -41.07 4.56
N LYS D 172 -76.66 -41.77 5.64
CA LYS D 172 -76.84 -43.22 5.62
C LYS D 172 -78.27 -43.56 5.27
N SER D 173 -78.48 -44.54 4.40
CA SER D 173 -79.83 -44.97 4.07
C SER D 173 -80.03 -46.44 4.43
N MET D 180 -77.11 -51.62 18.86
CA MET D 180 -76.72 -50.86 20.04
C MET D 180 -77.57 -49.61 20.21
N GLU D 181 -77.80 -49.23 21.45
CA GLU D 181 -78.53 -48.00 21.72
C GLU D 181 -77.64 -47.17 22.64
N TYR D 182 -77.81 -45.85 22.65
CA TYR D 182 -76.93 -45.01 23.46
C TYR D 182 -77.27 -45.13 24.94
N ILE D 183 -76.26 -44.94 25.79
CA ILE D 183 -76.47 -44.90 27.23
C ILE D 183 -77.39 -43.76 27.64
N LYS D 184 -78.09 -43.93 28.75
CA LYS D 184 -79.01 -42.90 29.26
C LYS D 184 -78.42 -42.24 30.49
N HIS D 185 -77.41 -42.88 31.08
CA HIS D 185 -76.78 -42.38 32.29
C HIS D 185 -75.26 -42.44 32.21
N LEU D 186 -74.62 -41.39 32.71
CA LEU D 186 -73.16 -41.36 32.79
C LEU D 186 -72.76 -41.06 34.22
N GLY D 187 -72.10 -42.04 34.85
CA GLY D 187 -71.64 -41.86 36.21
C GLY D 187 -70.15 -41.59 36.24
N VAL D 188 -69.74 -40.63 37.05
CA VAL D 188 -68.33 -40.29 37.17
C VAL D 188 -67.89 -40.27 38.63
N TYR D 189 -66.88 -41.09 38.94
CA TYR D 189 -66.29 -41.06 40.27
C TYR D 189 -64.95 -40.37 40.18
N ILE D 190 -64.80 -39.28 40.93
CA ILE D 190 -63.61 -38.46 40.85
C ILE D 190 -63.40 -37.72 42.16
N ASN D 191 -62.16 -37.32 42.43
CA ASN D 191 -61.88 -36.57 43.64
C ASN D 191 -62.36 -35.15 43.51
N ASN D 192 -62.78 -34.57 44.64
CA ASN D 192 -63.43 -33.27 44.70
C ASN D 192 -64.54 -33.11 43.66
N ALA D 193 -65.53 -33.99 43.74
CA ALA D 193 -66.60 -34.03 42.76
C ALA D 193 -67.36 -32.72 42.63
N ASP D 194 -67.56 -32.04 43.76
CA ASP D 194 -68.35 -30.80 43.79
C ASP D 194 -67.76 -29.70 42.91
N THR D 195 -66.43 -29.68 42.79
CA THR D 195 -65.76 -28.68 41.94
C THR D 195 -65.94 -28.98 40.45
N TYR D 196 -66.16 -30.24 40.12
CA TYR D 196 -66.24 -30.67 38.72
C TYR D 196 -67.67 -30.68 38.19
N LYS D 197 -68.64 -30.60 39.09
CA LYS D 197 -70.05 -30.66 38.72
C LYS D 197 -70.44 -29.52 37.77
N GLU D 198 -69.83 -28.37 37.96
CA GLU D 198 -70.10 -27.19 37.13
C GLU D 198 -69.61 -27.35 35.70
N GLU D 199 -68.68 -28.29 35.49
CA GLU D 199 -68.09 -28.52 34.18
C GLU D 199 -68.97 -29.34 33.25
N VAL D 200 -69.91 -30.08 33.82
CA VAL D 200 -70.73 -31.02 33.05
C VAL D 200 -71.56 -30.35 31.96
N GLU D 201 -72.42 -29.41 32.35
CA GLU D 201 -73.31 -28.77 31.38
C GLU D 201 -72.56 -27.86 30.41
N LYS D 202 -71.45 -27.30 30.86
CA LYS D 202 -70.60 -26.51 29.97
C LYS D 202 -70.04 -27.39 28.87
N ALA D 203 -69.63 -28.59 29.25
CA ALA D 203 -69.11 -29.57 28.30
C ALA D 203 -70.17 -29.96 27.27
N ARG D 204 -71.41 -30.11 27.73
CA ARG D 204 -72.50 -30.50 26.86
C ARG D 204 -72.75 -29.42 25.81
N VAL D 205 -72.64 -28.17 26.22
CA VAL D 205 -72.78 -27.04 25.30
C VAL D 205 -71.62 -27.01 24.32
N TYR D 206 -70.40 -27.14 24.83
CA TYR D 206 -69.21 -27.16 24.00
C TYR D 206 -69.25 -28.31 23.01
N TYR D 207 -69.76 -29.45 23.46
CA TYR D 207 -69.93 -30.62 22.60
C TYR D 207 -70.72 -30.29 21.33
N PHE D 208 -71.92 -29.76 21.50
CA PHE D 208 -72.80 -29.58 20.35
C PHE D 208 -72.26 -28.51 19.41
N GLY D 209 -71.65 -27.47 19.97
CA GLY D 209 -71.02 -26.45 19.16
C GLY D 209 -69.98 -27.06 18.22
N THR D 210 -69.17 -27.94 18.76
CA THR D 210 -68.17 -28.65 17.96
C THR D 210 -68.85 -29.60 16.98
N TYR D 211 -69.84 -30.34 17.47
CA TYR D 211 -70.55 -31.31 16.63
C TYR D 211 -71.38 -30.61 15.56
N TYR D 212 -71.92 -29.44 15.87
CA TYR D 212 -72.68 -28.66 14.88
C TYR D 212 -71.75 -28.22 13.77
N ALA D 213 -70.59 -27.70 14.14
CA ALA D 213 -69.57 -27.31 13.17
C ALA D 213 -69.14 -28.52 12.36
N SER D 214 -69.00 -29.64 13.03
CA SER D 214 -68.62 -30.91 12.39
C SER D 214 -69.62 -31.31 11.31
N GLN D 215 -70.90 -31.16 11.61
CA GLN D 215 -71.96 -31.54 10.68
C GLN D 215 -71.91 -30.68 9.41
N LEU D 216 -71.58 -29.41 9.57
CA LEU D 216 -71.48 -28.51 8.43
C LEU D 216 -70.29 -28.86 7.54
N ILE D 217 -69.15 -29.16 8.17
CA ILE D 217 -67.94 -29.51 7.44
C ILE D 217 -68.11 -30.83 6.71
N ALA D 218 -68.60 -31.84 7.42
CA ALA D 218 -68.76 -33.18 6.86
C ALA D 218 -69.78 -33.19 5.72
N ALA D 219 -70.71 -32.25 5.77
CA ALA D 219 -71.72 -32.11 4.73
C ALA D 219 -71.04 -31.88 3.38
N PRO D 220 -71.35 -32.74 2.40
CA PRO D 220 -70.75 -32.64 1.06
C PRO D 220 -71.12 -31.33 0.37
N SER D 221 -70.37 -30.98 -0.68
CA SER D 221 -70.53 -29.68 -1.31
C SER D 221 -71.83 -29.54 -2.09
N ASN D 222 -72.45 -30.67 -2.45
CA ASN D 222 -73.75 -30.61 -3.12
C ASN D 222 -74.86 -30.35 -2.10
N TYR D 223 -74.64 -30.75 -0.85
CA TYR D 223 -75.56 -30.41 0.22
C TYR D 223 -75.22 -29.05 0.82
N CYS D 224 -73.94 -28.84 1.11
CA CYS D 224 -73.49 -27.60 1.72
C CYS D 224 -72.94 -26.64 0.67
N ASN D 225 -73.77 -25.70 0.24
CA ASN D 225 -73.38 -24.68 -0.73
C ASN D 225 -73.56 -23.30 -0.09
N PRO D 226 -73.09 -22.24 -0.76
CA PRO D 226 -73.25 -20.89 -0.18
C PRO D 226 -74.68 -20.54 0.22
N VAL D 227 -75.65 -20.97 -0.57
CA VAL D 227 -77.04 -20.66 -0.26
C VAL D 227 -77.53 -21.49 0.92
N SER D 228 -77.33 -22.80 0.86
CA SER D 228 -77.81 -23.69 1.91
C SER D 228 -77.11 -23.45 3.25
N LEU D 229 -75.83 -23.06 3.19
CA LEU D 229 -75.07 -22.78 4.39
C LEU D 229 -75.53 -21.49 5.07
N SER D 230 -75.80 -20.46 4.27
CA SER D 230 -76.28 -19.20 4.81
C SER D 230 -77.68 -19.37 5.40
N ASN D 231 -78.46 -20.24 4.76
CA ASN D 231 -79.79 -20.57 5.28
C ASN D 231 -79.68 -21.24 6.64
N ALA D 232 -78.70 -22.13 6.77
CA ALA D 232 -78.45 -22.85 8.01
C ALA D 232 -78.05 -21.87 9.11
N ALA D 233 -77.25 -20.87 8.75
CA ALA D 233 -76.83 -19.85 9.70
C ALA D 233 -78.03 -19.08 10.22
N VAL D 234 -78.94 -18.74 9.31
CA VAL D 234 -80.17 -18.03 9.65
C VAL D 234 -81.03 -18.84 10.61
N GLU D 235 -81.22 -20.12 10.29
CA GLU D 235 -82.02 -21.01 11.12
C GLU D 235 -81.43 -21.11 12.53
N LEU D 236 -80.09 -21.14 12.60
CA LEU D 236 -79.39 -21.19 13.88
C LEU D 236 -79.59 -19.89 14.66
N ALA D 237 -79.45 -18.77 13.97
CA ALA D 237 -79.59 -17.45 14.58
C ALA D 237 -80.99 -17.24 15.16
N GLN D 238 -81.98 -17.76 14.44
CA GLN D 238 -83.38 -17.65 14.87
C GLN D 238 -83.65 -18.43 16.15
N LYS D 239 -83.02 -19.60 16.28
CA LYS D 239 -83.20 -20.43 17.47
C LYS D 239 -82.54 -19.82 18.70
N LEU D 240 -81.51 -19.02 18.49
CA LEU D 240 -80.77 -18.44 19.60
C LEU D 240 -81.13 -16.97 19.82
N ASN D 241 -82.05 -16.46 19.02
CA ASN D 241 -82.40 -15.04 19.03
C ASN D 241 -81.21 -14.11 18.93
N LEU D 242 -80.37 -14.36 17.92
CA LEU D 242 -79.28 -13.46 17.57
C LEU D 242 -79.75 -12.64 16.38
N GLU D 243 -79.33 -11.39 16.30
CA GLU D 243 -79.60 -10.59 15.10
C GLU D 243 -78.85 -11.22 13.94
N TYR D 244 -79.49 -11.27 12.79
CA TYR D 244 -78.86 -11.88 11.61
C TYR D 244 -79.11 -11.07 10.36
N LYS D 245 -78.18 -11.18 9.42
CA LYS D 245 -78.22 -10.45 8.18
C LYS D 245 -77.40 -11.19 7.13
N ILE D 246 -78.02 -11.53 6.01
CA ILE D 246 -77.32 -12.21 4.93
C ILE D 246 -77.16 -11.27 3.75
N LEU D 247 -75.90 -10.96 3.40
CA LEU D 247 -75.66 -10.04 2.31
C LEU D 247 -75.54 -10.76 0.97
N GLY D 248 -76.37 -10.33 0.02
CA GLY D 248 -76.41 -10.90 -1.31
C GLY D 248 -75.58 -10.13 -2.30
N VAL D 249 -75.55 -10.60 -3.54
CA VAL D 249 -74.71 -10.05 -4.59
C VAL D 249 -74.93 -8.55 -4.78
N LYS D 250 -76.18 -8.13 -4.80
CA LYS D 250 -76.52 -6.72 -5.02
C LYS D 250 -75.93 -5.83 -3.93
N GLU D 251 -76.06 -6.24 -2.67
CA GLU D 251 -75.47 -5.52 -1.55
C GLU D 251 -73.94 -5.59 -1.58
N LEU D 252 -73.40 -6.74 -1.97
CA LEU D 252 -71.95 -6.92 -2.03
C LEU D 252 -71.31 -6.03 -3.08
N GLU D 253 -71.99 -5.85 -4.20
CA GLU D 253 -71.52 -4.95 -5.25
C GLU D 253 -71.52 -3.50 -4.77
N GLU D 254 -72.55 -3.13 -4.03
CA GLU D 254 -72.65 -1.78 -3.49
C GLU D 254 -71.52 -1.47 -2.51
N LEU D 255 -71.10 -2.48 -1.77
CA LEU D 255 -69.98 -2.34 -0.86
C LEU D 255 -68.64 -2.57 -1.59
N LYS D 256 -68.73 -2.89 -2.88
CA LYS D 256 -67.57 -3.04 -3.75
C LYS D 256 -66.57 -4.11 -3.30
N MET D 257 -67.09 -5.24 -2.84
CA MET D 257 -66.24 -6.35 -2.42
C MET D 257 -65.74 -7.13 -3.65
N GLY D 258 -64.86 -6.50 -4.41
CA GLY D 258 -64.41 -7.06 -5.68
C GLY D 258 -63.56 -8.32 -5.54
N ALA D 259 -62.78 -8.40 -4.47
CA ALA D 259 -61.96 -9.58 -4.23
C ALA D 259 -62.85 -10.79 -3.93
N TYR D 260 -63.80 -10.59 -3.02
CA TYR D 260 -64.73 -11.64 -2.62
C TYR D 260 -65.62 -12.08 -3.79
N LEU D 261 -66.12 -11.10 -4.55
CA LEU D 261 -67.01 -11.42 -5.67
C LEU D 261 -66.31 -12.16 -6.79
N SER D 262 -65.02 -11.89 -6.99
CA SER D 262 -64.26 -12.51 -8.07
C SER D 262 -64.13 -14.01 -7.90
N VAL D 263 -63.93 -14.45 -6.66
CA VAL D 263 -63.79 -15.88 -6.37
C VAL D 263 -65.06 -16.64 -6.74
N GLY D 264 -66.21 -16.02 -6.47
CA GLY D 264 -67.49 -16.70 -6.68
C GLY D 264 -68.05 -16.61 -8.08
N LYS D 265 -67.43 -15.80 -8.94
CA LYS D 265 -67.90 -15.57 -10.30
C LYS D 265 -68.18 -16.86 -11.06
N GLY D 266 -67.31 -17.86 -10.90
CA GLY D 266 -67.42 -19.09 -11.64
C GLY D 266 -68.39 -20.11 -11.07
N SER D 267 -69.09 -19.75 -10.00
CA SER D 267 -70.01 -20.67 -9.35
C SER D 267 -71.46 -20.48 -9.81
N MET D 268 -72.24 -21.55 -9.71
CA MET D 268 -73.67 -21.47 -10.02
C MET D 268 -74.41 -20.95 -8.80
N TYR D 269 -73.73 -20.96 -7.66
CA TYR D 269 -74.31 -20.46 -6.42
C TYR D 269 -73.86 -19.04 -6.13
N PRO D 270 -74.82 -18.12 -5.92
CA PRO D 270 -74.51 -16.73 -5.62
C PRO D 270 -73.79 -16.56 -4.28
N ASN D 271 -72.87 -15.62 -4.21
CA ASN D 271 -72.16 -15.34 -2.96
C ASN D 271 -73.10 -14.90 -1.85
N LYS D 272 -72.86 -15.40 -0.65
CA LYS D 272 -73.67 -15.04 0.53
C LYS D 272 -72.78 -14.69 1.72
N PHE D 273 -72.91 -13.47 2.20
CA PHE D 273 -72.12 -13.01 3.33
C PHE D 273 -72.91 -13.08 4.62
N ILE D 274 -72.46 -13.94 5.54
CA ILE D 274 -73.14 -14.16 6.81
C ILE D 274 -72.67 -13.17 7.88
N HIS D 275 -73.64 -12.52 8.53
CA HIS D 275 -73.36 -11.59 9.62
C HIS D 275 -74.31 -11.83 10.78
N LEU D 276 -73.81 -12.52 11.80
CA LEU D 276 -74.58 -12.78 13.01
C LEU D 276 -74.07 -11.87 14.12
N THR D 277 -74.96 -11.51 15.05
CA THR D 277 -74.57 -10.65 16.16
C THR D 277 -75.16 -11.12 17.47
N TYR D 278 -74.30 -11.21 18.48
CA TYR D 278 -74.75 -11.44 19.86
C TYR D 278 -74.47 -10.16 20.64
N LYS D 279 -75.49 -9.62 21.30
CA LYS D 279 -75.28 -8.44 22.11
C LYS D 279 -75.72 -8.72 23.55
N SER D 280 -74.85 -8.39 24.50
CA SER D 280 -75.13 -8.60 25.91
C SER D 280 -76.22 -7.65 26.40
N LYS D 281 -76.96 -8.07 27.41
CA LYS D 281 -78.06 -7.25 27.94
C LYS D 281 -77.54 -6.04 28.70
N GLY D 282 -76.38 -6.16 29.31
CA GLY D 282 -75.83 -5.06 30.08
C GLY D 282 -74.99 -4.12 29.25
N ASP D 283 -74.17 -3.32 29.91
CA ASP D 283 -73.26 -2.39 29.24
C ASP D 283 -72.21 -3.15 28.45
N VAL D 284 -72.03 -2.80 27.18
CA VAL D 284 -71.05 -3.47 26.35
C VAL D 284 -69.65 -2.86 26.53
N LYS D 285 -68.71 -3.69 26.96
CA LYS D 285 -67.36 -3.24 27.27
C LYS D 285 -66.32 -3.71 26.24
N LYS D 286 -66.63 -4.78 25.53
CA LYS D 286 -65.74 -5.29 24.50
C LYS D 286 -66.50 -5.63 23.21
N LYS D 287 -65.97 -5.18 22.09
CA LYS D 287 -66.53 -5.51 20.78
C LYS D 287 -65.57 -6.40 20.00
N ILE D 288 -66.07 -7.55 19.57
CA ILE D 288 -65.23 -8.56 18.91
C ILE D 288 -65.83 -9.03 17.59
N ALA D 289 -65.01 -9.14 16.56
CA ALA D 289 -65.44 -9.71 15.30
C ALA D 289 -64.77 -11.06 15.03
N LEU D 290 -65.56 -12.11 14.84
CA LEU D 290 -65.03 -13.42 14.50
C LEU D 290 -65.29 -13.73 13.02
N VAL D 291 -64.21 -13.89 12.26
CA VAL D 291 -64.30 -14.09 10.81
C VAL D 291 -63.88 -15.49 10.38
N GLY D 292 -64.72 -16.16 9.61
CA GLY D 292 -64.43 -17.51 9.15
C GLY D 292 -64.34 -17.63 7.64
N LYS D 293 -63.34 -18.39 7.18
CA LYS D 293 -63.24 -18.70 5.75
C LYS D 293 -64.34 -19.68 5.37
N GLY D 294 -65.13 -19.31 4.37
CA GLY D 294 -66.29 -20.10 3.99
C GLY D 294 -66.32 -20.52 2.53
N ILE D 295 -65.36 -21.33 2.11
CA ILE D 295 -65.37 -21.89 0.76
C ILE D 295 -66.03 -23.26 0.79
N THR D 296 -67.25 -23.34 0.29
CA THR D 296 -68.04 -24.57 0.38
C THR D 296 -67.42 -25.68 -0.45
N PHE D 297 -66.74 -25.30 -1.53
CA PHE D 297 -65.89 -26.24 -2.24
C PHE D 297 -64.75 -25.52 -2.92
N ASP D 298 -63.54 -26.07 -2.76
CA ASP D 298 -62.36 -25.48 -3.37
C ASP D 298 -61.81 -26.37 -4.47
N SER D 299 -62.14 -26.08 -5.72
CA SER D 299 -61.61 -26.85 -6.84
C SER D 299 -60.23 -26.32 -7.20
N GLY D 300 -59.97 -25.09 -6.78
CA GLY D 300 -58.72 -24.42 -7.10
C GLY D 300 -58.91 -23.39 -8.21
N GLY D 301 -60.02 -23.48 -8.91
CA GLY D 301 -60.26 -22.62 -10.06
C GLY D 301 -59.42 -23.10 -11.24
N TYR D 302 -59.05 -22.17 -12.11
CA TYR D 302 -58.24 -22.51 -13.28
C TYR D 302 -56.86 -22.99 -12.87
N ASN D 303 -56.44 -22.63 -11.66
CA ASN D 303 -55.31 -23.29 -11.02
C ASN D 303 -55.81 -24.57 -10.35
N LEU D 304 -56.38 -25.45 -11.15
CA LEU D 304 -57.04 -26.65 -10.66
C LEU D 304 -56.15 -27.51 -9.77
N LYS D 305 -56.74 -28.05 -8.71
CA LYS D 305 -56.05 -28.97 -7.83
C LYS D 305 -55.86 -30.30 -8.56
N ALA D 306 -54.83 -30.39 -9.39
CA ALA D 306 -54.58 -31.56 -10.21
C ALA D 306 -53.29 -32.29 -9.81
N ALA D 307 -52.49 -31.64 -8.97
CA ALA D 307 -51.24 -32.23 -8.51
C ALA D 307 -51.49 -33.36 -7.52
N PRO D 308 -50.58 -34.34 -7.46
CA PRO D 308 -50.72 -35.42 -6.47
C PRO D 308 -50.69 -34.89 -5.03
N GLY D 309 -51.64 -35.31 -4.21
CA GLY D 309 -51.68 -34.88 -2.82
C GLY D 309 -52.45 -33.59 -2.61
N SER D 310 -53.14 -33.13 -3.65
CA SER D 310 -53.89 -31.88 -3.57
C SER D 310 -55.23 -32.09 -2.87
N MET D 311 -55.61 -33.35 -2.71
CA MET D 311 -56.78 -33.74 -1.91
C MET D 311 -58.06 -33.04 -2.34
N ILE D 312 -58.36 -33.04 -3.64
CA ILE D 312 -59.51 -32.32 -4.14
C ILE D 312 -60.81 -32.91 -3.60
N ASP D 313 -60.80 -34.19 -3.23
CA ASP D 313 -62.00 -34.85 -2.73
C ASP D 313 -62.28 -34.46 -1.28
N LEU D 314 -61.35 -33.70 -0.70
CA LEU D 314 -61.46 -33.29 0.70
C LEU D 314 -61.93 -31.84 0.84
N MET D 315 -61.97 -31.13 -0.27
CA MET D 315 -62.11 -29.67 -0.25
C MET D 315 -63.49 -29.14 0.16
N LYS D 316 -64.37 -30.02 0.62
CA LYS D 316 -65.59 -29.56 1.26
C LYS D 316 -65.25 -28.98 2.64
N PHE D 317 -64.18 -29.51 3.23
CA PHE D 317 -63.63 -29.03 4.49
C PHE D 317 -63.24 -27.54 4.47
N ASP D 318 -63.15 -26.96 3.27
CA ASP D 318 -62.57 -25.63 3.12
C ASP D 318 -63.46 -24.50 3.66
N MET D 319 -64.58 -24.86 4.28
CA MET D 319 -65.41 -23.88 4.96
C MET D 319 -65.41 -24.12 6.46
N SER D 320 -64.41 -24.87 6.94
CA SER D 320 -64.28 -25.22 8.36
C SER D 320 -64.20 -24.00 9.26
N GLY D 321 -63.52 -22.97 8.79
CA GLY D 321 -63.38 -21.74 9.55
C GLY D 321 -64.74 -21.14 9.81
N CYS D 322 -65.58 -21.13 8.77
CA CYS D 322 -66.95 -20.67 8.90
C CYS D 322 -67.74 -21.52 9.89
N ALA D 323 -67.55 -22.83 9.80
CA ALA D 323 -68.24 -23.78 10.69
C ALA D 323 -67.84 -23.55 12.14
N ALA D 324 -66.55 -23.29 12.36
CA ALA D 324 -66.03 -23.01 13.69
C ALA D 324 -66.67 -21.74 14.24
N VAL D 325 -66.80 -20.74 13.39
CA VAL D 325 -67.41 -19.47 13.78
C VAL D 325 -68.86 -19.66 14.14
N LEU D 326 -69.58 -20.45 13.34
CA LEU D 326 -70.99 -20.71 13.59
C LEU D 326 -71.19 -21.55 14.86
N GLY D 327 -70.29 -22.51 15.07
CA GLY D 327 -70.36 -23.36 16.25
C GLY D 327 -70.15 -22.56 17.51
N CYS D 328 -69.27 -21.57 17.42
CA CYS D 328 -69.02 -20.67 18.55
C CYS D 328 -70.26 -19.84 18.86
N ALA D 329 -70.95 -19.42 17.80
CA ALA D 329 -72.19 -18.65 17.95
C ALA D 329 -73.21 -19.43 18.77
N TYR D 330 -73.26 -20.75 18.56
CA TYR D 330 -74.14 -21.58 19.36
C TYR D 330 -73.76 -21.51 20.84
N CYS D 331 -72.47 -21.69 21.13
CA CYS D 331 -71.99 -21.69 22.51
C CYS D 331 -72.21 -20.36 23.21
N VAL D 332 -71.89 -19.28 22.50
CA VAL D 332 -72.06 -17.94 23.04
C VAL D 332 -73.55 -17.64 23.26
N GLY D 333 -74.36 -17.97 22.26
CA GLY D 333 -75.79 -17.75 22.31
C GLY D 333 -76.49 -18.56 23.38
N THR D 334 -75.87 -19.67 23.78
CA THR D 334 -76.42 -20.55 24.79
C THR D 334 -75.98 -20.15 26.20
N LEU D 335 -74.70 -19.90 26.36
CA LEU D 335 -74.16 -19.54 27.67
C LEU D 335 -74.44 -18.08 28.03
N LYS D 336 -74.66 -17.25 27.00
CA LYS D 336 -75.00 -15.84 27.18
C LYS D 336 -74.05 -15.06 28.10
N PRO D 337 -72.81 -14.81 27.64
CA PRO D 337 -71.86 -13.99 28.40
C PRO D 337 -72.33 -12.55 28.50
N GLU D 338 -71.76 -11.79 29.44
CA GLU D 338 -72.19 -10.41 29.62
C GLU D 338 -71.11 -9.41 29.24
N ASN D 339 -71.52 -8.15 29.11
CA ASN D 339 -70.62 -7.04 28.79
C ASN D 339 -69.84 -7.20 27.51
N VAL D 340 -70.37 -7.95 26.55
CA VAL D 340 -69.65 -8.18 25.31
C VAL D 340 -70.57 -8.17 24.08
N GLU D 341 -70.06 -7.64 22.97
CA GLU D 341 -70.76 -7.70 21.70
C GLU D 341 -69.89 -8.38 20.65
N ILE D 342 -70.35 -9.51 20.12
CA ILE D 342 -69.57 -10.29 19.17
C ILE D 342 -70.26 -10.38 17.81
N HIS D 343 -69.50 -10.08 16.76
CA HIS D 343 -69.98 -10.23 15.39
C HIS D 343 -69.40 -11.48 14.75
N PHE D 344 -70.28 -12.32 14.22
CA PHE D 344 -69.88 -13.55 13.55
C PHE D 344 -69.95 -13.37 12.05
N LEU D 345 -68.79 -13.31 11.41
CA LEU D 345 -68.74 -12.99 9.98
C LEU D 345 -68.17 -14.15 9.14
N SER D 346 -68.71 -14.31 7.95
CA SER D 346 -68.18 -15.27 6.99
C SER D 346 -68.58 -14.92 5.55
N ALA D 347 -67.58 -14.71 4.70
CA ALA D 347 -67.82 -14.47 3.29
C ALA D 347 -67.91 -15.79 2.53
N VAL D 348 -69.12 -16.34 2.42
CA VAL D 348 -69.30 -17.67 1.84
C VAL D 348 -69.46 -17.64 0.33
N CYS D 349 -68.70 -18.49 -0.35
CA CYS D 349 -68.81 -18.65 -1.80
C CYS D 349 -68.19 -19.98 -2.23
N GLU D 350 -68.09 -20.19 -3.53
CA GLU D 350 -67.57 -21.46 -4.05
C GLU D 350 -66.54 -21.18 -5.16
N ASN D 351 -65.42 -21.89 -5.11
CA ASN D 351 -64.35 -21.68 -6.07
C ASN D 351 -64.34 -22.74 -7.17
N MET D 352 -64.92 -22.40 -8.32
CA MET D 352 -65.16 -23.38 -9.36
C MET D 352 -64.53 -23.01 -10.70
N VAL D 353 -64.51 -23.98 -11.61
CA VAL D 353 -63.99 -23.76 -12.96
C VAL D 353 -65.15 -23.57 -13.91
N SER D 354 -65.12 -22.48 -14.67
CA SER D 354 -66.23 -22.08 -15.53
C SER D 354 -65.79 -21.06 -16.55
N LYS D 355 -66.66 -20.72 -17.49
CA LYS D 355 -66.39 -19.65 -18.43
C LYS D 355 -66.41 -18.31 -17.71
N ASN D 356 -67.07 -18.28 -16.56
CA ASN D 356 -67.24 -17.04 -15.80
C ASN D 356 -66.20 -16.88 -14.69
N SER D 357 -65.37 -17.90 -14.48
CA SER D 357 -64.39 -17.88 -13.41
C SER D 357 -63.37 -16.78 -13.63
N TYR D 358 -62.79 -16.30 -12.54
CA TYR D 358 -61.72 -15.32 -12.65
C TYR D 358 -60.45 -16.03 -13.04
N ARG D 359 -59.58 -15.34 -13.77
CA ARG D 359 -58.41 -15.98 -14.36
C ARG D 359 -57.14 -15.62 -13.62
N PRO D 360 -56.13 -16.52 -13.71
CA PRO D 360 -54.80 -16.17 -13.24
C PRO D 360 -54.29 -14.95 -14.00
N GLY D 361 -53.85 -13.92 -13.27
CA GLY D 361 -53.37 -12.71 -13.88
C GLY D 361 -54.35 -11.55 -13.75
N ASP D 362 -55.60 -11.86 -13.42
CA ASP D 362 -56.63 -10.82 -13.26
C ASP D 362 -56.28 -9.85 -12.15
N ILE D 363 -56.59 -8.56 -12.37
CA ILE D 363 -56.40 -7.57 -11.32
C ILE D 363 -57.75 -7.10 -10.82
N ILE D 364 -57.98 -7.26 -9.52
CA ILE D 364 -59.27 -6.96 -8.91
C ILE D 364 -59.13 -5.94 -7.78
N THR D 365 -60.22 -5.23 -7.49
CA THR D 365 -60.18 -4.17 -6.49
C THR D 365 -60.94 -4.55 -5.22
N ALA D 366 -60.23 -4.53 -4.09
CA ALA D 366 -60.86 -4.83 -2.81
C ALA D 366 -61.72 -3.65 -2.35
N SER D 367 -62.57 -3.89 -1.36
CA SER D 367 -63.50 -2.87 -0.88
C SER D 367 -62.79 -1.70 -0.19
N ASN D 368 -61.50 -1.86 0.08
CA ASN D 368 -60.73 -0.77 0.67
C ASN D 368 -59.95 0.02 -0.39
N GLY D 369 -60.19 -0.30 -1.65
CA GLY D 369 -59.58 0.40 -2.76
C GLY D 369 -58.31 -0.22 -3.30
N LYS D 370 -57.74 -1.17 -2.57
CA LYS D 370 -56.52 -1.83 -3.00
C LYS D 370 -56.74 -2.76 -4.20
N THR D 371 -55.91 -2.61 -5.22
CA THR D 371 -55.95 -3.50 -6.37
C THR D 371 -55.05 -4.70 -6.14
N ILE D 372 -55.54 -5.88 -6.53
CA ILE D 372 -54.83 -7.13 -6.27
C ILE D 372 -54.59 -7.92 -7.55
N GLU D 373 -53.34 -8.29 -7.80
CA GLU D 373 -53.03 -9.14 -8.95
C GLU D 373 -53.08 -10.62 -8.56
N VAL D 374 -53.97 -11.36 -9.21
CA VAL D 374 -54.14 -12.78 -8.92
C VAL D 374 -53.07 -13.60 -9.62
N GLY D 375 -52.25 -14.30 -8.83
CA GLY D 375 -51.20 -15.14 -9.37
C GLY D 375 -51.60 -16.61 -9.36
N ASN D 376 -52.57 -16.92 -8.52
CA ASN D 376 -53.04 -18.29 -8.36
C ASN D 376 -54.47 -18.33 -7.86
N THR D 377 -55.38 -18.86 -8.66
CA THR D 377 -56.80 -18.87 -8.30
C THR D 377 -57.09 -19.85 -7.17
N ASP D 378 -56.13 -20.69 -6.81
CA ASP D 378 -56.31 -21.63 -5.72
C ASP D 378 -55.98 -20.97 -4.38
N ALA D 379 -55.54 -19.73 -4.44
CA ALA D 379 -55.30 -18.95 -3.23
C ALA D 379 -56.46 -17.98 -2.99
N GLU D 380 -57.68 -18.52 -3.06
CA GLU D 380 -58.89 -17.70 -3.00
C GLU D 380 -59.31 -17.32 -1.58
N GLY D 381 -58.82 -18.07 -0.59
CA GLY D 381 -59.19 -17.83 0.78
C GLY D 381 -58.84 -16.43 1.24
N ARG D 382 -57.62 -16.00 0.93
CA ARG D 382 -57.15 -14.70 1.34
C ARG D 382 -57.92 -13.60 0.60
N LEU D 383 -58.44 -13.92 -0.57
CA LEU D 383 -59.23 -12.97 -1.34
C LEU D 383 -60.59 -12.73 -0.68
N THR D 384 -61.25 -13.80 -0.28
CA THR D 384 -62.54 -13.68 0.40
C THR D 384 -62.38 -13.07 1.79
N LEU D 385 -61.31 -13.45 2.48
CA LEU D 385 -61.01 -12.94 3.82
C LEU D 385 -60.66 -11.45 3.80
N ALA D 386 -60.04 -10.99 2.73
CA ALA D 386 -59.62 -9.59 2.61
C ALA D 386 -60.82 -8.64 2.74
N ASP D 387 -61.86 -8.89 1.95
CA ASP D 387 -63.06 -8.08 2.00
C ASP D 387 -63.77 -8.20 3.35
N ALA D 388 -63.73 -9.41 3.91
CA ALA D 388 -64.33 -9.67 5.22
C ALA D 388 -63.62 -8.88 6.33
N LEU D 389 -62.31 -8.76 6.22
CA LEU D 389 -61.52 -8.03 7.21
C LEU D 389 -61.79 -6.51 7.12
N VAL D 390 -61.95 -6.02 5.90
CA VAL D 390 -62.29 -4.61 5.70
C VAL D 390 -63.67 -4.34 6.29
N TYR D 391 -64.59 -5.28 6.09
CA TYR D 391 -65.92 -5.19 6.67
C TYR D 391 -65.87 -5.24 8.20
N ALA D 392 -65.08 -6.16 8.73
CA ALA D 392 -64.99 -6.34 10.18
C ALA D 392 -64.48 -5.07 10.86
N GLU D 393 -63.48 -4.45 10.26
CA GLU D 393 -62.88 -3.26 10.88
C GLU D 393 -63.85 -2.08 10.85
N LYS D 394 -64.72 -2.04 9.84
CA LYS D 394 -65.71 -0.98 9.72
C LYS D 394 -66.78 -1.04 10.82
N LEU D 395 -66.88 -2.19 11.47
CA LEU D 395 -67.83 -2.38 12.58
C LEU D 395 -67.35 -1.70 13.85
N GLY D 396 -66.08 -1.31 13.87
CA GLY D 396 -65.50 -0.64 15.01
C GLY D 396 -65.37 -1.54 16.22
N VAL D 397 -64.69 -2.66 16.05
CA VAL D 397 -64.52 -3.63 17.11
C VAL D 397 -63.16 -3.47 17.77
N ASP D 398 -62.97 -4.14 18.90
CA ASP D 398 -61.70 -4.07 19.62
C ASP D 398 -60.75 -5.15 19.11
N TYR D 399 -61.29 -6.33 18.84
CA TYR D 399 -60.50 -7.44 18.31
C TYR D 399 -61.12 -8.02 17.06
N ILE D 400 -60.27 -8.34 16.08
CA ILE D 400 -60.69 -9.11 14.92
C ILE D 400 -59.91 -10.43 14.90
N VAL D 401 -60.61 -11.54 14.99
CA VAL D 401 -59.96 -12.84 14.93
C VAL D 401 -60.52 -13.66 13.78
N ASP D 402 -59.68 -13.97 12.79
CA ASP D 402 -60.13 -14.80 11.67
C ASP D 402 -59.58 -16.21 11.82
N ILE D 403 -60.37 -17.17 11.37
CA ILE D 403 -60.00 -18.57 11.44
C ILE D 403 -60.25 -19.20 10.07
N ALA D 404 -59.26 -19.93 9.55
CA ALA D 404 -59.30 -20.35 8.17
C ALA D 404 -58.44 -21.56 7.86
N THR D 405 -58.89 -22.39 6.93
CA THR D 405 -58.07 -23.43 6.34
C THR D 405 -57.31 -22.81 5.16
N LEU D 406 -56.35 -21.95 5.48
CA LEU D 406 -55.74 -21.08 4.49
C LEU D 406 -54.63 -21.73 3.65
N THR D 407 -53.66 -22.35 4.30
CA THR D 407 -52.49 -22.86 3.58
C THR D 407 -52.15 -24.30 3.90
N GLY D 408 -51.85 -25.08 2.86
CA GLY D 408 -51.47 -26.47 3.04
C GLY D 408 -50.09 -26.61 3.64
N ALA D 409 -49.33 -25.51 3.65
CA ALA D 409 -47.99 -25.49 4.21
C ALA D 409 -47.98 -25.80 5.71
N MET D 410 -49.13 -25.61 6.35
CA MET D 410 -49.27 -25.89 7.77
C MET D 410 -48.98 -27.36 8.08
N LEU D 411 -49.26 -28.21 7.10
CA LEU D 411 -48.99 -29.64 7.24
C LEU D 411 -47.49 -29.92 7.33
N TYR D 412 -46.69 -29.01 6.80
CA TYR D 412 -45.24 -29.18 6.82
C TYR D 412 -44.60 -28.43 7.99
N SER D 413 -45.34 -27.48 8.57
CA SER D 413 -44.81 -26.72 9.68
C SER D 413 -45.23 -27.29 11.04
N LEU D 414 -46.53 -27.32 11.32
CA LEU D 414 -47.00 -27.76 12.62
C LEU D 414 -47.71 -29.12 12.58
N GLY D 415 -48.14 -29.53 11.40
CA GLY D 415 -48.77 -30.83 11.25
C GLY D 415 -50.27 -30.85 11.50
N THR D 416 -50.76 -31.96 12.06
CA THR D 416 -52.20 -32.18 12.17
C THR D 416 -52.75 -31.96 13.58
N SER D 417 -51.88 -31.61 14.53
CA SER D 417 -52.31 -31.45 15.92
C SER D 417 -52.35 -30.00 16.39
N TYR D 418 -51.40 -29.20 15.92
CA TYR D 418 -51.31 -27.79 16.34
C TYR D 418 -51.68 -26.86 15.21
N ALA D 419 -52.58 -25.93 15.49
CA ALA D 419 -52.91 -24.87 14.55
C ALA D 419 -51.94 -23.71 14.72
N GLY D 420 -51.78 -22.90 13.69
CA GLY D 420 -50.92 -21.74 13.77
C GLY D 420 -51.70 -20.46 13.98
N VAL D 421 -51.15 -19.55 14.79
CA VAL D 421 -51.78 -18.25 14.98
C VAL D 421 -50.82 -17.13 14.58
N PHE D 422 -51.33 -16.18 13.80
CA PHE D 422 -50.56 -15.03 13.37
C PHE D 422 -51.30 -13.77 13.81
N GLY D 423 -50.60 -12.65 13.94
CA GLY D 423 -51.25 -11.41 14.33
C GLY D 423 -50.40 -10.16 14.30
N ASN D 424 -51.04 -9.00 14.50
CA ASN D 424 -50.33 -7.73 14.54
C ASN D 424 -50.29 -7.17 15.96
N ASN D 425 -50.82 -7.94 16.91
CA ASN D 425 -50.95 -7.47 18.29
C ASN D 425 -50.63 -8.57 19.28
N GLU D 426 -49.62 -8.34 20.11
CA GLU D 426 -49.10 -9.39 20.98
C GLU D 426 -50.06 -9.71 22.12
N GLU D 427 -50.83 -8.73 22.55
CA GLU D 427 -51.78 -8.94 23.63
C GLU D 427 -52.92 -9.85 23.18
N LEU D 428 -53.42 -9.62 21.97
CA LEU D 428 -54.48 -10.44 21.41
C LEU D 428 -54.00 -11.88 21.22
N ILE D 429 -52.78 -12.04 20.73
CA ILE D 429 -52.19 -13.35 20.53
C ILE D 429 -52.10 -14.14 21.84
N ASN D 430 -51.65 -13.46 22.89
CA ASN D 430 -51.56 -14.09 24.21
C ASN D 430 -52.91 -14.53 24.72
N LYS D 431 -53.95 -13.75 24.45
CA LYS D 431 -55.30 -14.11 24.87
C LYS D 431 -55.76 -15.40 24.19
N ILE D 432 -55.46 -15.53 22.90
CA ILE D 432 -55.78 -16.73 22.15
C ILE D 432 -54.98 -17.94 22.64
N LEU D 433 -53.70 -17.73 22.93
CA LEU D 433 -52.87 -18.81 23.46
C LEU D 433 -53.40 -19.27 24.81
N GLN D 434 -53.83 -18.32 25.63
CA GLN D 434 -54.44 -18.63 26.91
C GLN D 434 -55.73 -19.40 26.70
N SER D 435 -56.49 -18.99 25.70
CA SER D 435 -57.73 -19.68 25.34
C SER D 435 -57.41 -21.09 24.84
N SER D 436 -56.27 -21.22 24.16
CA SER D 436 -55.83 -22.51 23.66
C SER D 436 -55.56 -23.47 24.81
N LYS D 437 -54.96 -22.94 25.87
CA LYS D 437 -54.62 -23.75 27.04
C LYS D 437 -55.87 -24.25 27.76
N THR D 438 -56.83 -23.37 27.98
CA THR D 438 -58.01 -23.72 28.76
C THR D 438 -59.03 -24.52 27.96
N SER D 439 -59.02 -24.38 26.64
CA SER D 439 -59.93 -25.14 25.79
C SER D 439 -59.32 -26.46 25.34
N ASN D 440 -58.01 -26.60 25.54
CA ASN D 440 -57.24 -27.76 25.11
C ASN D 440 -57.32 -27.98 23.61
N GLU D 441 -57.45 -26.90 22.87
CA GLU D 441 -57.29 -26.93 21.41
C GLU D 441 -55.98 -26.24 21.07
N PRO D 442 -54.93 -27.03 20.86
CA PRO D 442 -53.55 -26.55 20.79
C PRO D 442 -53.26 -25.61 19.62
N VAL D 443 -52.65 -24.48 19.95
CA VAL D 443 -52.28 -23.47 18.97
C VAL D 443 -50.85 -23.02 19.24
N TRP D 444 -50.08 -22.74 18.18
CA TRP D 444 -48.72 -22.27 18.35
C TRP D 444 -48.51 -20.96 17.61
N TRP D 445 -47.81 -20.04 18.26
CA TRP D 445 -47.58 -18.70 17.71
C TRP D 445 -46.50 -18.73 16.63
N LEU D 446 -46.87 -18.29 15.43
CA LEU D 446 -45.92 -18.18 14.32
C LEU D 446 -45.72 -16.72 13.94
N PRO D 447 -44.53 -16.39 13.40
CA PRO D 447 -44.22 -14.99 13.15
C PRO D 447 -44.72 -14.47 11.81
N ILE D 448 -45.06 -13.19 11.76
CA ILE D 448 -45.30 -12.51 10.50
C ILE D 448 -44.02 -11.76 10.15
N ILE D 449 -43.21 -12.36 9.30
CA ILE D 449 -41.88 -11.81 9.01
C ILE D 449 -41.96 -10.75 7.91
N ASN D 450 -41.79 -9.50 8.32
CA ASN D 450 -41.93 -8.35 7.42
C ASN D 450 -40.92 -8.34 6.28
N GLU D 451 -39.82 -9.08 6.44
CA GLU D 451 -38.79 -9.13 5.43
C GLU D 451 -39.32 -9.74 4.13
N TYR D 452 -40.36 -10.55 4.25
CA TYR D 452 -40.96 -11.20 3.09
C TYR D 452 -41.97 -10.32 2.37
N ARG D 453 -42.34 -9.20 2.98
CA ARG D 453 -43.37 -8.31 2.44
C ARG D 453 -43.10 -7.83 1.01
N ALA D 454 -41.82 -7.60 0.69
CA ALA D 454 -41.44 -7.05 -0.61
C ALA D 454 -41.79 -7.98 -1.76
N THR D 455 -41.97 -9.27 -1.46
CA THR D 455 -42.28 -10.24 -2.49
C THR D 455 -43.74 -10.13 -2.92
N LEU D 456 -44.51 -9.32 -2.20
CA LEU D 456 -45.90 -9.08 -2.56
C LEU D 456 -46.06 -7.78 -3.35
N ASN D 457 -44.93 -7.13 -3.65
CA ASN D 457 -44.95 -5.92 -4.44
C ASN D 457 -45.20 -6.24 -5.92
N SER D 458 -46.39 -5.90 -6.40
CA SER D 458 -46.77 -6.16 -7.78
C SER D 458 -46.26 -5.08 -8.70
N LYS D 459 -45.93 -5.45 -9.93
CA LYS D 459 -45.44 -4.51 -10.93
C LYS D 459 -46.55 -3.58 -11.41
N TYR D 460 -47.78 -4.07 -11.41
CA TYR D 460 -48.89 -3.31 -11.97
C TYR D 460 -49.97 -2.98 -10.95
N ALA D 461 -50.30 -3.94 -10.08
CA ALA D 461 -51.31 -3.71 -9.05
C ALA D 461 -50.66 -3.19 -7.78
N ASP D 462 -51.48 -2.89 -6.79
CA ASP D 462 -50.99 -2.42 -5.49
C ASP D 462 -50.28 -3.53 -4.73
N ILE D 463 -50.76 -4.76 -4.89
CA ILE D 463 -50.22 -5.88 -4.15
C ILE D 463 -50.46 -7.21 -4.85
N ASN D 464 -49.55 -8.16 -4.64
CA ASN D 464 -49.70 -9.52 -5.15
C ASN D 464 -50.54 -10.39 -4.21
N GLN D 465 -51.29 -11.31 -4.79
CA GLN D 465 -52.04 -12.29 -4.02
C GLN D 465 -51.09 -13.33 -3.42
N ILE D 466 -50.11 -13.74 -4.20
CA ILE D 466 -49.14 -14.73 -3.76
C ILE D 466 -47.71 -14.31 -4.07
N SER D 467 -46.76 -15.05 -3.52
CA SER D 467 -45.36 -14.87 -3.85
C SER D 467 -44.96 -15.81 -4.99
N SER D 468 -43.96 -15.41 -5.77
CA SER D 468 -43.41 -16.31 -6.79
C SER D 468 -42.07 -16.83 -6.31
N SER D 469 -41.74 -16.49 -5.07
CA SER D 469 -40.52 -16.92 -4.41
C SER D 469 -40.85 -17.67 -3.12
N VAL D 470 -40.83 -16.92 -2.01
CA VAL D 470 -40.76 -17.45 -0.65
C VAL D 470 -41.73 -18.61 -0.34
N LYS D 471 -41.17 -19.81 -0.27
CA LYS D 471 -41.92 -21.03 0.03
C LYS D 471 -42.67 -21.00 1.37
N ALA D 472 -42.42 -19.98 2.19
CA ALA D 472 -43.10 -19.84 3.47
C ALA D 472 -44.52 -19.32 3.26
N SER D 473 -45.37 -20.18 2.71
CA SER D 473 -46.72 -19.81 2.28
C SER D 473 -47.59 -19.21 3.39
N SER D 474 -47.55 -19.80 4.57
CA SER D 474 -48.40 -19.37 5.68
C SER D 474 -48.07 -17.96 6.16
N ILE D 475 -46.79 -17.61 6.13
CA ILE D 475 -46.37 -16.29 6.57
C ILE D 475 -46.73 -15.24 5.52
N VAL D 476 -46.54 -15.60 4.26
CA VAL D 476 -46.85 -14.71 3.14
C VAL D 476 -48.35 -14.40 3.10
N ALA D 477 -49.16 -15.43 3.31
CA ALA D 477 -50.61 -15.26 3.33
C ALA D 477 -51.03 -14.31 4.45
N SER D 478 -50.37 -14.44 5.61
CA SER D 478 -50.63 -13.56 6.74
C SER D 478 -50.25 -12.12 6.43
N LEU D 479 -49.12 -11.95 5.73
CA LEU D 479 -48.67 -10.63 5.31
C LEU D 479 -49.68 -9.98 4.39
N PHE D 480 -50.32 -10.80 3.56
CA PHE D 480 -51.35 -10.31 2.66
C PHE D 480 -52.55 -9.81 3.46
N LEU D 481 -53.05 -10.65 4.37
CA LEU D 481 -54.21 -10.31 5.18
C LEU D 481 -53.97 -9.07 6.03
N LYS D 482 -52.74 -8.94 6.54
CA LYS D 482 -52.38 -7.83 7.40
C LYS D 482 -52.56 -6.48 6.70
N GLU D 483 -52.47 -6.48 5.38
CA GLU D 483 -52.63 -5.26 4.59
C GLU D 483 -54.08 -4.75 4.58
N PHE D 484 -54.99 -5.53 5.14
CA PHE D 484 -56.41 -5.17 5.14
C PHE D 484 -56.95 -4.91 6.55
N VAL D 485 -56.04 -4.76 7.50
CA VAL D 485 -56.39 -4.33 8.85
C VAL D 485 -55.55 -3.11 9.24
N GLN D 486 -56.18 -1.94 9.30
CA GLN D 486 -55.44 -0.68 9.43
C GLN D 486 -55.06 -0.28 10.86
N ASN D 487 -56.03 -0.31 11.77
CA ASN D 487 -55.78 0.17 13.13
C ASN D 487 -56.57 -0.59 14.18
N THR D 488 -56.64 -1.91 14.02
CA THR D 488 -57.34 -2.75 14.97
C THR D 488 -56.48 -3.97 15.30
N ALA D 489 -56.49 -4.37 16.55
CA ALA D 489 -55.84 -5.60 16.97
C ALA D 489 -56.44 -6.79 16.22
N TRP D 490 -55.59 -7.54 15.54
CA TRP D 490 -56.06 -8.62 14.69
C TRP D 490 -55.21 -9.87 14.78
N ALA D 491 -55.86 -11.03 14.78
CA ALA D 491 -55.17 -12.31 14.82
C ALA D 491 -55.78 -13.29 13.82
N HIS D 492 -54.95 -14.21 13.34
CA HIS D 492 -55.34 -15.14 12.29
C HIS D 492 -54.94 -16.57 12.63
N ILE D 493 -55.92 -17.46 12.68
CA ILE D 493 -55.66 -18.86 13.02
C ILE D 493 -55.78 -19.76 11.78
N ASP D 494 -54.66 -20.33 11.36
CA ASP D 494 -54.63 -21.21 10.19
C ASP D 494 -54.82 -22.66 10.62
N ILE D 495 -55.97 -23.22 10.27
CA ILE D 495 -56.35 -24.55 10.72
C ILE D 495 -56.40 -25.57 9.58
N ALA D 496 -55.72 -25.26 8.48
CA ALA D 496 -55.70 -26.11 7.30
C ALA D 496 -55.16 -27.51 7.58
N GLY D 497 -54.24 -27.61 8.54
CA GLY D 497 -53.63 -28.88 8.88
C GLY D 497 -54.39 -29.67 9.93
N VAL D 498 -55.09 -28.96 10.81
CA VAL D 498 -55.73 -29.59 11.96
C VAL D 498 -57.24 -29.78 11.82
N SER D 499 -57.83 -29.21 10.77
CA SER D 499 -59.28 -29.24 10.63
C SER D 499 -59.84 -30.65 10.43
N TRP D 500 -59.23 -31.41 9.53
CA TRP D 500 -59.73 -32.74 9.21
C TRP D 500 -58.94 -33.85 9.93
N ASN D 501 -59.66 -34.80 10.50
CA ASN D 501 -59.04 -35.96 11.14
C ASN D 501 -58.87 -37.07 10.10
N PHE D 502 -57.69 -37.11 9.48
CA PHE D 502 -57.44 -38.01 8.36
C PHE D 502 -57.50 -39.49 8.73
N LYS D 503 -57.04 -39.82 9.93
CA LYS D 503 -57.05 -41.19 10.39
C LYS D 503 -58.48 -41.67 10.66
N ALA D 504 -59.30 -40.80 11.27
CA ALA D 504 -60.65 -41.16 11.64
C ALA D 504 -61.67 -40.86 10.54
N ARG D 505 -61.21 -40.22 9.48
CA ARG D 505 -62.04 -39.87 8.32
C ARG D 505 -63.26 -39.00 8.68
N LYS D 506 -63.01 -37.96 9.48
CA LYS D 506 -64.09 -37.05 9.90
C LYS D 506 -63.50 -35.69 10.31
N PRO D 507 -64.35 -34.65 10.37
CA PRO D 507 -63.86 -33.35 10.84
C PRO D 507 -63.60 -33.35 12.33
N LYS D 508 -62.86 -32.37 12.82
CA LYS D 508 -62.65 -32.24 14.26
C LYS D 508 -63.56 -31.20 14.86
N GLY D 509 -64.06 -30.29 14.02
CA GLY D 509 -64.81 -29.15 14.51
C GLY D 509 -63.87 -28.24 15.28
N PHE D 510 -62.62 -28.20 14.82
CA PHE D 510 -61.57 -27.44 15.49
C PHE D 510 -61.87 -25.95 15.51
N GLY D 511 -61.68 -25.34 16.67
CA GLY D 511 -61.81 -23.90 16.79
C GLY D 511 -62.99 -23.41 17.60
N VAL D 512 -64.03 -24.22 17.69
CA VAL D 512 -65.25 -23.80 18.38
C VAL D 512 -64.99 -23.50 19.86
N ARG D 513 -64.38 -24.45 20.55
CA ARG D 513 -64.07 -24.29 21.97
C ARG D 513 -63.00 -23.23 22.19
N LEU D 514 -62.04 -23.14 21.27
CA LEU D 514 -60.99 -22.14 21.34
C LEU D 514 -61.57 -20.72 21.30
N LEU D 515 -62.41 -20.47 20.30
CA LEU D 515 -63.01 -19.16 20.12
C LEU D 515 -63.98 -18.83 21.25
N THR D 516 -64.70 -19.83 21.74
CA THR D 516 -65.68 -19.62 22.79
C THR D 516 -65.02 -19.25 24.11
N GLU D 517 -63.94 -19.96 24.44
CA GLU D 517 -63.18 -19.63 25.63
C GLU D 517 -62.61 -18.22 25.52
N PHE D 518 -62.25 -17.81 24.31
CA PHE D 518 -61.71 -16.47 24.07
C PHE D 518 -62.69 -15.34 24.42
N VAL D 519 -63.93 -15.46 23.98
CA VAL D 519 -64.93 -14.44 24.29
C VAL D 519 -65.37 -14.52 25.76
N LEU D 520 -65.52 -15.74 26.28
CA LEU D 520 -66.03 -15.96 27.63
C LEU D 520 -65.08 -15.48 28.72
N ASN D 521 -63.80 -15.79 28.57
CA ASN D 521 -62.82 -15.43 29.59
C ASN D 521 -62.27 -14.01 29.37
N SER E 5 -70.14 -4.65 -29.15
CA SER E 5 -69.40 -3.56 -28.54
C SER E 5 -69.52 -3.54 -27.01
N GLU E 6 -70.66 -4.00 -26.49
CA GLU E 6 -70.86 -4.02 -25.05
C GLU E 6 -70.24 -5.27 -24.42
N VAL E 7 -69.33 -5.04 -23.47
CA VAL E 7 -68.65 -6.13 -22.79
C VAL E 7 -69.56 -6.77 -21.75
N PRO E 8 -69.81 -8.08 -21.90
CA PRO E 8 -70.63 -8.84 -20.95
C PRO E 8 -70.01 -8.88 -19.56
N GLN E 9 -70.84 -8.97 -18.54
CA GLN E 9 -70.37 -8.98 -17.17
C GLN E 9 -70.96 -10.14 -16.36
N VAL E 10 -70.19 -10.63 -15.40
CA VAL E 10 -70.71 -11.60 -14.45
C VAL E 10 -71.20 -10.84 -13.23
N VAL E 11 -70.42 -9.86 -12.79
CA VAL E 11 -70.81 -8.94 -11.74
C VAL E 11 -70.60 -7.51 -12.24
N SER E 12 -71.23 -6.55 -11.58
CA SER E 12 -71.16 -5.15 -12.00
C SER E 12 -69.77 -4.54 -11.81
N LEU E 13 -68.93 -5.19 -11.01
CA LEU E 13 -67.59 -4.67 -10.74
C LEU E 13 -66.57 -5.09 -11.79
N ASP E 14 -66.99 -5.96 -12.71
CA ASP E 14 -66.12 -6.36 -13.82
C ASP E 14 -65.91 -5.20 -14.78
N PRO E 15 -64.64 -4.90 -15.11
CA PRO E 15 -64.31 -3.80 -16.02
C PRO E 15 -64.86 -4.02 -17.43
N THR E 16 -65.22 -2.94 -18.11
CA THR E 16 -65.84 -3.05 -19.44
C THR E 16 -64.99 -2.44 -20.55
N SER E 17 -63.77 -2.04 -20.23
CA SER E 17 -62.86 -1.50 -21.23
C SER E 17 -61.41 -1.54 -20.76
N ILE E 18 -60.47 -1.55 -21.71
CA ILE E 18 -59.06 -1.49 -21.39
C ILE E 18 -58.58 -0.05 -21.25
N PRO E 19 -58.10 0.32 -20.06
CA PRO E 19 -57.54 1.66 -19.88
C PRO E 19 -56.29 1.86 -20.73
N ILE E 20 -56.26 2.92 -21.53
CA ILE E 20 -55.12 3.19 -22.40
C ILE E 20 -54.62 4.59 -22.18
N GLU E 21 -53.32 4.72 -21.92
CA GLU E 21 -52.70 6.04 -21.79
C GLU E 21 -52.08 6.45 -23.11
N TYR E 22 -52.66 7.46 -23.74
CA TYR E 22 -52.18 7.97 -25.02
C TYR E 22 -51.15 9.08 -24.88
N ASN E 23 -51.45 10.06 -24.03
CA ASN E 23 -50.51 11.15 -23.78
C ASN E 23 -49.58 10.80 -22.61
N THR E 24 -48.39 10.31 -22.94
CA THR E 24 -47.41 9.92 -21.94
C THR E 24 -46.45 11.06 -21.66
N PRO E 25 -45.82 11.06 -20.47
CA PRO E 25 -44.82 12.05 -20.10
C PRO E 25 -43.65 12.12 -21.08
N ILE E 26 -43.40 11.03 -21.79
CA ILE E 26 -42.34 10.97 -22.78
C ILE E 26 -42.60 11.97 -23.93
N HIS E 27 -43.87 12.14 -24.29
CA HIS E 27 -44.25 13.04 -25.37
C HIS E 27 -44.01 14.50 -24.99
N ASP E 28 -43.85 14.77 -23.69
CA ASP E 28 -43.61 16.13 -23.22
C ASP E 28 -42.13 16.46 -23.11
N ILE E 29 -41.29 15.49 -23.44
CA ILE E 29 -39.84 15.70 -23.37
C ILE E 29 -39.31 16.36 -24.64
N LYS E 30 -38.67 17.52 -24.47
CA LYS E 30 -38.03 18.22 -25.57
C LYS E 30 -36.62 17.66 -25.79
N VAL E 31 -36.35 17.20 -27.01
CA VAL E 31 -35.07 16.57 -27.33
C VAL E 31 -34.18 17.44 -28.20
N GLN E 32 -32.96 17.68 -27.71
CA GLN E 32 -31.98 18.48 -28.42
C GLN E 32 -30.76 17.64 -28.75
N VAL E 33 -30.31 17.70 -29.99
CA VAL E 33 -29.12 16.98 -30.39
C VAL E 33 -28.02 17.96 -30.79
N TYR E 34 -26.89 17.91 -30.09
CA TYR E 34 -25.77 18.79 -30.39
C TYR E 34 -24.59 18.00 -30.91
N ASP E 35 -23.72 18.67 -31.66
CA ASP E 35 -22.51 18.02 -32.16
C ASP E 35 -21.46 18.05 -31.06
N ILE E 36 -20.80 16.92 -30.85
CA ILE E 36 -19.84 16.79 -29.76
C ILE E 36 -18.67 17.76 -29.94
N LYS E 37 -18.39 18.11 -31.19
CA LYS E 37 -17.31 19.05 -31.49
C LYS E 37 -17.75 20.45 -31.06
N GLY E 38 -16.90 21.12 -30.29
CA GLY E 38 -17.23 22.45 -29.80
C GLY E 38 -17.37 22.47 -28.29
N GLY E 39 -17.29 21.29 -27.69
CA GLY E 39 -17.39 21.18 -26.24
C GLY E 39 -18.80 20.98 -25.74
N CYS E 40 -18.90 20.41 -24.54
CA CYS E 40 -20.19 20.14 -23.92
C CYS E 40 -20.47 21.15 -22.82
N ASN E 41 -21.71 21.61 -22.74
CA ASN E 41 -22.13 22.50 -21.66
C ASN E 41 -22.84 21.77 -20.54
N VAL E 42 -22.39 22.02 -19.31
CA VAL E 42 -22.95 21.42 -18.12
C VAL E 42 -23.59 22.50 -17.26
N GLU E 43 -24.90 22.68 -17.44
CA GLU E 43 -25.63 23.74 -16.76
C GLU E 43 -26.61 23.12 -15.78
N GLU E 44 -27.79 22.75 -16.27
CA GLU E 44 -28.80 22.12 -15.43
C GLU E 44 -28.71 20.59 -15.43
N GLY E 45 -29.38 19.98 -14.45
CA GLY E 45 -29.64 18.55 -14.48
C GLY E 45 -28.50 17.56 -14.37
N LEU E 46 -28.69 16.42 -15.04
CA LEU E 46 -27.75 15.30 -14.99
C LEU E 46 -27.08 15.09 -16.34
N THR E 47 -25.75 15.00 -16.31
CA THR E 47 -24.97 14.76 -17.52
C THR E 47 -24.26 13.41 -17.43
N ILE E 48 -24.55 12.51 -18.37
CA ILE E 48 -23.97 11.18 -18.37
C ILE E 48 -23.11 10.92 -19.60
N PHE E 49 -21.87 10.51 -19.38
CA PHE E 49 -20.96 10.16 -20.46
C PHE E 49 -20.99 8.64 -20.71
N LEU E 50 -21.25 8.24 -21.96
CA LEU E 50 -21.19 6.84 -22.34
C LEU E 50 -19.78 6.51 -22.80
N VAL E 51 -19.04 5.76 -21.98
CA VAL E 51 -17.63 5.52 -22.20
C VAL E 51 -17.31 4.03 -22.27
N ASN E 52 -16.28 3.69 -23.06
CA ASN E 52 -15.79 2.33 -23.14
C ASN E 52 -14.26 2.31 -23.00
N ASN E 53 -13.66 1.13 -23.09
CA ASN E 53 -12.21 1.05 -23.10
C ASN E 53 -11.74 -0.16 -23.89
N PRO E 54 -11.44 0.05 -25.19
CA PRO E 54 -10.94 -0.97 -26.12
C PRO E 54 -9.71 -1.70 -25.57
N LYS E 56 -7.94 -2.54 -20.93
CA LYS E 56 -9.01 -3.06 -21.77
C LYS E 56 -10.17 -3.55 -20.91
N GLU E 57 -10.38 -4.87 -20.88
CA GLU E 57 -11.42 -5.49 -20.06
C GLU E 57 -11.53 -4.82 -18.68
N ASN E 58 -12.74 -4.36 -18.36
CA ASN E 58 -12.98 -3.55 -17.16
C ASN E 58 -11.89 -2.53 -16.87
N GLY E 59 -11.56 -1.72 -17.88
CA GLY E 59 -10.50 -0.75 -17.77
C GLY E 59 -11.00 0.55 -17.18
N PRO E 60 -10.06 1.46 -16.86
CA PRO E 60 -10.44 2.73 -16.25
C PRO E 60 -11.26 3.62 -17.17
N VAL E 61 -12.07 4.49 -16.58
CA VAL E 61 -12.87 5.43 -17.34
C VAL E 61 -12.02 6.63 -17.76
N LYS E 62 -12.14 7.01 -19.03
CA LYS E 62 -11.45 8.19 -19.53
C LYS E 62 -12.41 9.03 -20.37
N ILE E 63 -12.61 10.28 -19.96
CA ILE E 63 -13.49 11.20 -20.67
C ILE E 63 -12.71 11.98 -21.71
N SER E 64 -13.10 11.83 -22.97
CA SER E 64 -12.37 12.48 -24.08
C SER E 64 -12.92 13.88 -24.38
N SER E 65 -14.24 14.05 -24.22
CA SER E 65 -14.90 15.31 -24.58
C SER E 65 -14.47 16.51 -23.73
N LYS E 66 -14.39 17.67 -24.38
CA LYS E 66 -14.09 18.92 -23.70
C LYS E 66 -15.36 19.49 -23.07
N VAL E 67 -15.27 19.88 -21.80
CA VAL E 67 -16.41 20.43 -21.09
C VAL E 67 -16.23 21.91 -20.78
N ASN E 68 -17.19 22.72 -21.20
CA ASN E 68 -17.12 24.18 -21.02
C ASN E 68 -17.44 24.62 -19.60
N ASP E 69 -16.83 23.94 -18.63
CA ASP E 69 -17.01 24.28 -17.22
C ASP E 69 -15.78 23.85 -16.42
N LYS E 70 -15.16 24.82 -15.75
CA LYS E 70 -13.91 24.57 -15.04
C LYS E 70 -14.09 23.59 -13.89
N GLN E 71 -15.19 23.74 -13.14
CA GLN E 71 -15.47 22.89 -11.99
C GLN E 71 -15.72 21.43 -12.39
N VAL E 72 -16.50 21.23 -13.44
CA VAL E 72 -16.83 19.89 -13.92
C VAL E 72 -15.61 19.23 -14.55
N SER E 73 -14.80 20.02 -15.24
CA SER E 73 -13.60 19.49 -15.89
C SER E 73 -12.61 18.96 -14.87
N GLU E 74 -12.57 19.58 -13.69
CA GLU E 74 -11.70 19.09 -12.63
C GLU E 74 -12.20 17.72 -12.16
N PHE E 75 -13.52 17.56 -12.10
CA PHE E 75 -14.12 16.28 -11.75
C PHE E 75 -13.80 15.19 -12.77
N LEU E 76 -13.82 15.57 -14.05
CA LEU E 76 -13.68 14.60 -15.13
C LEU E 76 -12.23 14.38 -15.56
N LYS E 77 -11.28 14.90 -14.79
CA LYS E 77 -9.88 14.69 -15.13
C LYS E 77 -9.54 13.20 -14.97
N ASP E 78 -8.55 12.75 -15.73
CA ASP E 78 -8.17 11.34 -15.79
C ASP E 78 -7.87 10.73 -14.42
N GLU E 79 -7.17 11.48 -13.57
CA GLU E 79 -6.78 10.99 -12.25
C GLU E 79 -7.98 10.58 -11.39
N ASN E 80 -9.06 11.34 -11.49
CA ASN E 80 -10.27 11.04 -10.73
C ASN E 80 -11.11 9.93 -11.35
N MET E 81 -11.17 9.88 -12.68
CA MET E 81 -12.10 8.98 -13.34
C MET E 81 -11.53 7.57 -13.48
N GLU E 82 -10.22 7.45 -13.34
CA GLU E 82 -9.55 6.15 -13.47
C GLU E 82 -9.89 5.27 -12.26
N LYS E 83 -10.45 5.88 -11.23
CA LYS E 83 -10.89 5.15 -10.05
C LYS E 83 -12.17 4.36 -10.37
N PHE E 84 -12.78 4.69 -11.49
CA PHE E 84 -13.98 3.99 -11.95
C PHE E 84 -13.64 3.14 -13.16
N ASN E 85 -14.39 2.07 -13.38
CA ASN E 85 -14.11 1.20 -14.52
C ASN E 85 -15.30 1.17 -15.49
N VAL E 86 -15.07 0.65 -16.69
CA VAL E 86 -16.05 0.74 -17.77
C VAL E 86 -16.85 -0.54 -17.98
N LYS E 87 -16.83 -1.43 -17.00
CA LYS E 87 -17.60 -2.68 -17.06
C LYS E 87 -19.03 -2.40 -17.47
N LEU E 88 -19.52 -3.15 -18.45
CA LEU E 88 -20.84 -2.95 -19.04
C LEU E 88 -21.95 -2.86 -18.00
N GLY E 89 -22.64 -1.72 -17.98
CA GLY E 89 -23.77 -1.51 -17.09
C GLY E 89 -23.40 -0.82 -15.79
N THR E 90 -22.11 -0.74 -15.52
CA THR E 90 -21.64 -0.09 -14.30
C THR E 90 -21.79 1.42 -14.44
N SER E 91 -22.27 2.07 -13.38
CA SER E 91 -22.43 3.52 -13.42
C SER E 91 -22.13 4.19 -12.09
N LYS E 92 -21.70 5.44 -12.16
CA LYS E 92 -21.51 6.27 -10.99
C LYS E 92 -21.98 7.67 -11.35
N HIS E 93 -22.68 8.36 -10.46
CA HIS E 93 -23.00 9.77 -10.68
C HIS E 93 -22.80 10.56 -9.39
N PHE E 94 -22.25 11.76 -9.52
CA PHE E 94 -21.99 12.64 -8.39
C PHE E 94 -22.71 13.97 -8.52
N TYR E 95 -23.02 14.58 -7.37
CA TYR E 95 -23.64 15.89 -7.32
C TYR E 95 -22.60 16.91 -6.88
N MET E 96 -22.57 18.04 -7.58
CA MET E 96 -21.56 19.07 -7.33
C MET E 96 -22.04 20.42 -7.83
N PHE E 97 -21.25 21.46 -7.58
CA PHE E 97 -21.55 22.78 -8.11
C PHE E 97 -20.69 23.09 -9.31
N ASN E 98 -21.28 23.70 -10.33
CA ASN E 98 -20.54 24.10 -11.52
C ASN E 98 -19.97 25.50 -11.33
N ASP E 99 -19.53 26.11 -12.42
CA ASP E 99 -18.91 27.43 -12.35
C ASP E 99 -19.87 28.49 -11.84
N ASN E 100 -21.15 28.32 -12.12
CA ASN E 100 -22.16 29.29 -11.72
C ASN E 100 -22.79 29.01 -10.35
N LYS E 101 -22.14 28.15 -9.57
CA LYS E 101 -22.64 27.75 -8.25
C LYS E 101 -24.05 27.16 -8.34
N ASN E 102 -24.35 26.51 -9.46
CA ASN E 102 -25.61 25.80 -9.62
C ASN E 102 -25.39 24.31 -9.38
N SER E 103 -26.37 23.65 -8.77
CA SER E 103 -26.23 22.22 -8.50
C SER E 103 -26.38 21.39 -9.77
N VAL E 104 -25.38 20.56 -10.03
CA VAL E 104 -25.37 19.69 -11.22
C VAL E 104 -25.02 18.25 -10.83
N ALA E 105 -25.48 17.31 -11.64
CA ALA E 105 -25.13 15.91 -11.42
C ALA E 105 -24.37 15.38 -12.63
N VAL E 106 -23.20 14.78 -12.40
CA VAL E 106 -22.38 14.29 -13.51
C VAL E 106 -22.01 12.83 -13.27
N GLY E 107 -21.97 12.05 -14.33
CA GLY E 107 -21.64 10.64 -14.21
C GLY E 107 -21.37 9.95 -15.53
N TYR E 108 -21.29 8.62 -15.48
CA TYR E 108 -21.03 7.83 -16.66
C TYR E 108 -21.73 6.48 -16.60
N VAL E 109 -21.84 5.83 -17.76
CA VAL E 109 -22.26 4.44 -17.82
C VAL E 109 -21.26 3.65 -18.66
N GLY E 110 -20.73 2.56 -18.10
CA GLY E 110 -19.74 1.76 -18.78
C GLY E 110 -20.30 1.01 -19.98
N CYS E 111 -19.61 1.09 -21.10
CA CYS E 111 -20.06 0.43 -22.31
C CYS E 111 -19.12 -0.70 -22.73
N GLY E 112 -18.41 -1.25 -21.75
CA GLY E 112 -17.60 -2.43 -21.98
C GLY E 112 -16.30 -2.18 -22.74
N SER E 113 -15.83 -3.22 -23.43
CA SER E 113 -14.55 -3.17 -24.11
C SER E 113 -14.70 -3.45 -25.60
N VAL E 114 -15.94 -3.66 -26.03
CA VAL E 114 -16.24 -3.94 -27.43
C VAL E 114 -16.62 -2.66 -28.18
N ALA E 115 -15.98 -2.42 -29.33
CA ALA E 115 -16.20 -1.19 -30.09
C ALA E 115 -17.63 -1.08 -30.63
N ASP E 116 -18.14 -2.18 -31.16
CA ASP E 116 -19.49 -2.18 -31.73
C ASP E 116 -20.49 -2.82 -30.77
N LEU E 117 -21.33 -1.99 -30.16
CA LEU E 117 -22.31 -2.47 -29.21
C LEU E 117 -23.48 -3.15 -29.92
N SER E 118 -23.91 -4.28 -29.37
CA SER E 118 -25.07 -4.97 -29.90
C SER E 118 -26.34 -4.39 -29.28
N GLU E 119 -27.49 -4.79 -29.81
CA GLU E 119 -28.78 -4.39 -29.25
C GLU E 119 -28.89 -4.74 -27.76
N ALA E 120 -28.43 -5.94 -27.39
CA ALA E 120 -28.48 -6.38 -26.01
C ALA E 120 -27.56 -5.55 -25.13
N ASP E 121 -26.39 -5.21 -25.68
CA ASP E 121 -25.41 -4.38 -24.99
C ASP E 121 -25.99 -2.99 -24.71
N MET E 122 -26.58 -2.40 -25.74
CA MET E 122 -27.19 -1.08 -25.63
C MET E 122 -28.32 -1.09 -24.61
N LYS E 123 -29.04 -2.21 -24.55
CA LYS E 123 -30.15 -2.34 -23.61
C LYS E 123 -29.66 -2.26 -22.17
N ARG E 124 -28.54 -2.90 -21.88
CA ARG E 124 -27.96 -2.86 -20.54
C ARG E 124 -27.49 -1.46 -20.19
N VAL E 125 -26.95 -0.74 -21.17
CA VAL E 125 -26.52 0.63 -20.95
C VAL E 125 -27.70 1.50 -20.57
N VAL E 126 -28.79 1.38 -21.33
CA VAL E 126 -30.01 2.14 -21.08
C VAL E 126 -30.61 1.84 -19.71
N LEU E 127 -30.67 0.56 -19.35
CA LEU E 127 -31.25 0.15 -18.08
C LEU E 127 -30.52 0.79 -16.90
N SER E 128 -29.20 0.86 -16.99
CA SER E 128 -28.39 1.52 -15.98
C SER E 128 -28.68 3.01 -15.97
N LEU E 129 -28.90 3.56 -17.16
CA LEU E 129 -29.25 4.95 -17.33
C LEU E 129 -30.61 5.25 -16.70
N VAL E 130 -31.56 4.34 -16.91
CA VAL E 130 -32.91 4.50 -16.39
C VAL E 130 -32.93 4.43 -14.86
N THR E 131 -32.05 3.61 -14.30
CA THR E 131 -31.94 3.47 -12.85
C THR E 131 -31.58 4.80 -12.18
N MET E 132 -30.74 5.59 -12.84
CA MET E 132 -30.39 6.90 -12.32
C MET E 132 -31.53 7.90 -12.45
N LEU E 133 -32.35 7.74 -13.48
CA LEU E 133 -33.49 8.63 -13.67
C LEU E 133 -34.61 8.37 -12.67
N HIS E 134 -34.78 7.11 -12.28
CA HIS E 134 -35.83 6.76 -11.33
C HIS E 134 -35.52 7.17 -9.89
N ASP E 135 -34.26 7.50 -9.59
CA ASP E 135 -33.91 7.88 -8.22
C ASP E 135 -33.30 9.27 -8.14
N ASN E 136 -33.53 10.10 -9.16
CA ASN E 136 -33.19 11.52 -9.09
C ASN E 136 -34.28 12.46 -9.64
N LYS E 137 -34.82 13.31 -8.76
CA LYS E 137 -35.76 14.36 -9.16
C LYS E 137 -35.13 15.34 -10.17
N LEU E 138 -34.90 14.86 -11.39
CA LEU E 138 -34.26 15.69 -12.41
C LEU E 138 -35.24 16.38 -13.35
N SER E 139 -34.82 17.51 -13.91
CA SER E 139 -35.61 18.24 -14.89
C SER E 139 -35.06 17.99 -16.30
N LYS E 140 -33.76 17.71 -16.37
CA LYS E 140 -33.09 17.54 -17.65
C LYS E 140 -32.02 16.45 -17.62
N LEU E 141 -32.00 15.62 -18.66
CA LEU E 141 -30.95 14.63 -18.82
C LEU E 141 -30.12 14.92 -20.07
N THR E 142 -28.80 14.89 -19.92
CA THR E 142 -27.90 15.06 -21.05
C THR E 142 -27.01 13.84 -21.19
N VAL E 143 -27.03 13.21 -22.36
CA VAL E 143 -26.21 12.03 -22.61
C VAL E 143 -25.14 12.32 -23.66
N VAL E 144 -23.89 12.07 -23.29
CA VAL E 144 -22.77 12.33 -24.19
C VAL E 144 -22.20 11.04 -24.75
N PHE E 145 -22.33 10.87 -26.07
CA PHE E 145 -21.88 9.67 -26.75
C PHE E 145 -20.39 9.69 -27.09
N GLU E 146 -19.59 9.03 -26.26
CA GLU E 146 -18.18 8.85 -26.57
C GLU E 146 -17.97 7.42 -27.09
N ILE E 147 -19.00 6.90 -27.73
CA ILE E 147 -18.97 5.58 -28.33
C ILE E 147 -19.49 5.64 -29.76
N ASN E 148 -19.25 4.59 -30.54
CA ASN E 148 -19.71 4.54 -31.92
C ASN E 148 -21.04 3.83 -32.07
N VAL E 149 -22.02 4.57 -32.61
CA VAL E 149 -23.32 4.00 -32.93
C VAL E 149 -23.77 4.51 -34.31
N ASP E 150 -24.37 3.65 -35.11
CA ASP E 150 -24.92 4.07 -36.38
C ASP E 150 -26.29 4.69 -36.13
N LYS E 151 -26.93 5.16 -37.19
CA LYS E 151 -28.23 5.83 -37.07
C LYS E 151 -29.30 4.92 -36.48
N ASN E 152 -29.30 3.65 -36.91
CA ASN E 152 -30.28 2.68 -36.42
C ASN E 152 -30.14 2.36 -34.93
N LEU E 153 -28.92 2.23 -34.46
CA LEU E 153 -28.69 1.91 -33.05
C LEU E 153 -28.99 3.11 -32.18
N PHE E 154 -28.74 4.31 -32.70
CA PHE E 154 -29.05 5.53 -31.97
C PHE E 154 -30.54 5.65 -31.76
N ARG E 155 -31.31 5.33 -32.80
CA ARG E 155 -32.76 5.35 -32.70
C ARG E 155 -33.20 4.32 -31.67
N PHE E 156 -32.56 3.16 -31.70
CA PHE E 156 -32.83 2.09 -30.74
C PHE E 156 -32.56 2.56 -29.31
N PHE E 157 -31.50 3.34 -29.13
CA PHE E 157 -31.16 3.90 -27.83
C PHE E 157 -32.30 4.75 -27.28
N LEU E 158 -32.82 5.65 -28.11
CA LEU E 158 -33.89 6.55 -27.70
C LEU E 158 -35.18 5.78 -27.42
N GLU E 159 -35.53 4.87 -28.32
CA GLU E 159 -36.73 4.04 -28.15
C GLU E 159 -36.69 3.26 -26.85
N THR E 160 -35.57 2.61 -26.58
CA THR E 160 -35.41 1.79 -25.39
C THR E 160 -35.42 2.68 -24.16
N LEU E 161 -34.76 3.81 -24.25
CA LEU E 161 -34.75 4.78 -23.16
C LEU E 161 -36.16 5.21 -22.79
N PHE E 162 -36.93 5.61 -23.80
CA PHE E 162 -38.31 6.03 -23.61
C PHE E 162 -39.18 4.92 -23.04
N TYR E 163 -39.02 3.71 -23.58
CA TYR E 163 -39.83 2.56 -23.18
C TYR E 163 -39.57 2.15 -21.73
N GLU E 164 -38.30 2.07 -21.36
CA GLU E 164 -37.93 1.64 -20.01
C GLU E 164 -38.14 2.73 -18.97
N TYR E 165 -38.03 3.99 -19.38
CA TYR E 165 -38.25 5.11 -18.49
C TYR E 165 -39.71 5.19 -18.07
N MET E 166 -40.60 4.92 -19.03
CA MET E 166 -42.04 4.98 -18.79
C MET E 166 -42.53 3.89 -17.84
N THR E 167 -43.44 4.25 -16.95
CA THR E 167 -43.99 3.31 -15.99
C THR E 167 -45.52 3.20 -16.08
N ASP E 168 -46.02 1.97 -16.18
CA ASP E 168 -47.44 1.72 -16.33
C ASP E 168 -48.12 1.72 -14.97
N GLU E 169 -48.94 2.74 -14.71
CA GLU E 169 -49.59 2.88 -13.42
C GLU E 169 -51.12 2.83 -13.52
N ARG E 170 -51.62 2.27 -14.62
CA ARG E 170 -53.05 2.21 -14.88
C ARG E 170 -53.84 1.45 -13.82
N PHE E 171 -53.21 0.45 -13.20
CA PHE E 171 -53.90 -0.42 -12.25
C PHE E 171 -53.41 -0.17 -10.82
N LYS E 172 -52.67 0.92 -10.66
CA LYS E 172 -52.16 1.38 -9.37
C LYS E 172 -53.11 2.25 -8.55
N SER E 173 -52.98 2.11 -7.22
CA SER E 173 -53.65 2.90 -6.17
C SER E 173 -55.01 2.34 -5.76
N THR E 174 -55.18 2.13 -4.46
CA THR E 174 -54.14 2.40 -3.47
C THR E 174 -54.05 1.29 -2.42
N GLU E 181 -42.38 12.59 -11.36
CA GLU E 181 -41.94 13.81 -12.03
C GLU E 181 -40.85 13.54 -13.06
N TYR E 182 -41.25 13.37 -14.31
CA TYR E 182 -40.35 13.05 -15.41
C TYR E 182 -39.55 14.28 -15.85
N ILE E 183 -38.36 14.04 -16.41
CA ILE E 183 -37.56 15.11 -16.99
C ILE E 183 -38.35 15.77 -18.13
N LYS E 184 -38.03 17.04 -18.40
CA LYS E 184 -38.71 17.77 -19.45
C LYS E 184 -37.80 18.03 -20.65
N HIS E 185 -36.49 17.84 -20.44
CA HIS E 185 -35.50 18.11 -21.50
C HIS E 185 -34.52 16.96 -21.63
N LEU E 186 -34.22 16.60 -22.87
CA LEU E 186 -33.21 15.58 -23.15
C LEU E 186 -32.16 16.11 -24.12
N GLY E 187 -30.93 16.22 -23.64
CA GLY E 187 -29.83 16.67 -24.46
C GLY E 187 -28.94 15.52 -24.89
N VAL E 188 -28.54 15.53 -26.16
CA VAL E 188 -27.65 14.49 -26.67
C VAL E 188 -26.43 15.10 -27.37
N TYR E 189 -25.25 14.73 -26.90
CA TYR E 189 -24.01 15.12 -27.56
C TYR E 189 -23.44 13.93 -28.30
N ILE E 190 -23.25 14.09 -29.61
CA ILE E 190 -22.79 13.02 -30.47
C ILE E 190 -22.05 13.60 -31.67
N ASN E 191 -21.18 12.81 -32.28
CA ASN E 191 -20.48 13.28 -33.48
C ASN E 191 -21.42 13.22 -34.67
N ASN E 192 -21.25 14.17 -35.58
CA ASN E 192 -22.17 14.36 -36.70
C ASN E 192 -23.63 14.38 -36.28
N ALA E 193 -23.98 15.32 -35.40
CA ALA E 193 -25.32 15.40 -34.84
C ALA E 193 -26.41 15.54 -35.90
N ASP E 194 -26.12 16.30 -36.96
CA ASP E 194 -27.10 16.59 -37.99
C ASP E 194 -27.60 15.31 -38.67
N THR E 195 -26.74 14.30 -38.74
CA THR E 195 -27.10 13.03 -39.35
C THR E 195 -28.07 12.24 -38.49
N TYR E 196 -28.03 12.46 -37.18
CA TYR E 196 -28.85 11.69 -36.24
C TYR E 196 -30.17 12.37 -35.88
N LYS E 197 -30.31 13.65 -36.22
CA LYS E 197 -31.47 14.43 -35.78
C LYS E 197 -32.84 13.92 -36.26
N GLU E 198 -32.89 13.41 -37.49
CA GLU E 198 -34.15 12.91 -38.05
C GLU E 198 -34.62 11.61 -37.39
N GLU E 199 -33.73 10.93 -36.70
CA GLU E 199 -34.09 9.67 -36.04
C GLU E 199 -34.87 9.93 -34.77
N VAL E 200 -34.79 11.15 -34.24
CA VAL E 200 -35.39 11.47 -32.96
C VAL E 200 -36.91 11.28 -32.92
N GLU E 201 -37.62 11.97 -33.80
CA GLU E 201 -39.08 11.89 -33.80
C GLU E 201 -39.58 10.52 -34.25
N LYS E 202 -38.81 9.87 -35.10
CA LYS E 202 -39.14 8.50 -35.52
C LYS E 202 -39.08 7.56 -34.31
N ALA E 203 -38.08 7.78 -33.45
CA ALA E 203 -37.94 7.00 -32.22
C ALA E 203 -39.14 7.20 -31.31
N ARG E 204 -39.62 8.44 -31.23
CA ARG E 204 -40.74 8.77 -30.36
C ARG E 204 -42.01 8.03 -30.81
N VAL E 205 -42.19 7.93 -32.13
CA VAL E 205 -43.31 7.17 -32.70
C VAL E 205 -43.14 5.68 -32.43
N TYR E 206 -41.93 5.16 -32.69
CA TYR E 206 -41.65 3.75 -32.45
C TYR E 206 -41.83 3.42 -30.97
N TYR E 207 -41.44 4.35 -30.11
CA TYR E 207 -41.63 4.21 -28.67
C TYR E 207 -43.10 3.93 -28.34
N PHE E 208 -44.01 4.79 -28.78
CA PHE E 208 -45.39 4.64 -28.37
C PHE E 208 -46.03 3.41 -29.02
N GLY E 209 -45.65 3.11 -30.24
CA GLY E 209 -46.14 1.91 -30.90
C GLY E 209 -45.83 0.68 -30.06
N THR E 210 -44.61 0.62 -29.56
CA THR E 210 -44.17 -0.47 -28.69
C THR E 210 -44.89 -0.41 -27.35
N TYR E 211 -44.97 0.79 -26.79
CA TYR E 211 -45.60 0.99 -25.48
C TYR E 211 -47.10 0.73 -25.52
N TYR E 212 -47.74 1.06 -26.64
CA TYR E 212 -49.16 0.80 -26.81
C TYR E 212 -49.42 -0.71 -26.79
N ALA E 213 -48.59 -1.45 -27.53
CA ALA E 213 -48.68 -2.91 -27.53
C ALA E 213 -48.42 -3.45 -26.13
N SER E 214 -47.46 -2.85 -25.44
CA SER E 214 -47.12 -3.21 -24.07
C SER E 214 -48.34 -3.06 -23.14
N GLN E 215 -49.06 -1.96 -23.29
CA GLN E 215 -50.23 -1.71 -22.46
C GLN E 215 -51.33 -2.75 -22.67
N LEU E 216 -51.50 -3.17 -23.92
CA LEU E 216 -52.51 -4.18 -24.24
C LEU E 216 -52.15 -5.54 -23.66
N ILE E 217 -50.88 -5.93 -23.80
CA ILE E 217 -50.44 -7.22 -23.31
C ILE E 217 -50.49 -7.28 -21.78
N ALA E 218 -49.96 -6.25 -21.14
CA ALA E 218 -49.88 -6.20 -19.68
C ALA E 218 -51.26 -6.18 -19.04
N ALA E 219 -52.23 -5.65 -19.77
CA ALA E 219 -53.61 -5.63 -19.33
C ALA E 219 -54.12 -7.05 -19.07
N PRO E 220 -54.60 -7.30 -17.84
CA PRO E 220 -55.10 -8.62 -17.44
C PRO E 220 -56.29 -9.06 -18.26
N SER E 221 -56.61 -10.34 -18.22
CA SER E 221 -57.63 -10.91 -19.11
C SER E 221 -59.05 -10.48 -18.75
N ASN E 222 -59.27 -10.01 -17.53
CA ASN E 222 -60.58 -9.51 -17.17
C ASN E 222 -60.78 -8.10 -17.74
N TYR E 223 -59.68 -7.39 -17.93
CA TYR E 223 -59.71 -6.10 -18.61
C TYR E 223 -59.61 -6.27 -20.13
N CYS E 224 -58.66 -7.08 -20.56
CA CYS E 224 -58.43 -7.27 -21.99
C CYS E 224 -59.09 -8.57 -22.46
N ASN E 225 -60.29 -8.45 -23.02
CA ASN E 225 -61.03 -9.58 -23.53
C ASN E 225 -61.32 -9.37 -25.02
N PRO E 226 -61.83 -10.41 -25.72
CA PRO E 226 -62.08 -10.25 -27.15
C PRO E 226 -62.92 -9.03 -27.52
N VAL E 227 -63.92 -8.71 -26.70
CA VAL E 227 -64.77 -7.57 -26.99
C VAL E 227 -64.03 -6.27 -26.73
N SER E 228 -63.42 -6.17 -25.55
CA SER E 228 -62.72 -4.96 -25.14
C SER E 228 -61.48 -4.67 -26.01
N LEU E 229 -60.81 -5.71 -26.49
CA LEU E 229 -59.63 -5.53 -27.31
C LEU E 229 -59.98 -4.98 -28.69
N SER E 230 -61.07 -5.51 -29.26
CA SER E 230 -61.55 -5.06 -30.56
C SER E 230 -62.06 -3.62 -30.48
N ASN E 231 -62.66 -3.28 -29.34
CA ASN E 231 -63.09 -1.91 -29.09
C ASN E 231 -61.91 -0.95 -29.08
N ALA E 232 -60.81 -1.39 -28.46
CA ALA E 232 -59.59 -0.60 -28.42
C ALA E 232 -59.04 -0.41 -29.83
N ALA E 233 -59.13 -1.46 -30.64
CA ALA E 233 -58.67 -1.43 -32.02
C ALA E 233 -59.45 -0.40 -32.84
N VAL E 234 -60.76 -0.37 -32.65
CA VAL E 234 -61.62 0.58 -33.34
C VAL E 234 -61.23 2.02 -32.97
N GLU E 235 -61.06 2.25 -31.68
CA GLU E 235 -60.67 3.57 -31.17
C GLU E 235 -59.34 4.02 -31.74
N LEU E 236 -58.40 3.10 -31.87
CA LEU E 236 -57.11 3.42 -32.46
C LEU E 236 -57.26 3.76 -33.94
N ALA E 237 -58.06 2.96 -34.64
CA ALA E 237 -58.29 3.18 -36.07
C ALA E 237 -58.93 4.53 -36.34
N GLN E 238 -59.84 4.93 -35.46
CA GLN E 238 -60.53 6.21 -35.60
C GLN E 238 -59.57 7.38 -35.42
N LYS E 239 -58.63 7.24 -34.48
CA LYS E 239 -57.64 8.29 -34.23
C LYS E 239 -56.64 8.42 -35.37
N LEU E 240 -56.44 7.34 -36.11
CA LEU E 240 -55.44 7.31 -37.17
C LEU E 240 -56.05 7.42 -38.57
N ASN E 241 -57.37 7.59 -38.62
CA ASN E 241 -58.11 7.59 -39.87
C ASN E 241 -57.83 6.36 -40.71
N LEU E 242 -57.90 5.20 -40.06
CA LEU E 242 -57.78 3.92 -40.74
C LEU E 242 -59.15 3.30 -40.97
N GLU E 243 -59.29 2.59 -42.08
CA GLU E 243 -60.51 1.81 -42.33
C GLU E 243 -60.59 0.69 -41.31
N TYR E 244 -61.79 0.43 -40.79
CA TYR E 244 -61.94 -0.64 -39.81
C TYR E 244 -63.19 -1.46 -40.02
N LYS E 245 -63.12 -2.72 -39.58
CA LYS E 245 -64.17 -3.70 -39.76
C LYS E 245 -64.08 -4.76 -38.68
N ILE E 246 -65.14 -4.92 -37.90
CA ILE E 246 -65.15 -5.95 -36.86
C ILE E 246 -66.15 -7.06 -37.20
N LEU E 247 -65.64 -8.26 -37.40
CA LEU E 247 -66.48 -9.40 -37.75
C LEU E 247 -66.98 -10.12 -36.50
N GLY E 248 -68.31 -10.26 -36.40
CA GLY E 248 -68.93 -10.92 -35.28
C GLY E 248 -69.20 -12.39 -35.58
N VAL E 249 -69.78 -13.09 -34.60
CA VAL E 249 -70.00 -14.53 -34.71
C VAL E 249 -70.82 -14.91 -35.94
N LYS E 250 -71.89 -14.16 -36.19
CA LYS E 250 -72.78 -14.45 -37.31
C LYS E 250 -72.04 -14.38 -38.65
N GLU E 251 -71.20 -13.36 -38.82
CA GLU E 251 -70.41 -13.20 -40.04
C GLU E 251 -69.36 -14.30 -40.14
N LEU E 252 -68.74 -14.63 -39.00
CA LEU E 252 -67.70 -15.65 -38.96
C LEU E 252 -68.29 -17.00 -39.29
N GLU E 253 -69.54 -17.22 -38.87
CA GLU E 253 -70.27 -18.43 -39.22
C GLU E 253 -70.54 -18.45 -40.73
N GLU E 254 -70.91 -17.30 -41.29
CA GLU E 254 -71.17 -17.18 -42.73
C GLU E 254 -69.90 -17.45 -43.54
N LEU E 255 -68.75 -17.06 -42.99
CA LEU E 255 -67.48 -17.30 -43.64
C LEU E 255 -66.93 -18.70 -43.33
N LYS E 256 -67.66 -19.44 -42.51
CA LYS E 256 -67.34 -20.82 -42.17
C LYS E 256 -65.95 -20.95 -41.52
N MET E 257 -65.62 -19.97 -40.67
CA MET E 257 -64.36 -19.98 -39.94
C MET E 257 -64.49 -20.90 -38.72
N GLY E 258 -64.59 -22.20 -38.99
CA GLY E 258 -64.86 -23.21 -37.98
C GLY E 258 -63.74 -23.51 -36.98
N ALA E 259 -62.49 -23.42 -37.43
CA ALA E 259 -61.36 -23.64 -36.55
C ALA E 259 -61.29 -22.52 -35.52
N TYR E 260 -61.41 -21.29 -36.00
CA TYR E 260 -61.38 -20.11 -35.15
C TYR E 260 -62.55 -20.10 -34.17
N LEU E 261 -63.75 -20.41 -34.67
CA LEU E 261 -64.94 -20.39 -33.82
C LEU E 261 -64.93 -21.49 -32.77
N SER E 262 -64.31 -22.62 -33.10
CA SER E 262 -64.28 -23.77 -32.19
C SER E 262 -63.50 -23.45 -30.92
N VAL E 263 -62.39 -22.72 -31.06
CA VAL E 263 -61.57 -22.33 -29.93
C VAL E 263 -62.33 -21.43 -28.95
N GLY E 264 -63.16 -20.55 -29.49
CA GLY E 264 -63.88 -19.57 -28.68
C GLY E 264 -65.18 -20.07 -28.06
N LYS E 265 -65.60 -21.27 -28.43
CA LYS E 265 -66.87 -21.84 -27.97
C LYS E 265 -67.05 -21.78 -26.45
N GLY E 266 -65.98 -22.06 -25.70
CA GLY E 266 -66.05 -22.13 -24.26
C GLY E 266 -65.96 -20.81 -23.51
N SER E 267 -65.90 -19.71 -24.24
CA SER E 267 -65.75 -18.38 -23.63
C SER E 267 -67.08 -17.66 -23.46
N MET E 268 -67.14 -16.76 -22.49
CA MET E 268 -68.30 -15.92 -22.28
C MET E 268 -68.25 -14.70 -23.19
N TYR E 269 -67.07 -14.48 -23.76
CA TYR E 269 -66.86 -13.37 -24.69
C TYR E 269 -66.94 -13.87 -26.12
N PRO E 270 -67.81 -13.24 -26.93
CA PRO E 270 -67.96 -13.61 -28.34
C PRO E 270 -66.70 -13.36 -29.15
N ASN E 271 -66.43 -14.21 -30.13
CA ASN E 271 -65.26 -14.03 -30.99
C ASN E 271 -65.33 -12.71 -31.75
N LYS E 272 -64.18 -12.04 -31.87
CA LYS E 272 -64.10 -10.77 -32.58
C LYS E 272 -62.90 -10.76 -33.52
N PHE E 273 -63.17 -10.61 -34.82
CA PHE E 273 -62.11 -10.57 -35.82
C PHE E 273 -61.78 -9.13 -36.18
N ILE E 274 -60.56 -8.72 -35.86
CA ILE E 274 -60.13 -7.34 -36.13
C ILE E 274 -59.54 -7.20 -37.53
N HIS E 275 -60.02 -6.21 -38.28
CA HIS E 275 -59.51 -5.93 -39.61
C HIS E 275 -59.32 -4.42 -39.79
N LEU E 276 -58.09 -3.97 -39.65
CA LEU E 276 -57.76 -2.57 -39.87
C LEU E 276 -57.04 -2.45 -41.21
N THR E 277 -57.22 -1.32 -41.90
CA THR E 277 -56.58 -1.14 -43.18
C THR E 277 -55.98 0.25 -43.35
N TYR E 278 -54.72 0.29 -43.78
CA TYR E 278 -54.08 1.53 -44.16
C TYR E 278 -53.88 1.54 -45.68
N LYS E 279 -54.37 2.59 -46.34
CA LYS E 279 -54.16 2.73 -47.77
C LYS E 279 -53.47 4.05 -48.08
N SER E 280 -52.41 3.98 -48.90
CA SER E 280 -51.67 5.18 -49.27
C SER E 280 -52.49 6.06 -50.21
N LYS E 281 -52.27 7.37 -50.12
CA LYS E 281 -52.98 8.34 -50.94
C LYS E 281 -52.49 8.38 -52.39
N GLY E 282 -52.02 7.25 -52.90
CA GLY E 282 -51.49 7.19 -54.25
C GLY E 282 -51.58 5.81 -54.86
N ASP E 283 -50.76 5.56 -55.87
CA ASP E 283 -50.74 4.27 -56.53
C ASP E 283 -50.21 3.21 -55.58
N VAL E 284 -50.98 2.13 -55.41
CA VAL E 284 -50.59 1.05 -54.53
C VAL E 284 -49.73 0.03 -55.27
N LYS E 285 -48.51 -0.18 -54.79
CA LYS E 285 -47.56 -1.06 -55.46
C LYS E 285 -47.35 -2.38 -54.71
N LYS E 286 -47.60 -2.37 -53.40
CA LYS E 286 -47.49 -3.57 -52.58
C LYS E 286 -48.66 -3.69 -51.62
N LYS E 287 -49.25 -4.88 -51.57
CA LYS E 287 -50.32 -5.16 -50.62
C LYS E 287 -49.86 -6.17 -49.58
N ILE E 288 -49.97 -5.81 -48.30
CA ILE E 288 -49.45 -6.64 -47.22
C ILE E 288 -50.49 -6.92 -46.15
N ALA E 289 -50.57 -8.19 -45.75
CA ALA E 289 -51.44 -8.59 -44.65
C ALA E 289 -50.61 -9.01 -43.44
N LEU E 290 -50.85 -8.36 -42.31
CA LEU E 290 -50.19 -8.71 -41.05
C LEU E 290 -51.18 -9.40 -40.14
N VAL E 291 -50.88 -10.66 -39.79
CA VAL E 291 -51.81 -11.46 -39.00
C VAL E 291 -51.25 -11.68 -37.60
N GLY E 292 -52.03 -11.36 -36.59
CA GLY E 292 -51.59 -11.53 -35.22
C GLY E 292 -52.44 -12.50 -34.43
N LYS E 293 -51.79 -13.37 -33.66
CA LYS E 293 -52.51 -14.26 -32.77
C LYS E 293 -53.12 -13.46 -31.63
N GLY E 294 -54.43 -13.59 -31.45
CA GLY E 294 -55.14 -12.80 -30.47
C GLY E 294 -55.93 -13.61 -29.45
N ILE E 295 -55.23 -14.42 -28.66
CA ILE E 295 -55.87 -15.14 -27.57
C ILE E 295 -55.74 -14.34 -26.29
N THR E 296 -56.84 -13.74 -25.85
CA THR E 296 -56.81 -12.84 -24.69
C THR E 296 -56.47 -13.58 -23.40
N PHE E 297 -56.86 -14.85 -23.31
CA PHE E 297 -56.39 -15.72 -22.25
C PHE E 297 -56.36 -17.17 -22.70
N ASP E 298 -55.25 -17.84 -22.43
CA ASP E 298 -55.10 -19.24 -22.80
C ASP E 298 -55.04 -20.13 -21.56
N SER E 299 -56.17 -20.74 -21.23
CA SER E 299 -56.21 -21.65 -20.09
C SER E 299 -55.67 -23.02 -20.50
N GLY E 300 -55.64 -23.26 -21.80
CA GLY E 300 -55.22 -24.53 -22.34
C GLY E 300 -56.41 -25.35 -22.78
N GLY E 301 -57.60 -24.95 -22.35
CA GLY E 301 -58.81 -25.71 -22.61
C GLY E 301 -58.84 -26.95 -21.73
N TYR E 302 -59.47 -28.01 -22.20
CA TYR E 302 -59.54 -29.25 -21.43
C TYR E 302 -58.17 -29.88 -21.28
N ASN E 303 -57.25 -29.53 -22.19
CA ASN E 303 -55.84 -29.79 -21.97
C ASN E 303 -55.27 -28.68 -21.10
N LEU E 304 -55.81 -28.56 -19.89
CA LEU E 304 -55.51 -27.46 -18.99
C LEU E 304 -54.01 -27.30 -18.71
N LYS E 305 -53.56 -26.05 -18.63
CA LYS E 305 -52.19 -25.76 -18.27
C LYS E 305 -52.01 -26.05 -16.78
N ALA E 306 -51.85 -27.33 -16.45
CA ALA E 306 -51.77 -27.78 -15.07
C ALA E 306 -50.39 -28.36 -14.75
N ALA E 307 -49.59 -28.61 -15.77
CA ALA E 307 -48.24 -29.13 -15.58
C ALA E 307 -47.32 -28.06 -15.00
N PRO E 308 -46.30 -28.48 -14.23
CA PRO E 308 -45.34 -27.51 -13.70
C PRO E 308 -44.60 -26.76 -14.81
N GLY E 309 -44.54 -25.44 -14.71
CA GLY E 309 -43.84 -24.64 -15.69
C GLY E 309 -44.72 -24.23 -16.87
N SER E 310 -46.02 -24.47 -16.75
CA SER E 310 -46.95 -24.18 -17.82
C SER E 310 -47.30 -22.68 -17.86
N MET E 311 -46.96 -21.98 -16.78
CA MET E 311 -47.09 -20.52 -16.71
C MET E 311 -48.50 -20.00 -17.01
N ILE E 312 -49.50 -20.59 -16.36
CA ILE E 312 -50.88 -20.22 -16.62
C ILE E 312 -51.20 -18.77 -16.20
N ASP E 313 -50.46 -18.26 -15.22
CA ASP E 313 -50.69 -16.90 -14.73
C ASP E 313 -50.12 -15.85 -15.67
N LEU E 314 -49.42 -16.31 -16.69
CA LEU E 314 -48.78 -15.40 -17.63
C LEU E 314 -49.58 -15.33 -18.92
N MET E 315 -50.60 -16.19 -19.03
CA MET E 315 -51.30 -16.43 -20.29
C MET E 315 -52.14 -15.27 -20.80
N LYS E 316 -52.03 -14.12 -20.16
CA LYS E 316 -52.58 -12.89 -20.71
C LYS E 316 -51.70 -12.47 -21.89
N PHE E 317 -50.43 -12.86 -21.84
CA PHE E 317 -49.47 -12.62 -22.91
C PHE E 317 -49.86 -13.19 -24.28
N ASP E 318 -50.82 -14.11 -24.31
CA ASP E 318 -51.10 -14.89 -25.52
C ASP E 318 -51.76 -14.11 -26.66
N MET E 319 -51.93 -12.81 -26.48
CA MET E 319 -52.43 -11.94 -27.55
C MET E 319 -51.36 -10.94 -27.97
N SER E 320 -50.11 -11.24 -27.62
CA SER E 320 -48.97 -10.37 -27.92
C SER E 320 -48.81 -10.12 -29.41
N GLY E 321 -49.07 -11.15 -30.21
CA GLY E 321 -48.99 -11.04 -31.66
C GLY E 321 -49.97 -10.02 -32.20
N CYS E 322 -51.19 -10.06 -31.68
CA CYS E 322 -52.20 -9.07 -32.05
C CYS E 322 -51.75 -7.67 -31.65
N ALA E 323 -51.21 -7.54 -30.44
CA ALA E 323 -50.76 -6.25 -29.93
C ALA E 323 -49.65 -5.66 -30.79
N ALA E 324 -48.72 -6.51 -31.21
CA ALA E 324 -47.63 -6.08 -32.08
C ALA E 324 -48.17 -5.54 -33.39
N VAL E 325 -49.18 -6.22 -33.92
CA VAL E 325 -49.82 -5.80 -35.16
C VAL E 325 -50.52 -4.45 -34.99
N LEU E 326 -51.23 -4.30 -33.88
CA LEU E 326 -51.93 -3.04 -33.60
C LEU E 326 -50.93 -1.92 -33.33
N GLY E 327 -49.82 -2.27 -32.70
CA GLY E 327 -48.76 -1.31 -32.46
C GLY E 327 -48.17 -0.87 -33.78
N CYS E 328 -48.09 -1.80 -34.72
CA CYS E 328 -47.62 -1.50 -36.07
C CYS E 328 -48.60 -0.56 -36.77
N ALA E 329 -49.89 -0.81 -36.56
CA ALA E 329 -50.93 0.03 -37.14
C ALA E 329 -50.78 1.48 -36.70
N TYR E 330 -50.37 1.70 -35.45
CA TYR E 330 -50.12 3.05 -34.99
C TYR E 330 -48.97 3.72 -35.73
N CYS E 331 -47.84 3.03 -35.83
CA CYS E 331 -46.66 3.60 -36.47
C CYS E 331 -46.91 3.88 -37.96
N VAL E 332 -47.52 2.93 -38.64
CA VAL E 332 -47.81 3.07 -40.06
C VAL E 332 -48.81 4.21 -40.30
N GLY E 333 -49.86 4.25 -39.48
CA GLY E 333 -50.87 5.28 -39.59
C GLY E 333 -50.32 6.67 -39.29
N THR E 334 -49.23 6.71 -38.52
CA THR E 334 -48.61 7.98 -38.13
C THR E 334 -47.55 8.44 -39.13
N LEU E 335 -46.67 7.52 -39.51
CA LEU E 335 -45.58 7.86 -40.43
C LEU E 335 -46.08 7.94 -41.87
N LYS E 336 -47.23 7.29 -42.12
CA LYS E 336 -47.90 7.34 -43.43
C LYS E 336 -47.01 6.99 -44.62
N PRO E 337 -46.61 5.71 -44.74
CA PRO E 337 -45.83 5.30 -45.91
C PRO E 337 -46.65 5.37 -47.19
N GLU E 338 -45.98 5.41 -48.34
CA GLU E 338 -46.68 5.48 -49.63
C GLU E 338 -46.50 4.23 -50.48
N ASN E 339 -47.33 4.16 -51.52
CA ASN E 339 -47.33 3.05 -52.47
C ASN E 339 -47.57 1.70 -51.83
N VAL E 340 -48.26 1.70 -50.70
CA VAL E 340 -48.50 0.44 -50.00
C VAL E 340 -49.90 0.39 -49.38
N GLU E 341 -50.50 -0.80 -49.37
CA GLU E 341 -51.76 -1.04 -48.68
C GLU E 341 -51.56 -2.14 -47.65
N ILE E 342 -51.83 -1.83 -46.39
CA ILE E 342 -51.60 -2.78 -45.30
C ILE E 342 -52.89 -3.20 -44.62
N HIS E 343 -53.07 -4.50 -44.46
CA HIS E 343 -54.19 -5.02 -43.70
C HIS E 343 -53.72 -5.53 -42.34
N PHE E 344 -54.33 -5.05 -41.28
CA PHE E 344 -54.00 -5.49 -39.93
C PHE E 344 -55.07 -6.44 -39.41
N LEU E 345 -54.73 -7.73 -39.32
CA LEU E 345 -55.70 -8.75 -38.99
C LEU E 345 -55.42 -9.44 -37.66
N SER E 346 -56.48 -9.79 -36.96
CA SER E 346 -56.37 -10.63 -35.76
C SER E 346 -57.67 -11.33 -35.41
N ALA E 347 -57.64 -12.66 -35.38
CA ALA E 347 -58.78 -13.44 -34.97
C ALA E 347 -58.79 -13.61 -33.46
N VAL E 348 -59.45 -12.68 -32.77
CA VAL E 348 -59.39 -12.61 -31.31
C VAL E 348 -60.45 -13.46 -30.62
N CYS E 349 -60.02 -14.24 -29.63
CA CYS E 349 -60.92 -15.02 -28.79
C CYS E 349 -60.24 -15.41 -27.49
N GLU E 350 -60.92 -16.26 -26.72
CA GLU E 350 -60.42 -16.70 -25.42
C GLU E 350 -60.57 -18.22 -25.28
N ASN E 351 -59.52 -18.88 -24.80
CA ASN E 351 -59.50 -20.34 -24.68
C ASN E 351 -59.79 -20.80 -23.25
N MET E 352 -61.04 -21.18 -22.99
CA MET E 352 -61.50 -21.44 -21.63
C MET E 352 -62.08 -22.85 -21.43
N VAL E 353 -62.29 -23.21 -20.18
CA VAL E 353 -62.88 -24.50 -19.82
C VAL E 353 -64.34 -24.30 -19.46
N SER E 354 -65.22 -25.07 -20.10
CA SER E 354 -66.66 -24.89 -19.97
C SER E 354 -67.42 -26.12 -20.46
N LYS E 355 -68.74 -26.14 -20.25
CA LYS E 355 -69.56 -27.20 -20.81
C LYS E 355 -69.64 -27.03 -22.32
N ASN E 356 -69.35 -25.82 -22.78
CA ASN E 356 -69.44 -25.49 -24.20
C ASN E 356 -68.11 -25.58 -24.95
N SER E 357 -67.03 -25.85 -24.23
CA SER E 357 -65.69 -25.89 -24.85
C SER E 357 -65.55 -27.04 -25.85
N TYR E 358 -64.63 -26.86 -26.79
CA TYR E 358 -64.31 -27.92 -27.74
C TYR E 358 -63.39 -28.93 -27.06
N ARG E 359 -63.51 -30.19 -27.46
CA ARG E 359 -62.84 -31.28 -26.78
C ARG E 359 -61.63 -31.82 -27.55
N PRO E 360 -60.66 -32.39 -26.82
CA PRO E 360 -59.59 -33.16 -27.48
C PRO E 360 -60.19 -34.33 -28.26
N GLY E 361 -59.85 -34.44 -29.54
CA GLY E 361 -60.41 -35.48 -30.38
C GLY E 361 -61.43 -34.95 -31.37
N ASP E 362 -61.91 -33.73 -31.14
CA ASP E 362 -62.88 -33.10 -32.03
C ASP E 362 -62.35 -32.91 -33.44
N ILE E 363 -63.23 -33.07 -34.42
CA ILE E 363 -62.90 -32.77 -35.81
C ILE E 363 -63.66 -31.54 -36.26
N ILE E 364 -62.92 -30.52 -36.67
CA ILE E 364 -63.51 -29.24 -37.05
C ILE E 364 -63.11 -28.84 -38.47
N THR E 365 -63.93 -28.00 -39.10
CA THR E 365 -63.69 -27.64 -40.50
C THR E 365 -63.26 -26.19 -40.65
N ALA E 366 -62.09 -25.98 -41.23
CA ALA E 366 -61.58 -24.64 -41.49
C ALA E 366 -62.32 -24.00 -42.65
N SER E 367 -62.14 -22.69 -42.82
CA SER E 367 -62.85 -21.94 -43.85
C SER E 367 -62.43 -22.30 -45.28
N ASN E 368 -61.35 -23.07 -45.42
CA ASN E 368 -60.92 -23.53 -46.74
C ASN E 368 -61.40 -24.95 -47.05
N GLY E 369 -62.23 -25.49 -46.16
CA GLY E 369 -62.81 -26.82 -46.36
C GLY E 369 -62.04 -27.96 -45.72
N LYS E 370 -60.83 -27.68 -45.25
CA LYS E 370 -60.00 -28.69 -44.62
C LYS E 370 -60.52 -29.12 -43.26
N THR E 371 -60.65 -30.43 -43.05
CA THR E 371 -61.06 -30.95 -41.75
C THR E 371 -59.84 -31.16 -40.84
N ILE E 372 -59.98 -30.79 -39.58
CA ILE E 372 -58.87 -30.85 -38.64
C ILE E 372 -59.24 -31.67 -37.41
N GLU E 373 -58.42 -32.66 -37.09
CA GLU E 373 -58.62 -33.44 -35.87
C GLU E 373 -57.83 -32.81 -34.73
N VAL E 374 -58.54 -32.40 -33.68
CA VAL E 374 -57.91 -31.78 -32.52
C VAL E 374 -57.28 -32.82 -31.60
N GLY E 375 -55.97 -32.75 -31.43
CA GLY E 375 -55.26 -33.66 -30.54
C GLY E 375 -54.95 -33.03 -29.20
N ASN E 376 -54.95 -31.70 -29.19
CA ASN E 376 -54.62 -30.93 -27.99
C ASN E 376 -55.28 -29.55 -28.04
N THR E 377 -56.20 -29.29 -27.11
CA THR E 377 -56.93 -28.03 -27.11
C THR E 377 -56.05 -26.85 -26.73
N ASP E 378 -54.85 -27.14 -26.23
CA ASP E 378 -53.92 -26.08 -25.85
C ASP E 378 -53.10 -25.61 -27.04
N ALA E 379 -53.31 -26.24 -28.19
CA ALA E 379 -52.68 -25.79 -29.43
C ALA E 379 -53.70 -25.01 -30.25
N GLU E 380 -54.37 -24.08 -29.59
CA GLU E 380 -55.48 -23.35 -30.20
C GLU E 380 -55.01 -22.20 -31.09
N GLY E 381 -53.77 -21.77 -30.90
CA GLY E 381 -53.25 -20.64 -31.65
C GLY E 381 -53.25 -20.88 -33.15
N ARG E 382 -52.76 -22.05 -33.55
CA ARG E 382 -52.67 -22.39 -34.97
C ARG E 382 -54.03 -22.58 -35.62
N LEU E 383 -55.03 -22.94 -34.82
CA LEU E 383 -56.38 -23.12 -35.34
C LEU E 383 -56.98 -21.77 -35.72
N THR E 384 -56.82 -20.79 -34.83
CA THR E 384 -57.29 -19.44 -35.08
C THR E 384 -56.49 -18.79 -36.20
N LEU E 385 -55.19 -19.04 -36.23
CA LEU E 385 -54.33 -18.51 -37.28
C LEU E 385 -54.66 -19.09 -38.65
N ALA E 386 -55.10 -20.35 -38.67
CA ALA E 386 -55.44 -21.02 -39.92
C ALA E 386 -56.53 -20.29 -40.68
N ASP E 387 -57.63 -20.01 -40.00
CA ASP E 387 -58.76 -19.30 -40.59
C ASP E 387 -58.39 -17.85 -40.91
N ALA E 388 -57.53 -17.26 -40.08
CA ALA E 388 -57.06 -15.90 -40.31
C ALA E 388 -56.22 -15.83 -41.58
N LEU E 389 -55.42 -16.88 -41.81
CA LEU E 389 -54.57 -16.96 -42.99
C LEU E 389 -55.40 -17.15 -44.25
N VAL E 390 -56.45 -17.94 -44.15
CA VAL E 390 -57.36 -18.16 -45.27
C VAL E 390 -58.05 -16.86 -45.64
N TYR E 391 -58.44 -16.10 -44.61
CA TYR E 391 -59.05 -14.79 -44.78
C TYR E 391 -58.07 -13.83 -45.43
N ALA E 392 -56.83 -13.86 -44.95
CA ALA E 392 -55.78 -12.97 -45.45
C ALA E 392 -55.49 -13.18 -46.93
N GLU E 393 -55.41 -14.45 -47.35
CA GLU E 393 -55.05 -14.76 -48.71
C GLU E 393 -56.15 -14.38 -49.69
N LYS E 394 -57.40 -14.40 -49.22
CA LYS E 394 -58.53 -14.02 -50.04
C LYS E 394 -58.52 -12.54 -50.39
N LEU E 395 -57.74 -11.75 -49.64
CA LEU E 395 -57.62 -10.32 -49.90
C LEU E 395 -56.75 -10.01 -51.11
N GLY E 396 -56.02 -11.02 -51.57
CA GLY E 396 -55.14 -10.86 -52.72
C GLY E 396 -53.95 -9.96 -52.43
N VAL E 397 -53.17 -10.33 -51.43
CA VAL E 397 -51.99 -9.55 -51.05
C VAL E 397 -50.72 -10.19 -51.60
N ASP E 398 -49.62 -9.47 -51.52
CA ASP E 398 -48.33 -9.96 -51.99
C ASP E 398 -47.59 -10.72 -50.91
N TYR E 399 -47.66 -10.21 -49.68
CA TYR E 399 -47.02 -10.87 -48.56
C TYR E 399 -47.98 -11.06 -47.39
N ILE E 400 -47.91 -12.22 -46.77
CA ILE E 400 -48.61 -12.46 -45.51
C ILE E 400 -47.58 -12.74 -44.43
N VAL E 401 -47.55 -11.89 -43.41
CA VAL E 401 -46.63 -12.10 -42.30
C VAL E 401 -47.41 -12.23 -40.99
N ASP E 402 -47.34 -13.41 -40.38
CA ASP E 402 -48.01 -13.60 -39.11
C ASP E 402 -47.01 -13.62 -37.95
N ILE E 403 -47.45 -13.10 -36.81
CA ILE E 403 -46.62 -13.04 -35.62
C ILE E 403 -47.44 -13.56 -34.44
N ALA E 404 -46.86 -14.48 -33.67
CA ALA E 404 -47.64 -15.22 -32.69
C ALA E 404 -46.78 -15.83 -31.57
N THR E 405 -47.37 -15.91 -30.38
CA THR E 405 -46.80 -16.69 -29.29
C THR E 405 -47.29 -18.12 -29.42
N LEU E 406 -46.75 -18.83 -30.42
CA LEU E 406 -47.30 -20.11 -30.85
C LEU E 406 -46.86 -21.32 -30.02
N THR E 407 -45.55 -21.50 -29.85
CA THR E 407 -45.04 -22.71 -29.18
C THR E 407 -44.05 -22.42 -28.07
N GLY E 408 -44.21 -23.11 -26.94
CA GLY E 408 -43.30 -22.96 -25.82
C GLY E 408 -41.93 -23.56 -26.09
N ALA E 409 -41.84 -24.37 -27.14
CA ALA E 409 -40.58 -24.99 -27.53
C ALA E 409 -39.52 -23.95 -27.91
N MET E 410 -39.97 -22.75 -28.26
CA MET E 410 -39.07 -21.66 -28.62
C MET E 410 -38.09 -21.31 -27.49
N LEU E 411 -38.53 -21.50 -26.25
CA LEU E 411 -37.68 -21.25 -25.10
C LEU E 411 -36.49 -22.21 -25.06
N TYR E 412 -36.66 -23.37 -25.69
CA TYR E 412 -35.61 -24.37 -25.72
C TYR E 412 -34.77 -24.30 -26.98
N SER E 413 -35.27 -23.59 -28.00
CA SER E 413 -34.53 -23.47 -29.25
C SER E 413 -33.72 -22.18 -29.29
N LEU E 414 -34.39 -21.04 -29.24
CA LEU E 414 -33.72 -19.75 -29.35
C LEU E 414 -33.70 -18.97 -28.03
N GLY E 415 -34.59 -19.35 -27.12
CA GLY E 415 -34.63 -18.72 -25.82
C GLY E 415 -35.50 -17.48 -25.75
N THR E 416 -35.06 -16.52 -24.94
CA THR E 416 -35.87 -15.35 -24.62
C THR E 416 -35.45 -14.08 -25.36
N SER E 417 -34.41 -14.17 -26.18
CA SER E 417 -33.89 -12.99 -26.87
C SER E 417 -34.19 -12.95 -28.36
N TYR E 418 -34.15 -14.10 -29.01
CA TYR E 418 -34.34 -14.18 -30.45
C TYR E 418 -35.66 -14.87 -30.79
N ALA E 419 -36.44 -14.23 -31.66
CA ALA E 419 -37.66 -14.85 -32.17
C ALA E 419 -37.30 -15.70 -33.38
N GLY E 420 -38.17 -16.66 -33.70
CA GLY E 420 -37.95 -17.51 -34.86
C GLY E 420 -38.83 -17.09 -36.02
N VAL E 421 -38.29 -17.16 -37.23
CA VAL E 421 -39.10 -16.87 -38.41
C VAL E 421 -39.11 -18.09 -39.35
N PHE E 422 -40.31 -18.45 -39.79
CA PHE E 422 -40.51 -19.56 -40.71
C PHE E 422 -41.24 -19.02 -41.92
N GLY E 423 -41.12 -19.68 -43.07
CA GLY E 423 -41.80 -19.21 -44.27
C GLY E 423 -41.72 -20.16 -45.46
N ASN E 424 -42.48 -19.84 -46.50
CA ASN E 424 -42.48 -20.63 -47.73
C ASN E 424 -41.79 -19.90 -48.87
N ASN E 425 -41.24 -18.74 -48.56
CA ASN E 425 -40.62 -17.87 -49.55
C ASN E 425 -39.34 -17.23 -49.03
N GLU E 426 -38.24 -17.50 -49.71
CA GLU E 426 -36.92 -17.12 -49.23
C GLU E 426 -36.71 -15.61 -49.31
N GLU E 427 -37.34 -14.96 -50.28
CA GLU E 427 -37.19 -13.52 -50.43
C GLU E 427 -37.89 -12.75 -49.30
N LEU E 428 -39.08 -13.21 -48.93
CA LEU E 428 -39.85 -12.58 -47.85
C LEU E 428 -39.13 -12.72 -46.51
N ILE E 429 -38.60 -13.91 -46.27
CA ILE E 429 -37.86 -14.18 -45.05
C ILE E 429 -36.66 -13.25 -44.93
N ASN E 430 -35.94 -13.09 -46.04
CA ASN E 430 -34.79 -12.19 -46.06
C ASN E 430 -35.16 -10.74 -45.76
N LYS E 431 -36.32 -10.30 -46.25
CA LYS E 431 -36.79 -8.95 -45.97
C LYS E 431 -37.05 -8.77 -44.48
N ILE E 432 -37.65 -9.78 -43.85
CA ILE E 432 -37.89 -9.75 -42.41
C ILE E 432 -36.58 -9.74 -41.64
N LEU E 433 -35.63 -10.56 -42.09
CA LEU E 433 -34.32 -10.60 -41.47
C LEU E 433 -33.64 -9.25 -41.60
N GLN E 434 -33.81 -8.61 -42.75
CA GLN E 434 -33.26 -7.27 -42.97
C GLN E 434 -33.91 -6.27 -42.03
N SER E 435 -35.21 -6.42 -41.84
CA SER E 435 -35.96 -5.57 -40.91
C SER E 435 -35.49 -5.76 -39.48
N SER E 436 -35.07 -6.99 -39.17
CA SER E 436 -34.58 -7.31 -37.85
C SER E 436 -33.32 -6.50 -37.52
N LYS E 437 -32.44 -6.36 -38.52
CA LYS E 437 -31.20 -5.62 -38.33
C LYS E 437 -31.45 -4.13 -38.09
N THR E 438 -32.36 -3.55 -38.87
CA THR E 438 -32.60 -2.12 -38.79
C THR E 438 -33.50 -1.74 -37.62
N SER E 439 -34.34 -2.67 -37.17
CA SER E 439 -35.21 -2.43 -36.02
C SER E 439 -34.56 -2.86 -34.72
N ASN E 440 -33.49 -3.64 -34.85
CA ASN E 440 -32.76 -4.21 -33.71
C ASN E 440 -33.65 -5.09 -32.82
N GLU E 441 -34.63 -5.73 -33.42
CA GLU E 441 -35.39 -6.76 -32.75
C GLU E 441 -35.00 -8.11 -33.35
N PRO E 442 -34.11 -8.83 -32.66
CA PRO E 442 -33.41 -9.99 -33.21
C PRO E 442 -34.33 -11.16 -33.58
N VAL E 443 -34.17 -11.64 -34.80
CA VAL E 443 -34.95 -12.76 -35.32
C VAL E 443 -34.00 -13.72 -36.02
N TRP E 444 -34.26 -15.02 -35.89
CA TRP E 444 -33.42 -16.03 -36.53
C TRP E 444 -34.25 -16.95 -37.41
N TRP E 445 -33.70 -17.27 -38.58
CA TRP E 445 -34.37 -18.12 -39.55
C TRP E 445 -34.31 -19.58 -39.14
N LEU E 446 -35.48 -20.19 -38.99
CA LEU E 446 -35.57 -21.61 -38.67
C LEU E 446 -36.25 -22.34 -39.84
N PRO E 447 -35.91 -23.62 -40.05
CA PRO E 447 -36.37 -24.35 -41.24
C PRO E 447 -37.75 -25.01 -41.07
N ILE E 448 -38.50 -25.10 -42.17
CA ILE E 448 -39.70 -25.92 -42.21
C ILE E 448 -39.37 -27.26 -42.84
N ILE E 449 -39.14 -28.28 -42.00
CA ILE E 449 -38.67 -29.57 -42.47
C ILE E 449 -39.81 -30.46 -42.96
N ASN E 450 -39.90 -30.63 -44.27
CA ASN E 450 -41.01 -31.36 -44.90
C ASN E 450 -41.09 -32.81 -44.50
N GLU E 451 -39.98 -33.37 -44.01
CA GLU E 451 -39.95 -34.77 -43.61
C GLU E 451 -40.90 -35.02 -42.45
N TYR E 452 -41.20 -33.97 -41.69
CA TYR E 452 -42.07 -34.10 -40.52
C TYR E 452 -43.56 -34.01 -40.91
N ARG E 453 -43.84 -33.63 -42.16
CA ARG E 453 -45.21 -33.44 -42.62
C ARG E 453 -46.09 -34.68 -42.44
N ALA E 454 -45.49 -35.85 -42.59
CA ALA E 454 -46.25 -37.11 -42.52
C ALA E 454 -46.85 -37.34 -41.13
N THR E 455 -46.30 -36.68 -40.11
CA THR E 455 -46.79 -36.85 -38.75
C THR E 455 -48.09 -36.07 -38.53
N LEU E 456 -48.48 -35.26 -39.52
CA LEU E 456 -49.74 -34.52 -39.46
C LEU E 456 -50.83 -35.23 -40.25
N ASN E 457 -50.51 -36.40 -40.79
CA ASN E 457 -51.49 -37.18 -41.55
C ASN E 457 -52.49 -37.86 -40.61
N SER E 458 -53.72 -37.36 -40.63
CA SER E 458 -54.78 -37.90 -39.78
C SER E 458 -55.44 -39.12 -40.39
N LYS E 459 -55.87 -40.03 -39.53
CA LYS E 459 -56.55 -41.24 -39.96
C LYS E 459 -57.96 -40.93 -40.46
N TYR E 460 -58.58 -39.89 -39.89
CA TYR E 460 -59.98 -39.59 -40.19
C TYR E 460 -60.21 -38.21 -40.82
N ALA E 461 -59.50 -37.21 -40.32
CA ALA E 461 -59.62 -35.87 -40.87
C ALA E 461 -58.62 -35.65 -42.00
N ASP E 462 -58.67 -34.48 -42.63
CA ASP E 462 -57.73 -34.15 -43.69
C ASP E 462 -56.33 -33.97 -43.14
N ILE E 463 -56.25 -33.45 -41.92
CA ILE E 463 -54.95 -33.15 -41.32
C ILE E 463 -55.05 -33.15 -39.80
N ASN E 464 -53.95 -33.49 -39.13
CA ASN E 464 -53.85 -33.41 -37.69
C ASN E 464 -53.49 -32.01 -37.22
N GLN E 465 -54.00 -31.62 -36.07
CA GLN E 465 -53.64 -30.35 -35.45
C GLN E 465 -52.21 -30.40 -34.90
N ILE E 466 -51.88 -31.53 -34.28
CA ILE E 466 -50.57 -31.72 -33.68
C ILE E 466 -49.97 -33.05 -34.08
N SER E 467 -48.69 -33.23 -33.79
CA SER E 467 -48.03 -34.52 -33.98
C SER E 467 -48.09 -35.32 -32.68
N SER E 468 -48.09 -36.64 -32.78
CA SER E 468 -48.01 -37.48 -31.58
C SER E 468 -46.61 -38.08 -31.44
N SER E 469 -45.73 -37.64 -32.32
CA SER E 469 -44.33 -38.05 -32.35
C SER E 469 -43.47 -36.81 -32.17
N VAL E 470 -43.06 -36.21 -33.28
CA VAL E 470 -41.98 -35.23 -33.32
C VAL E 470 -42.07 -34.20 -32.20
N LYS E 471 -40.92 -33.90 -31.60
CA LYS E 471 -40.89 -32.97 -30.48
C LYS E 471 -40.57 -31.55 -30.94
N ALA E 472 -40.24 -31.41 -32.22
CA ALA E 472 -39.95 -30.10 -32.80
C ALA E 472 -41.24 -29.35 -33.08
N SER E 473 -41.88 -28.91 -32.00
CA SER E 473 -43.20 -28.29 -32.05
C SER E 473 -43.26 -27.06 -32.95
N SER E 474 -42.23 -26.24 -32.90
CA SER E 474 -42.19 -25.00 -33.68
C SER E 474 -42.21 -25.28 -35.17
N ILE E 475 -41.53 -26.36 -35.59
CA ILE E 475 -41.50 -26.73 -36.99
C ILE E 475 -42.83 -27.35 -37.41
N VAL E 476 -43.38 -28.20 -36.56
CA VAL E 476 -44.65 -28.86 -36.84
C VAL E 476 -45.77 -27.84 -36.97
N ALA E 477 -45.78 -26.85 -36.08
CA ALA E 477 -46.79 -25.79 -36.13
C ALA E 477 -46.68 -25.00 -37.42
N SER E 478 -45.45 -24.75 -37.87
CA SER E 478 -45.22 -24.06 -39.13
C SER E 478 -45.73 -24.91 -40.30
N LEU E 479 -45.53 -26.22 -40.21
CA LEU E 479 -46.02 -27.13 -41.23
C LEU E 479 -47.54 -27.09 -41.31
N PHE E 480 -48.19 -26.95 -40.15
CA PHE E 480 -49.65 -26.86 -40.11
C PHE E 480 -50.16 -25.60 -40.80
N LEU E 481 -49.63 -24.45 -40.40
CA LEU E 481 -50.06 -23.17 -40.95
C LEU E 481 -49.79 -23.09 -42.45
N LYS E 482 -48.70 -23.73 -42.88
CA LYS E 482 -48.29 -23.75 -44.28
C LYS E 482 -49.37 -24.34 -45.18
N GLU E 483 -50.18 -25.23 -44.61
CA GLU E 483 -51.27 -25.87 -45.35
C GLU E 483 -52.43 -24.92 -45.63
N PHE E 484 -52.38 -23.72 -45.07
CA PHE E 484 -53.47 -22.77 -45.22
C PHE E 484 -53.04 -21.53 -46.01
N VAL E 485 -51.87 -21.61 -46.64
CA VAL E 485 -51.42 -20.59 -47.58
C VAL E 485 -51.05 -21.25 -48.90
N GLN E 486 -51.90 -21.07 -49.91
CA GLN E 486 -51.79 -21.85 -51.14
C GLN E 486 -50.82 -21.27 -52.15
N ASN E 487 -50.93 -19.98 -52.43
CA ASN E 487 -50.13 -19.37 -53.49
C ASN E 487 -49.70 -17.94 -53.20
N THR E 488 -49.31 -17.69 -51.95
CA THR E 488 -48.85 -16.37 -51.53
C THR E 488 -47.57 -16.49 -50.71
N ALA E 489 -46.63 -15.58 -50.92
CA ALA E 489 -45.44 -15.51 -50.08
C ALA E 489 -45.85 -15.28 -48.63
N TRP E 490 -45.42 -16.18 -47.76
CA TRP E 490 -45.86 -16.17 -46.37
C TRP E 490 -44.73 -16.44 -45.39
N ALA E 491 -44.76 -15.74 -44.27
CA ALA E 491 -43.80 -15.95 -43.21
C ALA E 491 -44.49 -15.94 -41.85
N HIS E 492 -43.87 -16.64 -40.89
CA HIS E 492 -44.45 -16.82 -39.56
C HIS E 492 -43.41 -16.55 -38.48
N ILE E 493 -43.70 -15.59 -37.60
CA ILE E 493 -42.76 -15.24 -36.54
C ILE E 493 -43.26 -15.70 -35.17
N ASP E 494 -42.54 -16.66 -34.58
CA ASP E 494 -42.91 -17.22 -33.29
C ASP E 494 -42.23 -16.45 -32.16
N ILE E 495 -43.03 -15.71 -31.40
CA ILE E 495 -42.51 -14.81 -30.39
C ILE E 495 -42.85 -15.27 -28.97
N ALA E 496 -43.17 -16.55 -28.83
CA ALA E 496 -43.57 -17.11 -27.54
C ALA E 496 -42.48 -16.95 -26.48
N GLY E 497 -41.22 -17.00 -26.91
CA GLY E 497 -40.11 -16.92 -26.00
C GLY E 497 -39.63 -15.51 -25.70
N VAL E 498 -39.83 -14.59 -26.64
CA VAL E 498 -39.28 -13.25 -26.53
C VAL E 498 -40.28 -12.19 -26.11
N SER E 499 -41.57 -12.55 -26.08
CA SER E 499 -42.62 -11.57 -25.82
C SER E 499 -42.57 -10.99 -24.41
N TRP E 500 -42.41 -11.85 -23.41
CA TRP E 500 -42.43 -11.43 -22.03
C TRP E 500 -41.03 -11.28 -21.43
N ASN E 501 -40.79 -10.17 -20.74
CA ASN E 501 -39.55 -9.94 -20.03
C ASN E 501 -39.66 -10.47 -18.61
N PHE E 502 -39.22 -11.71 -18.42
CA PHE E 502 -39.40 -12.41 -17.16
C PHE E 502 -38.64 -11.74 -16.02
N LYS E 503 -37.47 -11.19 -16.33
CA LYS E 503 -36.66 -10.51 -15.34
C LYS E 503 -37.32 -9.21 -14.89
N ALA E 504 -37.86 -8.45 -15.84
CA ALA E 504 -38.47 -7.16 -15.54
C ALA E 504 -39.95 -7.28 -15.22
N ARG E 505 -40.50 -8.47 -15.39
CA ARG E 505 -41.90 -8.76 -15.11
C ARG E 505 -42.86 -7.87 -15.91
N LYS E 506 -42.58 -7.70 -17.19
CA LYS E 506 -43.39 -6.86 -18.06
C LYS E 506 -43.23 -7.28 -19.52
N PRO E 507 -44.16 -6.87 -20.40
CA PRO E 507 -43.99 -7.20 -21.81
C PRO E 507 -42.87 -6.40 -22.45
N LYS E 508 -42.41 -6.82 -23.62
CA LYS E 508 -41.38 -6.08 -24.35
C LYS E 508 -41.99 -5.22 -25.45
N GLY E 509 -43.21 -5.55 -25.86
CA GLY E 509 -43.83 -4.93 -27.01
C GLY E 509 -43.10 -5.37 -28.26
N PHE E 510 -42.60 -6.59 -28.22
CA PHE E 510 -41.78 -7.14 -29.29
C PHE E 510 -42.57 -7.26 -30.59
N GLY E 511 -41.97 -6.82 -31.69
CA GLY E 511 -42.56 -6.98 -33.00
C GLY E 511 -43.05 -5.72 -33.67
N VAL E 512 -43.36 -4.70 -32.87
CA VAL E 512 -43.90 -3.46 -33.42
C VAL E 512 -42.91 -2.81 -34.39
N ARG E 513 -41.68 -2.62 -33.92
CA ARG E 513 -40.63 -1.99 -34.74
C ARG E 513 -40.19 -2.87 -35.90
N LEU E 514 -40.17 -4.19 -35.68
CA LEU E 514 -39.82 -5.15 -36.72
C LEU E 514 -40.79 -5.07 -37.90
N LEU E 515 -42.07 -5.13 -37.60
CA LEU E 515 -43.11 -5.10 -38.62
C LEU E 515 -43.17 -3.73 -39.32
N THR E 516 -42.94 -2.67 -38.56
CA THR E 516 -43.01 -1.32 -39.12
C THR E 516 -41.84 -1.08 -40.09
N GLU E 517 -40.64 -1.48 -39.69
CA GLU E 517 -39.48 -1.37 -40.57
C GLU E 517 -39.68 -2.17 -41.84
N PHE E 518 -40.36 -3.32 -41.71
CA PHE E 518 -40.69 -4.16 -42.84
C PHE E 518 -41.59 -3.41 -43.83
N VAL E 519 -42.58 -2.72 -43.28
CA VAL E 519 -43.52 -1.95 -44.09
C VAL E 519 -42.85 -0.70 -44.68
N LEU E 520 -42.07 -0.01 -43.87
CA LEU E 520 -41.44 1.26 -44.27
C LEU E 520 -40.37 1.06 -45.34
N ASN E 521 -39.51 0.07 -45.13
CA ASN E 521 -38.40 -0.18 -46.05
C ASN E 521 -38.81 -1.09 -47.20
N SER F 5 -84.13 -35.17 -29.13
CA SER F 5 -84.00 -35.35 -30.57
C SER F 5 -83.17 -34.24 -31.20
N GLU F 6 -83.41 -32.99 -30.79
CA GLU F 6 -82.65 -31.87 -31.33
C GLU F 6 -81.33 -31.69 -30.58
N VAL F 7 -80.23 -31.73 -31.33
CA VAL F 7 -78.90 -31.55 -30.76
C VAL F 7 -78.60 -30.08 -30.55
N PRO F 8 -78.33 -29.68 -29.29
CA PRO F 8 -77.99 -28.29 -28.98
C PRO F 8 -76.66 -27.88 -29.63
N GLN F 9 -76.53 -26.60 -29.96
CA GLN F 9 -75.33 -26.09 -30.60
C GLN F 9 -74.81 -24.83 -29.90
N VAL F 10 -73.50 -24.65 -29.93
CA VAL F 10 -72.90 -23.42 -29.43
C VAL F 10 -72.74 -22.44 -30.59
N VAL F 11 -72.28 -22.95 -31.73
CA VAL F 11 -72.21 -22.18 -32.96
C VAL F 11 -72.93 -22.95 -34.05
N SER F 12 -73.29 -22.25 -35.14
CA SER F 12 -74.05 -22.85 -36.22
C SER F 12 -73.26 -23.90 -37.00
N LEU F 13 -71.95 -23.90 -36.82
CA LEU F 13 -71.08 -24.83 -37.54
C LEU F 13 -70.95 -26.19 -36.84
N ASP F 14 -71.49 -26.30 -35.63
CA ASP F 14 -71.49 -27.56 -34.89
C ASP F 14 -72.39 -28.61 -35.54
N PRO F 15 -71.86 -29.81 -35.76
CA PRO F 15 -72.61 -30.91 -36.38
C PRO F 15 -73.79 -31.35 -35.50
N THR F 16 -74.88 -31.79 -36.14
CA THR F 16 -76.09 -32.13 -35.40
C THR F 16 -76.47 -33.62 -35.53
N SER F 17 -75.60 -34.41 -36.12
CA SER F 17 -75.83 -35.85 -36.25
C SER F 17 -74.55 -36.59 -36.56
N ILE F 18 -74.51 -37.88 -36.22
CA ILE F 18 -73.38 -38.74 -36.55
C ILE F 18 -73.52 -39.32 -37.95
N PRO F 19 -72.58 -39.01 -38.84
CA PRO F 19 -72.59 -39.60 -40.18
C PRO F 19 -72.36 -41.11 -40.14
N ILE F 20 -73.24 -41.86 -40.78
CA ILE F 20 -73.15 -43.32 -40.77
C ILE F 20 -73.20 -43.89 -42.19
N GLU F 21 -72.24 -44.75 -42.50
CA GLU F 21 -72.27 -45.48 -43.77
C GLU F 21 -72.90 -46.85 -43.54
N TYR F 22 -74.09 -47.04 -44.10
CA TYR F 22 -74.77 -48.32 -43.98
C TYR F 22 -74.41 -49.25 -45.13
N ASN F 23 -74.50 -48.73 -46.35
CA ASN F 23 -74.13 -49.49 -47.54
C ASN F 23 -72.66 -49.31 -47.89
N THR F 24 -71.83 -50.26 -47.46
CA THR F 24 -70.41 -50.21 -47.71
C THR F 24 -70.05 -51.03 -48.95
N PRO F 25 -68.92 -50.71 -49.60
CA PRO F 25 -68.42 -51.49 -50.74
C PRO F 25 -68.26 -52.97 -50.42
N ILE F 26 -68.07 -53.30 -49.15
CA ILE F 26 -67.93 -54.69 -48.73
C ILE F 26 -69.21 -55.48 -49.05
N HIS F 27 -70.35 -54.82 -48.91
CA HIS F 27 -71.64 -55.46 -49.20
C HIS F 27 -71.83 -55.72 -50.70
N ASP F 28 -71.02 -55.08 -51.53
CA ASP F 28 -71.12 -55.25 -52.98
C ASP F 28 -70.21 -56.36 -53.49
N ILE F 29 -69.47 -56.99 -52.58
CA ILE F 29 -68.55 -58.06 -52.96
C ILE F 29 -69.27 -59.41 -53.06
N LYS F 30 -69.22 -60.02 -54.24
CA LYS F 30 -69.79 -61.35 -54.44
C LYS F 30 -68.77 -62.40 -54.02
N VAL F 31 -69.15 -63.26 -53.08
CA VAL F 31 -68.22 -64.26 -52.56
C VAL F 31 -68.60 -65.67 -52.99
N GLN F 32 -67.65 -66.36 -53.62
CA GLN F 32 -67.82 -67.74 -54.05
C GLN F 32 -66.82 -68.66 -53.38
N VAL F 33 -67.29 -69.81 -52.89
CA VAL F 33 -66.39 -70.78 -52.25
C VAL F 33 -66.32 -72.09 -53.02
N TYR F 34 -65.11 -72.44 -53.44
CA TYR F 34 -64.87 -73.66 -54.20
C TYR F 34 -64.03 -74.66 -53.42
N ASP F 35 -64.15 -75.94 -53.78
CA ASP F 35 -63.35 -76.98 -53.16
C ASP F 35 -61.97 -77.08 -53.82
N ILE F 36 -60.94 -77.16 -52.98
CA ILE F 36 -59.56 -77.18 -53.43
C ILE F 36 -59.21 -78.40 -54.28
N LYS F 37 -59.95 -79.48 -54.12
CA LYS F 37 -59.67 -80.72 -54.85
C LYS F 37 -59.93 -80.60 -56.34
N GLY F 38 -60.79 -79.66 -56.73
CA GLY F 38 -61.13 -79.48 -58.13
C GLY F 38 -60.12 -78.67 -58.92
N GLY F 39 -59.11 -78.14 -58.24
CA GLY F 39 -58.09 -77.35 -58.88
C GLY F 39 -58.47 -75.88 -58.91
N CYS F 40 -57.47 -75.02 -59.03
CA CYS F 40 -57.71 -73.57 -59.05
C CYS F 40 -57.59 -73.00 -60.46
N ASN F 41 -58.52 -72.13 -60.81
CA ASN F 41 -58.47 -71.39 -62.08
C ASN F 41 -57.94 -69.98 -61.89
N VAL F 42 -57.00 -69.58 -62.73
CA VAL F 42 -56.43 -68.25 -62.63
C VAL F 42 -56.75 -67.41 -63.87
N GLU F 43 -57.83 -66.63 -63.75
CA GLU F 43 -58.31 -65.82 -64.86
C GLU F 43 -58.17 -64.33 -64.53
N GLU F 44 -59.15 -63.76 -63.85
CA GLU F 44 -59.10 -62.35 -63.48
C GLU F 44 -58.43 -62.11 -62.12
N GLY F 45 -58.03 -60.87 -61.88
CA GLY F 45 -57.62 -60.41 -60.56
C GLY F 45 -56.36 -60.96 -59.93
N LEU F 46 -56.38 -61.01 -58.60
CA LEU F 46 -55.24 -61.45 -57.79
C LEU F 46 -55.51 -62.77 -57.08
N THR F 47 -54.56 -63.70 -57.19
CA THR F 47 -54.67 -65.00 -56.55
C THR F 47 -53.61 -65.15 -55.45
N ILE F 48 -54.08 -65.35 -54.22
CA ILE F 48 -53.18 -65.47 -53.08
C ILE F 48 -53.25 -66.84 -52.41
N PHE F 49 -52.11 -67.49 -52.27
CA PHE F 49 -52.03 -68.78 -51.58
C PHE F 49 -51.64 -68.61 -50.12
N LEU F 50 -52.47 -69.15 -49.22
CA LEU F 50 -52.14 -69.16 -47.80
C LEU F 50 -51.41 -70.45 -47.47
N VAL F 51 -50.11 -70.35 -47.22
CA VAL F 51 -49.27 -71.53 -47.04
C VAL F 51 -48.53 -71.55 -45.70
N ASN F 52 -48.25 -72.75 -45.20
CA ASN F 52 -47.44 -72.89 -43.99
C ASN F 52 -46.34 -73.94 -44.18
N ASN F 53 -45.53 -74.13 -43.15
CA ASN F 53 -44.50 -75.16 -43.17
C ASN F 53 -44.15 -75.64 -41.76
N PRO F 54 -44.71 -76.78 -41.33
CA PRO F 54 -44.37 -77.30 -40.00
C PRO F 54 -42.83 -77.38 -39.84
N GLY F 55 -42.32 -77.12 -38.65
CA GLY F 55 -40.89 -76.94 -38.43
C GLY F 55 -40.27 -76.10 -39.53
N LYS F 56 -40.55 -74.80 -39.48
CA LYS F 56 -40.02 -73.81 -40.42
C LYS F 56 -38.99 -72.87 -39.82
N GLU F 57 -37.79 -72.91 -40.39
CA GLU F 57 -36.66 -72.05 -40.02
C GLU F 57 -36.89 -70.56 -39.63
N ASN F 58 -37.76 -69.76 -40.29
CA ASN F 58 -38.76 -70.10 -41.30
C ASN F 58 -38.30 -70.72 -42.63
N GLY F 59 -39.02 -71.75 -43.05
CA GLY F 59 -38.72 -72.52 -44.23
C GLY F 59 -39.31 -71.98 -45.52
N PRO F 60 -38.92 -72.57 -46.66
CA PRO F 60 -39.35 -72.20 -48.01
C PRO F 60 -40.83 -72.47 -48.30
N VAL F 61 -41.37 -71.70 -49.23
CA VAL F 61 -42.76 -71.83 -49.67
C VAL F 61 -42.93 -72.97 -50.67
N LYS F 62 -43.95 -73.80 -50.46
CA LYS F 62 -44.28 -74.86 -51.42
C LYS F 62 -45.80 -74.92 -51.65
N ILE F 63 -46.22 -74.72 -52.90
CA ILE F 63 -47.64 -74.76 -53.25
C ILE F 63 -48.09 -76.15 -53.66
N SER F 64 -49.02 -76.71 -52.90
CA SER F 64 -49.50 -78.07 -53.11
C SER F 64 -50.69 -78.16 -54.06
N SER F 65 -51.55 -77.13 -54.04
CA SER F 65 -52.77 -77.14 -54.85
C SER F 65 -52.47 -77.16 -56.34
N LYS F 66 -53.30 -77.85 -57.11
CA LYS F 66 -53.16 -77.89 -58.57
C LYS F 66 -53.78 -76.66 -59.22
N VAL F 67 -53.02 -76.04 -60.13
CA VAL F 67 -53.48 -74.86 -60.85
C VAL F 67 -53.70 -75.17 -62.33
N ASN F 68 -54.92 -74.93 -62.80
CA ASN F 68 -55.30 -75.25 -64.17
C ASN F 68 -54.79 -74.23 -65.20
N ASP F 69 -53.50 -73.90 -65.10
CA ASP F 69 -52.89 -72.93 -66.01
C ASP F 69 -51.37 -73.14 -66.14
N LYS F 70 -50.90 -73.37 -67.36
CA LYS F 70 -49.49 -73.67 -67.59
C LYS F 70 -48.57 -72.51 -67.18
N GLN F 71 -48.97 -71.29 -67.52
CA GLN F 71 -48.17 -70.12 -67.19
C GLN F 71 -48.02 -69.93 -65.68
N VAL F 72 -49.13 -70.06 -64.96
CA VAL F 72 -49.12 -69.91 -63.51
C VAL F 72 -48.41 -71.08 -62.83
N SER F 73 -48.59 -72.28 -63.38
CA SER F 73 -47.95 -73.49 -62.83
C SER F 73 -46.43 -73.42 -62.96
N GLU F 74 -45.97 -72.80 -64.03
CA GLU F 74 -44.53 -72.60 -64.20
C GLU F 74 -44.01 -71.67 -63.12
N PHE F 75 -44.78 -70.64 -62.79
CA PHE F 75 -44.43 -69.73 -61.72
C PHE F 75 -44.40 -70.39 -60.34
N LEU F 76 -45.36 -71.26 -60.09
CA LEU F 76 -45.55 -71.84 -58.76
C LEU F 76 -44.75 -73.11 -58.52
N LYS F 77 -43.83 -73.42 -59.43
CA LYS F 77 -42.97 -74.59 -59.27
C LYS F 77 -42.07 -74.45 -58.05
N ASP F 78 -41.69 -75.59 -57.45
CA ASP F 78 -40.92 -75.61 -56.22
C ASP F 78 -39.61 -74.83 -56.28
N GLU F 79 -38.91 -74.95 -57.42
CA GLU F 79 -37.61 -74.29 -57.60
C GLU F 79 -37.69 -72.77 -57.49
N ASN F 80 -38.78 -72.20 -57.99
CA ASN F 80 -38.97 -70.75 -57.96
C ASN F 80 -39.42 -70.25 -56.58
N MET F 81 -40.21 -71.08 -55.90
CA MET F 81 -40.84 -70.67 -54.64
C MET F 81 -39.91 -70.83 -53.44
N GLU F 82 -38.83 -71.59 -53.62
CA GLU F 82 -37.90 -71.87 -52.54
C GLU F 82 -37.13 -70.61 -52.14
N LYS F 83 -37.16 -69.61 -53.01
CA LYS F 83 -36.51 -68.34 -52.75
C LYS F 83 -37.29 -67.50 -51.74
N PHE F 84 -38.54 -67.89 -51.49
CA PHE F 84 -39.39 -67.20 -50.53
C PHE F 84 -39.58 -68.05 -49.29
N ASN F 85 -39.83 -67.41 -48.15
CA ASN F 85 -39.99 -68.14 -46.90
C ASN F 85 -41.40 -67.93 -46.34
N VAL F 86 -41.78 -68.75 -45.36
CA VAL F 86 -43.16 -68.79 -44.91
C VAL F 86 -43.39 -68.06 -43.58
N LYS F 87 -42.40 -67.28 -43.15
CA LYS F 87 -42.50 -66.50 -41.92
C LYS F 87 -43.80 -65.69 -41.86
N LEU F 88 -44.50 -65.79 -40.74
CA LEU F 88 -45.82 -65.18 -40.57
C LEU F 88 -45.91 -63.72 -40.96
N GLY F 89 -46.78 -63.43 -41.92
CA GLY F 89 -47.01 -62.07 -42.36
C GLY F 89 -46.22 -61.67 -43.60
N THR F 90 -45.24 -62.48 -43.97
CA THR F 90 -44.44 -62.22 -45.15
C THR F 90 -45.26 -62.52 -46.41
N SER F 91 -45.16 -61.64 -47.40
CA SER F 91 -45.89 -61.85 -48.65
C SER F 91 -45.11 -61.40 -49.88
N LYS F 92 -45.41 -62.04 -51.01
CA LYS F 92 -44.89 -61.66 -52.32
C LYS F 92 -45.99 -61.82 -53.35
N HIS F 93 -46.09 -60.91 -54.31
CA HIS F 93 -47.01 -61.10 -55.44
C HIS F 93 -46.39 -60.57 -56.74
N PHE F 94 -46.59 -61.33 -57.82
CA PHE F 94 -46.06 -61.00 -59.14
C PHE F 94 -47.17 -60.84 -60.17
N TYR F 95 -46.90 -60.03 -61.19
CA TYR F 95 -47.83 -59.82 -62.30
C TYR F 95 -47.30 -60.51 -63.54
N MET F 96 -48.18 -61.22 -64.23
CA MET F 96 -47.78 -62.01 -65.40
C MET F 96 -48.98 -62.28 -66.32
N PHE F 97 -48.72 -62.93 -67.45
CA PHE F 97 -49.77 -63.34 -68.36
C PHE F 97 -50.07 -64.83 -68.23
N ASN F 98 -51.35 -65.18 -68.25
CA ASN F 98 -51.77 -66.58 -68.18
C ASN F 98 -51.86 -67.21 -69.57
N ASP F 99 -52.51 -68.37 -69.66
CA ASP F 99 -52.63 -69.08 -70.92
C ASP F 99 -53.43 -68.29 -71.95
N ASN F 100 -54.40 -67.51 -71.48
CA ASN F 100 -55.24 -66.71 -72.37
C ASN F 100 -54.71 -65.31 -72.61
N LYS F 101 -53.43 -65.11 -72.31
CA LYS F 101 -52.76 -63.81 -72.49
C LYS F 101 -53.44 -62.67 -71.72
N ASN F 102 -54.02 -63.00 -70.57
CA ASN F 102 -54.61 -61.99 -69.70
C ASN F 102 -53.65 -61.62 -68.57
N SER F 103 -53.66 -60.36 -68.17
CA SER F 103 -52.80 -59.92 -67.07
C SER F 103 -53.33 -60.43 -65.74
N VAL F 104 -52.49 -61.16 -65.01
CA VAL F 104 -52.88 -61.73 -63.73
C VAL F 104 -51.84 -61.44 -62.65
N ALA F 105 -52.28 -61.42 -61.40
CA ALA F 105 -51.38 -61.24 -60.28
C ALA F 105 -51.44 -62.46 -59.36
N VAL F 106 -50.28 -63.06 -59.07
CA VAL F 106 -50.25 -64.27 -58.24
C VAL F 106 -49.26 -64.07 -57.09
N GLY F 107 -49.59 -64.64 -55.93
CA GLY F 107 -48.73 -64.51 -54.77
C GLY F 107 -49.08 -65.42 -53.60
N TYR F 108 -48.46 -65.15 -52.46
CA TYR F 108 -48.70 -65.93 -51.25
C TYR F 108 -48.63 -65.08 -50.00
N VAL F 109 -49.16 -65.60 -48.90
CA VAL F 109 -48.95 -65.01 -47.59
C VAL F 109 -48.46 -66.10 -46.63
N GLY F 110 -47.33 -65.86 -45.98
CA GLY F 110 -46.74 -66.81 -45.06
C GLY F 110 -47.51 -66.97 -43.77
N CYS F 111 -47.79 -68.22 -43.39
CA CYS F 111 -48.57 -68.49 -42.18
C CYS F 111 -47.76 -69.18 -41.08
N GLY F 112 -46.44 -69.00 -41.10
CA GLY F 112 -45.60 -69.53 -40.04
C GLY F 112 -45.39 -71.02 -40.07
N SER F 113 -45.10 -71.59 -38.90
CA SER F 113 -44.76 -73.01 -38.79
C SER F 113 -45.69 -73.76 -37.84
N VAL F 114 -46.68 -73.07 -37.29
CA VAL F 114 -47.63 -73.69 -36.39
C VAL F 114 -48.87 -74.15 -37.16
N ALA F 115 -49.26 -75.40 -36.96
CA ALA F 115 -50.38 -75.99 -37.68
C ALA F 115 -51.71 -75.28 -37.36
N ASP F 116 -51.93 -74.99 -36.08
CA ASP F 116 -53.17 -74.35 -35.65
C ASP F 116 -52.97 -72.86 -35.40
N LEU F 117 -53.49 -72.03 -36.30
CA LEU F 117 -53.34 -70.58 -36.20
C LEU F 117 -54.21 -69.99 -35.11
N SER F 118 -53.62 -69.08 -34.33
CA SER F 118 -54.35 -68.37 -33.28
C SER F 118 -55.08 -67.14 -33.83
N GLU F 119 -55.92 -66.56 -33.00
CA GLU F 119 -56.63 -65.33 -33.33
C GLU F 119 -55.66 -64.23 -33.75
N ALA F 120 -54.57 -64.08 -33.01
CA ALA F 120 -53.58 -63.05 -33.29
C ALA F 120 -52.83 -63.31 -34.60
N ASP F 121 -52.49 -64.58 -34.82
CA ASP F 121 -51.79 -64.99 -36.03
C ASP F 121 -52.59 -64.75 -37.30
N MET F 122 -53.86 -65.16 -37.28
CA MET F 122 -54.72 -64.98 -38.44
C MET F 122 -54.89 -63.50 -38.80
N LYS F 123 -54.90 -62.65 -37.79
CA LYS F 123 -55.03 -61.22 -38.01
C LYS F 123 -53.82 -60.70 -38.78
N ARG F 124 -52.63 -61.20 -38.42
CA ARG F 124 -51.40 -60.80 -39.08
C ARG F 124 -51.42 -61.26 -40.55
N VAL F 125 -52.00 -62.42 -40.79
CA VAL F 125 -52.16 -62.93 -42.15
C VAL F 125 -53.07 -62.01 -42.95
N VAL F 126 -54.21 -61.64 -42.37
CA VAL F 126 -55.19 -60.77 -43.03
C VAL F 126 -54.64 -59.39 -43.37
N LEU F 127 -53.94 -58.77 -42.42
CA LEU F 127 -53.38 -57.44 -42.63
C LEU F 127 -52.42 -57.40 -43.81
N SER F 128 -51.59 -58.43 -43.94
CA SER F 128 -50.67 -58.53 -45.06
C SER F 128 -51.44 -58.67 -46.37
N LEU F 129 -52.53 -59.43 -46.31
CA LEU F 129 -53.40 -59.60 -47.47
C LEU F 129 -54.06 -58.28 -47.85
N VAL F 130 -54.52 -57.55 -46.84
CA VAL F 130 -55.19 -56.27 -47.05
C VAL F 130 -54.22 -55.21 -47.59
N THR F 131 -52.97 -55.30 -47.17
CA THR F 131 -51.93 -54.38 -47.62
C THR F 131 -51.76 -54.42 -49.13
N MET F 132 -51.89 -55.60 -49.71
CA MET F 132 -51.80 -55.76 -51.16
C MET F 132 -53.04 -55.22 -51.86
N LEU F 133 -54.18 -55.29 -51.19
CA LEU F 133 -55.44 -54.82 -51.78
C LEU F 133 -55.52 -53.30 -51.83
N HIS F 134 -54.91 -52.64 -50.84
CA HIS F 134 -54.91 -51.19 -50.78
C HIS F 134 -53.98 -50.56 -51.82
N ASP F 135 -53.11 -51.37 -52.41
CA ASP F 135 -52.16 -50.85 -53.38
C ASP F 135 -52.22 -51.57 -54.72
N ASN F 136 -53.32 -52.29 -54.97
CA ASN F 136 -53.61 -52.84 -56.30
C ASN F 136 -55.05 -52.63 -56.75
N LYS F 137 -55.22 -51.88 -57.83
CA LYS F 137 -56.52 -51.71 -58.48
C LYS F 137 -57.11 -53.04 -58.98
N LEU F 138 -57.53 -53.91 -58.06
CA LEU F 138 -58.04 -55.22 -58.43
C LEU F 138 -59.56 -55.26 -58.55
N SER F 139 -60.05 -56.18 -59.39
CA SER F 139 -61.48 -56.39 -59.56
C SER F 139 -61.93 -57.62 -58.79
N LYS F 140 -61.01 -58.57 -58.64
CA LYS F 140 -61.32 -59.85 -57.99
C LYS F 140 -60.15 -60.34 -57.16
N LEU F 141 -60.45 -60.84 -55.97
CA LEU F 141 -59.44 -61.49 -55.14
C LEU F 141 -59.79 -62.96 -54.94
N THR F 142 -58.81 -63.83 -55.13
CA THR F 142 -59.01 -65.25 -54.90
C THR F 142 -58.03 -65.76 -53.83
N VAL F 143 -58.58 -66.39 -52.79
CA VAL F 143 -57.77 -66.88 -51.70
C VAL F 143 -57.76 -68.40 -51.65
N VAL F 144 -56.56 -68.98 -51.70
CA VAL F 144 -56.42 -70.42 -51.66
C VAL F 144 -55.88 -70.89 -50.31
N PHE F 145 -56.74 -71.60 -49.57
CA PHE F 145 -56.39 -72.08 -48.24
C PHE F 145 -55.60 -73.38 -48.30
N GLU F 146 -54.28 -73.29 -48.16
CA GLU F 146 -53.44 -74.48 -48.06
C GLU F 146 -53.05 -74.70 -46.61
N ILE F 147 -53.93 -74.28 -45.71
CA ILE F 147 -53.75 -74.48 -44.27
C ILE F 147 -55.04 -75.03 -43.69
N ASN F 148 -54.97 -75.56 -42.48
CA ASN F 148 -56.15 -76.08 -41.82
C ASN F 148 -56.80 -75.04 -40.90
N VAL F 149 -58.06 -74.74 -41.19
CA VAL F 149 -58.84 -73.85 -40.35
C VAL F 149 -60.22 -74.46 -40.16
N ASP F 150 -60.77 -74.33 -38.96
CA ASP F 150 -62.14 -74.80 -38.71
C ASP F 150 -63.15 -73.75 -39.16
N LYS F 151 -64.43 -74.06 -39.02
CA LYS F 151 -65.50 -73.18 -39.50
C LYS F 151 -65.49 -71.82 -38.81
N ASN F 152 -65.20 -71.81 -37.50
CA ASN F 152 -65.15 -70.55 -36.75
C ASN F 152 -64.03 -69.62 -37.20
N LEU F 153 -62.86 -70.19 -37.46
CA LEU F 153 -61.70 -69.38 -37.86
C LEU F 153 -61.86 -68.87 -39.28
N PHE F 154 -62.52 -69.65 -40.12
CA PHE F 154 -62.80 -69.22 -41.49
C PHE F 154 -63.71 -68.01 -41.49
N ARG F 155 -64.74 -68.03 -40.64
CA ARG F 155 -65.62 -66.89 -40.50
C ARG F 155 -64.85 -65.69 -39.97
N PHE F 156 -63.97 -65.94 -39.00
CA PHE F 156 -63.13 -64.91 -38.43
C PHE F 156 -62.22 -64.28 -39.48
N PHE F 157 -61.73 -65.10 -40.40
CA PHE F 157 -60.90 -64.65 -41.50
C PHE F 157 -61.64 -63.61 -42.35
N LEU F 158 -62.88 -63.92 -42.72
CA LEU F 158 -63.68 -63.04 -43.55
C LEU F 158 -64.05 -61.74 -42.84
N GLU F 159 -64.48 -61.84 -41.58
CA GLU F 159 -64.82 -60.69 -40.76
C GLU F 159 -63.66 -59.71 -40.67
N THR F 160 -62.47 -60.23 -40.35
CA THR F 160 -61.29 -59.41 -40.21
C THR F 160 -60.90 -58.84 -41.56
N LEU F 161 -60.99 -59.67 -42.59
CA LEU F 161 -60.70 -59.23 -43.96
C LEU F 161 -61.59 -58.05 -44.35
N PHE F 162 -62.89 -58.22 -44.18
CA PHE F 162 -63.84 -57.17 -44.52
C PHE F 162 -63.61 -55.91 -43.71
N TYR F 163 -63.39 -56.08 -42.41
CA TYR F 163 -63.21 -54.95 -41.50
C TYR F 163 -61.95 -54.15 -41.80
N GLU F 164 -60.83 -54.83 -42.03
CA GLU F 164 -59.57 -54.15 -42.29
C GLU F 164 -59.51 -53.55 -43.69
N TYR F 165 -60.20 -54.19 -44.63
CA TYR F 165 -60.26 -53.72 -46.01
C TYR F 165 -61.01 -52.39 -46.08
N MET F 166 -62.09 -52.31 -45.30
CA MET F 166 -62.95 -51.13 -45.29
C MET F 166 -62.24 -49.92 -44.70
N THR F 167 -62.41 -48.77 -45.34
CA THR F 167 -61.76 -47.53 -44.88
C THR F 167 -62.79 -46.44 -44.61
N ASP F 168 -62.70 -45.84 -43.43
CA ASP F 168 -63.63 -44.81 -42.99
C ASP F 168 -63.21 -43.43 -43.51
N GLU F 169 -63.99 -42.88 -44.43
CA GLU F 169 -63.68 -41.59 -45.02
C GLU F 169 -64.76 -40.55 -44.74
N ARG F 170 -65.56 -40.81 -43.71
CA ARG F 170 -66.67 -39.92 -43.36
C ARG F 170 -66.23 -38.49 -43.05
N PHE F 171 -65.04 -38.36 -42.48
CA PHE F 171 -64.58 -37.05 -42.03
C PHE F 171 -63.45 -36.52 -42.90
N LYS F 172 -63.20 -37.23 -44.00
CA LYS F 172 -62.27 -36.74 -45.01
C LYS F 172 -63.08 -35.87 -45.96
N SER F 173 -62.74 -34.59 -46.08
CA SER F 173 -63.48 -33.74 -46.99
C SER F 173 -62.96 -33.90 -48.41
N THR F 174 -61.71 -33.49 -48.60
CA THR F 174 -61.01 -33.52 -49.89
C THR F 174 -59.76 -32.67 -49.81
N ASP F 175 -59.70 -31.81 -48.80
CA ASP F 175 -58.60 -30.86 -48.68
C ASP F 175 -57.71 -31.16 -47.48
N GLU F 181 -63.27 -48.39 -56.32
CA GLU F 181 -61.90 -48.71 -55.96
C GLU F 181 -61.78 -50.13 -55.40
N TYR F 182 -62.82 -50.55 -54.68
CA TYR F 182 -62.84 -51.86 -54.01
C TYR F 182 -63.11 -53.01 -55.00
N ILE F 183 -62.63 -54.20 -54.66
CA ILE F 183 -62.91 -55.40 -55.45
C ILE F 183 -64.41 -55.70 -55.47
N LYS F 184 -64.85 -56.39 -56.51
CA LYS F 184 -66.26 -56.72 -56.65
C LYS F 184 -66.50 -58.22 -56.45
N HIS F 185 -65.44 -59.03 -56.53
CA HIS F 185 -65.57 -60.48 -56.39
C HIS F 185 -64.51 -61.05 -55.47
N LEU F 186 -64.93 -62.00 -54.63
CA LEU F 186 -64.03 -62.72 -53.75
C LEU F 186 -64.17 -64.22 -53.91
N GLY F 187 -63.10 -64.87 -54.38
CA GLY F 187 -63.10 -66.31 -54.54
C GLY F 187 -62.32 -66.99 -53.44
N VAL F 188 -62.86 -68.10 -52.93
CA VAL F 188 -62.17 -68.84 -51.87
C VAL F 188 -62.05 -70.32 -52.22
N TYR F 189 -60.81 -70.82 -52.21
CA TYR F 189 -60.55 -72.24 -52.41
C TYR F 189 -60.16 -72.87 -51.08
N ILE F 190 -60.92 -73.87 -50.66
CA ILE F 190 -60.68 -74.51 -49.38
C ILE F 190 -61.18 -75.95 -49.42
N ASN F 191 -60.63 -76.79 -48.56
CA ASN F 191 -61.05 -78.18 -48.49
C ASN F 191 -62.39 -78.28 -47.79
N ASN F 192 -63.19 -79.25 -48.22
CA ASN F 192 -64.56 -79.39 -47.76
C ASN F 192 -65.34 -78.06 -47.84
N ALA F 193 -65.42 -77.51 -49.05
CA ALA F 193 -66.02 -76.20 -49.28
C ALA F 193 -67.47 -76.06 -48.80
N ASP F 194 -68.25 -77.13 -48.94
CA ASP F 194 -69.67 -77.09 -48.60
C ASP F 194 -69.92 -76.76 -47.14
N THR F 195 -68.98 -77.13 -46.27
CA THR F 195 -69.11 -76.87 -44.84
C THR F 195 -68.90 -75.40 -44.50
N TYR F 196 -68.14 -74.68 -45.31
CA TYR F 196 -67.77 -73.31 -45.01
C TYR F 196 -68.70 -72.27 -45.62
N LYS F 197 -69.55 -72.68 -46.56
CA LYS F 197 -70.42 -71.75 -47.28
C LYS F 197 -71.40 -71.02 -46.36
N GLU F 198 -71.89 -71.70 -45.33
CA GLU F 198 -72.85 -71.11 -44.40
C GLU F 198 -72.23 -70.00 -43.56
N GLU F 199 -70.90 -69.98 -43.47
CA GLU F 199 -70.19 -69.02 -42.65
C GLU F 199 -70.05 -67.66 -43.35
N VAL F 200 -70.22 -67.64 -44.66
CA VAL F 200 -69.97 -66.44 -45.47
C VAL F 200 -70.88 -65.25 -45.09
N GLU F 201 -72.19 -65.43 -45.17
CA GLU F 201 -73.11 -64.34 -44.91
C GLU F 201 -73.14 -63.95 -43.43
N LYS F 202 -72.86 -64.91 -42.55
CA LYS F 202 -72.78 -64.61 -41.13
C LYS F 202 -71.61 -63.66 -40.87
N ALA F 203 -70.50 -63.90 -41.56
CA ALA F 203 -69.32 -63.03 -41.47
C ALA F 203 -69.64 -61.63 -41.94
N ARG F 204 -70.42 -61.52 -43.01
CA ARG F 204 -70.80 -60.22 -43.55
C ARG F 204 -71.64 -59.46 -42.54
N VAL F 205 -72.50 -60.18 -41.84
CA VAL F 205 -73.30 -59.57 -40.78
C VAL F 205 -72.40 -59.15 -39.62
N TYR F 206 -71.53 -60.06 -39.20
CA TYR F 206 -70.60 -59.77 -38.10
C TYR F 206 -69.66 -58.62 -38.44
N TYR F 207 -69.25 -58.53 -39.70
CA TYR F 207 -68.43 -57.41 -40.18
C TYR F 207 -69.06 -56.05 -39.89
N PHE F 208 -70.29 -55.83 -40.38
CA PHE F 208 -70.90 -54.51 -40.29
C PHE F 208 -71.27 -54.18 -38.85
N GLY F 209 -71.67 -55.20 -38.09
CA GLY F 209 -71.94 -55.02 -36.67
C GLY F 209 -70.71 -54.48 -35.98
N THR F 210 -69.56 -55.05 -36.32
CA THR F 210 -68.29 -54.58 -35.78
C THR F 210 -67.95 -53.20 -36.35
N TYR F 211 -68.14 -53.05 -37.66
CA TYR F 211 -67.80 -51.80 -38.33
C TYR F 211 -68.74 -50.66 -37.92
N TYR F 212 -70.00 -50.98 -37.66
CA TYR F 212 -70.96 -49.99 -37.18
C TYR F 212 -70.52 -49.45 -35.83
N ALA F 213 -70.16 -50.37 -34.94
CA ALA F 213 -69.66 -49.99 -33.62
C ALA F 213 -68.41 -49.14 -33.77
N SER F 214 -67.55 -49.52 -34.70
CA SER F 214 -66.33 -48.78 -34.99
C SER F 214 -66.63 -47.34 -35.39
N GLN F 215 -67.65 -47.16 -36.23
CA GLN F 215 -68.03 -45.84 -36.69
C GLN F 215 -68.52 -44.94 -35.56
N LEU F 216 -69.25 -45.53 -34.61
CA LEU F 216 -69.74 -44.77 -33.47
C LEU F 216 -68.59 -44.36 -32.56
N ILE F 217 -67.68 -45.31 -32.33
CA ILE F 217 -66.51 -45.05 -31.48
C ILE F 217 -65.58 -44.03 -32.12
N ALA F 218 -65.28 -44.23 -33.40
CA ALA F 218 -64.35 -43.36 -34.12
C ALA F 218 -64.89 -41.94 -34.26
N ALA F 219 -66.21 -41.81 -34.31
CA ALA F 219 -66.87 -40.51 -34.38
C ALA F 219 -66.47 -39.63 -33.19
N PRO F 220 -65.95 -38.44 -33.47
CA PRO F 220 -65.49 -37.48 -32.45
C PRO F 220 -66.62 -37.01 -31.55
N SER F 221 -66.27 -36.41 -30.42
CA SER F 221 -67.25 -36.06 -29.40
C SER F 221 -68.18 -34.91 -29.79
N ASN F 222 -67.76 -34.10 -30.76
CA ASN F 222 -68.62 -33.03 -31.26
C ASN F 222 -69.67 -33.57 -32.22
N TYR F 223 -69.34 -34.69 -32.86
CA TYR F 223 -70.31 -35.40 -33.70
C TYR F 223 -71.13 -36.38 -32.87
N CYS F 224 -70.45 -37.17 -32.04
CA CYS F 224 -71.11 -38.16 -31.21
C CYS F 224 -71.30 -37.68 -29.79
N ASN F 225 -72.50 -37.19 -29.51
CA ASN F 225 -72.88 -36.72 -28.18
C ASN F 225 -74.10 -37.52 -27.70
N PRO F 226 -74.50 -37.38 -26.43
CA PRO F 226 -75.66 -38.14 -25.95
C PRO F 226 -76.92 -38.04 -26.81
N VAL F 227 -77.19 -36.87 -27.36
CA VAL F 227 -78.39 -36.71 -28.19
C VAL F 227 -78.20 -37.39 -29.55
N SER F 228 -77.09 -37.09 -30.21
CA SER F 228 -76.84 -37.65 -31.53
C SER F 228 -76.67 -39.17 -31.49
N LEU F 229 -76.09 -39.67 -30.41
CA LEU F 229 -75.88 -41.11 -30.26
C LEU F 229 -77.21 -41.83 -30.03
N SER F 230 -78.07 -41.24 -29.20
CA SER F 230 -79.39 -41.81 -28.95
C SER F 230 -80.25 -41.73 -30.20
N ASN F 231 -80.08 -40.67 -30.98
CA ASN F 231 -80.76 -40.54 -32.27
C ASN F 231 -80.31 -41.63 -33.23
N ALA F 232 -79.01 -41.92 -33.23
CA ALA F 232 -78.45 -42.96 -34.09
C ALA F 232 -79.01 -44.32 -33.70
N ALA F 233 -79.16 -44.55 -32.41
CA ALA F 233 -79.71 -45.80 -31.91
C ALA F 233 -81.15 -45.98 -32.38
N VAL F 234 -81.93 -44.90 -32.33
CA VAL F 234 -83.31 -44.90 -32.78
C VAL F 234 -83.42 -45.26 -34.26
N GLU F 235 -82.61 -44.58 -35.07
CA GLU F 235 -82.58 -44.82 -36.51
C GLU F 235 -82.25 -46.27 -36.82
N LEU F 236 -81.31 -46.83 -36.04
CA LEU F 236 -80.92 -48.23 -36.20
C LEU F 236 -82.07 -49.15 -35.85
N ALA F 237 -82.74 -48.86 -34.74
CA ALA F 237 -83.86 -49.68 -34.28
C ALA F 237 -84.98 -49.69 -35.30
N GLN F 238 -85.19 -48.55 -35.94
CA GLN F 238 -86.25 -48.41 -36.95
C GLN F 238 -85.96 -49.25 -38.20
N LYS F 239 -84.69 -49.31 -38.60
CA LYS F 239 -84.29 -50.09 -39.76
C LYS F 239 -84.36 -51.59 -39.50
N LEU F 240 -84.24 -51.98 -38.24
CA LEU F 240 -84.20 -53.39 -37.86
C LEU F 240 -85.54 -53.84 -37.30
N ASN F 241 -86.51 -52.93 -37.31
CA ASN F 241 -87.82 -53.17 -36.71
C ASN F 241 -87.72 -53.68 -35.27
N LEU F 242 -86.93 -52.98 -34.46
CA LEU F 242 -86.88 -53.26 -33.02
C LEU F 242 -87.70 -52.24 -32.26
N GLU F 243 -88.34 -52.67 -31.18
CA GLU F 243 -89.00 -51.74 -30.29
C GLU F 243 -87.94 -50.89 -29.62
N TYR F 244 -88.20 -49.59 -29.48
CA TYR F 244 -87.22 -48.70 -28.89
C TYR F 244 -87.84 -47.69 -27.94
N LYS F 245 -87.03 -47.24 -26.99
CA LYS F 245 -87.48 -46.31 -25.97
C LYS F 245 -86.30 -45.50 -25.46
N ILE F 246 -86.37 -44.18 -25.61
CA ILE F 246 -85.32 -43.30 -25.13
C ILE F 246 -85.79 -42.48 -23.93
N LEU F 247 -85.17 -42.71 -22.79
CA LEU F 247 -85.56 -42.03 -21.56
C LEU F 247 -84.81 -40.73 -21.39
N GLY F 248 -85.56 -39.64 -21.23
CA GLY F 248 -84.98 -38.32 -21.05
C GLY F 248 -84.85 -37.93 -19.59
N VAL F 249 -84.34 -36.73 -19.34
CA VAL F 249 -84.04 -36.27 -17.98
C VAL F 249 -85.25 -36.32 -17.06
N LYS F 250 -86.40 -35.87 -17.57
CA LYS F 250 -87.63 -35.84 -16.77
C LYS F 250 -88.01 -37.24 -16.30
N GLU F 251 -87.92 -38.22 -17.19
CA GLU F 251 -88.23 -39.60 -16.85
C GLU F 251 -87.19 -40.17 -15.89
N LEU F 252 -85.93 -39.82 -16.11
CA LEU F 252 -84.83 -40.30 -15.28
C LEU F 252 -84.91 -39.76 -13.85
N GLU F 253 -85.34 -38.52 -13.71
CA GLU F 253 -85.52 -37.93 -12.38
C GLU F 253 -86.59 -38.66 -11.62
N GLU F 254 -87.68 -38.99 -12.31
CA GLU F 254 -88.79 -39.72 -11.71
C GLU F 254 -88.35 -41.11 -11.28
N LEU F 255 -87.41 -41.69 -12.01
CA LEU F 255 -86.87 -43.01 -11.67
C LEU F 255 -85.76 -42.88 -10.63
N LYS F 256 -85.46 -41.64 -10.25
CA LYS F 256 -84.51 -41.33 -9.18
C LYS F 256 -83.12 -41.88 -9.43
N MET F 257 -82.69 -41.86 -10.70
CA MET F 257 -81.35 -42.30 -11.07
C MET F 257 -80.32 -41.21 -10.81
N GLY F 258 -80.07 -40.95 -9.53
CA GLY F 258 -79.23 -39.84 -9.12
C GLY F 258 -77.76 -39.99 -9.47
N ALA F 259 -77.27 -41.23 -9.46
CA ALA F 259 -75.88 -41.48 -9.81
C ALA F 259 -75.63 -41.17 -11.28
N TYR F 260 -76.50 -41.69 -12.14
CA TYR F 260 -76.40 -41.46 -13.57
C TYR F 260 -76.58 -39.98 -13.91
N LEU F 261 -77.58 -39.35 -13.30
CA LEU F 261 -77.88 -37.95 -13.58
C LEU F 261 -76.78 -37.01 -13.10
N SER F 262 -76.08 -37.40 -12.04
CA SER F 262 -75.01 -36.58 -11.47
C SER F 262 -73.82 -36.42 -12.41
N VAL F 263 -73.48 -37.50 -13.11
CA VAL F 263 -72.36 -37.48 -14.04
C VAL F 263 -72.58 -36.48 -15.18
N GLY F 264 -73.82 -36.43 -15.67
CA GLY F 264 -74.17 -35.60 -16.81
C GLY F 264 -74.50 -34.16 -16.50
N LYS F 265 -74.58 -33.83 -15.21
CA LYS F 265 -74.96 -32.49 -14.76
C LYS F 265 -74.17 -31.35 -15.41
N GLY F 266 -72.87 -31.57 -15.57
CA GLY F 266 -71.98 -30.55 -16.10
C GLY F 266 -71.94 -30.45 -17.61
N SER F 267 -72.77 -31.25 -18.29
CA SER F 267 -72.76 -31.28 -19.74
C SER F 267 -73.85 -30.38 -20.36
N MET F 268 -73.60 -29.91 -21.58
CA MET F 268 -74.57 -29.11 -22.33
C MET F 268 -75.55 -30.02 -23.05
N TYR F 269 -75.21 -31.31 -23.11
CA TYR F 269 -76.07 -32.31 -23.72
C TYR F 269 -76.85 -33.07 -22.64
N PRO F 270 -78.18 -33.12 -22.78
CA PRO F 270 -79.04 -33.82 -21.83
C PRO F 270 -78.76 -35.33 -21.83
N ASN F 271 -78.86 -35.96 -20.66
CA ASN F 271 -78.70 -37.41 -20.55
C ASN F 271 -79.74 -38.17 -21.36
N LYS F 272 -79.31 -39.26 -21.98
CA LYS F 272 -80.20 -40.08 -22.78
C LYS F 272 -80.02 -41.55 -22.45
N PHE F 273 -81.08 -42.21 -21.99
CA PHE F 273 -81.01 -43.62 -21.67
C PHE F 273 -81.59 -44.43 -22.83
N ILE F 274 -80.74 -45.22 -23.48
CA ILE F 274 -81.15 -46.02 -24.63
C ILE F 274 -81.67 -47.39 -24.22
N HIS F 275 -82.85 -47.76 -24.72
CA HIS F 275 -83.43 -49.08 -24.44
C HIS F 275 -84.00 -49.70 -25.71
N LEU F 276 -83.26 -50.64 -26.28
CA LEU F 276 -83.72 -51.40 -27.44
C LEU F 276 -84.09 -52.81 -26.99
N THR F 277 -85.06 -53.42 -27.65
CA THR F 277 -85.45 -54.78 -27.30
C THR F 277 -85.72 -55.65 -28.52
N TYR F 278 -85.13 -56.85 -28.51
CA TYR F 278 -85.38 -57.87 -29.51
C TYR F 278 -86.14 -59.04 -28.90
N LYS F 279 -87.25 -59.43 -29.50
CA LYS F 279 -87.97 -60.61 -29.05
C LYS F 279 -88.08 -61.60 -30.21
N SER F 280 -87.69 -62.85 -29.95
CA SER F 280 -87.75 -63.87 -30.98
C SER F 280 -89.20 -64.26 -31.27
N LYS F 281 -89.47 -64.67 -32.51
CA LYS F 281 -90.80 -65.10 -32.89
C LYS F 281 -91.06 -66.48 -32.30
N GLY F 282 -91.97 -66.54 -31.33
CA GLY F 282 -92.28 -67.80 -30.67
C GLY F 282 -91.99 -67.81 -29.19
N ASP F 283 -91.87 -69.00 -28.61
CA ASP F 283 -91.62 -69.17 -27.19
C ASP F 283 -90.24 -68.67 -26.77
N VAL F 284 -90.23 -67.81 -25.74
CA VAL F 284 -89.00 -67.26 -25.19
C VAL F 284 -88.45 -68.15 -24.07
N LYS F 285 -87.21 -68.60 -24.20
CA LYS F 285 -86.65 -69.50 -23.21
C LYS F 285 -85.60 -68.80 -22.35
N LYS F 286 -84.99 -67.74 -22.88
CA LYS F 286 -83.99 -66.98 -22.13
C LYS F 286 -84.18 -65.47 -22.30
N LYS F 287 -84.14 -64.74 -21.19
CA LYS F 287 -84.23 -63.29 -21.23
C LYS F 287 -82.89 -62.67 -20.80
N ILE F 288 -82.33 -61.82 -21.67
CA ILE F 288 -81.01 -61.26 -21.42
C ILE F 288 -80.99 -59.74 -21.57
N ALA F 289 -80.35 -59.06 -20.62
CA ALA F 289 -80.14 -57.63 -20.72
C ALA F 289 -78.65 -57.33 -20.94
N LEU F 290 -78.35 -56.65 -22.03
CA LEU F 290 -76.97 -56.25 -22.34
C LEU F 290 -76.76 -54.77 -22.08
N VAL F 291 -75.85 -54.46 -21.16
CA VAL F 291 -75.63 -53.07 -20.73
C VAL F 291 -74.28 -52.55 -21.20
N GLY F 292 -74.29 -51.41 -21.89
CA GLY F 292 -73.06 -50.84 -22.38
C GLY F 292 -72.79 -49.46 -21.79
N LYS F 293 -71.55 -49.23 -21.39
CA LYS F 293 -71.15 -47.92 -20.91
C LYS F 293 -71.13 -46.93 -22.07
N GLY F 294 -71.85 -45.82 -21.91
CA GLY F 294 -72.00 -44.87 -22.98
C GLY F 294 -71.61 -43.45 -22.62
N ILE F 295 -70.33 -43.25 -22.30
CA ILE F 295 -69.83 -41.90 -22.06
C ILE F 295 -69.23 -41.35 -23.34
N THR F 296 -69.94 -40.41 -23.97
CA THR F 296 -69.56 -39.89 -25.29
C THR F 296 -68.23 -39.14 -25.22
N PHE F 297 -67.96 -38.51 -24.09
CA PHE F 297 -66.63 -37.97 -23.81
C PHE F 297 -66.35 -37.93 -22.32
N ASP F 298 -65.16 -38.41 -21.94
CA ASP F 298 -64.75 -38.41 -20.55
C ASP F 298 -63.58 -37.47 -20.30
N SER F 299 -63.87 -36.28 -19.79
CA SER F 299 -62.80 -35.35 -19.48
C SER F 299 -62.22 -35.71 -18.12
N GLY F 300 -63.00 -36.47 -17.34
CA GLY F 300 -62.62 -36.84 -16.00
C GLY F 300 -63.37 -36.02 -14.97
N GLY F 301 -64.00 -34.94 -15.41
CA GLY F 301 -64.64 -34.02 -14.51
C GLY F 301 -63.61 -33.18 -13.77
N TYR F 302 -63.94 -32.75 -12.55
CA TYR F 302 -63.01 -31.95 -11.78
C TYR F 302 -61.77 -32.75 -11.41
N ASN F 303 -61.88 -34.07 -11.44
CA ASN F 303 -60.69 -34.92 -11.45
C ASN F 303 -60.17 -35.03 -12.87
N LEU F 304 -59.82 -33.87 -13.43
CA LEU F 304 -59.44 -33.76 -14.83
C LEU F 304 -58.31 -34.70 -15.22
N LYS F 305 -58.42 -35.26 -16.43
CA LYS F 305 -57.36 -36.09 -16.97
C LYS F 305 -56.19 -35.21 -17.39
N ALA F 306 -55.37 -34.83 -16.42
CA ALA F 306 -54.26 -33.92 -16.68
C ALA F 306 -52.92 -34.59 -16.42
N ALA F 307 -52.95 -35.76 -15.78
CA ALA F 307 -51.75 -36.51 -15.49
C ALA F 307 -51.15 -37.12 -16.76
N PRO F 308 -49.83 -37.29 -16.80
CA PRO F 308 -49.18 -37.92 -17.95
C PRO F 308 -49.66 -39.34 -18.21
N GLY F 309 -50.01 -39.63 -19.46
CA GLY F 309 -50.48 -40.95 -19.85
C GLY F 309 -51.97 -41.13 -19.69
N SER F 310 -52.67 -40.03 -19.42
CA SER F 310 -54.11 -40.11 -19.20
C SER F 310 -54.85 -40.14 -20.53
N MET F 311 -54.15 -39.79 -21.61
CA MET F 311 -54.62 -39.92 -23.00
C MET F 311 -56.02 -39.32 -23.21
N ILE F 312 -56.18 -38.07 -22.77
CA ILE F 312 -57.46 -37.39 -22.82
C ILE F 312 -57.97 -37.22 -24.26
N ASP F 313 -57.05 -37.21 -25.22
CA ASP F 313 -57.40 -36.99 -26.62
C ASP F 313 -58.04 -38.23 -27.25
N LEU F 314 -58.12 -39.31 -26.48
CA LEU F 314 -58.66 -40.57 -26.97
C LEU F 314 -60.07 -40.82 -26.43
N MET F 315 -60.50 -39.97 -25.49
CA MET F 315 -61.67 -40.25 -24.67
C MET F 315 -63.03 -40.24 -25.38
N LYS F 316 -63.01 -40.19 -26.71
CA LYS F 316 -64.23 -40.44 -27.46
C LYS F 316 -64.55 -41.94 -27.40
N PHE F 317 -63.50 -42.75 -27.27
CA PHE F 317 -63.61 -44.21 -27.11
C PHE F 317 -64.46 -44.66 -25.92
N ASP F 318 -64.73 -43.76 -24.97
CA ASP F 318 -65.34 -44.17 -23.71
C ASP F 318 -66.81 -44.57 -23.81
N MET F 319 -67.33 -44.63 -25.03
CA MET F 319 -68.67 -45.16 -25.27
C MET F 319 -68.61 -46.45 -26.08
N SER F 320 -67.45 -47.08 -26.10
CA SER F 320 -67.22 -48.32 -26.83
C SER F 320 -68.16 -49.44 -26.40
N GLY F 321 -68.43 -49.50 -25.10
CA GLY F 321 -69.33 -50.50 -24.55
C GLY F 321 -70.71 -50.35 -25.13
N CYS F 322 -71.18 -49.11 -25.20
CA CYS F 322 -72.46 -48.80 -25.82
C CYS F 322 -72.48 -49.19 -27.30
N ALA F 323 -71.41 -48.82 -28.00
CA ALA F 323 -71.29 -49.12 -29.43
C ALA F 323 -71.30 -50.62 -29.66
N ALA F 324 -70.60 -51.36 -28.82
CA ALA F 324 -70.55 -52.81 -28.95
C ALA F 324 -71.95 -53.39 -28.80
N VAL F 325 -72.70 -52.88 -27.84
CA VAL F 325 -74.06 -53.33 -27.59
C VAL F 325 -74.97 -53.01 -28.80
N LEU F 326 -74.83 -51.81 -29.33
CA LEU F 326 -75.64 -51.42 -30.49
C LEU F 326 -75.23 -52.21 -31.73
N GLY F 327 -73.93 -52.50 -31.86
CA GLY F 327 -73.44 -53.31 -32.96
C GLY F 327 -74.00 -54.71 -32.85
N CYS F 328 -74.15 -55.18 -31.62
CA CYS F 328 -74.76 -56.47 -31.34
C CYS F 328 -76.24 -56.45 -31.71
N ALA F 329 -76.88 -55.31 -31.46
CA ALA F 329 -78.29 -55.13 -31.80
C ALA F 329 -78.50 -55.31 -33.30
N TYR F 330 -77.54 -54.84 -34.10
CA TYR F 330 -77.58 -55.04 -35.53
C TYR F 330 -77.53 -56.51 -35.91
N CYS F 331 -76.55 -57.22 -35.35
CA CYS F 331 -76.35 -58.63 -35.66
C CYS F 331 -77.54 -59.49 -35.23
N VAL F 332 -78.02 -59.27 -34.01
CA VAL F 332 -79.15 -60.03 -33.50
C VAL F 332 -80.41 -59.74 -34.33
N GLY F 333 -80.65 -58.46 -34.61
CA GLY F 333 -81.80 -58.06 -35.38
C GLY F 333 -81.80 -58.55 -36.82
N THR F 334 -80.61 -58.85 -37.34
CA THR F 334 -80.46 -59.30 -38.72
C THR F 334 -80.52 -60.83 -38.83
N LEU F 335 -79.76 -61.52 -37.98
CA LEU F 335 -79.70 -62.97 -38.04
C LEU F 335 -80.94 -63.59 -37.41
N LYS F 336 -81.60 -62.83 -36.55
CA LYS F 336 -82.86 -63.23 -35.91
C LYS F 336 -82.81 -64.60 -35.24
N PRO F 337 -82.11 -64.69 -34.10
CA PRO F 337 -82.02 -65.92 -33.29
C PRO F 337 -83.38 -66.30 -32.69
N GLU F 338 -83.51 -67.54 -32.20
CA GLU F 338 -84.78 -67.99 -31.65
C GLU F 338 -84.71 -68.20 -30.13
N ASN F 339 -85.89 -68.31 -29.53
CA ASN F 339 -86.04 -68.58 -28.10
C ASN F 339 -85.36 -67.59 -27.18
N VAL F 340 -85.21 -66.34 -27.63
CA VAL F 340 -84.50 -65.38 -26.80
C VAL F 340 -85.10 -63.96 -26.84
N GLU F 341 -85.03 -63.27 -25.70
CA GLU F 341 -85.43 -61.88 -25.58
C GLU F 341 -84.25 -61.04 -25.08
N ILE F 342 -83.82 -60.06 -25.87
CA ILE F 342 -82.66 -59.26 -25.53
C ILE F 342 -82.97 -57.79 -25.31
N HIS F 343 -82.48 -57.24 -24.20
CA HIS F 343 -82.58 -55.81 -23.95
C HIS F 343 -81.23 -55.13 -24.13
N PHE F 344 -81.17 -54.13 -24.99
CA PHE F 344 -79.95 -53.38 -25.24
C PHE F 344 -79.99 -52.04 -24.53
N LEU F 345 -79.21 -51.92 -23.46
CA LEU F 345 -79.27 -50.75 -22.59
C LEU F 345 -77.97 -49.95 -22.56
N SER F 346 -78.11 -48.63 -22.47
CA SER F 346 -76.94 -47.77 -22.26
C SER F 346 -77.36 -46.43 -21.68
N ALA F 347 -76.80 -46.11 -20.51
CA ALA F 347 -77.03 -44.83 -19.88
C ALA F 347 -76.02 -43.83 -20.43
N VAL F 348 -76.42 -43.15 -21.50
CA VAL F 348 -75.50 -42.28 -22.23
C VAL F 348 -75.47 -40.87 -21.65
N CYS F 349 -74.27 -40.34 -21.45
CA CYS F 349 -74.08 -38.97 -21.01
C CYS F 349 -72.66 -38.51 -21.29
N GLU F 350 -72.32 -37.33 -20.78
CA GLU F 350 -71.01 -36.74 -21.01
C GLU F 350 -70.42 -36.24 -19.69
N ASN F 351 -69.15 -36.52 -19.45
CA ASN F 351 -68.49 -36.13 -18.19
C ASN F 351 -67.62 -34.89 -18.38
N MET F 352 -68.14 -33.72 -18.02
CA MET F 352 -67.47 -32.46 -18.35
C MET F 352 -67.18 -31.58 -17.14
N VAL F 353 -66.36 -30.55 -17.34
CA VAL F 353 -66.03 -29.59 -16.29
C VAL F 353 -66.82 -28.31 -16.46
N SER F 354 -67.53 -27.92 -15.40
CA SER F 354 -68.44 -26.80 -15.46
C SER F 354 -68.82 -26.35 -14.06
N LYS F 355 -69.53 -25.24 -13.95
CA LYS F 355 -70.06 -24.78 -12.68
C LYS F 355 -71.18 -25.70 -12.21
N ASN F 356 -71.76 -26.46 -13.15
CA ASN F 356 -72.88 -27.34 -12.84
C ASN F 356 -72.43 -28.77 -12.57
N SER F 357 -71.14 -29.02 -12.74
CA SER F 357 -70.59 -30.37 -12.57
C SER F 357 -70.72 -30.87 -11.14
N TYR F 358 -70.76 -32.20 -11.00
CA TYR F 358 -70.75 -32.81 -9.69
C TYR F 358 -69.33 -32.80 -9.16
N ARG F 359 -69.18 -32.67 -7.85
CA ARG F 359 -67.88 -32.46 -7.23
C ARG F 359 -67.35 -33.70 -6.53
N PRO F 360 -66.01 -33.80 -6.43
CA PRO F 360 -65.41 -34.82 -5.57
C PRO F 360 -65.86 -34.62 -4.12
N GLY F 361 -66.39 -35.66 -3.50
CA GLY F 361 -66.89 -35.53 -2.14
C GLY F 361 -68.41 -35.51 -2.06
N ASP F 362 -69.05 -35.29 -3.20
CA ASP F 362 -70.51 -35.29 -3.26
C ASP F 362 -71.12 -36.63 -2.88
N ILE F 363 -72.25 -36.58 -2.18
CA ILE F 363 -72.98 -37.79 -1.88
C ILE F 363 -74.27 -37.83 -2.71
N ILE F 364 -74.40 -38.88 -3.50
CA ILE F 364 -75.51 -39.01 -4.43
C ILE F 364 -76.26 -40.31 -4.17
N THR F 365 -77.53 -40.34 -4.56
CA THR F 365 -78.38 -41.50 -4.29
C THR F 365 -78.74 -42.25 -5.57
N ALA F 366 -78.40 -43.53 -5.62
CA ALA F 366 -78.76 -44.36 -6.76
C ALA F 366 -80.25 -44.67 -6.72
N SER F 367 -80.77 -45.19 -7.83
CA SER F 367 -82.20 -45.46 -7.93
C SER F 367 -82.66 -46.60 -7.02
N ASN F 368 -81.72 -47.32 -6.42
CA ASN F 368 -82.08 -48.37 -5.48
C ASN F 368 -81.98 -47.90 -4.03
N GLY F 369 -81.74 -46.61 -3.84
CA GLY F 369 -81.71 -46.00 -2.53
C GLY F 369 -80.36 -45.90 -1.85
N LYS F 370 -79.36 -46.57 -2.40
CA LYS F 370 -78.02 -46.54 -1.82
C LYS F 370 -77.35 -45.18 -2.03
N THR F 371 -76.82 -44.62 -0.95
CA THR F 371 -76.07 -43.37 -1.04
C THR F 371 -74.61 -43.68 -1.36
N ILE F 372 -74.04 -42.87 -2.24
CA ILE F 372 -72.68 -43.08 -2.73
C ILE F 372 -71.80 -41.85 -2.51
N GLU F 373 -70.66 -42.03 -1.86
CA GLU F 373 -69.71 -40.94 -1.69
C GLU F 373 -68.72 -40.90 -2.84
N VAL F 374 -68.70 -39.79 -3.58
CA VAL F 374 -67.82 -39.66 -4.73
C VAL F 374 -66.42 -39.25 -4.32
N GLY F 375 -65.45 -40.12 -4.61
CA GLY F 375 -64.06 -39.87 -4.29
C GLY F 375 -63.26 -39.41 -5.50
N ASN F 376 -63.80 -39.72 -6.68
CA ASN F 376 -63.12 -39.39 -7.93
C ASN F 376 -64.14 -39.24 -9.07
N THR F 377 -64.26 -38.04 -9.61
CA THR F 377 -65.24 -37.79 -10.67
C THR F 377 -64.86 -38.47 -11.98
N ASP F 378 -63.63 -38.98 -12.06
CA ASP F 378 -63.17 -39.66 -13.26
C ASP F 378 -63.59 -41.13 -13.23
N ALA F 379 -64.21 -41.57 -12.14
CA ALA F 379 -64.76 -42.90 -12.05
C ALA F 379 -66.26 -42.85 -12.29
N GLU F 380 -66.66 -42.15 -13.35
CA GLU F 380 -68.07 -41.88 -13.62
C GLU F 380 -68.74 -43.07 -14.29
N GLY F 381 -67.94 -43.95 -14.89
CA GLY F 381 -68.47 -45.09 -15.61
C GLY F 381 -69.29 -46.02 -14.72
N ARG F 382 -68.76 -46.33 -13.55
CA ARG F 382 -69.43 -47.24 -12.62
C ARG F 382 -70.70 -46.61 -12.03
N LEU F 383 -70.73 -45.28 -11.96
CA LEU F 383 -71.89 -44.58 -11.42
C LEU F 383 -73.07 -44.69 -12.39
N THR F 384 -72.80 -44.48 -13.67
CA THR F 384 -73.83 -44.57 -14.69
C THR F 384 -74.28 -46.02 -14.84
N LEU F 385 -73.33 -46.95 -14.73
CA LEU F 385 -73.64 -48.38 -14.82
C LEU F 385 -74.50 -48.85 -13.64
N ALA F 386 -74.31 -48.24 -12.47
CA ALA F 386 -75.06 -48.61 -11.27
C ALA F 386 -76.55 -48.46 -11.49
N ASP F 387 -76.98 -47.29 -11.96
CA ASP F 387 -78.39 -47.04 -12.21
C ASP F 387 -78.90 -47.90 -13.37
N ALA F 388 -78.03 -48.14 -14.36
CA ALA F 388 -78.38 -48.97 -15.49
C ALA F 388 -78.60 -50.41 -15.05
N LEU F 389 -77.79 -50.89 -14.10
CA LEU F 389 -77.92 -52.24 -13.59
C LEU F 389 -79.20 -52.39 -12.75
N VAL F 390 -79.54 -51.35 -11.99
CA VAL F 390 -80.78 -51.36 -11.22
C VAL F 390 -81.97 -51.38 -12.18
N TYR F 391 -81.85 -50.62 -13.26
CA TYR F 391 -82.87 -50.58 -14.30
C TYR F 391 -83.00 -51.95 -14.97
N ALA F 392 -81.86 -52.57 -15.28
CA ALA F 392 -81.84 -53.85 -15.96
C ALA F 392 -82.51 -54.97 -15.18
N GLU F 393 -82.25 -55.03 -13.88
CA GLU F 393 -82.77 -56.13 -13.06
C GLU F 393 -84.29 -56.03 -12.91
N LYS F 394 -84.82 -54.82 -12.96
CA LYS F 394 -86.26 -54.62 -12.87
C LYS F 394 -86.99 -55.15 -14.11
N LEU F 395 -86.25 -55.37 -15.19
CA LEU F 395 -86.82 -55.90 -16.42
C LEU F 395 -87.11 -57.40 -16.28
N GLY F 396 -86.57 -58.01 -15.23
CA GLY F 396 -86.79 -59.42 -14.96
C GLY F 396 -86.13 -60.34 -15.96
N VAL F 397 -84.83 -60.21 -16.14
CA VAL F 397 -84.09 -61.04 -17.09
C VAL F 397 -83.37 -62.19 -16.40
N ASP F 398 -82.86 -63.11 -17.19
CA ASP F 398 -82.13 -64.27 -16.66
C ASP F 398 -80.65 -63.97 -16.52
N TYR F 399 -80.09 -63.25 -17.50
CA TYR F 399 -78.69 -62.86 -17.47
C TYR F 399 -78.53 -61.37 -17.67
N ILE F 400 -77.64 -60.75 -16.90
CA ILE F 400 -77.24 -59.37 -17.14
C ILE F 400 -75.76 -59.33 -17.48
N VAL F 401 -75.45 -58.86 -18.68
CA VAL F 401 -74.05 -58.72 -19.08
C VAL F 401 -73.76 -57.28 -19.42
N ASP F 402 -72.86 -56.65 -18.65
CA ASP F 402 -72.46 -55.28 -18.95
C ASP F 402 -71.07 -55.29 -19.56
N ILE F 403 -70.84 -54.36 -20.48
CA ILE F 403 -69.54 -54.24 -21.14
C ILE F 403 -69.12 -52.77 -21.12
N ALA F 404 -67.88 -52.51 -20.70
CA ALA F 404 -67.48 -51.15 -20.39
C ALA F 404 -65.97 -50.93 -20.44
N THR F 405 -65.58 -49.73 -20.86
CA THR F 405 -64.22 -49.27 -20.75
C THR F 405 -64.04 -48.67 -19.36
N LEU F 406 -64.04 -49.53 -18.35
CA LEU F 406 -64.14 -49.07 -16.98
C LEU F 406 -62.82 -48.61 -16.35
N THR F 407 -61.78 -49.44 -16.41
CA THR F 407 -60.54 -49.12 -15.71
C THR F 407 -59.30 -49.23 -16.58
N GLY F 408 -58.41 -48.24 -16.49
CA GLY F 408 -57.17 -48.25 -17.23
C GLY F 408 -56.21 -49.29 -16.68
N ALA F 409 -56.51 -49.80 -15.49
CA ALA F 409 -55.69 -50.83 -14.88
C ALA F 409 -55.65 -52.11 -15.73
N MET F 410 -56.65 -52.27 -16.59
CA MET F 410 -56.72 -53.42 -17.48
C MET F 410 -55.49 -53.50 -18.40
N LEU F 411 -54.94 -52.34 -18.73
CA LEU F 411 -53.73 -52.26 -19.54
C LEU F 411 -52.54 -52.89 -18.82
N TYR F 412 -52.62 -52.94 -17.49
CA TYR F 412 -51.55 -53.50 -16.67
C TYR F 412 -51.81 -54.97 -16.30
N SER F 413 -53.05 -55.41 -16.45
CA SER F 413 -53.40 -56.78 -16.08
C SER F 413 -53.37 -57.71 -17.29
N LEU F 414 -54.22 -57.47 -18.28
CA LEU F 414 -54.32 -58.35 -19.43
C LEU F 414 -53.76 -57.70 -20.69
N GLY F 415 -53.65 -56.38 -20.66
CA GLY F 415 -53.08 -55.65 -21.78
C GLY F 415 -54.10 -55.28 -22.83
N THR F 416 -53.69 -55.28 -24.09
CA THR F 416 -54.50 -54.76 -25.17
C THR F 416 -55.18 -55.84 -26.01
N SER F 417 -54.93 -57.10 -25.68
CA SER F 417 -55.45 -58.19 -26.50
C SER F 417 -56.60 -58.93 -25.82
N TYR F 418 -56.51 -59.10 -24.51
CA TYR F 418 -57.54 -59.84 -23.78
C TYR F 418 -58.35 -58.91 -22.89
N ALA F 419 -59.66 -59.00 -22.99
CA ALA F 419 -60.54 -58.26 -22.08
C ALA F 419 -60.74 -59.09 -20.81
N GLY F 420 -61.10 -58.41 -19.73
CA GLY F 420 -61.37 -59.10 -18.48
C GLY F 420 -62.86 -59.26 -18.24
N VAL F 421 -63.26 -60.40 -17.70
CA VAL F 421 -64.66 -60.62 -17.35
C VAL F 421 -64.78 -60.94 -15.86
N PHE F 422 -65.74 -60.28 -15.21
CA PHE F 422 -66.02 -60.52 -13.79
C PHE F 422 -67.47 -60.94 -13.66
N GLY F 423 -67.82 -61.64 -12.58
CA GLY F 423 -69.19 -62.05 -12.39
C GLY F 423 -69.53 -62.68 -11.05
N ASN F 424 -70.82 -62.87 -10.83
CA ASN F 424 -71.32 -63.50 -9.61
C ASN F 424 -71.86 -64.92 -9.85
N ASN F 425 -71.74 -65.39 -11.08
CA ASN F 425 -72.27 -66.68 -11.47
C ASN F 425 -71.34 -67.39 -12.44
N GLU F 426 -70.88 -68.57 -12.06
CA GLU F 426 -69.85 -69.28 -12.83
C GLU F 426 -70.38 -69.82 -14.15
N GLU F 427 -71.66 -70.17 -14.19
CA GLU F 427 -72.26 -70.68 -15.41
C GLU F 427 -72.32 -69.60 -16.48
N LEU F 428 -72.67 -68.39 -16.05
CA LEU F 428 -72.70 -67.25 -16.95
C LEU F 428 -71.29 -66.93 -17.46
N ILE F 429 -70.32 -66.99 -16.56
CA ILE F 429 -68.93 -66.74 -16.90
C ILE F 429 -68.43 -67.75 -17.94
N ASN F 430 -68.73 -69.03 -17.73
CA ASN F 430 -68.33 -70.07 -18.66
C ASN F 430 -68.94 -69.90 -20.04
N LYS F 431 -70.19 -69.45 -20.09
CA LYS F 431 -70.85 -69.20 -21.36
C LYS F 431 -70.15 -68.08 -22.12
N ILE F 432 -69.73 -67.04 -21.39
CA ILE F 432 -69.00 -65.93 -21.99
C ILE F 432 -67.65 -66.41 -22.55
N LEU F 433 -66.96 -67.25 -21.78
CA LEU F 433 -65.68 -67.80 -22.21
C LEU F 433 -65.83 -68.67 -23.45
N GLN F 434 -66.91 -69.47 -23.47
CA GLN F 434 -67.20 -70.31 -24.63
C GLN F 434 -67.52 -69.45 -25.85
N SER F 435 -68.23 -68.36 -25.62
CA SER F 435 -68.54 -67.41 -26.68
C SER F 435 -67.27 -66.74 -27.17
N SER F 436 -66.34 -66.52 -26.25
CA SER F 436 -65.06 -65.91 -26.58
C SER F 436 -64.24 -66.79 -27.53
N LYS F 437 -64.29 -68.09 -27.30
CA LYS F 437 -63.53 -69.04 -28.12
C LYS F 437 -64.05 -69.10 -29.57
N THR F 438 -65.37 -69.16 -29.71
CA THR F 438 -65.98 -69.33 -31.04
C THR F 438 -66.02 -68.03 -31.83
N SER F 439 -66.00 -66.89 -31.12
CA SER F 439 -66.00 -65.59 -31.77
C SER F 439 -64.58 -65.08 -32.03
N ASN F 440 -63.60 -65.72 -31.39
CA ASN F 440 -62.20 -65.31 -31.47
C ASN F 440 -61.96 -63.88 -31.00
N GLU F 441 -62.77 -63.41 -30.06
CA GLU F 441 -62.49 -62.18 -29.35
C GLU F 441 -62.10 -62.53 -27.92
N PRO F 442 -60.79 -62.57 -27.65
CA PRO F 442 -60.24 -63.16 -26.43
C PRO F 442 -60.63 -62.44 -25.14
N VAL F 443 -61.12 -63.23 -24.18
CA VAL F 443 -61.53 -62.72 -22.87
C VAL F 443 -60.97 -63.64 -21.80
N TRP F 444 -60.54 -63.08 -20.68
CA TRP F 444 -59.98 -63.88 -19.59
C TRP F 444 -60.73 -63.62 -18.28
N TRP F 445 -61.00 -64.70 -17.55
CA TRP F 445 -61.73 -64.60 -16.29
C TRP F 445 -60.85 -64.07 -15.16
N LEU F 446 -61.27 -62.96 -14.57
CA LEU F 446 -60.60 -62.36 -13.43
C LEU F 446 -61.51 -62.41 -12.20
N PRO F 447 -60.93 -62.49 -11.01
CA PRO F 447 -61.75 -62.69 -9.80
C PRO F 447 -62.29 -61.40 -9.19
N ILE F 448 -63.46 -61.50 -8.56
CA ILE F 448 -63.97 -60.43 -7.71
C ILE F 448 -63.64 -60.79 -6.26
N ILE F 449 -62.56 -60.21 -5.74
CA ILE F 449 -62.07 -60.59 -4.42
C ILE F 449 -62.77 -59.85 -3.28
N ASN F 450 -63.61 -60.58 -2.55
CA ASN F 450 -64.46 -60.00 -1.51
C ASN F 450 -63.68 -59.38 -0.35
N GLU F 451 -62.42 -59.75 -0.19
CA GLU F 451 -61.61 -59.20 0.90
C GLU F 451 -61.40 -57.70 0.73
N TYR F 452 -61.49 -57.21 -0.51
CA TYR F 452 -61.28 -55.80 -0.79
C TYR F 452 -62.53 -54.97 -0.54
N ARG F 453 -63.65 -55.65 -0.34
CA ARG F 453 -64.96 -55.00 -0.18
C ARG F 453 -64.99 -53.96 0.94
N ALA F 454 -64.26 -54.24 2.02
CA ALA F 454 -64.27 -53.37 3.19
C ALA F 454 -63.74 -51.97 2.89
N THR F 455 -62.97 -51.84 1.81
CA THR F 455 -62.41 -50.56 1.43
C THR F 455 -63.45 -49.63 0.80
N LEU F 456 -64.63 -50.18 0.52
CA LEU F 456 -65.72 -49.38 -0.04
C LEU F 456 -66.68 -48.90 1.03
N ASN F 457 -66.36 -49.19 2.30
CA ASN F 457 -67.18 -48.74 3.41
C ASN F 457 -67.01 -47.25 3.67
N SER F 458 -68.05 -46.49 3.37
CA SER F 458 -68.02 -45.04 3.55
C SER F 458 -68.33 -44.66 5.00
N LYS F 459 -67.70 -43.59 5.47
CA LYS F 459 -67.93 -43.09 6.82
C LYS F 459 -69.30 -42.45 6.96
N TYR F 460 -69.80 -41.88 5.86
CA TYR F 460 -71.04 -41.12 5.91
C TYR F 460 -72.12 -41.70 5.01
N ALA F 461 -71.74 -42.13 3.81
CA ALA F 461 -72.68 -42.71 2.87
C ALA F 461 -72.79 -44.22 3.08
N ASP F 462 -73.67 -44.85 2.30
CA ASP F 462 -73.84 -46.30 2.34
C ASP F 462 -72.62 -47.00 1.77
N ILE F 463 -72.00 -46.37 0.77
CA ILE F 463 -70.86 -46.99 0.09
C ILE F 463 -69.96 -45.94 -0.57
N ASN F 464 -68.67 -46.26 -0.69
CA ASN F 464 -67.75 -45.43 -1.45
C ASN F 464 -67.78 -45.77 -2.93
N GLN F 465 -67.59 -44.76 -3.77
CA GLN F 465 -67.47 -44.97 -5.21
C GLN F 465 -66.15 -45.65 -5.53
N ILE F 466 -65.08 -45.22 -4.85
CA ILE F 466 -63.74 -45.74 -5.07
C ILE F 466 -63.08 -46.18 -3.78
N SER F 467 -61.97 -46.90 -3.91
CA SER F 467 -61.17 -47.30 -2.76
C SER F 467 -60.07 -46.30 -2.45
N SER F 468 -59.67 -46.23 -1.19
CA SER F 468 -58.55 -45.41 -0.77
C SER F 468 -57.30 -46.26 -0.50
N SER F 469 -56.80 -46.86 -1.59
CA SER F 469 -55.57 -47.68 -1.70
C SER F 469 -55.89 -48.74 -2.72
N VAL F 470 -56.18 -49.95 -2.23
CA VAL F 470 -56.35 -51.17 -3.02
C VAL F 470 -56.17 -50.95 -4.53
N LYS F 471 -54.92 -50.82 -4.97
CA LYS F 471 -54.60 -50.50 -6.36
C LYS F 471 -55.26 -51.41 -7.41
N ALA F 472 -55.89 -52.50 -6.97
CA ALA F 472 -56.58 -53.38 -7.89
C ALA F 472 -57.92 -52.76 -8.29
N SER F 473 -57.82 -51.70 -9.10
CA SER F 473 -58.96 -50.88 -9.49
C SER F 473 -60.06 -51.67 -10.18
N SER F 474 -59.67 -52.57 -11.07
CA SER F 474 -60.63 -53.33 -11.85
C SER F 474 -61.51 -54.21 -10.97
N ILE F 475 -60.91 -54.77 -9.94
CA ILE F 475 -61.65 -55.63 -9.02
C ILE F 475 -62.54 -54.80 -8.10
N VAL F 476 -62.01 -53.68 -7.62
CA VAL F 476 -62.74 -52.79 -6.72
C VAL F 476 -63.99 -52.26 -7.42
N ALA F 477 -63.84 -51.87 -8.68
CA ALA F 477 -64.95 -51.37 -9.48
C ALA F 477 -66.01 -52.46 -9.65
N SER F 478 -65.55 -53.69 -9.85
CA SER F 478 -66.44 -54.85 -9.97
C SER F 478 -67.18 -55.08 -8.66
N LEU F 479 -66.47 -54.87 -7.55
CA LEU F 479 -67.06 -54.98 -6.22
C LEU F 479 -68.16 -53.93 -6.05
N PHE F 480 -67.96 -52.76 -6.64
CA PHE F 480 -68.95 -51.69 -6.60
C PHE F 480 -70.22 -52.08 -7.35
N LEU F 481 -70.06 -52.49 -8.60
CA LEU F 481 -71.19 -52.85 -9.45
C LEU F 481 -72.00 -54.02 -8.88
N LYS F 482 -71.29 -54.96 -8.25
CA LYS F 482 -71.92 -56.14 -7.66
C LYS F 482 -72.94 -55.75 -6.60
N GLU F 483 -72.74 -54.59 -5.99
CA GLU F 483 -73.65 -54.10 -4.96
C GLU F 483 -74.99 -53.65 -5.54
N PHE F 484 -75.08 -53.59 -6.87
CA PHE F 484 -76.30 -53.13 -7.52
C PHE F 484 -77.01 -54.22 -8.33
N VAL F 485 -76.58 -55.46 -8.13
CA VAL F 485 -77.29 -56.62 -8.66
C VAL F 485 -77.56 -57.60 -7.52
N GLN F 486 -78.81 -57.67 -7.09
CA GLN F 486 -79.17 -58.39 -5.86
C GLN F 486 -79.44 -59.87 -6.08
N ASN F 487 -80.20 -60.21 -7.12
CA ASN F 487 -80.65 -61.58 -7.31
C ASN F 487 -80.70 -62.00 -8.77
N THR F 488 -79.70 -61.59 -9.56
CA THR F 488 -79.63 -61.96 -10.96
C THR F 488 -78.22 -62.39 -11.34
N ALA F 489 -78.11 -63.42 -12.18
CA ALA F 489 -76.81 -63.81 -12.73
C ALA F 489 -76.24 -62.65 -13.54
N TRP F 490 -75.04 -62.20 -13.18
CA TRP F 490 -74.48 -61.00 -13.78
C TRP F 490 -73.00 -61.11 -14.12
N ALA F 491 -72.62 -60.53 -15.25
CA ALA F 491 -71.24 -60.53 -15.68
C ALA F 491 -70.82 -59.15 -16.18
N HIS F 492 -69.54 -58.85 -16.04
CA HIS F 492 -69.00 -57.54 -16.36
C HIS F 492 -67.73 -57.69 -17.20
N ILE F 493 -67.75 -57.14 -18.40
CA ILE F 493 -66.61 -57.24 -19.30
C ILE F 493 -65.88 -55.91 -19.40
N ASP F 494 -64.67 -55.85 -18.87
CA ASP F 494 -63.87 -54.64 -18.91
C ASP F 494 -63.02 -54.64 -20.17
N ILE F 495 -63.34 -53.73 -21.09
CA ILE F 495 -62.69 -53.67 -22.40
C ILE F 495 -61.85 -52.40 -22.59
N ALA F 496 -61.48 -51.76 -21.48
CA ALA F 496 -60.73 -50.50 -21.53
C ALA F 496 -59.38 -50.63 -22.23
N GLY F 497 -58.78 -51.82 -22.15
CA GLY F 497 -57.48 -52.04 -22.75
C GLY F 497 -57.54 -52.50 -24.19
N VAL F 498 -58.63 -53.17 -24.56
CA VAL F 498 -58.72 -53.81 -25.87
C VAL F 498 -59.56 -53.02 -26.85
N SER F 499 -60.23 -51.97 -26.38
CA SER F 499 -61.15 -51.23 -27.22
C SER F 499 -60.47 -50.52 -28.39
N TRP F 500 -59.38 -49.83 -28.11
CA TRP F 500 -58.69 -49.05 -29.12
C TRP F 500 -57.44 -49.74 -29.65
N ASN F 501 -57.30 -49.76 -30.97
CA ASN F 501 -56.11 -50.29 -31.62
C ASN F 501 -55.10 -49.16 -31.78
N PHE F 502 -54.18 -49.06 -30.83
CA PHE F 502 -53.23 -47.96 -30.79
C PHE F 502 -52.25 -47.95 -31.96
N LYS F 503 -51.85 -49.13 -32.41
CA LYS F 503 -50.92 -49.24 -33.53
C LYS F 503 -51.57 -48.79 -34.83
N ALA F 504 -52.82 -49.18 -35.04
CA ALA F 504 -53.54 -48.86 -36.27
C ALA F 504 -54.31 -47.55 -36.18
N ARG F 505 -54.36 -46.97 -34.98
CA ARG F 505 -55.05 -45.70 -34.73
C ARG F 505 -56.54 -45.72 -35.09
N LYS F 506 -57.24 -46.79 -34.69
CA LYS F 506 -58.67 -46.92 -34.95
C LYS F 506 -59.32 -47.87 -33.94
N PRO F 507 -60.66 -47.84 -33.84
CA PRO F 507 -61.30 -48.78 -32.92
C PRO F 507 -61.26 -50.22 -33.44
N LYS F 508 -61.50 -51.18 -32.55
CA LYS F 508 -61.54 -52.58 -32.95
C LYS F 508 -62.98 -53.04 -33.11
N GLY F 509 -63.90 -52.30 -32.50
CA GLY F 509 -65.28 -52.71 -32.43
C GLY F 509 -65.41 -53.95 -31.56
N PHE F 510 -64.55 -54.04 -30.55
CA PHE F 510 -64.48 -55.22 -29.69
C PHE F 510 -65.77 -55.46 -28.93
N GLY F 511 -66.22 -56.71 -28.94
CA GLY F 511 -67.37 -57.11 -28.15
C GLY F 511 -68.60 -57.45 -28.96
N VAL F 512 -68.70 -56.89 -30.17
CA VAL F 512 -69.89 -57.08 -31.01
C VAL F 512 -70.08 -58.56 -31.34
N ARG F 513 -69.03 -59.18 -31.86
CA ARG F 513 -69.10 -60.59 -32.21
C ARG F 513 -69.19 -61.48 -30.97
N LEU F 514 -68.52 -61.05 -29.91
CA LEU F 514 -68.53 -61.75 -28.62
C LEU F 514 -69.94 -61.83 -28.04
N LEU F 515 -70.63 -60.69 -28.00
CA LEU F 515 -71.98 -60.64 -27.44
C LEU F 515 -72.97 -61.41 -28.29
N THR F 516 -72.80 -61.36 -29.61
CA THR F 516 -73.72 -62.03 -30.51
C THR F 516 -73.60 -63.55 -30.40
N GLU F 517 -72.37 -64.05 -30.35
CA GLU F 517 -72.14 -65.48 -30.16
C GLU F 517 -72.72 -65.95 -28.84
N PHE F 518 -72.64 -65.10 -27.83
CA PHE F 518 -73.21 -65.38 -26.53
C PHE F 518 -74.73 -65.57 -26.62
N VAL F 519 -75.38 -64.68 -27.37
CA VAL F 519 -76.82 -64.74 -27.55
C VAL F 519 -77.22 -65.93 -28.43
N LEU F 520 -76.46 -66.14 -29.49
CA LEU F 520 -76.78 -67.17 -30.48
C LEU F 520 -76.62 -68.59 -29.94
N ASN F 521 -75.54 -68.84 -29.21
CA ASN F 521 -75.25 -70.18 -28.72
C ASN F 521 -75.94 -70.49 -27.39
N ASP F 522 -76.74 -69.56 -26.89
CA ASP F 522 -77.52 -69.79 -25.68
C ASP F 522 -78.91 -70.33 -26.03
N ALA G 4 68.36 -1.28 27.66
CA ALA G 4 67.97 0.02 28.20
C ALA G 4 68.93 1.11 27.72
N SER G 5 68.38 2.26 27.35
CA SER G 5 69.17 3.38 26.88
C SER G 5 69.22 4.51 27.92
N GLU G 6 70.30 5.29 27.88
CA GLU G 6 70.48 6.42 28.78
C GLU G 6 69.80 7.67 28.21
N VAL G 7 68.92 8.29 29.01
CA VAL G 7 68.22 9.48 28.58
C VAL G 7 69.11 10.73 28.65
N PRO G 8 69.33 11.38 27.49
CA PRO G 8 70.15 12.59 27.42
C PRO G 8 69.53 13.75 28.21
N GLN G 9 70.37 14.63 28.74
CA GLN G 9 69.92 15.74 29.55
C GLN G 9 70.52 17.06 29.08
N VAL G 10 69.77 18.14 29.26
CA VAL G 10 70.30 19.47 29.00
C VAL G 10 70.86 20.02 30.31
N VAL G 11 70.10 19.81 31.38
CA VAL G 11 70.57 20.14 32.73
C VAL G 11 70.37 18.91 33.63
N SER G 12 71.05 18.89 34.77
CA SER G 12 71.00 17.74 35.66
C SER G 12 69.63 17.58 36.30
N LEU G 13 68.82 18.64 36.24
CA LEU G 13 67.49 18.62 36.84
C LEU G 13 66.45 18.04 35.89
N ASP G 14 66.86 17.79 34.65
CA ASP G 14 65.97 17.14 33.68
C ASP G 14 65.72 15.70 34.09
N PRO G 15 64.44 15.28 34.13
CA PRO G 15 64.07 13.91 34.53
C PRO G 15 64.60 12.86 33.56
N THR G 16 64.93 11.67 34.08
CA THR G 16 65.52 10.62 33.26
C THR G 16 64.62 9.39 33.16
N SER G 17 63.40 9.48 33.68
CA SER G 17 62.46 8.37 33.57
C SER G 17 61.02 8.80 33.78
N ILE G 18 60.09 8.03 33.23
CA ILE G 18 58.67 8.25 33.46
C ILE G 18 58.25 7.53 34.73
N PRO G 19 57.80 8.28 35.74
CA PRO G 19 57.31 7.65 36.97
C PRO G 19 56.03 6.85 36.69
N ILE G 20 56.03 5.58 37.08
CA ILE G 20 54.88 4.72 36.84
C ILE G 20 54.41 4.07 38.14
N GLU G 21 53.12 4.19 38.43
CA GLU G 21 52.55 3.50 39.56
C GLU G 21 51.93 2.18 39.12
N TYR G 22 52.56 1.08 39.52
CA TYR G 22 52.07 -0.23 39.17
C TYR G 22 51.09 -0.74 40.23
N ASN G 23 51.48 -0.62 41.49
CA ASN G 23 50.61 -1.04 42.58
C ASN G 23 49.68 0.09 43.01
N THR G 24 48.47 0.07 42.47
CA THR G 24 47.49 1.11 42.77
C THR G 24 46.59 0.67 43.91
N PRO G 25 46.00 1.64 44.63
CA PRO G 25 45.05 1.34 45.71
C PRO G 25 43.89 0.47 45.23
N ILE G 26 43.57 0.56 43.95
CA ILE G 26 42.52 -0.26 43.33
C ILE G 26 42.88 -1.74 43.42
N HIS G 27 44.18 -2.04 43.27
CA HIS G 27 44.64 -3.42 43.34
C HIS G 27 44.55 -3.97 44.76
N ASP G 28 44.42 -3.09 45.74
CA ASP G 28 44.32 -3.51 47.13
C ASP G 28 42.87 -3.70 47.56
N ILE G 29 41.95 -3.42 46.65
CA ILE G 29 40.52 -3.55 46.94
C ILE G 29 40.02 -4.99 46.76
N LYS G 30 39.47 -5.56 47.83
CA LYS G 30 38.87 -6.87 47.76
C LYS G 30 37.42 -6.79 47.27
N VAL G 31 37.12 -7.51 46.19
CA VAL G 31 35.81 -7.45 45.58
C VAL G 31 35.02 -8.72 45.86
N GLN G 32 33.82 -8.55 46.41
CA GLN G 32 32.94 -9.66 46.71
C GLN G 32 31.65 -9.52 45.91
N VAL G 33 31.21 -10.60 45.28
CA VAL G 33 29.96 -10.58 44.53
C VAL G 33 28.95 -11.54 45.15
N TYR G 34 27.81 -11.00 45.56
CA TYR G 34 26.76 -11.81 46.17
C TYR G 34 25.52 -11.84 45.28
N ASP G 35 24.71 -12.89 45.43
CA ASP G 35 23.44 -12.93 44.71
C ASP G 35 22.40 -12.15 45.51
N ILE G 36 21.67 -11.28 44.82
CA ILE G 36 20.72 -10.38 45.46
C ILE G 36 19.56 -11.15 46.10
N LYS G 37 19.28 -12.35 45.60
CA LYS G 37 18.17 -13.15 46.10
C LYS G 37 18.40 -13.64 47.51
N GLY G 38 19.65 -13.56 47.97
CA GLY G 38 20.01 -13.99 49.30
C GLY G 38 19.81 -12.89 50.32
N GLY G 39 19.44 -11.71 49.83
CA GLY G 39 19.22 -10.56 50.68
C GLY G 39 20.50 -9.75 50.84
N CYS G 40 20.35 -8.48 51.17
CA CYS G 40 21.49 -7.59 51.32
C CYS G 40 21.82 -7.30 52.77
N ASN G 41 23.10 -7.32 53.12
CA ASN G 41 23.52 -6.90 54.44
C ASN G 41 24.03 -5.47 54.35
N VAL G 42 23.51 -4.61 55.22
CA VAL G 42 23.90 -3.21 55.20
C VAL G 42 24.58 -2.85 56.51
N GLU G 43 25.90 -2.96 56.56
CA GLU G 43 26.60 -2.71 57.81
C GLU G 43 27.61 -1.56 57.81
N GLU G 44 28.86 -1.83 57.46
CA GLU G 44 29.85 -0.76 57.51
C GLU G 44 29.92 -0.02 56.20
N GLY G 45 30.53 1.15 56.23
CA GLY G 45 30.81 1.91 55.03
C GLY G 45 29.55 2.46 54.38
N LEU G 46 29.56 2.60 53.06
CA LEU G 46 28.44 3.17 52.35
C LEU G 46 27.79 2.15 51.43
N THR G 47 26.46 2.03 51.50
CA THR G 47 25.72 1.10 50.67
C THR G 47 24.84 1.86 49.68
N ILE G 48 25.10 1.66 48.40
CA ILE G 48 24.41 2.41 47.35
C ILE G 48 23.56 1.52 46.45
N PHE G 49 22.29 1.88 46.31
CA PHE G 49 21.38 1.18 45.42
C PHE G 49 21.34 1.86 44.05
N LEU G 50 21.57 1.10 42.99
CA LEU G 50 21.42 1.63 41.63
C LEU G 50 20.00 1.39 41.16
N VAL G 51 19.19 2.45 41.09
CA VAL G 51 17.77 2.30 40.80
C VAL G 51 17.34 3.11 39.57
N ASN G 52 16.33 2.58 38.88
CA ASN G 52 15.72 3.31 37.77
C ASN G 52 14.20 3.24 37.89
N ASN G 53 13.51 3.80 36.90
CA ASN G 53 12.06 3.70 36.85
C ASN G 53 11.59 3.73 35.39
N PRO G 54 11.31 2.54 34.84
CA PRO G 54 10.91 2.25 33.46
C PRO G 54 9.83 3.16 32.90
N GLY G 55 10.20 3.91 31.86
CA GLY G 55 9.38 4.94 31.24
C GLY G 55 8.62 5.91 32.13
N LYS G 56 9.06 6.05 33.37
CA LYS G 56 8.51 7.06 34.27
C LYS G 56 9.56 8.16 34.49
N GLU G 57 9.78 8.98 33.46
CA GLU G 57 10.72 10.09 33.50
C GLU G 57 10.70 10.80 34.85
N ASN G 58 11.88 10.90 35.46
CA ASN G 58 12.03 11.21 36.87
C ASN G 58 10.90 10.65 37.75
N GLY G 59 10.89 9.33 37.89
CA GLY G 59 9.89 8.66 38.70
C GLY G 59 10.37 8.52 40.13
N PRO G 60 9.47 8.10 41.04
CA PRO G 60 9.87 7.91 42.43
C PRO G 60 10.83 6.72 42.59
N VAL G 61 11.66 6.77 43.63
CA VAL G 61 12.59 5.68 43.92
C VAL G 61 11.88 4.54 44.64
N LYS G 62 12.10 3.31 44.19
CA LYS G 62 11.54 2.13 44.84
C LYS G 62 12.60 1.05 44.99
N ILE G 63 12.85 0.62 46.23
CA ILE G 63 13.82 -0.43 46.48
C ILE G 63 13.15 -1.80 46.43
N SER G 64 13.56 -2.62 45.46
CA SER G 64 12.96 -3.93 45.23
C SER G 64 13.68 -5.03 46.02
N SER G 65 14.99 -4.85 46.21
CA SER G 65 15.83 -5.85 46.86
C SER G 65 15.44 -6.12 48.31
N LYS G 66 15.62 -7.36 48.74
CA LYS G 66 15.38 -7.72 50.13
C LYS G 66 16.56 -7.30 50.98
N VAL G 67 16.27 -6.62 52.09
CA VAL G 67 17.33 -6.17 52.98
C VAL G 67 17.24 -6.96 54.28
N ASN G 68 18.33 -7.64 54.62
CA ASN G 68 18.35 -8.50 55.80
C ASN G 68 18.52 -7.71 57.10
N ASP G 69 17.72 -6.66 57.24
CA ASP G 69 17.74 -5.83 58.43
C ASP G 69 16.39 -5.14 58.60
N LYS G 70 15.74 -5.36 59.74
CA LYS G 70 14.39 -4.85 59.95
C LYS G 70 14.36 -3.32 59.97
N GLN G 71 15.33 -2.71 60.63
CA GLN G 71 15.40 -1.26 60.74
C GLN G 71 15.63 -0.60 59.38
N VAL G 72 16.57 -1.15 58.61
CA VAL G 72 16.91 -0.60 57.31
C VAL G 72 15.78 -0.81 56.31
N SER G 73 15.11 -1.96 56.41
CA SER G 73 14.00 -2.27 55.52
C SER G 73 12.85 -1.30 55.75
N GLU G 74 12.66 -0.92 57.02
CA GLU G 74 11.67 0.07 57.37
C GLU G 74 12.01 1.44 56.82
N PHE G 75 13.29 1.80 56.86
CA PHE G 75 13.74 3.09 56.35
C PHE G 75 13.51 3.19 54.85
N LEU G 76 13.76 2.09 54.15
CA LEU G 76 13.72 2.08 52.69
C LEU G 76 12.37 1.71 52.10
N LYS G 77 11.32 1.70 52.94
CA LYS G 77 9.98 1.39 52.47
C LYS G 77 9.49 2.44 51.46
N ASP G 78 8.60 2.03 50.58
CA ASP G 78 8.14 2.85 49.46
C ASP G 78 7.62 4.23 49.86
N GLU G 79 6.84 4.30 50.94
CA GLU G 79 6.29 5.57 51.40
C GLU G 79 7.40 6.56 51.74
N ASN G 80 8.51 6.06 52.27
CA ASN G 80 9.63 6.90 52.64
C ASN G 80 10.46 7.34 51.44
N MET G 81 10.58 6.46 50.45
CA MET G 81 11.46 6.69 49.31
C MET G 81 10.82 7.50 48.18
N GLU G 82 9.50 7.64 48.19
CA GLU G 82 8.78 8.30 47.10
C GLU G 82 9.08 9.79 46.98
N LYS G 83 9.66 10.38 48.02
CA LYS G 83 10.03 11.79 47.99
C LYS G 83 11.27 12.02 47.12
N PHE G 84 11.96 10.94 46.78
CA PHE G 84 13.14 11.02 45.93
C PHE G 84 12.86 10.48 44.53
N ASN G 85 13.59 10.97 43.53
CA ASN G 85 13.38 10.56 42.14
C ASN G 85 14.59 9.88 41.52
N VAL G 86 14.39 9.26 40.36
CA VAL G 86 15.41 8.41 39.74
C VAL G 86 16.15 9.08 38.59
N LYS G 87 16.06 10.41 38.51
CA LYS G 87 16.75 11.18 37.47
C LYS G 87 18.22 10.78 37.34
N LEU G 88 18.65 10.52 36.11
CA LEU G 88 20.01 10.05 35.83
C LEU G 88 21.08 10.92 36.46
N GLY G 89 21.91 10.34 37.31
CA GLY G 89 23.00 11.07 37.95
C GLY G 89 22.67 11.61 39.32
N THR G 90 21.38 11.55 39.69
CA THR G 90 20.93 12.02 41.00
C THR G 90 21.39 11.07 42.10
N SER G 91 21.81 11.64 43.23
CA SER G 91 22.26 10.84 44.36
C SER G 91 21.79 11.43 45.69
N LYS G 92 21.58 10.55 46.67
CA LYS G 92 21.17 10.94 48.01
C LYS G 92 21.88 10.07 49.05
N HIS G 93 22.09 10.61 50.24
CA HIS G 93 22.70 9.85 51.33
C HIS G 93 21.70 9.69 52.47
N PHE G 94 21.67 8.49 53.07
CA PHE G 94 20.75 8.24 54.16
C PHE G 94 21.53 7.83 55.41
N TYR G 95 21.06 8.28 56.58
CA TYR G 95 21.67 7.91 57.86
C TYR G 95 20.67 7.19 58.77
N MET G 96 21.06 6.05 59.34
CA MET G 96 20.16 5.31 60.21
C MET G 96 20.90 4.31 61.11
N PHE G 97 20.16 3.72 62.04
CA PHE G 97 20.68 2.66 62.89
C PHE G 97 20.10 1.30 62.49
N ASN G 98 20.90 0.25 62.49
CA ASN G 98 20.42 -1.08 62.13
C ASN G 98 19.87 -1.87 63.34
N ASP G 99 19.65 -3.16 63.13
CA ASP G 99 19.10 -4.03 64.18
C ASP G 99 20.04 -4.21 65.38
N ASN G 100 21.33 -4.16 65.13
CA ASN G 100 22.33 -4.31 66.18
C ASN G 100 22.72 -2.96 66.79
N LYS G 101 21.87 -1.98 66.56
CA LYS G 101 22.09 -0.61 67.06
C LYS G 101 23.41 0.00 66.58
N ASN G 102 23.84 -0.40 65.38
CA ASN G 102 25.02 0.21 64.78
C ASN G 102 24.64 1.24 63.72
N SER G 103 25.43 2.31 63.64
CA SER G 103 25.21 3.36 62.68
C SER G 103 25.63 2.93 61.27
N VAL G 104 24.72 3.07 60.30
CA VAL G 104 25.02 2.66 58.93
C VAL G 104 24.73 3.78 57.94
N ALA G 105 25.41 3.75 56.80
CA ALA G 105 25.19 4.73 55.75
C ALA G 105 24.67 4.06 54.48
N VAL G 106 23.54 4.58 54.00
CA VAL G 106 22.86 4.03 52.83
C VAL G 106 22.54 5.15 51.84
N GLY G 107 22.47 4.82 50.55
CA GLY G 107 22.06 5.80 49.56
C GLY G 107 21.73 5.18 48.23
N TYR G 108 21.50 6.01 47.22
CA TYR G 108 21.18 5.52 45.89
C TYR G 108 21.71 6.44 44.79
N VAL G 109 21.77 5.91 43.58
CA VAL G 109 22.07 6.69 42.39
C VAL G 109 21.00 6.45 41.34
N GLY G 110 20.40 7.52 40.85
CA GLY G 110 19.35 7.43 39.85
C GLY G 110 19.90 6.96 38.51
N CYS G 111 19.24 5.97 37.92
CA CYS G 111 19.69 5.43 36.65
C CYS G 111 18.69 5.73 35.54
N GLY G 112 17.91 6.79 35.74
CA GLY G 112 17.00 7.28 34.72
C GLY G 112 15.74 6.45 34.53
N SER G 113 15.16 6.53 33.34
CA SER G 113 13.90 5.86 33.05
C SER G 113 14.01 4.89 31.89
N VAL G 114 15.21 4.77 31.33
CA VAL G 114 15.45 3.84 30.24
C VAL G 114 16.03 2.53 30.78
N ALA G 115 15.43 1.42 30.37
CA ALA G 115 15.82 0.10 30.85
C ALA G 115 17.26 -0.26 30.46
N ASP G 116 17.63 0.06 29.23
CA ASP G 116 18.96 -0.26 28.73
C ASP G 116 19.86 0.97 28.73
N LEU G 117 20.81 1.00 29.68
CA LEU G 117 21.74 2.11 29.80
C LEU G 117 22.81 2.05 28.73
N SER G 118 23.12 3.20 28.14
CA SER G 118 24.19 3.27 27.15
C SER G 118 25.52 3.41 27.87
N GLU G 119 26.61 3.25 27.11
CA GLU G 119 27.95 3.44 27.64
C GLU G 119 28.11 4.82 28.28
N ALA G 120 27.59 5.84 27.62
CA ALA G 120 27.67 7.21 28.12
C ALA G 120 26.82 7.40 29.37
N ASP G 121 25.64 6.78 29.39
CA ASP G 121 24.76 6.84 30.55
C ASP G 121 25.41 6.21 31.77
N MET G 122 26.00 5.05 31.59
CA MET G 122 26.66 4.35 32.69
C MET G 122 27.79 5.19 33.29
N LYS G 123 28.50 5.92 32.44
CA LYS G 123 29.58 6.78 32.91
C LYS G 123 29.04 7.88 33.82
N ARG G 124 27.87 8.41 33.48
CA ARG G 124 27.25 9.44 34.32
C ARG G 124 26.87 8.87 35.67
N VAL G 125 26.40 7.62 35.68
CA VAL G 125 26.05 6.95 36.92
C VAL G 125 27.28 6.77 37.81
N VAL G 126 28.35 6.29 37.20
CA VAL G 126 29.62 6.06 37.90
C VAL G 126 30.18 7.35 38.48
N LEU G 127 30.17 8.41 37.67
CA LEU G 127 30.68 9.71 38.09
C LEU G 127 29.95 10.22 39.35
N SER G 128 28.63 10.02 39.39
CA SER G 128 27.85 10.39 40.57
C SER G 128 28.26 9.57 41.76
N LEU G 129 28.54 8.29 41.52
CA LEU G 129 29.00 7.39 42.56
C LEU G 129 30.37 7.80 43.11
N VAL G 130 31.27 8.22 42.22
CA VAL G 130 32.63 8.59 42.62
C VAL G 130 32.62 9.83 43.53
N THR G 131 31.69 10.74 43.28
CA THR G 131 31.55 11.93 44.11
C THR G 131 31.21 11.53 45.55
N MET G 132 30.44 10.46 45.69
CA MET G 132 30.06 9.95 47.00
C MET G 132 31.27 9.32 47.70
N LEU G 133 32.19 8.77 46.90
CA LEU G 133 33.43 8.21 47.45
C LEU G 133 34.41 9.31 47.81
N HIS G 134 34.39 10.40 47.05
CA HIS G 134 35.29 11.52 47.29
C HIS G 134 34.86 12.33 48.51
N ASP G 135 35.86 12.80 49.26
CA ASP G 135 35.66 13.58 50.48
C ASP G 135 34.84 12.85 51.56
N ASN G 136 34.78 11.52 51.46
CA ASN G 136 34.29 10.71 52.57
C ASN G 136 35.27 9.55 52.80
N LYS G 137 35.96 9.61 53.93
CA LYS G 137 36.85 8.56 54.38
C LYS G 137 36.16 7.22 54.64
N LEU G 138 35.77 6.51 53.57
CA LEU G 138 35.10 5.23 53.72
C LEU G 138 36.07 4.05 53.65
N SER G 139 35.71 2.95 54.31
CA SER G 139 36.50 1.73 54.30
C SER G 139 35.91 0.71 53.33
N LYS G 140 34.59 0.77 53.13
CA LYS G 140 33.90 -0.18 52.29
C LYS G 140 32.78 0.47 51.48
N LEU G 141 32.68 0.09 50.21
CA LEU G 141 31.58 0.51 49.37
C LEU G 141 30.76 -0.71 48.96
N THR G 142 29.45 -0.61 49.08
CA THR G 142 28.56 -1.68 48.66
C THR G 142 27.59 -1.18 47.60
N VAL G 143 27.57 -1.84 46.44
CA VAL G 143 26.68 -1.43 45.36
C VAL G 143 25.62 -2.50 45.09
N VAL G 144 24.36 -2.09 45.15
CA VAL G 144 23.25 -3.00 44.90
C VAL G 144 22.60 -2.71 43.55
N PHE G 145 22.73 -3.66 42.62
CA PHE G 145 22.22 -3.48 41.26
C PHE G 145 20.74 -3.80 41.14
N GLU G 146 19.90 -2.77 41.12
CA GLU G 146 18.49 -2.94 40.84
C GLU G 146 18.16 -2.51 39.41
N ILE G 147 19.14 -2.67 38.53
CA ILE G 147 18.97 -2.40 37.10
C ILE G 147 19.52 -3.57 36.29
N ASN G 148 19.16 -3.62 35.00
CA ASN G 148 19.62 -4.70 34.14
C ASN G 148 20.88 -4.33 33.39
N VAL G 149 21.93 -5.10 33.58
CA VAL G 149 23.18 -4.93 32.84
C VAL G 149 23.70 -6.29 32.39
N ASP G 150 24.24 -6.36 31.18
CA ASP G 150 24.86 -7.60 30.72
C ASP G 150 26.28 -7.70 31.28
N LYS G 151 26.95 -8.80 31.00
CA LYS G 151 28.27 -9.04 31.56
C LYS G 151 29.24 -7.95 31.10
N ASN G 152 29.15 -7.56 29.84
CA ASN G 152 30.02 -6.53 29.29
C ASN G 152 29.80 -5.17 29.94
N LEU G 153 28.54 -4.82 30.20
CA LEU G 153 28.22 -3.55 30.82
C LEU G 153 28.62 -3.55 32.30
N PHE G 154 28.49 -4.71 32.93
CA PHE G 154 28.91 -4.87 34.31
C PHE G 154 30.41 -4.68 34.45
N ARG G 155 31.16 -5.28 33.53
CA ARG G 155 32.61 -5.12 33.51
C ARG G 155 32.97 -3.67 33.24
N PHE G 156 32.24 -3.04 32.34
CA PHE G 156 32.46 -1.64 32.01
C PHE G 156 32.25 -0.74 33.22
N PHE G 157 31.25 -1.05 34.03
CA PHE G 157 30.97 -0.33 35.27
C PHE G 157 32.17 -0.39 36.21
N LEU G 158 32.72 -1.58 36.39
CA LEU G 158 33.84 -1.80 37.29
C LEU G 158 35.10 -1.08 36.78
N GLU G 159 35.38 -1.24 35.48
CA GLU G 159 36.51 -0.58 34.85
C GLU G 159 36.45 0.94 35.01
N THR G 160 35.29 1.51 34.70
CA THR G 160 35.11 2.95 34.77
C THR G 160 35.17 3.45 36.21
N LEU G 161 34.55 2.70 37.11
CA LEU G 161 34.60 3.02 38.53
C LEU G 161 36.03 3.06 39.02
N PHE G 162 36.78 2.00 38.71
CA PHE G 162 38.18 1.91 39.09
C PHE G 162 39.00 3.07 38.51
N TYR G 163 38.76 3.37 37.23
CA TYR G 163 39.51 4.41 36.54
C TYR G 163 39.26 5.81 37.12
N GLU G 164 38.00 6.14 37.36
CA GLU G 164 37.64 7.46 37.86
C GLU G 164 37.95 7.64 39.34
N TYR G 165 37.89 6.54 40.09
CA TYR G 165 38.18 6.57 41.53
C TYR G 165 39.64 6.92 41.76
N MET G 166 40.50 6.38 40.91
CA MET G 166 41.94 6.58 40.99
C MET G 166 42.35 8.02 40.69
N THR G 167 43.30 8.54 41.46
CA THR G 167 43.79 9.90 41.27
C THR G 167 45.31 9.90 41.04
N ASP G 168 45.73 10.57 39.97
CA ASP G 168 47.14 10.62 39.58
C ASP G 168 47.88 11.75 40.31
N GLU G 169 48.75 11.38 41.24
CA GLU G 169 49.50 12.37 42.02
C GLU G 169 51.01 12.25 41.82
N ARG G 170 51.42 11.62 40.72
CA ARG G 170 52.83 11.39 40.45
C ARG G 170 53.64 12.69 40.38
N PHE G 171 53.00 13.77 39.94
CA PHE G 171 53.72 15.02 39.72
C PHE G 171 53.37 16.08 40.76
N LYS G 172 52.65 15.66 41.79
CA LYS G 172 52.34 16.52 42.93
C LYS G 172 53.47 16.47 43.95
N SER G 173 53.86 17.63 44.46
CA SER G 173 54.89 17.66 45.50
C SER G 173 54.35 18.28 46.79
N THR G 174 54.03 19.56 46.73
CA THR G 174 53.69 20.32 47.93
C THR G 174 52.18 20.36 48.12
N ASP G 175 51.47 19.98 47.07
CA ASP G 175 50.01 20.04 47.04
C ASP G 175 49.40 18.64 47.01
N LYS G 176 50.03 17.71 47.72
CA LYS G 176 49.47 16.37 47.84
C LYS G 176 48.19 16.41 48.69
N ASN G 177 47.17 15.69 48.25
CA ASN G 177 45.90 15.65 48.96
C ASN G 177 46.02 14.87 50.27
N VAL G 178 45.96 15.61 51.38
CA VAL G 178 46.08 15.03 52.72
C VAL G 178 44.95 14.07 53.08
N ASN G 179 43.79 14.25 52.44
CA ASN G 179 42.61 13.49 52.80
C ASN G 179 42.34 12.24 51.96
N MET G 180 43.29 11.85 51.11
CA MET G 180 43.07 10.67 50.26
C MET G 180 43.11 9.38 51.08
N GLU G 181 42.11 8.54 50.88
CA GLU G 181 42.00 7.27 51.60
C GLU G 181 41.07 6.35 50.83
N TYR G 182 41.62 5.46 50.01
CA TYR G 182 40.77 4.61 49.20
C TYR G 182 40.10 3.51 50.02
N ILE G 183 38.92 3.09 49.59
CA ILE G 183 38.24 1.96 50.22
C ILE G 183 39.10 0.71 50.10
N LYS G 184 38.89 -0.23 51.01
CA LYS G 184 39.65 -1.46 51.01
C LYS G 184 38.76 -2.61 50.55
N HIS G 185 37.45 -2.39 50.58
CA HIS G 185 36.51 -3.41 50.19
C HIS G 185 35.41 -2.88 49.28
N LEU G 186 35.08 -3.66 48.25
CA LEU G 186 33.99 -3.34 47.35
C LEU G 186 33.03 -4.51 47.27
N GLY G 187 31.80 -4.30 47.73
CA GLY G 187 30.79 -5.33 47.66
C GLY G 187 29.80 -5.09 46.54
N VAL G 188 29.45 -6.14 45.82
CA VAL G 188 28.50 -6.03 44.72
C VAL G 188 27.36 -7.03 44.85
N TYR G 189 26.13 -6.51 44.89
CA TYR G 189 24.94 -7.34 44.90
C TYR G 189 24.25 -7.29 43.54
N ILE G 190 24.08 -8.44 42.92
CA ILE G 190 23.51 -8.51 41.58
C ILE G 190 22.83 -9.84 41.35
N ASN G 191 21.92 -9.89 40.39
CA ASN G 191 21.24 -11.13 40.03
C ASN G 191 22.19 -12.04 39.28
N ASN G 192 22.03 -13.34 39.48
CA ASN G 192 22.91 -14.35 38.91
C ASN G 192 24.40 -14.04 39.09
N ALA G 193 24.84 -13.95 40.35
CA ALA G 193 26.21 -13.54 40.67
C ALA G 193 27.30 -14.39 40.01
N ASP G 194 27.08 -15.71 39.91
CA ASP G 194 28.11 -16.60 39.38
C ASP G 194 28.49 -16.27 37.93
N THR G 195 27.53 -15.76 37.17
CA THR G 195 27.79 -15.41 35.79
C THR G 195 28.64 -14.14 35.68
N TYR G 196 28.54 -13.28 36.70
CA TYR G 196 29.22 -11.99 36.68
C TYR G 196 30.58 -11.98 37.39
N LYS G 197 30.86 -13.01 38.18
CA LYS G 197 32.10 -13.07 38.97
C LYS G 197 33.35 -13.08 38.10
N GLU G 198 33.25 -13.72 36.93
CA GLU G 198 34.39 -13.84 36.03
C GLU G 198 34.80 -12.49 35.44
N GLU G 199 33.89 -11.52 35.47
CA GLU G 199 34.17 -10.21 34.90
C GLU G 199 35.00 -9.32 35.82
N VAL G 200 35.01 -9.65 37.11
CA VAL G 200 35.67 -8.83 38.13
C VAL G 200 37.16 -8.70 37.88
N GLU G 201 37.86 -9.82 37.78
CA GLU G 201 39.30 -9.79 37.55
C GLU G 201 39.65 -9.29 36.15
N LYS G 202 38.77 -9.52 35.18
CA LYS G 202 38.99 -8.99 33.84
C LYS G 202 38.93 -7.47 33.84
N ALA G 203 37.98 -6.95 34.60
CA ALA G 203 37.82 -5.52 34.78
C ALA G 203 39.05 -4.89 35.43
N ARG G 204 39.60 -5.57 36.43
CA ARG G 204 40.78 -5.07 37.12
C ARG G 204 41.98 -5.01 36.18
N VAL G 205 42.09 -6.01 35.32
CA VAL G 205 43.14 -6.04 34.32
C VAL G 205 42.91 -4.94 33.28
N TYR G 206 41.68 -4.84 32.79
CA TYR G 206 41.32 -3.80 31.83
C TYR G 206 41.50 -2.41 32.42
N TYR G 207 41.17 -2.26 33.70
CA TYR G 207 41.40 -1.01 34.42
C TYR G 207 42.86 -0.55 34.32
N PHE G 208 43.80 -1.40 34.74
CA PHE G 208 45.18 -0.95 34.81
C PHE G 208 45.76 -0.73 33.43
N GLY G 209 45.35 -1.56 32.48
CA GLY G 209 45.77 -1.39 31.10
C GLY G 209 45.41 0.00 30.63
N THR G 210 44.18 0.42 30.95
CA THR G 210 43.72 1.75 30.61
C THR G 210 44.47 2.81 31.43
N TYR G 211 44.61 2.56 32.72
CA TYR G 211 45.26 3.53 33.60
C TYR G 211 46.76 3.67 33.31
N TYR G 212 47.39 2.57 32.89
CA TYR G 212 48.79 2.59 32.53
C TYR G 212 49.02 3.49 31.30
N ALA G 213 48.17 3.31 30.29
CA ALA G 213 48.24 4.14 29.10
C ALA G 213 48.01 5.60 29.46
N SER G 214 47.07 5.83 30.35
CA SER G 214 46.77 7.17 30.86
C SER G 214 47.99 7.80 31.53
N GLN G 215 48.71 7.01 32.32
CA GLN G 215 49.88 7.51 33.01
C GLN G 215 50.97 7.98 32.04
N LEU G 216 51.14 7.21 30.96
CA LEU G 216 52.13 7.56 29.94
C LEU G 216 51.73 8.81 29.18
N ILE G 217 50.46 8.89 28.82
CA ILE G 217 49.94 10.03 28.06
C ILE G 217 49.99 11.31 28.89
N ALA G 218 49.52 11.24 30.13
CA ALA G 218 49.49 12.43 30.99
C ALA G 218 50.90 12.92 31.33
N ALA G 219 51.86 12.01 31.34
CA ALA G 219 53.25 12.35 31.59
C ALA G 219 53.76 13.35 30.54
N PRO G 220 54.26 14.51 31.00
CA PRO G 220 54.75 15.57 30.13
C PRO G 220 55.93 15.13 29.28
N SER G 221 56.23 15.88 28.22
CA SER G 221 57.23 15.48 27.24
C SER G 221 58.66 15.56 27.76
N ASN G 222 58.88 16.31 28.84
CA ASN G 222 60.21 16.35 29.44
C ASN G 222 60.45 15.07 30.23
N TYR G 223 59.38 14.46 30.72
CA TYR G 223 59.44 13.16 31.36
C TYR G 223 59.31 12.04 30.33
N CYS G 224 58.32 12.18 29.45
CA CYS G 224 58.05 11.15 28.46
C CYS G 224 58.64 11.55 27.11
N ASN G 225 59.82 11.02 26.82
CA ASN G 225 60.53 11.27 25.58
C ASN G 225 60.74 9.92 24.88
N PRO G 226 61.22 9.93 23.62
CA PRO G 226 61.42 8.66 22.93
C PRO G 226 62.25 7.63 23.70
N VAL G 227 63.28 8.10 24.41
CA VAL G 227 64.14 7.19 25.15
C VAL G 227 63.42 6.65 26.39
N SER G 228 62.84 7.55 27.19
CA SER G 228 62.17 7.16 28.42
C SER G 228 60.93 6.32 28.16
N LEU G 229 60.24 6.58 27.05
CA LEU G 229 59.03 5.82 26.71
C LEU G 229 59.41 4.41 26.29
N SER G 230 60.46 4.28 25.49
CA SER G 230 60.94 2.96 25.08
C SER G 230 61.51 2.20 26.27
N ASN G 231 62.13 2.92 27.20
CA ASN G 231 62.61 2.30 28.44
C ASN G 231 61.45 1.73 29.26
N ALA G 232 60.35 2.47 29.32
CA ALA G 232 59.17 2.01 30.03
C ALA G 232 58.59 0.78 29.37
N ALA G 233 58.65 0.75 28.04
CA ALA G 233 58.18 -0.39 27.27
C ALA G 233 58.99 -1.65 27.60
N VAL G 234 60.30 -1.49 27.71
CA VAL G 234 61.19 -2.58 28.07
C VAL G 234 60.87 -3.15 29.45
N GLU G 235 60.73 -2.25 30.42
CA GLU G 235 60.42 -2.62 31.79
C GLU G 235 59.10 -3.40 31.88
N LEU G 236 58.11 -2.98 31.11
CA LEU G 236 56.82 -3.66 31.08
C LEU G 236 56.96 -5.08 30.52
N ALA G 237 57.71 -5.20 29.42
CA ALA G 237 57.94 -6.49 28.79
C ALA G 237 58.64 -7.45 29.73
N GLN G 238 59.56 -6.91 30.53
CA GLN G 238 60.32 -7.71 31.48
C GLN G 238 59.41 -8.27 32.57
N LYS G 239 58.45 -7.47 33.00
CA LYS G 239 57.50 -7.88 34.03
C LYS G 239 56.49 -8.90 33.54
N LEU G 240 56.19 -8.88 32.25
CA LEU G 240 55.15 -9.74 31.69
C LEU G 240 55.70 -10.92 30.90
N ASN G 241 57.02 -11.06 30.89
CA ASN G 241 57.72 -12.07 30.09
C ASN G 241 57.32 -12.01 28.61
N LEU G 242 57.36 -10.82 28.04
CA LEU G 242 57.17 -10.65 26.61
C LEU G 242 58.53 -10.45 25.94
N GLU G 243 58.67 -10.95 24.72
CA GLU G 243 59.85 -10.68 23.94
C GLU G 243 59.84 -9.20 23.54
N TYR G 244 60.99 -8.55 23.61
CA TYR G 244 61.05 -7.13 23.25
C TYR G 244 62.31 -6.84 22.45
N LYS G 245 62.24 -5.78 21.66
CA LYS G 245 63.34 -5.35 20.82
C LYS G 245 63.23 -3.85 20.55
N ILE G 246 64.26 -3.10 20.92
CA ILE G 246 64.26 -1.66 20.69
C ILE G 246 65.26 -1.29 19.60
N LEU G 247 64.75 -0.77 18.48
CA LEU G 247 65.60 -0.42 17.36
C LEU G 247 66.10 1.01 17.47
N GLY G 248 67.42 1.17 17.41
CA GLY G 248 68.03 2.48 17.48
C GLY G 248 68.29 3.05 16.11
N VAL G 249 68.86 4.25 16.07
CA VAL G 249 69.07 4.97 14.82
C VAL G 249 69.87 4.17 13.80
N LYS G 250 70.93 3.52 14.27
CA LYS G 250 71.82 2.77 13.38
C LYS G 250 71.12 1.64 12.63
N GLU G 251 70.29 0.89 13.34
CA GLU G 251 69.52 -0.20 12.76
C GLU G 251 68.44 0.31 11.82
N LEU G 252 67.82 1.42 12.21
CA LEU G 252 66.77 2.05 11.40
C LEU G 252 67.33 2.54 10.08
N GLU G 253 68.58 3.01 10.09
CA GLU G 253 69.24 3.43 8.87
C GLU G 253 69.46 2.25 7.92
N GLU G 254 69.86 1.11 8.48
CA GLU G 254 70.06 -0.09 7.68
C GLU G 254 68.74 -0.59 7.09
N LEU G 255 67.65 -0.42 7.85
CA LEU G 255 66.35 -0.81 7.38
C LEU G 255 65.75 0.26 6.48
N LYS G 256 66.49 1.35 6.29
CA LYS G 256 66.12 2.42 5.36
C LYS G 256 64.76 3.06 5.66
N MET G 257 64.46 3.24 6.95
CA MET G 257 63.23 3.91 7.36
C MET G 257 63.40 5.43 7.27
N GLY G 258 63.48 5.95 6.05
CA GLY G 258 63.78 7.35 5.84
C GLY G 258 62.68 8.30 6.28
N ALA G 259 61.43 7.87 6.14
CA ALA G 259 60.30 8.70 6.54
C ALA G 259 60.27 8.89 8.05
N TYR G 260 60.40 7.78 8.76
CA TYR G 260 60.40 7.79 10.22
C TYR G 260 61.60 8.57 10.77
N LEU G 261 62.77 8.32 10.18
CA LEU G 261 64.00 8.99 10.64
C LEU G 261 63.98 10.49 10.38
N SER G 262 63.33 10.92 9.30
CA SER G 262 63.27 12.33 8.95
C SER G 262 62.51 13.17 9.98
N VAL G 263 61.41 12.61 10.49
CA VAL G 263 60.61 13.30 11.49
C VAL G 263 61.39 13.58 12.78
N GLY G 264 62.21 12.63 13.19
CA GLY G 264 62.94 12.75 14.44
C GLY G 264 64.27 13.50 14.38
N LYS G 265 64.69 13.85 13.16
CA LYS G 265 65.97 14.50 12.93
C LYS G 265 66.23 15.70 13.82
N GLY G 266 65.19 16.52 14.03
CA GLY G 266 65.34 17.75 14.78
C GLY G 266 65.27 17.57 16.29
N SER G 267 65.17 16.32 16.74
CA SER G 267 65.03 16.07 18.17
C SER G 267 66.37 15.76 18.82
N MET G 268 66.47 16.06 20.12
CA MET G 268 67.67 15.76 20.90
C MET G 268 67.63 14.32 21.37
N TYR G 269 66.46 13.71 21.27
CA TYR G 269 66.30 12.31 21.66
C TYR G 269 66.34 11.43 20.42
N PRO G 270 67.23 10.42 20.43
CA PRO G 270 67.35 9.49 19.31
C PRO G 270 66.07 8.69 19.09
N ASN G 271 65.75 8.39 17.85
CA ASN G 271 64.59 7.57 17.54
C ASN G 271 64.69 6.19 18.19
N LYS G 272 63.57 5.71 18.70
CA LYS G 272 63.50 4.39 19.32
C LYS G 272 62.27 3.67 18.79
N PHE G 273 62.48 2.54 18.13
CA PHE G 273 61.37 1.76 17.59
C PHE G 273 61.03 0.61 18.53
N ILE G 274 59.83 0.65 19.11
CA ILE G 274 59.43 -0.37 20.06
C ILE G 274 58.77 -1.56 19.38
N HIS G 275 59.24 -2.76 19.73
CA HIS G 275 58.69 -4.00 19.21
C HIS G 275 58.52 -5.01 20.33
N LEU G 276 57.28 -5.18 20.81
CA LEU G 276 56.99 -6.19 21.82
C LEU G 276 56.29 -7.36 21.16
N THR G 277 56.49 -8.56 21.71
CA THR G 277 55.87 -9.75 21.15
C THR G 277 55.30 -10.67 22.22
N TYR G 278 54.05 -11.06 22.03
CA TYR G 278 53.43 -12.09 22.84
C TYR G 278 53.22 -13.32 21.97
N LYS G 279 53.73 -14.47 22.39
CA LYS G 279 53.49 -15.70 21.66
C LYS G 279 52.84 -16.75 22.54
N SER G 280 51.76 -17.34 22.05
CA SER G 280 51.08 -18.40 22.78
C SER G 280 51.93 -19.67 22.74
N LYS G 281 51.80 -20.51 23.77
CA LYS G 281 52.57 -21.73 23.85
C LYS G 281 52.10 -22.79 22.86
N GLY G 282 50.79 -22.83 22.61
CA GLY G 282 50.22 -23.83 21.72
C GLY G 282 50.37 -23.46 20.26
N ASP G 283 49.58 -24.11 19.41
CA ASP G 283 49.61 -23.86 17.97
C ASP G 283 49.11 -22.46 17.66
N VAL G 284 49.90 -21.70 16.90
CA VAL G 284 49.53 -20.34 16.56
C VAL G 284 48.62 -20.30 15.33
N LYS G 285 47.43 -19.74 15.50
CA LYS G 285 46.43 -19.71 14.44
C LYS G 285 46.24 -18.31 13.86
N LYS G 286 46.58 -17.29 14.64
CA LYS G 286 46.43 -15.92 14.19
C LYS G 286 47.66 -15.07 14.54
N LYS G 287 48.15 -14.33 13.55
CA LYS G 287 49.24 -13.40 13.77
C LYS G 287 48.77 -11.96 13.59
N ILE G 288 48.99 -11.14 14.62
CA ILE G 288 48.49 -9.76 14.62
C ILE G 288 49.58 -8.74 14.97
N ALA G 289 49.63 -7.67 14.20
CA ALA G 289 50.51 -6.54 14.48
C ALA G 289 49.69 -5.32 14.90
N LEU G 290 49.99 -4.80 16.09
CA LEU G 290 49.35 -3.59 16.60
C LEU G 290 50.31 -2.41 16.53
N VAL G 291 49.95 -1.39 15.76
CA VAL G 291 50.85 -0.26 15.54
C VAL G 291 50.30 1.02 16.17
N GLY G 292 51.13 1.67 17.00
CA GLY G 292 50.71 2.90 17.65
C GLY G 292 51.56 4.10 17.28
N LYS G 293 50.91 5.23 17.01
CA LYS G 293 51.64 6.47 16.78
C LYS G 293 52.28 6.97 18.06
N GLY G 294 53.60 7.18 18.00
CA GLY G 294 54.35 7.53 19.19
C GLY G 294 55.16 8.80 19.09
N ILE G 295 54.48 9.93 18.91
CA ILE G 295 55.15 11.22 18.93
C ILE G 295 55.07 11.82 20.33
N THR G 296 56.19 11.79 21.05
CA THR G 296 56.22 12.19 22.44
C THR G 296 55.91 13.67 22.62
N PHE G 297 56.27 14.47 21.63
CA PHE G 297 55.81 15.85 21.56
C PHE G 297 55.75 16.32 20.12
N ASP G 298 54.62 16.93 19.76
CA ASP G 298 54.42 17.42 18.41
C ASP G 298 54.38 18.94 18.38
N SER G 299 55.50 19.55 18.05
CA SER G 299 55.56 21.00 17.93
C SER G 299 55.04 21.40 16.56
N GLY G 300 55.03 20.45 15.64
CA GLY G 300 54.63 20.71 14.28
C GLY G 300 55.80 20.81 13.33
N GLY G 301 57.00 20.95 13.89
CA GLY G 301 58.18 21.19 13.08
C GLY G 301 58.21 22.61 12.56
N TYR G 302 58.80 22.83 11.39
CA TYR G 302 58.85 24.17 10.82
C TYR G 302 57.46 24.67 10.46
N ASN G 303 56.53 23.73 10.28
CA ASN G 303 55.11 24.06 10.25
C ASN G 303 54.60 24.15 11.69
N LEU G 304 55.20 25.05 12.45
CA LEU G 304 54.93 25.20 13.88
C LEU G 304 53.46 25.39 14.18
N LYS G 305 52.99 24.79 15.27
CA LYS G 305 51.63 24.97 15.74
C LYS G 305 51.46 26.35 16.37
N ALA G 306 51.28 27.37 15.53
CA ALA G 306 51.21 28.75 15.99
C ALA G 306 49.83 29.37 15.77
N ALA G 307 48.99 28.70 15.00
CA ALA G 307 47.64 29.20 14.75
C ALA G 307 46.78 29.06 16.00
N PRO G 308 45.80 29.96 16.16
CA PRO G 308 44.86 29.86 17.29
C PRO G 308 44.06 28.56 17.25
N GLY G 309 43.98 27.86 18.38
CA GLY G 309 43.23 26.62 18.47
C GLY G 309 44.04 25.40 18.10
N SER G 310 45.35 25.57 17.96
CA SER G 310 46.23 24.48 17.57
C SER G 310 46.59 23.58 18.77
N MET G 311 46.32 24.08 19.97
CA MET G 311 46.46 23.29 21.20
C MET G 311 47.85 22.68 21.40
N ILE G 312 48.89 23.49 21.21
CA ILE G 312 50.26 22.98 21.31
C ILE G 312 50.60 22.50 22.73
N ASP G 313 49.88 23.01 23.73
CA ASP G 313 50.15 22.67 25.12
C ASP G 313 49.64 21.28 25.49
N LEU G 314 48.93 20.65 24.55
CA LEU G 314 48.35 19.34 24.77
C LEU G 314 49.19 18.28 24.06
N MET G 315 50.17 18.73 23.29
CA MET G 315 50.85 17.88 22.32
C MET G 315 51.74 16.78 22.93
N LYS G 316 51.65 16.59 24.24
CA LYS G 316 52.21 15.41 24.86
C LYS G 316 51.32 14.22 24.55
N PHE G 317 50.03 14.52 24.32
CA PHE G 317 49.01 13.54 23.92
C PHE G 317 49.34 12.76 22.64
N ASP G 318 50.28 13.25 21.84
CA ASP G 318 50.48 12.72 20.49
C ASP G 318 51.12 11.33 20.47
N MET G 319 51.32 10.75 21.65
CA MET G 319 51.81 9.37 21.75
C MET G 319 50.74 8.46 22.36
N SER G 320 49.50 8.91 22.32
CA SER G 320 48.37 8.15 22.88
C SER G 320 48.21 6.78 22.23
N GLY G 321 48.41 6.72 20.92
CA GLY G 321 48.30 5.48 20.18
C GLY G 321 49.30 4.44 20.66
N CYS G 322 50.54 4.87 20.88
CA CYS G 322 51.58 4.02 21.42
C CYS G 322 51.18 3.52 22.81
N ALA G 323 50.67 4.43 23.63
CA ALA G 323 50.27 4.10 25.00
C ALA G 323 49.15 3.06 25.01
N ALA G 324 48.19 3.21 24.11
CA ALA G 324 47.07 2.27 24.02
C ALA G 324 47.58 0.87 23.67
N VAL G 325 48.52 0.81 22.75
CA VAL G 325 49.12 -0.45 22.34
C VAL G 325 49.88 -1.09 23.51
N LEU G 326 50.62 -0.28 24.25
CA LEU G 326 51.37 -0.77 25.40
C LEU G 326 50.41 -1.20 26.51
N GLY G 327 49.30 -0.48 26.65
CA GLY G 327 48.29 -0.84 27.62
C GLY G 327 47.64 -2.16 27.26
N CYS G 328 47.48 -2.38 25.96
CA CYS G 328 46.95 -3.64 25.44
C CYS G 328 47.93 -4.77 25.70
N ALA G 329 49.22 -4.48 25.55
CA ALA G 329 50.27 -5.45 25.81
C ALA G 329 50.19 -5.94 27.26
N TYR G 330 49.86 -5.04 28.17
CA TYR G 330 49.68 -5.41 29.56
C TYR G 330 48.54 -6.40 29.73
N CYS G 331 47.39 -6.08 29.13
CA CYS G 331 46.22 -6.93 29.25
C CYS G 331 46.44 -8.30 28.62
N VAL G 332 47.03 -8.31 27.42
CA VAL G 332 47.30 -9.56 26.72
C VAL G 332 48.33 -10.39 27.49
N GLY G 333 49.39 -9.73 27.96
CA GLY G 333 50.42 -10.40 28.73
C GLY G 333 49.93 -10.95 30.06
N THR G 334 48.86 -10.36 30.59
CA THR G 334 48.31 -10.76 31.87
C THR G 334 47.26 -11.86 31.72
N LEU G 335 46.33 -11.66 30.78
CA LEU G 335 45.25 -12.62 30.56
C LEU G 335 45.73 -13.85 29.79
N LYS G 336 46.82 -13.68 29.05
CA LYS G 336 47.46 -14.77 28.31
C LYS G 336 46.51 -15.57 27.42
N PRO G 337 46.04 -14.96 26.32
CA PRO G 337 45.21 -15.68 25.35
C PRO G 337 45.99 -16.78 24.63
N GLU G 338 45.30 -17.74 24.03
CA GLU G 338 45.98 -18.84 23.35
C GLU G 338 45.80 -18.80 21.84
N ASN G 339 46.61 -19.61 21.16
CA ASN G 339 46.58 -19.76 19.71
C ASN G 339 46.77 -18.47 18.93
N VAL G 340 47.46 -17.50 19.54
CA VAL G 340 47.67 -16.22 18.89
C VAL G 340 49.06 -15.64 19.15
N GLU G 341 49.62 -14.96 18.15
CA GLU G 341 50.89 -14.26 18.31
C GLU G 341 50.69 -12.78 18.01
N ILE G 342 51.00 -11.93 18.99
CA ILE G 342 50.74 -10.50 18.84
C ILE G 342 52.02 -9.69 18.83
N HIS G 343 52.14 -8.81 17.85
CA HIS G 343 53.26 -7.88 17.79
C HIS G 343 52.80 -6.47 18.18
N PHE G 344 53.45 -5.88 19.17
CA PHE G 344 53.15 -4.52 19.60
C PHE G 344 54.24 -3.57 19.09
N LEU G 345 53.89 -2.75 18.11
CA LEU G 345 54.86 -1.92 17.43
C LEU G 345 54.62 -0.42 17.64
N SER G 346 55.70 0.35 17.73
CA SER G 346 55.60 1.81 17.77
C SER G 346 56.87 2.52 17.33
N ALA G 347 56.74 3.34 16.29
CA ALA G 347 57.86 4.15 15.82
C ALA G 347 57.90 5.45 16.61
N VAL G 348 58.64 5.45 17.72
CA VAL G 348 58.64 6.57 18.64
C VAL G 348 59.70 7.62 18.30
N CYS G 349 59.29 8.88 18.26
CA CYS G 349 60.20 9.99 18.05
C CYS G 349 59.58 11.31 18.51
N GLU G 350 60.27 12.42 18.23
CA GLU G 350 59.81 13.74 18.65
C GLU G 350 59.92 14.74 17.49
N ASN G 351 58.88 15.53 17.26
CA ASN G 351 58.84 16.48 16.15
C ASN G 351 59.15 17.90 16.61
N MET G 352 60.40 18.31 16.43
CA MET G 352 60.89 19.56 16.99
C MET G 352 61.46 20.51 15.94
N VAL G 353 61.71 21.75 16.35
CA VAL G 353 62.30 22.76 15.48
C VAL G 353 63.78 22.93 15.80
N SER G 354 64.62 22.83 14.77
CA SER G 354 66.06 22.84 14.97
C SER G 354 66.80 23.09 13.66
N LYS G 355 68.11 23.25 13.73
CA LYS G 355 68.92 23.35 12.52
C LYS G 355 68.96 21.99 11.83
N ASN G 356 68.63 20.94 12.59
CA ASN G 356 68.67 19.58 12.09
C ASN G 356 67.31 19.09 11.61
N SER G 357 66.28 19.89 11.81
CA SER G 357 64.92 19.50 11.46
C SER G 357 64.76 19.31 9.96
N TYR G 358 63.81 18.46 9.58
CA TYR G 358 63.47 18.27 8.19
C TYR G 358 62.57 19.43 7.73
N ARG G 359 62.67 19.80 6.47
CA ARG G 359 62.00 20.99 5.95
C ARG G 359 60.79 20.67 5.09
N PRO G 360 59.82 21.60 5.06
CA PRO G 360 58.71 21.50 4.11
C PRO G 360 59.22 21.53 2.68
N GLY G 361 58.84 20.54 1.87
CA GLY G 361 59.29 20.46 0.50
C GLY G 361 60.33 19.36 0.32
N ASP G 362 60.91 18.90 1.43
CA ASP G 362 61.89 17.83 1.38
C ASP G 362 61.30 16.55 0.81
N ILE G 363 62.09 15.82 0.04
CA ILE G 363 61.67 14.53 -0.49
C ILE G 363 62.44 13.41 0.23
N ILE G 364 61.71 12.51 0.85
CA ILE G 364 62.29 11.45 1.66
C ILE G 364 61.86 10.07 1.17
N THR G 365 62.66 9.05 1.46
CA THR G 365 62.40 7.71 0.95
C THR G 365 61.98 6.75 2.06
N ALA G 366 60.80 6.17 1.92
CA ALA G 366 60.32 5.17 2.87
C ALA G 366 61.04 3.84 2.67
N SER G 367 60.92 2.94 3.65
CA SER G 367 61.62 1.67 3.61
C SER G 367 61.11 0.73 2.52
N ASN G 368 60.00 1.08 1.89
CA ASN G 368 59.48 0.29 0.79
C ASN G 368 59.90 0.85 -0.57
N GLY G 369 60.75 1.87 -0.53
CA GLY G 369 61.29 2.45 -1.74
C GLY G 369 60.54 3.65 -2.29
N LYS G 370 59.34 3.90 -1.77
CA LYS G 370 58.56 5.03 -2.23
C LYS G 370 59.14 6.35 -1.73
N THR G 371 59.29 7.31 -2.65
CA THR G 371 59.74 8.65 -2.29
C THR G 371 58.53 9.52 -1.95
N ILE G 372 58.67 10.33 -0.89
CA ILE G 372 57.55 11.14 -0.42
C ILE G 372 57.93 12.62 -0.34
N GLU G 373 57.13 13.47 -0.97
CA GLU G 373 57.35 14.91 -0.90
C GLU G 373 56.57 15.51 0.28
N VAL G 374 57.32 16.10 1.21
CA VAL G 374 56.73 16.68 2.41
C VAL G 374 56.14 18.07 2.14
N GLY G 375 54.83 18.21 2.36
CA GLY G 375 54.17 19.48 2.17
C GLY G 375 53.92 20.20 3.48
N ASN G 376 53.92 19.43 4.57
CA ASN G 376 53.66 19.97 5.90
C ASN G 376 54.31 19.12 6.98
N THR G 377 55.26 19.71 7.72
CA THR G 377 56.00 18.97 8.73
C THR G 377 55.13 18.62 9.94
N ASP G 378 53.94 19.21 10.02
CA ASP G 378 53.03 18.94 11.12
C ASP G 378 52.20 17.70 10.82
N ALA G 379 52.38 17.13 9.63
CA ALA G 379 51.72 15.87 9.29
C ALA G 379 52.74 14.73 9.45
N GLU G 380 53.42 14.72 10.58
CA GLU G 380 54.53 13.79 10.81
C GLU G 380 54.06 12.40 11.21
N GLY G 381 52.83 12.31 11.72
CA GLY G 381 52.28 11.05 12.18
C GLY G 381 52.20 9.98 11.11
N ARG G 382 51.68 10.37 9.95
CA ARG G 382 51.52 9.43 8.84
C ARG G 382 52.87 8.99 8.25
N LEU G 383 53.88 9.84 8.41
CA LEU G 383 55.21 9.50 7.91
C LEU G 383 55.84 8.39 8.74
N THR G 384 55.74 8.49 10.06
CA THR G 384 56.29 7.47 10.95
C THR G 384 55.49 6.18 10.82
N LEU G 385 54.18 6.30 10.68
CA LEU G 385 53.32 5.14 10.53
C LEU G 385 53.62 4.40 9.23
N ALA G 386 54.05 5.15 8.21
CA ALA G 386 54.37 4.57 6.92
C ALA G 386 55.45 3.51 7.06
N ASP G 387 56.56 3.87 7.70
CA ASP G 387 57.66 2.93 7.92
C ASP G 387 57.28 1.81 8.87
N ALA G 388 56.45 2.13 9.87
CA ALA G 388 56.00 1.14 10.84
C ALA G 388 55.09 0.09 10.19
N LEU G 389 54.25 0.53 9.25
CA LEU G 389 53.34 -0.37 8.55
C LEU G 389 54.10 -1.30 7.60
N VAL G 390 55.15 -0.77 6.96
CA VAL G 390 55.99 -1.59 6.09
C VAL G 390 56.71 -2.64 6.93
N TYR G 391 57.15 -2.23 8.11
CA TYR G 391 57.78 -3.13 9.07
C TYR G 391 56.80 -4.20 9.53
N ALA G 392 55.57 -3.77 9.82
CA ALA G 392 54.53 -4.68 10.32
C ALA G 392 54.21 -5.80 9.32
N GLU G 393 54.09 -5.42 8.05
CA GLU G 393 53.70 -6.38 7.02
C GLU G 393 54.79 -7.40 6.77
N LYS G 394 56.05 -7.00 6.98
CA LYS G 394 57.18 -7.90 6.79
C LYS G 394 57.21 -9.02 7.84
N LEU G 395 56.47 -8.82 8.92
CA LEU G 395 56.40 -9.83 9.97
C LEU G 395 55.52 -11.00 9.55
N GLY G 396 54.77 -10.81 8.47
CA GLY G 396 53.90 -11.85 7.95
C GLY G 396 52.73 -12.12 8.87
N VAL G 397 51.97 -11.07 9.17
CA VAL G 397 50.83 -11.20 10.07
C VAL G 397 49.53 -11.31 9.29
N ASP G 398 48.46 -11.64 9.98
CA ASP G 398 47.15 -11.80 9.35
C ASP G 398 46.39 -10.48 9.33
N TYR G 399 46.48 -9.74 10.42
CA TYR G 399 45.83 -8.44 10.53
C TYR G 399 46.81 -7.38 11.01
N ILE G 400 46.74 -6.19 10.42
CA ILE G 400 47.47 -5.04 10.94
C ILE G 400 46.49 -3.97 11.37
N VAL G 401 46.52 -3.62 12.66
CA VAL G 401 45.67 -2.56 13.16
C VAL G 401 46.51 -1.44 13.77
N ASP G 402 46.43 -0.25 13.18
CA ASP G 402 47.13 0.90 13.72
C ASP G 402 46.15 1.87 14.39
N ILE G 403 46.62 2.51 15.46
CA ILE G 403 45.79 3.45 16.20
C ILE G 403 46.59 4.74 16.45
N ALA G 404 45.98 5.88 16.16
CA ALA G 404 46.74 7.13 16.14
C ALA G 404 45.91 8.40 16.31
N THR G 405 46.51 9.38 16.96
CA THR G 405 45.97 10.73 17.00
C THR G 405 46.47 11.46 15.74
N LEU G 406 45.91 11.07 14.60
CA LEU G 406 46.45 11.47 13.31
C LEU G 406 46.01 12.86 12.85
N THR G 407 44.70 13.11 12.84
CA THR G 407 44.17 14.34 12.28
C THR G 407 43.19 15.05 13.20
N GLY G 408 43.32 16.37 13.33
CA GLY G 408 42.44 17.17 14.15
C GLY G 408 41.04 17.27 13.57
N ALA G 409 40.90 16.91 12.31
CA ALA G 409 39.61 16.93 11.63
C ALA G 409 38.60 15.99 12.29
N MET G 410 39.08 15.00 13.03
CA MET G 410 38.22 14.06 13.73
C MET G 410 37.30 14.79 14.70
N LEU G 411 37.80 15.89 15.26
CA LEU G 411 37.02 16.71 16.17
C LEU G 411 35.85 17.36 15.43
N TYR G 412 35.99 17.50 14.12
CA TYR G 412 34.96 18.11 13.30
C TYR G 412 34.06 17.05 12.66
N SER G 413 34.52 15.81 12.61
CA SER G 413 33.74 14.74 12.00
C SER G 413 32.94 13.95 13.03
N LEU G 414 33.62 13.30 13.96
CA LEU G 414 32.94 12.44 14.93
C LEU G 414 32.94 13.04 16.34
N GLY G 415 33.82 14.00 16.57
CA GLY G 415 33.87 14.68 17.85
C GLY G 415 34.76 14.02 18.89
N THR G 416 34.35 14.11 20.16
CA THR G 416 35.21 13.70 21.26
C THR G 416 34.84 12.36 21.90
N SER G 417 33.77 11.72 21.42
CA SER G 417 33.31 10.48 22.04
C SER G 417 33.54 9.26 21.15
N TYR G 418 33.43 9.44 19.84
CA TYR G 418 33.56 8.33 18.90
C TYR G 418 34.85 8.43 18.08
N ALA G 419 35.60 7.33 18.04
CA ALA G 419 36.78 7.25 17.18
C ALA G 419 36.37 6.80 15.78
N GLY G 420 37.19 7.13 14.79
CA GLY G 420 36.93 6.72 13.43
C GLY G 420 37.80 5.54 13.03
N VAL G 421 37.23 4.61 12.27
CA VAL G 421 38.00 3.49 11.77
C VAL G 421 37.95 3.44 10.24
N PHE G 422 39.11 3.27 9.64
CA PHE G 422 39.26 3.15 8.20
C PHE G 422 39.97 1.83 7.92
N GLY G 423 39.83 1.29 6.71
CA GLY G 423 40.49 0.04 6.41
C GLY G 423 40.41 -0.38 4.96
N ASN G 424 41.16 -1.43 4.61
CA ASN G 424 41.13 -1.96 3.27
C ASN G 424 40.43 -3.31 3.22
N ASN G 425 39.91 -3.74 4.37
CA ASN G 425 39.27 -5.04 4.52
C ASN G 425 38.06 -4.95 5.44
N GLU G 426 36.87 -5.23 4.92
CA GLU G 426 35.64 -5.01 5.67
C GLU G 426 35.41 -6.04 6.76
N GLU G 427 35.95 -7.23 6.58
CA GLU G 427 35.79 -8.26 7.59
C GLU G 427 36.57 -7.85 8.84
N LEU G 428 37.75 -7.28 8.63
CA LEU G 428 38.56 -6.76 9.72
C LEU G 428 37.84 -5.59 10.39
N ILE G 429 37.23 -4.74 9.58
CA ILE G 429 36.49 -3.60 10.07
C ILE G 429 35.33 -4.04 10.97
N ASN G 430 34.62 -5.07 10.56
CA ASN G 430 33.53 -5.61 11.37
C ASN G 430 34.03 -6.13 12.71
N LYS G 431 35.21 -6.77 12.68
CA LYS G 431 35.84 -7.28 13.89
C LYS G 431 36.19 -6.14 14.84
N ILE G 432 36.69 -5.04 14.30
CA ILE G 432 37.00 -3.86 15.09
C ILE G 432 35.72 -3.26 15.67
N LEU G 433 34.69 -3.18 14.82
CA LEU G 433 33.39 -2.66 15.25
C LEU G 433 32.74 -3.54 16.30
N GLN G 434 32.90 -4.86 16.15
CA GLN G 434 32.40 -5.80 17.13
C GLN G 434 33.12 -5.62 18.47
N SER G 435 34.42 -5.36 18.39
CA SER G 435 35.23 -5.09 19.57
C SER G 435 34.78 -3.81 20.26
N SER G 436 34.32 -2.86 19.46
CA SER G 436 33.83 -1.59 19.99
C SER G 436 32.60 -1.82 20.88
N LYS G 437 31.73 -2.72 20.45
CA LYS G 437 30.50 -3.02 21.19
C LYS G 437 30.79 -3.69 22.53
N THR G 438 31.68 -4.68 22.53
CA THR G 438 31.95 -5.46 23.72
C THR G 438 32.89 -4.74 24.69
N SER G 439 33.71 -3.83 24.19
CA SER G 439 34.60 -3.06 25.04
C SER G 439 33.96 -1.77 25.52
N ASN G 440 32.86 -1.41 24.87
CA ASN G 440 32.15 -0.15 25.11
C ASN G 440 33.02 1.08 24.90
N GLU G 441 33.96 0.97 23.97
CA GLU G 441 34.71 2.12 23.48
C GLU G 441 34.29 2.42 22.05
N PRO G 442 33.45 3.45 21.88
CA PRO G 442 32.72 3.74 20.63
C PRO G 442 33.64 4.05 19.45
N VAL G 443 33.38 3.35 18.35
CA VAL G 443 34.12 3.51 17.10
C VAL G 443 33.12 3.56 15.95
N TRP G 444 33.39 4.39 14.94
CA TRP G 444 32.51 4.49 13.77
C TRP G 444 33.27 4.27 12.48
N TRP G 445 32.66 3.54 11.56
CA TRP G 445 33.28 3.23 10.27
C TRP G 445 33.22 4.43 9.33
N LEU G 446 34.38 4.89 8.88
CA LEU G 446 34.46 5.99 7.92
C LEU G 446 35.07 5.52 6.60
N PRO G 447 34.69 6.15 5.48
CA PRO G 447 35.12 5.66 4.16
C PRO G 447 36.49 6.18 3.71
N ILE G 448 37.20 5.34 2.95
CA ILE G 448 38.40 5.77 2.24
C ILE G 448 38.04 6.07 0.79
N ILE G 449 37.85 7.35 0.49
CA ILE G 449 37.35 7.76 -0.82
C ILE G 449 38.48 7.86 -1.86
N ASN G 450 38.51 6.90 -2.78
CA ASN G 450 39.59 6.79 -3.77
C ASN G 450 39.67 7.97 -4.73
N GLU G 451 38.59 8.73 -4.84
CA GLU G 451 38.57 9.87 -5.74
C GLU G 451 39.58 10.94 -5.31
N TYR G 452 39.92 10.95 -4.02
CA TYR G 452 40.83 11.94 -3.48
C TYR G 452 42.29 11.52 -3.68
N ARG G 453 42.50 10.27 -4.11
CA ARG G 453 43.85 9.74 -4.27
C ARG G 453 44.70 10.58 -5.21
N ALA G 454 44.08 11.14 -6.25
CA ALA G 454 44.80 11.89 -7.27
C ALA G 454 45.43 13.16 -6.71
N THR G 455 44.90 13.65 -5.59
CA THR G 455 45.40 14.88 -4.98
C THR G 455 46.72 14.62 -4.26
N LEU G 456 47.10 13.35 -4.18
CA LEU G 456 48.38 12.96 -3.58
C LEU G 456 49.45 12.74 -4.65
N ASN G 457 49.11 13.00 -5.91
CA ASN G 457 50.06 12.86 -6.99
C ASN G 457 51.10 13.99 -7.00
N SER G 458 52.33 13.66 -6.64
CA SER G 458 53.41 14.64 -6.60
C SER G 458 54.04 14.81 -7.97
N LYS G 459 54.48 16.03 -8.27
CA LYS G 459 55.12 16.31 -9.54
C LYS G 459 56.51 15.70 -9.63
N TYR G 460 57.17 15.57 -8.49
CA TYR G 460 58.56 15.12 -8.46
C TYR G 460 58.79 13.81 -7.70
N ALA G 461 58.11 13.67 -6.56
CA ALA G 461 58.24 12.45 -5.78
C ALA G 461 57.21 11.43 -6.22
N ASP G 462 57.27 10.22 -5.65
CA ASP G 462 56.30 9.18 -5.97
C ASP G 462 54.92 9.52 -5.43
N ILE G 463 54.88 10.21 -4.30
CA ILE G 463 53.61 10.51 -3.65
C ILE G 463 53.72 11.75 -2.76
N ASN G 464 52.61 12.46 -2.62
CA ASN G 464 52.53 13.58 -1.69
C ASN G 464 52.20 13.11 -0.28
N GLN G 465 52.79 13.79 0.69
CA GLN G 465 52.49 13.53 2.09
C GLN G 465 51.08 14.02 2.42
N ILE G 466 50.74 15.18 1.89
CA ILE G 466 49.43 15.78 2.14
C ILE G 466 48.76 16.23 0.84
N SER G 467 47.47 16.53 0.94
CA SER G 467 46.76 17.11 -0.17
C SER G 467 46.80 18.63 -0.03
N SER G 468 46.74 19.34 -1.15
CA SER G 468 46.62 20.78 -1.10
C SER G 468 45.17 21.17 -1.42
N SER G 469 44.32 20.15 -1.54
CA SER G 469 42.90 20.34 -1.78
C SER G 469 42.06 19.66 -0.69
N VAL G 470 40.91 19.16 -1.11
CA VAL G 470 40.10 18.22 -0.33
C VAL G 470 39.62 18.72 1.04
N LYS G 471 40.57 19.00 1.92
CA LYS G 471 40.32 19.45 3.31
C LYS G 471 39.78 18.33 4.20
N ALA G 472 39.42 17.20 3.60
CA ALA G 472 39.01 16.02 4.36
C ALA G 472 40.26 15.29 4.85
N SER G 473 40.93 15.89 5.83
CA SER G 473 42.24 15.44 6.28
C SER G 473 42.30 13.98 6.69
N SER G 474 41.29 13.53 7.42
CA SER G 474 41.29 12.16 7.95
C SER G 474 41.27 11.10 6.85
N ILE G 475 40.53 11.37 5.78
CA ILE G 475 40.42 10.43 4.68
C ILE G 475 41.69 10.42 3.83
N VAL G 476 42.23 11.61 3.60
CA VAL G 476 43.46 11.74 2.80
C VAL G 476 44.60 11.01 3.49
N ALA G 477 44.69 11.17 4.80
CA ALA G 477 45.73 10.49 5.58
C ALA G 477 45.60 8.98 5.47
N SER G 478 44.37 8.47 5.48
CA SER G 478 44.11 7.05 5.32
C SER G 478 44.53 6.56 3.94
N LEU G 479 44.29 7.39 2.92
CA LEU G 479 44.72 7.08 1.56
C LEU G 479 46.24 6.99 1.49
N PHE G 480 46.90 7.83 2.27
CA PHE G 480 48.36 7.84 2.33
C PHE G 480 48.87 6.52 2.93
N LEU G 481 48.32 6.16 4.10
CA LEU G 481 48.72 4.95 4.80
C LEU G 481 48.46 3.69 3.97
N LYS G 482 47.37 3.71 3.22
CA LYS G 482 46.97 2.57 2.38
C LYS G 482 48.06 2.23 1.36
N GLU G 483 48.81 3.24 0.95
CA GLU G 483 49.88 3.06 -0.03
C GLU G 483 51.08 2.29 0.51
N PHE G 484 51.09 2.04 1.82
CA PHE G 484 52.22 1.36 2.43
C PHE G 484 51.83 0.00 2.99
N VAL G 485 50.65 -0.48 2.61
CA VAL G 485 50.23 -1.84 2.92
C VAL G 485 49.83 -2.55 1.63
N GLN G 486 50.66 -3.50 1.20
CA GLN G 486 50.54 -4.07 -0.14
C GLN G 486 49.52 -5.21 -0.27
N ASN G 487 49.56 -6.17 0.64
CA ASN G 487 48.70 -7.35 0.50
C ASN G 487 48.27 -7.94 1.85
N THR G 488 47.93 -7.07 2.81
CA THR G 488 47.50 -7.52 4.12
C THR G 488 46.26 -6.78 4.60
N ALA G 489 45.35 -7.49 5.26
CA ALA G 489 44.18 -6.88 5.88
C ALA G 489 44.61 -5.85 6.92
N TRP G 490 44.15 -4.61 6.74
CA TRP G 490 44.59 -3.52 7.58
C TRP G 490 43.46 -2.57 7.95
N ALA G 491 43.49 -2.08 9.19
CA ALA G 491 42.52 -1.10 9.66
C ALA G 491 43.23 0.01 10.43
N HIS G 492 42.64 1.20 10.43
CA HIS G 492 43.27 2.36 11.03
C HIS G 492 42.30 3.11 11.92
N ILE G 493 42.65 3.27 13.19
CA ILE G 493 41.79 3.97 14.15
C ILE G 493 42.34 5.35 14.52
N ASP G 494 41.63 6.39 14.12
CA ASP G 494 42.03 7.76 14.40
C ASP G 494 41.39 8.23 15.71
N ILE G 495 42.23 8.44 16.72
CA ILE G 495 41.75 8.77 18.06
C ILE G 495 42.13 10.19 18.49
N ALA G 496 42.43 11.05 17.52
CA ALA G 496 42.86 12.42 17.82
C ALA G 496 41.79 13.21 18.60
N GLY G 497 40.53 12.88 18.35
CA GLY G 497 39.43 13.59 18.98
C GLY G 497 39.01 13.02 20.32
N VAL G 498 39.20 11.71 20.50
CA VAL G 498 38.67 11.03 21.68
C VAL G 498 39.70 10.75 22.76
N SER G 499 40.98 10.95 22.45
CA SER G 499 42.06 10.58 23.37
C SER G 499 42.06 11.39 24.67
N TRP G 500 41.88 12.71 24.55
CA TRP G 500 41.92 13.58 25.72
C TRP G 500 40.52 13.98 26.18
N ASN G 501 40.30 13.90 27.49
CA ASN G 501 39.05 14.33 28.11
C ASN G 501 39.17 15.79 28.55
N PHE G 502 38.69 16.70 27.71
CA PHE G 502 38.86 18.13 27.95
C PHE G 502 38.13 18.62 29.20
N LYS G 503 36.98 18.04 29.49
CA LYS G 503 36.22 18.44 30.68
C LYS G 503 36.93 18.02 31.96
N ALA G 504 37.46 16.80 31.97
CA ALA G 504 38.11 16.25 33.16
C ALA G 504 39.59 16.58 33.20
N ARG G 505 40.08 17.18 32.11
CA ARG G 505 41.48 17.60 31.98
C ARG G 505 42.45 16.43 32.17
N LYS G 506 42.15 15.29 31.54
CA LYS G 506 43.00 14.11 31.67
C LYS G 506 42.85 13.17 30.48
N PRO G 507 43.81 12.24 30.29
CA PRO G 507 43.65 11.28 29.19
C PRO G 507 42.55 10.27 29.49
N LYS G 508 42.08 9.57 28.45
CA LYS G 508 41.09 8.51 28.65
C LYS G 508 41.72 7.14 28.63
N GLY G 509 42.90 7.03 28.04
CA GLY G 509 43.52 5.74 27.80
C GLY G 509 42.71 4.96 26.78
N PHE G 510 42.11 5.69 25.85
CA PHE G 510 41.22 5.13 24.84
C PHE G 510 41.94 4.14 23.93
N GLY G 511 41.32 2.99 23.70
CA GLY G 511 41.83 2.03 22.75
C GLY G 511 42.35 0.75 23.37
N VAL G 512 42.73 0.83 24.65
CA VAL G 512 43.28 -0.33 25.33
C VAL G 512 42.28 -1.48 25.37
N ARG G 513 41.08 -1.19 25.85
CA ARG G 513 40.04 -2.20 25.94
C ARG G 513 39.54 -2.63 24.56
N LEU G 514 39.49 -1.69 23.62
CA LEU G 514 39.08 -1.98 22.25
C LEU G 514 40.02 -2.97 21.59
N LEU G 515 41.32 -2.67 21.66
CA LEU G 515 42.33 -3.51 21.02
C LEU G 515 42.44 -4.87 21.70
N THR G 516 42.29 -4.90 23.03
CA THR G 516 42.40 -6.15 23.77
C THR G 516 41.24 -7.09 23.46
N GLU G 517 40.02 -6.55 23.42
CA GLU G 517 38.85 -7.33 23.04
C GLU G 517 39.00 -7.89 21.62
N PHE G 518 39.61 -7.10 20.75
CA PHE G 518 39.87 -7.51 19.39
C PHE G 518 40.79 -8.74 19.34
N VAL G 519 41.83 -8.73 20.17
CA VAL G 519 42.77 -9.83 20.22
C VAL G 519 42.14 -11.07 20.85
N LEU G 520 41.40 -10.87 21.93
CA LEU G 520 40.82 -11.96 22.69
C LEU G 520 39.70 -12.69 21.95
N ASN G 521 38.81 -11.95 21.32
CA ASN G 521 37.64 -12.54 20.67
C ASN G 521 37.91 -13.01 19.24
N ASP G 522 39.16 -12.89 18.80
CA ASP G 522 39.54 -13.41 17.49
C ASP G 522 40.09 -14.83 17.62
N SER H 5 83.27 21.05 0.98
CA SER H 5 82.99 20.05 -0.05
C SER H 5 82.17 18.87 0.49
N GLU H 6 82.43 18.47 1.73
CA GLU H 6 81.70 17.36 2.33
C GLU H 6 80.36 17.83 2.92
N VAL H 7 79.28 17.22 2.47
CA VAL H 7 77.94 17.58 2.95
C VAL H 7 77.64 16.94 4.31
N PRO H 8 77.40 17.77 5.32
CA PRO H 8 77.05 17.26 6.65
C PRO H 8 75.72 16.52 6.63
N GLN H 9 75.58 15.53 7.52
CA GLN H 9 74.37 14.72 7.60
C GLN H 9 73.89 14.62 9.04
N VAL H 10 72.58 14.49 9.22
CA VAL H 10 72.01 14.21 10.54
C VAL H 10 71.88 12.70 10.68
N VAL H 11 71.42 12.06 9.61
CA VAL H 11 71.37 10.61 9.52
C VAL H 11 72.05 10.17 8.22
N SER H 12 72.42 8.89 8.14
CA SER H 12 73.15 8.40 6.98
C SER H 12 72.29 8.41 5.72
N LEU H 13 70.99 8.52 5.91
CA LEU H 13 70.05 8.49 4.78
C LEU H 13 69.87 9.87 4.15
N ASP H 14 70.43 10.90 4.77
CA ASP H 14 70.40 12.23 4.18
C ASP H 14 71.28 12.27 2.94
N PRO H 15 70.74 12.77 1.82
CA PRO H 15 71.48 12.87 0.56
C PRO H 15 72.68 13.81 0.64
N THR H 16 73.73 13.51 -0.12
CA THR H 16 74.97 14.28 -0.06
C THR H 16 75.30 15.00 -1.36
N SER H 17 74.38 14.97 -2.31
CA SER H 17 74.57 15.68 -3.58
C SER H 17 73.26 15.86 -4.31
N ILE H 18 73.22 16.89 -5.17
CA ILE H 18 72.07 17.14 -6.02
C ILE H 18 72.17 16.30 -7.29
N PRO H 19 71.19 15.41 -7.50
CA PRO H 19 71.18 14.66 -8.76
C PRO H 19 70.93 15.58 -9.94
N ILE H 20 71.81 15.53 -10.93
CA ILE H 20 71.69 16.39 -12.11
C ILE H 20 71.75 15.60 -13.40
N GLU H 21 70.77 15.79 -14.27
CA GLU H 21 70.80 15.19 -15.59
C GLU H 21 71.39 16.17 -16.60
N TYR H 22 72.60 15.87 -17.08
CA TYR H 22 73.27 16.75 -18.04
C TYR H 22 72.88 16.36 -19.47
N ASN H 23 72.96 15.07 -19.77
CA ASN H 23 72.56 14.58 -21.08
C ASN H 23 71.09 14.20 -21.08
N THR H 24 70.24 15.09 -21.56
CA THR H 24 68.80 14.87 -21.58
C THR H 24 68.36 14.27 -22.92
N PRO H 25 67.21 13.59 -22.94
CA PRO H 25 66.68 13.01 -24.19
C PRO H 25 66.55 14.05 -25.31
N ILE H 26 66.40 15.30 -24.93
CA ILE H 26 66.34 16.39 -25.91
C ILE H 26 67.63 16.47 -26.71
N HIS H 27 68.74 16.22 -26.03
CA HIS H 27 70.07 16.27 -26.67
C HIS H 27 70.26 15.14 -27.68
N ASP H 28 69.43 14.11 -27.58
CA ASP H 28 69.52 12.97 -28.48
C ASP H 28 68.62 13.15 -29.70
N ILE H 29 67.90 14.28 -29.75
CA ILE H 29 67.02 14.56 -30.87
C ILE H 29 67.79 15.20 -32.02
N LYS H 30 67.75 14.55 -33.18
CA LYS H 30 68.37 15.11 -34.38
C LYS H 30 67.39 16.09 -35.01
N VAL H 31 67.82 17.33 -35.19
CA VAL H 31 66.96 18.37 -35.72
C VAL H 31 67.37 18.75 -37.14
N GLN H 32 66.40 18.67 -38.05
CA GLN H 32 66.64 19.03 -39.44
C GLN H 32 65.74 20.19 -39.84
N VAL H 33 66.32 21.19 -40.49
CA VAL H 33 65.56 22.35 -40.96
C VAL H 33 65.55 22.41 -42.47
N TYR H 34 64.35 22.35 -43.05
CA TYR H 34 64.21 22.40 -44.50
C TYR H 34 63.49 23.67 -44.93
N ASP H 35 63.72 24.09 -46.16
CA ASP H 35 63.00 25.22 -46.71
C ASP H 35 61.67 24.72 -47.24
N ILE H 36 60.59 25.43 -46.92
CA ILE H 36 59.26 24.99 -47.31
C ILE H 36 59.16 24.99 -48.84
N LYS H 37 59.96 25.85 -49.47
CA LYS H 37 60.01 25.95 -50.92
C LYS H 37 60.72 24.71 -51.47
N GLY H 38 59.96 23.69 -51.79
CA GLY H 38 60.51 22.45 -52.29
C GLY H 38 59.59 21.31 -51.89
N GLY H 39 58.57 21.66 -51.12
CA GLY H 39 57.58 20.71 -50.66
C GLY H 39 57.90 20.00 -49.37
N CYS H 40 56.85 19.52 -48.70
CA CYS H 40 57.00 18.80 -47.45
C CYS H 40 56.83 17.32 -47.72
N ASN H 41 57.69 16.50 -47.11
CA ASN H 41 57.57 15.05 -47.22
C ASN H 41 56.89 14.45 -46.00
N VAL H 42 55.90 13.60 -46.24
CA VAL H 42 55.14 12.97 -45.17
C VAL H 42 55.29 11.45 -45.15
N GLU H 43 56.24 10.95 -44.36
CA GLU H 43 56.49 9.52 -44.32
C GLU H 43 56.16 8.92 -42.96
N GLU H 44 57.15 8.84 -42.07
CA GLU H 44 56.91 8.25 -40.75
C GLU H 44 56.54 9.29 -39.70
N GLY H 45 56.03 8.82 -38.57
CA GLY H 45 55.80 9.64 -37.40
C GLY H 45 54.65 10.61 -37.54
N LEU H 46 54.75 11.75 -36.85
CA LEU H 46 53.66 12.73 -36.82
C LEU H 46 54.03 14.04 -37.51
N THR H 47 53.15 14.51 -38.39
CA THR H 47 53.37 15.77 -39.09
C THR H 47 52.33 16.81 -38.69
N ILE H 48 52.80 17.91 -38.11
CA ILE H 48 51.90 18.96 -37.61
C ILE H 48 52.08 20.29 -38.34
N PHE H 49 50.99 20.82 -38.87
CA PHE H 49 50.99 22.13 -39.53
C PHE H 49 50.57 23.24 -38.58
N LEU H 50 51.40 24.27 -38.45
CA LEU H 50 51.02 25.44 -37.65
C LEU H 50 50.32 26.45 -38.57
N VAL H 51 49.01 26.55 -38.44
CA VAL H 51 48.22 27.36 -39.37
C VAL H 51 47.41 28.45 -38.68
N ASN H 52 47.20 29.55 -39.41
CA ASN H 52 46.36 30.63 -38.93
C ASN H 52 45.37 31.12 -39.98
N ASN H 53 44.58 32.12 -39.62
CA ASN H 53 43.70 32.81 -40.55
C ASN H 53 43.51 34.25 -40.07
N PRO H 54 44.33 35.16 -40.62
CA PRO H 54 44.39 36.59 -40.29
C PRO H 54 43.04 37.34 -40.34
N GLY H 55 42.58 37.77 -39.16
CA GLY H 55 41.32 38.49 -39.05
C GLY H 55 40.01 37.77 -39.32
N LYS H 56 40.01 36.44 -39.25
CA LYS H 56 38.77 35.69 -39.43
C LYS H 56 38.28 35.06 -38.13
N GLU H 57 38.58 35.70 -37.00
CA GLU H 57 38.18 35.21 -35.68
C GLU H 57 38.63 33.77 -35.50
N ASN H 58 37.69 32.84 -35.65
CA ASN H 58 38.05 31.44 -35.83
C ASN H 58 37.70 31.01 -37.24
N GLY H 59 38.64 31.23 -38.16
CA GLY H 59 38.42 30.92 -39.56
C GLY H 59 38.82 29.51 -39.89
N PRO H 60 38.47 29.04 -41.10
CA PRO H 60 38.83 27.69 -41.50
C PRO H 60 40.34 27.50 -41.68
N VAL H 61 40.82 26.28 -41.48
CA VAL H 61 42.23 25.98 -41.66
C VAL H 61 42.52 25.79 -43.15
N LYS H 62 43.59 26.41 -43.62
CA LYS H 62 44.01 26.23 -45.01
C LYS H 62 45.50 25.96 -45.12
N ILE H 63 45.85 24.82 -45.70
CA ILE H 63 47.24 24.47 -45.88
C ILE H 63 47.71 25.01 -47.23
N SER H 64 48.63 25.96 -47.18
CA SER H 64 49.12 26.64 -48.37
C SER H 64 50.33 25.93 -48.97
N SER H 65 51.13 25.33 -48.10
CA SER H 65 52.39 24.69 -48.48
C SER H 65 52.18 23.51 -49.43
N LYS H 66 53.13 23.31 -50.33
CA LYS H 66 53.08 22.19 -51.25
C LYS H 66 53.57 20.91 -50.57
N VAL H 67 52.80 19.84 -50.71
CA VAL H 67 53.14 18.56 -50.12
C VAL H 67 53.54 17.56 -51.19
N ASN H 68 54.73 16.99 -51.07
CA ASN H 68 55.26 16.07 -52.09
C ASN H 68 54.63 14.68 -52.02
N ASP H 69 53.31 14.64 -51.95
CA ASP H 69 52.57 13.38 -51.92
C ASP H 69 51.15 13.60 -52.45
N LYS H 70 50.81 12.88 -53.52
CA LYS H 70 49.52 13.05 -54.18
C LYS H 70 48.36 12.71 -53.24
N GLN H 71 48.52 11.62 -52.50
CA GLN H 71 47.49 11.16 -51.57
C GLN H 71 47.25 12.13 -50.42
N VAL H 72 48.34 12.62 -49.83
CA VAL H 72 48.25 13.53 -48.70
C VAL H 72 47.68 14.89 -49.09
N SER H 73 48.05 15.38 -50.27
CA SER H 73 47.54 16.68 -50.75
C SER H 73 46.05 16.62 -51.04
N GLU H 74 45.59 15.47 -51.51
CA GLU H 74 44.17 15.25 -51.78
C GLU H 74 43.39 15.28 -50.47
N PHE H 75 43.98 14.69 -49.43
CA PHE H 75 43.37 14.70 -48.11
C PHE H 75 43.32 16.12 -47.55
N LEU H 76 44.37 16.88 -47.83
CA LEU H 76 44.55 18.20 -47.25
C LEU H 76 43.92 19.31 -48.09
N LYS H 77 43.08 18.93 -49.05
CA LYS H 77 42.38 19.91 -49.88
C LYS H 77 41.45 20.78 -49.03
N ASP H 78 41.24 22.01 -49.49
CA ASP H 78 40.47 23.01 -48.74
C ASP H 78 39.08 22.53 -48.34
N GLU H 79 38.42 21.82 -49.25
CA GLU H 79 37.06 21.32 -49.02
C GLU H 79 36.99 20.44 -47.78
N ASN H 80 38.05 19.66 -47.56
CA ASN H 80 38.13 18.76 -46.42
C ASN H 80 38.44 19.51 -45.13
N MET H 81 39.26 20.55 -45.25
CA MET H 81 39.78 21.29 -44.10
C MET H 81 38.84 22.36 -43.57
N GLU H 82 37.82 22.72 -44.34
CA GLU H 82 36.95 23.83 -43.96
C GLU H 82 36.12 23.59 -42.70
N LYS H 83 35.99 22.32 -42.30
CA LYS H 83 35.27 22.00 -41.07
C LYS H 83 36.09 22.30 -39.81
N PHE H 84 37.39 22.56 -39.98
CA PHE H 84 38.25 22.87 -38.85
C PHE H 84 38.61 24.35 -38.79
N ASN H 85 38.86 24.85 -37.58
CA ASN H 85 39.17 26.25 -37.39
C ASN H 85 40.55 26.48 -36.77
N VAL H 86 41.01 27.73 -36.80
CA VAL H 86 42.38 28.06 -36.42
C VAL H 86 42.50 28.67 -35.03
N LYS H 87 41.46 28.50 -34.21
CA LYS H 87 41.49 29.01 -32.83
C LYS H 87 42.75 28.61 -32.09
N LEU H 88 43.38 29.58 -31.44
CA LEU H 88 44.64 29.40 -30.73
C LEU H 88 44.61 28.25 -29.73
N GLY H 89 45.50 27.27 -29.92
CA GLY H 89 45.59 26.13 -29.02
C GLY H 89 44.83 24.89 -29.46
N THR H 90 43.99 25.04 -30.48
CA THR H 90 43.22 23.92 -31.01
C THR H 90 44.11 22.97 -31.81
N SER H 91 43.87 21.66 -31.66
CA SER H 91 44.64 20.65 -32.39
C SER H 91 43.74 19.52 -32.87
N LYS H 92 44.13 18.89 -33.97
CA LYS H 92 43.41 17.76 -34.54
C LYS H 92 44.40 16.73 -35.10
N HIS H 93 43.99 15.45 -35.13
CA HIS H 93 44.84 14.40 -35.68
C HIS H 93 44.21 13.73 -36.90
N PHE H 94 45.03 13.45 -37.91
CA PHE H 94 44.54 12.82 -39.14
C PHE H 94 45.24 11.51 -39.43
N TYR H 95 44.50 10.54 -39.96
CA TYR H 95 45.05 9.26 -40.41
C TYR H 95 44.84 9.04 -41.90
N MET H 96 45.88 8.64 -42.62
CA MET H 96 45.75 8.39 -44.05
C MET H 96 46.88 7.53 -44.61
N PHE H 97 46.74 7.13 -45.87
CA PHE H 97 47.79 6.41 -46.59
C PHE H 97 48.45 7.30 -47.63
N ASN H 98 49.77 7.21 -47.75
CA ASN H 98 50.47 7.99 -48.76
C ASN H 98 50.59 7.25 -50.09
N ASP H 99 51.44 7.77 -50.98
CA ASP H 99 51.63 7.18 -52.31
C ASP H 99 52.23 5.78 -52.25
N ASN H 100 53.03 5.53 -51.21
CA ASN H 100 53.69 4.24 -51.05
C ASN H 100 52.81 3.27 -50.27
N LYS H 101 51.53 3.60 -50.19
CA LYS H 101 50.53 2.80 -49.47
C LYS H 101 50.93 2.58 -48.00
N ASN H 102 51.66 3.53 -47.44
CA ASN H 102 52.03 3.47 -46.03
C ASN H 102 51.16 4.38 -45.17
N SER H 103 50.87 3.93 -43.96
CA SER H 103 50.07 4.70 -43.02
C SER H 103 50.88 5.87 -42.44
N VAL H 104 50.33 7.07 -42.52
CA VAL H 104 51.01 8.27 -42.02
C VAL H 104 50.10 9.04 -41.06
N ALA H 105 50.70 9.81 -40.15
CA ALA H 105 49.92 10.62 -39.23
C ALA H 105 50.18 12.11 -39.44
N VAL H 106 49.10 12.85 -39.66
CA VAL H 106 49.15 14.28 -39.96
C VAL H 106 48.17 15.02 -39.05
N GLY H 107 48.46 16.28 -38.74
CA GLY H 107 47.55 17.09 -37.95
C GLY H 107 47.92 18.55 -38.00
N TYR H 108 47.27 19.37 -37.19
CA TYR H 108 47.57 20.79 -37.15
C TYR H 108 47.38 21.39 -35.76
N VAL H 109 47.94 22.58 -35.56
CA VAL H 109 47.69 23.37 -34.37
C VAL H 109 47.25 24.78 -34.76
N GLY H 110 46.11 25.21 -34.24
CA GLY H 110 45.60 26.53 -34.54
C GLY H 110 46.44 27.62 -33.90
N CYS H 111 46.82 28.62 -34.70
CA CYS H 111 47.66 29.70 -34.21
C CYS H 111 46.92 31.03 -34.22
N GLY H 112 45.60 30.97 -34.13
CA GLY H 112 44.76 32.15 -33.98
C GLY H 112 44.58 32.98 -35.24
N SER H 113 44.27 34.26 -35.05
CA SER H 113 43.96 35.16 -36.15
C SER H 113 44.86 36.39 -36.16
N VAL H 114 45.81 36.43 -35.21
CA VAL H 114 46.73 37.56 -35.11
C VAL H 114 48.03 37.26 -35.85
N ALA H 115 48.45 38.19 -36.69
CA ALA H 115 49.64 38.01 -37.52
C ALA H 115 50.91 37.84 -36.70
N ASP H 116 51.06 38.67 -35.67
CA ASP H 116 52.25 38.61 -34.81
C ASP H 116 51.91 37.91 -33.49
N LEU H 117 52.38 36.67 -33.35
CA LEU H 117 52.10 35.89 -32.15
C LEU H 117 52.95 36.38 -30.98
N SER H 118 52.33 36.52 -29.81
CA SER H 118 53.06 36.89 -28.61
C SER H 118 53.67 35.63 -27.99
N GLU H 119 54.56 35.82 -27.02
CA GLU H 119 55.15 34.70 -26.29
C GLU H 119 54.10 33.79 -25.66
N ALA H 120 53.07 34.41 -25.07
CA ALA H 120 52.00 33.68 -24.40
C ALA H 120 51.22 32.91 -25.44
N ASP H 121 51.03 33.55 -26.60
CA ASP H 121 50.36 32.90 -27.71
C ASP H 121 51.18 31.71 -28.17
N MET H 122 52.48 31.94 -28.37
CA MET H 122 53.39 30.89 -28.80
C MET H 122 53.53 29.78 -27.77
N LYS H 123 53.51 30.15 -26.49
CA LYS H 123 53.61 29.18 -25.42
C LYS H 123 52.39 28.28 -25.42
N ARG H 124 51.22 28.86 -25.66
CA ARG H 124 49.99 28.09 -25.74
C ARG H 124 50.02 27.15 -26.93
N VAL H 125 50.63 27.61 -28.02
CA VAL H 125 50.82 26.79 -29.22
C VAL H 125 51.70 25.58 -28.91
N VAL H 126 52.81 25.84 -28.23
CA VAL H 126 53.75 24.78 -27.87
C VAL H 126 53.13 23.73 -26.97
N LEU H 127 52.40 24.15 -25.94
CA LEU H 127 51.74 23.22 -25.02
C LEU H 127 50.77 22.31 -25.74
N SER H 128 50.03 22.87 -26.70
CA SER H 128 49.12 22.06 -27.49
C SER H 128 49.90 21.04 -28.30
N LEU H 129 51.04 21.47 -28.82
CA LEU H 129 51.93 20.59 -29.57
C LEU H 129 52.50 19.51 -28.66
N VAL H 130 52.90 19.89 -27.44
CA VAL H 130 53.50 18.98 -26.48
C VAL H 130 52.48 17.93 -26.02
N THR H 131 51.22 18.34 -25.94
CA THR H 131 50.15 17.43 -25.55
C THR H 131 50.05 16.25 -26.51
N MET H 132 50.28 16.51 -27.79
CA MET H 132 50.27 15.46 -28.80
C MET H 132 51.50 14.57 -28.69
N LEU H 133 52.60 15.12 -28.19
CA LEU H 133 53.83 14.34 -28.01
C LEU H 133 53.72 13.37 -26.84
N HIS H 134 52.95 13.75 -25.81
CA HIS H 134 52.73 12.89 -24.64
C HIS H 134 51.75 11.77 -25.00
N ASP H 135 51.82 10.67 -24.25
CA ASP H 135 51.00 9.48 -24.47
C ASP H 135 50.76 9.02 -25.90
N ASN H 136 51.67 9.40 -26.79
CA ASN H 136 51.75 8.76 -28.10
C ASN H 136 53.21 8.42 -28.41
N LYS H 137 53.49 7.12 -28.47
CA LYS H 137 54.80 6.57 -28.84
C LYS H 137 55.31 6.94 -30.23
N LEU H 138 55.70 8.19 -30.44
CA LEU H 138 56.22 8.62 -31.75
C LEU H 138 57.74 8.55 -31.84
N SER H 139 58.24 8.36 -33.05
CA SER H 139 59.67 8.32 -33.32
C SER H 139 60.17 9.64 -33.91
N LYS H 140 59.29 10.31 -34.64
CA LYS H 140 59.66 11.55 -35.33
C LYS H 140 58.52 12.56 -35.30
N LEU H 141 58.85 13.81 -35.04
CA LEU H 141 57.88 14.90 -35.12
C LEU H 141 58.28 15.86 -36.24
N THR H 142 57.32 16.23 -37.07
CA THR H 142 57.56 17.21 -38.12
C THR H 142 56.63 18.41 -37.96
N VAL H 143 57.21 19.59 -37.85
CA VAL H 143 56.43 20.81 -37.69
C VAL H 143 56.57 21.70 -38.91
N VAL H 144 55.44 22.04 -39.53
CA VAL H 144 55.44 22.88 -40.72
C VAL H 144 54.94 24.28 -40.37
N PHE H 145 55.82 25.26 -40.46
CA PHE H 145 55.47 26.64 -40.10
C PHE H 145 54.77 27.38 -41.23
N GLU H 146 53.45 27.46 -41.15
CA GLU H 146 52.66 28.25 -42.08
C GLU H 146 52.24 29.56 -41.44
N ILE H 147 53.09 30.07 -40.55
CA ILE H 147 52.86 31.37 -39.92
C ILE H 147 54.14 32.18 -39.99
N ASN H 148 54.04 33.48 -39.77
CA ASN H 148 55.21 34.34 -39.83
C ASN H 148 55.83 34.53 -38.45
N VAL H 149 57.09 34.14 -38.32
CA VAL H 149 57.84 34.33 -37.09
C VAL H 149 59.24 34.83 -37.38
N ASP H 150 59.75 35.75 -36.57
CA ASP H 150 61.13 36.19 -36.73
C ASP H 150 62.05 35.14 -36.10
N LYS H 151 63.36 35.32 -36.21
CA LYS H 151 64.29 34.31 -35.69
C LYS H 151 64.19 34.13 -34.18
N ASN H 152 63.98 35.21 -33.45
CA ASN H 152 63.88 35.14 -32.00
C ASN H 152 62.68 34.32 -31.53
N LEU H 153 61.54 34.48 -32.21
CA LEU H 153 60.35 33.75 -31.84
C LEU H 153 60.47 32.28 -32.22
N PHE H 154 61.17 32.03 -33.32
CA PHE H 154 61.45 30.67 -33.75
C PHE H 154 62.33 29.95 -32.74
N ARG H 155 63.34 30.67 -32.25
CA ARG H 155 64.23 30.13 -31.22
C ARG H 155 63.43 29.87 -29.95
N PHE H 156 62.55 30.82 -29.62
CA PHE H 156 61.67 30.71 -28.46
C PHE H 156 60.76 29.49 -28.58
N PHE H 157 60.29 29.24 -29.79
CA PHE H 157 59.46 28.08 -30.06
C PHE H 157 60.19 26.80 -29.70
N LEU H 158 61.44 26.69 -30.15
CA LEU H 158 62.24 25.50 -29.90
C LEU H 158 62.58 25.34 -28.42
N GLU H 159 63.03 26.42 -27.79
CA GLU H 159 63.35 26.43 -26.37
C GLU H 159 62.18 25.97 -25.52
N THR H 160 61.02 26.55 -25.80
CA THR H 160 59.81 26.24 -25.04
C THR H 160 59.39 24.80 -25.31
N LEU H 161 59.47 24.39 -26.56
CA LEU H 161 59.16 23.02 -26.94
C LEU H 161 60.02 22.02 -26.17
N PHE H 162 61.33 22.25 -26.18
CA PHE H 162 62.27 21.38 -25.50
C PHE H 162 62.02 21.33 -24.00
N TYR H 163 61.81 22.49 -23.39
CA TYR H 163 61.64 22.62 -21.94
C TYR H 163 60.39 21.91 -21.42
N GLU H 164 59.27 22.13 -22.10
CA GLU H 164 58.00 21.56 -21.66
C GLU H 164 57.92 20.07 -21.97
N TYR H 165 58.59 19.66 -23.04
CA TYR H 165 58.63 18.26 -23.45
C TYR H 165 59.38 17.43 -22.41
N MET H 166 60.44 18.01 -21.89
CA MET H 166 61.31 17.36 -20.91
C MET H 166 60.60 17.12 -19.58
N THR H 167 60.81 15.94 -19.01
CA THR H 167 60.19 15.59 -17.74
C THR H 167 61.24 15.21 -16.69
N ASP H 168 61.15 15.85 -15.53
CA ASP H 168 62.11 15.61 -14.45
C ASP H 168 61.67 14.42 -13.60
N GLU H 169 62.41 13.32 -13.68
CA GLU H 169 62.06 12.11 -12.94
C GLU H 169 63.14 11.69 -11.95
N ARG H 170 63.99 12.64 -11.57
CA ARG H 170 65.11 12.39 -10.68
C ARG H 170 64.69 11.84 -9.31
N PHE H 171 63.49 12.22 -8.87
CA PHE H 171 63.03 11.84 -7.54
C PHE H 171 61.90 10.82 -7.58
N LYS H 172 61.65 10.26 -8.76
CA LYS H 172 60.70 9.16 -8.91
C LYS H 172 61.39 7.82 -8.67
N SER H 173 60.73 6.93 -7.91
CA SER H 173 61.26 5.59 -7.69
C SER H 173 60.26 4.54 -8.17
N THR H 174 58.98 4.92 -8.14
CA THR H 174 57.85 3.98 -8.08
C THR H 174 58.08 2.92 -7.00
N LYS H 176 57.45 6.17 -11.63
CA LYS H 176 57.99 6.52 -12.95
C LYS H 176 57.05 6.06 -14.07
N ASN H 177 56.88 6.91 -15.07
CA ASN H 177 56.03 6.60 -16.21
C ASN H 177 56.68 5.52 -17.08
N VAL H 178 56.09 4.33 -17.07
CA VAL H 178 56.61 3.20 -17.84
C VAL H 178 56.56 3.45 -19.35
N ASN H 179 55.65 4.32 -19.76
CA ASN H 179 55.37 4.57 -21.17
C ASN H 179 56.13 5.75 -21.77
N MET H 180 57.09 6.31 -21.04
CA MET H 180 57.83 7.46 -21.58
C MET H 180 58.74 6.99 -22.70
N GLU H 181 58.73 7.73 -23.81
CA GLU H 181 59.53 7.42 -24.99
C GLU H 181 59.68 8.66 -25.86
N TYR H 182 60.79 9.38 -25.72
CA TYR H 182 60.97 10.62 -26.45
C TYR H 182 61.27 10.40 -27.92
N ILE H 183 60.87 11.35 -28.77
CA ILE H 183 61.18 11.29 -30.19
C ILE H 183 62.68 11.36 -30.44
N LYS H 184 63.11 10.82 -31.59
CA LYS H 184 64.53 10.79 -31.93
C LYS H 184 64.84 11.77 -33.06
N HIS H 185 63.80 12.23 -33.76
CA HIS H 185 63.98 13.15 -34.87
C HIS H 185 62.96 14.29 -34.83
N LEU H 186 63.43 15.49 -35.13
CA LEU H 186 62.57 16.66 -35.23
C LEU H 186 62.76 17.38 -36.55
N GLY H 187 61.72 17.39 -37.38
CA GLY H 187 61.79 18.08 -38.65
C GLY H 187 61.04 19.41 -38.63
N VAL H 188 61.65 20.44 -39.19
CA VAL H 188 61.03 21.75 -39.26
C VAL H 188 61.05 22.30 -40.68
N TYR H 189 59.87 22.61 -41.22
CA TYR H 189 59.76 23.23 -42.52
C TYR H 189 59.39 24.70 -42.34
N ILE H 190 60.23 25.59 -42.86
CA ILE H 190 60.01 27.01 -42.70
C ILE H 190 60.64 27.73 -43.87
N ASN H 191 60.12 28.90 -44.21
CA ASN H 191 60.67 29.68 -45.30
C ASN H 191 61.94 30.38 -44.84
N ASN H 192 62.85 30.60 -45.78
CA ASN H 192 64.19 31.10 -45.50
C ASN H 192 64.90 30.27 -44.42
N ALA H 193 65.00 28.97 -44.66
CA ALA H 193 65.54 28.03 -43.68
C ALA H 193 66.96 28.36 -43.25
N ASP H 194 67.77 28.82 -44.19
CA ASP H 194 69.18 29.07 -43.93
C ASP H 194 69.41 30.11 -42.84
N THR H 195 68.49 31.06 -42.74
CA THR H 195 68.57 32.09 -41.70
C THR H 195 68.20 31.55 -40.32
N TYR H 196 67.37 30.50 -40.29
CA TYR H 196 66.87 29.96 -39.02
C TYR H 196 67.71 28.82 -38.47
N LYS H 197 68.57 28.26 -39.32
CA LYS H 197 69.39 27.12 -38.93
C LYS H 197 70.33 27.45 -37.77
N GLU H 198 70.84 28.67 -37.74
CA GLU H 198 71.78 29.08 -36.69
C GLU H 198 71.11 29.20 -35.32
N GLU H 199 69.79 29.34 -35.29
CA GLU H 199 69.06 29.49 -34.04
C GLU H 199 68.81 28.15 -33.36
N VAL H 200 68.89 27.06 -34.13
CA VAL H 200 68.55 25.73 -33.62
C VAL H 200 69.45 25.29 -32.47
N GLU H 201 70.76 25.26 -32.72
CA GLU H 201 71.68 24.81 -31.70
C GLU H 201 71.75 25.81 -30.55
N LYS H 202 71.53 27.08 -30.86
CA LYS H 202 71.50 28.12 -29.84
C LYS H 202 70.32 27.87 -28.89
N ALA H 203 69.19 27.48 -29.46
CA ALA H 203 68.02 27.14 -28.68
C ALA H 203 68.30 25.96 -27.76
N ARG H 204 69.04 24.98 -28.26
CA ARG H 204 69.37 23.81 -27.47
C ARG H 204 70.22 24.18 -26.26
N VAL H 205 71.12 25.14 -26.46
CA VAL H 205 71.94 25.64 -25.37
C VAL H 205 71.07 26.38 -24.37
N TYR H 206 70.22 27.27 -24.87
CA TYR H 206 69.31 28.02 -24.01
C TYR H 206 68.36 27.10 -23.26
N TYR H 207 67.93 26.03 -23.92
CA TYR H 207 67.08 25.02 -23.29
C TYR H 207 67.72 24.48 -22.02
N PHE H 208 68.94 23.95 -22.13
CA PHE H 208 69.53 23.29 -20.98
C PHE H 208 69.91 24.28 -19.89
N GLY H 209 70.33 25.48 -20.28
CA GLY H 209 70.64 26.52 -19.33
C GLY H 209 69.42 26.80 -18.45
N THR H 210 68.27 26.89 -19.09
CA THR H 210 67.01 27.08 -18.38
C THR H 210 66.63 25.84 -17.58
N TYR H 211 66.77 24.68 -18.21
CA TYR H 211 66.40 23.43 -17.57
C TYR H 211 67.33 23.07 -16.41
N TYR H 212 68.61 23.44 -16.55
CA TYR H 212 69.57 23.20 -15.49
C TYR H 212 69.19 24.00 -14.25
N ALA H 213 68.85 25.27 -14.45
CA ALA H 213 68.40 26.12 -13.37
C ALA H 213 67.15 25.53 -12.73
N SER H 214 66.25 25.01 -13.56
CA SER H 214 65.03 24.37 -13.10
C SER H 214 65.32 23.17 -12.20
N GLN H 215 66.31 22.36 -12.59
CA GLN H 215 66.68 21.19 -11.81
C GLN H 215 67.18 21.55 -10.42
N LEU H 216 67.94 22.65 -10.34
CA LEU H 216 68.46 23.12 -9.06
C LEU H 216 67.34 23.64 -8.17
N ILE H 217 66.43 24.39 -8.76
CA ILE H 217 65.31 24.97 -8.03
C ILE H 217 64.36 23.88 -7.53
N ALA H 218 63.99 22.96 -8.42
CA ALA H 218 63.05 21.89 -8.09
C ALA H 218 63.62 20.93 -7.05
N ALA H 219 64.94 20.79 -7.03
CA ALA H 219 65.61 19.96 -6.04
C ALA H 219 65.29 20.45 -4.64
N PRO H 220 64.76 19.55 -3.79
CA PRO H 220 64.35 19.88 -2.41
C PRO H 220 65.53 20.35 -1.57
N SER H 221 65.23 20.97 -0.43
CA SER H 221 66.25 21.60 0.40
C SER H 221 67.14 20.61 1.13
N ASN H 222 66.70 19.37 1.28
CA ASN H 222 67.53 18.35 1.90
C ASN H 222 68.56 17.84 0.89
N TYR H 223 68.20 17.92 -0.39
CA TYR H 223 69.14 17.58 -1.45
C TYR H 223 69.99 18.80 -1.80
N CYS H 224 69.33 19.93 -1.97
CA CYS H 224 70.00 21.16 -2.35
C CYS H 224 70.23 22.05 -1.13
N ASN H 225 71.44 21.99 -0.60
CA ASN H 225 71.85 22.80 0.54
C ASN H 225 73.05 23.65 0.12
N PRO H 226 73.50 24.59 0.98
CA PRO H 226 74.64 25.44 0.61
C PRO H 226 75.88 24.66 0.17
N VAL H 227 76.14 23.51 0.79
CA VAL H 227 77.29 22.71 0.42
C VAL H 227 77.09 22.00 -0.91
N SER H 228 75.96 21.33 -1.06
CA SER H 228 75.68 20.56 -2.27
C SER H 228 75.52 21.46 -3.50
N LEU H 229 74.97 22.65 -3.30
CA LEU H 229 74.78 23.60 -4.39
C LEU H 229 76.12 24.16 -4.87
N SER H 230 76.98 24.50 -3.92
CA SER H 230 78.31 25.00 -4.23
C SER H 230 79.16 23.91 -4.88
N ASN H 231 78.96 22.66 -4.45
CA ASN H 231 79.62 21.53 -5.09
C ASN H 231 79.15 21.37 -6.54
N ALA H 232 77.85 21.56 -6.74
CA ALA H 232 77.27 21.45 -8.08
C ALA H 232 77.84 22.53 -8.98
N ALA H 233 78.05 23.71 -8.43
CA ALA H 233 78.62 24.83 -9.17
C ALA H 233 80.05 24.52 -9.61
N VAL H 234 80.82 23.92 -8.70
CA VAL H 234 82.20 23.54 -8.98
C VAL H 234 82.25 22.55 -10.14
N GLU H 235 81.40 21.53 -10.05
CA GLU H 235 81.31 20.52 -11.08
C GLU H 235 80.94 21.15 -12.42
N LEU H 236 80.03 22.12 -12.39
CA LEU H 236 79.62 22.82 -13.59
C LEU H 236 80.76 23.65 -14.16
N ALA H 237 81.46 24.36 -13.28
CA ALA H 237 82.57 25.20 -13.69
C ALA H 237 83.68 24.38 -14.34
N GLN H 238 83.92 23.19 -13.82
CA GLN H 238 84.94 22.32 -14.38
C GLN H 238 84.58 21.81 -15.77
N LYS H 239 83.30 21.52 -15.99
CA LYS H 239 82.84 21.06 -17.29
C LYS H 239 82.87 22.18 -18.33
N LEU H 240 82.75 23.41 -17.85
CA LEU H 240 82.67 24.56 -18.77
C LEU H 240 83.99 25.29 -18.80
N ASN H 241 84.93 24.76 -18.04
CA ASN H 241 86.25 25.31 -17.92
C ASN H 241 86.26 26.79 -17.50
N LEU H 242 85.49 27.12 -16.45
CA LEU H 242 85.51 28.45 -15.88
C LEU H 242 86.38 28.45 -14.64
N GLU H 243 87.05 29.57 -14.39
CA GLU H 243 87.78 29.70 -13.14
C GLU H 243 86.73 29.71 -12.06
N TYR H 244 87.02 29.04 -10.95
CA TYR H 244 86.06 28.96 -9.87
C TYR H 244 86.74 29.12 -8.53
N LYS H 245 85.97 29.60 -7.56
CA LYS H 245 86.47 29.84 -6.24
C LYS H 245 85.29 29.78 -5.28
N ILE H 246 85.36 28.88 -4.31
CA ILE H 246 84.29 28.76 -3.32
C ILE H 246 84.79 29.24 -1.98
N LEU H 247 84.20 30.32 -1.48
CA LEU H 247 84.64 30.93 -0.23
C LEU H 247 83.89 30.31 0.95
N GLY H 248 84.65 29.79 1.91
CA GLY H 248 84.09 29.19 3.11
C GLY H 248 84.04 30.19 4.26
N VAL H 249 83.56 29.73 5.42
CA VAL H 249 83.33 30.61 6.57
C VAL H 249 84.58 31.38 6.98
N LYS H 250 85.72 30.70 7.04
CA LYS H 250 86.98 31.32 7.45
C LYS H 250 87.35 32.47 6.53
N GLU H 251 87.21 32.24 5.22
CA GLU H 251 87.49 33.27 4.23
C GLU H 251 86.46 34.41 4.29
N LEU H 252 85.21 34.06 4.54
CA LEU H 252 84.14 35.05 4.66
C LEU H 252 84.32 35.93 5.88
N GLU H 253 84.80 35.36 6.98
CA GLU H 253 85.09 36.12 8.20
C GLU H 253 86.20 37.15 7.95
N GLU H 254 87.21 36.73 7.20
CA GLU H 254 88.34 37.59 6.85
C GLU H 254 87.87 38.77 6.01
N LEU H 255 86.86 38.54 5.18
CA LEU H 255 86.28 39.58 4.36
C LEU H 255 85.21 40.39 5.10
N LYS H 256 84.95 40.01 6.35
CA LYS H 256 84.04 40.71 7.25
C LYS H 256 82.61 40.80 6.71
N MET H 257 82.14 39.73 6.08
CA MET H 257 80.76 39.68 5.58
C MET H 257 79.78 39.34 6.68
N GLY H 258 79.56 40.28 7.59
CA GLY H 258 78.74 40.05 8.76
C GLY H 258 77.27 39.87 8.47
N ALA H 259 76.78 40.53 7.43
CA ALA H 259 75.37 40.41 7.05
C ALA H 259 75.07 39.01 6.50
N TYR H 260 75.91 38.56 5.57
CA TYR H 260 75.76 37.25 4.95
C TYR H 260 75.92 36.12 5.97
N LEU H 261 76.93 36.22 6.82
CA LEU H 261 77.22 35.18 7.80
C LEU H 261 76.12 35.07 8.86
N SER H 262 75.47 36.20 9.18
CA SER H 262 74.43 36.22 10.20
C SER H 262 73.21 35.39 9.80
N VAL H 263 72.84 35.45 8.53
CA VAL H 263 71.71 34.68 8.03
C VAL H 263 71.93 33.18 8.19
N GLY H 264 73.16 32.73 7.94
CA GLY H 264 73.48 31.32 7.96
C GLY H 264 73.80 30.75 9.33
N LYS H 265 73.90 31.61 10.33
CA LYS H 265 74.29 31.20 11.69
C LYS H 265 73.48 30.02 12.21
N GLY H 266 72.18 30.04 11.97
CA GLY H 266 71.29 29.02 12.50
C GLY H 266 71.23 27.73 11.70
N SER H 267 72.04 27.63 10.65
CA SER H 267 72.00 26.47 9.77
C SER H 267 73.07 25.43 10.13
N MET H 268 72.79 24.18 9.79
CA MET H 268 73.75 23.11 10.01
C MET H 268 74.73 23.04 8.85
N TYR H 269 74.40 23.73 7.76
CA TYR H 269 75.26 23.80 6.58
C TYR H 269 76.06 25.09 6.58
N PRO H 270 77.39 24.99 6.46
CA PRO H 270 78.25 26.18 6.41
C PRO H 270 77.97 27.03 5.18
N ASN H 271 78.09 28.35 5.33
CA ASN H 271 77.90 29.26 4.21
C ASN H 271 78.93 29.01 3.11
N LYS H 272 78.49 29.11 1.85
CA LYS H 272 79.39 28.92 0.72
C LYS H 272 79.20 30.02 -0.32
N PHE H 273 80.25 30.78 -0.59
CA PHE H 273 80.18 31.86 -1.57
C PHE H 273 80.73 31.40 -2.91
N ILE H 274 79.86 31.36 -3.92
CA ILE H 274 80.23 30.91 -5.25
C ILE H 274 80.76 32.06 -6.11
N HIS H 275 81.93 31.87 -6.71
CA HIS H 275 82.53 32.86 -7.60
C HIS H 275 83.08 32.19 -8.85
N LEU H 276 82.34 32.28 -9.95
CA LEU H 276 82.79 31.77 -11.24
C LEU H 276 83.24 32.92 -12.11
N THR H 277 84.19 32.66 -13.01
CA THR H 277 84.67 33.69 -13.91
C THR H 277 84.83 33.18 -15.34
N TYR H 278 84.28 33.93 -16.29
CA TYR H 278 84.50 33.68 -17.71
C TYR H 278 85.32 34.83 -18.29
N LYS H 279 86.43 34.52 -18.94
CA LYS H 279 87.20 35.55 -19.61
C LYS H 279 87.38 35.20 -21.08
N SER H 280 87.09 36.15 -21.96
CA SER H 280 87.26 35.95 -23.39
C SER H 280 88.74 35.89 -23.76
N LYS H 281 89.06 35.13 -24.80
CA LYS H 281 90.43 34.99 -25.27
C LYS H 281 90.94 36.20 -26.07
N GLY H 282 90.45 37.39 -25.76
CA GLY H 282 90.84 38.58 -26.49
C GLY H 282 90.69 39.84 -25.67
N ASP H 283 90.61 40.99 -26.34
CA ASP H 283 90.46 42.27 -25.64
C ASP H 283 89.11 42.35 -24.95
N VAL H 284 89.13 42.62 -23.65
CA VAL H 284 87.91 42.75 -22.85
C VAL H 284 87.37 44.17 -22.83
N LYS H 285 86.12 44.34 -23.27
CA LYS H 285 85.52 45.66 -23.37
C LYS H 285 84.47 45.88 -22.29
N LYS H 286 83.93 44.80 -21.74
CA LYS H 286 82.94 44.90 -20.68
C LYS H 286 83.21 43.92 -19.54
N LYS H 287 83.15 44.40 -18.31
CA LYS H 287 83.26 43.55 -17.14
C LYS H 287 81.91 43.52 -16.43
N ILE H 288 81.37 42.33 -16.24
CA ILE H 288 80.02 42.18 -15.68
C ILE H 288 79.98 41.21 -14.50
N ALA H 289 79.29 41.62 -13.44
CA ALA H 289 79.05 40.75 -12.30
C ALA H 289 77.57 40.37 -12.22
N LEU H 290 77.30 39.08 -12.24
CA LEU H 290 75.94 38.57 -12.09
C LEU H 290 75.75 37.98 -10.69
N VAL H 291 74.83 38.57 -9.94
CA VAL H 291 74.63 38.17 -8.55
C VAL H 291 73.30 37.47 -8.35
N GLY H 292 73.34 36.29 -7.72
CA GLY H 292 72.13 35.54 -7.47
C GLY H 292 71.84 35.33 -5.99
N LYS H 293 70.59 35.52 -5.60
CA LYS H 293 70.18 35.22 -4.23
C LYS H 293 70.19 33.71 -4.05
N GLY H 294 70.93 33.25 -3.04
CA GLY H 294 71.11 31.82 -2.84
C GLY H 294 70.70 31.32 -1.48
N ILE H 295 69.42 31.44 -1.17
CA ILE H 295 68.86 30.87 0.04
C ILE H 295 68.26 29.50 -0.28
N THR H 296 68.95 28.43 0.12
CA THR H 296 68.53 27.09 -0.25
C THR H 296 67.21 26.73 0.41
N PHE H 297 66.96 27.29 1.59
CA PHE H 297 65.64 27.24 2.20
C PHE H 297 65.39 28.44 3.08
N ASP H 298 64.21 29.04 2.93
CA ASP H 298 63.83 30.21 3.71
C ASP H 298 62.70 29.91 4.69
N SER H 299 63.05 29.65 5.94
CA SER H 299 62.05 29.40 6.96
C SER H 299 61.51 30.71 7.50
N GLY H 300 62.29 31.77 7.31
CA GLY H 300 61.95 33.07 7.84
C GLY H 300 62.77 33.40 9.07
N GLY H 301 63.39 32.38 9.65
CA GLY H 301 64.10 32.55 10.90
C GLY H 301 63.10 32.68 12.04
N TYR H 302 63.48 33.41 13.10
CA TYR H 302 62.58 33.59 14.23
C TYR H 302 61.34 34.38 13.84
N ASN H 303 61.42 35.13 12.75
CA ASN H 303 60.23 35.63 12.08
C ASN H 303 59.67 34.55 11.18
N LEU H 304 59.33 33.42 11.78
CA LEU H 304 58.93 32.22 11.07
C LEU H 304 57.77 32.45 10.11
N LYS H 305 57.85 31.81 8.95
CA LYS H 305 56.77 31.84 7.97
C LYS H 305 55.61 30.99 8.45
N ALA H 306 54.79 31.54 9.34
CA ALA H 306 53.69 30.80 9.95
C ALA H 306 52.34 31.40 9.58
N ALA H 307 52.36 32.59 8.99
CA ALA H 307 51.14 33.27 8.58
C ALA H 307 50.50 32.58 7.38
N PRO H 308 49.17 32.66 7.27
CA PRO H 308 48.47 32.11 6.10
C PRO H 308 48.93 32.77 4.80
N GLY H 309 49.26 31.97 3.81
CA GLY H 309 49.70 32.47 2.53
C GLY H 309 51.19 32.72 2.46
N SER H 310 51.92 32.25 3.48
CA SER H 310 53.35 32.46 3.52
C SER H 310 54.07 31.41 2.66
N MET H 311 53.34 30.35 2.31
CA MET H 311 53.76 29.32 1.36
C MET H 311 55.17 28.77 1.65
N ILE H 312 55.37 28.38 2.91
CA ILE H 312 56.67 27.91 3.38
C ILE H 312 57.15 26.64 2.67
N ASP H 313 56.22 25.84 2.15
CA ASP H 313 56.57 24.58 1.51
C ASP H 313 57.16 24.78 0.13
N LEU H 314 57.18 26.01 -0.33
CA LEU H 314 57.70 26.34 -1.66
C LEU H 314 59.10 26.94 -1.55
N MET H 315 59.55 27.17 -0.31
CA MET H 315 60.72 27.99 -0.05
C MET H 315 62.07 27.41 -0.48
N LYS H 316 62.03 26.29 -1.19
CA LYS H 316 63.21 25.79 -1.88
C LYS H 316 63.51 26.68 -3.10
N PHE H 317 62.45 27.29 -3.62
CA PHE H 317 62.52 28.25 -4.72
C PHE H 317 63.46 29.44 -4.45
N ASP H 318 63.80 29.66 -3.18
CA ASP H 318 64.45 30.90 -2.78
C ASP H 318 65.92 30.98 -3.23
N MET H 319 66.37 30.00 -4.00
CA MET H 319 67.70 30.06 -4.60
C MET H 319 67.63 30.15 -6.12
N SER H 320 66.46 30.55 -6.63
CA SER H 320 66.24 30.66 -8.07
C SER H 320 67.21 31.63 -8.72
N GLY H 321 67.52 32.72 -8.03
CA GLY H 321 68.45 33.72 -8.54
C GLY H 321 69.81 33.11 -8.77
N CYS H 322 70.26 32.31 -7.82
CA CYS H 322 71.51 31.58 -7.95
C CYS H 322 71.46 30.59 -9.13
N ALA H 323 70.34 29.87 -9.24
CA ALA H 323 70.16 28.91 -10.31
C ALA H 323 70.16 29.61 -11.67
N ALA H 324 69.50 30.76 -11.73
CA ALA H 324 69.46 31.54 -12.96
C ALA H 324 70.85 32.01 -13.36
N VAL H 325 71.64 32.45 -12.39
CA VAL H 325 73.00 32.90 -12.66
C VAL H 325 73.86 31.72 -13.14
N LEU H 326 73.70 30.57 -12.50
CA LEU H 326 74.45 29.38 -12.89
C LEU H 326 74.00 28.87 -14.26
N GLY H 327 72.72 29.00 -14.56
CA GLY H 327 72.20 28.61 -15.87
C GLY H 327 72.80 29.47 -16.96
N CYS H 328 73.00 30.75 -16.64
CA CYS H 328 73.63 31.69 -17.56
C CYS H 328 75.08 31.30 -17.80
N ALA H 329 75.75 30.85 -16.75
CA ALA H 329 77.14 30.40 -16.83
C ALA H 329 77.30 29.27 -17.83
N TYR H 330 76.31 28.36 -17.87
CA TYR H 330 76.32 27.29 -18.85
C TYR H 330 76.24 27.82 -20.27
N CYS H 331 75.27 28.70 -20.53
CA CYS H 331 75.06 29.23 -21.87
C CYS H 331 76.27 30.04 -22.33
N VAL H 332 76.74 30.91 -21.46
CA VAL H 332 77.89 31.75 -21.74
C VAL H 332 79.15 30.89 -21.89
N GLY H 333 79.30 29.93 -21.00
CA GLY H 333 80.44 29.02 -21.05
C GLY H 333 80.44 28.14 -22.29
N THR H 334 79.26 27.92 -22.86
CA THR H 334 79.12 27.07 -24.03
C THR H 334 79.26 27.86 -25.32
N LEU H 335 78.56 28.99 -25.39
CA LEU H 335 78.58 29.80 -26.59
C LEU H 335 79.87 30.61 -26.70
N LYS H 336 80.51 30.85 -25.56
CA LYS H 336 81.79 31.55 -25.50
C LYS H 336 81.77 32.88 -26.23
N PRO H 337 81.06 33.87 -25.67
CA PRO H 337 80.99 35.22 -26.24
C PRO H 337 82.37 35.89 -26.23
N GLU H 338 82.54 36.96 -26.99
CA GLU H 338 83.83 37.61 -27.09
C GLU H 338 83.85 38.98 -26.43
N ASN H 339 85.05 39.50 -26.21
CA ASN H 339 85.27 40.83 -25.64
C ASN H 339 84.58 41.09 -24.29
N VAL H 340 84.35 40.04 -23.51
CA VAL H 340 83.66 40.21 -22.24
C VAL H 340 84.22 39.35 -21.10
N GLU H 341 84.20 39.90 -19.90
CA GLU H 341 84.57 39.16 -18.69
C GLU H 341 83.41 39.15 -17.71
N ILE H 342 82.93 37.96 -17.37
CA ILE H 342 81.77 37.84 -16.49
C ILE H 342 82.09 37.13 -15.18
N HIS H 343 81.68 37.76 -14.07
CA HIS H 343 81.79 37.13 -12.77
C HIS H 343 80.42 36.65 -12.31
N PHE H 344 80.33 35.37 -11.97
CA PHE H 344 79.09 34.78 -11.50
C PHE H 344 79.14 34.61 -9.99
N LEU H 345 78.38 35.43 -9.27
CA LEU H 345 78.46 35.48 -7.82
C LEU H 345 77.16 35.03 -7.15
N SER H 346 77.30 34.33 -6.03
CA SER H 346 76.14 33.97 -5.21
C SER H 346 76.55 33.66 -3.78
N ALA H 347 75.99 34.42 -2.83
CA ALA H 347 76.23 34.18 -1.41
C ALA H 347 75.24 33.15 -0.89
N VAL H 348 75.63 31.88 -0.94
CA VAL H 348 74.70 30.78 -0.64
C VAL H 348 74.68 30.42 0.86
N CYS H 349 73.47 30.32 1.41
CA CYS H 349 73.29 29.87 2.78
C CYS H 349 71.86 29.41 2.99
N GLU H 350 71.52 29.12 4.25
CA GLU H 350 70.20 28.62 4.61
C GLU H 350 69.67 29.38 5.82
N ASN H 351 68.41 29.80 5.78
CA ASN H 351 67.82 30.59 6.86
C ASN H 351 66.93 29.75 7.78
N MET H 352 67.48 29.33 8.92
CA MET H 352 66.82 28.36 9.79
C MET H 352 66.58 28.86 11.22
N VAL H 353 65.77 28.11 11.96
CA VAL H 353 65.48 28.43 13.35
C VAL H 353 66.31 27.54 14.25
N SER H 354 67.05 28.15 15.18
CA SER H 354 68.01 27.44 16.01
C SER H 354 68.42 28.28 17.21
N LYS H 355 69.15 27.68 18.13
CA LYS H 355 69.71 28.42 19.25
C LYS H 355 70.82 29.36 18.76
N ASN H 356 71.35 29.06 17.58
CA ASN H 356 72.45 29.84 17.02
C ASN H 356 72.00 30.90 16.01
N SER H 357 70.70 30.89 15.69
CA SER H 357 70.15 31.80 14.68
C SER H 357 70.26 33.25 15.11
N TYR H 358 70.30 34.16 14.14
CA TYR H 358 70.31 35.58 14.46
C TYR H 358 68.87 36.03 14.79
N ARG H 359 68.75 36.98 15.69
CA ARG H 359 67.46 37.37 16.24
C ARG H 359 66.96 38.70 15.67
N PRO H 360 65.64 38.89 15.68
CA PRO H 360 65.08 40.22 15.37
C PRO H 360 65.61 41.26 16.34
N GLY H 361 66.15 42.36 15.82
CA GLY H 361 66.71 43.40 16.66
C GLY H 361 68.23 43.44 16.67
N ASP H 362 68.85 42.35 16.22
CA ASP H 362 70.30 42.26 16.16
C ASP H 362 70.89 43.34 15.26
N ILE H 363 72.04 43.87 15.64
CA ILE H 363 72.75 44.81 14.79
C ILE H 363 74.01 44.15 14.25
N ILE H 364 74.11 44.09 12.93
CA ILE H 364 75.21 43.39 12.28
C ILE H 364 75.97 44.33 11.35
N THR H 365 77.24 44.03 11.11
CA THR H 365 78.09 44.91 10.32
C THR H 365 78.43 44.30 8.96
N ALA H 366 78.04 44.99 7.89
CA ALA H 366 78.34 44.53 6.54
C ALA H 366 79.81 44.75 6.21
N SER H 367 80.26 44.12 5.14
CA SER H 367 81.66 44.17 4.72
C SER H 367 82.09 45.56 4.24
N ASN H 368 81.12 46.48 4.08
CA ASN H 368 81.46 47.84 3.72
C ASN H 368 81.49 48.74 4.95
N GLY H 369 81.32 48.12 6.12
CA GLY H 369 81.41 48.83 7.39
C GLY H 369 80.08 49.33 7.93
N LYS H 370 79.05 49.31 7.09
CA LYS H 370 77.73 49.78 7.52
C LYS H 370 77.06 48.81 8.49
N THR H 371 76.58 49.35 9.61
CA THR H 371 75.85 48.56 10.58
C THR H 371 74.38 48.50 10.22
N ILE H 372 73.79 47.32 10.37
CA ILE H 372 72.41 47.08 9.95
C ILE H 372 71.56 46.56 11.09
N GLU H 373 70.43 47.22 11.34
CA GLU H 373 69.51 46.76 12.36
C GLU H 373 68.48 45.81 11.75
N VAL H 374 68.43 44.58 12.26
CA VAL H 374 67.49 43.59 11.77
C VAL H 374 66.11 43.79 12.38
N GLY H 375 65.13 44.07 11.54
CA GLY H 375 63.76 44.24 11.98
C GLY H 375 62.92 43.01 11.70
N ASN H 376 63.40 42.20 10.76
CA ASN H 376 62.70 41.00 10.35
C ASN H 376 63.68 39.98 9.78
N THR H 377 63.80 38.83 10.42
CA THR H 377 64.75 37.81 9.99
C THR H 377 64.34 37.15 8.67
N ASP H 378 63.11 37.41 8.23
CA ASP H 378 62.62 36.82 6.98
C ASP H 378 63.01 37.69 5.78
N ALA H 379 63.64 38.83 6.04
CA ALA H 379 64.17 39.67 4.98
C ALA H 379 65.67 39.44 4.86
N GLU H 380 66.04 38.16 4.80
CA GLU H 380 67.44 37.76 4.84
C GLU H 380 68.12 37.87 3.49
N GLY H 381 67.33 37.88 2.41
CA GLY H 381 67.87 37.95 1.07
C GLY H 381 68.70 39.20 0.82
N ARG H 382 68.18 40.35 1.23
CA ARG H 382 68.86 41.61 1.02
C ARG H 382 70.13 41.70 1.87
N LEU H 383 70.16 40.95 2.97
CA LEU H 383 71.34 40.91 3.82
C LEU H 383 72.49 40.19 3.15
N THR H 384 72.18 39.04 2.55
CA THR H 384 73.19 38.29 1.82
C THR H 384 73.58 39.03 0.55
N LEU H 385 72.59 39.63 -0.10
CA LEU H 385 72.84 40.40 -1.32
C LEU H 385 73.69 41.62 -1.01
N ALA H 386 73.51 42.17 0.19
CA ALA H 386 74.28 43.34 0.60
C ALA H 386 75.78 43.05 0.54
N ASP H 387 76.20 41.98 1.21
CA ASP H 387 77.61 41.61 1.23
C ASP H 387 78.08 41.18 -0.14
N ALA H 388 77.20 40.55 -0.90
CA ALA H 388 77.52 40.11 -2.25
C ALA H 388 77.79 41.29 -3.18
N LEU H 389 77.03 42.37 -3.00
CA LEU H 389 77.18 43.56 -3.84
C LEU H 389 78.49 44.31 -3.60
N VAL H 390 78.92 44.45 -2.34
CA VAL H 390 80.19 45.11 -2.08
C VAL H 390 81.33 44.26 -2.64
N TYR H 391 81.18 42.94 -2.56
CA TYR H 391 82.16 42.02 -3.14
C TYR H 391 82.20 42.23 -4.65
N ALA H 392 81.04 42.34 -5.27
CA ALA H 392 80.93 42.52 -6.71
C ALA H 392 81.62 43.80 -7.14
N GLU H 393 81.40 44.87 -6.40
CA GLU H 393 81.94 46.18 -6.74
C GLU H 393 83.46 46.19 -6.56
N LYS H 394 83.94 45.38 -5.63
CA LYS H 394 85.39 45.28 -5.39
C LYS H 394 86.12 44.61 -6.55
N LEU H 395 85.37 43.93 -7.41
CA LEU H 395 85.96 43.27 -8.57
C LEU H 395 86.29 44.29 -9.67
N GLY H 396 85.79 45.50 -9.53
CA GLY H 396 86.02 46.56 -10.50
C GLY H 396 85.34 46.28 -11.82
N VAL H 397 84.03 46.08 -11.78
CA VAL H 397 83.25 45.77 -12.98
C VAL H 397 82.52 46.99 -13.52
N ASP H 398 81.96 46.86 -14.72
CA ASP H 398 81.22 47.95 -15.35
C ASP H 398 79.74 47.92 -14.99
N TYR H 399 79.17 46.71 -14.96
CA TYR H 399 77.77 46.52 -14.61
C TYR H 399 77.62 45.47 -13.52
N ILE H 400 76.74 45.75 -12.55
CA ILE H 400 76.34 44.76 -11.57
C ILE H 400 74.86 44.46 -11.70
N VAL H 401 74.52 43.22 -12.00
CA VAL H 401 73.12 42.81 -12.10
C VAL H 401 72.82 41.68 -11.13
N ASP H 402 71.94 41.94 -10.17
CA ASP H 402 71.53 40.91 -9.22
C ASP H 402 70.12 40.42 -9.57
N ILE H 403 69.88 39.13 -9.34
CA ILE H 403 68.58 38.54 -9.62
C ILE H 403 68.15 37.72 -8.41
N ALA H 404 66.92 37.94 -7.94
CA ALA H 404 66.52 37.42 -6.64
C ALA H 404 65.02 37.26 -6.46
N THR H 405 64.65 36.24 -5.71
CA THR H 405 63.28 36.08 -5.23
C THR H 405 63.14 36.85 -3.92
N LEU H 406 63.16 38.17 -4.01
CA LEU H 406 63.31 39.02 -2.83
C LEU H 406 62.02 39.30 -2.06
N THR H 407 60.98 39.76 -2.75
CA THR H 407 59.76 40.19 -2.06
C THR H 407 58.49 39.60 -2.65
N GLY H 408 57.59 39.16 -1.77
CA GLY H 408 56.31 38.61 -2.19
C GLY H 408 55.36 39.66 -2.74
N ALA H 409 55.67 40.93 -2.51
CA ALA H 409 54.87 42.04 -3.01
C ALA H 409 54.82 42.06 -4.54
N MET H 410 55.80 41.40 -5.16
CA MET H 410 55.85 41.31 -6.62
C MET H 410 54.58 40.64 -7.16
N LEU H 411 54.02 39.74 -6.37
CA LEU H 411 52.78 39.06 -6.75
C LEU H 411 51.62 40.05 -6.82
N TYR H 412 51.73 41.16 -6.10
CA TYR H 412 50.69 42.16 -6.07
C TYR H 412 50.96 43.31 -7.04
N SER H 413 52.19 43.43 -7.51
CA SER H 413 52.55 44.52 -8.42
C SER H 413 52.49 44.06 -9.89
N LEU H 414 53.32 43.09 -10.24
CA LEU H 414 53.41 42.65 -11.62
C LEU H 414 52.81 41.26 -11.83
N GLY H 415 52.69 40.48 -10.76
CA GLY H 415 52.09 39.17 -10.84
C GLY H 415 53.07 38.07 -11.19
N THR H 416 52.61 37.08 -11.93
CA THR H 416 53.40 35.87 -12.18
C THR H 416 54.06 35.81 -13.56
N SER H 417 53.82 36.81 -14.41
CA SER H 417 54.36 36.77 -15.76
C SER H 417 55.50 37.76 -15.98
N TYR H 418 55.41 38.92 -15.33
CA TYR H 418 56.42 39.96 -15.51
C TYR H 418 57.25 40.13 -14.25
N ALA H 419 58.57 40.08 -14.43
CA ALA H 419 59.49 40.38 -13.33
C ALA H 419 59.72 41.88 -13.27
N GLY H 420 60.11 42.37 -12.10
CA GLY H 420 60.39 43.78 -11.93
C GLY H 420 61.89 44.05 -11.92
N VAL H 421 62.28 45.15 -12.56
CA VAL H 421 63.68 45.55 -12.53
C VAL H 421 63.84 46.96 -11.93
N PHE H 422 64.80 47.07 -11.02
CA PHE H 422 65.12 48.33 -10.38
C PHE H 422 66.58 48.65 -10.64
N GLY H 423 66.96 49.92 -10.57
CA GLY H 423 68.33 50.28 -10.83
C GLY H 423 68.69 51.73 -10.56
N ASN H 424 69.99 52.00 -10.64
CA ASN H 424 70.52 53.35 -10.46
C ASN H 424 71.04 53.94 -11.77
N ASN H 425 70.87 53.20 -12.86
CA ASN H 425 71.41 53.58 -14.16
C ASN H 425 70.45 53.26 -15.32
N GLU H 426 70.05 54.28 -16.07
CA GLU H 426 69.02 54.11 -17.09
C GLU H 426 69.53 53.32 -18.29
N GLU H 427 70.81 53.44 -18.59
CA GLU H 427 71.38 52.69 -19.70
C GLU H 427 71.44 51.21 -19.39
N LEU H 428 71.82 50.87 -18.17
CA LEU H 428 71.87 49.48 -17.76
C LEU H 428 70.46 48.87 -17.75
N ILE H 429 69.49 49.65 -17.26
CA ILE H 429 68.10 49.23 -17.26
C ILE H 429 67.59 49.00 -18.68
N ASN H 430 67.91 49.91 -19.59
CA ASN H 430 67.51 49.78 -20.98
C ASN H 430 68.08 48.52 -21.62
N LYS H 431 69.31 48.18 -21.26
CA LYS H 431 69.94 46.97 -21.75
C LYS H 431 69.18 45.73 -21.26
N ILE H 432 68.75 45.77 -20.00
CA ILE H 432 67.99 44.67 -19.44
C ILE H 432 66.65 44.54 -20.17
N LEU H 433 66.00 45.67 -20.43
CA LEU H 433 64.72 45.68 -21.15
C LEU H 433 64.90 45.17 -22.58
N GLN H 434 65.99 45.56 -23.23
CA GLN H 434 66.28 45.07 -24.58
C GLN H 434 66.50 43.56 -24.55
N SER H 435 67.20 43.09 -23.53
CA SER H 435 67.44 41.67 -23.34
C SER H 435 66.13 40.93 -23.10
N SER H 436 65.21 41.60 -22.41
CA SER H 436 63.91 41.04 -22.12
C SER H 436 63.12 40.76 -23.40
N LYS H 437 63.20 41.70 -24.34
CA LYS H 437 62.48 41.58 -25.60
C LYS H 437 63.00 40.43 -26.47
N THR H 438 64.32 40.32 -26.58
CA THR H 438 64.94 39.33 -27.46
C THR H 438 64.97 37.93 -26.86
N SER H 439 64.96 37.85 -25.53
CA SER H 439 64.95 36.57 -24.84
C SER H 439 63.53 36.10 -24.58
N ASN H 440 62.57 37.00 -24.74
CA ASN H 440 61.17 36.73 -24.46
C ASN H 440 60.94 36.31 -23.00
N GLU H 441 61.73 36.87 -22.10
CA GLU H 441 61.46 36.76 -20.68
C GLU H 441 61.07 38.14 -20.15
N PRO H 442 59.76 38.37 -19.99
CA PRO H 442 59.19 39.71 -19.75
C PRO H 442 59.63 40.35 -18.44
N VAL H 443 60.11 41.58 -18.53
CA VAL H 443 60.55 42.34 -17.36
C VAL H 443 59.97 43.74 -17.47
N TRP H 444 59.58 44.32 -16.33
CA TRP H 444 59.03 45.67 -16.35
C TRP H 444 59.80 46.57 -15.40
N TRP H 445 60.06 47.79 -15.86
CA TRP H 445 60.82 48.76 -15.10
C TRP H 445 59.97 49.37 -13.97
N LEU H 446 60.43 49.20 -12.74
CA LEU H 446 59.80 49.79 -11.57
C LEU H 446 60.73 50.81 -10.94
N PRO H 447 60.17 51.83 -10.28
CA PRO H 447 61.00 52.94 -9.77
C PRO H 447 61.60 52.70 -8.38
N ILE H 448 62.77 53.27 -8.15
CA ILE H 448 63.32 53.34 -6.80
C ILE H 448 63.00 54.71 -6.21
N ILE H 449 61.94 54.77 -5.40
CA ILE H 449 61.43 56.03 -4.89
C ILE H 449 62.17 56.50 -3.64
N ASN H 450 62.97 57.54 -3.80
CA ASN H 450 63.85 58.04 -2.75
C ASN H 450 63.14 58.58 -1.51
N GLU H 451 61.87 58.95 -1.65
CA GLU H 451 61.11 59.48 -0.53
C GLU H 451 60.96 58.45 0.59
N TYR H 452 61.01 57.17 0.24
CA TYR H 452 60.83 56.10 1.21
C TYR H 452 62.12 55.79 1.96
N ARG H 453 63.24 56.35 1.48
CA ARG H 453 64.56 56.10 2.06
C ARG H 453 64.63 56.43 3.56
N ALA H 454 63.91 57.46 3.97
CA ALA H 454 63.96 57.91 5.36
C ALA H 454 63.41 56.87 6.34
N THR H 455 62.60 55.95 5.83
CA THR H 455 62.01 54.92 6.68
C THR H 455 63.02 53.83 7.01
N LEU H 456 64.19 53.88 6.38
CA LEU H 456 65.27 52.95 6.66
C LEU H 456 66.27 53.55 7.63
N ASN H 457 65.97 54.74 8.12
CA ASN H 457 66.83 55.41 9.09
C ASN H 457 66.72 54.78 10.48
N SER H 458 67.77 54.09 10.89
CA SER H 458 67.78 53.45 12.21
C SER H 458 68.23 54.41 13.31
N LYS H 459 67.66 54.23 14.49
CA LYS H 459 68.00 55.05 15.65
C LYS H 459 69.40 54.73 16.16
N TYR H 460 69.83 53.48 15.99
CA TYR H 460 71.10 53.04 16.57
C TYR H 460 72.12 52.58 15.53
N ALA H 461 71.65 51.88 14.50
CA ALA H 461 72.53 51.42 13.44
C ALA H 461 72.64 52.47 12.33
N ASP H 462 73.47 52.20 11.33
CA ASP H 462 73.61 53.12 10.21
C ASP H 462 72.33 53.13 9.38
N ILE H 463 71.69 51.98 9.29
CA ILE H 463 70.49 51.83 8.46
C ILE H 463 69.63 50.66 8.94
N ASN H 464 68.33 50.77 8.71
CA ASN H 464 67.39 49.68 8.99
C ASN H 464 67.35 48.67 7.87
N GLN H 465 67.14 47.41 8.23
CA GLN H 465 66.97 46.35 7.26
C GLN H 465 65.62 46.48 6.54
N ILE H 466 64.59 46.83 7.30
CA ILE H 466 63.25 46.95 6.74
C ILE H 466 62.60 48.28 7.11
N SER H 467 61.48 48.58 6.45
CA SER H 467 60.65 49.74 6.77
C SER H 467 59.53 49.36 7.73
N SER H 468 59.04 50.33 8.49
CA SER H 468 57.87 50.10 9.36
C SER H 468 56.62 50.68 8.72
N SER H 469 56.66 51.95 8.36
CA SER H 469 55.56 52.60 7.65
C SER H 469 55.45 51.91 6.28
N VAL H 470 56.14 52.45 5.28
CA VAL H 470 55.96 52.11 3.87
C VAL H 470 55.74 50.61 3.62
N LYS H 471 54.74 50.27 2.82
CA LYS H 471 54.40 48.88 2.53
C LYS H 471 54.90 48.41 1.17
N ALA H 472 55.46 49.33 0.38
CA ALA H 472 56.01 48.97 -0.92
C ALA H 472 57.36 48.29 -0.74
N SER H 473 57.31 47.06 -0.23
CA SER H 473 58.49 46.31 0.17
C SER H 473 59.52 46.13 -0.95
N SER H 474 59.05 45.89 -2.18
CA SER H 474 59.96 45.67 -3.31
C SER H 474 60.81 46.92 -3.56
N ILE H 475 60.20 48.09 -3.37
CA ILE H 475 60.92 49.34 -3.56
C ILE H 475 61.86 49.59 -2.37
N VAL H 476 61.35 49.30 -1.17
CA VAL H 476 62.14 49.49 0.04
C VAL H 476 63.40 48.62 0.03
N ALA H 477 63.25 47.38 -0.39
CA ALA H 477 64.37 46.45 -0.50
C ALA H 477 65.40 46.95 -1.51
N SER H 478 64.92 47.51 -2.62
CA SER H 478 65.80 48.09 -3.63
C SER H 478 66.53 49.30 -3.07
N LEU H 479 65.84 50.07 -2.24
CA LEU H 479 66.47 51.21 -1.56
C LEU H 479 67.57 50.75 -0.61
N PHE H 480 67.36 49.59 0.02
CA PHE H 480 68.36 49.01 0.91
C PHE H 480 69.60 48.59 0.13
N LEU H 481 69.40 47.82 -0.94
CA LEU H 481 70.49 47.32 -1.76
C LEU H 481 71.33 48.46 -2.37
N LYS H 482 70.65 49.54 -2.72
CA LYS H 482 71.27 50.72 -3.33
C LYS H 482 72.34 51.34 -2.44
N GLU H 483 72.19 51.17 -1.13
CA GLU H 483 73.16 51.69 -0.16
C GLU H 483 74.49 50.93 -0.17
N PHE H 484 74.53 49.82 -0.91
CA PHE H 484 75.72 48.98 -0.92
C PHE H 484 76.41 48.97 -2.29
N VAL H 485 76.01 49.88 -3.15
CA VAL H 485 76.69 50.12 -4.42
C VAL H 485 77.04 51.59 -4.54
N GLN H 486 78.32 51.91 -4.41
CA GLN H 486 78.74 53.30 -4.26
C GLN H 486 78.91 54.04 -5.58
N ASN H 487 79.59 53.43 -6.55
CA ASN H 487 79.88 54.14 -7.79
C ASN H 487 79.89 53.21 -9.00
N THR H 488 78.93 52.30 -9.05
CA THR H 488 78.84 51.38 -10.18
C THR H 488 77.40 51.28 -10.67
N ALA H 489 77.25 51.18 -11.99
CA ALA H 489 75.95 50.93 -12.61
C ALA H 489 75.39 49.61 -12.10
N TRP H 490 74.19 49.67 -11.52
CA TRP H 490 73.61 48.49 -10.89
C TRP H 490 72.12 48.35 -11.17
N ALA H 491 71.70 47.11 -11.39
CA ALA H 491 70.30 46.81 -11.62
C ALA H 491 69.89 45.59 -10.79
N HIS H 492 68.61 45.53 -10.44
CA HIS H 492 68.09 44.49 -9.56
C HIS H 492 66.81 43.92 -10.14
N ILE H 493 66.81 42.61 -10.38
CA ILE H 493 65.65 41.95 -10.95
C ILE H 493 64.94 41.09 -9.91
N ASP H 494 63.72 41.48 -9.53
CA ASP H 494 62.96 40.74 -8.54
C ASP H 494 62.09 39.69 -9.22
N ILE H 495 62.43 38.42 -9.01
CA ILE H 495 61.74 37.33 -9.70
C ILE H 495 60.94 36.45 -8.74
N ALA H 496 60.59 37.01 -7.58
CA ALA H 496 59.84 36.28 -6.56
C ALA H 496 58.47 35.83 -7.06
N GLY H 497 57.89 36.61 -7.97
CA GLY H 497 56.58 36.31 -8.50
C GLY H 497 56.57 35.42 -9.73
N VAL H 498 57.63 35.45 -10.52
CA VAL H 498 57.64 34.73 -11.80
C VAL H 498 58.44 33.43 -11.77
N SER H 499 59.19 33.20 -10.69
CA SER H 499 60.10 32.06 -10.63
C SER H 499 59.39 30.70 -10.68
N TRP H 500 58.33 30.56 -9.91
CA TRP H 500 57.60 29.31 -9.84
C TRP H 500 56.33 29.32 -10.69
N ASN H 501 56.12 28.25 -11.46
CA ASN H 501 54.90 28.09 -12.24
C ASN H 501 53.87 27.33 -11.42
N PHE H 502 52.98 28.08 -10.77
CA PHE H 502 52.01 27.50 -9.85
C PHE H 502 51.01 26.56 -10.52
N LYS H 503 50.61 26.88 -11.75
CA LYS H 503 49.68 26.03 -12.47
C LYS H 503 50.31 24.70 -12.87
N ALA H 504 51.55 24.74 -13.34
CA ALA H 504 52.23 23.53 -13.80
C ALA H 504 53.02 22.86 -12.66
N ARG H 505 53.10 23.52 -11.51
CA ARG H 505 53.80 23.01 -10.33
C ARG H 505 55.28 22.72 -10.58
N LYS H 506 55.98 23.63 -11.24
CA LYS H 506 57.39 23.45 -11.52
C LYS H 506 58.08 24.81 -11.72
N PRO H 507 59.42 24.85 -11.61
CA PRO H 507 60.10 26.12 -11.85
C PRO H 507 60.08 26.53 -13.31
N LYS H 508 60.37 27.79 -13.58
CA LYS H 508 60.45 28.28 -14.95
C LYS H 508 61.90 28.38 -15.43
N GLY H 509 62.84 28.44 -14.49
CA GLY H 509 64.22 28.69 -14.81
C GLY H 509 64.35 30.10 -15.33
N PHE H 510 63.51 30.99 -14.80
CA PHE H 510 63.42 32.36 -15.26
C PHE H 510 64.73 33.11 -15.07
N GLY H 511 65.16 33.82 -16.11
CA GLY H 511 66.32 34.68 -16.01
C GLY H 511 67.53 34.21 -16.79
N VAL H 512 67.61 32.91 -17.05
CA VAL H 512 68.76 32.33 -17.73
C VAL H 512 68.94 32.94 -19.12
N ARG H 513 67.88 32.91 -19.92
CA ARG H 513 67.93 33.45 -21.27
C ARG H 513 68.05 34.98 -21.25
N LEU H 514 67.41 35.61 -20.27
CA LEU H 514 67.48 37.06 -20.10
C LEU H 514 68.92 37.51 -19.83
N LEU H 515 69.57 36.86 -18.86
CA LEU H 515 70.93 37.24 -18.49
C LEU H 515 71.95 36.94 -19.59
N THR H 516 71.73 35.84 -20.30
CA THR H 516 72.66 35.44 -21.36
C THR H 516 72.58 36.41 -22.53
N GLU H 517 71.36 36.77 -22.93
CA GLU H 517 71.15 37.75 -23.98
C GLU H 517 71.77 39.09 -23.59
N PHE H 518 71.68 39.40 -22.30
CA PHE H 518 72.28 40.63 -21.76
C PHE H 518 73.78 40.63 -21.99
N VAL H 519 74.40 39.47 -21.74
CA VAL H 519 75.82 39.28 -21.91
C VAL H 519 76.23 39.26 -23.39
N LEU H 520 75.42 38.57 -24.20
CA LEU H 520 75.74 38.36 -25.60
C LEU H 520 75.68 39.62 -26.45
N ASN H 521 74.61 40.40 -26.28
CA ASN H 521 74.42 41.59 -27.11
C ASN H 521 75.11 42.84 -26.57
N ASP H 522 75.86 42.68 -25.48
CA ASP H 522 76.65 43.77 -24.93
C ASP H 522 78.08 43.75 -25.48
N SER I 5 82.62 33.71 31.88
CA SER I 5 83.07 35.02 31.39
C SER I 5 83.31 35.02 29.88
N GLU I 6 83.56 33.85 29.30
CA GLU I 6 83.77 33.78 27.86
C GLU I 6 82.44 33.66 27.11
N VAL I 7 82.19 34.63 26.23
CA VAL I 7 80.97 34.64 25.43
C VAL I 7 81.12 33.68 24.24
N PRO I 8 80.26 32.67 24.18
CA PRO I 8 80.30 31.73 23.05
C PRO I 8 79.96 32.42 21.73
N GLN I 9 80.54 31.93 20.64
CA GLN I 9 80.32 32.51 19.32
C GLN I 9 79.98 31.46 18.27
N VAL I 10 79.20 31.87 17.28
CA VAL I 10 78.94 31.03 16.12
C VAL I 10 79.97 31.33 15.04
N VAL I 11 80.21 32.62 14.81
CA VAL I 11 81.25 33.08 13.91
C VAL I 11 82.13 34.10 14.61
N SER I 12 83.31 34.35 14.06
CA SER I 12 84.26 35.26 14.70
C SER I 12 83.77 36.70 14.72
N LEU I 13 82.75 36.99 13.91
CA LEU I 13 82.23 38.35 13.83
C LEU I 13 81.20 38.63 14.92
N ASP I 14 80.82 37.60 15.66
CA ASP I 14 79.91 37.77 16.79
C ASP I 14 80.59 38.52 17.92
N PRO I 15 79.94 39.58 18.42
CA PRO I 15 80.48 40.40 19.51
C PRO I 15 80.60 39.62 20.81
N THR I 16 81.61 39.95 21.61
CA THR I 16 81.88 39.22 22.85
C THR I 16 81.71 40.09 24.10
N SER I 17 81.19 41.30 23.92
CA SER I 17 80.92 42.17 25.05
C SER I 17 79.95 43.28 24.67
N ILE I 18 79.27 43.83 25.66
CA ILE I 18 78.39 44.98 25.45
C ILE I 18 79.18 46.27 25.53
N PRO I 19 79.20 47.05 24.44
CA PRO I 19 79.88 48.36 24.51
C PRO I 19 79.19 49.31 25.48
N ILE I 20 79.96 49.85 26.41
CA ILE I 20 79.42 50.76 27.42
C ILE I 20 80.21 52.06 27.49
N GLU I 21 79.50 53.18 27.41
CA GLU I 21 80.10 54.49 27.57
C GLU I 21 79.93 54.98 29.00
N TYR I 22 81.04 55.05 29.75
CA TYR I 22 81.02 55.49 31.13
C TYR I 22 81.23 57.00 31.22
N ASN I 23 82.24 57.49 30.50
CA ASN I 23 82.50 58.92 30.47
C ASN I 23 81.72 59.58 29.34
N THR I 24 80.56 60.12 29.67
CA THR I 24 79.69 60.75 28.69
C THR I 24 79.97 62.24 28.64
N PRO I 25 79.64 62.88 27.50
CA PRO I 25 79.80 64.34 27.39
C PRO I 25 79.05 65.10 28.49
N ILE I 26 78.01 64.50 29.04
CA ILE I 26 77.27 65.11 30.14
C ILE I 26 78.16 65.29 31.37
N HIS I 27 79.03 64.32 31.61
CA HIS I 27 79.93 64.40 32.76
C HIS I 27 80.98 65.48 32.61
N ASP I 28 81.18 65.94 31.39
CA ASP I 28 82.19 66.96 31.10
C ASP I 28 81.59 68.36 31.19
N ILE I 29 80.31 68.43 31.49
CA ILE I 29 79.60 69.71 31.61
C ILE I 29 79.80 70.31 33.00
N LYS I 30 80.34 71.53 33.05
CA LYS I 30 80.47 72.23 34.31
C LYS I 30 79.16 72.93 34.63
N VAL I 31 78.57 72.59 35.76
CA VAL I 31 77.28 73.15 36.15
C VAL I 31 77.41 74.12 37.31
N GLN I 32 76.93 75.35 37.10
CA GLN I 32 76.95 76.38 38.13
C GLN I 32 75.54 76.86 38.45
N VAL I 33 75.23 77.01 39.73
CA VAL I 33 73.92 77.52 40.13
C VAL I 33 74.02 78.87 40.85
N TYR I 34 73.37 79.89 40.30
CA TYR I 34 73.38 81.24 40.88
C TYR I 34 71.99 81.64 41.38
N ASP I 35 71.95 82.60 42.30
CA ASP I 35 70.68 83.11 42.83
C ASP I 35 70.02 84.17 41.95
N ILE I 36 68.69 84.09 41.83
CA ILE I 36 67.93 84.99 40.96
C ILE I 36 68.01 86.49 41.36
N LYS I 37 68.22 86.80 42.66
CA LYS I 37 68.28 88.19 43.14
C LYS I 37 69.58 88.94 42.79
N GLY I 38 70.64 88.21 42.46
CA GLY I 38 71.91 88.85 42.13
C GLY I 38 71.96 89.35 40.71
N GLY I 39 70.91 89.06 39.95
CA GLY I 39 70.82 89.47 38.57
C GLY I 39 71.45 88.46 37.64
N CYS I 40 71.04 88.48 36.38
CA CYS I 40 71.56 87.53 35.39
C CYS I 40 72.59 88.18 34.48
N ASN I 41 73.68 87.47 34.23
CA ASN I 41 74.65 87.94 33.25
C ASN I 41 74.43 87.23 31.93
N VAL I 42 74.31 87.99 30.86
CA VAL I 42 74.07 87.41 29.56
C VAL I 42 75.25 87.71 28.66
N GLU I 43 76.23 86.81 28.63
CA GLU I 43 77.46 87.03 27.90
C GLU I 43 77.62 86.04 26.74
N GLU I 44 78.18 84.88 27.05
CA GLU I 44 78.45 83.81 26.10
C GLU I 44 77.29 82.84 25.98
N GLY I 45 77.29 82.09 24.88
CA GLY I 45 76.36 81.00 24.66
C GLY I 45 74.89 81.38 24.45
N LEU I 46 74.00 80.49 24.86
CA LEU I 46 72.55 80.70 24.70
C LEU I 46 71.90 80.83 26.08
N THR I 47 71.09 81.86 26.27
CA THR I 47 70.41 82.05 27.55
C THR I 47 68.91 81.88 27.40
N ILE I 48 68.35 80.91 28.10
CA ILE I 48 66.93 80.58 27.98
C ILE I 48 66.17 80.85 29.26
N PHE I 49 65.10 81.63 29.15
CA PHE I 49 64.24 81.93 30.29
C PHE I 49 63.04 80.98 30.35
N LEU I 50 62.84 80.34 31.50
CA LEU I 50 61.65 79.53 31.69
C LEU I 50 60.55 80.40 32.28
N VAL I 51 59.56 80.74 31.46
CA VAL I 51 58.54 81.70 31.89
C VAL I 51 57.13 81.14 31.76
N ASN I 52 56.23 81.58 32.64
CA ASN I 52 54.83 81.21 32.56
C ASN I 52 53.91 82.41 32.73
N ASN I 53 52.60 82.16 32.70
CA ASN I 53 51.62 83.20 32.99
C ASN I 53 50.39 82.56 33.62
N PRO I 54 50.33 82.60 34.95
CA PRO I 54 49.31 82.05 35.85
C PRO I 54 47.86 82.38 35.47
N GLY I 55 47.10 81.32 35.18
CA GLY I 55 45.73 81.42 34.67
C GLY I 55 45.42 82.41 33.56
N LYS I 56 46.44 82.79 32.80
CA LYS I 56 46.23 83.61 31.61
C LYS I 56 46.50 82.76 30.37
N GLU I 57 45.51 81.94 30.00
CA GLU I 57 45.59 81.07 28.82
C GLU I 57 46.28 81.72 27.62
N ASN I 58 47.30 81.03 27.10
CA ASN I 58 48.44 81.65 26.41
C ASN I 58 48.62 83.12 26.72
N GLY I 59 49.32 83.43 27.79
CA GLY I 59 49.53 84.80 28.20
C GLY I 59 50.77 85.40 27.58
N PRO I 60 50.93 86.72 27.68
CA PRO I 60 52.14 87.37 27.15
C PRO I 60 53.39 87.01 27.95
N VAL I 61 54.54 87.04 27.30
CA VAL I 61 55.79 86.76 27.99
C VAL I 61 56.26 88.00 28.74
N LYS I 62 56.63 87.82 30.00
CA LYS I 62 57.19 88.89 30.79
C LYS I 62 58.41 88.40 31.55
N ILE I 63 59.56 89.03 31.30
CA ILE I 63 60.79 88.62 31.97
C ILE I 63 60.89 89.40 33.28
N SER I 64 60.83 88.67 34.39
CA SER I 64 60.81 89.28 35.71
C SER I 64 62.21 89.45 36.28
N SER I 65 63.12 88.54 35.91
CA SER I 65 64.47 88.54 36.45
C SER I 65 65.21 89.82 36.07
N LYS I 66 66.05 90.30 36.98
CA LYS I 66 66.87 91.47 36.69
C LYS I 66 68.06 91.02 35.85
N VAL I 67 68.31 91.71 34.75
CA VAL I 67 69.40 91.35 33.87
C VAL I 67 70.50 92.40 33.95
N ASN I 68 71.71 91.95 34.27
CA ASN I 68 72.84 92.84 34.45
C ASN I 68 73.43 93.30 33.12
N ASP I 69 72.56 93.74 32.21
CA ASP I 69 72.97 94.25 30.91
C ASP I 69 71.91 95.20 30.38
N LYS I 70 72.30 96.46 30.14
CA LYS I 70 71.35 97.47 29.71
C LYS I 70 70.74 97.17 28.34
N GLN I 71 71.59 96.73 27.41
CA GLN I 71 71.14 96.41 26.06
C GLN I 71 70.19 95.23 26.03
N VAL I 72 70.52 94.17 26.77
CA VAL I 72 69.68 92.98 26.82
C VAL I 72 68.38 93.25 27.58
N SER I 73 68.46 94.05 28.64
CA SER I 73 67.28 94.37 29.42
C SER I 73 66.30 95.21 28.61
N GLU I 74 66.85 96.07 27.75
CA GLU I 74 66.03 96.88 26.85
C GLU I 74 65.33 96.00 25.82
N PHE I 75 66.04 94.99 25.34
CA PHE I 75 65.48 94.06 24.36
C PHE I 75 64.32 93.29 25.00
N LEU I 76 64.49 92.96 26.28
CA LEU I 76 63.53 92.10 26.99
C LEU I 76 62.39 92.86 27.68
N LYS I 77 62.23 94.14 27.35
CA LYS I 77 61.15 94.94 27.93
C LYS I 77 59.79 94.36 27.54
N ASP I 78 58.81 94.58 28.40
CA ASP I 78 57.47 93.99 28.22
C ASP I 78 56.89 94.30 26.86
N GLU I 79 57.09 95.54 26.41
CA GLU I 79 56.58 96.01 25.14
C GLU I 79 57.12 95.18 23.97
N ASN I 80 58.38 94.76 24.11
CA ASN I 80 59.04 93.96 23.08
C ASN I 80 58.58 92.49 23.11
N MET I 81 58.32 92.01 24.32
CA MET I 81 58.04 90.59 24.56
C MET I 81 56.57 90.18 24.39
N GLU I 82 55.66 91.16 24.34
CA GLU I 82 54.23 90.86 24.34
C GLU I 82 53.74 90.14 23.08
N LYS I 83 54.54 90.15 22.02
CA LYS I 83 54.16 89.46 20.79
C LYS I 83 54.29 87.95 20.95
N PHE I 84 54.96 87.52 22.02
CA PHE I 84 55.15 86.10 22.28
C PHE I 84 54.29 85.61 23.44
N ASN I 85 53.91 84.34 23.40
CA ASN I 85 53.06 83.76 24.45
C ASN I 85 53.72 82.59 25.18
N VAL I 86 53.11 82.18 26.29
CA VAL I 86 53.72 81.21 27.20
C VAL I 86 53.19 79.79 27.05
N LYS I 87 52.52 79.50 25.94
CA LYS I 87 52.00 78.17 25.67
C LYS I 87 53.04 77.08 25.92
N LEU I 88 52.65 76.06 26.68
CA LEU I 88 53.54 74.98 27.07
C LEU I 88 54.26 74.35 25.88
N GLY I 89 55.59 74.39 25.90
CA GLY I 89 56.40 73.80 24.85
C GLY I 89 56.82 74.77 23.76
N THR I 90 56.23 75.96 23.77
CA THR I 90 56.57 77.00 22.79
C THR I 90 57.93 77.62 23.09
N SER I 91 58.72 77.86 22.05
CA SER I 91 60.02 78.50 22.23
C SER I 91 60.37 79.45 21.07
N LYS I 92 61.19 80.45 21.39
CA LYS I 92 61.75 81.39 20.41
C LYS I 92 63.20 81.71 20.69
N HIS I 93 63.96 81.95 19.63
CA HIS I 93 65.35 82.37 19.74
C HIS I 93 65.47 83.86 19.47
N PHE I 94 66.28 84.56 20.26
CA PHE I 94 66.45 86.01 20.06
C PHE I 94 67.91 86.28 19.78
N TYR I 95 68.18 87.23 18.88
CA TYR I 95 69.55 87.63 18.59
C TYR I 95 69.77 89.10 18.91
N MET I 96 70.84 89.41 19.63
CA MET I 96 71.10 90.80 20.00
C MET I 96 72.56 91.04 20.40
N PHE I 97 72.90 92.31 20.60
CA PHE I 97 74.21 92.69 21.10
C PHE I 97 74.11 93.14 22.55
N ASN I 98 75.08 92.75 23.38
CA ASN I 98 75.07 93.18 24.77
C ASN I 98 75.79 94.52 24.94
N ASP I 99 76.09 94.87 26.19
CA ASP I 99 76.75 96.13 26.51
C ASP I 99 78.15 96.22 25.93
N ASN I 100 78.81 95.07 25.79
CA ASN I 100 80.18 95.03 25.30
C ASN I 100 80.25 94.88 23.79
N LYS I 101 79.14 95.18 23.12
CA LYS I 101 79.04 95.06 21.66
C LYS I 101 79.35 93.66 21.17
N ASN I 102 79.03 92.66 22.00
CA ASN I 102 79.21 91.26 21.64
C ASN I 102 77.91 90.61 21.17
N SER I 103 78.03 89.68 20.23
CA SER I 103 76.88 88.95 19.72
C SER I 103 76.38 87.97 20.77
N VAL I 104 75.09 88.03 21.10
CA VAL I 104 74.52 87.16 22.13
C VAL I 104 73.23 86.47 21.64
N ALA I 105 72.95 85.28 22.17
CA ALA I 105 71.72 84.56 21.87
C ALA I 105 70.86 84.36 23.13
N VAL I 106 69.61 84.77 23.04
CA VAL I 106 68.68 84.73 24.15
C VAL I 106 67.37 84.09 23.68
N GLY I 107 66.62 83.45 24.57
CA GLY I 107 65.34 82.89 24.21
C GLY I 107 64.50 82.51 25.41
N TYR I 108 63.38 81.85 25.18
CA TYR I 108 62.52 81.41 26.27
C TYR I 108 61.80 80.11 25.92
N VAL I 109 61.28 79.44 26.95
CA VAL I 109 60.41 78.29 26.76
C VAL I 109 59.13 78.45 27.57
N GLY I 110 57.98 78.33 26.88
CA GLY I 110 56.69 78.47 27.52
C GLY I 110 56.36 77.34 28.46
N CYS I 111 55.93 77.68 29.68
CA CYS I 111 55.59 76.69 30.68
C CYS I 111 54.11 76.70 31.04
N GLY I 112 53.28 77.17 30.11
CA GLY I 112 51.83 77.13 30.29
C GLY I 112 51.30 78.16 31.27
N SER I 113 50.15 77.86 31.87
CA SER I 113 49.47 78.80 32.76
C SER I 113 49.24 78.23 34.15
N VAL I 114 49.69 76.99 34.37
CA VAL I 114 49.53 76.34 35.66
C VAL I 114 50.78 76.50 36.51
N ALA I 115 50.59 76.93 37.75
CA ALA I 115 51.70 77.21 38.67
C ALA I 115 52.54 75.97 38.96
N ASP I 116 51.87 74.84 39.16
CA ASP I 116 52.55 73.59 39.49
C ASP I 116 52.66 72.67 38.27
N LEU I 117 53.87 72.55 37.74
CA LEU I 117 54.12 71.72 36.56
C LEU I 117 54.07 70.24 36.91
N SER I 118 53.43 69.45 36.06
CA SER I 118 53.38 68.00 36.23
C SER I 118 54.64 67.37 35.65
N GLU I 119 54.83 66.08 35.92
CA GLU I 119 55.95 65.34 35.36
C GLU I 119 55.95 65.47 33.83
N ALA I 120 54.75 65.37 33.24
CA ALA I 120 54.59 65.45 31.79
C ALA I 120 54.87 66.87 31.29
N ASP I 121 54.43 67.87 32.05
CA ASP I 121 54.66 69.27 31.67
C ASP I 121 56.14 69.60 31.63
N MET I 122 56.86 69.24 32.68
CA MET I 122 58.30 69.51 32.76
C MET I 122 59.08 68.83 31.64
N LYS I 123 58.65 67.61 31.28
CA LYS I 123 59.31 66.89 30.20
C LYS I 123 59.16 67.61 28.86
N ARG I 124 57.96 68.13 28.61
CA ARG I 124 57.70 68.87 27.38
C ARG I 124 58.53 70.13 27.34
N VAL I 125 58.69 70.78 28.48
CA VAL I 125 59.53 71.96 28.59
C VAL I 125 60.97 71.59 28.26
N VAL I 126 61.44 70.50 28.86
CA VAL I 126 62.79 70.00 28.61
C VAL I 126 62.97 69.63 27.15
N LEU I 127 61.99 68.92 26.60
CA LEU I 127 62.06 68.50 25.20
C LEU I 127 62.17 69.70 24.27
N SER I 128 61.44 70.77 24.57
CA SER I 128 61.53 72.00 23.79
C SER I 128 62.92 72.62 23.93
N LEU I 129 63.47 72.55 25.13
CA LEU I 129 64.80 73.05 25.41
C LEU I 129 65.85 72.28 24.62
N VAL I 130 65.70 70.96 24.55
CA VAL I 130 66.65 70.12 23.85
C VAL I 130 66.66 70.39 22.34
N THR I 131 65.50 70.71 21.78
CA THR I 131 65.40 71.04 20.36
C THR I 131 66.26 72.26 20.03
N MET I 132 66.34 73.19 20.97
CA MET I 132 67.16 74.38 20.80
C MET I 132 68.63 74.02 20.88
N LEU I 133 68.95 73.01 21.67
CA LEU I 133 70.34 72.55 21.81
C LEU I 133 70.79 71.78 20.59
N HIS I 134 69.87 71.05 19.97
CA HIS I 134 70.17 70.27 18.79
C HIS I 134 70.29 71.17 17.57
N ASP I 135 71.22 70.84 16.68
CA ASP I 135 71.47 71.60 15.45
C ASP I 135 71.90 73.04 15.68
N ASN I 136 72.41 73.33 16.88
CA ASN I 136 73.11 74.57 17.12
C ASN I 136 74.38 74.28 17.90
N LYS I 137 75.52 74.47 17.24
CA LYS I 137 76.84 74.33 17.85
C LYS I 137 77.11 75.30 19.02
N LEU I 138 76.47 75.08 20.16
CA LEU I 138 76.66 75.96 21.32
C LEU I 138 77.74 75.46 22.27
N SER I 139 78.37 76.39 22.99
CA SER I 139 79.39 76.02 23.97
C SER I 139 78.84 76.05 25.39
N LYS I 140 77.87 76.92 25.65
CA LYS I 140 77.28 77.01 26.98
C LYS I 140 75.80 77.33 26.92
N LEU I 141 75.02 76.67 27.77
CA LEU I 141 73.61 76.97 27.95
C LEU I 141 73.36 77.53 29.34
N THR I 142 72.56 78.59 29.41
CA THR I 142 72.17 79.17 30.69
C THR I 142 70.64 79.14 30.83
N VAL I 143 70.17 78.54 31.91
CA VAL I 143 68.73 78.44 32.13
C VAL I 143 68.29 79.30 33.32
N VAL I 144 67.36 80.21 33.07
CA VAL I 144 66.87 81.10 34.11
C VAL I 144 65.46 80.70 34.54
N PHE I 145 65.35 80.26 35.79
CA PHE I 145 64.08 79.80 36.33
C PHE I 145 63.20 80.94 36.83
N GLU I 146 62.22 81.33 36.01
CA GLU I 146 61.23 82.31 36.42
C GLU I 146 59.92 81.61 36.77
N ILE I 147 60.04 80.38 37.24
CA ILE I 147 58.90 79.60 37.69
C ILE I 147 59.19 78.96 39.03
N ASN I 148 58.16 78.48 39.71
CA ASN I 148 58.34 77.83 41.01
C ASN I 148 58.50 76.32 40.86
N VAL I 149 59.61 75.80 41.35
CA VAL I 149 59.85 74.36 41.36
C VAL I 149 60.44 73.93 42.71
N ASP I 150 60.01 72.78 43.21
CA ASP I 150 60.60 72.24 44.42
C ASP I 150 61.92 71.51 44.09
N LYS I 151 62.59 70.98 45.10
CA LYS I 151 63.89 70.35 44.90
C LYS I 151 63.82 69.13 43.99
N ASN I 152 62.76 68.33 44.14
CA ASN I 152 62.58 67.15 43.31
C ASN I 152 62.35 67.46 41.83
N LEU I 153 61.55 68.49 41.58
CA LEU I 153 61.24 68.86 40.20
C LEU I 153 62.45 69.50 39.53
N PHE I 154 63.24 70.22 40.31
CA PHE I 154 64.46 70.81 39.80
C PHE I 154 65.45 69.72 39.40
N ARG I 155 65.57 68.70 40.25
CA ARG I 155 66.42 67.56 39.97
C ARG I 155 65.92 66.81 38.74
N PHE I 156 64.60 66.66 38.66
CA PHE I 156 63.97 66.01 37.53
C PHE I 156 64.26 66.74 36.24
N PHE I 157 64.28 68.07 36.31
CA PHE I 157 64.61 68.90 35.16
C PHE I 157 66.00 68.54 34.63
N LEU I 158 66.97 68.47 35.53
CA LEU I 158 68.35 68.16 35.16
C LEU I 158 68.50 66.74 34.65
N GLU I 159 67.92 65.77 35.35
CA GLU I 159 67.96 64.37 34.92
C GLU I 159 67.43 64.20 33.50
N THR I 160 66.26 64.77 33.26
CA THR I 160 65.58 64.67 31.96
C THR I 160 66.36 65.43 30.88
N LEU I 161 66.85 66.62 31.24
CA LEU I 161 67.66 67.40 30.31
C LEU I 161 68.89 66.63 29.86
N PHE I 162 69.63 66.08 30.82
CA PHE I 162 70.84 65.31 30.52
C PHE I 162 70.52 64.09 29.66
N TYR I 163 69.46 63.37 30.02
CA TYR I 163 69.10 62.13 29.36
C TYR I 163 68.70 62.35 27.89
N GLU I 164 67.90 63.38 27.63
CA GLU I 164 67.43 63.64 26.27
C GLU I 164 68.50 64.28 25.41
N TYR I 165 69.38 65.05 26.02
CA TYR I 165 70.47 65.72 25.31
C TYR I 165 71.47 64.69 24.78
N MET I 166 71.73 63.68 25.58
CA MET I 166 72.69 62.63 25.26
C MET I 166 72.22 61.76 24.09
N THR I 167 73.14 61.44 23.19
CA THR I 167 72.81 60.63 22.03
C THR I 167 73.67 59.36 21.99
N ASP I 168 73.01 58.21 21.84
CA ASP I 168 73.69 56.93 21.82
C ASP I 168 74.21 56.59 20.43
N GLU I 169 75.53 56.60 20.27
CA GLU I 169 76.15 56.35 18.98
C GLU I 169 77.05 55.12 19.00
N ARG I 170 76.83 54.24 19.97
CA ARG I 170 77.66 53.05 20.15
C ARG I 170 77.65 52.15 18.92
N PHE I 171 76.52 52.11 18.21
CA PHE I 171 76.36 51.18 17.10
C PHE I 171 76.35 51.91 15.76
N LYS I 172 76.68 53.19 15.77
CA LYS I 172 76.86 53.94 14.53
C LYS I 172 78.27 53.77 14.00
N SER I 173 78.42 53.53 12.71
CA SER I 173 79.75 53.42 12.11
C SER I 173 79.94 54.45 11.00
N THR I 174 79.17 54.32 9.92
CA THR I 174 79.32 55.18 8.75
C THR I 174 78.36 56.36 8.82
N ASP I 175 77.38 56.28 9.71
CA ASP I 175 76.33 57.30 9.81
C ASP I 175 76.43 58.07 11.14
N LYS I 176 77.66 58.29 11.60
CA LYS I 176 77.88 59.10 12.80
C LYS I 176 77.55 60.56 12.51
N ASN I 177 76.90 61.22 13.47
CA ASN I 177 76.54 62.61 13.30
C ASN I 177 77.79 63.48 13.33
N VAL I 178 78.15 64.03 12.16
CA VAL I 178 79.33 64.87 12.01
C VAL I 178 79.19 66.17 12.80
N ASN I 179 77.95 66.58 13.05
CA ASN I 179 77.67 67.86 13.68
C ASN I 179 77.44 67.80 15.19
N MET I 180 77.68 66.65 15.81
CA MET I 180 77.45 66.56 17.25
C MET I 180 78.53 67.36 17.98
N GLU I 181 78.08 68.18 18.93
CA GLU I 181 78.98 69.03 19.71
C GLU I 181 78.31 69.46 20.99
N TYR I 182 78.59 68.75 22.08
CA TYR I 182 77.91 69.04 23.34
C TYR I 182 78.43 70.31 23.99
N ILE I 183 77.54 70.98 24.73
CA ILE I 183 77.92 72.15 25.53
C ILE I 183 78.92 71.74 26.59
N LYS I 184 79.76 72.67 27.02
CA LYS I 184 80.77 72.37 28.02
C LYS I 184 80.43 73.00 29.37
N HIS I 185 79.51 73.96 29.34
CA HIS I 185 79.14 74.69 30.54
C HIS I 185 77.62 74.83 30.65
N LEU I 186 77.10 74.63 31.86
CA LEU I 186 75.67 74.84 32.13
C LEU I 186 75.45 75.79 33.30
N GLY I 187 74.86 76.94 33.04
CA GLY I 187 74.55 77.89 34.09
C GLY I 187 73.08 77.87 34.46
N VAL I 188 72.79 77.90 35.76
CA VAL I 188 71.40 77.91 36.22
C VAL I 188 71.11 79.04 37.20
N TYR I 189 70.13 79.87 36.87
CA TYR I 189 69.67 80.94 37.76
C TYR I 189 68.31 80.65 38.41
N ILE I 190 68.28 80.68 39.74
CA ILE I 190 67.09 80.39 40.53
C ILE I 190 67.22 81.06 41.92
N ASN I 191 66.09 81.37 42.54
CA ASN I 191 66.13 81.92 43.90
C ASN I 191 66.44 80.82 44.91
N ASN I 192 67.05 81.25 46.02
CA ASN I 192 67.52 80.32 47.00
C ASN I 192 68.30 79.18 46.38
N ALA I 193 69.33 79.55 45.64
CA ALA I 193 70.14 78.60 44.89
C ALA I 193 70.81 77.57 45.79
N ASP I 194 71.21 78.00 46.98
CA ASP I 194 71.98 77.15 47.89
C ASP I 194 71.25 75.87 48.26
N THR I 195 69.92 75.93 48.32
CA THR I 195 69.13 74.75 48.63
C THR I 195 69.10 73.78 47.45
N TYR I 196 69.27 74.31 46.24
CA TYR I 196 69.18 73.52 45.02
C TYR I 196 70.51 72.97 44.54
N LYS I 197 71.61 73.49 45.08
CA LYS I 197 72.94 73.09 44.64
C LYS I 197 73.20 71.61 44.89
N GLU I 198 72.64 71.08 45.97
CA GLU I 198 72.83 69.68 46.31
C GLU I 198 72.13 68.75 45.33
N GLU I 199 71.17 69.28 44.59
CA GLU I 199 70.39 68.47 43.66
C GLU I 199 71.15 68.24 42.35
N VAL I 200 72.15 69.09 42.10
CA VAL I 200 72.89 69.03 40.85
C VAL I 200 73.61 67.71 40.65
N GLU I 201 74.50 67.37 41.56
CA GLU I 201 75.29 66.16 41.42
C GLU I 201 74.44 64.90 41.58
N LYS I 202 73.38 65.00 42.39
CA LYS I 202 72.45 63.89 42.55
C LYS I 202 71.74 63.61 41.23
N ALA I 203 71.36 64.67 40.52
CA ALA I 203 70.74 64.54 39.22
C ALA I 203 71.67 63.86 38.24
N ARG I 204 72.96 64.22 38.32
CA ARG I 204 73.96 63.66 37.43
C ARG I 204 74.12 62.16 37.70
N VAL I 205 74.04 61.78 38.96
CA VAL I 205 74.10 60.37 39.34
C VAL I 205 72.86 59.64 38.83
N TYR I 206 71.69 60.22 39.06
CA TYR I 206 70.44 59.64 38.61
C TYR I 206 70.41 59.55 37.08
N TYR I 207 70.97 60.56 36.43
CA TYR I 207 71.08 60.56 34.97
C TYR I 207 71.77 59.31 34.47
N PHE I 208 72.97 59.05 34.96
CA PHE I 208 73.78 57.95 34.44
C PHE I 208 73.18 56.61 34.82
N GLY I 209 72.60 56.51 36.01
CA GLY I 209 71.94 55.29 36.41
C GLY I 209 70.88 54.91 35.40
N THR I 210 70.10 55.91 34.98
CA THR I 210 69.08 55.71 33.97
C THR I 210 69.71 55.41 32.62
N TYR I 211 70.71 56.21 32.26
CA TYR I 211 71.35 56.10 30.95
C TYR I 211 72.13 54.79 30.81
N TYR I 212 72.68 54.30 31.92
CA TYR I 212 73.38 53.02 31.93
C TYR I 212 72.39 51.92 31.60
N ALA I 213 71.23 51.96 32.26
CA ALA I 213 70.16 51.00 32.00
C ALA I 213 69.70 51.12 30.55
N SER I 214 69.62 52.35 30.05
CA SER I 214 69.25 52.62 28.68
C SER I 214 70.23 51.95 27.70
N GLN I 215 71.51 52.05 27.99
CA GLN I 215 72.54 51.46 27.14
C GLN I 215 72.43 49.93 27.10
N LEU I 216 72.11 49.34 28.24
CA LEU I 216 71.97 47.88 28.31
C LEU I 216 70.73 47.41 27.56
N ILE I 217 69.61 48.11 27.76
CA ILE I 217 68.36 47.73 27.11
C ILE I 217 68.45 47.90 25.60
N ALA I 218 68.96 49.04 25.15
CA ALA I 218 69.03 49.34 23.73
C ALA I 218 69.98 48.39 23.00
N ALA I 219 70.97 47.87 23.72
CA ALA I 219 71.90 46.90 23.16
C ALA I 219 71.16 45.67 22.66
N PRO I 220 71.34 45.34 21.38
CA PRO I 220 70.68 44.20 20.74
C PRO I 220 71.09 42.87 21.36
N SER I 221 70.31 41.83 21.08
CA SER I 221 70.51 40.54 21.74
C SER I 221 71.77 39.81 21.32
N ASN I 222 72.36 40.18 20.17
CA ASN I 222 73.63 39.58 19.79
C ASN I 222 74.77 40.20 20.57
N TYR I 223 74.59 41.45 20.98
CA TYR I 223 75.56 42.10 21.87
C TYR I 223 75.28 41.80 23.33
N CYS I 224 74.01 41.94 23.72
CA CYS I 224 73.63 41.75 25.11
C CYS I 224 73.02 40.37 25.33
N ASN I 225 73.85 39.44 25.80
CA ASN I 225 73.42 38.08 26.07
C ASN I 225 73.65 37.74 27.55
N PRO I 226 73.14 36.59 28.02
CA PRO I 226 73.31 36.26 29.44
C PRO I 226 74.76 36.33 29.94
N VAL I 227 75.72 35.94 29.10
CA VAL I 227 77.11 35.99 29.50
C VAL I 227 77.63 37.43 29.54
N SER I 228 77.43 38.16 28.44
CA SER I 228 77.95 39.52 28.31
C SER I 228 77.30 40.49 29.31
N LEU I 229 76.03 40.27 29.60
CA LEU I 229 75.32 41.12 30.54
C LEU I 229 75.83 40.87 31.96
N SER I 230 76.04 39.61 32.30
CA SER I 230 76.56 39.26 33.61
C SER I 230 78.01 39.73 33.78
N ASN I 231 78.78 39.70 32.70
CA ASN I 231 80.13 40.24 32.71
C ASN I 231 80.14 41.73 32.98
N ALA I 232 79.19 42.45 32.37
CA ALA I 232 79.06 43.88 32.56
C ALA I 232 78.71 44.25 34.00
N ALA I 233 77.86 43.44 34.62
CA ALA I 233 77.47 43.65 36.01
C ALA I 233 78.66 43.52 36.94
N VAL I 234 79.50 42.52 36.69
CA VAL I 234 80.72 42.31 37.47
C VAL I 234 81.63 43.53 37.37
N GLU I 235 81.83 43.99 36.14
CA GLU I 235 82.66 45.15 35.86
C GLU I 235 82.12 46.38 36.61
N LEU I 236 80.80 46.49 36.66
CA LEU I 236 80.16 47.59 37.38
C LEU I 236 80.42 47.47 38.88
N ALA I 237 80.26 46.27 39.41
CA ALA I 237 80.48 46.01 40.82
C ALA I 237 81.93 46.29 41.22
N GLN I 238 82.86 45.95 40.33
CA GLN I 238 84.28 46.16 40.59
C GLN I 238 84.60 47.65 40.66
N LYS I 239 83.96 48.43 39.80
CA LYS I 239 84.16 49.88 39.76
C LYS I 239 83.55 50.56 40.99
N LEU I 240 82.55 49.92 41.58
CA LEU I 240 81.81 50.50 42.71
C LEU I 240 82.17 49.86 44.05
N ASN I 241 83.11 48.90 44.02
CA ASN I 241 83.47 48.13 45.20
C ASN I 241 82.25 47.52 45.87
N LEU I 242 81.44 46.85 45.06
CA LEU I 242 80.32 46.07 45.58
C LEU I 242 80.74 44.61 45.58
N GLU I 243 80.28 43.87 46.58
CA GLU I 243 80.47 42.42 46.57
C GLU I 243 79.64 41.86 45.43
N TYR I 244 80.21 40.90 44.70
CA TYR I 244 79.49 40.30 43.58
C TYR I 244 79.69 38.80 43.50
N LYS I 245 78.72 38.13 42.90
CA LYS I 245 78.74 36.68 42.76
C LYS I 245 77.87 36.29 41.56
N ILE I 246 78.46 35.60 40.59
CA ILE I 246 77.71 35.14 39.42
C ILE I 246 77.55 33.64 39.47
N LEU I 247 76.30 33.19 39.57
CA LEU I 247 76.01 31.77 39.68
C LEU I 247 75.83 31.13 38.32
N GLY I 248 76.62 30.08 38.06
CA GLY I 248 76.56 29.35 36.80
C GLY I 248 75.65 28.15 36.92
N VAL I 249 75.53 27.40 35.82
CA VAL I 249 74.60 26.27 35.74
C VAL I 249 74.80 25.24 36.86
N LYS I 250 76.05 24.89 37.13
CA LYS I 250 76.34 23.90 38.17
C LYS I 250 75.85 24.37 39.55
N GLU I 251 76.08 25.64 39.87
CA GLU I 251 75.60 26.21 41.13
C GLU I 251 74.08 26.29 41.14
N LEU I 252 73.49 26.62 39.99
CA LEU I 252 72.04 26.70 39.88
C LEU I 252 71.40 25.32 40.03
N GLU I 253 72.06 24.30 39.50
CA GLU I 253 71.59 22.92 39.62
C GLU I 253 71.60 22.46 41.08
N GLU I 254 72.66 22.81 41.79
CA GLU I 254 72.79 22.46 43.20
C GLU I 254 71.70 23.13 44.03
N LEU I 255 71.30 24.33 43.61
CA LEU I 255 70.24 25.06 44.27
C LEU I 255 68.86 24.63 43.77
N LYS I 256 68.86 23.70 42.81
CA LYS I 256 67.64 23.09 42.29
C LYS I 256 66.67 24.12 41.67
N MET I 257 67.22 25.11 40.98
CA MET I 257 66.41 26.11 40.31
C MET I 257 65.89 25.63 38.97
N GLY I 258 64.96 24.67 39.00
CA GLY I 258 64.47 24.02 37.80
C GLY I 258 63.65 24.91 36.89
N ALA I 259 62.89 25.84 37.48
CA ALA I 259 62.07 26.75 36.70
C ALA I 259 62.94 27.72 35.89
N TYR I 260 63.92 28.32 36.56
CA TYR I 260 64.85 29.24 35.92
C TYR I 260 65.68 28.52 34.85
N LEU I 261 66.20 27.34 35.20
CA LEU I 261 67.03 26.59 34.28
C LEU I 261 66.26 26.09 33.06
N SER I 262 64.98 25.79 33.24
CA SER I 262 64.17 25.27 32.15
C SER I 262 64.01 26.28 31.01
N VAL I 263 63.83 27.54 31.37
CA VAL I 263 63.68 28.62 30.41
C VAL I 263 64.91 28.76 29.53
N GLY I 264 66.10 28.61 30.13
CA GLY I 264 67.34 28.81 29.43
C GLY I 264 67.87 27.62 28.66
N LYS I 265 67.23 26.46 28.83
CA LYS I 265 67.68 25.21 28.21
C LYS I 265 67.95 25.31 26.71
N GLY I 266 67.09 26.02 26.00
CA GLY I 266 67.20 26.09 24.55
C GLY I 266 68.19 27.11 24.03
N SER I 267 68.90 27.78 24.93
CA SER I 267 69.81 28.83 24.53
C SER I 267 71.24 28.33 24.38
N MET I 268 72.01 29.00 23.54
CA MET I 268 73.42 28.68 23.37
C MET I 268 74.25 29.33 24.45
N TYR I 269 73.62 30.27 25.17
CA TYR I 269 74.27 30.96 26.26
C TYR I 269 73.86 30.35 27.59
N PRO I 270 74.84 29.97 28.42
CA PRO I 270 74.56 29.41 29.75
C PRO I 270 73.87 30.42 30.64
N ASN I 271 72.95 29.95 31.48
CA ASN I 271 72.29 30.81 32.46
C ASN I 271 73.29 31.45 33.41
N LYS I 272 73.06 32.72 33.71
CA LYS I 272 73.90 33.44 34.65
C LYS I 272 73.06 34.21 35.65
N PHE I 273 73.22 33.90 36.93
CA PHE I 273 72.47 34.57 37.99
C PHE I 273 73.32 35.66 38.63
N ILE I 274 72.88 36.90 38.48
CA ILE I 274 73.62 38.05 39.01
C ILE I 274 73.22 38.34 40.45
N HIS I 275 74.22 38.47 41.33
CA HIS I 275 73.97 38.81 42.72
C HIS I 275 74.94 39.87 43.20
N LEU I 276 74.48 41.12 43.26
CA LEU I 276 75.29 42.22 43.77
C LEU I 276 74.81 42.61 45.17
N THR I 277 75.73 43.07 46.01
CA THR I 277 75.37 43.48 47.37
C THR I 277 76.05 44.78 47.80
N TYR I 278 75.25 45.69 48.32
CA TYR I 278 75.76 46.91 48.96
C TYR I 278 75.48 46.85 50.45
N LYS I 279 76.51 47.03 51.28
CA LYS I 279 76.30 47.09 52.72
C LYS I 279 76.81 48.40 53.28
N SER I 280 75.97 49.07 54.07
CA SER I 280 76.32 50.34 54.68
C SER I 280 77.37 50.18 55.78
N LYS I 281 78.18 51.20 55.96
CA LYS I 281 79.19 51.22 57.01
C LYS I 281 78.53 51.50 58.37
N GLY I 282 78.25 50.44 59.12
CA GLY I 282 77.59 50.59 60.41
C GLY I 282 76.44 49.63 60.61
N ASP I 283 75.56 49.94 61.55
CA ASP I 283 74.41 49.10 61.85
C ASP I 283 73.39 49.09 60.71
N VAL I 284 73.04 47.89 60.24
CA VAL I 284 72.05 47.72 59.19
C VAL I 284 70.66 47.62 59.81
N LYS I 285 69.76 48.52 59.40
CA LYS I 285 68.43 48.56 59.99
C LYS I 285 67.39 48.03 59.01
N LYS I 286 67.71 48.07 57.72
CA LYS I 286 66.81 47.53 56.70
C LYS I 286 67.57 46.70 55.67
N LYS I 287 67.04 45.52 55.38
CA LYS I 287 67.59 44.65 54.34
C LYS I 287 66.62 44.54 53.17
N ILE I 288 67.10 44.86 51.97
CA ILE I 288 66.24 44.90 50.80
C ILE I 288 66.80 44.07 49.64
N ALA I 289 65.94 43.28 49.02
CA ALA I 289 66.31 42.55 47.82
C ALA I 289 65.59 43.12 46.60
N LEU I 290 66.36 43.56 45.62
CA LEU I 290 65.81 44.07 44.37
C LEU I 290 66.03 43.05 43.25
N VAL I 291 64.92 42.54 42.70
CA VAL I 291 64.99 41.49 41.68
C VAL I 291 64.54 41.99 40.32
N GLY I 292 65.37 41.78 39.29
CA GLY I 292 65.03 42.22 37.96
C GLY I 292 64.89 41.08 36.97
N LYS I 293 63.84 41.14 36.14
CA LYS I 293 63.68 40.17 35.07
C LYS I 293 64.75 40.39 34.01
N GLY I 294 65.51 39.34 33.72
CA GLY I 294 66.64 39.45 32.82
C GLY I 294 66.61 38.50 31.64
N ILE I 295 65.62 38.67 30.77
CA ILE I 295 65.57 37.91 29.54
C ILE I 295 66.22 38.71 28.42
N THR I 296 67.42 38.30 28.02
CA THR I 296 68.20 39.05 27.04
C THR I 296 67.53 39.05 25.69
N PHE I 297 66.80 37.99 25.38
CA PHE I 297 65.90 37.96 24.24
C PHE I 297 64.74 37.02 24.47
N ASP I 298 63.54 37.50 24.18
CA ASP I 298 62.33 36.71 24.32
C ASP I 298 61.71 36.39 22.98
N SER I 299 61.99 35.21 22.45
CA SER I 299 61.40 34.77 21.19
C SER I 299 60.02 34.20 21.46
N GLY I 300 59.81 33.81 22.71
CA GLY I 300 58.57 33.17 23.13
C GLY I 300 58.72 31.68 23.31
N GLY I 301 59.80 31.12 22.77
CA GLY I 301 59.98 29.68 22.79
C GLY I 301 59.09 29.01 21.76
N TYR I 302 58.69 27.78 22.02
CA TYR I 302 57.84 27.06 21.08
C TYR I 302 56.45 27.71 20.96
N ASN I 303 56.07 28.49 21.96
CA ASN I 303 54.95 29.41 21.82
C ASN I 303 55.46 30.69 21.17
N LEU I 304 55.99 30.54 19.97
CA LEU I 304 56.69 31.60 19.25
C LEU I 304 55.86 32.86 19.09
N LYS I 305 56.52 34.01 19.23
CA LYS I 305 55.87 35.29 18.98
C LYS I 305 55.69 35.48 17.48
N ALA I 306 54.68 34.85 16.91
CA ALA I 306 54.46 34.89 15.47
C ALA I 306 53.15 35.59 15.14
N ALA I 307 52.32 35.81 16.16
CA ALA I 307 51.04 36.47 15.97
C ALA I 307 51.23 37.96 15.69
N PRO I 308 50.29 38.56 14.95
CA PRO I 308 50.35 40.00 14.67
C PRO I 308 50.31 40.83 15.96
N GLY I 309 51.21 41.79 16.08
CA GLY I 309 51.25 42.65 17.26
C GLY I 309 52.09 42.13 18.40
N SER I 310 52.88 41.08 18.14
CA SER I 310 53.71 40.48 19.18
C SER I 310 55.02 41.23 19.40
N MET I 311 55.38 42.09 18.45
CA MET I 311 56.54 42.97 18.57
C MET I 311 57.83 42.21 18.89
N ILE I 312 58.08 41.14 18.14
CA ILE I 312 59.24 40.28 18.40
C ILE I 312 60.56 41.03 18.20
N ASP I 313 60.54 42.07 17.37
CA ASP I 313 61.76 42.82 17.07
C ASP I 313 62.15 43.76 18.21
N LEU I 314 61.30 43.87 19.23
CA LEU I 314 61.57 44.75 20.35
C LEU I 314 62.04 43.96 21.57
N MET I 315 62.00 42.63 21.47
CA MET I 315 62.15 41.77 22.63
C MET I 315 63.55 41.75 23.25
N LYS I 316 64.41 42.64 22.79
CA LYS I 316 65.67 42.91 23.48
C LYS I 316 65.38 43.69 24.77
N PHE I 317 64.28 44.43 24.76
CA PHE I 317 63.78 45.16 25.93
C PHE I 317 63.49 44.29 27.16
N ASP I 318 63.39 42.97 26.96
CA ASP I 318 62.86 42.07 28.00
C ASP I 318 63.83 41.88 29.17
N MET I 319 64.91 42.64 29.18
CA MET I 319 65.85 42.64 30.29
C MET I 319 65.80 43.96 31.03
N SER I 320 64.73 44.72 30.80
CA SER I 320 64.57 46.04 31.40
C SER I 320 64.57 46.03 32.93
N GLY I 321 63.95 45.01 33.51
CA GLY I 321 63.91 44.88 34.96
C GLY I 321 65.32 44.74 35.51
N CYS I 322 66.10 43.89 34.86
CA CYS I 322 67.49 43.68 35.24
C CYS I 322 68.29 44.98 35.09
N ALA I 323 68.08 45.68 33.98
CA ALA I 323 68.80 46.92 33.72
C ALA I 323 68.50 47.98 34.79
N ALA I 324 67.23 48.07 35.18
CA ALA I 324 66.82 49.02 36.21
C ALA I 324 67.52 48.73 37.54
N VAL I 325 67.58 47.45 37.89
CA VAL I 325 68.22 47.01 39.12
C VAL I 325 69.71 47.34 39.10
N LEU I 326 70.35 47.09 37.95
CA LEU I 326 71.76 47.39 37.79
C LEU I 326 72.01 48.89 37.79
N GLY I 327 71.09 49.63 37.20
CA GLY I 327 71.18 51.08 37.18
C GLY I 327 71.05 51.66 38.57
N CYS I 328 70.20 51.02 39.37
CA CYS I 328 70.04 51.40 40.76
C CYS I 328 71.32 51.11 41.55
N ALA I 329 71.96 49.99 41.24
CA ALA I 329 73.22 49.62 41.88
C ALA I 329 74.27 50.70 41.69
N TYR I 330 74.30 51.30 40.51
CA TYR I 330 75.21 52.41 40.25
C TYR I 330 74.92 53.57 41.18
N CYS I 331 73.65 53.95 41.25
CA CYS I 331 73.24 55.08 42.07
C CYS I 331 73.51 54.82 43.54
N VAL I 332 73.14 53.62 44.01
CA VAL I 332 73.36 53.25 45.40
C VAL I 332 74.86 53.17 45.71
N GLY I 333 75.63 52.54 44.82
CA GLY I 333 77.06 52.43 45.00
C GLY I 333 77.79 53.76 44.98
N THR I 334 77.20 54.75 44.31
CA THR I 334 77.80 56.06 44.18
C THR I 334 77.37 56.99 45.33
N LEU I 335 76.07 57.01 45.60
CA LEU I 335 75.52 57.87 46.65
C LEU I 335 75.76 57.31 48.05
N LYS I 336 75.95 56.00 48.13
CA LYS I 336 76.27 55.31 49.38
C LYS I 336 75.33 55.65 50.53
N PRO I 337 74.07 55.20 50.46
CA PRO I 337 73.11 55.42 51.54
C PRO I 337 73.54 54.67 52.80
N GLU I 338 73.03 55.04 53.96
CA GLU I 338 73.46 54.38 55.19
C GLU I 338 72.32 53.58 55.81
N ASN I 339 72.68 52.74 56.78
CA ASN I 339 71.71 51.91 57.50
C ASN I 339 70.90 50.97 56.62
N VAL I 340 71.47 50.57 55.49
CA VAL I 340 70.77 49.69 54.55
C VAL I 340 71.67 48.63 53.95
N GLU I 341 71.11 47.45 53.72
CA GLU I 341 71.79 46.39 53.01
C GLU I 341 70.94 46.02 51.80
N ILE I 342 71.51 46.17 50.60
CA ILE I 342 70.74 45.93 49.38
C ILE I 342 71.31 44.79 48.55
N HIS I 343 70.44 43.87 48.15
CA HIS I 343 70.81 42.80 47.23
C HIS I 343 70.25 43.06 45.83
N PHE I 344 71.12 43.05 44.83
CA PHE I 344 70.70 43.26 43.45
C PHE I 344 70.71 41.93 42.71
N LEU I 345 69.51 41.41 42.43
CA LEU I 345 69.38 40.06 41.87
C LEU I 345 68.77 40.07 40.48
N SER I 346 69.24 39.15 39.63
CA SER I 346 68.63 38.93 38.32
C SER I 346 68.97 37.54 37.80
N ALA I 347 67.93 36.75 37.51
CA ALA I 347 68.11 35.45 36.91
C ALA I 347 68.16 35.60 35.39
N VAL I 348 69.37 35.78 34.86
CA VAL I 348 69.53 36.12 33.46
C VAL I 348 69.62 34.88 32.56
N CYS I 349 68.85 34.89 31.48
CA CYS I 349 68.91 33.83 30.48
C CYS I 349 68.27 34.30 29.17
N GLU I 350 68.14 33.38 28.22
CA GLU I 350 67.60 33.70 26.91
C GLU I 350 66.53 32.67 26.54
N ASN I 351 65.40 33.15 26.02
CA ASN I 351 64.28 32.28 25.68
C ASN I 351 64.24 32.01 24.18
N MET I 352 64.75 30.86 23.78
CA MET I 352 64.95 30.55 22.35
C MET I 352 64.23 29.28 21.90
N VAL I 353 64.18 29.08 20.59
CA VAL I 353 63.60 27.86 20.02
C VAL I 353 64.71 26.92 19.58
N SER I 354 64.67 25.68 20.05
CA SER I 354 65.75 24.73 19.81
C SER I 354 65.30 23.32 20.13
N LYS I 355 66.15 22.35 19.81
CA LYS I 355 65.90 20.95 20.18
C LYS I 355 66.05 20.75 21.68
N ASN I 356 66.73 21.69 22.34
CA ASN I 356 66.96 21.60 23.78
C ASN I 356 65.96 22.39 24.60
N SER I 357 65.11 23.17 23.93
CA SER I 357 64.15 24.03 24.60
C SER I 357 63.11 23.24 25.39
N TYR I 358 62.54 23.87 26.42
CA TYR I 358 61.45 23.26 27.17
C TYR I 358 60.15 23.41 26.39
N ARG I 359 59.25 22.45 26.57
CA ARG I 359 58.04 22.38 25.75
C ARG I 359 56.82 22.83 26.52
N PRO I 360 55.81 23.33 25.80
CA PRO I 360 54.50 23.56 26.40
C PRO I 360 53.96 22.25 26.95
N GLY I 361 53.56 22.22 28.21
CA GLY I 361 53.07 21.00 28.81
C GLY I 361 54.04 20.37 29.79
N ASP I 362 55.31 20.79 29.71
CA ASP I 362 56.33 20.29 30.62
C ASP I 362 56.00 20.63 32.08
N ILE I 363 56.33 19.71 32.98
CA ILE I 363 56.18 19.98 34.40
C ILE I 363 57.57 20.11 35.02
N ILE I 364 57.83 21.26 35.64
CA ILE I 364 59.14 21.57 36.18
C ILE I 364 59.07 21.89 37.68
N THR I 365 60.18 21.70 38.38
CA THR I 365 60.21 21.92 39.82
C THR I 365 61.04 23.12 40.24
N ALA I 366 60.41 24.08 40.92
CA ALA I 366 61.10 25.26 41.41
C ALA I 366 61.97 24.90 42.63
N SER I 367 62.86 25.80 43.00
CA SER I 367 63.80 25.54 44.10
C SER I 367 63.11 25.42 45.47
N ASN I 368 61.83 25.76 45.54
CA ASN I 368 61.09 25.60 46.79
C ASN I 368 60.30 24.30 46.81
N GLY I 369 60.48 23.49 45.77
CA GLY I 369 59.86 22.17 45.70
C GLY I 369 58.51 22.11 44.98
N LYS I 370 57.92 23.26 44.70
CA LYS I 370 56.64 23.30 44.01
C LYS I 370 56.78 22.90 42.54
N THR I 371 55.93 21.98 42.09
CA THR I 371 55.92 21.58 40.69
C THR I 371 55.01 22.50 39.89
N ILE I 372 55.47 22.87 38.70
CA ILE I 372 54.76 23.82 37.87
C ILE I 372 54.48 23.23 36.49
N GLU I 373 53.22 23.27 36.08
CA GLU I 373 52.88 22.83 34.74
C GLU I 373 52.93 24.02 33.78
N VAL I 374 53.78 23.91 32.78
CA VAL I 374 53.95 24.96 31.79
C VAL I 374 52.86 24.92 30.73
N GLY I 375 52.07 25.98 30.65
CA GLY I 375 51.00 26.06 29.67
C GLY I 375 51.38 26.91 28.47
N ASN I 376 52.38 27.77 28.66
CA ASN I 376 52.86 28.67 27.62
C ASN I 376 54.30 29.07 27.86
N THR I 377 55.19 28.70 26.93
CA THR I 377 56.61 28.97 27.09
C THR I 377 56.96 30.45 26.94
N ASP I 378 56.01 31.26 26.49
CA ASP I 378 56.24 32.68 26.33
C ASP I 378 55.95 33.40 27.64
N ALA I 379 55.49 32.65 28.64
CA ALA I 379 55.31 33.19 29.97
C ALA I 379 56.48 32.75 30.85
N GLU I 380 57.69 32.93 30.31
CA GLU I 380 58.91 32.43 30.94
C GLU I 380 59.41 33.34 32.06
N GLY I 381 59.00 34.59 32.02
CA GLY I 381 59.46 35.57 33.00
C GLY I 381 59.12 35.19 34.42
N ARG I 382 57.88 34.77 34.65
CA ARG I 382 57.43 34.40 35.98
C ARG I 382 58.13 33.15 36.49
N LEU I 383 58.58 32.30 35.56
CA LEU I 383 59.30 31.08 35.92
C LEU I 383 60.69 31.43 36.44
N THR I 384 61.37 32.33 35.75
CA THR I 384 62.69 32.76 36.18
C THR I 384 62.60 33.57 37.47
N LEU I 385 61.56 34.39 37.57
CA LEU I 385 61.34 35.20 38.76
C LEU I 385 61.01 34.34 39.97
N ALA I 386 60.33 33.23 39.73
CA ALA I 386 59.93 32.31 40.78
C ALA I 386 61.13 31.83 41.57
N ASP I 387 62.14 31.32 40.88
CA ASP I 387 63.35 30.84 41.53
C ASP I 387 64.12 32.01 42.15
N ALA I 388 64.08 33.17 41.50
CA ALA I 388 64.76 34.35 42.01
C ALA I 388 64.13 34.86 43.31
N LEU I 389 62.80 34.78 43.40
CA LEU I 389 62.10 35.22 44.60
C LEU I 389 62.40 34.27 45.75
N VAL I 390 62.51 32.98 45.45
CA VAL I 390 62.85 31.97 46.45
C VAL I 390 64.26 32.22 46.97
N TYR I 391 65.15 32.59 46.04
CA TYR I 391 66.52 32.94 46.38
C TYR I 391 66.55 34.17 47.28
N ALA I 392 65.77 35.19 46.91
CA ALA I 392 65.73 36.44 47.65
C ALA I 392 65.27 36.23 49.09
N GLU I 393 64.25 35.41 49.27
CA GLU I 393 63.68 35.21 50.60
C GLU I 393 64.66 34.45 51.50
N LYS I 394 65.49 33.61 50.90
CA LYS I 394 66.52 32.88 51.66
C LYS I 394 67.61 33.80 52.19
N LEU I 395 67.70 35.01 51.63
CA LEU I 395 68.68 35.98 52.10
C LEU I 395 68.24 36.60 53.42
N GLY I 396 66.97 36.38 53.77
CA GLY I 396 66.43 36.90 55.01
C GLY I 396 66.32 38.41 55.00
N VAL I 397 65.59 38.94 54.02
CA VAL I 397 65.43 40.38 53.88
C VAL I 397 64.10 40.86 54.45
N ASP I 398 63.95 42.17 54.58
CA ASP I 398 62.72 42.75 55.09
C ASP I 398 61.74 43.03 53.95
N TYR I 399 62.27 43.51 52.82
CA TYR I 399 61.45 43.79 51.65
C TYR I 399 62.02 43.11 50.42
N ILE I 400 61.13 42.54 49.61
CA ILE I 400 61.50 42.03 48.30
C ILE I 400 60.74 42.81 47.23
N VAL I 401 61.47 43.49 46.36
CA VAL I 401 60.84 44.23 45.28
C VAL I 401 61.36 43.74 43.94
N ASP I 402 60.47 43.17 43.13
CA ASP I 402 60.85 42.73 41.79
C ASP I 402 60.29 43.69 40.76
N ILE I 403 61.05 43.88 39.67
CA ILE I 403 60.63 44.76 38.59
C ILE I 403 60.82 44.04 37.26
N ALA I 404 59.80 44.06 36.42
CA ALA I 404 59.80 43.19 35.25
C ALA I 404 58.88 43.66 34.13
N THR I 405 59.31 43.38 32.90
CA THR I 405 58.45 43.53 31.73
C THR I 405 57.67 42.24 31.58
N LEU I 406 56.73 42.02 32.48
CA LEU I 406 56.10 40.70 32.61
C LEU I 406 54.99 40.44 31.61
N THR I 407 54.02 41.33 31.51
CA THR I 407 52.85 41.09 30.68
C THR I 407 52.51 42.24 29.74
N GLY I 408 52.17 41.90 28.50
CA GLY I 408 51.77 42.91 27.53
C GLY I 408 50.39 43.49 27.83
N ALA I 409 49.67 42.83 28.73
CA ALA I 409 48.34 43.27 29.12
C ALA I 409 48.39 44.67 29.75
N MET I 410 49.56 45.04 30.24
CA MET I 410 49.76 46.35 30.84
C MET I 410 49.43 47.49 29.88
N LEU I 411 49.65 47.26 28.58
CA LEU I 411 49.35 48.25 27.56
C LEU I 411 47.84 48.54 27.47
N TYR I 412 47.02 47.59 27.91
CA TYR I 412 45.58 47.74 27.88
C TYR I 412 45.03 48.24 29.21
N SER I 413 45.83 48.15 30.28
CA SER I 413 45.39 48.57 31.59
C SER I 413 45.84 50.01 31.91
N LEU I 414 47.15 50.22 31.96
CA LEU I 414 47.70 51.53 32.33
C LEU I 414 48.35 52.26 31.16
N GLY I 415 48.70 51.53 30.10
CA GLY I 415 49.29 52.14 28.93
C GLY I 415 50.81 52.28 28.99
N THR I 416 51.30 53.36 28.40
CA THR I 416 52.74 53.55 28.21
C THR I 416 53.37 54.53 29.20
N SER I 417 52.57 55.12 30.07
CA SER I 417 53.08 56.14 30.98
C SER I 417 53.17 55.67 32.44
N TYR I 418 52.23 54.84 32.86
CA TYR I 418 52.17 54.38 34.25
C TYR I 418 52.50 52.90 34.38
N ALA I 419 53.41 52.57 35.29
CA ALA I 419 53.69 51.17 35.59
C ALA I 419 52.71 50.68 36.66
N GLY I 420 52.51 49.36 36.70
CA GLY I 420 51.64 48.78 37.70
C GLY I 420 52.43 48.17 38.83
N VAL I 421 51.93 48.31 40.05
CA VAL I 421 52.56 47.67 41.20
C VAL I 421 51.58 46.76 41.93
N PHE I 422 52.03 45.54 42.22
CA PHE I 422 51.25 44.56 42.95
C PHE I 422 52.04 44.16 44.19
N GLY I 423 51.37 43.66 45.21
CA GLY I 423 52.08 43.25 46.42
C GLY I 423 51.23 42.54 47.45
N ASN I 424 51.88 42.00 48.48
CA ASN I 424 51.19 41.32 49.57
C ASN I 424 51.24 42.13 50.86
N ASN I 425 51.78 43.34 50.76
CA ASN I 425 51.98 44.19 51.93
C ASN I 425 51.70 45.65 51.63
N GLU I 426 50.73 46.24 52.33
CA GLU I 426 50.26 47.59 52.01
C GLU I 426 51.29 48.65 52.38
N GLU I 427 52.09 48.39 53.41
CA GLU I 427 53.11 49.33 53.82
C GLU I 427 54.22 49.42 52.78
N LEU I 428 54.62 48.28 52.23
CA LEU I 428 55.65 48.25 51.20
C LEU I 428 55.15 48.94 49.92
N ILE I 429 53.90 48.69 49.55
CA ILE I 429 53.31 49.31 48.37
C ILE I 429 53.28 50.83 48.49
N ASN I 430 52.88 51.32 49.67
CA ASN I 430 52.85 52.76 49.89
C ASN I 430 54.23 53.39 49.76
N LYS I 431 55.24 52.68 50.24
CA LYS I 431 56.61 53.15 50.13
C LYS I 431 57.02 53.25 48.66
N ILE I 432 56.59 52.29 47.86
CA ILE I 432 56.85 52.31 46.42
C ILE I 432 56.15 53.49 45.76
N LEU I 433 54.90 53.73 46.17
CA LEU I 433 54.14 54.85 45.65
C LEU I 433 54.76 56.20 46.03
N GLN I 434 55.25 56.28 47.26
CA GLN I 434 55.92 57.50 47.72
C GLN I 434 57.17 57.76 46.90
N SER I 435 57.91 56.69 46.60
CA SER I 435 59.10 56.78 45.77
C SER I 435 58.76 57.25 44.35
N SER I 436 57.58 56.83 43.89
CA SER I 436 57.12 57.23 42.56
C SER I 436 56.93 58.74 42.49
N LYS I 437 56.40 59.32 43.56
CA LYS I 437 56.17 60.76 43.60
C LYS I 437 57.48 61.54 43.58
N THR I 438 58.43 61.10 44.38
CA THR I 438 59.70 61.82 44.53
C THR I 438 60.66 61.56 43.37
N SER I 439 60.52 60.42 42.70
CA SER I 439 61.36 60.09 41.55
C SER I 439 60.73 60.57 40.25
N ASN I 440 59.44 60.90 40.32
CA ASN I 440 58.65 61.31 39.16
C ASN I 440 58.60 60.23 38.08
N GLU I 441 58.65 58.98 38.51
CA GLU I 441 58.37 57.85 37.64
C GLU I 441 57.03 57.23 38.06
N PRO I 442 55.96 57.56 37.32
CA PRO I 442 54.58 57.27 37.73
C PRO I 442 54.26 55.79 37.83
N VAL I 443 53.69 55.41 38.97
CA VAL I 443 53.31 54.02 39.24
C VAL I 443 51.89 54.01 39.81
N TRP I 444 51.11 53.00 39.45
CA TRP I 444 49.74 52.89 39.96
C TRP I 444 49.51 51.54 40.63
N TRP I 445 48.81 51.57 41.75
CA TRP I 445 48.55 50.35 42.52
C TRP I 445 47.45 49.52 41.86
N LEU I 446 47.78 48.29 41.51
CA LEU I 446 46.81 47.35 40.96
C LEU I 446 46.64 46.19 41.93
N PRO I 447 45.43 45.58 41.95
CA PRO I 447 45.13 44.55 42.96
C PRO I 447 45.55 43.14 42.59
N ILE I 448 45.88 42.34 43.59
CA ILE I 448 46.05 40.90 43.40
C ILE I 448 44.74 40.21 43.81
N ILE I 449 43.91 39.89 42.82
CA ILE I 449 42.58 39.37 43.09
C ILE I 449 42.60 37.86 43.32
N ASN I 450 42.40 37.47 44.59
CA ASN I 450 42.50 36.07 45.00
C ASN I 450 41.48 35.14 44.37
N GLU I 451 40.38 35.68 43.87
CA GLU I 451 39.34 34.86 43.27
C GLU I 451 39.85 34.11 42.04
N TYR I 452 40.88 34.66 41.41
CA TYR I 452 41.42 34.06 40.19
C TYR I 452 42.40 32.93 40.49
N ARG I 453 42.77 32.76 41.76
CA ARG I 453 43.76 31.78 42.18
C ARG I 453 43.40 30.36 41.74
N ALA I 454 42.11 30.05 41.74
CA ALA I 454 41.64 28.70 41.40
C ALA I 454 41.94 28.32 39.95
N THR I 455 42.14 29.32 39.09
CA THR I 455 42.42 29.05 37.69
C THR I 455 43.87 28.62 37.48
N LEU I 456 44.68 28.71 38.53
CA LEU I 456 46.06 28.25 38.49
C LEU I 456 46.21 26.85 39.08
N ASN I 457 45.08 26.25 39.47
CA ASN I 457 45.10 24.89 39.99
C ASN I 457 45.29 23.85 38.88
N SER I 458 46.46 23.23 38.86
CA SER I 458 46.78 22.21 37.87
C SER I 458 46.28 20.84 38.28
N LYS I 459 45.92 20.02 37.29
CA LYS I 459 45.44 18.67 37.53
C LYS I 459 46.57 17.73 37.99
N TYR I 460 47.79 17.99 37.54
CA TYR I 460 48.89 17.08 37.81
C TYR I 460 50.00 17.71 38.64
N ALA I 461 50.32 18.96 38.34
CA ALA I 461 51.35 19.66 39.10
C ALA I 461 50.72 20.37 40.28
N ASP I 462 51.54 20.98 41.12
CA ASP I 462 51.05 21.73 42.27
C ASP I 462 50.34 22.99 41.80
N ILE I 463 50.82 23.57 40.70
CA ILE I 463 50.28 24.84 40.22
C ILE I 463 50.51 25.01 38.71
N ASN I 464 49.59 25.73 38.07
CA ASN I 464 49.73 26.12 36.67
C ASN I 464 50.58 27.38 36.52
N GLN I 465 51.32 27.44 35.41
CA GLN I 465 52.10 28.63 35.09
C GLN I 465 51.18 29.77 34.65
N ILE I 466 50.14 29.43 33.88
CA ILE I 466 49.18 30.40 33.36
C ILE I 466 47.74 29.96 33.60
N SER I 467 46.80 30.87 33.34
CA SER I 467 45.39 30.53 33.40
C SER I 467 44.88 30.10 32.02
N SER I 468 43.88 29.23 31.99
CA SER I 468 43.27 28.83 30.73
C SER I 468 41.92 29.51 30.51
N VAL I 470 40.91 33.34 32.79
CA VAL I 470 41.13 34.75 33.15
C VAL I 470 42.07 35.43 32.15
N LYS I 471 41.61 36.52 31.55
CA LYS I 471 42.38 37.26 30.57
C LYS I 471 43.19 38.38 31.20
N ALA I 472 42.98 38.61 32.50
CA ALA I 472 43.72 39.62 33.25
C ALA I 472 45.13 39.13 33.57
N SER I 473 45.98 39.10 32.54
CA SER I 473 47.31 38.49 32.63
C SER I 473 48.20 39.04 33.74
N SER I 474 48.20 40.36 33.92
CA SER I 474 49.07 40.98 34.93
C SER I 474 48.72 40.53 36.34
N ILE I 475 47.43 40.35 36.60
CA ILE I 475 46.98 39.93 37.92
C ILE I 475 47.26 38.45 38.15
N VAL I 476 47.02 37.63 37.13
CA VAL I 476 47.25 36.19 37.23
C VAL I 476 48.74 35.91 37.46
N ALA I 477 49.59 36.62 36.72
CA ALA I 477 51.03 36.47 36.87
C ALA I 477 51.50 36.85 38.27
N SER I 478 50.91 37.90 38.82
CA SER I 478 51.22 38.32 40.19
C SER I 478 50.77 37.26 41.20
N LEU I 479 49.63 36.63 40.93
CA LEU I 479 49.13 35.55 41.78
C LEU I 479 50.13 34.39 41.78
N PHE I 480 50.74 34.15 40.64
CA PHE I 480 51.75 33.11 40.49
C PHE I 480 52.98 33.44 41.34
N LEU I 481 53.51 34.64 41.18
CA LEU I 481 54.69 35.07 41.91
C LEU I 481 54.47 35.05 43.42
N LYS I 482 53.24 35.37 43.82
CA LYS I 482 52.87 35.40 45.23
C LYS I 482 53.05 34.03 45.90
N GLU I 483 52.92 32.98 45.10
CA GLU I 483 53.04 31.61 45.60
C GLU I 483 54.47 31.25 45.98
N PHE I 484 55.43 32.12 45.65
CA PHE I 484 56.83 31.83 45.90
C PHE I 484 57.46 32.78 46.92
N VAL I 485 56.62 33.54 47.61
CA VAL I 485 57.06 34.35 48.74
C VAL I 485 56.19 34.00 49.94
N GLN I 486 56.78 33.31 50.91
CA GLN I 486 56.00 32.70 51.98
C GLN I 486 55.67 33.66 53.13
N ASN I 487 56.67 34.38 53.62
CA ASN I 487 56.47 35.24 54.79
C ASN I 487 57.34 36.50 54.77
N THR I 488 57.43 37.13 53.61
CA THR I 488 58.20 38.36 53.48
C THR I 488 57.39 39.41 52.74
N ALA I 489 57.52 40.66 53.17
CA ALA I 489 56.91 41.77 52.46
C ALA I 489 57.45 41.83 51.04
N TRP I 490 56.54 41.76 50.07
CA TRP I 490 56.95 41.68 48.68
C TRP I 490 56.08 42.52 47.76
N ALA I 491 56.70 43.17 46.79
CA ALA I 491 55.98 43.97 45.81
C ALA I 491 56.52 43.70 44.41
N HIS I 492 55.65 43.86 43.43
CA HIS I 492 56.00 43.52 42.05
C HIS I 492 55.61 44.65 41.09
N ILE I 493 56.61 45.18 40.38
CA ILE I 493 56.37 46.28 39.47
C ILE I 493 56.45 45.84 38.01
N ASP I 494 55.31 45.90 37.32
CA ASP I 494 55.24 45.52 35.92
C ASP I 494 55.50 46.72 35.01
N ILE I 495 56.63 46.69 34.31
CA ILE I 495 57.04 47.82 33.48
C ILE I 495 57.01 47.50 31.99
N ALA I 496 56.25 46.48 31.61
CA ALA I 496 56.20 46.05 30.20
C ALA I 496 55.68 47.14 29.27
N GLY I 497 54.79 47.99 29.77
CA GLY I 497 54.19 49.02 28.95
C GLY I 497 54.97 50.32 28.91
N VAL I 498 55.72 50.59 29.98
CA VAL I 498 56.39 51.88 30.12
C VAL I 498 57.88 51.82 29.82
N SER I 499 58.42 50.61 29.65
CA SER I 499 59.85 50.46 29.49
C SER I 499 60.35 51.10 28.19
N TRP I 500 59.66 50.85 27.10
CA TRP I 500 60.10 51.34 25.81
C TRP I 500 59.34 52.59 25.36
N ASN I 501 60.09 53.58 24.91
CA ASN I 501 59.50 54.81 24.38
C ASN I 501 59.27 54.65 22.89
N PHE I 502 58.06 54.26 22.52
CA PHE I 502 57.73 53.95 21.13
C PHE I 502 57.82 55.19 20.24
N LYS I 503 57.47 56.35 20.78
CA LYS I 503 57.51 57.59 20.02
C LYS I 503 58.95 57.99 19.69
N ALA I 504 59.84 57.87 20.68
CA ALA I 504 61.24 58.25 20.51
C ALA I 504 62.11 57.09 20.02
N ARG I 505 61.53 55.89 19.96
CA ARG I 505 62.22 54.68 19.49
C ARG I 505 63.47 54.39 20.32
N LYS I 506 63.35 54.49 21.64
CA LYS I 506 64.48 54.25 22.53
C LYS I 506 63.97 53.85 23.92
N PRO I 507 64.84 53.27 24.76
CA PRO I 507 64.39 52.92 26.11
C PRO I 507 64.21 54.15 26.98
N LYS I 508 63.49 53.98 28.09
CA LYS I 508 63.32 55.06 29.06
C LYS I 508 64.27 54.89 30.24
N GLY I 509 64.73 53.65 30.44
CA GLY I 509 65.52 53.32 31.61
C GLY I 509 64.65 53.42 32.85
N PHE I 510 63.38 53.10 32.68
CA PHE I 510 62.39 53.25 33.75
C PHE I 510 62.71 52.38 34.95
N GLY I 511 62.61 52.96 36.13
CA GLY I 511 62.77 52.20 37.37
C GLY I 511 64.01 52.52 38.18
N VAL I 512 65.04 53.03 37.52
CA VAL I 512 66.30 53.34 38.20
C VAL I 512 66.11 54.38 39.31
N ARG I 513 65.51 55.50 38.96
CA ARG I 513 65.28 56.57 39.94
C ARG I 513 64.24 56.16 40.97
N LEU I 514 63.25 55.40 40.54
CA LEU I 514 62.21 54.90 41.43
C LEU I 514 62.80 54.00 42.51
N LEU I 515 63.60 53.03 42.10
CA LEU I 515 64.21 52.09 43.04
C LEU I 515 65.23 52.78 43.94
N THR I 516 65.96 53.74 43.38
CA THR I 516 66.99 54.45 44.15
C THR I 516 66.36 55.32 45.23
N GLU I 517 65.29 56.04 44.86
CA GLU I 517 64.55 56.84 45.83
C GLU I 517 63.96 55.96 46.92
N PHE I 518 63.55 54.76 46.53
CA PHE I 518 63.02 53.78 47.47
C PHE I 518 64.04 53.39 48.52
N VAL I 519 65.27 53.14 48.08
CA VAL I 519 66.35 52.73 48.98
C VAL I 519 66.81 53.90 49.85
N LEU I 520 66.94 55.07 49.23
CA LEU I 520 67.47 56.25 49.91
C LEU I 520 66.56 56.84 50.99
N ASN I 521 65.28 56.98 50.66
CA ASN I 521 64.34 57.63 51.59
C ASN I 521 63.72 56.68 52.60
N ASP I 522 64.16 55.42 52.58
CA ASP I 522 63.69 54.43 53.56
C ASP I 522 64.62 54.39 54.76
N ALA J 4 3.68 55.21 27.59
CA ALA J 4 4.10 53.99 26.91
C ALA J 4 3.92 54.11 25.40
N SER J 5 4.92 53.63 24.65
CA SER J 5 4.88 53.66 23.20
C SER J 5 4.65 52.28 22.60
N GLU J 6 4.27 52.25 21.33
CA GLU J 6 4.04 51.01 20.62
C GLU J 6 5.34 50.45 20.04
N VAL J 7 5.65 49.19 20.38
CA VAL J 7 6.85 48.54 19.88
C VAL J 7 6.64 48.09 18.44
N PRO J 8 7.46 48.62 17.52
CA PRO J 8 7.38 48.24 16.10
C PRO J 8 7.73 46.76 15.88
N GLN J 9 7.12 46.16 14.86
CA GLN J 9 7.34 44.75 14.56
C GLN J 9 7.65 44.51 13.10
N VAL J 10 8.45 43.49 12.83
CA VAL J 10 8.71 43.05 11.46
C VAL J 10 7.70 41.96 11.10
N VAL J 11 7.49 41.04 12.04
CA VAL J 11 6.45 40.02 11.90
C VAL J 11 5.57 40.02 13.13
N SER J 12 4.38 39.46 13.02
CA SER J 12 3.40 39.50 14.11
C SER J 12 3.83 38.67 15.32
N LEU J 13 4.79 37.79 15.13
CA LEU J 13 5.25 36.91 16.20
C LEU J 13 6.32 37.58 17.07
N ASP J 14 6.78 38.75 16.64
CA ASP J 14 7.73 39.53 17.40
C ASP J 14 7.12 40.07 18.69
N PRO J 15 7.80 39.85 19.83
CA PRO J 15 7.32 40.31 21.14
C PRO J 15 7.25 41.84 21.25
N THR J 16 6.28 42.34 22.01
CA THR J 16 6.07 43.78 22.15
C THR J 16 6.27 44.28 23.58
N SER J 17 6.76 43.41 24.46
CA SER J 17 7.07 43.82 25.82
C SER J 17 8.01 42.84 26.52
N ILE J 18 8.74 43.35 27.51
CA ILE J 18 9.62 42.53 28.32
C ILE J 18 8.87 41.90 29.49
N PRO J 19 8.82 40.56 29.54
CA PRO J 19 8.20 39.87 30.68
C PRO J 19 8.97 40.12 31.98
N ILE J 20 8.27 40.56 33.02
CA ILE J 20 8.91 40.85 34.29
C ILE J 20 8.22 40.13 35.44
N GLU J 21 8.99 39.41 36.24
CA GLU J 21 8.48 38.78 37.47
C GLU J 21 8.73 39.69 38.67
N TYR J 22 7.67 40.25 39.22
CA TYR J 22 7.79 41.11 40.39
C TYR J 22 7.64 40.30 41.67
N ASN J 23 6.61 39.45 41.73
CA ASN J 23 6.39 38.60 42.88
C ASN J 23 7.11 37.27 42.76
N THR J 24 8.30 37.19 43.35
CA THR J 24 9.10 35.97 43.28
C THR J 24 8.87 35.10 44.51
N PRO J 25 9.14 33.78 44.39
CA PRO J 25 9.04 32.86 45.52
C PRO J 25 9.91 33.27 46.72
N ILE J 26 10.97 34.01 46.44
CA ILE J 26 11.85 34.52 47.49
C ILE J 26 11.12 35.45 48.45
N HIS J 27 10.19 36.22 47.91
CA HIS J 27 9.41 37.15 48.73
C HIS J 27 8.45 36.41 49.67
N ASP J 28 8.20 35.14 49.37
CA ASP J 28 7.30 34.32 50.18
C ASP J 28 8.06 33.55 51.27
N ILE J 29 9.38 33.72 51.32
CA ILE J 29 10.19 33.03 52.32
C ILE J 29 10.19 33.79 53.64
N LYS J 30 9.71 33.13 54.70
CA LYS J 30 9.73 33.71 56.04
C LYS J 30 11.09 33.47 56.70
N VAL J 31 11.75 34.56 57.08
CA VAL J 31 13.09 34.46 57.65
C VAL J 31 13.11 34.75 59.14
N GLN J 32 13.64 33.80 59.90
CA GLN J 32 13.80 33.95 61.35
C GLN J 32 15.26 33.83 61.71
N VAL J 33 15.74 34.73 62.56
CA VAL J 33 17.12 34.70 63.01
C VAL J 33 17.18 34.43 64.52
N TYR J 34 17.84 33.34 64.89
CA TYR J 34 17.98 32.98 66.30
C TYR J 34 19.43 33.08 66.74
N ASP J 35 19.64 33.24 68.05
CA ASP J 35 20.98 33.29 68.59
C ASP J 35 21.57 31.89 68.81
N ILE J 36 22.80 31.71 68.36
CA ILE J 36 23.49 30.43 68.43
C ILE J 36 23.79 29.93 69.85
N LYS J 37 23.86 30.85 70.80
CA LYS J 37 24.23 30.47 72.17
C LYS J 37 23.17 29.62 72.85
N GLY J 38 21.94 29.69 72.37
CA GLY J 38 20.85 28.93 72.96
C GLY J 38 20.72 27.50 72.46
N GLY J 39 21.54 27.13 71.48
CA GLY J 39 21.47 25.81 70.90
C GLY J 39 20.53 25.77 69.72
N CYS J 40 20.70 24.79 68.85
CA CYS J 40 19.89 24.68 67.63
C CYS J 40 18.79 23.64 67.72
N ASN J 41 17.62 23.97 67.19
CA ASN J 41 16.55 22.97 67.09
C ASN J 41 16.47 22.42 65.68
N VAL J 42 16.51 21.11 65.56
CA VAL J 42 16.46 20.45 64.27
C VAL J 42 15.19 19.60 64.19
N GLU J 43 14.14 20.22 63.67
CA GLU J 43 12.81 19.64 63.60
C GLU J 43 12.43 19.42 62.14
N GLU J 44 11.98 20.48 61.48
CA GLU J 44 11.59 20.40 60.08
C GLU J 44 12.76 20.66 59.13
N GLY J 45 12.63 20.24 57.88
CA GLY J 45 13.51 20.64 56.80
C GLY J 45 14.96 20.20 56.78
N LEU J 46 15.79 21.07 56.21
CA LEU J 46 17.22 20.82 56.01
C LEU J 46 18.06 21.74 56.89
N THR J 47 19.01 21.15 57.61
CA THR J 47 19.89 21.92 58.47
C THR J 47 21.34 21.85 57.99
N ILE J 48 21.90 23.01 57.66
CA ILE J 48 23.26 23.07 57.16
C ILE J 48 24.16 23.87 58.10
N PHE J 49 25.26 23.26 58.50
CA PHE J 49 26.25 23.93 59.33
C PHE J 49 27.37 24.52 58.47
N LEU J 50 27.63 25.82 58.65
CA LEU J 50 28.76 26.46 57.99
C LEU J 50 29.97 26.35 58.90
N VAL J 51 30.90 25.49 58.52
CA VAL J 51 32.03 25.17 59.38
C VAL J 51 33.36 25.41 58.69
N ASN J 52 34.37 25.77 59.49
CA ASN J 52 35.72 25.92 58.99
C ASN J 52 36.71 25.21 59.91
N ASN J 53 37.99 25.33 59.60
CA ASN J 53 39.03 24.82 60.47
C ASN J 53 40.28 25.69 60.32
N PRO J 54 40.39 26.72 61.18
CA PRO J 54 41.51 27.67 61.20
C PRO J 54 42.88 26.99 61.33
N GLY J 55 42.89 25.78 61.88
CA GLY J 55 44.13 25.09 62.14
C GLY J 55 44.82 24.44 60.95
N LYS J 56 44.26 23.33 60.47
CA LYS J 56 44.82 22.61 59.34
C LYS J 56 44.04 22.64 58.02
N GLU J 57 44.66 23.24 57.01
CA GLU J 57 44.18 23.25 55.61
C GLU J 57 43.57 21.90 55.18
N ASN J 58 42.45 21.98 54.46
CA ASN J 58 41.40 20.95 54.42
C ASN J 58 41.36 20.11 55.68
N GLY J 59 40.86 20.69 56.76
CA GLY J 59 40.79 19.99 58.03
C GLY J 59 39.49 19.26 58.19
N PRO J 60 39.41 18.41 59.22
CA PRO J 60 38.19 17.65 59.51
C PRO J 60 37.06 18.58 59.98
N VAL J 61 35.82 18.16 59.76
CA VAL J 61 34.66 18.89 60.21
C VAL J 61 34.39 18.61 61.69
N LYS J 62 34.16 19.66 62.47
CA LYS J 62 33.77 19.48 63.86
C LYS J 62 32.63 20.43 64.20
N ILE J 63 31.49 19.86 64.59
CA ILE J 63 30.30 20.66 64.93
C ILE J 63 30.28 21.00 66.41
N SER J 64 30.33 22.29 66.74
CA SER J 64 30.40 22.70 68.13
C SER J 64 29.04 22.91 68.78
N SER J 65 28.07 23.40 68.01
CA SER J 65 26.76 23.72 68.55
C SER J 65 26.00 22.48 69.04
N LYS J 66 25.27 22.62 70.14
CA LYS J 66 24.42 21.54 70.64
C LYS J 66 23.05 21.57 69.97
N VAL J 67 22.59 20.41 69.49
CA VAL J 67 21.30 20.30 68.84
C VAL J 67 20.33 19.52 69.73
N ASN J 68 19.13 20.09 69.92
CA ASN J 68 18.14 19.51 70.81
C ASN J 68 17.42 18.29 70.22
N ASP J 69 18.20 17.34 69.72
CA ASP J 69 17.66 16.10 69.17
C ASP J 69 18.71 14.99 69.28
N LYS J 70 18.34 13.91 69.97
CA LYS J 70 19.27 12.83 70.25
C LYS J 70 19.78 12.13 68.99
N GLN J 71 18.89 11.90 68.04
CA GLN J 71 19.25 11.24 66.78
C GLN J 71 20.25 12.08 65.98
N VAL J 72 19.98 13.38 65.89
CA VAL J 72 20.84 14.28 65.13
C VAL J 72 22.17 14.51 65.86
N SER J 73 22.12 14.54 67.20
CA SER J 73 23.33 14.75 67.99
C SER J 73 24.31 13.61 67.82
N GLU J 74 23.79 12.39 67.68
CA GLU J 74 24.62 11.22 67.43
C GLU J 74 25.27 11.32 66.05
N PHE J 75 24.53 11.85 65.10
CA PHE J 75 25.03 12.07 63.75
C PHE J 75 26.19 13.05 63.72
N LEU J 76 26.11 14.11 64.53
CA LEU J 76 27.09 15.18 64.47
C LEU J 76 28.28 15.00 65.42
N LYS J 77 28.39 13.81 66.01
CA LYS J 77 29.52 13.55 66.91
C LYS J 77 30.81 13.57 66.12
N ASP J 78 31.91 13.89 66.81
CA ASP J 78 33.21 14.08 66.18
C ASP J 78 33.65 12.89 65.32
N GLU J 79 33.40 11.67 65.80
CA GLU J 79 33.83 10.47 65.09
C GLU J 79 33.22 10.37 63.69
N ASN J 80 31.98 10.80 63.55
CA ASN J 80 31.30 10.76 62.25
C ASN J 80 31.71 11.90 61.33
N MET J 81 31.93 13.08 61.90
CA MET J 81 32.15 14.27 61.09
C MET J 81 33.59 14.44 60.64
N GLU J 82 34.51 13.76 61.33
CA GLU J 82 35.93 13.90 61.01
C GLU J 82 36.27 13.26 59.66
N LYS J 83 35.34 12.43 59.18
CA LYS J 83 35.51 11.77 57.89
C LYS J 83 35.29 12.75 56.74
N PHE J 84 34.72 13.91 57.06
CA PHE J 84 34.50 14.95 56.07
C PHE J 84 35.48 16.09 56.31
N ASN J 85 35.82 16.83 55.26
CA ASN J 85 36.78 17.92 55.41
C ASN J 85 36.17 19.28 55.06
N VAL J 86 36.89 20.35 55.42
CA VAL J 86 36.33 21.70 55.33
C VAL J 86 36.80 22.49 54.11
N LYS J 87 37.33 21.78 53.11
CA LYS J 87 37.75 22.43 51.86
C LYS J 87 36.64 23.33 51.33
N LEU J 88 36.99 24.56 51.00
CA LEU J 88 36.01 25.57 50.60
C LEU J 88 35.05 25.11 49.50
N GLY J 89 33.76 25.11 49.83
CA GLY J 89 32.72 24.75 48.90
C GLY J 89 32.29 23.30 48.98
N THR J 90 33.06 22.49 49.70
CA THR J 90 32.73 21.07 49.84
C THR J 90 31.54 20.92 50.77
N SER J 91 30.61 20.05 50.41
CA SER J 91 29.43 19.82 51.23
C SER J 91 28.99 18.37 51.23
N LYS J 92 28.34 17.96 52.32
CA LYS J 92 27.72 16.65 52.41
C LYS J 92 26.41 16.84 53.16
N HIS J 93 25.33 16.18 52.73
CA HIS J 93 24.09 16.19 53.51
C HIS J 93 23.45 14.80 53.57
N PHE J 94 22.90 14.45 54.72
CA PHE J 94 22.25 13.15 54.92
C PHE J 94 20.79 13.29 55.32
N TYR J 95 20.01 12.28 54.97
CA TYR J 95 18.59 12.23 55.32
C TYR J 95 18.41 11.20 56.42
N MET J 96 17.64 11.56 57.45
CA MET J 96 17.45 10.70 58.60
C MET J 96 16.17 11.03 59.34
N PHE J 97 15.88 10.25 60.38
CA PHE J 97 14.74 10.50 61.25
C PHE J 97 15.21 11.11 62.56
N ASN J 98 14.46 12.09 63.05
CA ASN J 98 14.76 12.72 64.32
C ASN J 98 14.10 11.98 65.47
N ASP J 99 14.07 12.60 66.64
CA ASP J 99 13.48 11.96 67.81
C ASP J 99 11.98 11.73 67.62
N ASN J 100 11.34 12.60 66.83
CA ASN J 100 9.91 12.50 66.57
C ASN J 100 9.59 11.66 65.34
N LYS J 101 10.55 10.86 64.88
CA LYS J 101 10.39 10.02 63.70
C LYS J 101 9.99 10.85 62.47
N ASN J 102 10.45 12.09 62.44
CA ASN J 102 10.22 12.97 61.29
C ASN J 102 11.42 12.98 60.37
N SER J 103 11.16 13.08 59.06
CA SER J 103 12.23 13.11 58.08
C SER J 103 12.97 14.44 58.08
N VAL J 104 14.28 14.39 58.31
CA VAL J 104 15.10 15.60 58.34
C VAL J 104 16.35 15.39 57.49
N ALA J 105 16.90 16.48 57.00
CA ALA J 105 18.16 16.42 56.27
C ALA J 105 19.20 17.29 56.98
N VAL J 106 20.36 16.72 57.28
CA VAL J 106 21.40 17.47 58.00
C VAL J 106 22.71 17.40 57.23
N GLY J 107 23.46 18.49 57.27
CA GLY J 107 24.73 18.56 56.55
C GLY J 107 25.57 19.75 56.91
N TYR J 108 26.61 19.97 56.09
CA TYR J 108 27.52 21.08 56.28
C TYR J 108 28.02 21.60 54.94
N VAL J 109 28.58 22.81 54.95
CA VAL J 109 29.32 23.36 53.81
C VAL J 109 30.67 23.86 54.30
N GLY J 110 31.75 23.40 53.67
CA GLY J 110 33.10 23.79 54.07
C GLY J 110 33.42 25.24 53.77
N CYS J 111 33.94 25.94 54.76
CA CYS J 111 34.26 27.36 54.61
C CYS J 111 35.76 27.60 54.69
N GLY J 112 36.54 26.56 54.37
CA GLY J 112 37.98 26.68 54.28
C GLY J 112 38.68 26.76 55.62
N SER J 113 39.87 27.36 55.63
CA SER J 113 40.68 27.42 56.83
C SER J 113 41.00 28.86 57.23
N VAL J 114 40.47 29.81 56.47
CA VAL J 114 40.67 31.22 56.79
C VAL J 114 39.45 31.71 57.57
N ALA J 115 39.69 32.38 58.70
CA ALA J 115 38.62 32.81 59.60
C ALA J 115 37.67 33.84 58.97
N ASP J 116 38.24 34.80 58.26
CA ASP J 116 37.43 35.86 57.65
C ASP J 116 37.21 35.63 56.16
N LEU J 117 35.98 35.28 55.80
CA LEU J 117 35.62 34.99 54.43
C LEU J 117 35.53 36.25 53.56
N SER J 118 36.05 36.17 52.35
CA SER J 118 35.95 37.25 51.38
C SER J 118 34.62 37.14 50.64
N GLU J 119 34.30 38.17 49.86
CA GLU J 119 33.12 38.18 49.02
C GLU J 119 33.08 36.95 48.11
N ALA J 120 34.23 36.62 47.51
CA ALA J 120 34.32 35.49 46.60
C ALA J 120 34.15 34.17 47.33
N ASP J 121 34.72 34.08 48.52
CA ASP J 121 34.61 32.88 49.34
C ASP J 121 33.18 32.59 49.72
N MET J 122 32.49 33.62 50.21
CA MET J 122 31.10 33.49 50.64
C MET J 122 30.21 33.06 49.48
N LYS J 123 30.53 33.57 48.29
CA LYS J 123 29.77 33.23 47.09
C LYS J 123 29.92 31.74 46.75
N ARG J 124 31.11 31.20 46.92
CA ARG J 124 31.36 29.78 46.67
C ARG J 124 30.59 28.93 47.68
N VAL J 125 30.55 29.40 48.93
CA VAL J 125 29.80 28.72 49.99
C VAL J 125 28.30 28.69 49.67
N VAL J 126 27.78 29.83 49.26
CA VAL J 126 26.36 29.95 48.89
C VAL J 126 26.01 29.03 47.73
N LEU J 127 26.87 29.01 46.71
CA LEU J 127 26.65 28.19 45.53
C LEU J 127 26.54 26.72 45.88
N SER J 128 27.37 26.28 46.82
CA SER J 128 27.32 24.91 47.29
C SER J 128 26.00 24.66 48.00
N LEU J 129 25.56 25.65 48.76
CA LEU J 129 24.31 25.58 49.49
C LEU J 129 23.13 25.52 48.52
N VAL J 130 23.20 26.32 47.47
CA VAL J 130 22.13 26.40 46.47
C VAL J 130 22.00 25.09 45.69
N THR J 131 23.13 24.42 45.49
CA THR J 131 23.14 23.14 44.78
C THR J 131 22.31 22.10 45.52
N MET J 132 22.35 22.11 46.85
CA MET J 132 21.55 21.19 47.65
C MET J 132 20.07 21.56 47.61
N LEU J 133 19.78 22.85 47.48
CA LEU J 133 18.40 23.33 47.45
C LEU J 133 17.70 22.99 46.13
N HIS J 134 18.46 22.95 45.04
CA HIS J 134 17.89 22.64 43.74
C HIS J 134 17.56 21.15 43.60
N ASP J 135 18.02 20.37 44.56
CA ASP J 135 17.79 18.93 44.59
C ASP J 135 16.92 18.60 45.78
N ASN J 136 16.17 19.60 46.23
CA ASN J 136 15.48 19.55 47.52
C ASN J 136 14.03 19.98 47.48
N LYS J 137 13.12 19.07 47.82
CA LYS J 137 11.72 19.44 47.95
C LYS J 137 11.39 19.57 49.44
N LEU J 138 12.10 20.47 50.10
CA LEU J 138 11.92 20.76 51.53
C LEU J 138 11.09 22.02 51.71
N SER J 139 10.53 22.17 52.90
CA SER J 139 9.75 23.35 53.25
C SER J 139 10.59 24.38 54.00
N LYS J 140 11.67 23.93 54.64
CA LYS J 140 12.48 24.82 55.45
C LYS J 140 13.99 24.56 55.35
N LEU J 141 14.74 25.65 55.27
CA LEU J 141 16.20 25.59 55.33
C LEU J 141 16.71 26.29 56.57
N THR J 142 17.60 25.63 57.30
CA THR J 142 18.21 26.22 58.48
C THR J 142 19.74 26.29 58.33
N VAL J 143 20.29 27.49 58.48
CA VAL J 143 21.72 27.69 58.35
C VAL J 143 22.32 28.05 59.70
N VAL J 144 23.31 27.27 60.13
CA VAL J 144 23.97 27.51 61.41
C VAL J 144 25.36 28.08 61.18
N PHE J 145 25.56 29.34 61.58
CA PHE J 145 26.84 30.01 61.37
C PHE J 145 27.83 29.68 62.47
N GLU J 146 28.75 28.74 62.21
CA GLU J 146 29.82 28.45 63.15
C GLU J 146 31.11 29.11 62.67
N ILE J 147 30.93 30.23 61.98
CA ILE J 147 32.02 31.05 61.51
C ILE J 147 31.71 32.51 61.83
N ASN J 148 32.72 33.38 61.76
CA ASN J 148 32.50 34.79 62.05
C ASN J 148 32.22 35.64 60.82
N VAL J 149 31.08 36.31 60.83
CA VAL J 149 30.73 37.25 59.78
C VAL J 149 30.15 38.51 60.40
N ASP J 150 30.50 39.67 59.83
CA ASP J 150 29.94 40.93 60.29
C ASP J 150 28.56 41.16 59.65
N LYS J 151 27.95 42.29 59.98
CA LYS J 151 26.61 42.60 59.51
C LYS J 151 26.51 42.70 57.99
N ASN J 152 27.49 43.33 57.36
CA ASN J 152 27.49 43.51 55.91
C ASN J 152 27.63 42.20 55.14
N LEU J 153 28.49 41.31 55.62
CA LEU J 153 28.72 40.04 54.95
C LEU J 153 27.52 39.13 55.12
N PHE J 154 26.85 39.23 56.26
CA PHE J 154 25.64 38.46 56.50
C PHE J 154 24.54 38.87 55.53
N ARG J 155 24.41 40.17 55.32
CA ARG J 155 23.44 40.67 54.36
C ARG J 155 23.81 40.20 52.96
N PHE J 156 25.10 40.23 52.65
CA PHE J 156 25.61 39.76 51.38
C PHE J 156 25.27 38.28 51.18
N PHE J 157 25.37 37.51 52.27
CA PHE J 157 25.02 36.09 52.25
C PHE J 157 23.57 35.87 51.85
N LEU J 158 22.67 36.64 52.44
CA LEU J 158 21.23 36.51 52.14
C LEU J 158 20.94 36.94 50.71
N GLU J 159 21.47 38.09 50.31
CA GLU J 159 21.29 38.59 48.96
C GLU J 159 21.75 37.56 47.93
N THR J 160 22.95 37.03 48.13
CA THR J 160 23.52 36.08 47.19
C THR J 160 22.72 34.78 47.20
N LEU J 161 22.33 34.33 48.39
CA LEU J 161 21.51 33.14 48.53
C LEU J 161 20.22 33.28 47.76
N PHE J 162 19.53 34.40 47.97
CA PHE J 162 18.27 34.66 47.29
C PHE J 162 18.47 34.72 45.77
N TYR J 163 19.50 35.42 45.34
CA TYR J 163 19.76 35.62 43.91
C TYR J 163 20.09 34.34 43.16
N GLU J 164 20.97 33.52 43.72
CA GLU J 164 21.40 32.29 43.05
C GLU J 164 20.31 31.22 43.13
N TYR J 165 19.52 31.25 44.20
CA TYR J 165 18.43 30.31 44.40
C TYR J 165 17.35 30.50 43.35
N MET J 166 17.08 31.77 43.03
CA MET J 166 16.05 32.12 42.05
C MET J 166 16.48 31.73 40.64
N THR J 167 15.56 31.14 39.87
CA THR J 167 15.84 30.74 38.49
C THR J 167 14.85 31.38 37.53
N ASP J 168 15.38 31.99 36.48
CA ASP J 168 14.56 32.69 35.49
C ASP J 168 14.02 31.74 34.42
N GLU J 169 12.71 31.54 34.41
CA GLU J 169 12.08 30.65 33.43
C GLU J 169 11.08 31.36 32.53
N ARG J 170 11.22 32.68 32.41
CA ARG J 170 10.32 33.49 31.60
C ARG J 170 10.26 33.02 30.15
N PHE J 171 11.38 32.48 29.65
CA PHE J 171 11.48 32.09 28.25
C PHE J 171 11.50 30.58 28.08
N LYS J 172 11.21 29.88 29.17
CA LYS J 172 11.05 28.43 29.17
C LYS J 172 9.63 28.04 28.78
N SER J 173 9.50 27.01 27.95
CA SER J 173 8.19 26.51 27.56
C SER J 173 7.98 25.08 28.02
N MET J 180 12.41 19.88 42.57
CA MET J 180 12.51 20.90 43.62
C MET J 180 11.33 21.86 43.57
N GLU J 181 11.08 22.52 44.70
CA GLU J 181 9.98 23.48 44.84
C GLU J 181 10.51 24.38 45.96
N TYR J 182 10.22 25.68 45.93
CA TYR J 182 10.90 26.59 46.87
C TYR J 182 10.47 26.49 48.33
N ILE J 183 11.43 26.73 49.22
CA ILE J 183 11.21 26.77 50.66
C ILE J 183 10.30 27.91 51.10
N LYS J 184 9.62 27.72 52.22
CA LYS J 184 8.72 28.72 52.76
C LYS J 184 9.30 29.35 54.03
N HIS J 185 10.30 28.69 54.60
CA HIS J 185 10.93 29.18 55.82
C HIS J 185 12.45 29.11 55.75
N LEU J 186 13.10 30.16 56.25
CA LEU J 186 14.55 30.19 56.37
C LEU J 186 14.95 30.51 57.79
N GLY J 187 15.61 29.55 58.44
CA GLY J 187 16.10 29.75 59.80
C GLY J 187 17.59 29.99 59.80
N VAL J 188 18.03 30.96 60.60
CA VAL J 188 19.45 31.28 60.69
C VAL J 188 19.90 31.30 62.14
N TYR J 189 20.92 30.49 62.45
CA TYR J 189 21.53 30.51 63.77
C TYR J 189 22.88 31.21 63.69
N ILE J 190 23.02 32.28 64.44
CA ILE J 190 24.21 33.10 64.40
C ILE J 190 24.38 33.80 65.74
N ASN J 191 25.61 34.19 66.06
CA ASN J 191 25.85 34.89 67.31
C ASN J 191 25.36 36.34 67.22
N ASN J 192 24.90 36.86 68.34
CA ASN J 192 24.24 38.18 68.40
C ASN J 192 23.17 38.37 67.34
N ALA J 193 22.17 37.49 67.34
CA ALA J 193 21.12 37.49 66.32
C ALA J 193 20.39 38.82 66.22
N ASP J 194 20.17 39.47 67.35
CA ASP J 194 19.41 40.72 67.39
C ASP J 194 20.07 41.82 66.56
N THR J 195 21.40 41.77 66.49
CA THR J 195 22.16 42.76 65.72
C THR J 195 22.00 42.52 64.22
N TYR J 196 21.76 41.27 63.84
CA TYR J 196 21.70 40.88 62.44
C TYR J 196 20.28 40.89 61.86
N LYS J 197 19.28 40.98 62.73
CA LYS J 197 17.89 40.91 62.30
C LYS J 197 17.50 42.04 61.33
N GLU J 198 18.09 43.21 61.54
CA GLU J 198 17.77 44.38 60.70
C GLU J 198 18.28 44.23 59.27
N GLU J 199 19.21 43.32 59.06
CA GLU J 199 19.81 43.11 57.73
C GLU J 199 18.91 42.29 56.81
N VAL J 200 17.97 41.55 57.39
CA VAL J 200 17.14 40.62 56.63
C VAL J 200 16.31 41.30 55.54
N GLU J 201 15.46 42.24 55.93
CA GLU J 201 14.58 42.89 54.96
C GLU J 201 15.34 43.80 54.00
N LYS J 202 16.46 44.36 54.45
CA LYS J 202 17.29 45.14 53.55
C LYS J 202 17.83 44.24 52.43
N ALA J 203 18.25 43.04 52.81
CA ALA J 203 18.75 42.05 51.86
C ALA J 203 17.69 41.65 50.85
N ARG J 204 16.45 41.51 51.31
CA ARG J 204 15.36 41.09 50.43
C ARG J 204 15.11 42.16 49.37
N VAL J 205 15.23 43.42 49.76
CA VAL J 205 15.08 44.54 48.83
C VAL J 205 16.24 44.57 47.83
N TYR J 206 17.46 44.47 48.34
CA TYR J 206 18.66 44.48 47.51
C TYR J 206 18.65 43.32 46.51
N TYR J 207 18.15 42.18 46.96
CA TYR J 207 18.00 41.01 46.11
C TYR J 207 17.20 41.31 44.85
N PHE J 208 15.99 41.82 45.03
CA PHE J 208 15.10 42.00 43.88
C PHE J 208 15.61 43.09 42.95
N GLY J 209 16.22 44.12 43.52
CA GLY J 209 16.84 45.16 42.71
C GLY J 209 17.86 44.55 41.76
N THR J 210 18.67 43.65 42.29
CA THR J 210 19.66 42.94 41.49
C THR J 210 18.98 41.98 40.50
N TYR J 211 17.99 41.23 40.99
CA TYR J 211 17.29 40.27 40.15
C TYR J 211 16.47 40.98 39.08
N TYR J 212 15.94 42.15 39.41
CA TYR J 212 15.21 42.95 38.42
C TYR J 212 16.16 43.40 37.31
N ALA J 213 17.33 43.89 37.69
CA ALA J 213 18.33 44.29 36.73
C ALA J 213 18.73 43.06 35.90
N SER J 214 18.84 41.93 36.57
CA SER J 214 19.16 40.67 35.92
C SER J 214 18.16 40.29 34.83
N GLN J 215 16.87 40.45 35.13
CA GLN J 215 15.82 40.10 34.18
C GLN J 215 15.90 40.95 32.91
N LEU J 216 16.23 42.22 33.06
CA LEU J 216 16.35 43.12 31.93
C LEU J 216 17.57 42.76 31.06
N ILE J 217 18.69 42.48 31.70
CA ILE J 217 19.91 42.15 30.98
C ILE J 217 19.74 40.83 30.24
N ALA J 218 19.25 39.81 30.95
CA ALA J 218 19.09 38.47 30.39
C ALA J 218 18.06 38.46 29.27
N ALA J 219 17.10 39.37 29.32
CA ALA J 219 16.09 39.50 28.28
C ALA J 219 16.77 39.76 26.95
N PRO J 220 16.50 38.91 25.95
CA PRO J 220 17.11 39.02 24.61
C PRO J 220 16.74 40.32 23.92
N SER J 221 17.49 40.68 22.89
CA SER J 221 17.34 41.98 22.25
C SER J 221 16.05 42.12 21.45
N ASN J 222 15.44 40.99 21.06
CA ASN J 222 14.16 41.05 20.39
C ASN J 222 13.02 41.28 21.38
N TYR J 223 13.22 40.86 22.62
CA TYR J 223 12.28 41.18 23.69
C TYR J 223 12.61 42.54 24.29
N CYS J 224 13.89 42.75 24.56
CA CYS J 224 14.35 44.00 25.19
C CYS J 224 14.90 44.98 24.16
N ASN J 225 14.06 45.91 23.75
CA ASN J 225 14.44 46.95 22.80
C ASN J 225 14.24 48.33 23.44
N PRO J 226 14.72 49.41 22.78
CA PRO J 226 14.55 50.75 23.38
C PRO J 226 13.12 51.10 23.76
N VAL J 227 12.15 50.66 22.97
CA VAL J 227 10.75 50.96 23.27
C VAL J 227 10.26 50.15 24.45
N SER J 228 10.48 48.83 24.40
CA SER J 228 10.01 47.96 25.47
C SER J 228 10.75 48.21 26.79
N LEU J 229 12.03 48.57 26.70
CA LEU J 229 12.83 48.84 27.89
C LEU J 229 12.36 50.12 28.57
N SER J 230 12.07 51.15 27.77
CA SER J 230 11.57 52.40 28.31
C SER J 230 10.18 52.23 28.90
N ASN J 231 9.39 51.35 28.30
CA ASN J 231 8.07 51.02 28.84
C ASN J 231 8.17 50.39 30.23
N ALA J 232 9.14 49.50 30.40
CA ALA J 232 9.35 48.84 31.69
C ALA J 232 9.77 49.83 32.76
N ALA J 233 10.58 50.81 32.38
CA ALA J 233 11.01 51.85 33.30
C ALA J 233 9.81 52.66 33.79
N VAL J 234 8.91 52.97 32.87
CA VAL J 234 7.68 53.70 33.20
C VAL J 234 6.82 52.91 34.18
N GLU J 235 6.61 51.63 33.87
CA GLU J 235 5.81 50.76 34.73
C GLU J 235 6.42 50.65 36.12
N LEU J 236 7.74 50.58 36.18
CA LEU J 236 8.47 50.53 37.44
C LEU J 236 8.27 51.82 38.24
N ALA J 237 8.38 52.94 37.54
CA ALA J 237 8.22 54.25 38.15
C ALA J 237 6.83 54.42 38.74
N GLN J 238 5.84 53.88 38.05
CA GLN J 238 4.45 53.97 38.48
C GLN J 238 4.20 53.18 39.76
N LYS J 239 4.85 52.02 39.87
CA LYS J 239 4.71 51.19 41.07
C LYS J 239 5.42 51.78 42.28
N LEU J 240 6.45 52.58 42.03
CA LEU J 240 7.27 53.12 43.11
C LEU J 240 6.92 54.58 43.39
N ASN J 241 5.92 55.07 42.66
CA ASN J 241 5.47 56.46 42.73
C ASN J 241 6.62 57.45 42.55
N LEU J 242 7.43 57.25 41.50
CA LEU J 242 8.47 58.19 41.11
C LEU J 242 8.04 59.03 39.91
N GLU J 243 8.48 60.28 39.87
CA GLU J 243 8.25 61.10 38.68
C GLU J 243 9.04 60.52 37.51
N TYR J 244 8.41 60.46 36.34
CA TYR J 244 9.07 59.87 35.19
C TYR J 244 8.82 60.68 33.92
N LYS J 245 9.74 60.56 32.97
CA LYS J 245 9.64 61.30 31.73
C LYS J 245 10.43 60.55 30.66
N ILE J 246 9.77 60.20 29.57
CA ILE J 246 10.45 59.54 28.46
C ILE J 246 10.55 60.48 27.28
N LEU J 247 11.79 60.82 26.92
CA LEU J 247 12.02 61.76 25.83
C LEU J 247 12.11 61.02 24.51
N GLY J 248 11.29 61.43 23.55
CA GLY J 248 11.26 60.81 22.24
C GLY J 248 12.14 61.51 21.22
N VAL J 249 12.17 60.97 20.01
CA VAL J 249 13.05 61.46 18.95
C VAL J 249 12.90 62.94 18.67
N LYS J 250 11.65 63.39 18.55
CA LYS J 250 11.36 64.78 18.24
C LYS J 250 11.91 65.72 19.31
N GLU J 251 11.71 65.35 20.58
CA GLU J 251 12.21 66.12 21.70
C GLU J 251 13.74 66.07 21.80
N LEU J 252 14.32 64.90 21.50
CA LEU J 252 15.77 64.73 21.54
C LEU J 252 16.46 65.56 20.47
N GLU J 253 15.79 65.72 19.32
CA GLU J 253 16.31 66.55 18.25
C GLU J 253 16.38 68.02 18.68
N GLU J 254 15.35 68.48 19.38
CA GLU J 254 15.28 69.85 19.88
C GLU J 254 16.39 70.13 20.89
N LEU J 255 16.76 69.12 21.67
CA LEU J 255 17.83 69.25 22.64
C LEU J 255 19.20 69.07 21.99
N LYS J 256 19.19 68.78 20.70
CA LYS J 256 20.39 68.66 19.87
C LYS J 256 21.35 67.56 20.32
N MET J 257 20.80 66.42 20.74
CA MET J 257 21.61 65.29 21.14
C MET J 257 22.08 64.52 19.91
N GLY J 258 22.97 65.13 19.13
CA GLY J 258 23.39 64.59 17.85
C GLY J 258 24.21 63.31 17.96
N ALA J 259 25.01 63.22 19.00
CA ALA J 259 25.81 62.03 19.23
C ALA J 259 24.93 60.82 19.56
N TYR J 260 24.01 61.02 20.48
CA TYR J 260 23.09 59.97 20.91
C TYR J 260 22.20 59.52 19.76
N LEU J 261 21.67 60.49 19.01
CA LEU J 261 20.78 60.18 17.90
C LEU J 261 21.49 59.47 16.76
N SER J 262 22.78 59.78 16.57
CA SER J 262 23.57 59.19 15.49
C SER J 262 23.75 57.69 15.66
N VAL J 263 23.97 57.25 16.88
CA VAL J 263 24.14 55.83 17.18
C VAL J 263 22.88 55.03 16.83
N GLY J 264 21.72 55.60 17.11
CA GLY J 264 20.46 54.90 16.91
C GLY J 264 19.88 54.98 15.51
N LYS J 265 20.50 55.81 14.66
CA LYS J 265 20.02 56.06 13.30
C LYS J 265 19.70 54.80 12.51
N GLY J 266 20.55 53.78 12.66
CA GLY J 266 20.41 52.56 11.89
C GLY J 266 19.41 51.56 12.45
N SER J 267 18.72 51.92 13.53
CA SER J 267 17.79 50.99 14.17
C SER J 267 16.35 51.21 13.73
N MET J 268 15.57 50.13 13.81
CA MET J 268 14.13 50.20 13.51
C MET J 268 13.38 50.70 14.74
N TYR J 269 14.07 50.70 15.87
CA TYR J 269 13.49 51.19 17.11
C TYR J 269 13.95 52.62 17.38
N PRO J 270 12.99 53.52 17.60
CA PRO J 270 13.30 54.92 17.90
C PRO J 270 14.05 55.06 19.23
N ASN J 271 14.97 56.01 19.31
CA ASN J 271 15.69 56.28 20.54
C ASN J 271 14.75 56.70 21.68
N LYS J 272 15.04 56.20 22.88
CA LYS J 272 14.25 56.54 24.06
C LYS J 272 15.14 56.93 25.23
N PHE J 273 14.99 58.15 25.71
CA PHE J 273 15.77 58.64 26.85
C PHE J 273 14.96 58.56 28.14
N ILE J 274 15.40 57.69 29.06
CA ILE J 274 14.70 57.48 30.32
C ILE J 274 15.16 58.44 31.40
N HIS J 275 14.20 59.09 32.06
CA HIS J 275 14.46 60.00 33.15
C HIS J 275 13.51 59.75 34.32
N LEU J 276 14.00 59.04 35.33
CA LEU J 276 13.24 58.79 36.55
C LEU J 276 13.75 59.69 37.66
N THR J 277 12.87 60.07 38.57
CA THR J 277 13.26 60.93 39.68
C THR J 277 12.66 60.49 41.01
N TYR J 278 13.51 60.40 42.03
CA TYR J 278 13.07 60.19 43.40
C TYR J 278 13.32 61.47 44.17
N LYS J 279 12.28 62.01 44.81
CA LYS J 279 12.44 63.19 45.65
C LYS J 279 12.00 62.92 47.07
N SER J 280 12.86 63.28 48.03
CA SER J 280 12.55 63.09 49.45
C SER J 280 11.43 64.03 49.88
N LYS J 281 10.68 63.61 50.90
CA LYS J 281 9.56 64.41 51.38
C LYS J 281 10.03 65.64 52.14
N GLY J 282 11.22 65.55 52.74
CA GLY J 282 11.76 66.67 53.48
C GLY J 282 12.64 67.56 52.64
N ASP J 283 13.46 68.38 53.29
CA ASP J 283 14.38 69.27 52.60
C ASP J 283 15.47 68.50 51.88
N VAL J 284 15.68 68.81 50.60
CA VAL J 284 16.70 68.12 49.81
C VAL J 284 18.06 68.77 49.99
N LYS J 285 19.03 67.98 50.44
CA LYS J 285 20.36 68.49 50.75
C LYS J 285 21.42 68.02 49.75
N LYS J 286 21.15 66.92 49.05
CA LYS J 286 22.07 66.43 48.02
C LYS J 286 21.30 66.01 46.77
N LYS J 287 21.79 66.46 45.61
CA LYS J 287 21.20 66.07 44.33
C LYS J 287 22.18 65.18 43.56
N ILE J 288 21.71 63.99 43.17
CA ILE J 288 22.59 63.02 42.52
C ILE J 288 21.96 62.50 41.22
N ALA J 289 22.78 62.43 40.17
CA ALA J 289 22.33 61.85 38.90
C ALA J 289 23.04 60.52 38.62
N LEU J 290 22.26 59.46 38.40
CA LEU J 290 22.81 58.17 38.03
C LEU J 290 22.57 57.87 36.54
N VAL J 291 23.65 57.70 35.78
CA VAL J 291 23.56 57.52 34.34
C VAL J 291 23.97 56.12 33.91
N GLY J 292 23.12 55.44 33.14
CA GLY J 292 23.40 54.10 32.69
C GLY J 292 23.47 53.98 31.17
N LYS J 293 24.46 53.24 30.69
CA LYS J 293 24.57 52.95 29.27
C LYS J 293 23.45 52.00 28.86
N GLY J 294 22.67 52.39 27.85
CA GLY J 294 21.51 51.61 27.47
C GLY J 294 21.49 51.18 26.01
N ILE J 295 22.46 50.36 25.63
CA ILE J 295 22.47 49.78 24.30
C ILE J 295 21.81 48.40 24.35
N THR J 296 20.59 48.30 23.83
CA THR J 296 19.82 47.07 23.92
C THR J 296 20.47 45.96 23.10
N PHE J 297 21.16 46.33 22.03
CA PHE J 297 22.03 45.40 21.33
C PHE J 297 23.16 46.15 20.62
N ASP J 298 24.37 45.64 20.77
CA ASP J 298 25.53 46.24 20.13
C ASP J 298 26.08 45.31 19.05
N SER J 299 25.71 45.54 17.80
CA SER J 299 26.21 44.73 16.71
C SER J 299 27.60 45.21 16.32
N GLY J 300 27.92 46.43 16.73
CA GLY J 300 29.18 47.06 16.40
C GLY J 300 29.03 48.11 15.32
N GLY J 301 27.89 48.08 14.63
CA GLY J 301 27.67 48.98 13.51
C GLY J 301 28.49 48.54 12.32
N TYR J 302 28.87 49.50 11.47
CA TYR J 302 29.67 49.17 10.29
C TYR J 302 31.06 48.69 10.69
N ASN J 303 31.48 49.04 11.90
CA ASN J 303 32.63 48.39 12.52
C ASN J 303 32.14 47.11 13.19
N LEU J 304 31.55 46.23 12.39
CA LEU J 304 30.89 45.03 12.88
C LEU J 304 31.76 44.17 13.77
N LYS J 305 31.15 43.61 14.82
CA LYS J 305 31.83 42.66 15.70
C LYS J 305 32.02 41.33 15.00
N ALA J 306 33.06 41.23 14.19
CA ALA J 306 33.30 40.03 13.39
C ALA J 306 34.60 39.31 13.79
N ALA J 307 35.42 39.98 14.60
CA ALA J 307 36.67 39.39 15.06
C ALA J 307 36.43 38.28 16.07
N PRO J 308 37.34 37.30 16.14
CA PRO J 308 37.24 36.24 17.15
C PRO J 308 37.30 36.80 18.57
N GLY J 309 36.37 36.37 19.41
CA GLY J 309 36.34 36.81 20.79
C GLY J 309 35.56 38.09 21.00
N SER J 310 34.85 38.52 19.96
CA SER J 310 34.09 39.77 20.03
C SER J 310 32.74 39.55 20.71
N MET J 311 32.36 38.28 20.84
CA MET J 311 31.17 37.88 21.62
C MET J 311 29.88 38.59 21.22
N ILE J 312 29.57 38.61 19.92
CA ILE J 312 28.40 39.31 19.43
C ILE J 312 27.10 38.71 19.97
N ASP J 313 27.13 37.43 20.31
CA ASP J 313 25.93 36.74 20.78
C ASP J 313 25.60 37.09 22.22
N LEU J 314 26.48 37.87 22.85
CA LEU J 314 26.32 38.27 24.23
C LEU J 314 25.84 39.71 24.35
N MET J 315 25.79 40.40 23.21
CA MET J 315 25.65 41.85 23.19
C MET J 315 24.30 42.39 23.63
N LYS J 316 23.44 41.53 24.16
CA LYS J 316 22.24 41.98 24.85
C LYS J 316 22.66 42.56 26.21
N PHE J 317 23.78 42.07 26.74
CA PHE J 317 24.38 42.56 27.99
C PHE J 317 24.69 44.05 28.00
N ASP J 318 24.72 44.67 26.82
CA ASP J 318 25.25 46.03 26.66
C ASP J 318 24.37 47.12 27.27
N MET J 319 23.31 46.72 27.95
CA MET J 319 22.44 47.66 28.65
C MET J 319 22.53 47.47 30.16
N SER J 320 23.57 46.78 30.61
CA SER J 320 23.74 46.45 32.02
C SER J 320 23.79 47.68 32.90
N GLY J 321 24.43 48.74 32.40
CA GLY J 321 24.51 49.98 33.14
C GLY J 321 23.13 50.54 33.39
N CYS J 322 22.29 50.51 32.37
CA CYS J 322 20.91 50.97 32.50
C CYS J 322 20.12 50.14 33.51
N ALA J 323 20.27 48.82 33.44
CA ALA J 323 19.57 47.91 34.33
C ALA J 323 19.96 48.16 35.78
N ALA J 324 21.25 48.39 36.01
CA ALA J 324 21.75 48.68 37.34
C ALA J 324 21.12 49.95 37.88
N VAL J 325 21.01 50.96 37.03
CA VAL J 325 20.40 52.22 37.42
C VAL J 325 18.93 52.03 37.76
N LEU J 326 18.23 51.25 36.93
CA LEU J 326 16.82 50.97 37.17
C LEU J 326 16.60 50.10 38.40
N GLY J 327 17.49 49.14 38.61
CA GLY J 327 17.42 48.28 39.77
C GLY J 327 17.63 49.08 41.04
N CYS J 328 18.50 50.08 40.94
CA CYS J 328 18.77 51.00 42.03
C CYS J 328 17.54 51.84 42.33
N ALA J 329 16.83 52.23 41.27
CA ALA J 329 15.59 53.00 41.41
C ALA J 329 14.59 52.23 42.27
N TYR J 330 14.55 50.93 42.09
CA TYR J 330 13.68 50.08 42.91
C TYR J 330 14.07 50.16 44.38
N CYS J 331 15.36 49.97 44.66
CA CYS J 331 15.87 49.96 46.03
C CYS J 331 15.64 51.31 46.70
N VAL J 332 15.97 52.38 45.99
CA VAL J 332 15.81 53.72 46.52
C VAL J 332 14.34 54.06 46.72
N GLY J 333 13.51 53.72 45.74
CA GLY J 333 12.08 53.96 45.82
C GLY J 333 11.40 53.16 46.92
N THR J 334 12.01 52.04 47.29
CA THR J 334 11.45 51.15 48.30
C THR J 334 11.92 51.53 49.69
N LEU J 335 13.23 51.74 49.83
CA LEU J 335 13.82 52.07 51.13
C LEU J 335 13.55 53.52 51.50
N LYS J 336 13.31 54.35 50.48
CA LYS J 336 12.94 55.76 50.65
C LYS J 336 13.86 56.55 51.58
N PRO J 337 15.10 56.84 51.12
CA PRO J 337 16.05 57.66 51.87
C PRO J 337 15.57 59.10 51.99
N GLU J 338 16.14 59.86 52.92
CA GLU J 338 15.71 61.24 53.13
C GLU J 338 16.81 62.25 52.74
N ASN J 339 16.41 63.51 52.62
CA ASN J 339 17.31 64.62 52.29
C ASN J 339 18.08 64.44 50.98
N VAL J 340 17.52 63.69 50.04
CA VAL J 340 18.22 63.45 48.78
C VAL J 340 17.28 63.47 47.57
N GLU J 341 17.77 64.00 46.46
CA GLU J 341 17.03 63.97 45.19
C GLU J 341 17.88 63.27 44.13
N ILE J 342 17.36 62.17 43.60
CA ILE J 342 18.11 61.36 42.65
C ILE J 342 17.42 61.28 41.29
N HIS J 343 18.18 61.55 40.23
CA HIS J 343 17.71 61.40 38.87
C HIS J 343 18.30 60.16 38.22
N PHE J 344 17.44 59.30 37.68
CA PHE J 344 17.88 58.09 37.03
C PHE J 344 17.83 58.25 35.51
N LEU J 345 18.99 58.33 34.88
CA LEU J 345 19.07 58.66 33.45
C LEU J 345 19.64 57.51 32.62
N SER J 346 19.11 57.35 31.41
CA SER J 346 19.66 56.39 30.47
C SER J 346 19.29 56.73 29.03
N ALA J 347 20.30 56.93 28.20
CA ALA J 347 20.08 57.18 26.77
C ALA J 347 20.00 55.85 26.02
N VAL J 348 18.80 55.31 25.90
CA VAL J 348 18.61 53.99 25.34
C VAL J 348 18.43 54.01 23.81
N CYS J 349 19.17 53.14 23.13
CA CYS J 349 19.04 52.98 21.68
C CYS J 349 19.62 51.64 21.27
N GLU J 350 19.73 51.42 19.96
CA GLU J 350 20.25 50.17 19.42
C GLU J 350 21.27 50.44 18.31
N ASN J 351 22.41 49.75 18.37
CA ASN J 351 23.47 49.96 17.40
C ASN J 351 23.48 48.87 16.33
N MET J 352 22.89 49.18 15.18
CA MET J 352 22.67 48.18 14.15
C MET J 352 23.30 48.56 12.82
N VAL J 353 23.34 47.60 11.90
CA VAL J 353 23.87 47.83 10.56
C VAL J 353 22.73 48.05 9.58
N SER J 354 22.80 49.17 8.87
CA SER J 354 21.72 49.59 8.00
C SER J 354 22.19 50.67 7.03
N LYS J 355 21.36 51.00 6.05
CA LYS J 355 21.64 52.11 5.16
C LYS J 355 21.49 53.45 5.90
N ASN J 356 20.80 53.42 7.03
CA ASN J 356 20.56 54.63 7.80
C ASN J 356 21.59 54.80 8.90
N SER J 357 22.45 53.80 9.06
CA SER J 357 23.45 53.80 10.11
C SER J 357 24.48 54.91 9.90
N TYR J 358 25.07 55.38 10.99
CA TYR J 358 26.16 56.35 10.88
C TYR J 358 27.43 55.62 10.49
N ARG J 359 28.29 56.30 9.73
CA ARG J 359 29.46 55.67 9.17
C ARG J 359 30.72 56.04 9.92
N PRO J 360 31.73 55.17 9.87
CA PRO J 360 33.06 55.53 10.36
C PRO J 360 33.59 56.75 9.61
N GLY J 361 34.01 57.78 10.33
CA GLY J 361 34.50 58.99 9.70
C GLY J 361 33.53 60.13 9.80
N ASP J 362 32.28 59.81 10.14
CA ASP J 362 31.24 60.82 10.30
C ASP J 362 31.62 61.81 11.40
N ILE J 363 31.27 63.07 11.21
CA ILE J 363 31.46 64.08 12.23
C ILE J 363 30.10 64.51 12.79
N ILE J 364 29.93 64.36 14.10
CA ILE J 364 28.65 64.63 14.74
C ILE J 364 28.79 65.68 15.85
N THR J 365 27.70 66.36 16.14
CA THR J 365 27.72 67.45 17.12
C THR J 365 26.96 67.09 18.39
N ALA J 366 27.65 67.15 19.52
CA ALA J 366 27.03 66.89 20.81
C ALA J 366 26.16 68.08 21.26
N SER J 367 25.30 67.84 22.25
CA SER J 367 24.37 68.86 22.71
C SER J 367 25.05 70.03 23.41
N ASN J 368 26.34 69.89 23.68
CA ASN J 368 27.11 70.98 24.28
C ASN J 368 27.89 71.76 23.22
N GLY J 369 27.66 71.41 21.95
CA GLY J 369 28.29 72.12 20.85
C GLY J 369 29.57 71.50 20.32
N LYS J 370 30.12 70.53 21.03
CA LYS J 370 31.36 69.86 20.62
C LYS J 370 31.15 68.95 19.42
N THR J 371 32.02 69.09 18.41
CA THR J 371 31.98 68.20 17.25
C THR J 371 32.85 66.96 17.49
N ILE J 372 32.35 65.79 17.09
CA ILE J 372 33.04 64.53 17.35
C ILE J 372 33.29 63.75 16.06
N GLU J 373 34.54 63.36 15.83
CA GLU J 373 34.87 62.54 14.68
C GLU J 373 34.82 61.06 15.05
N VAL J 374 33.94 60.32 14.38
CA VAL J 374 33.77 58.91 14.65
C VAL J 374 34.84 58.08 13.97
N GLY J 375 35.65 57.39 14.77
CA GLY J 375 36.70 56.55 14.22
C GLY J 375 36.32 55.09 14.22
N ASN J 376 35.36 54.74 15.06
CA ASN J 376 34.91 53.37 15.21
C ASN J 376 33.47 53.32 15.70
N THR J 377 32.55 52.80 14.88
CA THR J 377 31.15 52.78 15.24
C THR J 377 30.84 51.81 16.38
N ASP J 378 31.81 50.97 16.73
CA ASP J 378 31.63 50.01 17.81
C ASP J 378 31.96 50.68 19.14
N ALA J 379 32.39 51.93 19.07
CA ALA J 379 32.62 52.72 20.28
C ALA J 379 31.45 53.67 20.50
N GLU J 380 30.24 53.12 20.42
CA GLU J 380 29.02 53.94 20.47
C GLU J 380 28.60 54.33 21.88
N GLY J 381 29.07 53.57 22.87
CA GLY J 381 28.70 53.80 24.25
C GLY J 381 29.07 55.18 24.74
N ARG J 382 30.29 55.61 24.46
CA ARG J 382 30.76 56.90 24.93
C ARG J 382 30.01 58.04 24.25
N LEU J 383 29.48 57.78 23.06
CA LEU J 383 28.71 58.78 22.32
C LEU J 383 27.35 59.04 22.97
N THR J 384 26.66 57.96 23.31
CA THR J 384 25.35 58.08 23.96
C THR J 384 25.50 58.63 25.37
N LEU J 385 26.55 58.21 26.06
CA LEU J 385 26.84 58.70 27.40
C LEU J 385 27.19 60.18 27.41
N ALA J 386 27.85 60.63 26.34
CA ALA J 386 28.26 62.04 26.21
C ALA J 386 27.07 62.99 26.31
N ASP J 387 26.04 62.73 25.51
CA ASP J 387 24.85 63.56 25.55
C ASP J 387 24.13 63.43 26.88
N ALA J 388 24.17 62.23 27.45
CA ALA J 388 23.54 61.98 28.74
C ALA J 388 24.22 62.75 29.87
N LEU J 389 25.55 62.86 29.81
CA LEU J 389 26.31 63.58 30.83
C LEU J 389 26.05 65.08 30.71
N VAL J 390 25.92 65.56 29.48
CA VAL J 390 25.60 66.96 29.23
C VAL J 390 24.22 67.26 29.76
N TYR J 391 23.30 66.32 29.55
CA TYR J 391 21.95 66.42 30.07
C TYR J 391 21.93 66.41 31.59
N ALA J 392 22.71 65.50 32.18
CA ALA J 392 22.78 65.33 33.63
C ALA J 392 23.29 66.59 34.33
N GLU J 393 24.31 67.21 33.76
CA GLU J 393 24.93 68.37 34.39
C GLU J 393 23.98 69.57 34.38
N LYS J 394 23.12 69.64 33.37
CA LYS J 394 22.14 70.72 33.28
C LYS J 394 21.08 70.64 34.38
N LEU J 395 20.97 69.48 35.01
CA LEU J 395 20.02 69.29 36.10
C LEU J 395 20.49 69.97 37.38
N GLY J 396 21.76 70.36 37.40
CA GLY J 396 22.34 71.04 38.54
C GLY J 396 22.48 70.15 39.76
N VAL J 397 23.15 69.02 39.57
CA VAL J 397 23.32 68.06 40.65
C VAL J 397 24.69 68.19 41.30
N ASP J 398 24.88 67.54 42.44
CA ASP J 398 26.14 67.59 43.15
C ASP J 398 27.08 66.51 42.65
N TYR J 399 26.53 65.33 42.39
CA TYR J 399 27.31 64.22 41.89
C TYR J 399 26.71 63.62 40.63
N ILE J 400 27.55 63.30 39.66
CA ILE J 400 27.14 62.52 38.50
C ILE J 400 27.92 61.22 38.46
N VAL J 401 27.22 60.09 38.54
CA VAL J 401 27.87 58.79 38.44
C VAL J 401 27.31 57.98 37.28
N ASP J 402 28.15 57.70 36.29
CA ASP J 402 27.71 56.88 35.17
C ASP J 402 28.27 55.47 35.30
N ILE J 403 27.49 54.50 34.87
CA ILE J 403 27.90 53.09 34.93
C ILE J 403 27.60 52.45 33.58
N ALA J 404 28.58 51.73 33.04
CA ALA J 404 28.50 51.29 31.66
C ALA J 404 29.40 50.08 31.34
N THR J 405 28.93 49.24 30.42
CA THR J 405 29.77 48.20 29.84
C THR J 405 30.53 48.83 28.68
N LEU J 406 31.48 49.69 29.00
CA LEU J 406 32.09 50.55 28.01
C LEU J 406 33.22 49.89 27.20
N THR J 407 34.19 49.30 27.87
CA THR J 407 35.38 48.80 27.17
C THR J 407 35.74 47.36 27.49
N GLY J 408 36.07 46.59 26.45
CA GLY J 408 36.45 45.21 26.62
C GLY J 408 37.84 45.05 27.22
N ALA J 409 38.60 46.14 27.25
CA ALA J 409 39.93 46.13 27.83
C ALA J 409 39.89 45.79 29.32
N MET J 410 38.73 46.01 29.93
CA MET J 410 38.55 45.72 31.35
C MET J 410 38.84 44.25 31.64
N LEU J 411 38.55 43.40 30.67
CA LEU J 411 38.81 41.98 30.79
C LEU J 411 40.30 41.69 30.89
N TYR J 412 41.11 42.60 30.37
CA TYR J 412 42.55 42.43 30.40
C TYR J 412 43.19 43.17 31.57
N SER J 413 42.47 44.12 32.16
CA SER J 413 43.01 44.90 33.26
C SER J 413 42.60 44.33 34.63
N LEU J 414 41.31 44.30 34.91
CA LEU J 414 40.84 43.87 36.22
C LEU J 414 40.15 42.51 36.17
N GLY J 415 39.73 42.11 34.98
CA GLY J 415 39.11 40.82 34.80
C GLY J 415 37.60 40.82 35.02
N THR J 416 37.09 39.71 35.55
CA THR J 416 35.66 39.50 35.62
C THR J 416 35.08 39.73 37.02
N SER J 417 35.93 40.06 37.99
CA SER J 417 35.48 40.21 39.37
C SER J 417 35.43 41.66 39.83
N TYR J 418 36.38 42.48 39.38
CA TYR J 418 36.47 43.87 39.81
C TYR J 418 36.12 44.84 38.70
N ALA J 419 35.23 45.78 38.99
CA ALA J 419 34.92 46.86 38.05
C ALA J 419 35.90 47.99 38.24
N GLY J 420 36.04 48.83 37.21
CA GLY J 420 36.91 49.98 37.30
C GLY J 420 36.12 51.27 37.55
N VAL J 421 36.68 52.15 38.37
CA VAL J 421 36.07 53.45 38.58
C VAL J 421 37.07 54.54 38.21
N PHE J 422 36.58 55.51 37.44
CA PHE J 422 37.38 56.66 37.01
C PHE J 422 36.64 57.91 37.46
N GLY J 423 37.34 59.03 37.57
CA GLY J 423 36.67 60.27 37.97
C GLY J 423 37.52 61.51 37.92
N ASN J 424 36.87 62.66 38.10
CA ASN J 424 37.54 63.95 38.13
C ASN J 424 37.56 64.53 39.54
N ASN J 425 37.06 63.75 40.48
CA ASN J 425 36.90 64.20 41.87
C ASN J 425 37.24 63.08 42.84
N GLU J 426 38.25 63.31 43.68
CA GLU J 426 38.76 62.26 44.54
C GLU J 426 37.80 61.93 45.68
N GLU J 427 37.03 62.93 46.11
CA GLU J 427 36.07 62.72 47.19
C GLU J 427 34.93 61.80 46.75
N LEU J 428 34.42 62.02 45.54
CA LEU J 428 33.34 61.20 45.01
C LEU J 428 33.81 59.76 44.82
N ILE J 429 35.03 59.60 44.33
CA ILE J 429 35.62 58.28 44.11
C ILE J 429 35.70 57.52 45.43
N ASN J 430 36.11 58.21 46.49
CA ASN J 430 36.19 57.60 47.81
C ASN J 430 34.82 57.11 48.29
N LYS J 431 33.77 57.89 48.00
CA LYS J 431 32.42 57.50 48.38
C LYS J 431 31.99 56.21 47.68
N ILE J 432 32.34 56.09 46.40
CA ILE J 432 32.06 54.88 45.64
C ILE J 432 32.86 53.69 46.15
N LEU J 433 34.13 53.91 46.46
CA LEU J 433 34.97 52.85 47.00
C LEU J 433 34.44 52.36 48.34
N GLN J 434 33.98 53.29 49.17
CA GLN J 434 33.39 52.94 50.45
C GLN J 434 32.09 52.15 50.25
N SER J 435 31.30 52.56 49.26
CA SER J 435 30.08 51.87 48.92
C SER J 435 30.37 50.46 48.40
N SER J 436 31.49 50.33 47.70
CA SER J 436 31.91 49.03 47.17
C SER J 436 32.16 48.04 48.30
N LYS J 437 32.79 48.51 49.37
CA LYS J 437 33.10 47.65 50.51
C LYS J 437 31.85 47.19 51.25
N THR J 438 30.92 48.11 51.50
CA THR J 438 29.74 47.77 52.28
C THR J 438 28.71 47.01 51.45
N SER J 439 28.77 47.17 50.13
CA SER J 439 27.87 46.44 49.24
C SER J 439 28.49 45.11 48.80
N ASN J 440 29.80 44.97 49.04
CA ASN J 440 30.56 43.80 48.62
C ASN J 440 30.48 43.61 47.10
N GLU J 441 30.39 44.71 46.38
CA GLU J 441 30.55 44.69 44.92
C GLU J 441 31.86 45.37 44.60
N PRO J 442 32.90 44.56 44.35
CA PRO J 442 34.30 45.03 44.28
C PRO J 442 34.59 46.00 43.14
N VAL J 443 35.21 47.12 43.50
CA VAL J 443 35.59 48.16 42.54
C VAL J 443 37.02 48.59 42.82
N TRP J 444 37.79 48.89 41.78
CA TRP J 444 39.16 49.35 41.97
C TRP J 444 39.38 50.68 41.23
N TRP J 445 40.08 51.60 41.88
CA TRP J 445 40.30 52.93 41.33
C TRP J 445 41.37 52.93 40.23
N LEU J 446 40.98 53.39 39.04
CA LEU J 446 41.91 53.49 37.92
C LEU J 446 42.10 54.96 37.54
N PRO J 447 43.28 55.31 37.02
CA PRO J 447 43.61 56.72 36.77
C PRO J 447 43.13 57.24 35.44
N ILE J 448 42.81 58.53 35.39
CA ILE J 448 42.61 59.23 34.14
C ILE J 448 43.90 59.95 33.79
N ILE J 449 44.71 59.33 32.94
CA ILE J 449 46.04 59.85 32.63
C ILE J 449 45.96 60.92 31.54
N ASN J 450 46.17 62.17 31.95
CA ASN J 450 46.03 63.32 31.06
C ASN J 450 47.00 63.33 29.89
N GLU J 451 48.10 62.60 30.00
CA GLU J 451 49.09 62.56 28.93
C GLU J 451 48.49 61.94 27.67
N TYR J 452 47.47 61.10 27.83
CA TYR J 452 46.87 60.43 26.69
C TYR J 452 45.85 61.33 25.99
N ARG J 453 45.52 62.45 26.62
CA ARG J 453 44.50 63.36 26.09
C ARG J 453 44.78 63.81 24.65
N ALA J 454 46.05 63.98 24.33
CA ALA J 454 46.46 64.48 23.02
C ALA J 454 46.09 63.55 21.87
N THR J 455 45.87 62.28 22.18
CA THR J 455 45.52 61.31 21.15
C THR J 455 44.06 61.47 20.73
N LEU J 456 43.31 62.30 21.43
CA LEU J 456 41.92 62.55 21.06
C LEU J 456 41.79 63.83 20.25
N ASN J 457 42.92 64.45 19.93
CA ASN J 457 42.91 65.65 19.10
C ASN J 457 42.65 65.31 17.63
N SER J 458 41.46 65.67 17.16
CA SER J 458 41.06 65.41 15.78
C SER J 458 41.57 66.50 14.85
N LYS J 459 41.88 66.14 13.60
CA LYS J 459 42.38 67.09 12.63
C LYS J 459 41.28 68.04 12.15
N TYR J 460 40.05 67.57 12.14
CA TYR J 460 38.94 68.35 11.60
C TYR J 460 37.86 68.69 12.63
N ALA J 461 37.52 67.73 13.48
CA ALA J 461 36.51 67.95 14.50
C ALA J 461 37.14 68.50 15.78
N ASP J 462 36.30 68.81 16.76
CA ASP J 462 36.79 69.31 18.06
C ASP J 462 37.52 68.22 18.82
N ILE J 463 37.07 66.98 18.66
CA ILE J 463 37.64 65.86 19.40
C ILE J 463 37.44 64.54 18.67
N ASN J 464 38.35 63.60 18.88
CA ASN J 464 38.21 62.24 18.36
C ASN J 464 37.35 61.40 19.28
N GLN J 465 36.60 60.48 18.69
CA GLN J 465 35.82 59.53 19.45
C GLN J 465 36.74 58.50 20.10
N ILE J 466 37.73 58.07 19.33
CA ILE J 466 38.68 57.05 19.80
C ILE J 466 40.12 57.44 19.55
N SER J 467 41.02 56.67 20.14
CA SER J 467 42.43 56.79 19.91
C SER J 467 42.92 55.89 18.78
N SER J 468 44.07 56.24 18.23
CA SER J 468 44.75 55.40 17.26
C SER J 468 45.81 54.60 18.01
N SER J 469 45.61 54.51 19.33
CA SER J 469 46.41 53.73 20.28
C SER J 469 47.73 54.40 20.67
N VAL J 470 48.03 54.52 21.97
CA VAL J 470 47.11 54.42 23.15
C VAL J 470 46.21 53.19 23.35
N LYS J 471 46.78 51.99 23.29
CA LYS J 471 46.01 50.76 23.49
C LYS J 471 45.18 50.71 24.79
N ALA J 472 45.39 51.68 25.69
CA ALA J 472 44.63 51.75 26.93
C ALA J 472 43.24 52.36 26.75
N SER J 473 42.33 51.63 26.10
CA SER J 473 41.03 52.17 25.72
C SER J 473 40.21 52.69 26.90
N SER J 474 40.26 51.98 28.02
CA SER J 474 39.45 52.33 29.19
C SER J 474 39.79 53.72 29.74
N ILE J 475 41.08 54.08 29.70
CA ILE J 475 41.50 55.39 30.18
C ILE J 475 41.10 56.45 29.15
N VAL J 476 41.29 56.12 27.87
CA VAL J 476 40.95 57.01 26.78
C VAL J 476 39.45 57.32 26.74
N ALA J 477 38.64 56.29 26.95
CA ALA J 477 37.18 56.48 26.97
C ALA J 477 36.79 57.41 28.11
N SER J 478 37.44 57.27 29.25
CA SER J 478 37.19 58.15 30.40
C SER J 478 37.60 59.58 30.07
N LEU J 479 38.70 59.71 29.35
CA LEU J 479 39.18 61.02 28.91
C LEU J 479 38.16 61.67 27.97
N PHE J 480 37.51 60.84 27.16
CA PHE J 480 36.48 61.33 26.25
C PHE J 480 35.28 61.86 27.03
N LEU J 481 34.77 61.04 27.95
CA LEU J 481 33.61 61.40 28.75
C LEU J 481 33.87 62.63 29.61
N LYS J 482 35.10 62.75 30.11
CA LYS J 482 35.49 63.84 30.98
C LYS J 482 35.31 65.20 30.30
N GLU J 483 35.38 65.21 28.97
CA GLU J 483 35.22 66.43 28.19
C GLU J 483 33.77 66.92 28.18
N PHE J 484 32.86 66.12 28.72
CA PHE J 484 31.44 66.44 28.68
C PHE J 484 30.85 66.66 30.08
N VAL J 485 31.73 66.80 31.07
CA VAL J 485 31.34 67.21 32.41
C VAL J 485 32.20 68.42 32.79
N GLN J 486 31.59 69.60 32.81
CA GLN J 486 32.37 70.82 32.89
C GLN J 486 32.75 71.24 34.30
N ASN J 487 31.78 71.25 35.21
CA ASN J 487 32.03 71.77 36.56
C ASN J 487 31.24 71.03 37.63
N THR J 488 31.18 69.71 37.50
CA THR J 488 30.48 68.87 38.46
C THR J 488 31.34 67.67 38.82
N ALA J 489 31.31 67.26 40.09
CA ALA J 489 31.97 66.04 40.52
C ALA J 489 31.38 64.85 39.76
N TRP J 490 32.24 64.11 39.07
CA TRP J 490 31.78 63.05 38.20
C TRP J 490 32.65 61.79 38.29
N ALA J 491 31.98 60.64 38.24
CA ALA J 491 32.68 59.36 38.27
C ALA J 491 32.10 58.41 37.24
N HIS J 492 32.93 57.48 36.78
CA HIS J 492 32.56 56.57 35.71
C HIS J 492 32.95 55.14 36.08
N ILE J 493 31.96 54.26 36.12
CA ILE J 493 32.18 52.86 36.48
C ILE J 493 32.05 51.94 35.27
N ASP J 494 33.16 51.34 34.86
CA ASP J 494 33.17 50.44 33.72
C ASP J 494 32.95 49.00 34.17
N ILE J 495 31.81 48.43 33.81
CA ILE J 495 31.43 47.09 34.25
C ILE J 495 31.40 46.06 33.13
N ALA J 496 32.09 46.36 32.03
CA ALA J 496 32.09 45.49 30.87
C ALA J 496 32.61 44.08 31.15
N GLY J 497 33.53 43.98 32.10
CA GLY J 497 34.14 42.71 32.44
C GLY J 497 33.40 41.93 33.51
N VAL J 498 32.70 42.65 34.39
CA VAL J 498 32.08 42.03 35.55
C VAL J 498 30.58 41.82 35.41
N SER J 499 29.97 42.39 34.37
CA SER J 499 28.52 42.33 34.23
C SER J 499 28.00 40.92 33.98
N TRP J 500 28.65 40.19 33.08
CA TRP J 500 28.18 38.86 32.72
C TRP J 500 28.99 37.76 33.42
N ASN J 501 28.27 36.78 33.97
CA ASN J 501 28.89 35.62 34.60
C ASN J 501 29.05 34.50 33.57
N PHE J 502 30.24 34.43 32.96
CA PHE J 502 30.49 33.49 31.87
C PHE J 502 30.42 32.03 32.31
N LYS J 503 30.84 31.76 33.55
CA LYS J 503 30.79 30.41 34.07
C LYS J 503 29.34 29.97 34.30
N ALA J 504 28.52 30.86 34.85
CA ALA J 504 27.14 30.55 35.19
C ALA J 504 26.17 30.86 34.05
N ARG J 505 26.67 31.50 32.99
CA ARG J 505 25.87 31.84 31.82
C ARG J 505 24.67 32.73 32.14
N LYS J 506 24.89 33.76 32.97
CA LYS J 506 23.82 34.66 33.36
C LYS J 506 24.37 36.01 33.81
N PRO J 507 23.51 37.05 33.87
CA PRO J 507 24.01 38.35 34.36
C PRO J 507 24.27 38.33 35.86
N LYS J 508 25.02 39.31 36.35
CA LYS J 508 25.26 39.44 37.78
C LYS J 508 24.36 40.51 38.40
N GLY J 509 23.85 41.42 37.56
CA GLY J 509 23.13 42.56 38.06
C GLY J 509 24.08 43.47 38.81
N PHE J 510 25.32 43.52 38.34
CA PHE J 510 26.36 44.27 39.00
C PHE J 510 26.06 45.77 39.04
N GLY J 511 26.24 46.38 40.20
CA GLY J 511 26.10 47.82 40.31
C GLY J 511 24.91 48.30 41.11
N VAL J 512 23.87 47.48 41.19
CA VAL J 512 22.65 47.87 41.90
C VAL J 512 22.93 48.16 43.37
N ARG J 513 23.56 47.21 44.05
CA ARG J 513 23.86 47.37 45.46
C ARG J 513 24.90 48.46 45.68
N LEU J 514 25.85 48.56 44.75
CA LEU J 514 26.88 49.59 44.82
C LEU J 514 26.25 50.99 44.78
N LEU J 515 25.38 51.21 43.79
CA LEU J 515 24.74 52.51 43.61
C LEU J 515 23.78 52.83 44.75
N THR J 516 23.09 51.81 45.25
CA THR J 516 22.13 52.00 46.33
C THR J 516 22.81 52.36 47.64
N GLU J 517 23.88 51.64 47.95
CA GLU J 517 24.68 51.94 49.13
C GLU J 517 25.27 53.34 49.04
N PHE J 518 25.64 53.74 47.82
CA PHE J 518 26.17 55.07 47.56
C PHE J 518 25.16 56.16 47.90
N VAL J 519 23.92 55.95 47.50
CA VAL J 519 22.85 56.91 47.77
C VAL J 519 22.45 56.93 49.24
N LEU J 520 22.36 55.74 49.83
CA LEU J 520 21.86 55.60 51.19
C LEU J 520 22.82 56.17 52.25
N ASN J 521 24.10 55.85 52.11
CA ASN J 521 25.09 56.26 53.10
C ASN J 521 25.69 57.65 52.84
N ASP J 522 25.19 58.35 51.83
CA ASP J 522 25.63 59.71 51.55
C ASP J 522 24.74 60.73 52.24
N SER K 5 17.81 66.80 -5.66
CA SER K 5 18.57 67.91 -5.09
C SER K 5 18.40 68.01 -3.57
N GLU K 6 17.27 67.52 -3.06
CA GLU K 6 17.02 67.54 -1.63
C GLU K 6 17.68 66.34 -0.98
N VAL K 7 18.55 66.60 -0.01
CA VAL K 7 19.26 65.53 0.69
C VAL K 7 18.35 64.87 1.74
N PRO K 8 18.13 63.56 1.59
CA PRO K 8 17.30 62.80 2.55
C PRO K 8 17.95 62.77 3.94
N GLN K 9 17.11 62.70 4.97
CA GLN K 9 17.58 62.70 6.35
C GLN K 9 16.97 61.57 7.16
N VAL K 10 17.73 61.06 8.14
CA VAL K 10 17.21 60.09 9.09
C VAL K 10 16.69 60.84 10.33
N VAL K 11 17.48 61.80 10.78
CA VAL K 11 17.07 62.70 11.85
C VAL K 11 17.28 64.14 11.39
N SER K 12 16.65 65.08 12.10
CA SER K 12 16.70 66.49 11.70
C SER K 12 18.08 67.10 11.87
N LEU K 13 18.94 66.42 12.63
CA LEU K 13 20.28 66.94 12.90
C LEU K 13 21.27 66.52 11.81
N ASP K 14 20.84 65.67 10.90
CA ASP K 14 21.68 65.27 9.77
C ASP K 14 21.90 66.43 8.81
N PRO K 15 23.16 66.71 8.46
CA PRO K 15 23.51 67.80 7.55
C PRO K 15 22.97 67.60 6.13
N THR K 16 22.64 68.69 5.44
CA THR K 16 22.04 68.59 4.11
C THR K 16 22.92 69.19 3.01
N SER K 17 24.14 69.58 3.37
CA SER K 17 25.07 70.13 2.39
C SER K 17 26.51 70.10 2.87
N ILE K 18 27.45 70.10 1.93
CA ILE K 18 28.87 70.17 2.23
C ILE K 18 29.33 71.62 2.37
N PRO K 19 29.82 72.00 3.55
CA PRO K 19 30.37 73.35 3.73
C PRO K 19 31.61 73.55 2.85
N ILE K 20 31.63 74.63 2.07
CA ILE K 20 32.75 74.89 1.17
C ILE K 20 33.33 76.29 1.40
N GLU K 21 34.64 76.37 1.59
CA GLU K 21 35.33 77.65 1.70
C GLU K 21 35.89 78.08 0.35
N TYR K 22 35.28 79.12 -0.24
CA TYR K 22 35.71 79.63 -1.53
C TYR K 22 36.74 80.76 -1.37
N ASN K 23 36.44 81.72 -0.51
CA ASN K 23 37.37 82.81 -0.23
C ASN K 23 38.30 82.47 0.93
N THR K 24 39.50 81.99 0.59
CA THR K 24 40.48 81.59 1.61
C THR K 24 41.46 82.73 1.88
N PRO K 25 42.07 82.73 3.09
CA PRO K 25 43.08 83.74 3.46
C PRO K 25 44.24 83.83 2.47
N ILE K 26 44.51 82.74 1.76
CA ILE K 26 45.56 82.70 0.76
C ILE K 26 45.28 83.71 -0.36
N HIS K 27 44.00 83.87 -0.69
CA HIS K 27 43.61 84.79 -1.75
C HIS K 27 43.83 86.25 -1.35
N ASP K 28 44.01 86.49 -0.06
CA ASP K 28 44.24 87.84 0.45
C ASP K 28 45.74 88.16 0.55
N ILE K 29 46.59 87.20 0.21
CA ILE K 29 48.04 87.41 0.27
C ILE K 29 48.58 88.06 -1.00
N LYS K 30 49.19 89.23 -0.85
CA LYS K 30 49.83 89.89 -1.98
C LYS K 30 51.24 89.35 -2.19
N VAL K 31 51.51 88.85 -3.40
CA VAL K 31 52.79 88.22 -3.68
C VAL K 31 53.66 89.09 -4.58
N GLN K 32 54.88 89.37 -4.12
CA GLN K 32 55.83 90.16 -4.88
C GLN K 32 57.07 89.33 -5.17
N VAL K 33 57.52 89.35 -6.43
CA VAL K 33 58.72 88.64 -6.81
C VAL K 33 59.80 89.60 -7.25
N TYR K 34 60.93 89.58 -6.55
CA TYR K 34 62.05 90.45 -6.86
C TYR K 34 63.25 89.66 -7.36
N ASP K 35 64.11 90.32 -8.11
CA ASP K 35 65.33 89.69 -8.59
C ASP K 35 66.36 89.73 -7.47
N ILE K 36 67.04 88.61 -7.26
CA ILE K 36 67.99 88.48 -6.17
C ILE K 36 69.14 89.48 -6.34
N LYS K 37 69.39 89.87 -7.58
CA LYS K 37 70.45 90.83 -7.89
C LYS K 37 70.00 92.20 -7.38
N GLY K 38 70.92 92.93 -6.74
CA GLY K 38 70.59 94.23 -6.20
C GLY K 38 70.44 94.21 -4.70
N GLY K 39 70.52 93.02 -4.12
CA GLY K 39 70.40 92.87 -2.68
C GLY K 39 68.99 92.69 -2.18
N CYS K 40 68.88 92.11 -0.99
CA CYS K 40 67.58 91.88 -0.35
C CYS K 40 67.36 92.91 0.75
N ASN K 41 66.12 93.39 0.84
CA ASN K 41 65.73 94.28 1.93
C ASN K 41 65.05 93.54 3.06
N VAL K 42 65.51 93.81 4.27
CA VAL K 42 64.96 93.19 5.48
C VAL K 42 64.32 94.30 6.31
N GLU K 43 63.03 94.49 6.12
CA GLU K 43 62.30 95.58 6.76
C GLU K 43 61.33 94.98 7.77
N GLU K 44 60.15 94.58 7.31
CA GLU K 44 59.16 93.95 8.16
C GLU K 44 59.25 92.42 8.17
N GLY K 45 58.59 91.80 9.15
CA GLY K 45 58.32 90.36 9.13
C GLY K 45 59.44 89.35 9.25
N LEU K 46 59.23 88.20 8.61
CA LEU K 46 60.14 87.06 8.66
C LEU K 46 60.80 86.82 7.32
N THR K 47 62.12 86.68 7.34
CA THR K 47 62.89 86.41 6.13
C THR K 47 63.58 85.05 6.22
N ILE K 48 63.25 84.16 5.30
CA ILE K 48 63.81 82.80 5.29
C ILE K 48 64.65 82.54 4.05
N PHE K 49 65.89 82.11 4.27
CA PHE K 49 66.79 81.76 3.17
C PHE K 49 66.75 80.25 2.89
N LEU K 50 66.51 79.89 1.63
CA LEU K 50 66.55 78.48 1.23
C LEU K 50 67.95 78.12 0.79
N VAL K 51 68.66 77.35 1.62
CA VAL K 51 70.07 77.08 1.42
C VAL K 51 70.38 75.59 1.35
N ASN K 52 71.38 75.23 0.55
CA ASN K 52 71.88 73.86 0.50
C ASN K 52 73.40 73.87 0.57
N ASN K 53 74.00 72.69 0.49
CA ASN K 53 75.45 72.60 0.42
C ASN K 53 75.89 71.38 -0.39
N PRO K 54 76.16 71.59 -1.69
CA PRO K 54 76.61 70.58 -2.64
C PRO K 54 77.83 69.81 -2.16
N LYS K 56 79.67 69.20 2.35
CA LYS K 56 78.57 68.60 1.61
C LYS K 56 77.54 67.99 2.56
N GLU K 57 77.53 66.65 2.63
CA GLU K 57 76.65 65.91 3.54
C GLU K 57 76.51 66.56 4.92
N ASN K 58 75.27 66.81 5.32
CA ASN K 58 74.89 67.93 6.17
C ASN K 58 75.98 68.97 6.40
N GLY K 59 76.10 69.92 5.47
CA GLY K 59 77.13 70.94 5.54
C GLY K 59 76.69 72.17 6.31
N PRO K 60 77.65 73.07 6.60
CA PRO K 60 77.33 74.32 7.31
C PRO K 60 76.49 75.25 6.45
N VAL K 61 75.73 76.12 7.09
CA VAL K 61 74.93 77.11 6.37
C VAL K 61 75.80 78.27 5.95
N LYS K 62 75.68 78.67 4.68
CA LYS K 62 76.39 79.84 4.18
C LYS K 62 75.44 80.70 3.34
N ILE K 63 75.25 81.95 3.74
CA ILE K 63 74.37 82.87 3.03
C ILE K 63 75.14 83.68 1.97
N SER K 64 74.77 83.50 0.71
CA SER K 64 75.49 84.16 -0.39
C SER K 64 74.91 85.53 -0.73
N SER K 65 73.60 85.69 -0.58
CA SER K 65 72.92 86.92 -0.97
C SER K 65 73.33 88.14 -0.16
N LYS K 66 73.39 89.28 -0.83
CA LYS K 66 73.69 90.55 -0.17
C LYS K 66 72.44 91.11 0.48
N VAL K 67 72.56 91.50 1.75
CA VAL K 67 71.42 92.07 2.47
C VAL K 67 71.63 93.53 2.77
N ASN K 68 70.68 94.36 2.33
CA ASN K 68 70.78 95.80 2.47
C ASN K 68 70.43 96.28 3.88
N ASP K 69 71.01 95.61 4.87
CA ASP K 69 70.82 95.96 6.28
C ASP K 69 72.02 95.50 7.08
N LYS K 70 72.68 96.45 7.73
CA LYS K 70 73.92 96.18 8.46
C LYS K 70 73.74 95.22 9.63
N GLN K 71 72.66 95.41 10.39
CA GLN K 71 72.39 94.59 11.56
C GLN K 71 72.13 93.13 11.18
N VAL K 72 71.31 92.93 10.15
CA VAL K 72 70.96 91.59 9.69
C VAL K 72 72.17 90.93 9.02
N SER K 73 72.98 91.71 8.33
CA SER K 73 74.17 91.19 7.67
C SER K 73 75.17 90.66 8.69
N GLU K 74 75.23 91.30 9.85
CA GLU K 74 76.09 90.83 10.92
C GLU K 74 75.60 89.47 11.41
N PHE K 75 74.27 89.31 11.47
CA PHE K 75 73.67 88.05 11.85
C PHE K 75 74.00 86.93 10.88
N LEU K 76 74.01 87.25 9.59
CA LEU K 76 74.16 86.25 8.56
C LEU K 76 75.60 86.01 8.13
N LYS K 77 76.56 86.54 8.87
CA LYS K 77 77.96 86.31 8.53
C LYS K 77 78.28 84.82 8.68
N ASP K 78 79.26 84.35 7.91
CA ASP K 78 79.60 82.93 7.85
C ASP K 78 79.88 82.33 9.22
N GLU K 79 80.56 83.09 10.07
CA GLU K 79 80.93 82.60 11.40
C GLU K 79 79.69 82.21 12.21
N ASN K 80 78.62 82.96 12.04
CA ASN K 80 77.38 82.68 12.76
C ASN K 80 76.57 81.53 12.17
N MET K 81 76.56 81.43 10.84
CA MET K 81 75.67 80.49 10.18
C MET K 81 76.26 79.08 10.11
N GLU K 82 77.57 78.97 10.26
CA GLU K 82 78.25 77.68 10.16
C GLU K 82 77.89 76.81 11.37
N LYS K 83 77.32 77.45 12.39
CA LYS K 83 76.87 76.73 13.57
C LYS K 83 75.59 75.96 13.25
N PHE K 84 74.98 76.30 12.12
CA PHE K 84 73.77 75.63 11.66
C PHE K 84 74.11 74.78 10.43
N ASN K 85 73.33 73.72 10.22
CA ASN K 85 73.61 72.85 9.08
C ASN K 85 72.44 72.78 8.10
N VAL K 86 72.70 72.24 6.92
CA VAL K 86 71.75 72.30 5.83
C VAL K 86 70.98 70.99 5.65
N LYS K 87 70.99 70.14 6.67
CA LYS K 87 70.24 68.89 6.62
C LYS K 87 68.82 69.20 6.18
N LEU K 88 68.35 68.49 5.16
CA LEU K 88 67.08 68.76 4.53
C LEU K 88 65.93 68.82 5.54
N GLY K 89 65.27 69.97 5.59
CA GLY K 89 64.13 70.20 6.46
C GLY K 89 64.48 70.83 7.80
N THR K 90 65.76 70.88 8.13
CA THR K 90 66.19 71.50 9.38
C THR K 90 66.09 73.02 9.25
N SER K 91 65.58 73.69 10.28
CA SER K 91 65.46 75.14 10.24
C SER K 91 65.73 75.79 11.58
N LYS K 92 66.18 77.05 11.53
CA LYS K 92 66.33 77.88 12.72
C LYS K 92 65.89 79.28 12.35
N HIS K 93 65.17 79.96 13.23
CA HIS K 93 64.89 81.38 13.00
C HIS K 93 65.08 82.20 14.27
N PHE K 94 65.64 83.39 14.12
CA PHE K 94 65.91 84.29 15.23
C PHE K 94 65.19 85.63 15.09
N TYR K 95 64.89 86.25 16.22
CA TYR K 95 64.26 87.56 16.27
C TYR K 95 65.29 88.60 16.70
N MET K 96 65.32 89.73 15.98
CA MET K 96 66.30 90.77 16.23
C MET K 96 65.80 92.12 15.73
N PHE K 97 66.58 93.16 15.98
CA PHE K 97 66.27 94.49 15.46
C PHE K 97 67.16 94.83 14.28
N ASN K 98 66.58 95.44 13.25
CA ASN K 98 67.34 95.85 12.09
C ASN K 98 67.91 97.25 12.29
N ASP K 99 68.37 97.88 11.20
CA ASP K 99 68.97 99.20 11.28
C ASP K 99 67.96 100.24 11.76
N ASN K 100 66.68 100.02 11.47
CA ASN K 100 65.64 100.97 11.86
C ASN K 100 65.05 100.67 13.23
N LYS K 101 65.73 99.84 14.02
CA LYS K 101 65.26 99.44 15.34
C LYS K 101 63.86 98.81 15.26
N ASN K 102 63.58 98.17 14.14
CA ASN K 102 62.31 97.46 13.95
C ASN K 102 62.49 95.97 14.19
N SER K 103 61.48 95.32 14.77
CA SER K 103 61.56 93.89 15.04
C SER K 103 61.44 93.05 13.78
N VAL K 104 62.44 92.21 13.53
CA VAL K 104 62.45 91.32 12.38
C VAL K 104 62.82 89.91 12.79
N ALA K 105 62.38 88.94 11.99
CA ALA K 105 62.74 87.54 12.22
C ALA K 105 63.50 87.00 11.00
N VAL K 106 64.67 86.42 11.24
CA VAL K 106 65.49 85.92 10.13
C VAL K 106 65.85 84.46 10.38
N GLY K 107 65.89 83.68 9.31
CA GLY K 107 66.21 82.26 9.41
C GLY K 107 66.47 81.58 8.08
N TYR K 108 66.53 80.26 8.12
CA TYR K 108 66.78 79.48 6.92
C TYR K 108 66.05 78.15 6.96
N VAL K 109 65.95 77.51 5.79
CA VAL K 109 65.49 76.12 5.72
C VAL K 109 66.49 75.32 4.91
N GLY K 110 67.00 74.22 5.49
CA GLY K 110 67.99 73.40 4.83
C GLY K 110 67.43 72.62 3.65
N CYS K 111 68.14 72.69 2.52
CA CYS K 111 67.69 72.01 1.32
C CYS K 111 68.63 70.87 0.91
N GLY K 112 69.34 70.31 1.89
CA GLY K 112 70.18 69.15 1.64
C GLY K 112 71.47 69.40 0.89
N SER K 113 71.94 68.38 0.19
CA SER K 113 73.21 68.43 -0.50
C SER K 113 73.08 68.14 -1.99
N VAL K 114 71.85 67.91 -2.45
CA VAL K 114 71.62 67.66 -3.87
C VAL K 114 71.19 68.96 -4.55
N ALA K 115 71.85 69.28 -5.67
CA ALA K 115 71.63 70.55 -6.36
C ALA K 115 70.20 70.67 -6.89
N ASP K 116 69.68 69.59 -7.47
CA ASP K 116 68.34 69.61 -8.04
C ASP K 116 67.35 68.93 -7.10
N LEU K 117 66.50 69.72 -6.46
CA LEU K 117 65.52 69.21 -5.52
C LEU K 117 64.36 68.52 -6.23
N SER K 118 63.95 67.37 -5.72
CA SER K 118 62.80 66.65 -6.24
C SER K 118 61.52 67.22 -5.62
N GLU K 119 60.37 66.81 -6.13
CA GLU K 119 59.08 67.22 -5.58
C GLU K 119 58.99 66.91 -4.09
N ALA K 120 59.47 65.73 -3.70
CA ALA K 120 59.40 65.29 -2.31
C ALA K 120 60.30 66.15 -1.42
N ASP K 121 61.46 66.50 -1.96
CA ASP K 121 62.41 67.35 -1.26
C ASP K 121 61.82 68.73 -0.98
N MET K 122 61.25 69.33 -2.02
CA MET K 122 60.63 70.65 -1.91
C MET K 122 59.47 70.61 -0.92
N LYS K 123 58.77 69.49 -0.89
CA LYS K 123 57.65 69.32 0.03
C LYS K 123 58.14 69.33 1.48
N ARG K 124 59.26 68.67 1.73
CA ARG K 124 59.84 68.66 3.06
C ARG K 124 60.35 70.06 3.44
N VAL K 125 60.87 70.78 2.46
CA VAL K 125 61.30 72.16 2.67
C VAL K 125 60.12 73.06 3.05
N VAL K 126 59.04 72.96 2.28
CA VAL K 126 57.83 73.74 2.50
C VAL K 126 57.22 73.46 3.86
N LEU K 127 57.15 72.18 4.23
CA LEU K 127 56.57 71.79 5.52
C LEU K 127 57.30 72.46 6.68
N SER K 128 58.62 72.54 6.56
CA SER K 128 59.44 73.23 7.57
C SER K 128 59.11 74.73 7.59
N LEU K 129 58.88 75.29 6.40
CA LEU K 129 58.51 76.69 6.28
C LEU K 129 57.15 76.97 6.92
N VAL K 130 56.21 76.06 6.70
CA VAL K 130 54.85 76.20 7.23
C VAL K 130 54.83 76.10 8.75
N THR K 131 55.72 75.29 9.31
CA THR K 131 55.82 75.14 10.76
C THR K 131 56.14 76.47 11.43
N MET K 132 56.99 77.27 10.79
CA MET K 132 57.33 78.59 11.33
C MET K 132 56.19 79.59 11.17
N LEU K 133 55.40 79.42 10.11
CA LEU K 133 54.28 80.32 9.86
C LEU K 133 53.13 80.09 10.83
N HIS K 134 52.94 78.84 11.22
CA HIS K 134 51.87 78.50 12.15
C HIS K 134 52.23 78.92 13.57
N ASP K 135 53.52 79.09 13.84
CA ASP K 135 53.96 79.43 15.19
C ASP K 135 54.50 80.86 15.29
N ASN K 136 54.23 81.70 14.29
CA ASN K 136 54.55 83.12 14.40
C ASN K 136 53.46 84.06 13.87
N LYS K 137 52.91 84.89 14.75
CA LYS K 137 51.98 85.95 14.35
C LYS K 137 52.62 86.96 13.39
N LEU K 138 52.88 86.53 12.16
CA LEU K 138 53.54 87.39 11.17
C LEU K 138 52.60 88.11 10.21
N SER K 139 53.08 89.25 9.72
CA SER K 139 52.34 90.04 8.75
C SER K 139 52.88 89.78 7.35
N LYS K 140 54.16 89.44 7.27
CA LYS K 140 54.82 89.26 5.99
C LYS K 140 55.87 88.14 6.01
N LEU K 141 55.88 87.31 4.97
CA LEU K 141 56.92 86.31 4.82
C LEU K 141 57.76 86.63 3.59
N THR K 142 59.08 86.59 3.75
CA THR K 142 59.98 86.79 2.62
C THR K 142 60.86 85.56 2.46
N VAL K 143 60.81 84.97 1.27
CA VAL K 143 61.60 83.77 0.99
C VAL K 143 62.68 84.07 -0.05
N VAL K 144 63.92 83.78 0.31
CA VAL K 144 65.05 84.01 -0.58
C VAL K 144 65.59 82.70 -1.14
N PHE K 145 65.46 82.53 -2.46
CA PHE K 145 65.91 81.31 -3.12
C PHE K 145 67.40 81.34 -3.42
N GLU K 146 68.20 80.66 -2.60
CA GLU K 146 69.61 80.48 -2.91
C GLU K 146 69.84 79.06 -3.42
N ILE K 147 68.82 78.53 -4.07
CA ILE K 147 68.89 77.21 -4.70
C ILE K 147 68.33 77.31 -6.12
N ASN K 148 68.61 76.30 -6.92
CA ASN K 148 68.14 76.30 -8.30
C ASN K 148 66.82 75.56 -8.50
N VAL K 149 65.82 76.28 -9.00
CA VAL K 149 64.54 75.69 -9.35
C VAL K 149 64.09 76.24 -10.70
N ASP K 150 63.51 75.37 -11.53
CA ASP K 150 62.95 75.82 -12.79
C ASP K 150 61.56 76.40 -12.52
N LYS K 151 60.89 76.86 -13.58
CA LYS K 151 59.58 77.51 -13.44
C LYS K 151 58.54 76.59 -12.83
N ASN K 152 58.54 75.33 -13.23
CA ASN K 152 57.58 74.35 -12.72
C ASN K 152 57.75 74.05 -11.24
N LEU K 153 58.98 73.92 -10.78
CA LEU K 153 59.24 73.62 -9.38
C LEU K 153 58.94 74.84 -8.52
N PHE K 154 59.18 76.03 -9.06
CA PHE K 154 58.86 77.26 -8.35
C PHE K 154 57.36 77.38 -8.14
N ARG K 155 56.60 77.04 -9.19
CA ARG K 155 55.15 77.06 -9.09
C ARG K 155 54.68 76.03 -8.07
N PHE K 156 55.32 74.86 -8.10
CA PHE K 156 55.03 73.80 -7.15
C PHE K 156 55.29 74.25 -5.71
N PHE K 157 56.36 75.02 -5.53
CA PHE K 157 56.70 75.56 -4.23
C PHE K 157 55.57 76.44 -3.69
N LEU K 158 55.06 77.35 -4.53
CA LEU K 158 54.00 78.26 -4.12
C LEU K 158 52.71 77.51 -3.83
N GLU K 159 52.33 76.60 -4.72
CA GLU K 159 51.14 75.78 -4.55
C GLU K 159 51.18 75.00 -3.24
N THR K 160 52.31 74.34 -2.99
CA THR K 160 52.48 73.52 -1.82
C THR K 160 52.46 74.39 -0.58
N LEU K 161 53.12 75.54 -0.67
CA LEU K 161 53.13 76.49 0.43
C LEU K 161 51.70 76.89 0.79
N PHE K 162 50.94 77.31 -0.20
CA PHE K 162 49.54 77.73 -0.02
C PHE K 162 48.66 76.62 0.55
N TYR K 163 48.79 75.42 0.00
CA TYR K 163 47.98 74.29 0.41
C TYR K 163 48.23 73.87 1.85
N GLU K 164 49.50 73.79 2.24
CA GLU K 164 49.89 73.35 3.58
C GLU K 164 49.66 74.46 4.62
N TYR K 165 49.77 75.70 4.19
CA TYR K 165 49.54 76.84 5.07
C TYR K 165 48.08 76.92 5.47
N MET K 166 47.20 76.65 4.52
CA MET K 166 45.76 76.72 4.73
C MET K 166 45.28 75.63 5.69
N THR K 167 44.37 76.00 6.59
CA THR K 167 43.85 75.05 7.57
C THR K 167 42.33 74.94 7.47
N ASP K 168 41.86 73.69 7.38
CA ASP K 168 40.43 73.42 7.24
C ASP K 168 39.76 73.40 8.62
N GLU K 169 38.94 74.41 8.87
CA GLU K 169 38.26 74.54 10.15
C GLU K 169 36.75 74.49 9.99
N ARG K 170 36.30 73.94 8.87
CA ARG K 170 34.87 73.89 8.56
C ARG K 170 34.07 73.12 9.59
N PHE K 171 34.68 72.12 10.21
CA PHE K 171 33.98 71.23 11.12
C PHE K 171 34.37 71.48 12.58
N LYS K 172 35.08 72.56 12.82
CA LYS K 172 35.41 72.98 14.18
C LYS K 172 34.25 73.81 14.74
N SER K 173 33.88 73.54 15.99
CA SER K 173 32.84 74.31 16.64
C SER K 173 33.38 74.97 17.91
N GLU K 181 45.46 84.07 12.22
CA GLU K 181 45.90 85.31 11.58
C GLU K 181 46.99 85.04 10.54
N TYR K 182 46.57 84.90 9.29
CA TYR K 182 47.48 84.60 8.18
C TYR K 182 48.30 85.82 7.75
N ILE K 183 49.47 85.56 7.16
CA ILE K 183 50.28 86.62 6.60
C ILE K 183 49.53 87.34 5.49
N LYS K 184 49.88 88.61 5.26
CA LYS K 184 49.23 89.41 4.22
C LYS K 184 50.16 89.66 3.03
N HIS K 185 51.45 89.44 3.23
CA HIS K 185 52.43 89.68 2.18
C HIS K 185 53.40 88.52 2.02
N LEU K 186 53.68 88.16 0.78
CA LEU K 186 54.67 87.13 0.49
C LEU K 186 55.70 87.70 -0.48
N GLY K 187 56.93 87.82 -0.02
CA GLY K 187 58.02 88.30 -0.86
C GLY K 187 58.93 87.18 -1.30
N VAL K 188 59.31 87.19 -2.57
CA VAL K 188 60.21 86.16 -3.09
C VAL K 188 61.39 86.79 -3.80
N TYR K 189 62.59 86.45 -3.34
CA TYR K 189 63.82 86.88 -4.00
C TYR K 189 64.40 85.69 -4.75
N ILE K 190 64.57 85.85 -6.06
CA ILE K 190 65.04 84.76 -6.91
C ILE K 190 65.77 85.33 -8.12
N ASN K 191 66.66 84.54 -8.71
CA ASN K 191 67.37 84.99 -9.90
C ASN K 191 66.47 84.90 -11.12
N ASN K 192 66.65 85.85 -12.04
CA ASN K 192 65.76 86.01 -13.17
C ASN K 192 64.29 85.99 -12.76
N ALA K 193 63.91 86.94 -11.91
CA ALA K 193 62.57 87.01 -11.34
C ALA K 193 61.48 87.13 -12.40
N ASP K 194 61.77 87.84 -13.48
CA ASP K 194 60.76 88.10 -14.51
C ASP K 194 60.20 86.82 -15.13
N THR K 195 61.02 85.78 -15.23
CA THR K 195 60.55 84.52 -15.77
C THR K 195 59.64 83.78 -14.80
N TYR K 196 59.80 84.05 -13.51
CA TYR K 196 59.05 83.32 -12.49
C TYR K 196 57.75 84.04 -12.13
N LYS K 197 57.66 85.32 -12.50
CA LYS K 197 56.50 86.14 -12.17
C LYS K 197 55.24 85.54 -12.81
N GLU K 198 55.42 84.92 -13.97
CA GLU K 198 54.31 84.35 -14.73
C GLU K 198 53.69 83.15 -14.01
N GLU K 199 54.44 82.55 -13.10
CA GLU K 199 53.98 81.36 -12.39
C GLU K 199 53.07 81.63 -11.19
N VAL K 200 53.11 82.86 -10.68
CA VAL K 200 52.44 83.20 -9.43
C VAL K 200 50.92 82.98 -9.44
N GLU K 201 50.21 83.65 -10.35
CA GLU K 201 48.75 83.54 -10.37
C GLU K 201 48.29 82.15 -10.83
N LYS K 202 49.10 81.49 -11.64
CA LYS K 202 48.80 80.12 -12.04
C LYS K 202 48.82 79.21 -10.83
N ALA K 203 49.79 79.43 -9.94
CA ALA K 203 49.92 78.69 -8.70
C ALA K 203 48.71 78.89 -7.80
N ARG K 204 48.21 80.12 -7.74
CA ARG K 204 47.07 80.44 -6.89
C ARG K 204 45.81 79.70 -7.36
N VAL K 205 45.64 79.58 -8.67
CA VAL K 205 44.53 78.82 -9.23
C VAL K 205 44.70 77.35 -8.94
N TYR K 206 45.91 76.83 -9.18
CA TYR K 206 46.21 75.44 -8.92
C TYR K 206 46.03 75.11 -7.45
N TYR K 207 46.40 76.06 -6.60
CA TYR K 207 46.20 75.90 -5.16
C TYR K 207 44.76 75.60 -4.81
N PHE K 208 43.84 76.44 -5.25
CA PHE K 208 42.45 76.29 -4.83
C PHE K 208 41.80 75.06 -5.44
N GLY K 209 42.17 74.73 -6.68
CA GLY K 209 41.68 73.52 -7.31
C GLY K 209 42.00 72.32 -6.45
N THR K 210 43.23 72.30 -5.94
CA THR K 210 43.68 71.25 -5.05
C THR K 210 42.96 71.33 -3.70
N TYR K 211 42.86 72.53 -3.15
CA TYR K 211 42.24 72.71 -1.85
C TYR K 211 40.72 72.45 -1.91
N TYR K 212 40.11 72.79 -3.04
CA TYR K 212 38.69 72.52 -3.22
C TYR K 212 38.43 71.02 -3.24
N ALA K 213 39.26 70.29 -3.99
CA ALA K 213 39.16 68.84 -4.03
C ALA K 213 39.40 68.28 -2.63
N SER K 214 40.36 68.85 -1.92
CA SER K 214 40.68 68.45 -0.56
C SER K 214 39.46 68.59 0.36
N GLN K 215 38.73 69.68 0.22
CA GLN K 215 37.56 69.93 1.05
C GLN K 215 36.47 68.88 0.84
N LEU K 216 36.29 68.45 -0.40
CA LEU K 216 35.29 67.43 -0.70
C LEU K 216 35.69 66.09 -0.10
N ILE K 217 36.97 65.75 -0.24
CA ILE K 217 37.47 64.49 0.28
C ILE K 217 37.42 64.43 1.80
N ALA K 218 37.92 65.48 2.45
CA ALA K 218 37.99 65.53 3.90
C ALA K 218 36.61 65.52 4.54
N ALA K 219 35.63 66.04 3.80
CA ALA K 219 34.24 66.04 4.24
C ALA K 219 33.74 64.63 4.49
N PRO K 220 33.23 64.36 5.71
CA PRO K 220 32.75 63.04 6.10
C PRO K 220 31.55 62.60 5.26
N SER K 221 31.23 61.31 5.30
CA SER K 221 30.21 60.74 4.41
C SER K 221 28.79 61.18 4.78
N ASN K 222 28.60 61.65 6.01
CA ASN K 222 27.29 62.16 6.39
C ASN K 222 27.10 63.57 5.83
N TYR K 223 28.20 64.28 5.63
CA TYR K 223 28.16 65.57 4.94
C TYR K 223 28.26 65.39 3.43
N CYS K 224 29.22 64.59 2.99
CA CYS K 224 29.43 64.39 1.57
C CYS K 224 28.79 63.09 1.10
N ASN K 225 27.58 63.21 0.56
CA ASN K 225 26.85 62.05 0.04
C ASN K 225 26.56 62.30 -1.45
N PRO K 226 26.03 61.29 -2.18
CA PRO K 226 25.79 61.50 -3.60
C PRO K 226 24.97 62.74 -3.96
N VAL K 227 23.96 63.07 -3.16
CA VAL K 227 23.13 64.23 -3.43
C VAL K 227 23.85 65.52 -3.14
N SER K 228 24.45 65.62 -1.97
CA SER K 228 25.13 66.85 -1.57
C SER K 228 26.36 67.12 -2.45
N LEU K 229 27.04 66.06 -2.88
CA LEU K 229 28.22 66.20 -3.73
C LEU K 229 27.84 66.68 -5.12
N SER K 230 26.77 66.10 -5.67
CA SER K 230 26.29 66.50 -6.99
C SER K 230 25.76 67.93 -6.94
N ASN K 231 25.18 68.31 -5.81
CA ASN K 231 24.74 69.68 -5.59
C ASN K 231 25.95 70.62 -5.62
N ALA K 232 27.04 70.17 -5.01
CA ALA K 232 28.28 70.95 -4.97
C ALA K 232 28.86 71.16 -6.37
N ALA K 233 28.77 70.12 -7.20
CA ALA K 233 29.26 70.19 -8.57
C ALA K 233 28.48 71.23 -9.38
N VAL K 234 27.17 71.24 -9.21
CA VAL K 234 26.31 72.21 -9.88
C VAL K 234 26.66 73.63 -9.46
N GLU K 235 26.78 73.85 -8.16
CA GLU K 235 27.09 75.16 -7.61
C GLU K 235 28.42 75.68 -8.16
N LEU K 236 29.41 74.80 -8.26
CA LEU K 236 30.70 75.17 -8.82
C LEU K 236 30.59 75.52 -10.30
N ALA K 237 29.85 74.69 -11.04
CA ALA K 237 29.65 74.89 -12.47
C ALA K 237 28.99 76.23 -12.74
N GLN K 238 28.06 76.60 -11.88
CA GLN K 238 27.34 77.86 -12.03
C GLN K 238 28.28 79.05 -11.83
N LYS K 239 29.22 78.90 -10.90
CA LYS K 239 30.19 79.95 -10.63
C LYS K 239 31.18 80.10 -11.78
N LEU K 240 31.41 79.03 -12.52
CA LEU K 240 32.39 79.03 -13.59
C LEU K 240 31.72 79.11 -14.95
N ASN K 241 30.39 79.20 -14.93
CA ASN K 241 29.55 79.20 -16.12
C ASN K 241 29.91 78.03 -17.04
N LEU K 242 29.96 76.85 -16.46
CA LEU K 242 30.14 75.61 -17.20
C LEU K 242 28.79 74.95 -17.39
N GLU K 243 28.61 74.27 -18.53
CA GLU K 243 27.40 73.50 -18.73
C GLU K 243 27.37 72.35 -17.72
N TYR K 244 26.20 72.07 -17.17
CA TYR K 244 26.07 71.01 -16.20
C TYR K 244 24.82 70.18 -16.39
N LYS K 245 24.89 68.93 -15.96
CA LYS K 245 23.81 67.97 -16.14
C LYS K 245 23.91 66.89 -15.07
N ILE K 246 22.87 66.75 -14.25
CA ILE K 246 22.85 65.71 -13.23
C ILE K 246 21.83 64.64 -13.60
N LEU K 247 22.33 63.43 -13.83
CA LEU K 247 21.47 62.32 -14.22
C LEU K 247 20.98 61.59 -12.98
N GLY K 248 19.66 61.47 -12.87
CA GLY K 248 19.05 60.79 -11.75
C GLY K 248 18.76 59.35 -12.09
N VAL K 249 18.20 58.62 -11.13
CA VAL K 249 17.96 57.19 -11.28
C VAL K 249 17.13 56.87 -12.53
N LYS K 250 16.09 57.68 -12.77
CA LYS K 250 15.21 57.44 -13.92
C LYS K 250 15.96 57.49 -15.25
N GLU K 251 16.83 58.48 -15.41
CA GLU K 251 17.65 58.56 -16.63
C GLU K 251 18.66 57.43 -16.67
N LEU K 252 19.23 57.10 -15.51
CA LEU K 252 20.23 56.05 -15.42
C LEU K 252 19.61 54.70 -15.77
N GLU K 253 18.36 54.51 -15.36
CA GLU K 253 17.61 53.30 -15.70
C GLU K 253 17.38 53.26 -17.22
N GLU K 254 17.03 54.40 -17.79
CA GLU K 254 16.80 54.49 -19.23
C GLU K 254 18.07 54.22 -20.02
N LEU K 255 19.21 54.60 -19.45
CA LEU K 255 20.50 54.37 -20.08
C LEU K 255 21.04 52.97 -19.77
N LYS K 256 20.28 52.21 -18.98
CA LYS K 256 20.60 50.82 -18.64
C LYS K 256 21.97 50.69 -17.97
N MET K 257 22.30 51.64 -17.10
CA MET K 257 23.55 51.62 -16.36
C MET K 257 23.44 50.67 -15.16
N GLY K 258 23.35 49.38 -15.46
CA GLY K 258 23.10 48.36 -14.45
C GLY K 258 24.22 48.08 -13.46
N ALA K 259 25.46 48.20 -13.90
CA ALA K 259 26.60 48.00 -13.01
C ALA K 259 26.64 49.11 -11.98
N TYR K 260 26.50 50.33 -12.46
CA TYR K 260 26.51 51.52 -11.60
C TYR K 260 25.33 51.50 -10.63
N LEU K 261 24.14 51.20 -11.13
CA LEU K 261 22.94 51.20 -10.30
C LEU K 261 22.94 50.12 -9.23
N SER K 262 23.57 48.99 -9.52
CA SER K 262 23.62 47.87 -8.57
C SER K 262 24.38 48.24 -7.30
N VAL K 263 25.49 48.96 -7.48
CA VAL K 263 26.33 49.38 -6.37
C VAL K 263 25.58 50.27 -5.37
N GLY K 264 24.73 51.16 -5.90
CA GLY K 264 24.01 52.12 -5.10
C GLY K 264 22.71 51.63 -4.48
N LYS K 265 22.29 50.43 -4.85
CA LYS K 265 21.02 49.85 -4.38
C LYS K 265 20.83 49.90 -2.87
N GLY K 266 21.89 49.64 -2.12
CA GLY K 266 21.82 49.55 -0.68
C GLY K 266 21.88 50.88 0.05
N SER K 267 21.90 51.99 -0.69
CA SER K 267 22.03 53.31 -0.08
C SER K 267 20.67 54.00 0.11
N MET K 268 20.62 54.90 1.09
CA MET K 268 19.44 55.73 1.30
C MET K 268 19.49 56.95 0.38
N TYR K 269 20.67 57.17 -0.20
CA TYR K 269 20.88 58.28 -1.13
C TYR K 269 20.79 57.76 -2.56
N PRO K 270 19.93 58.39 -3.38
CA PRO K 270 19.79 58.01 -4.79
C PRO K 270 21.08 58.26 -5.58
N ASN K 271 21.36 57.39 -6.55
CA ASN K 271 22.53 57.57 -7.41
C ASN K 271 22.47 58.88 -8.17
N LYS K 272 23.61 59.54 -8.29
CA LYS K 272 23.71 60.80 -9.02
C LYS K 272 24.90 60.81 -9.97
N PHE K 273 24.64 60.96 -11.26
CA PHE K 273 25.70 60.98 -12.26
C PHE K 273 26.06 62.42 -12.62
N ILE K 274 27.28 62.81 -12.31
CA ILE K 274 27.75 64.18 -12.56
C ILE K 274 28.37 64.37 -13.94
N HIS K 275 27.88 65.37 -14.69
CA HIS K 275 28.42 65.70 -16.01
C HIS K 275 28.54 67.20 -16.23
N LEU K 276 29.75 67.74 -16.08
CA LEU K 276 30.03 69.13 -16.41
C LEU K 276 30.82 69.20 -17.70
N THR K 277 30.63 70.28 -18.45
CA THR K 277 31.31 70.43 -19.71
C THR K 277 31.89 71.83 -19.90
N TYR K 278 33.16 71.88 -20.29
CA TYR K 278 33.79 73.12 -20.70
C TYR K 278 34.05 73.08 -22.20
N LYS K 279 33.56 74.10 -22.90
CA LYS K 279 33.83 74.23 -24.33
C LYS K 279 34.49 75.58 -24.59
N SER K 280 35.58 75.56 -25.36
CA SER K 280 36.30 76.79 -25.68
C SER K 280 35.47 77.66 -26.64
N LYS K 281 35.65 78.97 -26.53
CA LYS K 281 34.91 79.93 -27.35
C LYS K 281 35.41 80.03 -28.78
N GLY K 282 35.89 78.92 -29.34
CA GLY K 282 36.42 78.89 -30.68
C GLY K 282 36.34 77.50 -31.30
N ASP K 283 37.17 77.24 -32.31
CA ASP K 283 37.19 75.95 -32.98
C ASP K 283 37.66 74.89 -32.02
N VAL K 284 36.88 73.82 -31.86
CA VAL K 284 37.26 72.74 -30.97
C VAL K 284 38.12 71.73 -31.73
N LYS K 285 39.33 71.53 -31.25
CA LYS K 285 40.29 70.67 -31.93
C LYS K 285 40.53 69.35 -31.19
N LYS K 286 40.26 69.35 -29.89
CA LYS K 286 40.40 68.15 -29.08
C LYS K 286 39.24 67.98 -28.11
N LYS K 287 38.69 66.76 -28.05
CA LYS K 287 37.63 66.45 -27.09
C LYS K 287 38.13 65.47 -26.03
N ILE K 288 37.98 65.84 -24.76
CA ILE K 288 38.52 65.04 -23.65
C ILE K 288 37.46 64.75 -22.61
N ALA K 289 37.40 63.49 -22.17
CA ALA K 289 36.51 63.10 -21.08
C ALA K 289 37.33 62.72 -19.85
N LEU K 290 37.06 63.41 -18.74
CA LEU K 290 37.69 63.10 -17.46
C LEU K 290 36.70 62.43 -16.53
N VAL K 291 37.00 61.18 -16.15
CA VAL K 291 36.11 60.38 -15.33
C VAL K 291 36.70 60.14 -13.94
N GLY K 292 35.94 60.47 -12.91
CA GLY K 292 36.41 60.28 -11.55
C GLY K 292 35.54 59.31 -10.77
N LYS K 293 36.18 58.41 -10.03
CA LYS K 293 35.45 57.50 -9.16
C LYS K 293 34.84 58.27 -8.01
N GLY K 294 33.53 58.16 -7.85
CA GLY K 294 32.80 58.93 -6.85
C GLY K 294 31.99 58.08 -5.89
N ILE K 295 32.69 57.25 -5.10
CA ILE K 295 32.03 56.50 -4.05
C ILE K 295 32.13 57.28 -2.75
N THR K 296 31.02 57.87 -2.32
CA THR K 296 31.03 58.77 -1.17
C THR K 296 31.37 58.04 0.12
N PHE K 297 31.00 56.76 0.20
CA PHE K 297 31.51 55.91 1.27
C PHE K 297 31.54 54.46 0.82
N ASP K 298 32.67 53.81 1.10
CA ASP K 298 32.85 52.41 0.74
C ASP K 298 32.94 51.53 1.99
N SER K 299 31.83 50.91 2.36
CA SER K 299 31.79 50.00 3.48
C SER K 299 32.27 48.63 3.03
N GLY K 300 32.24 48.42 1.71
CA GLY K 300 32.61 47.15 1.14
C GLY K 300 31.39 46.36 0.72
N GLY K 301 30.23 46.78 1.19
CA GLY K 301 29.01 46.05 0.96
C GLY K 301 28.98 44.80 1.81
N TYR K 302 28.32 43.75 1.32
CA TYR K 302 28.25 42.49 2.07
C TYR K 302 29.63 41.83 2.20
N ASN K 303 30.55 42.19 1.30
CA ASN K 303 31.96 41.88 1.52
C ASN K 303 32.56 42.97 2.40
N LEU K 304 32.02 43.10 3.61
CA LEU K 304 32.36 44.18 4.52
C LEU K 304 33.86 44.30 4.80
N LYS K 305 34.33 45.53 4.89
CA LYS K 305 35.71 45.81 5.27
C LYS K 305 35.87 45.53 6.75
N ALA K 306 36.04 44.27 7.10
CA ALA K 306 36.12 43.86 8.50
C ALA K 306 37.50 43.29 8.85
N ALA K 307 38.30 43.00 7.83
CA ALA K 307 39.64 42.46 8.03
C ALA K 307 40.59 43.53 8.58
N PRO K 308 41.59 43.11 9.35
CA PRO K 308 42.60 44.06 9.86
C PRO K 308 43.36 44.76 8.72
N GLY K 309 43.46 46.08 8.82
CA GLY K 309 44.17 46.85 7.81
C GLY K 309 43.28 47.28 6.66
N SER K 310 41.97 47.09 6.81
CA SER K 310 41.03 47.43 5.75
C SER K 310 40.72 48.91 5.75
N MET K 311 41.07 49.59 6.84
CA MET K 311 41.00 51.05 6.95
C MET K 311 39.60 51.59 6.62
N ILE K 312 38.58 50.99 7.20
CA ILE K 312 37.20 51.36 6.90
C ILE K 312 36.83 52.78 7.31
N ASP K 313 37.51 53.33 8.31
CA ASP K 313 37.16 54.65 8.82
C ASP K 313 37.67 55.77 7.91
N LEU K 314 38.45 55.41 6.90
CA LEU K 314 39.01 56.42 6.01
C LEU K 314 38.28 56.48 4.67
N MET K 315 37.36 55.56 4.47
CA MET K 315 36.75 55.33 3.15
C MET K 315 35.83 56.45 2.64
N LYS K 316 35.85 57.60 3.31
CA LYS K 316 35.23 58.78 2.73
C LYS K 316 36.10 59.30 1.59
N PHE K 317 37.40 59.04 1.68
CA PHE K 317 38.37 59.37 0.64
C PHE K 317 38.07 58.70 -0.72
N ASP K 318 37.17 57.71 -0.73
CA ASP K 318 36.94 56.88 -1.92
C ASP K 318 36.25 57.63 -3.06
N MET K 319 36.03 58.93 -2.89
CA MET K 319 35.51 59.76 -3.97
C MET K 319 36.56 60.78 -4.43
N SER K 320 37.82 60.49 -4.11
CA SER K 320 38.94 61.37 -4.44
C SER K 320 39.05 61.61 -5.95
N GLY K 321 38.78 60.57 -6.73
CA GLY K 321 38.82 60.67 -8.18
C GLY K 321 37.82 61.69 -8.67
N CYS K 322 36.62 61.64 -8.10
CA CYS K 322 35.59 62.62 -8.42
C CYS K 322 36.04 64.03 -8.04
N ALA K 323 36.63 64.16 -6.85
CA ALA K 323 37.09 65.46 -6.37
C ALA K 323 38.19 66.04 -7.26
N ALA K 324 39.10 65.17 -7.70
CA ALA K 324 40.20 65.59 -8.57
C ALA K 324 39.66 66.12 -9.89
N VAL K 325 38.64 65.45 -10.43
CA VAL K 325 38.03 65.87 -11.67
C VAL K 325 37.35 67.23 -11.49
N LEU K 326 36.65 67.40 -10.38
CA LEU K 326 35.96 68.65 -10.09
C LEU K 326 36.97 69.77 -9.80
N GLY K 327 38.07 69.41 -9.14
CA GLY K 327 39.12 70.38 -8.87
C GLY K 327 39.77 70.84 -10.16
N CYS K 328 39.88 69.91 -11.11
CA CYS K 328 40.40 70.24 -12.44
C CYS K 328 39.44 71.17 -13.17
N ALA K 329 38.14 70.93 -13.00
CA ALA K 329 37.11 71.76 -13.61
C ALA K 329 37.25 73.21 -13.17
N TYR K 330 37.62 73.42 -11.92
CA TYR K 330 37.85 74.78 -11.43
C TYR K 330 39.00 75.43 -12.19
N CYS K 331 40.12 74.74 -12.29
CA CYS K 331 41.31 75.27 -12.96
C CYS K 331 41.04 75.53 -14.43
N VAL K 332 40.39 74.57 -15.10
CA VAL K 332 40.07 74.70 -16.51
C VAL K 332 39.06 75.83 -16.73
N GLY K 333 38.04 75.89 -15.88
CA GLY K 333 37.04 76.93 -15.97
C GLY K 333 37.60 78.31 -15.70
N THR K 334 38.70 78.37 -14.95
CA THR K 334 39.31 79.64 -14.59
C THR K 334 40.37 80.09 -15.59
N LEU K 335 41.25 79.17 -15.96
CA LEU K 335 42.35 79.49 -16.89
C LEU K 335 41.86 79.55 -18.33
N LYS K 336 40.72 78.91 -18.60
CA LYS K 336 40.06 78.96 -19.91
C LYS K 336 40.97 78.63 -21.10
N PRO K 337 41.36 77.36 -21.23
CA PRO K 337 42.17 76.97 -22.39
C PRO K 337 41.36 77.08 -23.69
N GLU K 338 42.02 77.13 -24.84
CA GLU K 338 41.30 77.26 -26.09
C GLU K 338 41.39 76.00 -26.94
N ASN K 339 40.54 75.94 -27.96
CA ASN K 339 40.50 74.84 -28.91
C ASN K 339 40.29 73.46 -28.28
N VAL K 340 39.63 73.43 -27.13
CA VAL K 340 39.43 72.17 -26.44
C VAL K 340 38.03 72.08 -25.81
N GLU K 341 37.46 70.88 -25.81
CA GLU K 341 36.20 70.59 -25.15
C GLU K 341 36.39 69.50 -24.09
N ILE K 342 36.09 69.82 -22.84
CA ILE K 342 36.32 68.88 -21.75
C ILE K 342 35.03 68.46 -21.08
N HIS K 343 34.85 67.15 -20.92
CA HIS K 343 33.72 66.63 -20.18
C HIS K 343 34.19 66.12 -18.82
N PHE K 344 33.56 66.60 -17.75
CA PHE K 344 33.90 66.18 -16.41
C PHE K 344 32.85 65.21 -15.87
N LEU K 345 33.23 63.94 -15.77
CA LEU K 345 32.27 62.89 -15.43
C LEU K 345 32.57 62.20 -14.11
N SER K 346 31.51 61.83 -13.39
CA SER K 346 31.63 61.01 -12.20
C SER K 346 30.30 60.33 -11.87
N ALA K 347 30.31 59.01 -11.84
CA ALA K 347 29.13 58.25 -11.44
C ALA K 347 29.13 58.08 -9.92
N VAL K 348 28.47 59.02 -9.23
CA VAL K 348 28.52 59.08 -7.77
C VAL K 348 27.46 58.23 -7.08
N CYS K 349 27.90 57.45 -6.10
CA CYS K 349 26.97 56.66 -5.28
C CYS K 349 27.63 56.23 -3.98
N GLU K 350 26.93 55.37 -3.23
CA GLU K 350 27.41 54.92 -1.93
C GLU K 350 27.25 53.40 -1.81
N ASN K 351 28.29 52.73 -1.32
CA ASN K 351 28.30 51.27 -1.19
C ASN K 351 28.03 50.82 0.24
N MET K 352 26.79 50.44 0.53
CA MET K 352 26.36 50.18 1.90
C MET K 352 25.79 48.78 2.12
N VAL K 353 25.62 48.40 3.38
CA VAL K 353 25.04 47.09 3.73
C VAL K 353 23.58 47.27 4.10
N SER K 354 22.71 46.50 3.44
CA SER K 354 21.27 46.67 3.58
C SER K 354 20.50 45.46 3.05
N LYS K 355 19.19 45.45 3.28
CA LYS K 355 18.35 44.41 2.72
C LYS K 355 18.25 44.59 1.21
N ASN K 356 18.58 45.80 0.76
CA ASN K 356 18.49 46.17 -0.66
C ASN K 356 19.81 46.08 -1.42
N SER K 357 20.90 45.80 -0.70
CA SER K 357 22.22 45.75 -1.32
C SER K 357 22.35 44.61 -2.32
N TYR K 358 23.26 44.77 -3.28
CA TYR K 358 23.55 43.70 -4.21
C TYR K 358 24.45 42.70 -3.51
N ARG K 359 24.32 41.43 -3.88
CA ARG K 359 24.99 40.34 -3.17
C ARG K 359 26.18 39.80 -3.95
N PRO K 360 27.16 39.22 -3.22
CA PRO K 360 28.21 38.47 -3.90
C PRO K 360 27.62 37.32 -4.70
N GLY K 361 27.96 37.23 -5.98
CA GLY K 361 27.42 36.20 -6.85
C GLY K 361 26.40 36.73 -7.83
N ASP K 362 25.89 37.93 -7.58
CA ASP K 362 24.91 38.55 -8.47
C ASP K 362 25.47 38.75 -9.87
N ILE K 363 24.62 38.58 -10.87
CA ILE K 363 24.98 38.86 -12.25
C ILE K 363 24.26 40.11 -12.72
N ILE K 364 25.04 41.10 -13.15
CA ILE K 364 24.50 42.41 -13.52
C ILE K 364 24.89 42.79 -14.95
N THR K 365 24.07 43.63 -15.58
CA THR K 365 24.31 44.00 -16.97
C THR K 365 24.70 45.46 -17.14
N ALA K 366 25.87 45.68 -17.73
CA ALA K 366 26.35 47.02 -18.00
C ALA K 366 25.60 47.65 -19.18
N SER K 367 25.74 48.95 -19.32
CA SER K 367 25.02 49.70 -20.34
C SER K 367 25.47 49.36 -21.76
N ASN K 368 26.56 48.62 -21.88
CA ASN K 368 27.02 48.17 -23.20
C ASN K 368 26.56 46.75 -23.52
N GLY K 369 25.72 46.19 -22.65
CA GLY K 369 25.14 44.89 -22.87
C GLY K 369 25.89 43.72 -22.24
N LYS K 370 27.11 43.98 -21.76
CA LYS K 370 27.94 42.94 -21.14
C LYS K 370 27.40 42.53 -19.77
N THR K 371 27.24 41.22 -19.57
CA THR K 371 26.83 40.71 -18.27
C THR K 371 28.05 40.46 -17.37
N ILE K 372 27.93 40.85 -16.11
CA ILE K 372 29.03 40.78 -15.17
C ILE K 372 28.67 39.97 -13.92
N GLU K 373 29.48 38.97 -13.60
CA GLU K 373 29.28 38.21 -12.36
C GLU K 373 30.08 38.86 -11.22
N VAL K 374 29.38 39.27 -10.18
CA VAL K 374 30.01 39.92 -9.03
C VAL K 374 30.63 38.89 -8.08
N GLY K 375 31.95 38.98 -7.90
CA GLY K 375 32.65 38.08 -7.00
C GLY K 375 32.95 38.73 -5.67
N ASN K 376 32.96 40.06 -5.65
CA ASN K 376 33.27 40.82 -4.44
C ASN K 376 32.64 42.21 -4.49
N THR K 377 31.73 42.47 -3.56
CA THR K 377 31.00 43.73 -3.54
C THR K 377 31.89 44.90 -3.15
N ASP K 378 33.09 44.61 -2.67
CA ASP K 378 34.02 45.66 -2.28
C ASP K 378 34.84 46.11 -3.50
N ALA K 379 34.62 45.45 -4.63
CA ALA K 379 35.24 45.88 -5.88
C ALA K 379 34.21 46.64 -6.71
N GLU K 380 33.56 47.60 -6.05
CA GLU K 380 32.45 48.33 -6.65
C GLU K 380 32.92 49.46 -7.56
N GLY K 381 34.16 49.90 -7.38
CA GLY K 381 34.71 51.00 -8.15
C GLY K 381 34.71 50.74 -9.64
N ARG K 382 35.15 49.55 -10.01
CA ARG K 382 35.22 49.18 -11.42
C ARG K 382 33.84 49.03 -12.06
N LEU K 383 32.84 48.72 -11.25
CA LEU K 383 31.47 48.60 -11.75
C LEU K 383 30.90 49.97 -12.11
N THR K 384 31.12 50.95 -11.24
CA THR K 384 30.66 52.31 -11.50
C THR K 384 31.46 52.92 -12.65
N LEU K 385 32.76 52.62 -12.69
CA LEU K 385 33.62 53.11 -13.76
C LEU K 385 33.26 52.50 -15.10
N ALA K 386 32.80 51.25 -15.08
CA ALA K 386 32.42 50.55 -16.31
C ALA K 386 31.35 51.30 -17.08
N ASP K 387 30.24 51.61 -16.41
CA ASP K 387 29.15 52.34 -17.04
C ASP K 387 29.55 53.78 -17.38
N ALA K 388 30.41 54.35 -16.55
CA ALA K 388 30.91 55.70 -16.80
C ALA K 388 31.77 55.74 -18.07
N LEU K 389 32.56 54.69 -18.27
CA LEU K 389 33.42 54.59 -19.45
C LEU K 389 32.61 54.38 -20.72
N VAL K 390 31.54 53.60 -20.62
CA VAL K 390 30.65 53.39 -21.75
C VAL K 390 29.95 54.70 -22.11
N TYR K 391 29.58 55.47 -21.09
CA TYR K 391 28.98 56.79 -21.26
C TYR K 391 29.95 57.76 -21.92
N ALA K 392 31.19 57.75 -21.46
CA ALA K 392 32.21 58.66 -21.97
C ALA K 392 32.46 58.47 -23.45
N GLU K 393 32.57 57.20 -23.87
CA GLU K 393 32.91 56.88 -25.24
C GLU K 393 31.80 57.27 -26.21
N LYS K 394 30.56 57.25 -25.74
CA LYS K 394 29.43 57.65 -26.58
C LYS K 394 29.45 59.14 -26.90
N LEU K 395 30.22 59.91 -26.14
CA LEU K 395 30.36 61.35 -26.40
C LEU K 395 31.23 61.63 -27.62
N GLY K 396 31.95 60.62 -28.07
CA GLY K 396 32.83 60.76 -29.22
C GLY K 396 34.03 61.65 -28.93
N VAL K 397 34.79 61.31 -27.91
CA VAL K 397 35.96 62.09 -27.54
C VAL K 397 37.24 61.46 -28.06
N ASP K 398 38.34 62.21 -27.96
CA ASP K 398 39.64 61.74 -28.42
C ASP K 398 40.38 60.99 -27.32
N TYR K 399 40.30 61.49 -26.10
CA TYR K 399 40.93 60.83 -24.96
C TYR K 399 39.96 60.64 -23.81
N ILE K 400 40.01 59.46 -23.20
CA ILE K 400 39.29 59.21 -21.95
C ILE K 400 40.30 58.92 -20.86
N VAL K 401 40.31 59.76 -19.83
CA VAL K 401 41.21 59.53 -18.70
C VAL K 401 40.41 59.40 -17.40
N ASP K 402 40.46 58.22 -16.79
CA ASP K 402 39.78 58.03 -15.52
C ASP K 402 40.78 58.02 -14.37
N ILE K 403 40.35 58.52 -13.23
CA ILE K 403 41.19 58.58 -12.04
C ILE K 403 40.39 58.05 -10.85
N ALA K 404 40.98 57.14 -10.08
CA ALA K 404 40.23 56.38 -9.09
C ALA K 404 41.09 55.78 -7.98
N THR K 405 40.51 55.69 -6.78
CA THR K 405 41.09 54.92 -5.69
C THR K 405 40.62 53.47 -5.82
N LEU K 406 41.14 52.78 -6.83
CA LEU K 406 40.60 51.49 -7.24
C LEU K 406 41.09 50.28 -6.44
N THR K 407 42.40 50.15 -6.27
CA THR K 407 42.94 48.94 -5.64
C THR K 407 43.92 49.27 -4.51
N GLY K 408 43.79 48.54 -3.41
CA GLY K 408 44.69 48.70 -2.28
C GLY K 408 46.06 48.12 -2.57
N ALA K 409 46.16 47.31 -3.62
CA ALA K 409 47.41 46.70 -4.02
C ALA K 409 48.45 47.76 -4.40
N MET K 410 47.97 48.95 -4.75
CA MET K 410 48.85 50.05 -5.11
C MET K 410 49.80 50.39 -3.96
N LEU K 411 49.35 50.17 -2.73
CA LEU K 411 50.18 50.40 -1.56
C LEU K 411 51.36 49.44 -1.52
N TYR K 412 51.21 48.29 -2.17
CA TYR K 412 52.27 47.29 -2.18
C TYR K 412 53.14 47.40 -3.43
N SER K 413 52.64 48.07 -4.45
CA SER K 413 53.40 48.21 -5.69
C SER K 413 54.18 49.51 -5.73
N LEU K 414 53.48 50.65 -5.68
CA LEU K 414 54.15 51.94 -5.79
C LEU K 414 54.17 52.72 -4.47
N GLY K 415 53.30 52.34 -3.55
CA GLY K 415 53.27 52.97 -2.25
C GLY K 415 52.41 54.21 -2.18
N THR K 416 52.83 55.18 -1.39
CA THR K 416 52.02 56.36 -1.09
C THR K 416 52.45 57.61 -1.85
N SER K 417 53.51 57.50 -2.66
CA SER K 417 54.04 58.67 -3.35
C SER K 417 53.75 58.69 -4.84
N TYR K 418 53.78 57.52 -5.47
CA TYR K 418 53.57 57.42 -6.91
C TYR K 418 52.25 56.76 -7.24
N ALA K 419 51.47 57.41 -8.10
CA ALA K 419 50.24 56.81 -8.60
C ALA K 419 50.58 55.95 -9.81
N GLY K 420 49.72 54.98 -10.12
CA GLY K 420 49.93 54.12 -11.27
C GLY K 420 49.05 54.54 -12.43
N VAL K 421 49.58 54.46 -13.64
CA VAL K 421 48.78 54.74 -14.82
C VAL K 421 48.77 53.53 -15.75
N PHE K 422 47.58 53.16 -16.19
CA PHE K 422 47.38 52.04 -17.12
C PHE K 422 46.66 52.57 -18.35
N GLY K 423 46.79 51.89 -19.48
CA GLY K 423 46.13 52.34 -20.69
C GLY K 423 46.20 51.42 -21.89
N ASN K 424 45.46 51.76 -22.94
CA ASN K 424 45.48 50.99 -24.18
C ASN K 424 46.19 51.73 -25.32
N ASN K 425 46.74 52.90 -25.00
CA ASN K 425 47.38 53.76 -26.00
C ASN K 425 48.61 54.45 -25.41
N GLU K 426 49.78 54.20 -25.97
CA GLU K 426 51.02 54.68 -25.36
C GLU K 426 51.21 56.18 -25.52
N GLU K 427 50.66 56.76 -26.58
CA GLU K 427 50.81 58.20 -26.79
C GLU K 427 50.05 58.96 -25.71
N LEU K 428 48.87 58.48 -25.36
CA LEU K 428 48.08 59.09 -24.28
C LEU K 428 48.79 58.92 -22.94
N ILE K 429 49.36 57.74 -22.71
CA ILE K 429 50.10 57.45 -21.50
C ILE K 429 51.31 58.38 -21.36
N ASN K 430 52.04 58.56 -22.45
CA ASN K 430 53.19 59.46 -22.47
C ASN K 430 52.80 60.90 -22.17
N LYS K 431 51.62 61.30 -22.67
CA LYS K 431 51.10 62.64 -22.41
C LYS K 431 50.82 62.84 -20.92
N ILE K 432 50.26 61.83 -20.28
CA ILE K 432 50.02 61.88 -18.84
C ILE K 432 51.33 61.92 -18.08
N LEU K 433 52.30 61.13 -18.53
CA LEU K 433 53.61 61.12 -17.91
C LEU K 433 54.29 62.48 -18.05
N GLN K 434 54.11 63.12 -19.21
CA GLN K 434 54.64 64.46 -19.42
C GLN K 434 53.96 65.44 -18.48
N SER K 435 52.65 65.26 -18.31
CA SER K 435 51.88 66.09 -17.40
C SER K 435 52.32 65.86 -15.96
N SER K 436 52.72 64.63 -15.66
CA SER K 436 53.21 64.29 -14.33
C SER K 436 54.46 65.06 -13.99
N LYS K 437 55.36 65.19 -14.97
CA LYS K 437 56.63 65.88 -14.77
C LYS K 437 56.43 67.37 -14.51
N THR K 438 55.57 68.00 -15.30
CA THR K 438 55.37 69.45 -15.21
C THR K 438 54.43 69.85 -14.06
N SER K 439 53.56 68.95 -13.64
CA SER K 439 52.67 69.24 -12.52
C SER K 439 53.31 68.82 -11.19
N ASN K 440 54.39 68.04 -11.30
CA ASN K 440 55.09 67.48 -10.15
C ASN K 440 54.21 66.62 -9.25
N GLU K 441 53.23 65.96 -9.88
CA GLU K 441 52.47 64.92 -9.20
C GLU K 441 52.89 63.58 -9.80
N PRO K 442 53.77 62.87 -9.10
CA PRO K 442 54.48 61.70 -9.64
C PRO K 442 53.57 60.53 -10.01
N VAL K 443 53.74 60.05 -11.24
CA VAL K 443 52.97 58.93 -11.75
C VAL K 443 53.93 57.97 -12.44
N TRP K 444 53.68 56.67 -12.32
CA TRP K 444 54.53 55.67 -12.95
C TRP K 444 53.69 54.75 -13.84
N TRP K 445 54.25 54.43 -15.00
CA TRP K 445 53.57 53.58 -15.97
C TRP K 445 53.64 52.11 -15.57
N LEU K 446 52.48 51.50 -15.40
CA LEU K 446 52.38 50.07 -15.10
C LEU K 446 51.70 49.35 -16.26
N PRO K 447 52.03 48.06 -16.48
CA PRO K 447 51.54 47.36 -17.67
C PRO K 447 50.15 46.74 -17.51
N ILE K 448 49.41 46.67 -18.61
CA ILE K 448 48.20 45.85 -18.65
C ILE K 448 48.56 44.52 -19.27
N ILE K 449 48.80 43.51 -18.44
CA ILE K 449 49.31 42.24 -18.90
C ILE K 449 48.20 41.32 -19.41
N ASN K 450 48.14 41.15 -20.72
CA ASN K 450 47.07 40.43 -21.39
C ASN K 450 46.97 38.97 -21.00
N GLU K 451 48.06 38.41 -20.47
CA GLU K 451 48.08 37.01 -20.08
C GLU K 451 47.09 36.74 -18.93
N TYR K 452 46.78 37.77 -18.15
CA TYR K 452 45.89 37.61 -17.01
C TYR K 452 44.41 37.68 -17.40
N ARG K 453 44.13 38.04 -18.65
CA ARG K 453 42.76 38.23 -19.13
C ARG K 453 41.86 37.01 -18.91
N ALA K 454 42.42 35.81 -19.02
CA ALA K 454 41.64 34.57 -18.91
C ALA K 454 41.02 34.37 -17.53
N THR K 455 41.58 35.04 -16.51
CA THR K 455 41.07 34.89 -15.15
C THR K 455 39.79 35.68 -14.93
N LEU K 456 39.41 36.50 -15.90
CA LEU K 456 38.17 37.26 -15.81
C LEU K 456 37.05 36.56 -16.58
N ASN K 457 37.35 35.38 -17.10
CA ASN K 457 36.36 34.57 -17.82
C ASN K 457 35.36 33.92 -16.88
N SER K 458 34.13 34.39 -16.93
CA SER K 458 33.08 33.84 -16.07
C SER K 458 32.47 32.60 -16.71
N LYS K 459 32.05 31.66 -15.87
CA LYS K 459 31.42 30.44 -16.33
C LYS K 459 30.00 30.73 -16.84
N TYR K 460 29.36 31.76 -16.28
CA TYR K 460 27.96 32.03 -16.60
C TYR K 460 27.74 33.41 -17.25
N ALA K 461 28.44 34.42 -16.75
CA ALA K 461 28.30 35.77 -17.30
C ALA K 461 29.31 35.98 -18.43
N ASP K 462 29.27 37.15 -19.05
CA ASP K 462 30.22 37.50 -20.12
C ASP K 462 31.63 37.68 -19.57
N ILE K 463 31.71 38.20 -18.34
CA ILE K 463 33.00 38.51 -17.75
C ILE K 463 32.90 38.51 -16.22
N ASN K 464 34.01 38.19 -15.57
CA ASN K 464 34.09 38.27 -14.11
C ASN K 464 34.44 39.68 -13.66
N GLN K 465 33.91 40.08 -12.51
CA GLN K 465 34.26 41.36 -11.92
C GLN K 465 35.68 41.31 -11.37
N ILE K 466 36.02 40.20 -10.73
CA ILE K 466 37.33 40.02 -10.13
C ILE K 466 37.93 38.67 -10.50
N SER K 467 39.22 38.51 -10.21
CA SER K 467 39.86 37.21 -10.33
C SER K 467 39.81 36.56 -8.95
N SER K 468 39.79 35.24 -8.91
CA SER K 468 39.87 34.51 -7.64
C SER K 468 41.28 33.94 -7.50
N SER K 469 42.13 34.32 -8.44
CA SER K 469 43.53 33.92 -8.45
C SER K 469 44.40 35.17 -8.42
N VAL K 470 44.83 35.61 -9.60
CA VAL K 470 45.94 36.56 -9.79
C VAL K 470 45.93 37.73 -8.81
N LYS K 471 46.78 37.64 -7.78
CA LYS K 471 46.91 38.66 -6.75
C LYS K 471 47.25 40.08 -7.25
N ALA K 472 47.58 40.21 -8.53
CA ALA K 472 47.89 41.52 -9.10
C ALA K 472 46.61 42.30 -9.39
N SER K 473 45.95 42.76 -8.33
CA SER K 473 44.64 43.40 -8.42
C SER K 473 44.62 44.61 -9.34
N SER K 474 45.67 45.43 -9.27
CA SER K 474 45.72 46.67 -10.04
C SER K 474 45.71 46.40 -11.54
N ILE K 475 46.41 45.36 -11.95
CA ILE K 475 46.47 45.01 -13.37
C ILE K 475 45.16 44.35 -13.82
N VAL K 476 44.62 43.47 -12.98
CA VAL K 476 43.38 42.79 -13.30
C VAL K 476 42.23 43.78 -13.44
N ALA K 477 42.16 44.75 -12.53
CA ALA K 477 41.13 45.78 -12.57
C ALA K 477 41.24 46.60 -13.84
N SER K 478 42.48 46.88 -14.26
CA SER K 478 42.71 47.59 -15.51
C SER K 478 42.24 46.78 -16.70
N LEU K 479 42.45 45.46 -16.65
CA LEU K 479 41.96 44.57 -17.69
C LEU K 479 40.45 44.60 -17.76
N PHE K 480 39.82 44.73 -16.59
CA PHE K 480 38.35 44.81 -16.52
C PHE K 480 37.84 46.06 -17.21
N LEU K 481 38.40 47.20 -16.83
CA LEU K 481 38.01 48.49 -17.39
C LEU K 481 38.25 48.55 -18.90
N LYS K 482 39.32 47.90 -19.33
CA LYS K 482 39.72 47.86 -20.74
C LYS K 482 38.62 47.28 -21.63
N GLU K 483 37.82 46.39 -21.06
CA GLU K 483 36.72 45.77 -21.78
C GLU K 483 35.54 46.71 -22.05
N PHE K 484 35.58 47.92 -21.47
CA PHE K 484 34.48 48.85 -21.60
C PHE K 484 34.87 50.11 -22.39
N VAL K 485 36.04 50.06 -23.02
CA VAL K 485 36.45 51.09 -23.97
C VAL K 485 36.83 50.41 -25.28
N GLN K 486 35.97 50.57 -26.29
CA GLN K 486 36.06 49.76 -27.49
C GLN K 486 37.04 50.31 -28.54
N ASN K 487 36.97 51.61 -28.82
CA ASN K 487 37.78 52.18 -29.88
C ASN K 487 38.23 53.61 -29.60
N THR K 488 38.62 53.87 -28.36
CA THR K 488 39.11 55.19 -27.95
C THR K 488 40.39 55.08 -27.13
N ALA K 489 41.32 56.01 -27.34
CA ALA K 489 42.51 56.11 -26.52
C ALA K 489 42.09 56.36 -25.06
N TRP K 490 42.51 55.47 -24.17
CA TRP K 490 42.05 55.52 -22.79
C TRP K 490 43.16 55.23 -21.80
N ALA K 491 43.15 55.95 -20.68
CA ALA K 491 44.12 55.70 -19.62
C ALA K 491 43.46 55.76 -18.25
N HIS K 492 44.03 55.03 -17.31
CA HIS K 492 43.46 54.88 -15.97
C HIS K 492 44.50 55.11 -14.89
N ILE K 493 44.25 56.08 -14.01
CA ILE K 493 45.19 56.42 -12.95
C ILE K 493 44.69 55.96 -11.58
N ASP K 494 45.38 54.99 -10.98
CA ASP K 494 45.00 54.45 -9.69
C ASP K 494 45.68 55.23 -8.56
N ILE K 495 44.90 55.99 -7.81
CA ILE K 495 45.45 56.88 -6.80
C ILE K 495 45.09 56.44 -5.38
N ALA K 496 44.75 55.17 -5.23
CA ALA K 496 44.35 54.63 -3.93
C ALA K 496 45.47 54.78 -2.89
N GLY K 497 46.72 54.72 -3.34
CA GLY K 497 47.85 54.79 -2.42
C GLY K 497 48.32 56.20 -2.11
N VAL K 498 48.12 57.12 -3.05
CA VAL K 498 48.66 58.47 -2.92
C VAL K 498 47.64 59.53 -2.51
N SER K 499 46.37 59.16 -2.49
CA SER K 499 45.31 60.13 -2.25
C SER K 499 45.33 60.71 -0.83
N TRP K 500 45.46 59.85 0.16
CA TRP K 500 45.44 60.27 1.55
C TRP K 500 46.85 60.37 2.14
N ASN K 501 47.10 61.47 2.84
CA ASN K 501 48.37 61.66 3.55
C ASN K 501 48.22 61.13 4.99
N PHE K 502 48.64 59.88 5.20
CA PHE K 502 48.43 59.20 6.47
C PHE K 502 49.20 59.87 7.60
N LYS K 503 50.39 60.39 7.29
CA LYS K 503 51.22 61.06 8.27
C LYS K 503 50.60 62.38 8.71
N ALA K 504 50.07 63.14 7.74
CA ALA K 504 49.50 64.44 8.02
C ALA K 504 48.01 64.38 8.35
N ARG K 505 47.42 63.19 8.19
CA ARG K 505 46.01 62.95 8.49
C ARG K 505 45.09 63.88 7.70
N LYS K 506 45.35 64.02 6.41
CA LYS K 506 44.53 64.88 5.56
C LYS K 506 44.66 64.44 4.10
N PRO K 507 43.74 64.87 3.23
CA PRO K 507 43.90 64.52 1.82
C PRO K 507 45.02 65.31 1.17
N LYS K 508 45.48 64.86 0.00
CA LYS K 508 46.50 65.58 -0.75
C LYS K 508 45.88 66.42 -1.86
N GLY K 509 44.66 66.05 -2.27
CA GLY K 509 44.03 66.64 -3.43
C GLY K 509 44.79 66.22 -4.68
N PHE K 510 45.32 65.00 -4.65
CA PHE K 510 46.14 64.48 -5.73
C PHE K 510 45.35 64.36 -7.03
N GLY K 511 45.96 64.84 -8.12
CA GLY K 511 45.37 64.67 -9.44
C GLY K 511 44.87 65.94 -10.11
N VAL K 512 44.52 66.95 -9.32
CA VAL K 512 43.98 68.18 -9.89
C VAL K 512 44.97 68.87 -10.82
N ARG K 513 46.18 69.08 -10.33
CA ARG K 513 47.23 69.72 -11.12
C ARG K 513 47.70 68.84 -12.26
N LEU K 514 47.70 67.53 -12.05
CA LEU K 514 48.07 66.57 -13.09
C LEU K 514 47.13 66.65 -14.28
N LEU K 515 45.84 66.58 -14.01
CA LEU K 515 44.82 66.60 -15.05
C LEU K 515 44.75 67.94 -15.77
N THR K 516 44.98 69.02 -15.03
CA THR K 516 44.92 70.37 -15.60
C THR K 516 46.07 70.60 -16.58
N GLU K 517 47.28 70.21 -16.19
CA GLU K 517 48.44 70.32 -17.06
C GLU K 517 48.22 69.52 -18.34
N PHE K 518 47.54 68.38 -18.18
CA PHE K 518 47.20 67.53 -19.31
C PHE K 518 46.29 68.26 -20.28
N VAL K 519 45.30 68.95 -19.73
CA VAL K 519 44.34 69.71 -20.52
C VAL K 519 44.98 70.96 -21.14
N LEU K 520 45.78 71.67 -20.35
CA LEU K 520 46.38 72.92 -20.78
C LEU K 520 47.39 72.72 -21.91
N ASN K 521 48.23 71.69 -21.77
CA ASN K 521 49.27 71.42 -22.75
C ASN K 521 48.74 70.55 -23.90
N SER L 5 3.60 36.37 -5.72
CA SER L 5 4.02 36.08 -7.08
C SER L 5 4.83 37.21 -7.71
N GLU L 6 4.57 38.44 -7.27
CA GLU L 6 5.31 39.59 -7.80
C GLU L 6 6.64 39.80 -7.08
N VAL L 7 7.72 39.80 -7.85
CA VAL L 7 9.05 40.00 -7.30
C VAL L 7 9.34 41.47 -7.06
N PRO L 8 9.60 41.84 -5.80
CA PRO L 8 9.92 43.23 -5.46
C PRO L 8 11.24 43.68 -6.11
N GLN L 9 11.35 44.97 -6.40
CA GLN L 9 12.55 45.50 -7.04
C GLN L 9 13.08 46.73 -6.33
N VAL L 10 14.40 46.91 -6.36
CA VAL L 10 15.01 48.12 -5.87
C VAL L 10 15.15 49.11 -7.02
N VAL L 11 15.59 48.60 -8.17
CA VAL L 11 15.63 49.37 -9.41
C VAL L 11 14.92 48.59 -10.51
N SER L 12 14.56 49.29 -11.59
CA SER L 12 13.79 48.68 -12.67
C SER L 12 14.59 47.64 -13.44
N LEU L 13 15.91 47.64 -13.25
CA LEU L 13 16.78 46.71 -13.94
C LEU L 13 16.91 45.36 -13.24
N ASP L 14 16.36 45.26 -12.03
CA ASP L 14 16.35 43.99 -11.30
C ASP L 14 15.45 42.96 -11.96
N PRO L 15 15.99 41.75 -12.18
CA PRO L 15 15.25 40.65 -12.80
C PRO L 15 14.07 40.18 -11.96
N THR L 16 13.00 39.74 -12.61
CA THR L 16 11.79 39.35 -11.88
C THR L 16 11.44 37.87 -12.05
N SER L 17 12.34 37.09 -12.65
CA SER L 17 12.13 35.66 -12.80
C SER L 17 13.44 34.93 -13.08
N ILE L 18 13.47 33.64 -12.75
CA ILE L 18 14.62 32.81 -13.07
C ILE L 18 14.49 32.25 -14.48
N PRO L 19 15.43 32.60 -15.38
CA PRO L 19 15.38 32.02 -16.71
C PRO L 19 15.63 30.51 -16.67
N ILE L 20 14.72 29.75 -17.27
CA ILE L 20 14.82 28.30 -17.26
C ILE L 20 14.73 27.74 -18.67
N GLU L 21 15.69 26.89 -19.02
CA GLU L 21 15.65 26.17 -20.28
C GLU L 21 15.03 24.79 -20.06
N TYR L 22 13.83 24.61 -20.62
CA TYR L 22 13.14 23.32 -20.50
C TYR L 22 13.52 22.43 -21.68
N ASN L 23 13.46 22.98 -22.89
CA ASN L 23 13.83 22.23 -24.09
C ASN L 23 15.33 22.36 -24.38
N THR L 24 16.09 21.39 -23.94
CA THR L 24 17.54 21.40 -24.13
C THR L 24 17.92 20.61 -25.40
N PRO L 25 19.08 20.92 -25.99
CA PRO L 25 19.61 20.17 -27.13
C PRO L 25 19.76 18.67 -26.86
N ILE L 26 19.93 18.30 -25.60
CA ILE L 26 20.04 16.90 -25.22
C ILE L 26 18.77 16.14 -25.58
N HIS L 27 17.63 16.81 -25.45
CA HIS L 27 16.35 16.21 -25.78
C HIS L 27 16.19 15.94 -27.28
N ASP L 28 17.05 16.54 -28.09
CA ASP L 28 17.00 16.37 -29.54
C ASP L 28 17.85 15.20 -30.01
N ILE L 29 18.53 14.54 -29.08
CA ILE L 29 19.39 13.42 -29.41
C ILE L 29 18.63 12.09 -29.50
N LYS L 30 18.70 11.46 -30.67
CA LYS L 30 18.12 10.13 -30.87
C LYS L 30 19.13 9.07 -30.44
N VAL L 31 18.74 8.20 -29.51
CA VAL L 31 19.67 7.21 -28.97
C VAL L 31 19.36 5.78 -29.45
N GLN L 32 20.36 5.14 -30.04
CA GLN L 32 20.24 3.77 -30.53
C GLN L 32 21.23 2.83 -29.82
N VAL L 33 20.74 1.68 -29.38
CA VAL L 33 21.61 0.70 -28.72
C VAL L 33 21.72 -0.60 -29.52
N TYR L 34 22.93 -0.92 -29.95
CA TYR L 34 23.19 -2.13 -30.72
C TYR L 34 24.06 -3.13 -29.97
N ASP L 35 23.96 -4.40 -30.34
CA ASP L 35 24.78 -5.44 -29.73
C ASP L 35 26.16 -5.50 -30.38
N ILE L 36 27.20 -5.55 -29.55
CA ILE L 36 28.58 -5.53 -30.01
C ILE L 36 28.97 -6.75 -30.85
N LYS L 37 28.26 -7.85 -30.65
CA LYS L 37 28.57 -9.10 -31.34
C LYS L 37 28.27 -9.02 -32.84
N GLY L 38 27.30 -8.20 -33.21
CA GLY L 38 26.92 -8.06 -34.60
C GLY L 38 27.92 -7.25 -35.42
N GLY L 39 28.93 -6.72 -34.75
CA GLY L 39 29.94 -5.90 -35.40
C GLY L 39 29.53 -4.44 -35.40
N CYS L 40 30.51 -3.54 -35.49
CA CYS L 40 30.23 -2.11 -35.47
C CYS L 40 30.28 -1.48 -36.85
N ASN L 41 29.32 -0.61 -37.14
CA ASN L 41 29.31 0.15 -38.38
C ASN L 41 29.83 1.57 -38.18
N VAL L 42 30.76 1.97 -39.05
CA VAL L 42 31.37 3.28 -38.96
C VAL L 42 31.03 4.10 -40.20
N GLU L 43 29.97 4.90 -40.09
CA GLU L 43 29.49 5.68 -41.21
C GLU L 43 29.68 7.17 -40.92
N GLU L 44 28.71 7.76 -40.24
CA GLU L 44 28.80 9.17 -39.89
C GLU L 44 29.47 9.40 -38.54
N GLY L 45 29.90 10.64 -38.30
CA GLY L 45 30.33 11.08 -36.98
C GLY L 45 31.60 10.53 -36.35
N LEU L 46 31.59 10.47 -35.02
CA LEU L 46 32.73 10.07 -34.21
C LEU L 46 32.50 8.73 -33.51
N THR L 47 33.47 7.84 -33.59
CA THR L 47 33.39 6.53 -32.96
C THR L 47 34.42 6.39 -31.84
N ILE L 48 33.94 6.19 -30.61
CA ILE L 48 34.83 6.07 -29.47
C ILE L 48 34.72 4.70 -28.80
N PHE L 49 35.87 4.03 -28.65
CA PHE L 49 35.92 2.74 -27.97
C PHE L 49 36.32 2.89 -26.51
N LEU L 50 35.49 2.35 -25.61
CA LEU L 50 35.83 2.32 -24.19
C LEU L 50 36.57 1.03 -23.85
N VAL L 51 37.87 1.15 -23.61
CA VAL L 51 38.73 -0.02 -23.42
C VAL L 51 39.46 0.01 -22.09
N ASN L 52 39.77 -1.16 -21.54
CA ASN L 52 40.59 -1.25 -20.34
C ASN L 52 41.70 -2.27 -20.51
N ASN L 53 42.53 -2.44 -19.47
CA ASN L 53 43.58 -3.45 -19.51
C ASN L 53 43.96 -3.97 -18.13
N PRO L 54 43.41 -5.13 -17.75
CA PRO L 54 43.77 -5.76 -16.47
C PRO L 54 45.30 -5.90 -16.34
N GLY L 55 45.82 -5.80 -15.12
CA GLY L 55 47.25 -5.76 -14.86
C GLY L 55 48.06 -4.95 -15.85
N LYS L 56 47.68 -3.68 -15.99
CA LYS L 56 48.40 -2.71 -16.82
C LYS L 56 49.07 -1.64 -15.95
N GLU L 57 49.92 -0.81 -16.53
CA GLU L 57 50.57 0.24 -15.73
C GLU L 57 51.03 1.58 -16.36
N ASN L 58 50.26 2.21 -17.26
CA ASN L 58 49.08 1.66 -17.91
C ASN L 58 49.51 0.98 -19.20
N GLY L 59 48.78 -0.06 -19.59
CA GLY L 59 49.11 -0.86 -20.74
C GLY L 59 48.58 -0.35 -22.05
N PRO L 60 49.01 -0.97 -23.15
CA PRO L 60 48.61 -0.60 -24.51
C PRO L 60 47.14 -0.86 -24.79
N VAL L 61 46.59 -0.11 -25.72
CA VAL L 61 45.19 -0.25 -26.13
C VAL L 61 45.01 -1.40 -27.12
N LYS L 62 44.01 -2.25 -26.87
CA LYS L 62 43.68 -3.32 -27.80
C LYS L 62 42.17 -3.39 -28.01
N ILE L 63 41.75 -3.20 -29.26
CA ILE L 63 40.34 -3.24 -29.63
C ILE L 63 39.90 -4.64 -30.06
N SER L 64 38.96 -5.21 -29.30
CA SER L 64 38.50 -6.57 -29.53
C SER L 64 37.31 -6.66 -30.49
N SER L 65 36.46 -5.65 -30.50
CA SER L 65 35.25 -5.66 -31.31
C SER L 65 35.55 -5.68 -32.81
N LYS L 66 34.72 -6.39 -33.57
CA LYS L 66 34.87 -6.44 -35.02
C LYS L 66 34.25 -5.20 -35.68
N VAL L 67 35.00 -4.58 -36.58
CA VAL L 67 34.53 -3.38 -37.28
C VAL L 67 34.27 -3.65 -38.77
N ASN L 68 33.07 -3.35 -39.22
CA ASN L 68 32.66 -3.61 -40.60
C ASN L 68 33.19 -2.58 -41.59
N ASP L 69 34.48 -2.26 -41.50
CA ASP L 69 35.09 -1.30 -42.41
C ASP L 69 36.58 -1.56 -42.54
N LYS L 70 37.03 -1.82 -43.77
CA LYS L 70 38.42 -2.19 -44.03
C LYS L 70 39.38 -1.05 -43.69
N GLN L 71 39.00 0.17 -44.06
CA GLN L 71 39.84 1.34 -43.81
C GLN L 71 39.99 1.60 -42.30
N VAL L 72 38.88 1.52 -41.57
CA VAL L 72 38.90 1.76 -40.13
C VAL L 72 39.59 0.62 -39.38
N SER L 73 39.43 -0.61 -39.86
CA SER L 73 40.04 -1.77 -39.23
C SER L 73 41.56 -1.74 -39.32
N GLU L 74 42.09 -1.19 -40.41
CA GLU L 74 43.52 -1.01 -40.56
C GLU L 74 44.04 -0.03 -39.52
N PHE L 75 43.24 0.98 -39.23
CA PHE L 75 43.57 1.95 -38.19
C PHE L 75 43.64 1.29 -36.81
N LEU L 76 42.70 0.39 -36.56
CA LEU L 76 42.54 -0.18 -35.22
C LEU L 76 43.35 -1.47 -34.99
N LYS L 77 44.26 -1.78 -35.91
CA LYS L 77 45.13 -2.95 -35.77
C LYS L 77 46.06 -2.80 -34.57
N ASP L 78 46.44 -3.92 -33.98
CA ASP L 78 47.22 -3.95 -32.74
C ASP L 78 48.52 -3.14 -32.80
N GLU L 79 49.24 -3.23 -33.93
CA GLU L 79 50.52 -2.55 -34.09
C GLU L 79 50.39 -1.03 -33.97
N ASN L 80 49.29 -0.49 -34.47
CA ASN L 80 49.05 0.96 -34.43
C ASN L 80 48.56 1.41 -33.05
N MET L 81 47.79 0.56 -32.39
CA MET L 81 47.14 0.93 -31.14
C MET L 81 48.04 0.76 -29.93
N GLU L 82 49.11 0.00 -30.10
CA GLU L 82 50.03 -0.28 -29.00
C GLU L 82 50.79 0.97 -28.59
N LYS L 83 50.78 1.97 -29.47
CA LYS L 83 51.44 3.25 -29.20
C LYS L 83 50.63 4.11 -28.22
N PHE L 84 49.38 3.72 -27.98
CA PHE L 84 48.52 4.42 -27.04
C PHE L 84 48.30 3.58 -25.78
N ASN L 85 48.05 4.24 -24.65
CA ASN L 85 47.86 3.53 -23.40
C ASN L 85 46.46 3.76 -22.82
N VAL L 86 46.12 2.95 -21.83
CA VAL L 86 44.75 2.91 -21.33
C VAL L 86 44.55 3.65 -19.99
N LYS L 87 45.54 4.47 -19.62
CA LYS L 87 45.46 5.26 -18.39
C LYS L 87 44.13 6.01 -18.31
N LEU L 88 43.46 5.90 -17.17
CA LEU L 88 42.11 6.47 -17.00
C LEU L 88 42.00 7.94 -17.40
N GLY L 89 41.12 8.21 -18.35
CA GLY L 89 40.87 9.56 -18.81
C GLY L 89 41.66 9.93 -20.06
N THR L 90 42.63 9.10 -20.41
CA THR L 90 43.43 9.35 -21.61
C THR L 90 42.61 9.04 -22.86
N SER L 91 42.71 9.90 -23.86
CA SER L 91 42.00 9.70 -25.10
C SER L 91 42.78 10.17 -26.32
N LYS L 92 42.51 9.54 -27.46
CA LYS L 92 43.06 9.99 -28.73
C LYS L 92 41.98 9.79 -29.78
N HIS L 93 41.80 10.75 -30.69
CA HIS L 93 40.91 10.54 -31.83
C HIS L 93 41.54 11.06 -33.12
N PHE L 94 41.38 10.29 -34.20
CA PHE L 94 41.91 10.63 -35.51
C PHE L 94 40.82 10.76 -36.55
N TYR L 95 41.07 11.58 -37.56
CA TYR L 95 40.13 11.79 -38.66
C TYR L 95 40.68 11.11 -39.90
N MET L 96 39.80 10.39 -40.61
CA MET L 96 40.21 9.61 -41.77
C MET L 96 39.03 9.35 -42.70
N PHE L 97 39.31 8.71 -43.83
CA PHE L 97 38.26 8.29 -44.75
C PHE L 97 37.98 6.80 -44.61
N ASN L 98 36.70 6.45 -44.65
CA ASN L 98 36.28 5.05 -44.57
C ASN L 98 36.23 4.41 -45.95
N ASP L 99 35.58 3.26 -46.04
CA ASP L 99 35.46 2.53 -47.30
C ASP L 99 34.65 3.32 -48.32
N ASN L 100 33.71 4.12 -47.84
CA ASN L 100 32.84 4.91 -48.71
C ASN L 100 33.39 6.31 -49.01
N LYS L 101 34.68 6.50 -48.75
CA LYS L 101 35.35 7.78 -48.97
C LYS L 101 34.67 8.93 -48.20
N ASN L 102 34.08 8.60 -47.07
CA ASN L 102 33.45 9.59 -46.19
C ASN L 102 34.37 9.94 -45.03
N SER L 103 34.34 11.19 -44.59
CA SER L 103 35.18 11.60 -43.46
C SER L 103 34.63 11.07 -42.14
N VAL L 104 35.48 10.34 -41.42
CA VAL L 104 35.10 9.77 -40.14
C VAL L 104 36.15 10.05 -39.07
N ALA L 105 35.71 10.08 -37.82
CA ALA L 105 36.63 10.26 -36.69
C ALA L 105 36.55 9.05 -35.77
N VAL L 106 37.70 8.46 -35.47
CA VAL L 106 37.75 7.26 -34.65
C VAL L 106 38.72 7.47 -33.49
N GLY L 107 38.40 6.90 -32.33
CA GLY L 107 39.23 7.03 -31.16
C GLY L 107 38.91 6.10 -30.01
N TYR L 108 39.51 6.38 -28.85
CA TYR L 108 39.28 5.58 -27.66
C TYR L 108 39.33 6.42 -26.39
N VAL L 109 38.81 5.87 -25.30
CA VAL L 109 38.99 6.46 -23.97
C VAL L 109 39.50 5.40 -23.01
N GLY L 110 40.62 5.69 -22.35
CA GLY L 110 41.21 4.75 -21.41
C GLY L 110 40.40 4.60 -20.15
N CYS L 111 40.14 3.35 -19.76
CA CYS L 111 39.34 3.09 -18.57
C CYS L 111 40.14 2.41 -17.46
N GLY L 112 41.45 2.61 -17.47
CA GLY L 112 42.30 2.11 -16.39
C GLY L 112 42.55 0.62 -16.43
N SER L 113 42.85 0.05 -15.25
CA SER L 113 43.22 -1.36 -15.15
C SER L 113 42.31 -2.15 -14.21
N VAL L 114 41.29 -1.48 -13.67
CA VAL L 114 40.34 -2.14 -12.77
C VAL L 114 39.11 -2.62 -13.52
N ALA L 115 38.74 -3.87 -13.30
CA ALA L 115 37.63 -4.51 -14.01
C ALA L 115 36.30 -3.82 -13.72
N ASP L 116 36.07 -3.47 -12.45
CA ASP L 116 34.83 -2.83 -12.05
C ASP L 116 35.03 -1.32 -11.87
N LEU L 117 34.50 -0.54 -12.80
CA LEU L 117 34.65 0.91 -12.74
C LEU L 117 33.74 1.53 -11.68
N SER L 118 34.30 2.45 -10.90
CA SER L 118 33.55 3.17 -9.89
C SER L 118 32.83 4.38 -10.47
N GLU L 119 31.94 4.96 -9.67
CA GLU L 119 31.23 6.18 -10.03
C GLU L 119 32.20 7.31 -10.38
N ALA L 120 33.25 7.47 -9.59
CA ALA L 120 34.22 8.53 -9.81
C ALA L 120 35.04 8.29 -11.07
N ASP L 121 35.40 7.02 -11.28
CA ASP L 121 36.16 6.62 -12.46
C ASP L 121 35.37 6.86 -13.74
N MET L 122 34.11 6.45 -13.74
CA MET L 122 33.23 6.62 -14.89
C MET L 122 33.07 8.10 -15.25
N LYS L 123 33.05 8.95 -14.23
CA LYS L 123 32.93 10.39 -14.42
C LYS L 123 34.13 10.92 -15.20
N ARG L 124 35.31 10.41 -14.88
CA ARG L 124 36.53 10.83 -15.57
C ARG L 124 36.51 10.40 -17.04
N VAL L 125 35.93 9.24 -17.30
CA VAL L 125 35.76 8.75 -18.66
C VAL L 125 34.86 9.69 -19.45
N VAL L 126 33.73 10.07 -18.85
CA VAL L 126 32.78 10.96 -19.48
C VAL L 126 33.38 12.33 -19.82
N LEU L 127 34.11 12.91 -18.86
CA LEU L 127 34.75 14.20 -19.07
C LEU L 127 35.71 14.17 -20.25
N SER L 128 36.45 13.08 -20.37
CA SER L 128 37.36 12.89 -21.49
C SER L 128 36.58 12.81 -22.81
N LEU L 129 35.45 12.11 -22.77
CA LEU L 129 34.58 11.99 -23.94
C LEU L 129 33.96 13.34 -24.33
N VAL L 130 33.50 14.08 -23.32
CA VAL L 130 32.85 15.38 -23.53
C VAL L 130 33.83 16.43 -24.06
N THR L 131 35.09 16.33 -23.64
CA THR L 131 36.12 17.26 -24.09
C THR L 131 36.26 17.20 -25.61
N MET L 132 36.13 16.00 -26.17
CA MET L 132 36.20 15.84 -27.62
C MET L 132 34.93 16.36 -28.29
N LEU L 133 33.81 16.27 -27.59
CA LEU L 133 32.53 16.71 -28.13
C LEU L 133 32.41 18.22 -28.18
N HIS L 134 33.00 18.89 -27.19
CA HIS L 134 32.97 20.36 -27.14
C HIS L 134 33.92 20.97 -28.15
N ASP L 135 34.82 20.15 -28.70
CA ASP L 135 35.82 20.66 -29.62
C ASP L 135 35.75 19.97 -30.99
N ASN L 136 34.63 19.32 -31.27
CA ASN L 136 34.35 18.81 -32.60
C ASN L 136 32.93 19.05 -33.11
N LYS L 137 32.80 19.81 -34.19
CA LYS L 137 31.53 20.00 -34.87
C LYS L 137 30.95 18.67 -35.38
N LEU L 138 30.50 17.81 -34.48
CA LEU L 138 29.99 16.49 -34.86
C LEU L 138 28.47 16.41 -35.05
N SER L 139 28.04 15.48 -35.89
CA SER L 139 26.63 15.22 -36.11
C SER L 139 26.15 13.98 -35.34
N LYS L 140 27.07 13.04 -35.14
CA LYS L 140 26.75 11.78 -34.49
C LYS L 140 27.89 11.27 -33.61
N LEU L 141 27.54 10.78 -32.42
CA LEU L 141 28.51 10.11 -31.57
C LEU L 141 28.10 8.65 -31.38
N THR L 142 29.03 7.73 -31.59
CA THR L 142 28.75 6.33 -31.33
C THR L 142 29.78 5.77 -30.34
N VAL L 143 29.28 5.16 -29.26
CA VAL L 143 30.14 4.64 -28.20
C VAL L 143 30.15 3.12 -28.14
N VAL L 144 31.34 2.53 -28.20
CA VAL L 144 31.49 1.08 -28.15
C VAL L 144 32.03 0.61 -26.80
N PHE L 145 31.20 -0.11 -26.05
CA PHE L 145 31.57 -0.60 -24.73
C PHE L 145 32.36 -1.89 -24.79
N GLU L 146 33.68 -1.79 -24.66
CA GLU L 146 34.53 -2.96 -24.56
C GLU L 146 34.93 -3.17 -23.11
N ILE L 147 34.05 -2.74 -22.22
CA ILE L 147 34.22 -2.92 -20.79
C ILE L 147 32.92 -3.43 -20.17
N ASN L 148 33.01 -3.95 -18.96
CA ASN L 148 31.83 -4.47 -18.28
C ASN L 148 31.19 -3.43 -17.35
N VAL L 149 29.91 -3.14 -17.60
CA VAL L 149 29.14 -2.22 -16.76
C VAL L 149 27.74 -2.78 -16.50
N ASP L 150 27.22 -2.57 -15.29
CA ASP L 150 25.86 -3.01 -14.99
C ASP L 150 24.82 -2.01 -15.53
N LYS L 151 23.55 -2.33 -15.36
CA LYS L 151 22.48 -1.50 -15.88
C LYS L 151 22.48 -0.11 -15.24
N ASN L 152 22.74 -0.07 -13.94
CA ASN L 152 22.78 1.19 -13.21
C ASN L 152 23.92 2.12 -13.63
N LEU L 153 25.10 1.53 -13.85
CA LEU L 153 26.27 2.32 -14.23
C LEU L 153 26.13 2.79 -15.66
N PHE L 154 25.47 1.99 -16.49
CA PHE L 154 25.20 2.39 -17.86
C PHE L 154 24.28 3.60 -17.89
N ARG L 155 23.28 3.60 -17.03
CA ARG L 155 22.38 4.74 -16.91
C ARG L 155 23.17 5.95 -16.42
N PHE L 156 24.05 5.71 -15.46
CA PHE L 156 24.91 6.75 -14.89
C PHE L 156 25.80 7.37 -15.95
N PHE L 157 26.32 6.53 -16.85
CA PHE L 157 27.14 6.99 -17.95
C PHE L 157 26.40 8.00 -18.82
N LEU L 158 25.16 7.65 -19.19
CA LEU L 158 24.35 8.48 -20.07
C LEU L 158 23.96 9.80 -19.42
N GLU L 159 23.50 9.73 -18.18
CA GLU L 159 23.14 10.93 -17.41
C GLU L 159 24.31 11.91 -17.32
N THR L 160 25.46 11.38 -16.96
CA THR L 160 26.66 12.19 -16.78
C THR L 160 27.10 12.76 -18.12
N LEU L 161 27.02 11.95 -19.16
CA LEU L 161 27.34 12.40 -20.51
C LEU L 161 26.46 13.57 -20.90
N PHE L 162 25.15 13.39 -20.74
CA PHE L 162 24.19 14.43 -21.07
C PHE L 162 24.40 15.69 -20.24
N TYR L 163 24.61 15.52 -18.94
CA TYR L 163 24.78 16.65 -18.03
C TYR L 163 26.03 17.48 -18.31
N GLU L 164 27.16 16.82 -18.50
CA GLU L 164 28.43 17.51 -18.72
C GLU L 164 28.49 18.11 -20.12
N TYR L 165 27.80 17.48 -21.06
CA TYR L 165 27.74 17.95 -22.45
C TYR L 165 27.00 19.28 -22.53
N MET L 166 25.92 19.41 -21.76
CA MET L 166 25.09 20.60 -21.77
C MET L 166 25.82 21.81 -21.18
N THR L 167 25.64 22.96 -21.81
CA THR L 167 26.29 24.19 -21.36
C THR L 167 25.26 25.28 -21.05
N ASP L 168 25.36 25.88 -19.87
CA ASP L 168 24.43 26.91 -19.43
C ASP L 168 24.83 28.29 -19.95
N GLU L 169 24.04 28.83 -20.87
CA GLU L 169 24.34 30.12 -21.47
C GLU L 169 23.26 31.15 -21.19
N ARG L 170 22.46 30.91 -20.14
CA ARG L 170 21.35 31.78 -19.80
C ARG L 170 21.78 33.21 -19.49
N PHE L 171 22.98 33.37 -18.94
CA PHE L 171 23.44 34.69 -18.50
C PHE L 171 24.56 35.24 -19.38
N LYS L 172 24.80 34.60 -20.51
CA LYS L 172 25.74 35.10 -21.50
C LYS L 172 25.06 36.08 -22.45
N SER L 173 25.70 37.22 -22.71
CA SER L 173 25.17 38.17 -23.67
C SER L 173 26.13 38.43 -24.84
N THR L 174 27.29 39.00 -24.51
CA THR L 174 28.11 39.75 -25.46
C THR L 174 29.28 40.42 -24.76
N GLU L 181 26.26 23.94 -31.65
CA GLU L 181 25.68 22.92 -32.50
C GLU L 181 25.92 21.51 -31.95
N TYR L 182 24.95 21.00 -31.21
CA TYR L 182 25.02 19.69 -30.57
C TYR L 182 24.79 18.54 -31.55
N ILE L 183 25.34 17.36 -31.23
CA ILE L 183 25.08 16.17 -32.02
C ILE L 183 23.59 15.85 -32.00
N LYS L 184 23.12 15.15 -33.03
CA LYS L 184 21.70 14.81 -33.11
C LYS L 184 21.44 13.32 -32.86
N HIS L 185 22.50 12.52 -32.94
CA HIS L 185 22.35 11.07 -32.76
C HIS L 185 23.43 10.51 -31.84
N LEU L 186 23.03 9.59 -30.97
CA LEU L 186 23.98 8.88 -30.11
C LEU L 186 23.81 7.37 -30.27
N GLY L 187 24.86 6.72 -30.76
CA GLY L 187 24.84 5.28 -30.94
C GLY L 187 25.62 4.56 -29.85
N VAL L 188 25.08 3.46 -29.35
CA VAL L 188 25.75 2.70 -28.31
C VAL L 188 25.88 1.23 -28.68
N TYR L 189 27.14 0.77 -28.68
CA TYR L 189 27.42 -0.64 -28.90
C TYR L 189 27.80 -1.31 -27.60
N ILE L 190 27.02 -2.30 -27.20
CA ILE L 190 27.26 -2.98 -25.95
C ILE L 190 26.69 -4.40 -26.07
N ASN L 191 27.29 -5.34 -25.35
CA ASN L 191 26.76 -6.71 -25.37
C ASN L 191 25.57 -6.83 -24.45
N ASN L 192 24.68 -7.75 -24.82
CA ASN L 192 23.36 -7.88 -24.23
C ASN L 192 22.69 -6.51 -24.22
N ALA L 193 22.59 -5.92 -25.41
CA ALA L 193 22.05 -4.58 -25.60
C ALA L 193 20.62 -4.44 -25.11
N ASP L 194 19.83 -5.51 -25.29
CA ASP L 194 18.41 -5.50 -24.96
C ASP L 194 18.16 -5.20 -23.47
N THR L 195 19.11 -5.59 -22.63
CA THR L 195 19.00 -5.38 -21.19
C THR L 195 19.18 -3.90 -20.81
N TYR L 196 19.92 -3.17 -21.64
CA TYR L 196 20.28 -1.79 -21.34
C TYR L 196 19.30 -0.77 -21.95
N LYS L 197 18.46 -1.25 -22.87
CA LYS L 197 17.55 -0.38 -23.61
C LYS L 197 16.55 0.37 -22.72
N GLU L 198 16.12 -0.28 -21.65
CA GLU L 198 15.14 0.32 -20.74
C GLU L 198 15.72 1.50 -19.96
N GLU L 199 17.05 1.54 -19.89
CA GLU L 199 17.75 2.56 -19.14
C GLU L 199 17.87 3.89 -19.88
N VAL L 200 17.67 3.85 -21.20
CA VAL L 200 17.90 5.02 -22.06
C VAL L 200 17.03 6.23 -21.69
N GLU L 201 15.71 6.06 -21.71
CA GLU L 201 14.82 7.17 -21.42
C GLU L 201 14.87 7.58 -19.95
N LYS L 202 15.14 6.61 -19.08
CA LYS L 202 15.29 6.89 -17.65
C LYS L 202 16.46 7.82 -17.38
N ALA L 203 17.57 7.58 -18.09
CA ALA L 203 18.75 8.43 -17.99
C ALA L 203 18.45 9.85 -18.43
N ARG L 204 17.66 9.98 -19.50
CA ARG L 204 17.29 11.29 -20.02
C ARG L 204 16.44 12.07 -19.02
N VAL L 205 15.56 11.35 -18.33
CA VAL L 205 14.73 11.96 -17.29
C VAL L 205 15.59 12.41 -16.12
N TYR L 206 16.48 11.53 -15.67
CA TYR L 206 17.39 11.85 -14.58
C TYR L 206 18.29 13.02 -14.94
N TYR L 207 18.72 13.08 -16.20
CA TYR L 207 19.53 14.19 -16.69
C TYR L 207 18.88 15.54 -16.43
N PHE L 208 17.65 15.74 -16.92
CA PHE L 208 17.03 17.05 -16.83
C PHE L 208 16.68 17.41 -15.39
N GLY L 209 16.30 16.40 -14.60
CA GLY L 209 16.06 16.60 -13.19
C GLY L 209 17.27 17.21 -12.50
N THR L 210 18.44 16.65 -12.81
CA THR L 210 19.71 17.15 -12.28
C THR L 210 20.04 18.51 -12.86
N TYR L 211 19.86 18.67 -14.17
CA TYR L 211 20.18 19.93 -14.83
C TYR L 211 19.24 21.06 -14.43
N TYR L 212 17.99 20.72 -14.16
CA TYR L 212 17.03 21.70 -13.69
C TYR L 212 17.44 22.22 -12.32
N ALA L 213 17.79 21.30 -11.43
CA ALA L 213 18.26 21.66 -10.09
C ALA L 213 19.52 22.51 -10.21
N SER L 214 20.39 22.12 -11.13
CA SER L 214 21.62 22.84 -11.40
C SER L 214 21.32 24.28 -11.83
N GLN L 215 20.31 24.44 -12.67
CA GLN L 215 19.92 25.77 -13.15
C GLN L 215 19.44 26.67 -12.02
N LEU L 216 18.71 26.08 -11.07
CA LEU L 216 18.22 26.84 -9.93
C LEU L 216 19.38 27.27 -9.03
N ILE L 217 20.30 26.34 -8.81
CA ILE L 217 21.46 26.60 -7.97
C ILE L 217 22.38 27.65 -8.62
N ALA L 218 22.68 27.46 -9.89
CA ALA L 218 23.58 28.35 -10.61
C ALA L 218 23.01 29.76 -10.74
N ALA L 219 21.69 29.84 -10.75
CA ALA L 219 21.01 31.14 -10.80
C ALA L 219 21.39 32.00 -9.60
N PRO L 220 21.91 33.20 -9.86
CA PRO L 220 22.35 34.16 -8.83
C PRO L 220 21.19 34.62 -7.96
N SER L 221 21.52 35.20 -6.80
CA SER L 221 20.52 35.53 -5.79
C SER L 221 19.63 36.72 -6.18
N ASN L 222 20.09 37.53 -7.11
CA ASN L 222 19.25 38.61 -7.63
C ASN L 222 18.24 38.09 -8.63
N TYR L 223 18.57 36.98 -9.29
CA TYR L 223 17.63 36.29 -10.17
C TYR L 223 16.79 35.30 -9.37
N CYS L 224 17.46 34.49 -8.56
CA CYS L 224 16.79 33.47 -7.76
C CYS L 224 16.61 33.93 -6.31
N ASN L 225 15.41 34.43 -6.01
CA ASN L 225 15.06 34.88 -4.68
C ASN L 225 13.84 34.08 -4.19
N PRO L 226 13.45 34.22 -2.90
CA PRO L 226 12.30 33.44 -2.41
C PRO L 226 11.04 33.55 -3.28
N VAL L 227 10.78 34.73 -3.83
CA VAL L 227 9.60 34.91 -4.66
C VAL L 227 9.76 34.22 -6.01
N SER L 228 10.87 34.48 -6.69
CA SER L 228 11.10 33.92 -8.01
C SER L 228 11.26 32.40 -7.97
N LEU L 229 11.86 31.90 -6.90
CA LEU L 229 12.07 30.46 -6.75
C LEU L 229 10.77 29.73 -6.51
N SER L 230 9.91 30.30 -5.68
CA SER L 230 8.61 29.72 -5.41
C SER L 230 7.73 29.79 -6.67
N ASN L 231 7.91 30.85 -7.45
CA ASN L 231 7.23 30.96 -8.75
C ASN L 231 7.65 29.87 -9.71
N ALA L 232 8.94 29.59 -9.75
CA ALA L 232 9.48 28.55 -10.62
C ALA L 232 8.95 27.18 -10.21
N ALA L 233 8.81 26.99 -8.90
CA ALA L 233 8.26 25.75 -8.37
C ALA L 233 6.81 25.57 -8.81
N VAL L 234 6.04 26.66 -8.77
CA VAL L 234 4.65 26.62 -9.22
C VAL L 234 4.55 26.25 -10.70
N GLU L 235 5.32 26.94 -11.53
CA GLU L 235 5.32 26.70 -12.97
C GLU L 235 5.70 25.25 -13.28
N LEU L 236 6.65 24.73 -12.51
CA LEU L 236 7.07 23.35 -12.67
C LEU L 236 5.95 22.38 -12.30
N ALA L 237 5.26 22.67 -11.20
CA ALA L 237 4.17 21.83 -10.73
C ALA L 237 3.03 21.77 -11.74
N GLN L 238 2.74 22.91 -12.38
CA GLN L 238 1.66 22.99 -13.36
C GLN L 238 1.95 22.17 -14.61
N LYS L 239 3.21 22.18 -15.05
CA LYS L 239 3.62 21.42 -16.23
C LYS L 239 3.58 19.92 -15.95
N LEU L 240 3.70 19.56 -14.67
CA LEU L 240 3.76 18.15 -14.28
C LEU L 240 2.43 17.67 -13.71
N ASN L 241 1.43 18.55 -13.71
CA ASN L 241 0.12 18.28 -13.11
C ASN L 241 0.24 17.78 -11.67
N LEU L 242 1.03 18.48 -10.88
CA LEU L 242 1.14 18.21 -9.45
C LEU L 242 0.32 19.22 -8.66
N GLU L 243 -0.24 18.78 -7.54
CA GLU L 243 -0.90 19.70 -6.63
C GLU L 243 0.16 20.63 -6.04
N TYR L 244 -0.16 21.90 -5.91
CA TYR L 244 0.82 22.85 -5.38
C TYR L 244 0.18 23.84 -4.42
N LYS L 245 1.01 24.35 -3.51
CA LYS L 245 0.56 25.24 -2.46
C LYS L 245 1.71 26.14 -2.00
N ILE L 246 1.52 27.45 -2.10
CA ILE L 246 2.53 28.39 -1.64
C ILE L 246 2.06 29.13 -0.40
N LEU L 247 2.74 28.91 0.72
CA LEU L 247 2.36 29.54 1.98
C LEU L 247 3.06 30.88 2.12
N GLY L 248 2.29 31.93 2.32
CA GLY L 248 2.85 33.27 2.47
C GLY L 248 3.04 33.65 3.92
N VAL L 249 3.57 34.85 4.16
CA VAL L 249 3.92 35.30 5.49
C VAL L 249 2.72 35.25 6.44
N LYS L 250 1.57 35.71 5.96
CA LYS L 250 0.36 35.75 6.76
C LYS L 250 -0.06 34.35 7.23
N GLU L 251 0.01 33.37 6.32
CA GLU L 251 -0.31 31.99 6.67
C GLU L 251 0.74 31.42 7.62
N LEU L 252 2.00 31.77 7.39
CA LEU L 252 3.11 31.31 8.21
C LEU L 252 3.03 31.85 9.65
N GLU L 253 2.57 33.08 9.81
CA GLU L 253 2.40 33.67 11.12
C GLU L 253 1.33 32.93 11.93
N GLU L 254 0.22 32.60 11.28
CA GLU L 254 -0.86 31.85 11.92
C GLU L 254 -0.41 30.44 12.31
N LEU L 255 0.50 29.86 11.53
CA LEU L 255 1.03 28.54 11.85
C LEU L 255 2.17 28.67 12.86
N LYS L 256 2.48 29.91 13.22
CA LYS L 256 3.45 30.23 14.27
C LYS L 256 4.84 29.69 13.99
N MET L 257 5.26 29.72 12.73
CA MET L 257 6.58 29.26 12.36
C MET L 257 7.63 30.34 12.63
N GLY L 258 7.89 30.59 13.92
CA GLY L 258 8.73 31.69 14.33
C GLY L 258 10.21 31.53 13.99
N ALA L 259 10.71 30.30 14.03
CA ALA L 259 12.10 30.05 13.69
C ALA L 259 12.34 30.36 12.22
N TYR L 260 11.46 29.84 11.38
CA TYR L 260 11.53 30.06 9.94
C TYR L 260 11.34 31.53 9.60
N LEU L 261 10.35 32.16 10.22
CA LEU L 261 10.05 33.56 9.96
C LEU L 261 11.15 34.50 10.44
N SER L 262 11.84 34.11 11.51
CA SER L 262 12.89 34.94 12.09
C SER L 262 14.07 35.12 11.14
N VAL L 263 14.43 34.04 10.44
CA VAL L 263 15.53 34.06 9.51
C VAL L 263 15.31 35.04 8.37
N GLY L 264 14.07 35.11 7.88
CA GLY L 264 13.75 35.93 6.73
C GLY L 264 13.46 37.39 7.04
N LYS L 265 13.37 37.72 8.32
CA LYS L 265 13.03 39.06 8.79
C LYS L 265 13.86 40.17 8.13
N GLY L 266 15.15 39.92 7.96
CA GLY L 266 16.07 40.91 7.43
C GLY L 266 16.10 41.01 5.90
N SER L 267 15.24 40.24 5.24
CA SER L 267 15.23 40.20 3.78
C SER L 267 14.16 41.13 3.18
N MET L 268 14.40 41.59 1.96
CA MET L 268 13.41 42.41 1.23
C MET L 268 12.41 41.50 0.54
N TYR L 269 12.74 40.21 0.47
CA TYR L 269 11.86 39.23 -0.14
C TYR L 269 11.08 38.49 0.94
N PRO L 270 9.75 38.47 0.83
CA PRO L 270 8.90 37.77 1.80
C PRO L 270 9.14 36.26 1.78
N ASN L 271 9.05 35.63 2.95
CA ASN L 271 9.19 34.17 3.03
C ASN L 271 8.12 33.46 2.23
N LYS L 272 8.52 32.39 1.55
CA LYS L 272 7.59 31.58 0.77
C LYS L 272 7.82 30.11 1.05
N PHE L 273 6.79 29.43 1.54
CA PHE L 273 6.88 28.01 1.83
C PHE L 273 6.29 27.19 0.68
N ILE L 274 7.13 26.40 0.02
CA ILE L 274 6.71 25.60 -1.13
C ILE L 274 6.20 24.22 -0.71
N HIS L 275 5.02 23.85 -1.20
CA HIS L 275 4.45 22.53 -0.93
C HIS L 275 3.86 21.92 -2.20
N LEU L 276 4.58 20.96 -2.76
CA LEU L 276 4.11 20.22 -3.92
C LEU L 276 3.68 18.82 -3.48
N THR L 277 2.70 18.23 -4.16
CA THR L 277 2.24 16.89 -3.81
C THR L 277 2.03 16.02 -5.04
N TYR L 278 2.62 14.84 -5.01
CA TYR L 278 2.38 13.81 -6.01
C TYR L 278 1.63 12.62 -5.41
N LYS L 279 0.53 12.22 -6.03
CA LYS L 279 -0.16 11.02 -5.55
C LYS L 279 -0.27 9.98 -6.66
N SER L 280 0.21 8.78 -6.36
CA SER L 280 0.16 7.66 -7.29
C SER L 280 -1.23 7.04 -7.44
N LYS L 281 -1.48 6.46 -8.61
CA LYS L 281 -2.73 5.78 -8.87
C LYS L 281 -2.74 4.45 -8.12
N GLY L 282 -3.91 4.05 -7.64
CA GLY L 282 -4.05 2.81 -6.90
C GLY L 282 -3.78 2.97 -5.41
N ASP L 283 -3.53 1.85 -4.75
CA ASP L 283 -3.27 1.83 -3.31
C ASP L 283 -1.96 2.52 -2.93
N VAL L 284 -2.06 3.47 -1.99
CA VAL L 284 -0.88 4.16 -1.49
C VAL L 284 -0.30 3.35 -0.33
N LYS L 285 0.95 2.94 -0.45
CA LYS L 285 1.55 2.08 0.57
C LYS L 285 2.56 2.84 1.41
N LYS L 286 3.12 3.90 0.85
CA LYS L 286 4.08 4.72 1.57
C LYS L 286 3.83 6.21 1.32
N LYS L 287 3.85 6.98 2.40
CA LYS L 287 3.76 8.43 2.30
C LYS L 287 5.11 9.01 2.69
N ILE L 288 5.67 9.83 1.81
CA ILE L 288 7.02 10.33 2.02
C ILE L 288 7.07 11.85 1.92
N ALA L 289 7.75 12.49 2.86
CA ALA L 289 7.96 13.93 2.81
C ALA L 289 9.43 14.25 2.55
N LEU L 290 9.67 15.00 1.48
CA LEU L 290 11.02 15.44 1.14
C LEU L 290 11.20 16.92 1.44
N VAL L 291 12.13 17.22 2.35
CA VAL L 291 12.32 18.60 2.82
C VAL L 291 13.66 19.15 2.33
N GLY L 292 13.61 20.32 1.68
CA GLY L 292 14.82 20.93 1.16
C GLY L 292 15.11 22.29 1.79
N LYS L 293 16.37 22.51 2.14
CA LYS L 293 16.82 23.80 2.64
C LYS L 293 16.81 24.82 1.51
N GLY L 294 16.11 25.93 1.73
CA GLY L 294 15.92 26.93 0.70
C GLY L 294 16.37 28.32 1.09
N ILE L 295 17.67 28.49 1.33
CA ILE L 295 18.21 29.82 1.57
C ILE L 295 18.77 30.37 0.26
N THR L 296 18.06 31.32 -0.33
CA THR L 296 18.43 31.82 -1.66
C THR L 296 19.76 32.57 -1.63
N PHE L 297 20.06 33.19 -0.50
CA PHE L 297 21.39 33.72 -0.24
C PHE L 297 21.67 33.74 1.26
N ASP L 298 22.83 33.24 1.64
CA ASP L 298 23.23 33.20 3.03
C ASP L 298 24.38 34.15 3.26
N SER L 299 24.06 35.33 3.76
CA SER L 299 25.09 36.32 4.08
C SER L 299 25.67 36.01 5.45
N GLY L 300 24.91 35.23 6.23
CA GLY L 300 25.30 34.89 7.58
C GLY L 300 24.52 35.69 8.61
N GLY L 301 23.86 36.75 8.16
CA GLY L 301 23.19 37.66 9.07
C GLY L 301 24.21 38.50 9.81
N TYR L 302 23.90 38.91 11.03
CA TYR L 302 24.84 39.74 11.79
C TYR L 302 26.10 38.96 12.15
N ASN L 303 26.02 37.63 12.13
CA ASN L 303 27.20 36.79 12.14
C ASN L 303 27.74 36.66 10.73
N LEU L 304 28.10 37.80 10.15
CA LEU L 304 28.49 37.89 8.75
C LEU L 304 29.61 36.93 8.37
N LYS L 305 29.51 36.37 7.16
CA LYS L 305 30.56 35.54 6.61
C LYS L 305 31.75 36.40 6.18
N ALA L 306 32.57 36.80 7.14
CA ALA L 306 33.68 37.70 6.86
C ALA L 306 35.03 37.02 7.10
N ALA L 307 34.99 35.87 7.77
CA ALA L 307 36.20 35.12 8.08
C ALA L 307 36.77 34.48 6.81
N PRO L 308 38.10 34.28 6.76
CA PRO L 308 38.73 33.63 5.62
C PRO L 308 38.21 32.22 5.39
N GLY L 309 37.85 31.91 4.15
CA GLY L 309 37.36 30.60 3.78
C GLY L 309 35.86 30.43 3.95
N SER L 310 35.16 31.52 4.20
CA SER L 310 33.72 31.45 4.42
C SER L 310 32.96 31.40 3.09
N MET L 311 33.64 31.78 2.01
CA MET L 311 33.12 31.64 0.65
C MET L 311 31.76 32.30 0.45
N ILE L 312 31.62 33.55 0.87
CA ILE L 312 30.34 34.25 0.79
C ILE L 312 29.87 34.43 -0.65
N ASP L 313 30.81 34.43 -1.59
CA ASP L 313 30.46 34.64 -3.00
C ASP L 313 29.86 33.39 -3.64
N LEU L 314 29.84 32.29 -2.89
CA LEU L 314 29.29 31.03 -3.40
C LEU L 314 27.91 30.78 -2.81
N MET L 315 27.50 31.63 -1.87
CA MET L 315 26.35 31.38 -1.02
C MET L 315 24.99 31.42 -1.72
N LYS L 316 24.98 31.48 -3.04
CA LYS L 316 23.75 31.24 -3.79
C LYS L 316 23.42 29.75 -3.75
N PHE L 317 24.46 28.93 -3.62
CA PHE L 317 24.34 27.48 -3.49
C PHE L 317 23.48 27.01 -2.31
N ASP L 318 23.20 27.90 -1.37
CA ASP L 318 22.58 27.50 -0.11
C ASP L 318 21.10 27.09 -0.22
N MET L 319 20.59 27.03 -1.45
CA MET L 319 19.25 26.50 -1.68
C MET L 319 19.30 25.21 -2.50
N SER L 320 20.48 24.57 -2.53
CA SER L 320 20.71 23.34 -3.27
C SER L 320 19.78 22.20 -2.84
N GLY L 321 19.52 22.11 -1.54
CA GLY L 321 18.63 21.09 -1.01
C GLY L 321 17.23 21.25 -1.60
N CYS L 322 16.77 22.50 -1.64
CA CYS L 322 15.49 22.81 -2.25
C CYS L 322 15.49 22.44 -3.73
N ALA L 323 16.57 22.78 -4.42
CA ALA L 323 16.68 22.50 -5.83
C ALA L 323 16.62 21.00 -6.09
N ALA L 324 17.31 20.24 -5.24
CA ALA L 324 17.33 18.79 -5.37
C ALA L 324 15.93 18.21 -5.22
N VAL L 325 15.17 18.73 -4.27
CA VAL L 325 13.81 18.27 -4.04
C VAL L 325 12.91 18.57 -5.25
N LEU L 326 13.05 19.77 -5.80
CA LEU L 326 12.28 20.16 -6.97
C LEU L 326 12.71 19.38 -8.21
N GLY L 327 14.01 19.10 -8.31
CA GLY L 327 14.55 18.30 -9.39
C GLY L 327 14.01 16.89 -9.32
N CYS L 328 13.83 16.41 -8.10
CA CYS L 328 13.22 15.10 -7.86
C CYS L 328 11.77 15.10 -8.30
N ALA L 329 11.08 16.21 -8.03
CA ALA L 329 9.67 16.35 -8.42
C ALA L 329 9.48 16.18 -9.91
N TYR L 330 10.42 16.69 -10.69
CA TYR L 330 10.35 16.53 -12.15
C TYR L 330 10.42 15.05 -12.52
N CYS L 331 11.39 14.34 -11.96
CA CYS L 331 11.59 12.93 -12.26
C CYS L 331 10.39 12.08 -11.86
N VAL L 332 9.89 12.34 -10.65
CA VAL L 332 8.75 11.60 -10.13
C VAL L 332 7.51 11.88 -10.97
N GLY L 333 7.28 13.15 -11.29
CA GLY L 333 6.15 13.52 -12.12
C GLY L 333 6.23 12.98 -13.53
N THR L 334 7.44 12.70 -13.99
CA THR L 334 7.65 12.21 -15.35
C THR L 334 7.60 10.69 -15.44
N LEU L 335 8.31 10.01 -14.56
CA LEU L 335 8.35 8.55 -14.56
C LEU L 335 7.07 7.97 -13.98
N LYS L 336 6.41 8.78 -13.15
CA LYS L 336 5.14 8.43 -12.54
C LYS L 336 5.17 7.08 -11.83
N PRO L 337 5.90 6.99 -10.70
CA PRO L 337 5.93 5.77 -9.90
C PRO L 337 4.56 5.47 -9.30
N GLU L 338 4.34 4.23 -8.88
CA GLU L 338 3.04 3.85 -8.36
C GLU L 338 3.11 3.51 -6.87
N ASN L 339 1.94 3.42 -6.23
CA ASN L 339 1.82 3.06 -4.82
C ASN L 339 2.58 3.96 -3.84
N VAL L 340 2.78 5.22 -4.19
CA VAL L 340 3.52 6.14 -3.33
C VAL L 340 2.92 7.55 -3.32
N GLU L 341 2.97 8.21 -2.17
CA GLU L 341 2.56 9.61 -2.06
C GLU L 341 3.74 10.45 -1.55
N ILE L 342 4.15 11.43 -2.34
CA ILE L 342 5.30 12.25 -1.98
C ILE L 342 4.96 13.73 -1.81
N HIS L 343 5.39 14.32 -0.70
CA HIS L 343 5.27 15.75 -0.47
C HIS L 343 6.62 16.44 -0.62
N PHE L 344 6.67 17.46 -1.46
CA PHE L 344 7.90 18.21 -1.69
C PHE L 344 7.86 19.55 -0.97
N LEU L 345 8.64 19.67 0.10
CA LEU L 345 8.59 20.83 0.98
C LEU L 345 9.89 21.62 0.97
N SER L 346 9.77 22.94 1.09
CA SER L 346 10.94 23.80 1.25
C SER L 346 10.57 25.14 1.88
N ALA L 347 11.20 25.43 3.01
CA ALA L 347 11.02 26.71 3.68
C ALA L 347 12.00 27.73 3.09
N VAL L 348 11.55 28.46 2.07
CA VAL L 348 12.42 29.35 1.33
C VAL L 348 12.47 30.76 1.90
N CYS L 349 13.69 31.27 2.07
CA CYS L 349 13.89 32.65 2.50
C CYS L 349 15.30 33.12 2.19
N GLU L 350 15.65 34.28 2.69
CA GLU L 350 16.97 34.87 2.48
C GLU L 350 17.54 35.39 3.80
N ASN L 351 18.81 35.10 4.06
CA ASN L 351 19.45 35.50 5.31
C ASN L 351 20.33 36.73 5.12
N MET L 352 19.79 37.89 5.47
CA MET L 352 20.45 39.17 5.15
C MET L 352 20.73 40.04 6.37
N VAL L 353 21.52 41.09 6.16
CA VAL L 353 21.83 42.05 7.21
C VAL L 353 21.02 43.33 7.04
N SER L 354 20.30 43.71 8.09
CA SER L 354 19.37 44.83 8.02
C SER L 354 18.97 45.26 9.42
N LYS L 355 18.27 46.38 9.54
CA LYS L 355 17.75 46.82 10.82
C LYS L 355 16.62 45.91 11.29
N ASN L 356 16.05 45.13 10.36
CA ASN L 356 14.94 44.25 10.67
C ASN L 356 15.40 42.82 10.96
N SER L 357 16.69 42.56 10.76
CA SER L 357 17.23 41.22 10.92
C SER L 357 17.14 40.72 12.36
N TYR L 358 17.10 39.40 12.53
CA TYR L 358 17.15 38.82 13.86
C TYR L 358 18.59 38.81 14.35
N ARG L 359 18.75 38.97 15.66
CA ARG L 359 20.08 39.17 16.26
C ARG L 359 20.58 37.93 16.97
N PRO L 360 21.91 37.80 17.08
CA PRO L 360 22.48 36.77 17.96
C PRO L 360 22.02 36.99 19.39
N GLY L 361 21.49 35.95 20.02
CA GLY L 361 20.98 36.07 21.38
C GLY L 361 19.47 36.11 21.45
N ASP L 362 18.83 36.36 20.31
CA ASP L 362 17.37 36.40 20.24
C ASP L 362 16.75 35.05 20.61
N ILE L 363 15.62 35.10 21.29
CA ILE L 363 14.88 33.88 21.59
C ILE L 363 13.60 33.83 20.76
N ILE L 364 13.48 32.76 19.98
CA ILE L 364 12.39 32.62 19.04
C ILE L 364 11.63 31.34 19.32
N THR L 365 10.35 31.31 18.92
CA THR L 365 9.50 30.17 19.21
C THR L 365 9.13 29.39 17.95
N ALA L 366 9.47 28.10 17.93
CA ALA L 366 9.14 27.25 16.79
C ALA L 366 7.65 26.93 16.79
N SER L 367 7.16 26.41 15.67
CA SER L 367 5.73 26.13 15.52
C SER L 367 5.25 24.98 16.42
N ASN L 368 6.19 24.27 17.04
CA ASN L 368 5.82 23.20 17.96
C ASN L 368 5.86 23.68 19.42
N GLY L 369 6.09 24.97 19.61
CA GLY L 369 6.07 25.56 20.94
C GLY L 369 7.42 25.64 21.62
N LYS L 370 8.42 24.98 21.06
CA LYS L 370 9.77 25.01 21.64
C LYS L 370 10.44 26.36 21.43
N THR L 371 10.99 26.91 22.51
CA THR L 371 11.74 28.17 22.42
C THR L 371 13.21 27.88 22.10
N ILE L 372 13.76 28.71 21.22
CA ILE L 372 15.13 28.51 20.74
C ILE L 372 15.98 29.76 20.97
N GLU L 373 17.13 29.57 21.63
CA GLU L 373 18.08 30.67 21.82
C GLU L 373 19.08 30.72 20.68
N VAL L 374 19.11 31.84 19.96
CA VAL L 374 20.01 32.00 18.82
C VAL L 374 21.43 32.35 19.26
N GLY L 375 22.37 31.48 18.93
CA GLY L 375 23.77 31.71 19.25
C GLY L 375 24.57 32.19 18.06
N ASN L 376 24.08 31.90 16.87
CA ASN L 376 24.76 32.28 15.63
C ASN L 376 23.76 32.40 14.48
N THR L 377 23.63 33.61 13.93
CA THR L 377 22.65 33.86 12.89
C THR L 377 23.01 33.19 11.55
N ASP L 378 24.23 32.69 11.45
CA ASP L 378 24.68 32.02 10.23
C ASP L 378 24.29 30.54 10.26
N ALA L 379 23.68 30.10 11.36
CA ALA L 379 23.17 28.74 11.44
C ALA L 379 21.66 28.77 11.21
N GLU L 380 21.25 29.46 10.16
CA GLU L 380 19.83 29.71 9.89
C GLU L 380 19.15 28.52 9.24
N GLY L 381 19.94 27.64 8.64
CA GLY L 381 19.40 26.48 7.95
C GLY L 381 18.58 25.58 8.85
N ARG L 382 19.12 25.26 10.03
CA ARG L 382 18.44 24.38 10.96
C ARG L 382 17.18 25.03 11.55
N LEU L 383 17.17 26.36 11.58
CA LEU L 383 16.01 27.10 12.08
C LEU L 383 14.84 26.96 11.12
N THR L 384 15.13 27.11 9.83
CA THR L 384 14.09 26.97 8.81
C THR L 384 13.66 25.51 8.70
N LEU L 385 14.61 24.59 8.82
CA LEU L 385 14.30 23.17 8.74
C LEU L 385 13.42 22.71 9.90
N ALA L 386 13.61 23.33 11.06
CA ALA L 386 12.85 22.99 12.26
C ALA L 386 11.35 23.13 12.02
N ASP L 387 10.94 24.30 11.53
CA ASP L 387 9.54 24.54 11.24
C ASP L 387 9.05 23.68 10.09
N ALA L 388 9.93 23.43 9.12
CA ALA L 388 9.60 22.58 7.98
C ALA L 388 9.37 21.14 8.41
N LEU L 389 10.16 20.68 9.37
CA LEU L 389 10.04 19.32 9.87
C LEU L 389 8.75 19.15 10.67
N VAL L 390 8.38 20.16 11.44
CA VAL L 390 7.14 20.14 12.21
C VAL L 390 5.94 20.11 11.27
N TYR L 391 6.03 20.88 10.20
CA TYR L 391 4.99 20.89 9.18
C TYR L 391 4.90 19.51 8.53
N ALA L 392 6.05 18.93 8.21
CA ALA L 392 6.11 17.63 7.55
C ALA L 392 5.48 16.51 8.38
N GLU L 393 5.76 16.49 9.68
CA GLU L 393 5.25 15.41 10.53
C GLU L 393 3.74 15.48 10.69
N LYS L 394 3.20 16.69 10.60
CA LYS L 394 1.75 16.91 10.70
C LYS L 394 1.02 16.32 9.49
N LEU L 395 1.75 16.05 8.42
CA LEU L 395 1.17 15.44 7.22
C LEU L 395 0.89 13.95 7.44
N GLY L 396 1.46 13.40 8.51
CA GLY L 396 1.25 12.00 8.84
C GLY L 396 1.88 11.07 7.82
N VAL L 397 3.17 11.24 7.58
CA VAL L 397 3.89 10.44 6.60
C VAL L 397 4.68 9.31 7.24
N ASP L 398 5.19 8.40 6.41
CA ASP L 398 5.97 7.26 6.89
C ASP L 398 7.44 7.62 7.00
N TYR L 399 7.94 8.36 6.02
CA TYR L 399 9.33 8.79 6.02
C TYR L 399 9.47 10.29 5.82
N ILE L 400 10.36 10.89 6.59
CA ILE L 400 10.77 12.27 6.34
C ILE L 400 12.25 12.29 6.01
N VAL L 401 12.58 12.73 4.81
CA VAL L 401 13.97 12.85 4.41
C VAL L 401 14.25 14.30 4.04
N ASP L 402 15.14 14.93 4.82
CA ASP L 402 15.52 16.30 4.51
C ASP L 402 16.91 16.31 3.89
N ILE L 403 17.14 17.24 2.98
CA ILE L 403 18.43 17.37 2.33
C ILE L 403 18.83 18.84 2.35
N ALA L 404 20.07 19.12 2.77
CA ALA L 404 20.47 20.49 3.08
C ALA L 404 21.97 20.71 3.04
N THR L 405 22.35 21.93 2.63
CA THR L 405 23.71 22.40 2.76
C THR L 405 23.88 23.02 4.15
N LEU L 406 23.87 22.17 5.16
CA LEU L 406 23.76 22.63 6.55
C LEU L 406 25.07 23.08 7.19
N THR L 407 26.10 22.25 7.13
CA THR L 407 27.35 22.54 7.85
C THR L 407 28.58 22.40 6.98
N GLY L 408 29.50 23.36 7.10
CA GLY L 408 30.76 23.32 6.37
C GLY L 408 31.70 22.26 6.90
N ALA L 409 31.38 21.73 8.08
CA ALA L 409 32.20 20.69 8.69
C ALA L 409 32.25 19.42 7.82
N MET L 410 31.26 19.27 6.95
CA MET L 410 31.21 18.15 6.03
C MET L 410 32.43 18.11 5.12
N LEU L 411 32.97 19.27 4.81
CA LEU L 411 34.17 19.38 4.00
C LEU L 411 35.38 18.78 4.71
N TYR L 412 35.31 18.73 6.04
CA TYR L 412 36.40 18.20 6.84
C TYR L 412 36.17 16.73 7.20
N SER L 413 34.94 16.27 7.06
CA SER L 413 34.60 14.89 7.38
C SER L 413 34.62 13.98 6.15
N LEU L 414 33.75 14.25 5.19
CA LEU L 414 33.62 13.39 4.02
C LEU L 414 34.16 14.03 2.75
N GLY L 415 34.28 15.35 2.76
CA GLY L 415 34.84 16.04 1.62
C GLY L 415 33.81 16.40 0.56
N THR L 416 34.23 16.37 -0.70
CA THR L 416 33.41 16.88 -1.79
C THR L 416 32.71 15.80 -2.59
N SER L 417 32.95 14.53 -2.26
CA SER L 417 32.41 13.43 -3.05
C SER L 417 31.27 12.69 -2.35
N TYR L 418 31.39 12.52 -1.04
CA TYR L 418 30.39 11.78 -0.29
C TYR L 418 29.59 12.70 0.61
N ALA L 419 28.26 12.61 0.52
CA ALA L 419 27.39 13.34 1.43
C ALA L 419 27.18 12.52 2.70
N GLY L 420 26.83 13.19 3.78
CA GLY L 420 26.57 12.50 5.03
C GLY L 420 25.08 12.35 5.29
N VAL L 421 24.69 11.20 5.81
CA VAL L 421 23.31 10.98 6.19
C VAL L 421 23.20 10.62 7.67
N PHE L 422 22.26 11.29 8.34
CA PHE L 422 22.00 11.05 9.76
C PHE L 422 20.53 10.65 9.88
N GLY L 423 20.17 9.96 10.94
CA GLY L 423 18.78 9.55 11.11
C GLY L 423 18.43 8.94 12.45
N ASN L 424 17.13 8.74 12.67
CA ASN L 424 16.64 8.13 13.89
C ASN L 424 16.10 6.71 13.67
N ASN L 425 16.22 6.22 12.43
CA ASN L 425 15.66 4.93 12.06
C ASN L 425 16.58 4.16 11.11
N GLU L 426 17.00 2.97 11.53
CA GLU L 426 18.00 2.22 10.80
C GLU L 426 17.46 1.67 9.48
N GLU L 427 16.17 1.37 9.43
CA GLU L 427 15.57 0.86 8.21
C GLU L 427 15.54 1.93 7.13
N LEU L 428 15.20 3.16 7.52
CA LEU L 428 15.18 4.28 6.59
C LEU L 428 16.57 4.61 6.07
N ILE L 429 17.55 4.58 6.97
CA ILE L 429 18.93 4.85 6.61
C ILE L 429 19.44 3.86 5.57
N ASN L 430 19.15 2.58 5.78
CA ASN L 430 19.56 1.54 4.83
C ASN L 430 18.94 1.75 3.45
N LYS L 431 17.69 2.21 3.41
CA LYS L 431 17.03 2.49 2.14
C LYS L 431 17.74 3.61 1.37
N ILE L 432 18.16 4.65 2.10
CA ILE L 432 18.88 5.76 1.51
C ILE L 432 20.22 5.32 0.94
N LEU L 433 20.93 4.46 1.67
CA LEU L 433 22.22 3.95 1.24
C LEU L 433 22.10 3.09 -0.02
N GLN L 434 21.00 2.35 -0.03
CA GLN L 434 20.65 1.43 -1.09
C GLN L 434 20.33 2.26 -2.38
N SER L 435 19.70 3.40 -2.18
CA SER L 435 19.45 4.39 -3.23
C SER L 435 20.76 5.00 -3.73
N SER L 436 21.71 5.19 -2.81
CA SER L 436 23.02 5.74 -3.16
C SER L 436 23.75 4.82 -4.11
N LYS L 437 23.65 3.52 -3.86
CA LYS L 437 24.30 2.51 -4.68
C LYS L 437 23.73 2.47 -6.09
N THR L 438 22.40 2.47 -6.20
CA THR L 438 21.75 2.35 -7.50
C THR L 438 21.70 3.66 -8.28
N SER L 439 21.78 4.79 -7.58
CA SER L 439 21.80 6.09 -8.25
C SER L 439 23.22 6.54 -8.54
N ASN L 440 24.18 5.88 -7.90
CA ASN L 440 25.59 6.23 -8.00
C ASN L 440 25.86 7.67 -7.55
N GLU L 441 25.07 8.15 -6.59
CA GLU L 441 25.36 9.39 -5.90
C GLU L 441 25.79 9.05 -4.47
N PRO L 442 27.11 9.03 -4.22
CA PRO L 442 27.69 8.45 -3.00
C PRO L 442 27.31 9.16 -1.71
N VAL L 443 26.84 8.38 -0.74
CA VAL L 443 26.44 8.87 0.57
C VAL L 443 27.00 7.95 1.65
N TRP L 444 27.42 8.52 2.78
CA TRP L 444 27.94 7.72 3.89
C TRP L 444 27.19 7.99 5.19
N TRP L 445 26.92 6.91 5.93
CA TRP L 445 26.18 7.01 7.18
C TRP L 445 27.05 7.53 8.32
N LEU L 446 26.63 8.66 8.91
CA LEU L 446 27.30 9.23 10.06
C LEU L 446 26.38 9.19 11.28
N PRO L 447 26.96 9.10 12.48
CA PRO L 447 26.14 8.89 13.69
C PRO L 447 25.59 10.17 14.32
N ILE L 448 24.42 10.07 14.93
CA ILE L 448 23.91 11.12 15.80
C ILE L 448 24.23 10.75 17.24
N ILE L 449 25.31 11.32 17.77
CA ILE L 449 25.78 10.95 19.09
C ILE L 449 25.02 11.69 20.19
N ASN L 450 24.16 10.96 20.90
CA ASN L 450 23.29 11.54 21.92
C ASN L 450 24.04 12.17 23.10
N GLU L 451 25.29 11.78 23.28
CA GLU L 451 26.09 12.30 24.38
C GLU L 451 26.31 13.81 24.24
N TYR L 452 26.24 14.30 23.01
CA TYR L 452 26.48 15.72 22.75
C TYR L 452 25.23 16.56 22.99
N ARG L 453 24.09 15.90 23.21
CA ARG L 453 22.81 16.59 23.38
C ARG L 453 22.83 17.64 24.48
N ALA L 454 23.57 17.36 25.56
CA ALA L 454 23.60 18.23 26.73
C ALA L 454 24.17 19.62 26.42
N THR L 455 24.93 19.74 25.33
CA THR L 455 25.53 21.02 24.97
C THR L 455 24.50 21.97 24.35
N LEU L 456 23.30 21.46 24.08
CA LEU L 456 22.22 22.27 23.53
C LEU L 456 21.28 22.75 24.63
N ASN L 457 21.62 22.47 25.88
CA ASN L 457 20.82 22.91 27.01
C ASN L 457 20.97 24.39 27.25
N SER L 458 19.93 25.15 26.93
CA SER L 458 19.94 26.59 27.11
C SER L 458 19.58 26.99 28.54
N LYS L 459 20.17 28.07 29.02
CA LYS L 459 19.88 28.56 30.36
C LYS L 459 18.50 29.18 30.43
N TYR L 460 18.03 29.75 29.33
CA TYR L 460 16.78 30.50 29.32
C TYR L 460 15.74 29.90 28.38
N ALA L 461 16.17 29.46 27.21
CA ALA L 461 15.27 28.85 26.24
C ALA L 461 15.14 27.36 26.48
N ASP L 462 14.29 26.71 25.71
CA ASP L 462 14.11 25.27 25.81
C ASP L 462 15.36 24.56 25.29
N ILE L 463 15.98 25.16 24.28
CA ILE L 463 17.13 24.55 23.63
C ILE L 463 18.00 25.62 22.95
N ASN L 464 19.29 25.34 22.87
CA ASN L 464 20.21 26.18 22.11
C ASN L 464 20.18 25.79 20.63
N GLN L 465 20.35 26.78 19.76
CA GLN L 465 20.45 26.55 18.33
C GLN L 465 21.77 25.88 17.98
N ILE L 466 22.83 26.34 18.64
CA ILE L 466 24.17 25.82 18.39
C ILE L 466 24.88 25.45 19.68
N SER L 467 26.02 24.79 19.55
CA SER L 467 26.86 24.49 20.69
C SER L 467 27.92 25.57 20.88
N SER L 468 28.36 25.77 22.12
CA SER L 468 29.47 26.66 22.40
C SER L 468 30.70 25.81 22.71
N SER L 469 30.54 24.50 22.53
CA SER L 469 31.60 23.54 22.74
C SER L 469 31.88 22.74 21.47
N VAL L 470 31.26 21.55 21.39
CA VAL L 470 31.65 20.50 20.47
C VAL L 470 31.81 20.94 19.01
N LYS L 471 33.04 20.97 18.54
CA LYS L 471 33.37 21.34 17.16
C LYS L 471 32.67 20.48 16.10
N ALA L 472 31.99 19.42 16.54
CA ALA L 472 31.27 18.53 15.63
C ALA L 472 29.95 19.12 15.15
N SER L 473 30.04 20.13 14.29
CA SER L 473 28.90 20.89 13.83
C SER L 473 27.83 20.04 13.18
N SER L 474 28.24 19.09 12.35
CA SER L 474 27.30 18.25 11.61
C SER L 474 26.46 17.37 12.53
N ILE L 475 27.07 16.84 13.58
CA ILE L 475 26.37 15.97 14.52
C ILE L 475 25.45 16.76 15.44
N VAL L 476 25.95 17.90 15.92
CA VAL L 476 25.16 18.76 16.80
C VAL L 476 23.91 19.28 16.08
N ALA L 477 24.08 19.69 14.83
CA ALA L 477 22.97 20.19 14.02
C ALA L 477 21.93 19.10 13.84
N SER L 478 22.38 17.87 13.65
CA SER L 478 21.50 16.71 13.53
C SER L 478 20.75 16.46 14.85
N LEU L 479 21.42 16.67 15.97
CA LEU L 479 20.80 16.55 17.27
C LEU L 479 19.69 17.59 17.44
N PHE L 480 19.92 18.77 16.90
CA PHE L 480 18.94 19.85 16.93
C PHE L 480 17.69 19.45 16.14
N LEU L 481 17.90 19.02 14.91
CA LEU L 481 16.80 18.65 14.02
C LEU L 481 15.98 17.51 14.62
N LYS L 482 16.67 16.59 15.29
CA LYS L 482 16.02 15.43 15.90
C LYS L 482 14.99 15.85 16.96
N GLU L 483 15.19 17.02 17.56
CA GLU L 483 14.27 17.52 18.57
C GLU L 483 12.93 17.98 17.99
N PHE L 484 12.84 18.04 16.67
CA PHE L 484 11.64 18.55 16.01
C PHE L 484 10.92 17.47 15.20
N VAL L 485 11.31 16.22 15.44
CA VAL L 485 10.60 15.07 14.87
C VAL L 485 10.23 14.12 16.01
N GLN L 486 8.94 14.04 16.32
CA GLN L 486 8.49 13.35 17.52
C GLN L 486 8.35 11.84 17.37
N ASN L 487 7.68 11.40 16.31
CA ASN L 487 7.38 9.97 16.17
C ASN L 487 7.35 9.50 14.72
N THR L 488 8.31 9.96 13.92
CA THR L 488 8.35 9.56 12.52
C THR L 488 9.76 9.16 12.10
N ALA L 489 9.86 8.13 11.28
CA ALA L 489 11.13 7.75 10.69
C ALA L 489 11.68 8.93 9.91
N TRP L 490 12.88 9.37 10.25
CA TRP L 490 13.42 10.59 9.69
C TRP L 490 14.91 10.45 9.36
N ALA L 491 15.31 11.04 8.24
CA ALA L 491 16.69 11.04 7.83
C ALA L 491 17.11 12.43 7.35
N HIS L 492 18.39 12.73 7.49
CA HIS L 492 18.93 14.04 7.17
C HIS L 492 20.20 13.90 6.33
N ILE L 493 20.17 14.43 5.12
CA ILE L 493 21.32 14.33 4.22
C ILE L 493 22.01 15.68 4.09
N ASP L 494 23.24 15.74 4.60
CA ASP L 494 24.02 16.97 4.55
C ASP L 494 24.87 17.00 3.29
N ILE L 495 24.53 17.91 2.39
CA ILE L 495 25.16 17.97 1.07
C ILE L 495 26.01 19.24 0.90
N ALA L 496 26.38 19.86 2.01
CA ALA L 496 27.14 21.10 2.00
C ALA L 496 28.50 20.97 1.31
N GLY L 497 29.10 19.78 1.39
CA GLY L 497 30.40 19.56 0.80
C GLY L 497 30.38 19.11 -0.64
N VAL L 498 29.31 18.42 -1.04
CA VAL L 498 29.25 17.78 -2.35
C VAL L 498 28.41 18.57 -3.35
N SER L 499 27.72 19.59 -2.88
CA SER L 499 26.79 20.33 -3.73
C SER L 499 27.46 21.06 -4.88
N TRP L 500 28.53 21.78 -4.58
CA TRP L 500 29.22 22.58 -5.59
C TRP L 500 30.47 21.89 -6.10
N ASN L 501 30.64 21.88 -7.43
CA ASN L 501 31.82 21.33 -8.08
C ASN L 501 32.87 22.44 -8.25
N PHE L 502 33.78 22.54 -7.29
CA PHE L 502 34.75 23.63 -7.26
C PHE L 502 35.72 23.61 -8.43
N LYS L 503 36.10 22.41 -8.87
CA LYS L 503 37.03 22.29 -9.98
C LYS L 503 36.40 22.78 -11.27
N ALA L 504 35.13 22.42 -11.50
CA ALA L 504 34.42 22.78 -12.72
C ALA L 504 33.66 24.11 -12.62
N ARG L 505 33.62 24.69 -11.42
CA ARG L 505 32.94 25.95 -11.18
C ARG L 505 31.45 25.93 -11.53
N LYS L 506 30.76 24.87 -11.13
CA LYS L 506 29.33 24.73 -11.42
C LYS L 506 28.68 23.79 -10.40
N PRO L 507 27.34 23.82 -10.31
CA PRO L 507 26.69 22.87 -9.40
C PRO L 507 26.73 21.44 -9.91
N LYS L 508 26.49 20.47 -9.03
CA LYS L 508 26.43 19.08 -9.43
C LYS L 508 25.00 18.62 -9.60
N GLY L 509 24.07 19.35 -8.99
CA GLY L 509 22.68 18.93 -8.94
C GLY L 509 22.52 17.70 -8.07
N PHE L 510 23.35 17.62 -7.03
CA PHE L 510 23.39 16.46 -6.15
C PHE L 510 22.08 16.21 -5.40
N GLY L 511 21.65 14.96 -5.40
CA GLY L 511 20.50 14.54 -4.61
C GLY L 511 19.28 14.14 -5.42
N VAL L 512 19.16 14.69 -6.62
CA VAL L 512 17.99 14.43 -7.46
C VAL L 512 17.87 12.94 -7.78
N ARG L 513 18.95 12.37 -8.30
CA ARG L 513 18.96 10.95 -8.65
C ARG L 513 18.87 10.07 -7.42
N LEU L 514 19.49 10.51 -6.33
CA LEU L 514 19.43 9.79 -5.05
C LEU L 514 18.01 9.70 -4.51
N LEU L 515 17.34 10.85 -4.44
CA LEU L 515 15.98 10.91 -3.91
C LEU L 515 14.97 10.19 -4.79
N THR L 516 15.17 10.26 -6.10
CA THR L 516 14.25 9.64 -7.05
C THR L 516 14.34 8.12 -6.93
N GLU L 517 15.56 7.60 -6.83
CA GLU L 517 15.74 6.17 -6.62
C GLU L 517 15.08 5.72 -5.32
N PHE L 518 15.13 6.58 -4.31
CA PHE L 518 14.53 6.26 -3.01
C PHE L 518 13.02 6.03 -3.09
N VAL L 519 12.31 6.91 -3.80
CA VAL L 519 10.86 6.77 -3.96
C VAL L 519 10.53 5.61 -4.92
N LEU L 520 11.32 5.48 -5.98
CA LEU L 520 11.06 4.47 -7.01
C LEU L 520 11.24 3.05 -6.48
N ASN L 521 12.31 2.83 -5.74
CA ASN L 521 12.64 1.49 -5.24
C ASN L 521 11.95 1.15 -3.92
N ASP L 522 11.10 2.05 -3.43
CA ASP L 522 10.32 1.78 -2.22
C ASP L 522 8.97 1.18 -2.57
C4 4TY M . -41.36 -54.66 -9.18
C5 4TY M . -40.55 -54.80 -10.44
C6 4TY M . -40.90 -53.82 -12.58
C11 4TY M . -39.09 -55.04 -10.13
C7 4TY M . -40.63 -52.70 -14.69
C8 4TY M . -39.75 -51.61 -15.26
C9 4TY M . -40.71 -53.82 -15.70
C10 4TY M . -42.02 -52.13 -14.45
C12 4TY M . -41.75 -53.39 -8.75
C13 4TY M . -42.49 -53.25 -7.58
N1 4TY M . -40.68 -53.65 -11.26
N2 4TY M . -38.58 -56.27 -10.24
C3 4TY M . -41.71 -55.78 -8.43
BR1 4TY M . -43.86 -54.16 -5.25
C1 4TY M . -42.84 -54.37 -6.85
C2 4TY M . -42.45 -55.64 -7.26
O1 4TY M . -40.06 -53.14 -13.48
O2 4TY M . -41.50 -54.83 -12.94
O3 4TY M . -38.39 -54.10 -9.76
O4 4TY M . -37.18 -56.50 -9.94
ZN ZN N . -36.83 -57.32 -8.14
ZN ZN O . -36.20 -54.58 -9.82
C CO3 P . -38.41 -58.55 -13.09
O1 CO3 P . -37.96 -58.45 -11.88
O2 CO3 P . -37.69 -59.10 -14.00
O3 CO3 P . -39.59 -58.09 -13.39
C1 GOL Q . -55.64 -68.81 35.29
O1 GOL Q . -56.18 -67.52 35.07
C2 GOL Q . -54.17 -68.74 34.95
O2 GOL Q . -54.05 -68.60 33.55
C3 GOL Q . -53.41 -69.98 35.39
O3 GOL Q . -53.19 -69.93 36.78
C1 GOL R . -50.48 -50.36 -0.61
O1 GOL R . -49.28 -49.78 -0.17
C2 GOL R . -50.17 -51.30 -1.76
O2 GOL R . -49.02 -50.81 -2.41
C3 GOL R . -51.29 -51.38 -2.78
O3 GOL R . -52.47 -51.80 -2.13
S DMS S . -42.54 -44.85 -1.58
O DMS S . -43.47 -45.80 -2.25
C1 DMS S . -41.79 -43.76 -2.82
C2 DMS S . -43.50 -43.64 -0.62
C14 1PE T . -31.12 -73.72 17.09
C24 1PE T . -31.49 -75.16 16.70
OH5 1PE T . -29.69 -73.58 17.03
C15 1PE T . -27.70 -72.99 15.87
C25 1PE T . -29.22 -72.90 15.87
OH6 1PE T . -27.27 -73.70 14.66
C22 1PE U . -34.18 -79.30 13.51
OH3 1PE U . -34.68 -78.46 12.48
C13 1PE U . -36.48 -77.20 13.48
C23 1PE U . -35.07 -77.14 12.92
OH4 1PE U . -36.77 -76.00 14.19
C14 1PE U . -37.68 -77.42 15.90
C24 1PE U . -37.83 -76.10 15.11
OH5 1PE U . -38.46 -77.34 17.10
C25 1PE U . -38.33 -78.50 17.94
C14 1PE V . -59.44 -81.84 33.70
C24 1PE V . -60.60 -82.81 33.95
OH5 1PE V . -59.05 -81.95 32.32
C15 1PE V . -59.38 -81.48 30.01
C25 1PE V . -59.80 -81.15 31.44
OH6 1PE V . -60.58 -81.54 29.17
C14 1PE W . -63.18 -85.10 32.61
C24 1PE W . -63.66 -85.47 34.02
OH5 1PE W . -64.17 -85.52 31.66
C15 1PE W . -64.08 -84.37 29.56
C25 1PE W . -63.69 -85.64 30.32
OH6 1PE W . -63.00 -84.08 28.60
S SO4 X . -33.34 -70.94 19.17
O1 SO4 X . -33.43 -69.86 20.14
O2 SO4 X . -32.04 -70.89 18.50
O3 SO4 X . -33.46 -72.23 19.87
O4 SO4 X . -34.41 -70.80 18.20
C4 4TY Y . -28.86 -34.59 -23.05
C5 4TY Y . -28.09 -33.76 -22.04
C6 4TY Y . -28.90 -32.03 -20.65
C11 4TY Y . -26.94 -34.62 -21.58
C7 4TY Y . -29.34 -30.39 -18.90
C8 4TY Y . -29.48 -30.39 -17.39
C9 4TY Y . -28.41 -29.24 -19.27
C10 4TY Y . -30.71 -30.17 -19.51
C12 4TY Y . -30.17 -34.99 -22.85
C13 4TY Y . -30.81 -35.76 -23.83
N1 4TY Y . -28.88 -33.35 -20.94
N2 4TY Y . -25.73 -34.43 -22.12
C3 4TY Y . -28.18 -34.95 -24.21
BR1 4TY Y . -30.97 -37.17 -26.34
C1 4TY Y . -30.12 -36.12 -24.98
C2 4TY Y . -28.81 -35.71 -25.18
O1 4TY Y . -28.79 -31.64 -19.29
O2 4TY Y . -28.63 -31.25 -21.55
O3 4TY Y . -27.13 -35.49 -20.74
O4 4TY Y . -24.60 -35.24 -21.70
ZN ZN Z . -23.69 -36.89 -22.58
ZN ZN AA . -25.08 -36.13 -19.87
C CO3 BA . -23.48 -31.45 -22.22
O1 CO3 BA . -22.45 -30.82 -21.73
O2 CO3 BA . -23.40 -32.72 -22.47
O3 CO3 BA . -24.57 -30.79 -22.45
C12 1PE CA . -9.53 -56.75 -41.95
C22 1PE CA . -10.19 -57.59 -40.87
OH3 1PE CA . -9.17 -58.02 -39.96
C13 1PE CA . -8.21 -58.05 -37.76
C23 1PE CA . -9.40 -57.63 -38.59
OH4 1PE CA . -8.11 -57.18 -36.64
C14 1PE CA . -5.87 -56.62 -37.32
C24 1PE CA . -6.81 -56.97 -36.16
OH5 1PE CA . -4.98 -55.57 -36.92
C25 1PE CA . -4.30 -54.94 -38.01
S SO4 DA . -18.38 -48.15 -6.05
O1 SO4 DA . -18.60 -47.02 -5.16
O2 SO4 DA . -17.06 -48.73 -5.81
O3 SO4 DA . -18.47 -47.71 -7.44
O4 SO4 DA . -19.41 -49.15 -5.80
C4 4TY EA . -33.42 -31.86 3.73
C5 4TY EA . -33.68 -33.21 4.35
C6 4TY EA . -35.64 -34.55 4.37
C11 4TY EA . -32.35 -33.93 4.31
C7 4TY EA . -37.18 -36.43 4.33
C8 4TY EA . -37.29 -37.76 3.63
C9 4TY EA . -37.48 -36.65 5.80
C10 4TY EA . -38.21 -35.49 3.73
C12 4TY EA . -33.92 -31.53 2.48
C13 4TY EA . -33.64 -30.28 1.95
N1 4TY EA . -34.67 -33.94 3.66
N2 4TY EA . -31.60 -34.01 5.40
C3 4TY EA . -32.65 -30.96 4.45
BR1 4TY EA . -32.47 -27.64 1.96
C1 4TY EA . -32.86 -29.37 2.67
C2 4TY EA . -32.36 -29.71 3.92
O1 4TY EA . -35.87 -35.93 4.13
O2 4TY EA . -36.00 -34.03 5.43
O3 4TY EA . -31.96 -34.39 3.24
O4 4TY EA . -30.31 -34.70 5.35
ZN ZN FA . -30.15 -35.73 3.55
ZN ZN GA . -28.55 -33.80 5.13
C CO3 HA . -32.33 -35.42 8.60
O1 CO3 HA . -31.28 -34.85 8.08
O2 CO3 HA . -32.21 -36.47 9.34
O3 CO3 HA . -33.51 -34.92 8.36
C1 GOL IA . -38.93 18.34 10.29
O1 GOL IA . -38.22 18.95 11.35
C2 GOL IA . -38.03 18.28 9.07
O2 GOL IA . -37.75 19.60 8.66
C3 GOL IA . -38.68 17.56 7.90
O3 GOL IA . -39.05 16.27 8.34
C12 1PE JA . -0.20 -22.79 13.59
C22 1PE JA . -0.05 -24.10 12.83
OH3 1PE JA . -0.88 -24.05 11.67
C13 1PE JA . -1.14 -23.71 9.32
C23 1PE JA . -0.27 -23.44 10.52
OH4 1PE JA . -0.78 -22.80 8.28
C14 1PE JA . -1.13 -20.53 7.63
C24 1PE JA . -1.79 -21.89 7.94
OH5 1PE JA . -2.00 -19.48 8.10
C15 1PE JA . -2.41 -17.66 9.59
C25 1PE JA . -1.34 -18.49 8.88
OH6 1PE JA . -2.11 -17.64 11.03
C12 1PE KA . -3.52 -14.32 15.06
C22 1PE KA . -3.50 -15.20 16.30
OH3 1PE KA . -3.97 -16.50 15.94
C13 1PE KA . -5.56 -17.38 14.38
C23 1PE KA . -5.37 -16.56 15.65
OH4 1PE KA . -6.68 -16.86 13.68
C14 1PE KA . -7.23 -15.26 11.97
C24 1PE KA . -6.57 -15.51 13.34
OH5 1PE KA . -6.60 -14.12 11.37
C15 1PE KA . -5.60 -12.07 12.11
C25 1PE KA . -6.89 -12.88 12.02
C4 4TY LA . -54.49 -25.04 0.72
C5 4TY LA . -54.31 -23.72 0.02
C6 4TY LA . -52.52 -22.73 -1.19
C11 4TY LA . -55.62 -23.30 -0.60
C7 4TY LA . -50.92 -21.89 -2.79
C8 4TY LA . -50.73 -21.90 -4.30
C9 4TY LA . -50.67 -20.47 -2.31
C10 4TY LA . -49.93 -22.84 -2.16
C12 4TY LA . -54.02 -26.22 0.16
C13 4TY LA . -54.21 -27.43 0.83
N1 4TY LA . -53.32 -23.79 -1.01
N2 4TY LA . -56.36 -22.36 0.00
C3 4TY LA . -55.16 -25.07 1.94
BR1 4TY LA . -55.13 -29.11 2.98
C1 4TY LA . -54.86 -27.46 2.05
C2 4TY LA . -55.35 -26.27 2.61
O1 4TY LA . -52.24 -22.30 -2.50
O2 4TY LA . -52.34 -21.98 -0.24
O3 4TY LA . -56.01 -23.82 -1.65
O4 4TY LA . -57.62 -21.94 -0.59
ZN ZN MA . -57.71 -22.84 -2.64
ZN ZN NA . -59.33 -22.76 0.10
C CO3 OA . -55.52 -18.84 0.31
O1 CO3 OA . -55.66 -17.57 0.07
O2 CO3 OA . -54.33 -19.36 0.40
O3 CO3 OA . -56.58 -19.57 0.46
C13 1PE PA . -84.53 -27.73 17.79
OH4 1PE PA . -85.54 -28.07 16.84
C14 1PE PA . -86.23 -28.47 14.58
C24 1PE PA . -85.04 -28.37 15.56
OH5 1PE PA . -85.92 -27.70 13.40
C15 1PE PA . -85.96 -25.48 12.49
C25 1PE PA . -86.74 -26.55 13.24
OH6 1PE PA . -86.86 -24.35 12.21
C16 1PE PA . -87.16 -23.08 14.32
C26 1PE PA . -86.49 -23.11 12.87
OH7 1PE PA . -86.65 -21.95 15.04
OH4 1PE QA . -83.94 -24.61 22.70
C14 1PE QA . -82.59 -24.32 20.75
C24 1PE QA . -82.95 -23.78 22.14
OH5 1PE QA . -81.36 -23.74 20.34
C15 1PE QA . -80.37 -25.73 19.42
C25 1PE QA . -80.23 -24.61 20.45
OH6 1PE QA . -79.49 -26.83 19.82
C16 1PE QA . -79.88 -28.62 21.49
C26 1PE QA . -80.19 -28.09 20.02
OH7 1PE QA . -80.86 -29.62 21.83
S SO4 RA . -74.11 -62.06 31.50
O1 SO4 RA . -73.99 -61.75 32.91
O2 SO4 RA . -73.02 -61.42 30.75
O3 SO4 RA . -74.03 -63.50 31.32
O4 SO4 RA . -75.39 -61.57 30.98
C4 4TY SA . -47.48 -22.58 -25.84
C5 4TY SA . -48.30 -23.49 -26.71
C6 4TY SA . -47.97 -25.80 -27.14
C11 4TY SA . -49.73 -23.01 -26.65
C7 4TY SA . -47.91 -28.19 -27.39
C8 4TY SA . -47.73 -29.40 -26.49
C9 4TY SA . -49.38 -28.10 -27.77
C10 4TY SA . -47.08 -28.40 -28.63
C12 4TY SA . -46.96 -23.03 -24.64
C13 4TY SA . -46.20 -22.17 -23.85
N1 4TY SA . -48.23 -24.83 -26.25
N2 4TY SA . -50.30 -22.54 -27.76
C3 4TY SA . -47.25 -21.26 -26.26
BR1 4TY SA . -44.93 -19.69 -23.19
C1 4TY SA . -45.98 -20.86 -24.28
C2 4TY SA . -46.49 -20.41 -25.48
O1 4TY SA . -47.51 -27.05 -26.68
O2 4TY SA . -47.81 -25.47 -28.32
O3 4TY SA . -50.34 -23.03 -25.59
O4 4TY SA . -51.68 -22.06 -27.75
ZN ZN TA . -51.80 -19.97 -27.10
ZN ZN UA . -52.48 -22.88 -26.01
C CO3 VA . -50.36 -23.32 -31.08
O1 CO3 VA . -50.65 -22.18 -30.54
O2 CO3 VA . -49.29 -23.96 -30.73
O3 CO3 VA . -51.14 -23.81 -32.00
C1 GOL WA . -31.81 20.58 -12.02
O1 GOL WA . -32.85 19.71 -12.35
C2 GOL WA . -32.26 21.99 -12.35
O2 GOL WA . -32.39 22.08 -13.74
C3 GOL WA . -31.31 23.06 -11.89
O3 GOL WA . -31.98 24.30 -11.99
C12 1PE XA . -55.65 11.34 -28.48
C22 1PE XA . -56.24 11.85 -27.16
OH3 1PE XA . -56.65 10.74 -26.38
C13 1PE XA . -58.39 9.59 -25.21
C23 1PE XA . -57.90 10.94 -25.71
OH4 1PE XA . -59.08 8.93 -26.27
C14 1PE XA . -61.10 8.15 -27.25
C24 1PE XA . -60.43 9.26 -26.42
OH5 1PE XA . -61.74 8.73 -28.39
C15 1PE XA . -61.93 9.02 -30.76
C25 1PE XA . -61.29 8.21 -29.63
OH6 1PE XA . -60.90 9.30 -31.76
C12 1PE YA . -47.92 14.07 -30.24
C22 1PE YA . -49.28 13.47 -29.95
OH3 1PE YA . -49.32 13.08 -28.57
C13 1PE YA . -49.58 10.74 -29.11
C23 1PE YA . -50.13 11.91 -28.31
OH4 1PE YA . -50.31 9.57 -28.76
C14 1PE YA . -52.03 9.58 -30.43
C24 1PE YA . -50.80 8.85 -29.87
OH5 1PE YA . -52.45 8.92 -31.64
C15 1PE YA . -52.89 11.00 -32.74
C25 1PE YA . -53.43 9.63 -32.38
OH6 1PE YA . -53.93 11.77 -33.44
S SO4 ZA . -25.84 19.80 -4.26
O1 SO4 ZA . -25.67 20.80 -3.20
O2 SO4 ZA . -25.01 20.15 -5.41
O3 SO4 ZA . -25.45 18.49 -3.74
O4 SO4 ZA . -27.24 19.75 -4.67
S SO4 AB . -54.89 10.05 -22.40
O1 SO4 AB . -53.53 9.67 -22.01
O2 SO4 AB . -55.42 11.01 -21.44
O3 SO4 AB . -55.75 8.88 -22.43
O4 SO4 AB . -54.86 10.66 -23.73
C4 4TY BB . -60.17 -45.15 -16.98
C5 4TY BB . -60.94 -44.79 -15.74
C6 4TY BB . -59.49 -44.86 -13.85
C11 4TY BB . -62.06 -43.86 -16.14
C7 4TY BB . -59.73 -44.63 -11.48
C8 4TY BB . -59.38 -43.17 -11.71
C9 4TY BB . -60.81 -44.72 -10.42
C10 4TY BB . -58.52 -45.38 -10.99
C12 4TY BB . -58.95 -44.54 -17.25
C13 4TY BB . -58.27 -44.88 -18.41
N1 4TY BB . -60.08 -44.14 -14.81
N2 4TY BB . -63.32 -44.29 -16.08
C3 4TY BB . -60.71 -46.07 -17.87
BR1 4TY BB . -57.85 -46.25 -20.88
C1 4TY BB . -58.80 -45.80 -19.29
C2 4TY BB . -60.03 -46.40 -19.03
O1 4TY BB . -60.21 -45.18 -12.68
O2 4TY BB . -58.40 -45.39 -14.08
O3 4TY BB . -61.82 -42.72 -16.53
O4 4TY BB . -64.41 -43.40 -16.47
ZN ZN CB . -64.97 -43.51 -18.39
ZN ZN DB . -63.52 -41.48 -16.23
C CO3 EB . -65.05 -46.14 -13.70
O1 CO3 EB . -63.86 -46.58 -13.45
O2 CO3 EB . -65.37 -45.75 -14.90
O3 CO3 EB . -65.93 -46.07 -12.74
C1 GOL FB . -86.34 -34.20 -20.48
O1 GOL FB . -86.43 -32.89 -19.95
C2 GOL FB . -87.72 -34.60 -20.93
O2 GOL FB . -88.15 -33.69 -21.91
C3 GOL FB . -87.76 -35.99 -21.52
O3 GOL FB . -87.93 -36.91 -20.45
C13 1PE GB . -77.24 -55.46 -0.66
OH4 1PE GB . -78.65 -55.27 -0.67
C14 1PE GB . -80.57 -53.83 -0.97
C24 1PE GB . -79.04 -54.02 -1.18
OH5 1PE GB . -80.86 -52.44 -1.11
C15 1PE GB . -80.26 -50.36 -0.04
C25 1PE GB . -80.92 -51.73 0.14
OH6 1PE GB . -80.08 -49.73 1.26
C16 1PE GB . -77.74 -50.54 1.39
C26 1PE GB . -78.71 -49.30 1.54
OH7 1PE GB . -76.40 -50.13 1.73
OH4 1PE HB . -61.95 -62.70 0.08
C14 1PE HB . -63.15 -63.70 -1.72
C24 1PE HB . -61.76 -63.39 -1.12
OH5 1PE HB . -62.99 -64.58 -2.84
C15 1PE HB . -63.89 -65.61 -4.79
C25 1PE HB . -63.96 -64.40 -3.86
OH6 1PE HB . -63.50 -65.14 -6.12
OH4 1PE IB . -77.44 -54.29 -48.07
C14 1PE IB . -76.38 -52.93 -46.41
C24 1PE IB . -77.47 -53.98 -46.70
OH5 1PE IB . -76.24 -52.78 -44.99
C15 1PE IB . -77.19 -52.43 -42.83
C25 1PE IB . -77.43 -52.36 -44.33
OH6 1PE IB . -78.38 -51.91 -42.15
C16 1PE IB . -80.75 -52.24 -42.77
C26 1PE IB . -79.48 -52.87 -42.08
OH7 1PE IB . -81.90 -52.97 -42.32
OH4 1PE JB . -81.25 -48.46 -46.64
C14 1PE JB . -79.70 -47.46 -45.14
C24 1PE JB . -79.99 -48.66 -46.04
OH5 1PE JB . -79.02 -46.46 -45.92
C15 1PE JB . -79.59 -44.63 -44.50
C25 1PE JB . -79.69 -45.19 -45.91
OH6 1PE JB . -80.43 -43.44 -44.39
C16 1PE JB . -82.09 -42.34 -42.96
C26 1PE JB . -80.70 -43.08 -43.01
OH7 1PE JB . -82.75 -42.73 -41.74
S SO4 KB . -70.17 -23.22 -17.61
O1 SO4 KB . -69.60 -23.31 -16.27
O2 SO4 KB . -69.22 -22.56 -18.50
O3 SO4 KB . -70.43 -24.57 -18.12
O4 SO4 KB . -71.42 -22.47 -17.54
S SO4 LB . -75.50 -44.94 -46.80
O1 SO4 LB . -74.74 -46.13 -46.44
O2 SO4 LB . -74.59 -43.81 -46.95
O3 SO4 LB . -76.46 -44.65 -45.73
O4 SO4 LB . -76.22 -45.17 -48.05
C4 4TY MB . 46.53 17.08 14.35
C5 4TY MB . 47.30 16.92 13.05
C6 4TY MB . 46.81 17.84 10.93
C11 4TY MB . 48.76 16.70 13.35
C7 4TY MB . 47.12 19.04 8.88
C8 4TY MB . 48.22 19.73 8.11
C9 4TY MB . 46.36 18.14 7.92
C10 4TY MB . 46.18 20.09 9.44
C12 4TY MB . 46.12 18.34 14.78
C13 4TY MB . 45.42 18.46 15.97
N1 4TY MB . 47.14 18.06 12.21
N2 4TY MB . 49.28 15.46 13.19
C3 4TY MB . 46.24 15.95 15.11
BR1 4TY MB . 44.16 17.49 18.37
C1 4TY MB . 45.13 17.32 16.73
C2 4TY MB . 45.54 16.07 16.30
O1 4TY MB . 47.69 18.29 9.93
O2 4TY MB . 46.06 16.89 10.70
O3 4TY MB . 49.48 17.63 13.71
O4 4TY MB . 50.68 15.20 13.46
ZN ZN NB . 50.95 14.41 15.38
ZN ZN OB . 51.63 17.05 13.66
C CO3 PB . 49.35 13.04 10.49
O1 CO3 PB . 50.31 12.83 9.64
O2 CO3 PB . 49.58 12.92 11.77
O3 CO3 PB . 48.17 13.38 10.07
C12 1PE QB . 50.08 -6.57 41.26
C22 1PE QB . 49.29 -5.56 40.44
OH3 1PE QB . 50.20 -4.75 39.73
C13 1PE QB . 51.31 -4.34 37.64
C23 1PE QB . 50.01 -4.74 38.30
OH4 1PE QB . 51.60 -5.25 36.59
C14 1PE QB . 52.90 -7.21 36.10
C24 1PE QB . 52.91 -5.77 36.63
OH5 1PE QB . 53.92 -7.94 36.78
C22 1PE RB . 60.77 -6.93 36.84
OH3 1PE RB . 61.38 -5.88 36.09
C13 1PE RB . 61.48 -3.58 36.80
C23 1PE RB . 62.13 -4.95 36.90
OH4 1PE RB . 61.43 -3.00 38.11
C14 1PE RB . 60.01 -1.77 39.57
C24 1PE RB . 60.67 -1.83 38.19
OH5 1PE RB . 58.70 -1.18 39.42
C15 1PE RB . 57.64 -2.93 40.68
C25 1PE RB . 57.80 -1.43 40.49
OH6 1PE RB . 56.38 -3.35 40.06
C26 1PE RB . 55.65 -4.36 40.81
C4 4TY SB . 59.29 36.86 0.37
C5 4TY SB . 60.08 37.71 1.35
C6 4TY SB . 59.35 39.45 2.77
C11 4TY SB . 61.25 36.90 1.87
C7 4TY SB . 59.07 41.14 4.52
C8 4TY SB . 58.65 41.16 5.97
C9 4TY SB . 60.33 41.97 4.39
C10 4TY SB . 57.95 41.77 3.71
C12 4TY SB . 58.00 36.45 0.67
C13 4TY SB . 57.30 35.67 -0.24
N1 4TY SB . 59.28 38.16 2.44
N2 4TY SB . 62.48 37.19 1.43
C3 4TY SB . 59.89 36.50 -0.82
BR1 4TY SB . 56.95 34.26 -2.73
C1 4TY SB . 57.89 35.32 -1.45
C2 4TY SB . 59.18 35.73 -1.74
O1 4TY SB . 59.28 39.80 4.14
O2 4TY SB . 59.84 40.21 1.94
O3 4TY SB . 61.07 36.01 2.70
O4 4TY SB . 63.62 36.43 1.91
ZN ZN TB . 64.21 34.84 0.99
ZN ZN UB . 62.84 35.53 3.76
C CO3 VB . 64.55 40.05 1.36
O1 CO3 VB . 65.44 40.75 2.00
O2 CO3 VB . 64.77 38.82 1.03
O3 CO3 VB . 63.42 40.62 1.03
C12 1PE WB . 80.69 19.22 -23.48
C22 1PE WB . 80.94 20.28 -22.41
OH3 1PE WB . 80.28 19.89 -21.21
C13 1PE WB . 78.31 20.00 -19.86
C23 1PE WB . 79.18 20.74 -20.86
OH4 1PE WB . 76.94 20.23 -20.19
C14 1PE WB . 75.48 19.53 -21.95
C24 1PE WB . 76.30 19.09 -20.72
OH5 1PE WB . 74.98 18.34 -22.59
C25 1PE WB . 75.62 18.05 -23.82
C12 1PE XB . 81.50 16.68 -19.44
C22 1PE XB . 80.20 16.24 -20.09
OH3 1PE XB . 79.22 16.07 -19.09
C13 1PE XB . 78.17 14.71 -17.39
C23 1PE XB . 79.16 14.73 -18.55
OH4 1PE XB . 78.22 13.44 -16.75
C14 1PE XB . 78.70 14.15 -14.50
C24 1PE XB . 79.18 13.34 -15.72
OH5 1PE XB . 79.57 13.87 -13.39
C25 1PE XB . 80.62 14.83 -13.21
S SO4 YB . 69.48 23.58 17.65
O1 SO4 YB . 69.38 24.70 18.58
O2 SO4 YB . 70.70 22.84 17.90
O3 SO4 YB . 69.50 24.09 16.27
O4 SO4 YB . 68.31 22.73 17.82
C4 4TY ZB . 54.70 39.84 27.33
C5 4TY ZB . 54.48 38.47 27.92
C6 4TY ZB . 52.47 37.21 27.84
C11 4TY ZB . 55.80 37.74 27.89
C7 4TY ZB . 50.88 35.38 27.75
C8 4TY ZB . 50.78 34.01 27.10
C9 4TY ZB . 50.42 35.25 29.18
C10 4TY ZB . 49.97 36.34 26.99
C12 4TY ZB . 54.19 40.16 26.07
C13 4TY ZB . 54.41 41.42 25.55
N1 4TY ZB . 53.51 37.75 27.18
N2 4TY ZB . 56.46 37.54 29.03
C3 4TY ZB . 55.43 40.78 28.05
BR1 4TY ZB . 55.43 44.11 25.55
C1 4TY ZB . 55.14 42.36 26.27
C2 4TY ZB . 55.65 42.04 27.52
O1 4TY ZB . 52.21 35.82 27.68
O2 4TY ZB . 52.07 37.80 28.85
O3 4TY ZB . 56.26 37.35 26.82
O4 4TY ZB . 57.74 36.84 29.01
ZN ZN AC . 57.63 35.78 27.01
ZN ZN BC . 59.42 37.88 28.61
C CO3 CC . 55.74 36.20 32.18
O1 CO3 CC . 56.83 36.71 31.67
O2 CO3 CC . 55.81 35.11 32.88
O3 CO3 CC . 54.60 36.79 31.99
C1 GOL DC . 41.17 39.37 46.82
O1 GOL DC . 41.65 40.70 46.80
C2 GOL DC . 39.78 39.33 46.23
O2 GOL DC . 38.89 39.98 47.12
C3 GOL DC . 39.26 37.92 45.99
O3 GOL DC . 39.24 37.21 47.21
C12 1PE EC . 87.12 47.78 37.04
C22 1PE EC . 87.05 47.03 35.71
OH3 1PE EC . 87.60 47.87 34.69
C13 1PE EC . 87.37 48.92 32.54
C23 1PE EC . 86.90 47.79 33.43
OH4 1PE EC . 86.24 49.47 31.88
C14 1PE EC . 86.91 51.76 32.07
C24 1PE EC . 86.48 50.62 31.12
OH5 1PE EC . 86.17 52.95 31.74
C15 1PE EC . 85.10 53.68 33.76
C25 1PE EC . 86.20 53.96 32.75
OH6 1PE EC . 85.71 53.50 35.08
C26 1PE EC . 85.41 54.54 36.05
C12 1PE FC . 83.69 55.83 39.15
C22 1PE FC . 82.77 54.63 39.27
OH3 1PE FC . 82.05 54.47 38.04
C13 1PE FC . 80.87 55.42 36.18
C23 1PE FC . 81.34 55.64 37.61
OH4 1PE FC . 80.61 56.69 35.59
C14 1PE FC . 81.35 58.96 35.39
C24 1PE FC . 81.77 57.47 35.43
OH5 1PE FC . 82.52 59.75 35.55
C4 4TY GC . 33.31 46.48 24.42
C5 4TY GC . 33.54 47.79 23.71
C6 4TY GC . 35.44 48.65 22.58
C11 4TY GC . 32.27 48.24 23.00
C7 4TY GC . 36.66 49.34 20.63
C8 4TY GC . 36.36 49.44 19.16
C9 4TY GC . 37.46 50.55 21.06
C10 4TY GC . 37.44 48.07 20.88
C12 4TY GC . 33.74 45.30 23.84
C13 4TY GC . 33.55 44.09 24.49
N1 4TY GC . 34.58 47.65 22.77
N2 4TY GC . 31.61 49.31 23.45
C3 4TY GC . 32.68 46.46 25.65
BR1 4TY GC . 32.63 42.41 26.63
C1 4TY GC . 32.91 44.08 25.72
C2 4TY GC . 32.48 45.26 26.31
O1 4TY GC . 35.44 49.31 21.34
O2 4TY GC . 36.13 49.05 23.52
O3 4TY GC . 31.87 47.62 22.03
O4 4TY GC . 30.39 49.76 22.81
ZN ZN HC . 30.36 48.88 20.86
ZN ZN IC . 28.62 48.95 23.56
C CO3 JC . 32.48 52.78 23.95
O1 CO3 JC . 33.64 52.41 24.41
O2 CO3 JC . 32.35 53.93 23.38
O3 CO3 JC . 31.45 51.99 24.05
C12 1PE KC . 1.51 50.03 37.15
C22 1PE KC . 1.37 49.03 36.01
OH3 1PE KC . 0.98 47.77 36.54
C13 1PE KC . 1.19 45.37 36.68
C23 1PE KC . 1.72 46.65 36.02
OH4 1PE KC . 2.21 44.38 36.64
C14 1PE KC . 1.73 43.64 38.88
C24 1PE KC . 1.94 43.24 37.41
OH5 1PE KC . 2.56 42.83 39.72
C25 1PE KC . 3.10 43.54 40.85
C12 1PE LC . 5.00 47.21 45.56
C22 1PE LC . 5.65 48.35 44.81
OH3 1PE LC . 6.25 47.83 43.63
C13 1PE LC . 7.32 45.79 42.95
C23 1PE LC . 7.41 47.00 43.87
OH4 1PE LC . 8.43 44.94 43.20
C14 1PE LC . 8.29 43.45 45.06
C24 1PE LC . 8.08 43.63 43.55
OH5 1PE LC . 7.62 42.25 45.47
C25 1PE LC . 6.88 42.39 46.67
S SO4 MC . 13.81 9.65 54.83
O1 SO4 MC . 13.97 10.22 56.16
O2 SO4 MC . 15.13 9.49 54.21
O3 SO4 MC . 13.18 8.34 54.93
O4 SO4 MC . 12.99 10.53 54.01
S SO4 NC . 4.28 38.92 38.81
O1 SO4 NC . 3.99 39.85 39.90
O2 SO4 NC . 4.78 39.67 37.65
O3 SO4 NC . 5.30 37.97 39.23
O4 SO4 NC . 3.06 38.21 38.44
S SO4 OC . 33.34 34.53 19.72
O1 SO4 OC . 33.03 35.77 19.01
O2 SO4 OC . 34.75 34.20 19.50
O3 SO4 OC . 32.50 33.45 19.22
O4 SO4 OC . 33.10 34.72 21.14
C4 4TY PC . 40.52 49.07 -2.12
C5 4TY PC . 39.67 48.16 -2.97
C6 4TY PC . 40.07 45.82 -3.20
C11 4TY PC . 38.26 48.71 -2.95
C7 4TY PC . 39.53 43.62 -4.14
C8 4TY PC . 38.45 42.57 -3.95
C9 4TY PC . 39.61 43.94 -5.62
C10 4TY PC . 40.84 43.03 -3.66
C12 4TY PC . 41.04 48.62 -0.92
C13 4TY PC . 41.82 49.47 -0.15
N1 4TY PC . 39.67 46.85 -2.42
N2 4TY PC . 37.73 49.16 -4.09
C3 4TY PC . 40.76 50.37 -2.55
BR1 4TY PC . 43.15 51.93 0.49
C1 4TY PC . 42.07 50.77 -0.58
C2 4TY PC . 41.54 51.21 -1.78
O1 4TY PC . 39.17 44.76 -3.38
O2 4TY PC . 41.02 46.03 -3.97
O3 4TY PC . 37.62 48.72 -1.91
O4 4TY PC . 36.36 49.69 -4.09
ZN ZN QC . 35.25 48.76 -2.43
ZN ZN RC . 36.16 51.71 -3.52
C CO3 SC . 37.44 48.35 -7.62
O1 CO3 SC . 38.67 47.96 -7.68
O2 CO3 SC . 36.53 47.78 -8.35
O3 CO3 SC . 37.10 49.31 -6.82
C12 1PE TC . 31.68 83.44 -5.70
C22 1PE TC . 31.37 83.73 -4.24
OH3 1PE TC . 31.17 82.50 -3.55
C13 1PE TC . 29.74 81.11 -2.20
C23 1PE TC . 30.07 82.53 -2.62
OH4 1PE TC . 28.33 81.00 -2.05
C14 1PE TC . 26.45 80.50 -3.45
C24 1PE TC . 27.77 79.99 -2.86
OH5 1PE TC . 26.27 79.95 -4.76
C15 1PE TC . 26.49 80.25 -7.14
C25 1PE TC . 26.26 80.93 -5.79
OH6 1PE TC . 26.39 81.28 -8.18
C12 1PE UC . 38.89 86.17 -7.07
C22 1PE UC . 38.43 85.92 -5.65
OH3 1PE UC . 38.78 84.59 -5.28
C13 1PE UC . 38.23 82.25 -5.10
C23 1PE UC . 37.68 83.66 -5.27
OH4 1PE UC . 37.17 81.32 -5.25
C14 1PE UC . 35.65 80.17 -6.69
C24 1PE UC . 37.04 80.83 -6.56
OH5 1PE UC . 35.15 80.46 -8.01
C15 1PE UC . 34.34 82.01 -9.64
C25 1PE UC . 34.90 81.84 -8.23
OH6 1PE UC . 33.87 83.39 -9.79
S SO4 VC . 17.86 48.55 5.83
O1 SO4 VC . 18.07 48.53 7.28
O2 SO4 VC . 19.06 49.05 5.18
O3 SO4 VC . 17.59 47.19 5.35
O4 SO4 VC . 16.73 49.41 5.52
S SO4 WC . 32.91 81.72 1.30
O1 SO4 WC . 32.58 83.14 1.16
O2 SO4 WC . 34.27 81.47 0.80
O3 SO4 WC . 31.95 80.93 0.54
O4 SO4 WC . 32.83 81.34 2.71
C4 4TY XC . 27.85 26.47 6.55
C5 4TY XC . 27.10 26.80 7.81
C6 4TY XC . 28.03 26.78 9.99
C11 4TY XC . 25.98 27.77 7.47
C7 4TY XC . 28.10 27.22 12.38
C8 4TY XC . 29.61 27.11 12.26
C9 4TY XC . 27.76 28.37 13.30
C10 4TY XC . 27.53 25.95 12.98
C12 4TY XC . 29.11 27.00 6.33
C13 4TY XC . 29.78 26.68 5.16
N1 4TY XC . 27.96 27.37 8.78
N2 4TY XC . 24.72 27.32 7.40
C3 4TY XC . 27.25 25.64 5.61
BR1 4TY XC . 30.10 25.40 2.60
C1 4TY XC . 29.19 25.85 4.22
C2 4TY XC . 27.93 25.32 4.44
O1 4TY XC . 27.53 27.50 11.11
O2 4TY XC . 28.11 25.56 10.00
O3 4TY XC . 26.24 28.95 7.24
O4 4TY XC . 23.66 28.25 7.06
ZN ZN YC . 22.88 28.19 5.21
ZN ZN ZC . 24.42 30.18 7.39
C CO3 AD . 22.70 25.53 9.82
O1 CO3 AD . 23.76 24.91 10.26
O2 CO3 AD . 22.64 25.93 8.59
O3 CO3 AD . 21.71 25.76 10.63
OH4 1PE BD . 6.36 18.79 -19.42
C14 1PE BD . 8.44 19.66 -18.58
C24 1PE BD . 7.52 18.42 -18.73
OH5 1PE BD . 9.79 19.25 -18.79
C15 1PE BD . 11.49 18.77 -20.43
C25 1PE BD . 10.34 19.69 -20.03
OH6 1PE BD . 11.60 18.76 -21.89
C16 1PE BD . 10.42 18.25 -24.00
C26 1PE BD . 10.78 17.75 -22.54
OH7 1PE BD . 9.10 17.77 -24.34
#